data_2KHM
#
_entry.id   2KHM
#
_entity_poly.entity_id   1
_entity_poly.type   'polypeptide(L)'
_entity_poly.pdbx_seq_one_letter_code
;MASMTGGQQMGRGSMGAASAAVSVGGYGPQSSSAPVASAAASRLSSPAASSRVSSAVSSLVSSGPTNQAALSNTISSVVS
QVSASNPGLSGCDVLVQALLEVVSALVSILGSSSIGQINYGASAQYTQMVGQSVAQALAG
;
_entity_poly.pdbx_strand_id   A,B
#
# COMPACT_ATOMS: atom_id res chain seq x y z
N MET A 1 -31.69 4.44 -0.57
CA MET A 1 -32.10 5.86 -0.29
C MET A 1 -32.01 6.12 1.20
N ALA A 2 -30.92 6.78 1.62
CA ALA A 2 -30.71 7.11 3.03
C ALA A 2 -31.06 8.57 3.31
N SER A 3 -32.03 9.10 2.56
CA SER A 3 -32.45 10.49 2.72
C SER A 3 -33.08 10.70 4.10
N MET A 4 -33.81 9.69 4.58
CA MET A 4 -34.48 9.77 5.88
C MET A 4 -33.83 8.81 6.87
N THR A 5 -34.09 9.04 8.17
CA THR A 5 -33.53 8.19 9.22
C THR A 5 -32.00 8.21 9.18
N GLY A 6 -31.43 9.36 8.83
CA GLY A 6 -29.98 9.50 8.76
C GLY A 6 -29.58 10.97 8.63
N GLY A 7 -28.70 11.42 9.51
CA GLY A 7 -28.23 12.81 9.49
C GLY A 7 -27.46 13.11 8.20
N GLN A 8 -26.72 12.11 7.70
CA GLN A 8 -25.94 12.29 6.48
C GLN A 8 -26.79 12.01 5.25
N GLN A 9 -26.48 12.70 4.16
CA GLN A 9 -27.21 12.52 2.90
C GLN A 9 -26.25 12.52 1.71
N MET A 10 -26.72 11.98 0.58
CA MET A 10 -25.89 11.92 -0.63
C MET A 10 -26.64 12.48 -1.83
N GLY A 11 -25.92 13.20 -2.69
CA GLY A 11 -26.51 13.77 -3.89
C GLY A 11 -25.45 14.32 -4.82
N ARG A 12 -24.30 13.66 -4.86
CA ARG A 12 -23.19 14.09 -5.71
C ARG A 12 -23.56 13.97 -7.19
N GLY A 13 -24.33 12.93 -7.53
CA GLY A 13 -24.73 12.69 -8.91
C GLY A 13 -23.74 11.76 -9.61
N SER A 14 -23.37 10.68 -8.91
CA SER A 14 -22.44 9.70 -9.46
C SER A 14 -23.19 8.48 -9.99
N MET A 15 -24.40 8.69 -10.50
CA MET A 15 -25.23 7.60 -11.03
C MET A 15 -25.51 6.54 -9.96
N GLY A 16 -25.59 6.99 -8.70
CA GLY A 16 -25.87 6.08 -7.59
C GLY A 16 -24.63 5.26 -7.23
N ALA A 17 -24.85 4.16 -6.52
CA ALA A 17 -23.75 3.28 -6.12
C ALA A 17 -24.20 1.82 -6.13
N ALA A 18 -23.25 0.92 -6.33
CA ALA A 18 -23.55 -0.51 -6.38
C ALA A 18 -23.38 -1.15 -5.01
N SER A 19 -24.40 -1.89 -4.58
CA SER A 19 -24.35 -2.56 -3.29
C SER A 19 -25.35 -3.71 -3.24
N ALA A 20 -24.84 -4.95 -3.21
CA ALA A 20 -25.69 -6.14 -3.16
C ALA A 20 -26.65 -6.19 -4.35
N ALA A 21 -26.18 -6.79 -5.45
CA ALA A 21 -27.00 -6.90 -6.66
C ALA A 21 -26.48 -8.02 -7.54
N VAL A 22 -27.38 -8.61 -8.34
CA VAL A 22 -27.00 -9.69 -9.25
C VAL A 22 -27.29 -9.29 -10.69
N SER A 23 -26.28 -9.38 -11.54
CA SER A 23 -26.43 -9.05 -12.96
C SER A 23 -25.35 -9.72 -13.79
N VAL A 24 -25.67 -10.00 -15.07
CA VAL A 24 -24.71 -10.64 -15.97
C VAL A 24 -24.60 -9.84 -17.26
N GLY A 25 -23.37 -9.42 -17.60
CA GLY A 25 -23.13 -8.67 -18.83
C GLY A 25 -23.87 -7.34 -18.83
N GLY A 26 -23.30 -6.35 -18.15
CA GLY A 26 -23.92 -5.02 -18.08
C GLY A 26 -23.24 -4.16 -17.03
N TYR A 27 -23.48 -4.48 -15.75
CA TYR A 27 -22.93 -3.68 -14.65
C TYR A 27 -21.69 -4.34 -14.06
N GLY A 28 -20.94 -5.09 -14.89
CA GLY A 28 -19.73 -5.75 -14.43
C GLY A 28 -20.05 -6.86 -13.42
N PRO A 29 -20.30 -8.07 -13.89
CA PRO A 29 -20.63 -9.21 -12.99
C PRO A 29 -19.44 -9.63 -12.13
N GLN A 30 -19.72 -10.31 -11.01
CA GLN A 30 -18.67 -10.79 -10.11
C GLN A 30 -17.86 -9.62 -9.55
N SER A 31 -18.37 -9.03 -8.47
CA SER A 31 -17.67 -7.94 -7.80
C SER A 31 -16.39 -8.44 -7.15
N SER A 32 -15.54 -7.52 -6.69
CA SER A 32 -14.26 -7.88 -6.10
C SER A 32 -13.79 -6.80 -5.12
N SER A 33 -14.35 -6.82 -3.91
CA SER A 33 -13.92 -5.91 -2.85
C SER A 33 -13.01 -6.64 -1.87
N ALA A 34 -13.54 -7.68 -1.24
CA ALA A 34 -12.76 -8.51 -0.32
C ALA A 34 -11.67 -9.29 -1.06
N PRO A 35 -12.04 -10.10 -2.03
CA PRO A 35 -11.09 -11.11 -2.60
C PRO A 35 -9.84 -10.48 -3.22
N VAL A 36 -9.90 -9.17 -3.51
CA VAL A 36 -8.75 -8.46 -4.05
C VAL A 36 -7.59 -8.46 -3.05
N ALA A 37 -7.88 -8.02 -1.82
CA ALA A 37 -6.87 -8.02 -0.76
C ALA A 37 -6.47 -9.44 -0.39
N SER A 38 -7.45 -10.35 -0.43
CA SER A 38 -7.19 -11.76 -0.09
C SER A 38 -6.16 -12.37 -1.04
N ALA A 39 -6.32 -12.08 -2.34
CA ALA A 39 -5.39 -12.59 -3.34
C ALA A 39 -4.00 -11.99 -3.15
N ALA A 40 -3.96 -10.69 -2.83
CA ALA A 40 -2.68 -10.01 -2.59
C ALA A 40 -1.94 -10.62 -1.40
N ALA A 41 -2.72 -11.01 -0.37
CA ALA A 41 -2.13 -11.64 0.81
C ALA A 41 -1.56 -13.01 0.45
N SER A 42 -2.26 -13.74 -0.42
CA SER A 42 -1.85 -15.10 -0.79
C SER A 42 -0.49 -15.08 -1.48
N ARG A 43 -0.35 -14.21 -2.48
CA ARG A 43 0.92 -14.09 -3.20
C ARG A 43 1.97 -13.34 -2.35
N LEU A 44 1.50 -12.54 -1.40
CA LEU A 44 2.39 -11.95 -0.39
C LEU A 44 3.04 -13.05 0.47
N SER A 45 2.30 -14.14 0.69
CA SER A 45 2.83 -15.27 1.46
C SER A 45 3.81 -16.11 0.63
N SER A 46 3.96 -15.81 -0.66
CA SER A 46 4.86 -16.57 -1.52
C SER A 46 6.32 -16.39 -1.08
N PRO A 47 7.17 -17.36 -1.33
CA PRO A 47 8.62 -17.29 -0.92
C PRO A 47 9.31 -16.03 -1.47
N ALA A 48 8.89 -15.60 -2.66
CA ALA A 48 9.50 -14.42 -3.29
C ALA A 48 9.24 -13.17 -2.45
N ALA A 49 8.01 -13.06 -1.93
CA ALA A 49 7.64 -11.90 -1.12
C ALA A 49 8.43 -11.87 0.18
N SER A 50 8.53 -13.02 0.84
CA SER A 50 9.22 -13.11 2.14
C SER A 50 10.68 -12.66 2.01
N SER A 51 11.33 -13.09 0.93
CA SER A 51 12.73 -12.73 0.69
C SER A 51 12.88 -11.22 0.53
N ARG A 52 11.95 -10.61 -0.20
CA ARG A 52 11.96 -9.16 -0.39
C ARG A 52 11.75 -8.42 0.93
N VAL A 53 10.95 -9.01 1.82
CA VAL A 53 10.71 -8.43 3.14
C VAL A 53 12.04 -8.33 3.91
N SER A 54 12.82 -9.41 3.89
CA SER A 54 14.12 -9.43 4.56
C SER A 54 15.03 -8.34 4.01
N SER A 55 15.05 -8.22 2.67
CA SER A 55 15.88 -7.20 2.01
C SER A 55 15.43 -5.80 2.43
N ALA A 56 14.12 -5.62 2.61
CA ALA A 56 13.58 -4.35 3.07
C ALA A 56 14.09 -4.02 4.47
N VAL A 57 14.29 -5.05 5.30
CA VAL A 57 14.81 -4.87 6.64
C VAL A 57 16.21 -4.29 6.60
N SER A 58 17.09 -4.93 5.84
CA SER A 58 18.50 -4.51 5.74
C SER A 58 18.60 -3.07 5.22
N SER A 59 17.76 -2.75 4.24
CA SER A 59 17.82 -1.42 3.61
C SER A 59 17.44 -0.33 4.61
N LEU A 60 16.31 -0.50 5.29
CA LEU A 60 15.85 0.50 6.24
C LEU A 60 16.79 0.60 7.44
N VAL A 61 17.27 -0.55 7.91
CA VAL A 61 18.11 -0.61 9.11
C VAL A 61 19.45 0.11 8.87
N SER A 62 20.08 -0.19 7.74
CA SER A 62 21.43 0.32 7.47
C SER A 62 21.39 1.81 7.13
N SER A 63 20.43 2.20 6.29
CA SER A 63 20.33 3.59 5.84
C SER A 63 19.73 4.48 6.92
N GLY A 64 18.73 3.95 7.64
CA GLY A 64 18.04 4.73 8.66
C GLY A 64 16.54 4.40 8.67
N PRO A 65 16.07 3.65 9.64
CA PRO A 65 14.61 3.29 9.75
C PRO A 65 13.66 4.46 9.47
N THR A 66 14.08 5.67 9.82
CA THR A 66 13.20 6.84 9.73
C THR A 66 13.78 7.92 8.81
N ASN A 67 14.54 7.50 7.80
CA ASN A 67 15.15 8.44 6.86
C ASN A 67 14.32 8.55 5.58
N GLN A 68 14.17 9.77 5.08
CA GLN A 68 13.44 9.99 3.83
C GLN A 68 14.16 9.30 2.66
N ALA A 69 15.48 9.42 2.63
CA ALA A 69 16.27 8.84 1.54
C ALA A 69 16.22 7.32 1.59
N ALA A 70 16.30 6.77 2.79
CA ALA A 70 16.30 5.31 2.95
C ALA A 70 14.96 4.71 2.53
N LEU A 71 13.87 5.37 2.92
CA LEU A 71 12.53 4.88 2.58
C LEU A 71 12.33 4.90 1.07
N SER A 72 12.78 5.97 0.42
CA SER A 72 12.63 6.10 -1.04
C SER A 72 13.36 4.95 -1.75
N ASN A 73 14.54 4.58 -1.24
CA ASN A 73 15.32 3.50 -1.83
C ASN A 73 14.57 2.18 -1.73
N THR A 74 13.96 1.92 -0.58
CA THR A 74 13.26 0.65 -0.35
C THR A 74 12.06 0.51 -1.27
N ILE A 75 11.24 1.56 -1.36
CA ILE A 75 10.03 1.52 -2.19
C ILE A 75 10.39 1.31 -3.66
N SER A 76 11.38 2.05 -4.15
CA SER A 76 11.76 1.97 -5.57
C SER A 76 12.23 0.56 -5.93
N SER A 77 13.15 0.04 -5.13
CA SER A 77 13.74 -1.27 -5.42
C SER A 77 12.69 -2.38 -5.37
N VAL A 78 11.86 -2.36 -4.32
CA VAL A 78 10.87 -3.41 -4.12
C VAL A 78 9.85 -3.41 -5.26
N VAL A 79 9.34 -2.23 -5.60
CA VAL A 79 8.31 -2.12 -6.65
C VAL A 79 8.84 -2.69 -7.97
N SER A 80 10.09 -2.37 -8.30
CA SER A 80 10.69 -2.84 -9.55
C SER A 80 10.73 -4.36 -9.60
N GLN A 81 11.31 -4.97 -8.58
CA GLN A 81 11.52 -6.42 -8.57
C GLN A 81 10.20 -7.17 -8.48
N VAL A 82 9.25 -6.63 -7.72
CA VAL A 82 7.93 -7.26 -7.59
C VAL A 82 7.22 -7.30 -8.95
N SER A 83 7.44 -6.26 -9.76
CA SER A 83 6.94 -6.25 -11.13
C SER A 83 7.61 -7.34 -11.97
N ALA A 84 8.91 -7.53 -11.74
CA ALA A 84 9.69 -8.50 -12.51
C ALA A 84 9.12 -9.92 -12.34
N SER A 85 8.73 -10.25 -11.12
CA SER A 85 8.12 -11.57 -10.86
C SER A 85 6.71 -11.63 -11.44
N ASN A 86 5.99 -10.52 -11.34
CA ASN A 86 4.58 -10.48 -11.73
C ASN A 86 4.37 -9.59 -12.96
N PRO A 87 4.81 -10.04 -14.12
CA PRO A 87 4.46 -9.36 -15.40
C PRO A 87 3.03 -9.70 -15.84
N GLY A 88 2.56 -10.89 -15.49
CA GLY A 88 1.21 -11.31 -15.84
C GLY A 88 0.15 -10.46 -15.15
N LEU A 89 0.46 -9.95 -13.97
CA LEU A 89 -0.51 -9.19 -13.18
C LEU A 89 -0.65 -7.77 -13.72
N SER A 90 -1.81 -7.16 -13.49
CA SER A 90 -2.07 -5.81 -13.96
C SER A 90 -1.22 -4.80 -13.18
N GLY A 91 -1.12 -3.58 -13.70
CA GLY A 91 -0.30 -2.54 -13.08
C GLY A 91 -0.74 -2.27 -11.64
N CYS A 92 -2.05 -2.33 -11.40
CA CYS A 92 -2.58 -2.08 -10.07
C CYS A 92 -2.15 -3.18 -9.09
N ASP A 93 -2.14 -4.43 -9.57
CA ASP A 93 -1.69 -5.55 -8.75
C ASP A 93 -0.24 -5.37 -8.33
N VAL A 94 0.58 -4.79 -9.21
CA VAL A 94 1.98 -4.52 -8.89
C VAL A 94 2.09 -3.54 -7.73
N LEU A 95 1.29 -2.46 -7.78
CA LEU A 95 1.31 -1.44 -6.74
C LEU A 95 0.85 -2.01 -5.40
N VAL A 96 -0.18 -2.86 -5.44
CA VAL A 96 -0.71 -3.49 -4.22
C VAL A 96 0.38 -4.31 -3.53
N GLN A 97 1.08 -5.13 -4.31
CA GLN A 97 2.06 -6.06 -3.75
C GLN A 97 3.23 -5.31 -3.11
N ALA A 98 3.69 -4.26 -3.78
CA ALA A 98 4.81 -3.47 -3.26
C ALA A 98 4.41 -2.78 -1.94
N LEU A 99 3.22 -2.21 -1.91
CA LEU A 99 2.81 -1.38 -0.77
C LEU A 99 2.67 -2.20 0.50
N LEU A 100 1.92 -3.31 0.43
CA LEU A 100 1.67 -4.11 1.63
C LEU A 100 2.94 -4.83 2.08
N GLU A 101 3.82 -5.16 1.12
CA GLU A 101 5.11 -5.76 1.46
C GLU A 101 5.97 -4.78 2.26
N VAL A 102 5.83 -3.48 1.98
CA VAL A 102 6.51 -2.47 2.78
C VAL A 102 5.92 -2.44 4.20
N VAL A 103 4.60 -2.66 4.29
CA VAL A 103 3.93 -2.71 5.60
C VAL A 103 4.53 -3.82 6.45
N SER A 104 4.71 -5.00 5.84
CA SER A 104 5.24 -6.16 6.56
C SER A 104 6.66 -5.92 7.04
N ALA A 105 7.48 -5.27 6.21
CA ALA A 105 8.86 -4.95 6.59
C ALA A 105 8.88 -4.06 7.83
N LEU A 106 7.98 -3.06 7.85
CA LEU A 106 7.90 -2.14 8.97
C LEU A 106 7.46 -2.86 10.25
N VAL A 107 6.57 -3.85 10.11
CA VAL A 107 6.15 -4.65 11.26
C VAL A 107 7.35 -5.39 11.87
N SER A 108 8.22 -5.91 11.01
CA SER A 108 9.41 -6.61 11.46
C SER A 108 10.31 -5.67 12.28
N ILE A 109 10.41 -4.42 11.83
CA ILE A 109 11.21 -3.43 12.54
C ILE A 109 10.62 -3.15 13.93
N LEU A 110 9.29 -3.04 14.00
CA LEU A 110 8.62 -2.74 15.26
C LEU A 110 8.84 -3.86 16.29
N GLY A 111 8.72 -5.10 15.83
CA GLY A 111 8.86 -6.26 16.71
C GLY A 111 10.27 -6.36 17.27
N SER A 112 11.27 -6.06 16.43
CA SER A 112 12.66 -6.08 16.86
C SER A 112 13.02 -4.81 17.63
N SER A 113 12.32 -3.72 17.35
CA SER A 113 12.66 -2.42 17.92
C SER A 113 11.83 -2.16 19.18
N SER A 114 12.26 -1.15 19.95
CA SER A 114 11.59 -0.80 21.19
C SER A 114 10.71 0.43 20.99
N ILE A 115 9.55 0.44 21.66
CA ILE A 115 8.61 1.56 21.53
C ILE A 115 8.78 2.53 22.68
N GLY A 116 8.95 3.82 22.35
CA GLY A 116 9.12 4.85 23.37
C GLY A 116 7.87 5.70 23.49
N GLN A 117 8.05 7.03 23.41
CA GLN A 117 6.91 7.95 23.47
C GLN A 117 6.45 8.31 22.07
N ILE A 118 5.16 8.08 21.80
CA ILE A 118 4.60 8.34 20.48
C ILE A 118 4.38 9.83 20.27
N ASN A 119 5.10 10.41 19.31
CA ASN A 119 4.86 11.79 18.91
C ASN A 119 3.66 11.85 17.96
N TYR A 120 2.48 12.03 18.55
CA TYR A 120 1.23 11.86 17.81
C TYR A 120 1.07 12.93 16.73
N GLY A 121 1.50 14.16 17.04
CA GLY A 121 1.30 15.29 16.14
C GLY A 121 2.06 15.12 14.82
N ALA A 122 3.27 14.58 14.91
CA ALA A 122 4.14 14.45 13.74
C ALA A 122 3.76 13.26 12.86
N SER A 123 2.74 12.49 13.26
CA SER A 123 2.32 11.32 12.48
C SER A 123 1.95 11.72 11.05
N ALA A 124 1.36 12.90 10.91
CA ALA A 124 1.00 13.41 9.58
C ALA A 124 2.25 13.68 8.74
N GLN A 125 3.32 14.12 9.40
CA GLN A 125 4.57 14.43 8.70
C GLN A 125 5.17 13.16 8.11
N TYR A 126 5.17 12.08 8.88
CA TYR A 126 5.67 10.79 8.39
C TYR A 126 4.80 10.27 7.24
N THR A 127 3.51 10.60 7.27
CA THR A 127 2.61 10.27 6.16
C THR A 127 3.09 10.96 4.88
N GLN A 128 3.55 12.20 5.02
CA GLN A 128 4.10 12.94 3.88
C GLN A 128 5.36 12.26 3.35
N MET A 129 6.15 11.66 4.25
CA MET A 129 7.37 10.97 3.84
C MET A 129 7.06 9.82 2.89
N VAL A 130 6.06 9.02 3.24
CA VAL A 130 5.69 7.86 2.42
C VAL A 130 5.14 8.33 1.05
N GLY A 131 4.22 9.29 1.09
CA GLY A 131 3.67 9.85 -0.15
C GLY A 131 4.78 10.39 -1.06
N GLN A 132 5.80 10.99 -0.43
CA GLN A 132 6.92 11.55 -1.17
C GLN A 132 7.72 10.46 -1.89
N SER A 133 7.96 9.35 -1.19
CA SER A 133 8.76 8.26 -1.76
C SER A 133 8.07 7.66 -2.99
N VAL A 134 6.75 7.57 -2.94
CA VAL A 134 5.99 7.04 -4.08
C VAL A 134 6.12 7.95 -5.29
N ALA A 135 5.89 9.26 -5.08
CA ALA A 135 5.89 10.21 -6.19
C ALA A 135 7.26 10.28 -6.87
N GLN A 136 8.31 10.40 -6.05
CA GLN A 136 9.67 10.53 -6.59
C GLN A 136 10.12 9.24 -7.26
N ALA A 137 9.78 8.10 -6.65
CA ALA A 137 10.27 6.81 -7.13
C ALA A 137 9.71 6.48 -8.52
N LEU A 138 8.42 6.74 -8.71
CA LEU A 138 7.76 6.40 -9.98
C LEU A 138 7.76 7.58 -10.96
N ALA A 139 8.16 8.76 -10.49
CA ALA A 139 8.24 9.95 -11.35
C ALA A 139 9.42 9.83 -12.31
N GLY A 140 10.52 9.27 -11.82
CA GLY A 140 11.73 9.10 -12.64
C GLY A 140 12.38 10.45 -12.90
N MET B 1 20.41 6.16 -11.77
CA MET B 1 20.02 4.72 -11.85
C MET B 1 20.10 4.27 -13.30
N ALA B 2 19.48 5.03 -14.20
CA ALA B 2 19.47 4.69 -15.63
C ALA B 2 18.83 3.33 -15.87
N SER B 3 17.55 3.33 -16.25
CA SER B 3 16.83 2.09 -16.50
C SER B 3 17.36 1.40 -17.76
N MET B 4 17.15 0.09 -17.85
CA MET B 4 17.61 -0.68 -19.00
C MET B 4 16.50 -0.80 -20.04
N THR B 5 16.88 -0.95 -21.31
CA THR B 5 15.91 -1.06 -22.39
C THR B 5 16.27 -2.23 -23.31
N GLY B 6 15.28 -2.68 -24.10
CA GLY B 6 15.50 -3.79 -25.02
C GLY B 6 16.45 -3.40 -26.15
N GLY B 7 17.14 -4.39 -26.71
CA GLY B 7 18.08 -4.14 -27.80
C GLY B 7 17.37 -3.63 -29.04
N GLN B 8 16.15 -4.11 -29.27
CA GLN B 8 15.38 -3.72 -30.45
C GLN B 8 13.90 -3.52 -30.08
N GLN B 9 13.14 -2.97 -31.04
CA GLN B 9 11.71 -2.72 -30.82
C GLN B 9 11.49 -1.75 -29.66
N MET B 10 11.10 -0.50 -30.00
CA MET B 10 10.83 0.56 -29.02
C MET B 10 11.89 0.60 -27.90
N GLY B 11 11.60 1.35 -26.84
CA GLY B 11 12.52 1.44 -25.70
C GLY B 11 13.61 2.48 -25.97
N ARG B 12 13.24 3.58 -26.61
CA ARG B 12 14.19 4.64 -26.92
C ARG B 12 14.67 5.32 -25.63
N GLY B 13 15.92 5.78 -25.64
CA GLY B 13 16.50 6.44 -24.47
C GLY B 13 16.09 7.91 -24.41
N SER B 14 16.56 8.61 -23.38
CA SER B 14 16.24 10.02 -23.21
C SER B 14 17.41 10.76 -22.56
N MET B 15 17.38 12.10 -22.65
CA MET B 15 18.44 12.92 -22.06
C MET B 15 19.81 12.58 -22.66
N GLY B 16 20.29 13.45 -23.55
CA GLY B 16 21.59 13.24 -24.18
C GLY B 16 21.46 12.38 -25.44
N ALA B 17 22.60 12.13 -26.10
CA ALA B 17 22.61 11.32 -27.32
C ALA B 17 21.72 11.93 -28.41
N ALA B 18 21.58 13.26 -28.39
CA ALA B 18 20.75 13.96 -29.37
C ALA B 18 20.96 15.46 -29.29
N SER B 19 21.69 16.02 -30.26
CA SER B 19 21.94 17.46 -30.28
C SER B 19 20.64 18.24 -30.51
N ALA B 20 19.74 17.66 -31.31
CA ALA B 20 18.46 18.30 -31.58
C ALA B 20 17.42 17.26 -31.95
N ALA B 21 16.15 17.55 -31.64
CA ALA B 21 15.05 16.63 -31.95
C ALA B 21 14.32 17.08 -33.21
N VAL B 22 14.10 16.14 -34.14
CA VAL B 22 13.41 16.44 -35.38
C VAL B 22 12.14 15.58 -35.53
N SER B 23 11.54 15.21 -34.39
CA SER B 23 10.35 14.37 -34.39
C SER B 23 9.21 15.04 -33.63
N VAL B 24 7.98 14.79 -34.07
CA VAL B 24 6.81 15.37 -33.41
C VAL B 24 5.95 14.26 -32.80
N GLY B 25 5.51 14.46 -31.56
CA GLY B 25 4.71 13.47 -30.85
C GLY B 25 4.04 14.07 -29.62
N GLY B 26 3.62 13.21 -28.70
CA GLY B 26 2.96 13.67 -27.47
C GLY B 26 3.59 13.03 -26.24
N TYR B 27 3.10 11.85 -25.87
CA TYR B 27 3.61 11.15 -24.69
C TYR B 27 4.71 10.18 -25.08
N GLY B 28 5.81 10.20 -24.32
CA GLY B 28 6.95 9.34 -24.61
C GLY B 28 6.62 7.87 -24.31
N PRO B 29 7.53 6.97 -24.59
CA PRO B 29 7.29 5.51 -24.33
C PRO B 29 7.17 5.20 -22.84
N GLN B 30 6.62 4.03 -22.52
CA GLN B 30 6.43 3.63 -21.13
C GLN B 30 6.86 2.18 -20.92
N SER B 31 7.09 1.80 -19.67
CA SER B 31 7.51 0.44 -19.35
C SER B 31 6.85 -0.03 -18.05
N SER B 32 6.94 0.80 -17.01
CA SER B 32 6.35 0.47 -15.72
C SER B 32 5.24 1.45 -15.37
N SER B 33 4.23 0.96 -14.64
CA SER B 33 3.09 1.80 -14.26
C SER B 33 3.50 2.78 -13.16
N ALA B 34 3.93 3.97 -13.58
CA ALA B 34 4.32 5.01 -12.63
C ALA B 34 3.10 5.77 -12.10
N PRO B 35 2.30 6.37 -12.97
CA PRO B 35 1.28 7.37 -12.52
C PRO B 35 0.26 6.78 -11.56
N VAL B 36 0.15 5.44 -11.52
CA VAL B 36 -0.77 4.77 -10.61
C VAL B 36 -0.37 5.05 -9.15
N ALA B 37 0.89 4.79 -8.82
CA ALA B 37 1.39 5.07 -7.47
C ALA B 37 1.41 6.57 -7.20
N SER B 38 1.71 7.36 -8.23
CA SER B 38 1.76 8.82 -8.08
C SER B 38 0.40 9.37 -7.68
N ALA B 39 -0.66 8.86 -8.31
CA ALA B 39 -2.03 9.29 -7.99
C ALA B 39 -2.39 8.87 -6.56
N ALA B 40 -1.98 7.66 -6.18
CA ALA B 40 -2.27 7.16 -4.83
C ALA B 40 -1.59 8.02 -3.77
N ALA B 41 -0.38 8.50 -4.09
CA ALA B 41 0.35 9.37 -3.18
C ALA B 41 -0.36 10.72 -3.04
N SER B 42 -0.90 11.22 -4.15
CA SER B 42 -1.55 12.53 -4.16
C SER B 42 -2.76 12.55 -3.23
N ARG B 43 -3.63 11.54 -3.38
CA ARG B 43 -4.81 11.43 -2.52
C ARG B 43 -4.45 10.95 -1.11
N LEU B 44 -3.30 10.27 -1.00
CA LEU B 44 -2.72 9.94 0.32
C LEU B 44 -2.35 11.23 1.06
N SER B 45 -1.95 12.26 0.32
CA SER B 45 -1.60 13.54 0.93
C SER B 45 -2.86 14.34 1.32
N SER B 46 -4.05 13.84 0.97
CA SER B 46 -5.30 14.54 1.30
C SER B 46 -5.51 14.59 2.81
N PRO B 47 -6.21 15.60 3.30
CA PRO B 47 -6.48 15.74 4.77
C PRO B 47 -7.13 14.49 5.37
N ALA B 48 -7.98 13.83 4.57
CA ALA B 48 -8.67 12.63 5.04
C ALA B 48 -7.68 11.51 5.36
N ALA B 49 -6.67 11.36 4.51
CA ALA B 49 -5.67 10.31 4.71
C ALA B 49 -4.85 10.57 5.96
N SER B 50 -4.42 11.83 6.14
CA SER B 50 -3.58 12.19 7.27
C SER B 50 -4.28 11.90 8.60
N SER B 51 -5.58 12.20 8.66
CA SER B 51 -6.37 11.95 9.87
C SER B 51 -6.42 10.45 10.18
N ARG B 52 -6.59 9.64 9.15
CA ARG B 52 -6.63 8.19 9.32
C ARG B 52 -5.28 7.66 9.80
N VAL B 53 -4.19 8.31 9.37
CA VAL B 53 -2.84 7.92 9.80
C VAL B 53 -2.73 8.09 11.31
N SER B 54 -3.21 9.22 11.83
CA SER B 54 -3.18 9.49 13.27
C SER B 54 -3.95 8.42 14.02
N SER B 55 -5.14 8.08 13.52
CA SER B 55 -5.99 7.06 14.15
C SER B 55 -5.28 5.71 14.15
N ALA B 56 -4.53 5.43 13.08
CA ALA B 56 -3.75 4.20 13.00
C ALA B 56 -2.68 4.16 14.10
N VAL B 57 -2.14 5.33 14.44
CA VAL B 57 -1.14 5.42 15.51
C VAL B 57 -1.75 4.99 16.84
N SER B 58 -2.88 5.59 17.21
CA SER B 58 -3.52 5.30 18.48
C SER B 58 -3.90 3.83 18.59
N SER B 59 -4.38 3.25 17.49
CA SER B 59 -4.82 1.85 17.49
C SER B 59 -3.66 0.91 17.75
N LEU B 60 -2.57 1.07 17.00
CA LEU B 60 -1.40 0.20 17.14
C LEU B 60 -0.73 0.40 18.50
N VAL B 61 -0.65 1.65 18.94
CA VAL B 61 0.04 1.99 20.18
C VAL B 61 -0.68 1.38 21.39
N SER B 62 -2.00 1.56 21.44
CA SER B 62 -2.77 1.15 22.62
C SER B 62 -2.91 -0.37 22.67
N SER B 63 -3.19 -1.00 21.53
CA SER B 63 -3.42 -2.43 21.49
C SER B 63 -2.10 -3.20 21.54
N GLY B 64 -1.08 -2.66 20.87
CA GLY B 64 0.22 -3.33 20.81
C GLY B 64 0.85 -3.16 19.41
N PRO B 65 1.85 -2.31 19.28
CA PRO B 65 2.54 -2.09 17.97
C PRO B 65 2.84 -3.38 17.19
N THR B 66 3.09 -4.48 17.92
CA THR B 66 3.52 -5.73 17.28
C THR B 66 2.55 -6.88 17.58
N ASN B 67 1.28 -6.54 17.77
CA ASN B 67 0.26 -7.57 18.08
C ASN B 67 -0.50 -7.96 16.83
N GLN B 68 -0.76 -9.26 16.67
CA GLN B 68 -1.54 -9.76 15.54
C GLN B 68 -2.97 -9.19 15.57
N ALA B 69 -3.57 -9.19 16.76
CA ALA B 69 -4.94 -8.71 16.92
C ALA B 69 -5.03 -7.21 16.65
N ALA B 70 -4.05 -6.46 17.13
CA ALA B 70 -4.04 -5.01 16.95
C ALA B 70 -3.91 -4.63 15.49
N LEU B 71 -3.00 -5.32 14.78
CA LEU B 71 -2.78 -5.04 13.37
C LEU B 71 -4.04 -5.33 12.55
N SER B 72 -4.71 -6.44 12.86
CA SER B 72 -5.94 -6.81 12.15
C SER B 72 -7.01 -5.74 12.30
N ASN B 73 -7.09 -5.17 13.51
CA ASN B 73 -8.08 -4.12 13.79
C ASN B 73 -7.80 -2.88 12.94
N THR B 74 -6.53 -2.51 12.83
CA THR B 74 -6.15 -1.29 12.11
C THR B 74 -6.47 -1.43 10.62
N ILE B 75 -6.09 -2.56 10.02
CA ILE B 75 -6.30 -2.78 8.59
C ILE B 75 -7.79 -2.77 8.25
N SER B 76 -8.59 -3.49 9.05
CA SER B 76 -10.02 -3.59 8.79
C SER B 76 -10.69 -2.23 8.82
N SER B 77 -10.44 -1.48 9.90
CA SER B 77 -11.09 -0.18 10.09
C SER B 77 -10.69 0.80 8.99
N VAL B 78 -9.39 0.87 8.70
CA VAL B 78 -8.88 1.82 7.72
C VAL B 78 -9.46 1.54 6.33
N VAL B 79 -9.42 0.27 5.92
CA VAL B 79 -9.90 -0.12 4.59
C VAL B 79 -11.37 0.28 4.41
N SER B 80 -12.17 0.05 5.44
CA SER B 80 -13.61 0.36 5.38
C SER B 80 -13.82 1.85 5.14
N GLN B 81 -13.23 2.68 6.00
CA GLN B 81 -13.47 4.12 5.95
C GLN B 81 -12.87 4.74 4.68
N VAL B 82 -11.72 4.24 4.23
CA VAL B 82 -11.10 4.74 3.01
C VAL B 82 -12.00 4.48 1.80
N SER B 83 -12.72 3.35 1.83
CA SER B 83 -13.72 3.06 0.80
C SER B 83 -14.88 4.05 0.88
N ALA B 84 -15.25 4.43 2.11
CA ALA B 84 -16.39 5.34 2.31
C ALA B 84 -16.14 6.69 1.65
N SER B 85 -14.91 7.19 1.75
CA SER B 85 -14.54 8.45 1.11
C SER B 85 -14.45 8.27 -0.40
N ASN B 86 -13.95 7.12 -0.82
CA ASN B 86 -13.66 6.88 -2.23
C ASN B 86 -14.59 5.78 -2.80
N PRO B 87 -15.86 6.08 -2.96
CA PRO B 87 -16.77 5.17 -3.71
C PRO B 87 -16.57 5.27 -5.22
N GLY B 88 -16.18 6.45 -5.69
CA GLY B 88 -15.95 6.67 -7.11
C GLY B 88 -14.78 5.84 -7.63
N LEU B 89 -13.80 5.57 -6.77
CA LEU B 89 -12.60 4.84 -7.18
C LEU B 89 -12.88 3.35 -7.30
N SER B 90 -12.10 2.67 -8.14
CA SER B 90 -12.26 1.24 -8.34
C SER B 90 -11.84 0.46 -7.10
N GLY B 91 -12.22 -0.81 -7.03
CA GLY B 91 -11.92 -1.64 -5.87
C GLY B 91 -10.42 -1.71 -5.61
N CYS B 92 -9.64 -1.75 -6.69
CA CYS B 92 -8.18 -1.84 -6.56
C CYS B 92 -7.62 -0.56 -5.95
N ASP B 93 -8.17 0.60 -6.34
CA ASP B 93 -7.75 1.88 -5.78
C ASP B 93 -7.99 1.92 -4.28
N VAL B 94 -9.07 1.29 -3.82
CA VAL B 94 -9.38 1.22 -2.39
C VAL B 94 -8.28 0.46 -1.66
N LEU B 95 -7.87 -0.69 -2.22
CA LEU B 95 -6.85 -1.52 -1.59
C LEU B 95 -5.51 -0.78 -1.54
N VAL B 96 -5.18 -0.05 -2.61
CA VAL B 96 -3.93 0.70 -2.68
C VAL B 96 -3.87 1.73 -1.54
N GLN B 97 -4.96 2.48 -1.39
CA GLN B 97 -4.99 3.58 -0.43
C GLN B 97 -4.84 3.07 1.00
N ALA B 98 -5.53 1.98 1.31
CA ALA B 98 -5.47 1.40 2.65
C ALA B 98 -4.06 0.90 2.97
N LEU B 99 -3.44 0.22 2.00
CA LEU B 99 -2.17 -0.45 2.25
C LEU B 99 -1.05 0.56 2.53
N LEU B 100 -0.89 1.54 1.64
CA LEU B 100 0.20 2.51 1.80
C LEU B 100 -0.03 3.42 3.00
N GLU B 101 -1.30 3.67 3.32
CA GLU B 101 -1.63 4.45 4.53
C GLU B 101 -1.18 3.72 5.79
N VAL B 102 -1.24 2.39 5.76
CA VAL B 102 -0.71 1.59 6.87
C VAL B 102 0.80 1.72 6.93
N VAL B 103 1.45 1.83 5.76
CA VAL B 103 2.90 2.01 5.70
C VAL B 103 3.29 3.31 6.41
N SER B 104 2.53 4.37 6.13
CA SER B 104 2.82 5.69 6.71
C SER B 104 2.66 5.68 8.22
N ALA B 105 1.63 4.99 8.71
CA ALA B 105 1.41 4.88 10.15
C ALA B 105 2.59 4.20 10.84
N LEU B 106 3.11 3.15 10.21
CA LEU B 106 4.24 2.41 10.76
C LEU B 106 5.50 3.28 10.79
N VAL B 107 5.65 4.14 9.76
CA VAL B 107 6.79 5.07 9.73
C VAL B 107 6.73 6.02 10.94
N SER B 108 5.53 6.48 11.28
CA SER B 108 5.34 7.36 12.43
C SER B 108 5.78 6.66 13.72
N ILE B 109 5.46 5.38 13.83
CA ILE B 109 5.84 4.59 15.01
C ILE B 109 7.37 4.49 15.10
N LEU B 110 8.03 4.27 13.96
CA LEU B 110 9.48 4.11 13.93
C LEU B 110 10.18 5.38 14.37
N GLY B 111 9.70 6.52 13.87
CA GLY B 111 10.31 7.82 14.18
C GLY B 111 10.19 8.15 15.67
N SER B 112 9.02 7.83 16.24
CA SER B 112 8.79 8.06 17.66
C SER B 112 9.46 6.98 18.52
N SER B 113 9.62 5.79 17.94
CA SER B 113 10.12 4.64 18.70
C SER B 113 11.63 4.51 18.55
N SER B 114 12.23 3.69 19.41
CA SER B 114 13.68 3.48 19.38
C SER B 114 14.02 2.15 18.71
N ILE B 115 15.11 2.12 17.96
CA ILE B 115 15.52 0.90 17.25
C ILE B 115 16.58 0.16 18.05
N GLY B 116 16.34 -1.14 18.27
CA GLY B 116 17.28 -1.97 19.02
C GLY B 116 18.02 -2.92 18.09
N GLN B 117 18.01 -4.21 18.44
CA GLN B 117 18.65 -5.22 17.60
C GLN B 117 17.64 -5.85 16.64
N ILE B 118 17.95 -5.80 15.35
CA ILE B 118 17.03 -6.33 14.34
C ILE B 118 17.10 -7.85 14.29
N ASN B 119 15.99 -8.50 14.62
CA ASN B 119 15.87 -9.95 14.47
C ASN B 119 15.56 -10.29 13.02
N TYR B 120 16.62 -10.49 12.24
CA TYR B 120 16.49 -10.57 10.78
C TYR B 120 15.71 -11.81 10.36
N GLY B 121 15.91 -12.92 11.08
CA GLY B 121 15.32 -14.20 10.70
C GLY B 121 13.79 -14.16 10.81
N ALA B 122 13.28 -13.49 11.85
CA ALA B 122 11.85 -13.48 12.11
C ALA B 122 11.10 -12.48 11.20
N SER B 123 11.83 -11.78 10.33
CA SER B 123 11.19 -10.80 9.43
C SER B 123 10.12 -11.46 8.58
N ALA B 124 10.36 -12.71 8.18
CA ALA B 124 9.39 -13.46 7.39
C ALA B 124 8.12 -13.72 8.20
N GLN B 125 8.29 -13.95 9.50
CA GLN B 125 7.15 -14.23 10.38
C GLN B 125 6.22 -13.01 10.46
N TYR B 126 6.81 -11.84 10.60
CA TYR B 126 6.03 -10.60 10.64
C TYR B 126 5.32 -10.36 9.29
N THR B 127 5.94 -10.82 8.21
CA THR B 127 5.31 -10.77 6.89
C THR B 127 4.03 -11.60 6.89
N GLN B 128 4.07 -12.74 7.56
CA GLN B 128 2.90 -13.60 7.69
C GLN B 128 1.80 -12.89 8.49
N MET B 129 2.19 -12.08 9.47
CA MET B 129 1.23 -11.34 10.29
C MET B 129 0.39 -10.40 9.42
N VAL B 130 1.06 -9.66 8.53
CA VAL B 130 0.37 -8.70 7.67
C VAL B 130 -0.55 -9.43 6.69
N GLY B 131 -0.03 -10.47 6.03
CA GLY B 131 -0.84 -11.27 5.12
C GLY B 131 -2.07 -11.84 5.82
N GLN B 132 -1.90 -12.23 7.08
CA GLN B 132 -3.00 -12.78 7.88
C GLN B 132 -4.09 -11.74 8.10
N SER B 133 -3.69 -10.52 8.43
CA SER B 133 -4.66 -9.45 8.73
C SER B 133 -5.51 -9.13 7.51
N VAL B 134 -4.90 -9.17 6.32
CA VAL B 134 -5.65 -8.91 5.09
C VAL B 134 -6.69 -10.00 4.85
N ALA B 135 -6.28 -11.27 4.94
CA ALA B 135 -7.16 -12.39 4.64
C ALA B 135 -8.36 -12.42 5.59
N GLN B 136 -8.09 -12.30 6.88
CA GLN B 136 -9.13 -12.37 7.89
C GLN B 136 -10.07 -11.17 7.80
N ALA B 137 -9.50 -9.99 7.56
CA ALA B 137 -10.28 -8.75 7.60
C ALA B 137 -11.30 -8.71 6.46
N LEU B 138 -10.89 -9.13 5.27
CA LEU B 138 -11.76 -9.08 4.10
C LEU B 138 -12.51 -10.39 3.88
N ALA B 139 -12.14 -11.44 4.63
CA ALA B 139 -12.83 -12.72 4.52
C ALA B 139 -14.21 -12.65 5.16
N GLY B 140 -14.32 -11.90 6.26
CA GLY B 140 -15.59 -11.75 6.95
C GLY B 140 -15.38 -11.18 8.35
N MET A 1 -26.93 -21.03 -33.44
CA MET A 1 -26.94 -20.26 -34.71
C MET A 1 -26.10 -19.00 -34.55
N ALA A 2 -26.54 -18.10 -33.67
CA ALA A 2 -25.81 -16.87 -33.41
C ALA A 2 -24.47 -17.15 -32.73
N SER A 3 -24.46 -18.17 -31.87
CA SER A 3 -23.24 -18.56 -31.16
C SER A 3 -22.81 -19.96 -31.55
N MET A 4 -21.50 -20.22 -31.52
CA MET A 4 -20.98 -21.53 -31.88
C MET A 4 -20.95 -22.45 -30.66
N THR A 5 -21.38 -23.70 -30.87
CA THR A 5 -21.40 -24.68 -29.79
C THR A 5 -19.97 -25.01 -29.32
N GLY A 6 -19.05 -25.07 -30.28
CA GLY A 6 -17.66 -25.37 -29.96
C GLY A 6 -16.74 -24.95 -31.10
N GLY A 7 -15.44 -25.23 -30.94
CA GLY A 7 -14.46 -24.87 -31.97
C GLY A 7 -13.04 -25.15 -31.48
N GLN A 8 -12.05 -24.74 -32.28
CA GLN A 8 -10.66 -24.95 -31.93
C GLN A 8 -10.14 -23.78 -31.10
N GLN A 9 -9.62 -24.06 -29.91
CA GLN A 9 -9.10 -23.03 -29.03
C GLN A 9 -7.62 -23.26 -28.75
N MET A 10 -6.84 -22.17 -28.72
CA MET A 10 -5.42 -22.26 -28.43
C MET A 10 -4.99 -21.12 -27.51
N GLY A 11 -4.05 -21.41 -26.62
CA GLY A 11 -3.56 -20.41 -25.68
C GLY A 11 -4.52 -20.24 -24.50
N ARG A 12 -4.35 -19.14 -23.76
CA ARG A 12 -5.21 -18.86 -22.61
C ARG A 12 -5.86 -17.49 -22.75
N GLY A 13 -7.06 -17.34 -22.18
CA GLY A 13 -7.78 -16.07 -22.24
C GLY A 13 -8.77 -15.96 -21.09
N SER A 14 -8.51 -15.03 -20.16
CA SER A 14 -9.39 -14.83 -19.01
C SER A 14 -9.50 -13.35 -18.68
N MET A 15 -10.67 -12.94 -18.19
CA MET A 15 -10.90 -11.54 -17.84
C MET A 15 -10.00 -11.11 -16.67
N GLY A 16 -9.75 -12.04 -15.75
CA GLY A 16 -8.89 -11.76 -14.60
C GLY A 16 -7.96 -12.92 -14.32
N ALA A 17 -6.96 -12.69 -13.47
CA ALA A 17 -6.00 -13.73 -13.12
C ALA A 17 -6.67 -14.84 -12.31
N ALA A 18 -7.58 -14.46 -11.42
CA ALA A 18 -8.29 -15.43 -10.59
C ALA A 18 -9.48 -14.78 -9.89
N SER A 19 -10.13 -13.84 -10.58
CA SER A 19 -11.29 -13.14 -10.02
C SER A 19 -12.40 -13.05 -11.06
N ALA A 20 -13.63 -13.36 -10.64
CA ALA A 20 -14.78 -13.30 -11.54
C ALA A 20 -15.11 -11.84 -11.90
N ALA A 21 -15.00 -10.95 -10.89
CA ALA A 21 -15.30 -9.53 -11.10
C ALA A 21 -16.74 -9.32 -11.57
N VAL A 22 -17.64 -10.19 -11.09
CA VAL A 22 -19.05 -10.10 -11.46
C VAL A 22 -19.92 -9.95 -10.20
N SER A 23 -20.91 -9.06 -10.28
CA SER A 23 -21.81 -8.82 -9.14
C SER A 23 -23.08 -9.66 -9.30
N VAL A 24 -23.71 -9.98 -8.17
CA VAL A 24 -24.94 -10.78 -8.19
C VAL A 24 -26.07 -10.02 -7.49
N GLY A 25 -27.25 -10.04 -8.10
CA GLY A 25 -28.41 -9.36 -7.52
C GLY A 25 -28.24 -7.85 -7.57
N GLY A 26 -28.28 -7.22 -6.39
CA GLY A 26 -28.12 -5.78 -6.29
C GLY A 26 -28.82 -5.23 -5.05
N TYR A 27 -28.49 -5.82 -3.89
CA TYR A 27 -29.09 -5.39 -2.62
C TYR A 27 -28.14 -4.48 -1.84
N GLY A 28 -27.30 -3.74 -2.56
CA GLY A 28 -26.34 -2.85 -1.92
C GLY A 28 -25.01 -3.57 -1.68
N PRO A 29 -24.25 -3.85 -2.73
CA PRO A 29 -22.94 -4.54 -2.59
C PRO A 29 -21.90 -3.67 -1.88
N GLN A 30 -21.01 -4.32 -1.13
CA GLN A 30 -19.96 -3.60 -0.39
C GLN A 30 -18.65 -3.62 -1.16
N SER A 31 -18.74 -3.34 -2.47
CA SER A 31 -17.56 -3.32 -3.34
C SER A 31 -16.86 -4.69 -3.33
N SER A 32 -15.88 -4.85 -4.23
CA SER A 32 -15.13 -6.10 -4.32
C SER A 32 -13.66 -5.86 -3.96
N SER A 33 -13.45 -5.03 -2.95
CA SER A 33 -12.10 -4.71 -2.49
C SER A 33 -11.52 -5.83 -1.62
N ALA A 34 -12.40 -6.57 -0.94
CA ALA A 34 -11.98 -7.64 -0.04
C ALA A 34 -11.10 -8.68 -0.76
N PRO A 35 -11.60 -9.31 -1.80
CA PRO A 35 -10.86 -10.43 -2.47
C PRO A 35 -9.54 -9.99 -3.06
N VAL A 36 -9.42 -8.69 -3.38
CA VAL A 36 -8.17 -8.15 -3.94
C VAL A 36 -7.04 -8.28 -2.92
N ALA A 37 -7.31 -7.88 -1.68
CA ALA A 37 -6.32 -7.98 -0.61
C ALA A 37 -6.02 -9.44 -0.29
N SER A 38 -7.04 -10.29 -0.39
CA SER A 38 -6.87 -11.72 -0.12
C SER A 38 -5.84 -12.34 -1.07
N ALA A 39 -5.94 -11.98 -2.35
CA ALA A 39 -4.99 -12.48 -3.35
C ALA A 39 -3.59 -11.93 -3.08
N ALA A 40 -3.52 -10.67 -2.67
CA ALA A 40 -2.23 -10.04 -2.37
C ALA A 40 -1.54 -10.73 -1.20
N ALA A 41 -2.33 -11.15 -0.21
CA ALA A 41 -1.80 -11.86 0.95
C ALA A 41 -1.30 -13.24 0.55
N SER A 42 -2.00 -13.88 -0.39
CA SER A 42 -1.63 -15.22 -0.83
C SER A 42 -0.24 -15.23 -1.48
N ARG A 43 -0.02 -14.31 -2.42
CA ARG A 43 1.28 -14.20 -3.08
C ARG A 43 2.32 -13.54 -2.18
N LEU A 44 1.86 -12.76 -1.19
CA LEU A 44 2.73 -12.28 -0.11
C LEU A 44 3.31 -13.48 0.68
N SER A 45 2.54 -14.56 0.77
CA SER A 45 3.00 -15.76 1.48
C SER A 45 4.01 -16.55 0.66
N SER A 46 4.15 -16.23 -0.64
CA SER A 46 5.09 -16.93 -1.50
C SER A 46 6.53 -16.69 -1.05
N PRO A 47 7.43 -17.62 -1.31
CA PRO A 47 8.86 -17.49 -0.89
C PRO A 47 9.53 -16.24 -1.45
N ALA A 48 9.09 -15.83 -2.64
CA ALA A 48 9.64 -14.62 -3.28
C ALA A 48 9.33 -13.39 -2.44
N ALA A 49 8.11 -13.34 -1.90
CA ALA A 49 7.69 -12.19 -1.09
C ALA A 49 8.50 -12.10 0.20
N SER A 50 8.65 -13.24 0.88
CA SER A 50 9.37 -13.27 2.16
C SER A 50 10.81 -12.77 2.00
N SER A 51 11.46 -13.19 0.90
CA SER A 51 12.83 -12.77 0.62
C SER A 51 12.91 -11.25 0.45
N ARG A 52 11.93 -10.69 -0.24
CA ARG A 52 11.89 -9.24 -0.44
C ARG A 52 11.69 -8.50 0.89
N VAL A 53 10.95 -9.13 1.81
CA VAL A 53 10.76 -8.54 3.14
C VAL A 53 12.11 -8.39 3.85
N SER A 54 12.93 -9.44 3.78
CA SER A 54 14.26 -9.41 4.39
C SER A 54 15.10 -8.28 3.79
N SER A 55 15.03 -8.13 2.48
CA SER A 55 15.77 -7.08 1.79
C SER A 55 15.30 -5.70 2.24
N ALA A 56 13.99 -5.58 2.47
CA ALA A 56 13.41 -4.33 2.97
C ALA A 56 13.97 -3.98 4.35
N VAL A 57 14.25 -5.01 5.16
CA VAL A 57 14.83 -4.80 6.48
C VAL A 57 16.22 -4.16 6.37
N SER A 58 17.07 -4.79 5.56
CA SER A 58 18.46 -4.31 5.41
C SER A 58 18.49 -2.88 4.88
N SER A 59 17.56 -2.55 3.97
CA SER A 59 17.52 -1.23 3.36
C SER A 59 17.18 -0.16 4.40
N LEU A 60 16.07 -0.36 5.12
CA LEU A 60 15.62 0.61 6.10
C LEU A 60 16.61 0.72 7.26
N VAL A 61 17.14 -0.41 7.70
CA VAL A 61 18.04 -0.45 8.85
C VAL A 61 19.34 0.31 8.57
N SER A 62 19.96 0.02 7.42
CA SER A 62 21.27 0.58 7.11
C SER A 62 21.15 2.07 6.76
N SER A 63 20.14 2.42 5.98
CA SER A 63 19.97 3.80 5.55
C SER A 63 19.40 4.66 6.68
N GLY A 64 18.49 4.07 7.44
CA GLY A 64 17.82 4.80 8.53
C GLY A 64 16.33 4.45 8.58
N PRO A 65 15.89 3.76 9.62
CA PRO A 65 14.44 3.40 9.79
C PRO A 65 13.46 4.54 9.43
N THR A 66 13.87 5.78 9.65
CA THR A 66 12.98 6.93 9.44
C THR A 66 13.59 7.97 8.50
N ASN A 67 14.40 7.50 7.56
CA ASN A 67 15.03 8.40 6.59
C ASN A 67 14.18 8.50 5.31
N GLN A 68 14.01 9.72 4.81
CA GLN A 68 13.24 9.94 3.58
C GLN A 68 13.90 9.21 2.40
N ALA A 69 15.22 9.32 2.32
CA ALA A 69 15.97 8.71 1.22
C ALA A 69 15.90 7.18 1.31
N ALA A 70 15.90 6.66 2.53
CA ALA A 70 15.84 5.22 2.74
C ALA A 70 14.50 4.65 2.27
N LEU A 71 13.42 5.36 2.59
CA LEU A 71 12.08 4.92 2.18
C LEU A 71 11.95 4.89 0.66
N SER A 72 12.50 5.91 0.00
CA SER A 72 12.44 5.98 -1.46
C SER A 72 13.17 4.80 -2.11
N ASN A 73 14.34 4.46 -1.55
CA ASN A 73 15.15 3.38 -2.10
C ASN A 73 14.42 2.03 -2.00
N THR A 74 13.84 1.77 -0.84
CA THR A 74 13.16 0.50 -0.60
C THR A 74 11.95 0.33 -1.53
N ILE A 75 11.15 1.38 -1.64
CA ILE A 75 9.94 1.32 -2.47
C ILE A 75 10.30 1.08 -3.94
N SER A 76 11.27 1.83 -4.44
CA SER A 76 11.66 1.73 -5.85
C SER A 76 12.13 0.32 -6.19
N SER A 77 13.07 -0.19 -5.39
CA SER A 77 13.66 -1.51 -5.64
C SER A 77 12.61 -2.62 -5.56
N VAL A 78 11.79 -2.58 -4.50
CA VAL A 78 10.81 -3.63 -4.26
C VAL A 78 9.76 -3.66 -5.38
N VAL A 79 9.24 -2.48 -5.74
CA VAL A 79 8.19 -2.39 -6.76
C VAL A 79 8.69 -2.98 -8.09
N SER A 80 9.94 -2.66 -8.43
CA SER A 80 10.52 -3.15 -9.68
C SER A 80 10.56 -4.67 -9.71
N GLN A 81 11.16 -5.26 -8.68
CA GLN A 81 11.38 -6.71 -8.64
C GLN A 81 10.04 -7.46 -8.53
N VAL A 82 9.10 -6.90 -7.78
CA VAL A 82 7.78 -7.53 -7.63
C VAL A 82 7.06 -7.60 -8.98
N SER A 83 7.25 -6.56 -9.81
CA SER A 83 6.71 -6.56 -11.16
C SER A 83 7.36 -7.66 -12.01
N ALA A 84 8.66 -7.87 -11.80
CA ALA A 84 9.41 -8.87 -12.56
C ALA A 84 8.86 -10.27 -12.33
N SER A 85 8.54 -10.57 -11.06
CA SER A 85 7.99 -11.88 -10.72
C SER A 85 6.54 -12.00 -11.21
N ASN A 86 5.80 -10.89 -11.13
CA ASN A 86 4.38 -10.89 -11.45
C ASN A 86 4.10 -10.09 -12.72
N PRO A 87 4.49 -10.60 -13.88
CA PRO A 87 4.07 -10.00 -15.18
C PRO A 87 2.63 -10.39 -15.54
N GLY A 88 2.21 -11.58 -15.12
CA GLY A 88 0.85 -12.04 -15.37
C GLY A 88 -0.18 -11.18 -14.65
N LEU A 89 0.21 -10.64 -13.50
CA LEU A 89 -0.71 -9.83 -12.70
C LEU A 89 -0.81 -8.41 -13.25
N SER A 90 -1.96 -7.77 -13.02
CA SER A 90 -2.19 -6.42 -13.54
C SER A 90 -1.28 -5.41 -12.86
N GLY A 91 -1.17 -4.23 -13.45
CA GLY A 91 -0.30 -3.18 -12.92
C GLY A 91 -0.70 -2.79 -11.50
N CYS A 92 -2.01 -2.74 -11.24
CA CYS A 92 -2.51 -2.38 -9.92
C CYS A 92 -2.14 -3.43 -8.90
N ASP A 93 -2.18 -4.71 -9.31
CA ASP A 93 -1.79 -5.81 -8.41
C ASP A 93 -0.33 -5.66 -7.98
N VAL A 94 0.52 -5.21 -8.90
CA VAL A 94 1.93 -4.99 -8.59
C VAL A 94 2.08 -3.92 -7.50
N LEU A 95 1.31 -2.84 -7.63
CA LEU A 95 1.36 -1.75 -6.67
C LEU A 95 0.90 -2.22 -5.29
N VAL A 96 -0.16 -3.04 -5.26
CA VAL A 96 -0.67 -3.59 -4.00
C VAL A 96 0.42 -4.40 -3.30
N GLN A 97 1.10 -5.24 -4.07
CA GLN A 97 2.09 -6.17 -3.51
C GLN A 97 3.24 -5.41 -2.88
N ALA A 98 3.73 -4.37 -3.55
CA ALA A 98 4.85 -3.59 -3.05
C ALA A 98 4.48 -2.85 -1.76
N LEU A 99 3.28 -2.27 -1.73
CA LEU A 99 2.88 -1.42 -0.60
C LEU A 99 2.73 -2.22 0.68
N LEU A 100 1.97 -3.32 0.62
CA LEU A 100 1.71 -4.10 1.84
C LEU A 100 2.97 -4.83 2.30
N GLU A 101 3.84 -5.19 1.33
CA GLU A 101 5.13 -5.80 1.67
C GLU A 101 6.01 -4.82 2.44
N VAL A 102 5.87 -3.52 2.14
CA VAL A 102 6.55 -2.49 2.93
C VAL A 102 5.98 -2.46 4.34
N VAL A 103 4.67 -2.67 4.46
CA VAL A 103 4.01 -2.70 5.77
C VAL A 103 4.60 -3.82 6.63
N SER A 104 4.83 -4.99 6.00
CA SER A 104 5.34 -6.15 6.73
C SER A 104 6.77 -5.91 7.22
N ALA A 105 7.58 -5.27 6.37
CA ALA A 105 8.96 -4.96 6.76
C ALA A 105 8.98 -4.05 8.00
N LEU A 106 8.08 -3.06 8.01
CA LEU A 106 7.99 -2.14 9.14
C LEU A 106 7.53 -2.86 10.40
N VAL A 107 6.65 -3.86 10.25
CA VAL A 107 6.20 -4.66 11.40
C VAL A 107 7.39 -5.38 12.04
N SER A 108 8.27 -5.93 11.19
CA SER A 108 9.45 -6.63 11.68
C SER A 108 10.34 -5.70 12.49
N ILE A 109 10.51 -4.47 12.01
CA ILE A 109 11.34 -3.49 12.71
C ILE A 109 10.76 -3.16 14.08
N LEU A 110 9.44 -3.00 14.15
CA LEU A 110 8.76 -2.65 15.40
C LEU A 110 8.94 -3.74 16.45
N GLY A 111 8.76 -5.00 16.04
CA GLY A 111 8.83 -6.12 16.97
C GLY A 111 10.25 -6.28 17.53
N SER A 112 11.25 -6.08 16.67
CA SER A 112 12.64 -6.17 17.10
C SER A 112 13.10 -4.89 17.80
N SER A 113 12.43 -3.78 17.50
CA SER A 113 12.81 -2.49 18.07
C SER A 113 12.01 -2.19 19.32
N SER A 114 12.46 -1.18 20.08
CA SER A 114 11.82 -0.83 21.34
C SER A 114 10.87 0.35 21.15
N ILE A 115 9.68 0.25 21.74
CA ILE A 115 8.68 1.31 21.61
C ILE A 115 8.73 2.24 22.81
N GLY A 116 9.00 3.52 22.55
CA GLY A 116 9.04 4.53 23.61
C GLY A 116 7.74 5.33 23.65
N GLN A 117 7.85 6.64 23.49
CA GLN A 117 6.67 7.51 23.43
C GLN A 117 6.38 7.87 21.97
N ILE A 118 5.10 7.85 21.60
CA ILE A 118 4.70 8.13 20.22
C ILE A 118 4.27 9.57 20.07
N ASN A 119 4.84 10.27 19.07
CA ASN A 119 4.44 11.63 18.77
C ASN A 119 3.21 11.63 17.87
N TYR A 120 2.04 11.75 18.50
CA TYR A 120 0.78 11.57 17.78
C TYR A 120 0.56 12.67 16.74
N GLY A 121 0.90 13.91 17.09
CA GLY A 121 0.66 15.04 16.21
C GLY A 121 1.49 14.96 14.92
N ALA A 122 2.70 14.40 15.04
CA ALA A 122 3.61 14.34 13.90
C ALA A 122 3.26 13.22 12.92
N SER A 123 2.22 12.43 13.21
CA SER A 123 1.83 11.31 12.36
C SER A 123 1.54 11.79 10.93
N ALA A 124 0.96 12.98 10.82
CA ALA A 124 0.65 13.55 9.50
C ALA A 124 1.93 13.84 8.72
N GLN A 125 2.97 14.29 9.42
CA GLN A 125 4.24 14.61 8.78
C GLN A 125 4.87 13.36 8.19
N TYR A 126 4.83 12.26 8.94
CA TYR A 126 5.33 10.97 8.45
C TYR A 126 4.53 10.50 7.24
N THR A 127 3.24 10.86 7.20
CA THR A 127 2.42 10.58 6.02
C THR A 127 2.96 11.28 4.80
N GLN A 128 3.44 12.51 4.98
CA GLN A 128 4.07 13.26 3.89
C GLN A 128 5.34 12.56 3.41
N MET A 129 6.06 11.92 4.35
CA MET A 129 7.29 11.22 4.01
C MET A 129 7.00 10.07 3.04
N VAL A 130 6.03 9.23 3.39
CA VAL A 130 5.70 8.06 2.57
C VAL A 130 5.17 8.48 1.20
N GLY A 131 4.24 9.44 1.20
CA GLY A 131 3.68 9.97 -0.06
C GLY A 131 4.79 10.54 -0.95
N GLN A 132 5.76 11.20 -0.34
CA GLN A 132 6.88 11.79 -1.09
C GLN A 132 7.71 10.72 -1.77
N SER A 133 8.03 9.66 -1.03
CA SER A 133 8.86 8.58 -1.56
C SER A 133 8.19 7.90 -2.75
N VAL A 134 6.86 7.78 -2.70
CA VAL A 134 6.10 7.18 -3.78
C VAL A 134 6.22 8.02 -5.06
N ALA A 135 5.99 9.33 -4.91
CA ALA A 135 5.99 10.23 -6.06
C ALA A 135 7.37 10.26 -6.74
N GLN A 136 8.42 10.34 -5.94
CA GLN A 136 9.78 10.46 -6.47
C GLN A 136 10.19 9.19 -7.21
N ALA A 137 9.99 8.04 -6.57
CA ALA A 137 10.44 6.76 -7.14
C ALA A 137 9.67 6.42 -8.40
N LEU A 138 8.35 6.63 -8.38
CA LEU A 138 7.48 6.23 -9.48
C LEU A 138 7.11 7.42 -10.37
N ALA A 139 7.81 8.54 -10.21
CA ALA A 139 7.55 9.73 -11.03
C ALA A 139 8.74 10.68 -10.99
N GLY A 140 9.25 10.94 -9.79
CA GLY A 140 10.39 11.84 -9.63
C GLY A 140 9.92 13.26 -9.34
N MET B 1 55.17 -25.48 -27.78
CA MET B 1 53.87 -24.75 -27.60
C MET B 1 52.86 -25.67 -26.92
N ALA B 2 52.62 -25.43 -25.63
CA ALA B 2 51.67 -26.24 -24.88
C ALA B 2 50.25 -26.05 -25.39
N SER B 3 49.94 -24.83 -25.83
CA SER B 3 48.60 -24.53 -26.35
C SER B 3 48.63 -24.45 -27.88
N MET B 4 47.54 -24.89 -28.50
CA MET B 4 47.44 -24.88 -29.96
C MET B 4 46.67 -23.66 -30.44
N THR B 5 46.81 -23.34 -31.73
CA THR B 5 46.12 -22.20 -32.31
C THR B 5 44.65 -22.53 -32.56
N GLY B 6 43.85 -21.50 -32.86
CA GLY B 6 42.43 -21.68 -33.12
C GLY B 6 41.62 -21.48 -31.84
N GLY B 7 40.43 -22.08 -31.80
CA GLY B 7 39.55 -21.95 -30.64
C GLY B 7 40.15 -22.64 -29.42
N GLN B 8 39.84 -22.11 -28.24
CA GLN B 8 40.37 -22.67 -26.99
C GLN B 8 39.84 -24.08 -26.76
N GLN B 9 38.58 -24.31 -27.14
CA GLN B 9 37.96 -25.63 -26.96
C GLN B 9 36.65 -25.71 -27.74
N MET B 10 35.67 -24.89 -27.34
CA MET B 10 34.37 -24.89 -27.98
C MET B 10 33.99 -23.48 -28.44
N GLY B 11 34.99 -22.74 -28.94
CA GLY B 11 34.76 -21.39 -29.42
C GLY B 11 34.64 -21.34 -30.95
N ARG B 12 34.06 -22.40 -31.52
CA ARG B 12 33.88 -22.47 -32.97
C ARG B 12 32.95 -21.38 -33.46
N GLY B 13 31.92 -21.08 -32.68
CA GLY B 13 30.95 -20.05 -33.05
C GLY B 13 31.47 -18.66 -32.67
N SER B 14 30.62 -17.65 -32.89
CA SER B 14 30.99 -16.27 -32.58
C SER B 14 30.12 -15.71 -31.46
N MET B 15 30.65 -14.75 -30.72
CA MET B 15 29.91 -14.14 -29.61
C MET B 15 28.68 -13.38 -30.12
N GLY B 16 28.82 -12.76 -31.29
CA GLY B 16 27.72 -12.01 -31.88
C GLY B 16 27.68 -10.58 -31.33
N ALA B 17 26.56 -9.90 -31.57
CA ALA B 17 26.40 -8.52 -31.10
C ALA B 17 25.67 -8.50 -29.76
N ALA B 18 26.17 -7.70 -28.83
CA ALA B 18 25.56 -7.59 -27.51
C ALA B 18 25.80 -6.21 -26.91
N SER B 19 24.95 -5.81 -25.97
CA SER B 19 25.10 -4.51 -25.32
C SER B 19 25.49 -4.69 -23.85
N ALA B 20 26.22 -3.71 -23.31
CA ALA B 20 26.67 -3.76 -21.93
C ALA B 20 26.80 -2.37 -21.34
N ALA B 21 26.80 -2.28 -20.00
CA ALA B 21 26.88 -1.00 -19.30
C ALA B 21 25.62 -0.17 -19.52
N VAL B 22 25.40 0.30 -20.75
CA VAL B 22 24.24 1.13 -21.06
C VAL B 22 23.53 0.60 -22.31
N SER B 23 22.24 0.93 -22.42
CA SER B 23 21.44 0.49 -23.57
C SER B 23 20.85 1.70 -24.29
N VAL B 24 20.65 1.56 -25.61
CA VAL B 24 20.10 2.64 -26.41
C VAL B 24 18.67 2.30 -26.84
N GLY B 25 17.77 3.27 -26.70
CA GLY B 25 16.37 3.08 -27.09
C GLY B 25 15.50 2.79 -25.86
N GLY B 26 16.06 2.04 -24.91
CA GLY B 26 15.33 1.70 -23.68
C GLY B 26 15.62 0.26 -23.26
N TYR B 27 15.10 -0.12 -22.09
CA TYR B 27 15.30 -1.47 -21.58
C TYR B 27 14.02 -2.00 -20.95
N GLY B 28 13.79 -3.30 -21.08
CA GLY B 28 12.60 -3.92 -20.51
C GLY B 28 11.34 -3.47 -21.24
N PRO B 29 10.18 -3.72 -20.66
CA PRO B 29 8.88 -3.29 -21.29
C PRO B 29 8.83 -1.78 -21.57
N GLN B 30 8.10 -1.41 -22.62
CA GLN B 30 7.97 0.01 -22.99
C GLN B 30 7.26 0.81 -21.89
N SER B 31 6.30 0.17 -21.23
CA SER B 31 5.55 0.82 -20.15
C SER B 31 5.73 0.06 -18.84
N SER B 32 5.71 0.78 -17.73
CA SER B 32 5.87 0.17 -16.41
C SER B 32 4.98 0.88 -15.39
N SER B 33 4.78 0.23 -14.24
CA SER B 33 3.96 0.81 -13.18
C SER B 33 4.63 2.05 -12.59
N ALA B 34 3.81 3.05 -12.24
CA ALA B 34 4.32 4.29 -11.67
C ALA B 34 3.17 5.28 -11.35
N PRO B 35 2.41 5.68 -12.35
CA PRO B 35 1.38 6.75 -12.15
C PRO B 35 0.32 6.35 -11.13
N VAL B 36 0.11 5.05 -10.95
CA VAL B 36 -0.88 4.55 -9.99
C VAL B 36 -0.48 4.96 -8.57
N ALA B 37 0.79 4.74 -8.23
CA ALA B 37 1.29 5.11 -6.91
C ALA B 37 1.31 6.63 -6.75
N SER B 38 1.57 7.35 -7.84
CA SER B 38 1.59 8.81 -7.81
C SER B 38 0.23 9.36 -7.39
N ALA B 39 -0.84 8.80 -7.95
CA ALA B 39 -2.19 9.22 -7.60
C ALA B 39 -2.50 8.88 -6.15
N ALA B 40 -2.04 7.71 -5.70
CA ALA B 40 -2.28 7.27 -4.33
C ALA B 40 -1.60 8.21 -3.34
N ALA B 41 -0.42 8.70 -3.70
CA ALA B 41 0.32 9.64 -2.85
C ALA B 41 -0.41 10.99 -2.79
N SER B 42 -1.00 11.39 -3.92
CA SER B 42 -1.69 12.67 -3.99
C SER B 42 -2.88 12.71 -3.02
N ARG B 43 -3.72 11.67 -3.08
CA ARG B 43 -4.88 11.61 -2.18
C ARG B 43 -4.45 11.20 -0.76
N LEU B 44 -3.28 10.56 -0.63
CA LEU B 44 -2.65 10.35 0.68
C LEU B 44 -2.33 11.71 1.34
N SER B 45 -2.02 12.71 0.52
CA SER B 45 -1.71 14.04 1.02
C SER B 45 -2.98 14.79 1.45
N SER B 46 -4.15 14.28 1.08
CA SER B 46 -5.42 14.92 1.45
C SER B 46 -5.62 14.91 2.97
N PRO B 47 -6.34 15.87 3.50
CA PRO B 47 -6.56 15.96 4.98
C PRO B 47 -7.23 14.71 5.54
N ALA B 48 -8.07 14.07 4.73
CA ALA B 48 -8.75 12.85 5.14
C ALA B 48 -7.74 11.73 5.42
N ALA B 49 -6.72 11.64 4.57
CA ALA B 49 -5.70 10.61 4.71
C ALA B 49 -4.89 10.81 5.99
N SER B 50 -4.46 12.06 6.23
CA SER B 50 -3.64 12.37 7.41
C SER B 50 -4.36 12.01 8.70
N SER B 51 -5.66 12.30 8.75
CA SER B 51 -6.46 11.99 9.93
C SER B 51 -6.50 10.48 10.18
N ARG B 52 -6.63 9.71 9.11
CA ARG B 52 -6.65 8.25 9.22
C ARG B 52 -5.30 7.73 9.72
N VAL B 53 -4.21 8.41 9.35
CA VAL B 53 -2.88 8.04 9.83
C VAL B 53 -2.83 8.16 11.35
N SER B 54 -3.36 9.25 11.88
CA SER B 54 -3.39 9.46 13.33
C SER B 54 -4.16 8.34 14.02
N SER B 55 -5.31 7.97 13.43
CA SER B 55 -6.13 6.89 13.98
C SER B 55 -5.37 5.57 13.97
N ALA B 56 -4.58 5.35 12.92
CA ALA B 56 -3.76 4.15 12.81
C ALA B 56 -2.74 4.09 13.95
N VAL B 57 -2.25 5.25 14.37
CA VAL B 57 -1.29 5.33 15.47
C VAL B 57 -1.94 4.83 16.77
N SER B 58 -3.10 5.40 17.10
CA SER B 58 -3.79 5.05 18.34
C SER B 58 -4.13 3.56 18.38
N SER B 59 -4.50 3.00 17.23
CA SER B 59 -4.90 1.60 17.16
C SER B 59 -3.71 0.68 17.46
N LEU B 60 -2.60 0.88 16.74
CA LEU B 60 -1.42 0.04 16.90
C LEU B 60 -0.80 0.21 18.29
N VAL B 61 -0.78 1.46 18.77
CA VAL B 61 -0.13 1.78 20.04
C VAL B 61 -0.88 1.12 21.21
N SER B 62 -2.20 1.29 21.23
CA SER B 62 -3.00 0.81 22.36
C SER B 62 -3.10 -0.71 22.36
N SER B 63 -3.33 -1.29 21.18
CA SER B 63 -3.49 -2.74 21.07
C SER B 63 -2.15 -3.45 21.17
N GLY B 64 -1.11 -2.85 20.59
CA GLY B 64 0.22 -3.45 20.57
C GLY B 64 0.88 -3.25 19.20
N PRO B 65 1.93 -2.44 19.13
CA PRO B 65 2.68 -2.22 17.85
C PRO B 65 2.89 -3.49 17.01
N THR B 66 3.04 -4.63 17.68
CA THR B 66 3.37 -5.88 16.97
C THR B 66 2.36 -6.99 17.30
N ASN B 67 1.11 -6.60 17.55
CA ASN B 67 0.06 -7.58 17.86
C ASN B 67 -0.68 -7.98 16.58
N GLN B 68 -0.94 -9.27 16.41
CA GLN B 68 -1.68 -9.77 15.24
C GLN B 68 -3.09 -9.18 15.21
N ALA B 69 -3.74 -9.17 16.38
CA ALA B 69 -5.10 -8.66 16.49
C ALA B 69 -5.15 -7.17 16.21
N ALA B 70 -4.10 -6.45 16.64
CA ALA B 70 -4.05 -5.01 16.44
C ALA B 70 -3.95 -4.67 14.96
N LEU B 71 -3.12 -5.42 14.24
CA LEU B 71 -2.93 -5.19 12.80
C LEU B 71 -4.24 -5.42 12.04
N SER B 72 -4.97 -6.47 12.43
CA SER B 72 -6.24 -6.79 11.78
C SER B 72 -7.25 -5.66 11.97
N ASN B 73 -7.30 -5.12 13.18
CA ASN B 73 -8.27 -4.06 13.50
C ASN B 73 -8.00 -2.80 12.68
N THR B 74 -6.73 -2.42 12.59
CA THR B 74 -6.35 -1.19 11.88
C THR B 74 -6.67 -1.30 10.39
N ILE B 75 -6.31 -2.44 9.79
CA ILE B 75 -6.51 -2.64 8.35
C ILE B 75 -8.02 -2.61 8.02
N SER B 76 -8.82 -3.33 8.80
CA SER B 76 -10.25 -3.41 8.54
C SER B 76 -10.90 -2.03 8.60
N SER B 77 -10.65 -1.31 9.68
CA SER B 77 -11.28 0.01 9.89
C SER B 77 -10.84 0.99 8.80
N VAL B 78 -9.54 1.05 8.52
CA VAL B 78 -9.01 2.02 7.57
C VAL B 78 -9.55 1.75 6.16
N VAL B 79 -9.52 0.48 5.74
CA VAL B 79 -9.97 0.13 4.40
C VAL B 79 -11.43 0.53 4.18
N SER B 80 -12.27 0.29 5.20
CA SER B 80 -13.69 0.63 5.12
C SER B 80 -13.88 2.13 4.91
N GLN B 81 -13.28 2.93 5.78
CA GLN B 81 -13.49 4.38 5.74
C GLN B 81 -12.89 4.99 4.47
N VAL B 82 -11.75 4.48 4.03
CA VAL B 82 -11.10 4.98 2.81
C VAL B 82 -12.00 4.74 1.60
N SER B 83 -12.72 3.63 1.60
CA SER B 83 -13.69 3.34 0.54
C SER B 83 -14.84 4.34 0.59
N ALA B 84 -15.25 4.73 1.80
CA ALA B 84 -16.36 5.65 1.99
C ALA B 84 -16.05 7.01 1.37
N SER B 85 -14.82 7.49 1.56
CA SER B 85 -14.39 8.77 1.00
C SER B 85 -14.20 8.65 -0.52
N ASN B 86 -13.72 7.49 -0.96
CA ASN B 86 -13.36 7.30 -2.37
C ASN B 86 -14.30 6.27 -3.02
N PRO B 87 -15.55 6.63 -3.23
CA PRO B 87 -16.46 5.80 -4.06
C PRO B 87 -16.20 5.96 -5.56
N GLY B 88 -15.77 7.16 -5.95
CA GLY B 88 -15.45 7.43 -7.35
C GLY B 88 -14.26 6.60 -7.83
N LEU B 89 -13.35 6.29 -6.91
CA LEU B 89 -12.14 5.53 -7.27
C LEU B 89 -12.45 4.04 -7.35
N SER B 90 -11.68 3.34 -8.18
CA SER B 90 -11.89 1.90 -8.39
C SER B 90 -11.58 1.11 -7.12
N GLY B 91 -12.04 -0.14 -7.07
CA GLY B 91 -11.84 -0.99 -5.90
C GLY B 91 -10.35 -1.18 -5.61
N CYS B 92 -9.55 -1.32 -6.66
CA CYS B 92 -8.11 -1.52 -6.49
C CYS B 92 -7.46 -0.27 -5.90
N ASP B 93 -7.95 0.92 -6.31
CA ASP B 93 -7.43 2.18 -5.77
C ASP B 93 -7.67 2.25 -4.27
N VAL B 94 -8.81 1.74 -3.81
CA VAL B 94 -9.13 1.74 -2.38
C VAL B 94 -8.11 0.87 -1.62
N LEU B 95 -7.78 -0.29 -2.20
CA LEU B 95 -6.83 -1.20 -1.57
C LEU B 95 -5.44 -0.56 -1.48
N VAL B 96 -5.05 0.15 -2.54
CA VAL B 96 -3.75 0.83 -2.57
C VAL B 96 -3.69 1.86 -1.43
N GLN B 97 -4.76 2.63 -1.29
CA GLN B 97 -4.79 3.72 -0.32
C GLN B 97 -4.65 3.21 1.11
N ALA B 98 -5.36 2.12 1.41
CA ALA B 98 -5.32 1.56 2.76
C ALA B 98 -3.93 1.01 3.09
N LEU B 99 -3.32 0.32 2.13
CA LEU B 99 -2.06 -0.37 2.38
C LEU B 99 -0.93 0.62 2.66
N LEU B 100 -0.74 1.60 1.77
CA LEU B 100 0.37 2.54 1.92
C LEU B 100 0.14 3.46 3.12
N GLU B 101 -1.12 3.74 3.43
CA GLU B 101 -1.45 4.53 4.62
C GLU B 101 -1.05 3.78 5.90
N VAL B 102 -1.12 2.45 5.85
CA VAL B 102 -0.62 1.64 6.96
C VAL B 102 0.91 1.77 7.06
N VAL B 103 1.57 1.87 5.90
CA VAL B 103 3.02 2.04 5.85
C VAL B 103 3.41 3.35 6.56
N SER B 104 2.64 4.40 6.31
CA SER B 104 2.94 5.72 6.88
C SER B 104 2.77 5.71 8.40
N ALA B 105 1.74 5.02 8.88
CA ALA B 105 1.50 4.92 10.32
C ALA B 105 2.69 4.24 11.00
N LEU B 106 3.20 3.18 10.37
CA LEU B 106 4.35 2.45 10.91
C LEU B 106 5.60 3.32 10.91
N VAL B 107 5.76 4.18 9.90
CA VAL B 107 6.89 5.10 9.84
C VAL B 107 6.86 6.04 11.06
N SER B 108 5.67 6.53 11.40
CA SER B 108 5.52 7.43 12.55
C SER B 108 5.95 6.74 13.84
N ILE B 109 5.57 5.46 13.98
CA ILE B 109 5.93 4.70 15.18
C ILE B 109 7.45 4.55 15.29
N LEU B 110 8.09 4.26 14.16
CA LEU B 110 9.55 4.05 14.14
C LEU B 110 10.30 5.31 14.56
N GLY B 111 9.88 6.46 14.02
CA GLY B 111 10.55 7.72 14.30
C GLY B 111 10.42 8.11 15.77
N SER B 112 9.24 7.89 16.33
CA SER B 112 9.01 8.19 17.74
C SER B 112 9.57 7.09 18.65
N SER B 113 9.70 5.88 18.11
CA SER B 113 10.17 4.75 18.90
C SER B 113 11.68 4.58 18.76
N SER B 114 12.26 3.76 19.64
CA SER B 114 13.71 3.56 19.66
C SER B 114 14.07 2.27 18.92
N ILE B 115 15.11 2.34 18.09
CA ILE B 115 15.53 1.17 17.32
C ILE B 115 16.69 0.45 18.02
N GLY B 116 16.47 -0.82 18.36
CA GLY B 116 17.50 -1.62 19.00
C GLY B 116 18.18 -2.53 17.98
N GLN B 117 18.14 -3.84 18.23
CA GLN B 117 18.67 -4.82 17.29
C GLN B 117 17.55 -5.44 16.48
N ILE B 118 17.77 -5.61 15.18
CA ILE B 118 16.73 -6.15 14.30
C ILE B 118 16.94 -7.64 14.08
N ASN B 119 15.87 -8.42 14.29
CA ASN B 119 15.92 -9.86 14.03
C ASN B 119 15.66 -10.13 12.54
N TYR B 120 16.73 -10.27 11.78
CA TYR B 120 16.64 -10.34 10.32
C TYR B 120 15.90 -11.61 9.88
N GLY B 121 16.19 -12.73 10.53
CA GLY B 121 15.64 -14.01 10.13
C GLY B 121 14.12 -14.05 10.32
N ALA B 122 13.63 -13.35 11.35
CA ALA B 122 12.20 -13.39 11.69
C ALA B 122 11.37 -12.48 10.78
N SER B 123 12.02 -11.78 9.84
CA SER B 123 11.29 -10.86 8.95
C SER B 123 10.20 -11.58 8.18
N ALA B 124 10.47 -12.84 7.81
CA ALA B 124 9.49 -13.64 7.08
C ALA B 124 8.26 -13.92 7.93
N GLN B 125 8.49 -14.15 9.22
CA GLN B 125 7.39 -14.43 10.15
C GLN B 125 6.46 -13.23 10.27
N TYR B 126 7.04 -12.03 10.35
CA TYR B 126 6.25 -10.80 10.39
C TYR B 126 5.46 -10.62 9.09
N THR B 127 6.03 -11.11 7.98
CA THR B 127 5.31 -11.11 6.71
C THR B 127 4.04 -11.95 6.80
N GLN B 128 4.13 -13.07 7.50
CA GLN B 128 2.96 -13.92 7.73
C GLN B 128 1.90 -13.18 8.55
N MET B 129 2.37 -12.33 9.48
CA MET B 129 1.43 -11.56 10.32
C MET B 129 0.58 -10.62 9.48
N VAL B 130 1.24 -9.84 8.61
CA VAL B 130 0.52 -8.86 7.78
C VAL B 130 -0.42 -9.56 6.80
N GLY B 131 0.09 -10.60 6.12
CA GLY B 131 -0.74 -11.37 5.19
C GLY B 131 -1.96 -11.96 5.90
N GLN B 132 -1.78 -12.41 7.14
CA GLN B 132 -2.86 -13.01 7.92
C GLN B 132 -3.95 -11.97 8.20
N SER B 133 -3.54 -10.78 8.61
CA SER B 133 -4.49 -9.72 8.96
C SER B 133 -5.33 -9.31 7.75
N VAL B 134 -4.71 -9.33 6.56
CA VAL B 134 -5.42 -8.99 5.33
C VAL B 134 -6.51 -10.02 5.04
N ALA B 135 -6.16 -11.31 5.12
CA ALA B 135 -7.09 -12.38 4.78
C ALA B 135 -8.30 -12.37 5.73
N GLN B 136 -8.03 -12.20 7.02
CA GLN B 136 -9.08 -12.27 8.02
C GLN B 136 -10.06 -11.11 7.88
N ALA B 137 -9.52 -9.90 7.77
CA ALA B 137 -10.35 -8.69 7.74
C ALA B 137 -11.19 -8.63 6.46
N LEU B 138 -10.56 -8.98 5.33
CA LEU B 138 -11.21 -8.85 4.03
C LEU B 138 -11.70 -10.21 3.51
N ALA B 139 -11.76 -11.21 4.39
CA ALA B 139 -12.26 -12.53 4.00
C ALA B 139 -12.65 -13.35 5.24
N GLY B 140 -11.77 -13.35 6.25
CA GLY B 140 -12.03 -14.09 7.48
C GLY B 140 -11.41 -15.48 7.41
N MET A 1 -39.69 2.91 20.62
CA MET A 1 -41.03 3.56 20.53
C MET A 1 -41.99 2.88 21.50
N ALA A 2 -42.43 3.62 22.52
CA ALA A 2 -43.35 3.07 23.51
C ALA A 2 -44.77 3.54 23.23
N SER A 3 -45.74 2.65 23.50
CA SER A 3 -47.15 2.97 23.28
C SER A 3 -47.99 2.51 24.46
N MET A 4 -49.14 3.16 24.66
CA MET A 4 -50.03 2.80 25.76
C MET A 4 -51.07 1.78 25.30
N THR A 5 -51.95 2.20 24.40
CA THR A 5 -53.00 1.32 23.90
C THR A 5 -52.40 0.19 23.06
N GLY A 6 -51.36 0.52 22.28
CA GLY A 6 -50.71 -0.46 21.43
C GLY A 6 -50.26 0.17 20.12
N GLY A 7 -50.32 -0.61 19.04
CA GLY A 7 -49.92 -0.12 17.72
C GLY A 7 -50.44 -1.04 16.61
N GLN A 8 -50.08 -0.71 15.37
CA GLN A 8 -50.51 -1.51 14.21
C GLN A 8 -52.03 -1.56 14.11
N GLN A 9 -52.67 -0.42 14.38
CA GLN A 9 -54.13 -0.33 14.32
C GLN A 9 -54.63 -0.52 12.88
N MET A 10 -53.85 -0.02 11.92
CA MET A 10 -54.21 -0.16 10.51
C MET A 10 -53.10 -0.87 9.74
N GLY A 11 -53.49 -1.66 8.73
CA GLY A 11 -52.51 -2.39 7.93
C GLY A 11 -51.65 -1.44 7.12
N ARG A 12 -52.27 -0.42 6.53
CA ARG A 12 -51.55 0.56 5.72
C ARG A 12 -50.59 1.36 6.59
N GLY A 13 -51.02 1.67 7.80
CA GLY A 13 -50.19 2.45 8.73
C GLY A 13 -49.20 1.54 9.46
N SER A 14 -48.43 2.13 10.38
CA SER A 14 -47.41 1.39 11.13
C SER A 14 -46.33 0.85 10.20
N MET A 15 -45.07 1.14 10.53
CA MET A 15 -43.95 0.68 9.71
C MET A 15 -43.85 -0.84 9.71
N GLY A 16 -44.15 -1.45 10.86
CA GLY A 16 -44.11 -2.90 10.98
C GLY A 16 -42.67 -3.40 11.00
N ALA A 17 -41.78 -2.64 11.63
CA ALA A 17 -40.37 -3.01 11.72
C ALA A 17 -39.78 -2.63 13.07
N ALA A 18 -38.74 -3.34 13.48
CA ALA A 18 -38.09 -3.06 14.75
C ALA A 18 -36.60 -3.40 14.68
N SER A 19 -35.99 -3.17 13.52
CA SER A 19 -34.57 -3.45 13.33
C SER A 19 -33.76 -2.16 13.29
N ALA A 20 -32.56 -2.21 13.87
CA ALA A 20 -31.68 -1.03 13.91
C ALA A 20 -31.21 -0.67 12.49
N ALA A 21 -30.97 -1.69 11.68
CA ALA A 21 -30.51 -1.47 10.31
C ALA A 21 -31.07 -2.53 9.37
N VAL A 22 -31.20 -2.19 8.09
CA VAL A 22 -31.72 -3.12 7.09
C VAL A 22 -30.70 -3.30 5.97
N SER A 23 -30.51 -4.56 5.54
CA SER A 23 -29.56 -4.86 4.48
C SER A 23 -30.31 -5.28 3.20
N VAL A 24 -29.79 -4.84 2.06
CA VAL A 24 -30.42 -5.15 0.77
C VAL A 24 -29.45 -5.95 -0.11
N GLY A 25 -29.95 -7.02 -0.71
CA GLY A 25 -29.13 -7.86 -1.58
C GLY A 25 -28.33 -8.87 -0.77
N GLY A 26 -27.44 -9.59 -1.45
CA GLY A 26 -26.60 -10.59 -0.78
C GLY A 26 -25.55 -11.16 -1.74
N TYR A 27 -25.02 -10.29 -2.61
CA TYR A 27 -24.02 -10.71 -3.58
C TYR A 27 -22.65 -10.09 -3.27
N GLY A 28 -22.39 -9.87 -1.98
CA GLY A 28 -21.12 -9.27 -1.56
C GLY A 28 -21.11 -7.77 -1.88
N PRO A 29 -21.85 -6.98 -1.15
CA PRO A 29 -21.93 -5.50 -1.42
C PRO A 29 -20.64 -4.78 -1.06
N GLN A 30 -20.65 -3.45 -1.21
CA GLN A 30 -19.48 -2.63 -0.92
C GLN A 30 -18.30 -3.03 -1.81
N SER A 31 -18.57 -3.20 -3.10
CA SER A 31 -17.53 -3.56 -4.08
C SER A 31 -16.86 -4.88 -3.70
N SER A 32 -16.03 -5.38 -4.61
CA SER A 32 -15.29 -6.63 -4.35
C SER A 32 -13.84 -6.32 -3.97
N SER A 33 -13.67 -5.29 -3.14
CA SER A 33 -12.34 -4.88 -2.70
C SER A 33 -11.68 -5.95 -1.83
N ALA A 34 -12.50 -6.69 -1.07
CA ALA A 34 -11.98 -7.71 -0.15
C ALA A 34 -11.14 -8.75 -0.87
N PRO A 35 -11.70 -9.46 -1.84
CA PRO A 35 -10.96 -10.56 -2.55
C PRO A 35 -9.65 -10.07 -3.18
N VAL A 36 -9.56 -8.77 -3.45
CA VAL A 36 -8.33 -8.20 -3.99
C VAL A 36 -7.21 -8.29 -2.96
N ALA A 37 -7.50 -7.87 -1.73
CA ALA A 37 -6.52 -7.96 -0.64
C ALA A 37 -6.20 -9.41 -0.31
N SER A 38 -7.20 -10.29 -0.42
CA SER A 38 -7.01 -11.71 -0.12
C SER A 38 -5.98 -12.32 -1.06
N ALA A 39 -6.08 -12.00 -2.34
CA ALA A 39 -5.14 -12.50 -3.34
C ALA A 39 -3.74 -11.95 -3.08
N ALA A 40 -3.68 -10.67 -2.70
CA ALA A 40 -2.40 -10.03 -2.40
C ALA A 40 -1.71 -10.69 -1.20
N ALA A 41 -2.51 -11.09 -0.22
CA ALA A 41 -1.99 -11.77 0.96
C ALA A 41 -1.44 -13.14 0.59
N SER A 42 -2.14 -13.85 -0.31
CA SER A 42 -1.75 -15.19 -0.70
C SER A 42 -0.38 -15.20 -1.37
N ARG A 43 -0.18 -14.30 -2.34
CA ARG A 43 1.11 -14.20 -3.01
C ARG A 43 2.14 -13.49 -2.13
N LEU A 44 1.67 -12.69 -1.17
CA LEU A 44 2.55 -12.09 -0.16
C LEU A 44 3.21 -13.18 0.69
N SER A 45 2.49 -14.28 0.91
CA SER A 45 3.04 -15.39 1.70
C SER A 45 4.01 -16.26 0.88
N SER A 46 4.17 -15.94 -0.42
CA SER A 46 5.08 -16.69 -1.27
C SER A 46 6.53 -16.48 -0.84
N PRO A 47 7.40 -17.45 -1.09
CA PRO A 47 8.83 -17.34 -0.67
C PRO A 47 9.52 -16.12 -1.27
N ALA A 48 9.08 -15.73 -2.47
CA ALA A 48 9.66 -14.56 -3.15
C ALA A 48 9.38 -13.29 -2.35
N ALA A 49 8.16 -13.20 -1.80
CA ALA A 49 7.77 -12.03 -1.02
C ALA A 49 8.59 -11.92 0.26
N SER A 50 8.73 -13.05 0.96
CA SER A 50 9.45 -13.07 2.24
C SER A 50 10.90 -12.59 2.07
N SER A 51 11.53 -13.02 0.97
CA SER A 51 12.91 -12.62 0.69
C SER A 51 13.01 -11.11 0.50
N ARG A 52 12.04 -10.54 -0.21
CA ARG A 52 12.00 -9.09 -0.43
C ARG A 52 11.80 -8.34 0.89
N VAL A 53 11.06 -8.95 1.81
CA VAL A 53 10.86 -8.35 3.13
C VAL A 53 12.21 -8.20 3.85
N SER A 54 13.02 -9.27 3.80
CA SER A 54 14.34 -9.24 4.43
C SER A 54 15.20 -8.11 3.85
N SER A 55 15.17 -7.99 2.52
CA SER A 55 15.96 -6.96 1.84
C SER A 55 15.50 -5.57 2.27
N ALA A 56 14.19 -5.40 2.44
CA ALA A 56 13.62 -4.12 2.90
C ALA A 56 14.14 -3.77 4.29
N VAL A 57 14.35 -4.79 5.12
CA VAL A 57 14.87 -4.57 6.48
C VAL A 57 16.27 -3.98 6.41
N SER A 58 17.15 -4.63 5.65
CA SER A 58 18.55 -4.20 5.57
C SER A 58 18.66 -2.76 5.04
N SER A 59 17.82 -2.43 4.06
CA SER A 59 17.87 -1.11 3.44
C SER A 59 17.48 -0.02 4.45
N LEU A 60 16.33 -0.21 5.10
CA LEU A 60 15.82 0.79 6.05
C LEU A 60 16.72 0.89 7.28
N VAL A 61 17.19 -0.26 7.75
CA VAL A 61 18.01 -0.30 8.97
C VAL A 61 19.34 0.42 8.77
N SER A 62 20.02 0.12 7.68
CA SER A 62 21.37 0.64 7.45
C SER A 62 21.32 2.14 7.12
N SER A 63 20.37 2.53 6.27
CA SER A 63 20.26 3.93 5.86
C SER A 63 19.69 4.79 6.98
N GLY A 64 18.67 4.28 7.66
CA GLY A 64 18.00 5.03 8.72
C GLY A 64 16.50 4.80 8.70
N PRO A 65 15.94 4.16 9.72
CA PRO A 65 14.45 3.98 9.83
C PRO A 65 13.63 5.22 9.44
N THR A 66 14.18 6.41 9.68
CA THR A 66 13.43 7.65 9.43
C THR A 66 14.05 8.46 8.29
N ASN A 67 14.68 7.78 7.34
CA ASN A 67 15.33 8.45 6.21
C ASN A 67 14.39 8.49 5.00
N GLN A 68 14.09 9.69 4.52
CA GLN A 68 13.24 9.85 3.34
C GLN A 68 13.91 9.24 2.10
N ALA A 69 15.22 9.46 1.98
CA ALA A 69 15.96 8.94 0.83
C ALA A 69 15.98 7.41 0.83
N ALA A 70 16.13 6.82 2.02
CA ALA A 70 16.17 5.37 2.16
C ALA A 70 14.81 4.76 1.80
N LEU A 71 13.74 5.43 2.23
CA LEU A 71 12.39 4.93 1.96
C LEU A 71 12.12 4.89 0.47
N SER A 72 12.54 5.94 -0.24
CA SER A 72 12.34 6.01 -1.69
C SER A 72 13.08 4.89 -2.41
N ASN A 73 14.30 4.61 -1.95
CA ASN A 73 15.12 3.56 -2.58
C ASN A 73 14.48 2.19 -2.42
N THR A 74 13.97 1.91 -1.22
CA THR A 74 13.37 0.60 -0.94
C THR A 74 12.11 0.40 -1.78
N ILE A 75 11.27 1.43 -1.85
CA ILE A 75 10.01 1.33 -2.60
C ILE A 75 10.29 1.08 -4.08
N SER A 76 11.21 1.84 -4.66
CA SER A 76 11.53 1.73 -6.08
C SER A 76 12.05 0.32 -6.42
N SER A 77 13.00 -0.15 -5.62
CA SER A 77 13.62 -1.46 -5.86
C SER A 77 12.59 -2.58 -5.74
N VAL A 78 11.80 -2.54 -4.67
CA VAL A 78 10.83 -3.61 -4.40
C VAL A 78 9.77 -3.66 -5.50
N VAL A 79 9.23 -2.50 -5.88
CA VAL A 79 8.18 -2.45 -6.89
C VAL A 79 8.67 -3.06 -8.21
N SER A 80 9.91 -2.73 -8.59
CA SER A 80 10.49 -3.24 -9.83
C SER A 80 10.56 -4.77 -9.83
N GLN A 81 11.18 -5.32 -8.79
CA GLN A 81 11.40 -6.76 -8.72
C GLN A 81 10.09 -7.53 -8.57
N VAL A 82 9.13 -6.96 -7.84
CA VAL A 82 7.81 -7.59 -7.67
C VAL A 82 7.11 -7.67 -9.02
N SER A 83 7.31 -6.67 -9.87
CA SER A 83 6.77 -6.70 -11.23
C SER A 83 7.41 -7.83 -12.04
N ALA A 84 8.72 -8.03 -11.85
CA ALA A 84 9.45 -9.05 -12.59
C ALA A 84 8.90 -10.45 -12.30
N SER A 85 8.56 -10.71 -11.04
CA SER A 85 7.98 -12.00 -10.66
C SER A 85 6.54 -12.09 -11.14
N ASN A 86 5.83 -10.97 -11.08
CA ASN A 86 4.40 -10.94 -11.41
C ASN A 86 4.15 -10.13 -12.69
N PRO A 87 4.54 -10.65 -13.83
CA PRO A 87 4.15 -10.05 -15.15
C PRO A 87 2.71 -10.39 -15.52
N GLY A 88 2.26 -11.57 -15.11
CA GLY A 88 0.89 -12.00 -15.37
C GLY A 88 -0.13 -11.12 -14.65
N LEU A 89 0.26 -10.57 -13.50
CA LEU A 89 -0.65 -9.77 -12.69
C LEU A 89 -0.75 -8.35 -13.24
N SER A 90 -1.91 -7.71 -13.02
CA SER A 90 -2.15 -6.37 -13.56
C SER A 90 -1.25 -5.35 -12.86
N GLY A 91 -1.13 -4.17 -13.46
CA GLY A 91 -0.27 -3.12 -12.92
C GLY A 91 -0.70 -2.72 -11.51
N CYS A 92 -2.01 -2.67 -11.27
CA CYS A 92 -2.52 -2.31 -9.95
C CYS A 92 -2.15 -3.37 -8.92
N ASP A 93 -2.16 -4.65 -9.34
CA ASP A 93 -1.77 -5.75 -8.45
C ASP A 93 -0.31 -5.59 -8.01
N VAL A 94 0.54 -5.11 -8.93
CA VAL A 94 1.95 -4.88 -8.61
C VAL A 94 2.09 -3.83 -7.51
N LEU A 95 1.32 -2.74 -7.63
CA LEU A 95 1.37 -1.66 -6.65
C LEU A 95 0.91 -2.14 -5.27
N VAL A 96 -0.14 -2.97 -5.26
CA VAL A 96 -0.64 -3.54 -4.01
C VAL A 96 0.45 -4.37 -3.31
N GLN A 97 1.13 -5.19 -4.10
CA GLN A 97 2.11 -6.13 -3.55
C GLN A 97 3.27 -5.38 -2.90
N ALA A 98 3.77 -4.35 -3.57
CA ALA A 98 4.90 -3.60 -3.05
C ALA A 98 4.53 -2.86 -1.76
N LEU A 99 3.33 -2.27 -1.74
CA LEU A 99 2.94 -1.42 -0.61
C LEU A 99 2.77 -2.23 0.67
N LEU A 100 2.01 -3.32 0.60
CA LEU A 100 1.74 -4.09 1.81
C LEU A 100 2.99 -4.84 2.28
N GLU A 101 3.86 -5.20 1.32
CA GLU A 101 5.15 -5.81 1.67
C GLU A 101 6.02 -4.84 2.46
N VAL A 102 5.89 -3.53 2.17
CA VAL A 102 6.57 -2.51 2.95
C VAL A 102 6.00 -2.46 4.36
N VAL A 103 4.68 -2.67 4.47
CA VAL A 103 4.02 -2.70 5.78
C VAL A 103 4.60 -3.82 6.64
N SER A 104 4.78 -4.99 6.04
CA SER A 104 5.29 -6.15 6.76
C SER A 104 6.71 -5.93 7.26
N ALA A 105 7.55 -5.33 6.41
CA ALA A 105 8.93 -5.04 6.81
C ALA A 105 8.96 -4.11 8.02
N LEU A 106 8.05 -3.14 8.03
CA LEU A 106 7.95 -2.19 9.14
C LEU A 106 7.50 -2.90 10.43
N VAL A 107 6.62 -3.90 10.30
CA VAL A 107 6.19 -4.68 11.45
C VAL A 107 7.40 -5.38 12.10
N SER A 108 8.27 -5.93 11.27
CA SER A 108 9.48 -6.61 11.75
C SER A 108 10.36 -5.65 12.55
N ILE A 109 10.53 -4.43 12.03
CA ILE A 109 11.37 -3.43 12.69
C ILE A 109 10.77 -3.04 14.04
N LEU A 110 9.44 -2.84 14.07
CA LEU A 110 8.77 -2.38 15.29
C LEU A 110 8.92 -3.38 16.42
N GLY A 111 8.66 -4.66 16.12
CA GLY A 111 8.69 -5.70 17.14
C GLY A 111 10.11 -5.94 17.66
N SER A 112 11.08 -5.90 16.75
CA SER A 112 12.48 -6.06 17.12
C SER A 112 13.01 -4.81 17.83
N SER A 113 12.39 -3.66 17.56
CA SER A 113 12.82 -2.41 18.16
C SER A 113 12.03 -2.10 19.42
N SER A 114 12.52 -1.13 20.20
CA SER A 114 11.90 -0.79 21.47
C SER A 114 10.94 0.39 21.27
N ILE A 115 9.74 0.27 21.84
CA ILE A 115 8.73 1.32 21.70
C ILE A 115 8.76 2.25 22.91
N GLY A 116 9.06 3.53 22.65
CA GLY A 116 9.09 4.53 23.71
C GLY A 116 7.79 5.34 23.72
N GLN A 117 7.89 6.63 23.37
CA GLN A 117 6.72 7.48 23.26
C GLN A 117 6.43 7.80 21.80
N ILE A 118 5.16 7.81 21.42
CA ILE A 118 4.77 8.07 20.03
C ILE A 118 4.35 9.52 19.86
N ASN A 119 5.00 10.22 18.93
CA ASN A 119 4.62 11.60 18.61
C ASN A 119 3.36 11.60 17.76
N TYR A 120 2.20 11.71 18.42
CA TYR A 120 0.92 11.52 17.75
C TYR A 120 0.67 12.62 16.70
N GLY A 121 1.02 13.86 17.05
CA GLY A 121 0.77 14.99 16.16
C GLY A 121 1.60 14.90 14.88
N ALA A 122 2.81 14.35 15.00
CA ALA A 122 3.73 14.27 13.85
C ALA A 122 3.36 13.13 12.89
N SER A 123 2.34 12.34 13.22
CA SER A 123 1.95 11.21 12.39
C SER A 123 1.61 11.67 10.96
N ALA A 124 1.01 12.85 10.86
CA ALA A 124 0.68 13.42 9.55
C ALA A 124 1.94 13.73 8.74
N GLN A 125 3.00 14.16 9.44
CA GLN A 125 4.26 14.50 8.77
C GLN A 125 4.88 13.25 8.14
N TYR A 126 4.89 12.16 8.90
CA TYR A 126 5.41 10.89 8.39
C TYR A 126 4.57 10.38 7.22
N THR A 127 3.28 10.69 7.23
CA THR A 127 2.41 10.38 6.09
C THR A 127 2.89 11.09 4.83
N GLN A 128 3.32 12.35 5.00
CA GLN A 128 3.88 13.10 3.89
C GLN A 128 5.16 12.46 3.36
N MET A 129 5.94 11.86 4.26
CA MET A 129 7.19 11.20 3.87
C MET A 129 6.90 10.03 2.92
N VAL A 130 5.95 9.18 3.28
CA VAL A 130 5.65 8.00 2.48
C VAL A 130 5.08 8.39 1.12
N GLY A 131 4.13 9.33 1.11
CA GLY A 131 3.54 9.82 -0.13
C GLY A 131 4.62 10.40 -1.05
N GLN A 132 5.57 11.13 -0.45
CA GLN A 132 6.65 11.75 -1.21
C GLN A 132 7.53 10.71 -1.89
N SER A 133 7.87 9.65 -1.13
CA SER A 133 8.73 8.60 -1.65
C SER A 133 8.08 7.88 -2.84
N VAL A 134 6.76 7.75 -2.79
CA VAL A 134 6.03 7.11 -3.89
C VAL A 134 6.16 7.95 -5.16
N ALA A 135 5.88 9.24 -5.06
CA ALA A 135 5.88 10.11 -6.24
C ALA A 135 7.28 10.20 -6.86
N GLN A 136 8.28 10.40 -6.01
CA GLN A 136 9.66 10.56 -6.49
C GLN A 136 10.19 9.26 -7.10
N ALA A 137 9.94 8.15 -6.41
CA ALA A 137 10.51 6.86 -6.82
C ALA A 137 9.95 6.41 -8.16
N LEU A 138 8.65 6.56 -8.36
CA LEU A 138 7.99 6.08 -9.57
C LEU A 138 7.77 7.20 -10.59
N ALA A 139 8.04 8.45 -10.19
CA ALA A 139 7.88 9.59 -11.09
C ALA A 139 8.70 10.79 -10.60
N GLY A 140 9.99 10.55 -10.34
CA GLY A 140 10.87 11.61 -9.88
C GLY A 140 12.26 11.46 -10.50
N MET B 1 -6.59 -9.11 -19.88
CA MET B 1 -5.79 -8.79 -18.67
C MET B 1 -6.15 -7.38 -18.20
N ALA B 2 -6.27 -7.22 -16.87
CA ALA B 2 -6.60 -5.92 -16.28
C ALA B 2 -7.95 -5.40 -16.80
N SER B 3 -8.98 -5.49 -15.96
CA SER B 3 -10.31 -5.02 -16.32
C SER B 3 -10.79 -3.95 -15.34
N MET B 4 -11.30 -2.84 -15.88
CA MET B 4 -11.78 -1.74 -15.04
C MET B 4 -13.02 -2.17 -14.26
N THR B 5 -13.89 -2.94 -14.91
CA THR B 5 -15.12 -3.40 -14.27
C THR B 5 -15.29 -4.91 -14.47
N GLY B 6 -16.12 -5.52 -13.62
CA GLY B 6 -16.37 -6.95 -13.71
C GLY B 6 -17.56 -7.24 -14.62
N GLY B 7 -17.97 -8.51 -14.66
CA GLY B 7 -19.11 -8.91 -15.49
C GLY B 7 -18.65 -9.40 -16.86
N GLN B 8 -19.57 -10.00 -17.61
CA GLN B 8 -19.25 -10.53 -18.94
C GLN B 8 -18.90 -9.39 -19.89
N GLN B 9 -19.58 -8.25 -19.75
CA GLN B 9 -19.33 -7.10 -20.62
C GLN B 9 -18.30 -6.17 -20.00
N MET B 10 -17.10 -6.16 -20.58
CA MET B 10 -16.03 -5.29 -20.08
C MET B 10 -16.36 -3.82 -20.32
N GLY B 11 -17.03 -3.54 -21.45
CA GLY B 11 -17.39 -2.17 -21.79
C GLY B 11 -16.44 -1.61 -22.86
N ARG B 12 -15.17 -2.03 -22.80
CA ARG B 12 -14.18 -1.58 -23.77
C ARG B 12 -13.57 -2.77 -24.50
N GLY B 13 -13.14 -2.54 -25.74
CA GLY B 13 -12.55 -3.60 -26.55
C GLY B 13 -11.15 -3.95 -26.05
N SER B 14 -11.08 -4.53 -24.85
CA SER B 14 -9.80 -4.93 -24.26
C SER B 14 -8.87 -3.72 -24.11
N MET B 15 -7.71 -3.95 -23.48
CA MET B 15 -6.74 -2.87 -23.27
C MET B 15 -5.46 -3.15 -24.06
N GLY B 16 -4.84 -2.09 -24.56
CA GLY B 16 -3.61 -2.22 -25.33
C GLY B 16 -3.73 -1.48 -26.66
N ALA B 17 -2.63 -1.45 -27.42
CA ALA B 17 -2.62 -0.77 -28.72
C ALA B 17 -1.65 -1.47 -29.67
N ALA B 18 -1.98 -1.44 -30.96
CA ALA B 18 -1.13 -2.06 -31.98
C ALA B 18 0.17 -1.30 -32.13
N SER B 19 0.12 0.02 -31.97
CA SER B 19 1.30 0.86 -32.10
C SER B 19 1.66 1.50 -30.76
N ALA B 20 2.94 1.84 -30.60
CA ALA B 20 3.41 2.44 -29.35
C ALA B 20 2.77 3.81 -29.13
N ALA B 21 2.52 4.53 -30.23
CA ALA B 21 1.90 5.86 -30.16
C ALA B 21 2.76 6.83 -29.35
N VAL B 22 2.28 8.05 -29.20
CA VAL B 22 3.01 9.07 -28.44
C VAL B 22 2.50 9.12 -27.00
N SER B 23 3.44 9.20 -26.05
CA SER B 23 3.09 9.24 -24.63
C SER B 23 3.84 10.36 -23.92
N VAL B 24 3.38 10.71 -22.72
CA VAL B 24 4.03 11.77 -21.95
C VAL B 24 4.32 11.29 -20.52
N GLY B 25 5.45 11.75 -19.97
CA GLY B 25 5.86 11.35 -18.63
C GLY B 25 7.21 10.65 -18.66
N GLY B 26 7.47 9.88 -19.72
CA GLY B 26 8.74 9.18 -19.86
C GLY B 26 8.81 8.46 -21.21
N TYR B 27 9.95 7.82 -21.46
CA TYR B 27 10.15 7.09 -22.71
C TYR B 27 10.89 5.79 -22.47
N GLY B 28 10.58 4.77 -23.26
CA GLY B 28 11.22 3.47 -23.12
C GLY B 28 10.32 2.35 -23.66
N PRO B 29 10.92 1.25 -24.09
CA PRO B 29 10.12 0.08 -24.59
C PRO B 29 9.12 -0.44 -23.56
N GLN B 30 7.95 -0.88 -24.03
CA GLN B 30 6.90 -1.39 -23.14
C GLN B 30 6.47 -0.34 -22.13
N SER B 31 5.54 -0.71 -21.25
CA SER B 31 5.05 0.23 -20.22
C SER B 31 5.44 -0.26 -18.83
N SER B 32 5.61 0.68 -17.91
CA SER B 32 5.98 0.35 -16.53
C SER B 32 5.05 1.05 -15.55
N SER B 33 4.75 0.37 -14.44
CA SER B 33 3.86 0.94 -13.43
C SER B 33 4.52 2.12 -12.73
N ALA B 34 3.71 3.14 -12.41
CA ALA B 34 4.22 4.34 -11.74
C ALA B 34 3.08 5.33 -11.46
N PRO B 35 2.40 5.82 -12.48
CA PRO B 35 1.33 6.86 -12.29
C PRO B 35 0.25 6.42 -11.30
N VAL B 36 0.09 5.10 -11.13
CA VAL B 36 -0.86 4.56 -10.16
C VAL B 36 -0.45 4.95 -8.74
N ALA B 37 0.83 4.71 -8.42
CA ALA B 37 1.36 5.07 -7.10
C ALA B 37 1.36 6.58 -6.91
N SER B 38 1.62 7.32 -8.00
CA SER B 38 1.65 8.78 -7.93
C SER B 38 0.30 9.34 -7.51
N ALA B 39 -0.77 8.80 -8.09
CA ALA B 39 -2.13 9.22 -7.74
C ALA B 39 -2.44 8.87 -6.29
N ALA B 40 -2.00 7.69 -5.86
CA ALA B 40 -2.23 7.24 -4.49
C ALA B 40 -1.53 8.15 -3.49
N ALA B 41 -0.33 8.62 -3.86
CA ALA B 41 0.42 9.55 -3.01
C ALA B 41 -0.30 10.89 -2.89
N SER B 42 -0.87 11.35 -4.01
CA SER B 42 -1.53 12.65 -4.05
C SER B 42 -2.72 12.69 -3.09
N ARG B 43 -3.58 11.68 -3.18
CA ARG B 43 -4.75 11.59 -2.30
C ARG B 43 -4.34 11.14 -0.89
N LEU B 44 -3.19 10.46 -0.78
CA LEU B 44 -2.60 10.13 0.52
C LEU B 44 -2.24 11.41 1.30
N SER B 45 -1.85 12.45 0.57
CA SER B 45 -1.50 13.73 1.20
C SER B 45 -2.75 14.54 1.59
N SER B 46 -3.94 14.04 1.23
CA SER B 46 -5.18 14.73 1.57
C SER B 46 -5.40 14.75 3.09
N PRO B 47 -6.11 15.74 3.59
CA PRO B 47 -6.35 15.86 5.07
C PRO B 47 -7.07 14.62 5.63
N ALA B 48 -7.91 14.00 4.80
CA ALA B 48 -8.64 12.80 5.22
C ALA B 48 -7.66 11.66 5.52
N ALA B 49 -6.64 11.54 4.68
CA ALA B 49 -5.65 10.46 4.84
C ALA B 49 -4.85 10.66 6.13
N SER B 50 -4.41 11.90 6.37
CA SER B 50 -3.58 12.20 7.54
C SER B 50 -4.31 11.85 8.83
N SER B 51 -5.62 12.15 8.87
CA SER B 51 -6.43 11.86 10.05
C SER B 51 -6.49 10.36 10.31
N ARG B 52 -6.64 9.58 9.23
CA ARG B 52 -6.67 8.13 9.35
C ARG B 52 -5.34 7.58 9.84
N VAL B 53 -4.24 8.25 9.47
CA VAL B 53 -2.91 7.87 9.94
C VAL B 53 -2.85 7.97 11.47
N SER B 54 -3.36 9.08 12.00
CA SER B 54 -3.36 9.29 13.45
C SER B 54 -4.15 8.19 14.15
N SER B 55 -5.31 7.85 13.61
CA SER B 55 -6.16 6.80 14.19
C SER B 55 -5.43 5.46 14.18
N ALA B 56 -4.68 5.19 13.11
CA ALA B 56 -3.90 3.96 13.00
C ALA B 56 -2.84 3.89 14.10
N VAL B 57 -2.29 5.05 14.47
CA VAL B 57 -1.29 5.11 15.54
C VAL B 57 -1.90 4.66 16.87
N SER B 58 -3.04 5.27 17.23
CA SER B 58 -3.67 4.97 18.52
C SER B 58 -4.04 3.49 18.63
N SER B 59 -4.52 2.91 17.52
CA SER B 59 -4.96 1.52 17.53
C SER B 59 -3.78 0.58 17.77
N LEU B 60 -2.71 0.75 16.98
CA LEU B 60 -1.54 -0.13 17.08
C LEU B 60 -0.83 0.07 18.42
N VAL B 61 -0.73 1.32 18.86
CA VAL B 61 0.00 1.65 20.08
C VAL B 61 -0.68 1.05 21.32
N SER B 62 -2.00 1.23 21.41
CA SER B 62 -2.73 0.82 22.60
C SER B 62 -2.85 -0.70 22.67
N SER B 63 -3.15 -1.33 21.53
CA SER B 63 -3.33 -2.77 21.48
C SER B 63 -2.00 -3.49 21.59
N GLY B 64 -0.99 -2.99 20.87
CA GLY B 64 0.32 -3.62 20.84
C GLY B 64 0.94 -3.55 19.44
N PRO B 65 2.02 -2.83 19.27
CA PRO B 65 2.77 -2.78 17.97
C PRO B 65 2.91 -4.14 17.27
N THR B 66 2.99 -5.22 18.06
CA THR B 66 3.24 -6.55 17.50
C THR B 66 2.03 -7.48 17.69
N ASN B 67 0.83 -6.89 17.75
CA ASN B 67 -0.39 -7.67 17.97
C ASN B 67 -1.07 -7.99 16.63
N GLN B 68 -1.23 -9.29 16.36
CA GLN B 68 -1.90 -9.73 15.13
C GLN B 68 -3.36 -9.25 15.11
N ALA B 69 -4.02 -9.35 16.25
CA ALA B 69 -5.43 -8.96 16.36
C ALA B 69 -5.59 -7.45 16.12
N ALA B 70 -4.65 -6.68 16.66
CA ALA B 70 -4.70 -5.22 16.52
C ALA B 70 -4.49 -4.82 15.06
N LEU B 71 -3.56 -5.51 14.39
CA LEU B 71 -3.27 -5.21 12.99
C LEU B 71 -4.48 -5.44 12.11
N SER B 72 -5.19 -6.54 12.36
CA SER B 72 -6.40 -6.87 11.59
C SER B 72 -7.47 -5.80 11.77
N ASN B 73 -7.63 -5.33 13.00
CA ASN B 73 -8.66 -4.33 13.30
C ASN B 73 -8.37 -3.02 12.58
N THR B 74 -7.10 -2.59 12.57
CA THR B 74 -6.73 -1.34 11.94
C THR B 74 -6.95 -1.40 10.43
N ILE B 75 -6.55 -2.51 9.82
CA ILE B 75 -6.67 -2.67 8.37
C ILE B 75 -8.15 -2.63 7.94
N SER B 76 -8.98 -3.38 8.67
CA SER B 76 -10.41 -3.46 8.33
C SER B 76 -11.07 -2.09 8.42
N SER B 77 -10.83 -1.39 9.53
CA SER B 77 -11.45 -0.10 9.77
C SER B 77 -11.00 0.93 8.72
N VAL B 78 -9.70 0.99 8.46
CA VAL B 78 -9.15 1.97 7.53
C VAL B 78 -9.67 1.74 6.12
N VAL B 79 -9.65 0.48 5.67
CA VAL B 79 -10.10 0.15 4.32
C VAL B 79 -11.55 0.58 4.10
N SER B 80 -12.39 0.34 5.10
CA SER B 80 -13.81 0.69 5.02
C SER B 80 -13.99 2.19 4.83
N GLN B 81 -13.39 2.96 5.73
CA GLN B 81 -13.58 4.42 5.73
C GLN B 81 -12.95 5.06 4.48
N VAL B 82 -11.81 4.52 4.03
CA VAL B 82 -11.15 5.03 2.83
C VAL B 82 -12.06 4.83 1.60
N SER B 83 -12.80 3.72 1.60
CA SER B 83 -13.79 3.48 0.55
C SER B 83 -14.91 4.51 0.60
N ALA B 84 -15.32 4.88 1.80
CA ALA B 84 -16.41 5.84 1.99
C ALA B 84 -16.07 7.19 1.39
N SER B 85 -14.82 7.62 1.58
CA SER B 85 -14.36 8.89 1.00
C SER B 85 -14.16 8.75 -0.51
N ASN B 86 -13.69 7.58 -0.94
CA ASN B 86 -13.35 7.36 -2.33
C ASN B 86 -14.30 6.33 -2.97
N PRO B 87 -15.54 6.69 -3.17
CA PRO B 87 -16.48 5.85 -3.98
C PRO B 87 -16.22 5.97 -5.48
N GLY B 88 -15.77 7.16 -5.91
CA GLY B 88 -15.46 7.39 -7.31
C GLY B 88 -14.27 6.54 -7.78
N LEU B 89 -13.35 6.23 -6.86
CA LEU B 89 -12.16 5.48 -7.20
C LEU B 89 -12.46 3.98 -7.29
N SER B 90 -11.71 3.28 -8.13
CA SER B 90 -11.93 1.85 -8.34
C SER B 90 -11.59 1.05 -7.08
N GLY B 91 -12.07 -0.20 -7.03
CA GLY B 91 -11.85 -1.04 -5.87
C GLY B 91 -10.36 -1.25 -5.59
N CYS B 92 -9.57 -1.39 -6.66
CA CYS B 92 -8.13 -1.58 -6.50
C CYS B 92 -7.48 -0.33 -5.91
N ASP B 93 -7.99 0.85 -6.31
CA ASP B 93 -7.48 2.11 -5.76
C ASP B 93 -7.69 2.18 -4.25
N VAL B 94 -8.83 1.65 -3.80
CA VAL B 94 -9.15 1.62 -2.36
C VAL B 94 -8.11 0.78 -1.61
N LEU B 95 -7.78 -0.38 -2.17
CA LEU B 95 -6.81 -1.29 -1.54
C LEU B 95 -5.44 -0.62 -1.45
N VAL B 96 -5.04 0.09 -2.52
CA VAL B 96 -3.76 0.79 -2.54
C VAL B 96 -3.71 1.82 -1.41
N GLN B 97 -4.80 2.58 -1.27
CA GLN B 97 -4.82 3.68 -0.32
C GLN B 97 -4.68 3.19 1.13
N ALA B 98 -5.38 2.11 1.45
CA ALA B 98 -5.34 1.57 2.81
C ALA B 98 -3.96 1.01 3.13
N LEU B 99 -3.34 0.32 2.17
CA LEU B 99 -2.08 -0.37 2.42
C LEU B 99 -0.95 0.62 2.69
N LEU B 100 -0.77 1.60 1.80
CA LEU B 100 0.34 2.53 1.94
C LEU B 100 0.13 3.47 3.13
N GLU B 101 -1.14 3.75 3.45
CA GLU B 101 -1.46 4.54 4.64
C GLU B 101 -1.03 3.80 5.91
N VAL B 102 -1.10 2.47 5.88
CA VAL B 102 -0.60 1.66 6.99
C VAL B 102 0.92 1.77 7.07
N VAL B 103 1.57 1.87 5.91
CA VAL B 103 3.03 2.03 5.86
C VAL B 103 3.43 3.33 6.56
N SER B 104 2.69 4.41 6.28
CA SER B 104 3.00 5.73 6.84
C SER B 104 2.84 5.73 8.36
N ALA B 105 1.77 5.09 8.85
CA ALA B 105 1.55 5.00 10.30
C ALA B 105 2.72 4.31 10.98
N LEU B 106 3.23 3.26 10.32
CA LEU B 106 4.36 2.51 10.86
C LEU B 106 5.63 3.36 10.89
N VAL B 107 5.79 4.23 9.88
CA VAL B 107 6.94 5.14 9.86
C VAL B 107 6.92 6.05 11.09
N SER B 108 5.73 6.54 11.44
CA SER B 108 5.57 7.41 12.60
C SER B 108 5.99 6.70 13.88
N ILE B 109 5.58 5.44 14.01
CA ILE B 109 5.90 4.65 15.20
C ILE B 109 7.42 4.41 15.29
N LEU B 110 8.04 4.10 14.16
CA LEU B 110 9.47 3.77 14.13
C LEU B 110 10.32 4.96 14.58
N GLY B 111 10.03 6.14 14.01
CA GLY B 111 10.83 7.32 14.30
C GLY B 111 10.64 7.78 15.74
N SER B 112 9.40 7.70 16.23
CA SER B 112 9.10 8.06 17.62
C SER B 112 9.64 7.01 18.59
N SER B 113 9.78 5.77 18.12
CA SER B 113 10.26 4.68 18.96
C SER B 113 11.77 4.52 18.83
N SER B 114 12.34 3.73 19.75
CA SER B 114 13.78 3.53 19.77
C SER B 114 14.15 2.25 19.03
N ILE B 115 15.18 2.34 18.19
CA ILE B 115 15.60 1.18 17.39
C ILE B 115 16.76 0.46 18.08
N GLY B 116 16.53 -0.80 18.44
CA GLY B 116 17.56 -1.61 19.08
C GLY B 116 18.23 -2.53 18.06
N GLN B 117 18.00 -3.83 18.21
CA GLN B 117 18.50 -4.82 17.25
C GLN B 117 17.35 -5.41 16.45
N ILE B 118 17.57 -5.59 15.14
CA ILE B 118 16.54 -6.11 14.26
C ILE B 118 16.72 -7.61 14.05
N ASN B 119 15.68 -8.39 14.36
CA ASN B 119 15.70 -9.83 14.11
C ASN B 119 15.48 -10.09 12.62
N TYR B 120 16.58 -10.22 11.89
CA TYR B 120 16.54 -10.28 10.43
C TYR B 120 15.82 -11.55 9.95
N GLY B 121 16.11 -12.67 10.61
CA GLY B 121 15.53 -13.96 10.20
C GLY B 121 14.02 -13.99 10.38
N ALA B 122 13.54 -13.30 11.43
CA ALA B 122 12.11 -13.32 11.75
C ALA B 122 11.29 -12.39 10.85
N SER B 123 11.96 -11.66 9.93
CA SER B 123 11.27 -10.74 9.04
C SER B 123 10.19 -11.46 8.23
N ALA B 124 10.47 -12.70 7.85
CA ALA B 124 9.51 -13.50 7.09
C ALA B 124 8.27 -13.80 7.93
N GLN B 125 8.47 -14.01 9.23
CA GLN B 125 7.36 -14.32 10.13
C GLN B 125 6.40 -13.13 10.23
N TYR B 126 6.96 -11.93 10.36
CA TYR B 126 6.15 -10.72 10.41
C TYR B 126 5.41 -10.50 9.10
N THR B 127 6.02 -10.94 7.99
CA THR B 127 5.36 -10.90 6.69
C THR B 127 4.09 -11.75 6.71
N GLN B 128 4.18 -12.91 7.38
CA GLN B 128 3.02 -13.79 7.53
C GLN B 128 1.92 -13.11 8.35
N MET B 129 2.32 -12.30 9.33
CA MET B 129 1.36 -11.58 10.17
C MET B 129 0.51 -10.62 9.32
N VAL B 130 1.18 -9.82 8.48
CA VAL B 130 0.47 -8.82 7.68
C VAL B 130 -0.46 -9.50 6.67
N GLY B 131 0.05 -10.51 5.96
CA GLY B 131 -0.76 -11.26 5.01
C GLY B 131 -2.00 -11.88 5.69
N GLN B 132 -1.80 -12.40 6.89
CA GLN B 132 -2.89 -13.01 7.65
C GLN B 132 -3.98 -11.99 7.97
N SER B 133 -3.57 -10.81 8.42
CA SER B 133 -4.51 -9.77 8.81
C SER B 133 -5.37 -9.32 7.62
N VAL B 134 -4.76 -9.32 6.43
CA VAL B 134 -5.49 -8.95 5.21
C VAL B 134 -6.60 -9.96 4.92
N ALA B 135 -6.24 -11.25 4.93
CA ALA B 135 -7.21 -12.30 4.58
C ALA B 135 -8.36 -12.35 5.59
N GLN B 136 -8.02 -12.29 6.88
CA GLN B 136 -9.04 -12.39 7.93
C GLN B 136 -9.94 -11.17 7.94
N ALA B 137 -9.34 -9.98 7.82
CA ALA B 137 -10.09 -8.73 7.94
C ALA B 137 -11.10 -8.56 6.81
N LEU B 138 -10.67 -8.88 5.59
CA LEU B 138 -11.52 -8.67 4.42
C LEU B 138 -12.23 -9.97 3.98
N ALA B 139 -11.85 -11.09 4.59
CA ALA B 139 -12.47 -12.37 4.25
C ALA B 139 -12.28 -13.38 5.39
N GLY B 140 -12.64 -12.97 6.60
CA GLY B 140 -12.52 -13.86 7.76
C GLY B 140 -13.02 -13.17 9.02
N MET A 1 -45.16 22.65 4.41
CA MET A 1 -44.25 22.73 3.23
C MET A 1 -44.39 21.45 2.41
N ALA A 2 -44.33 20.30 3.09
CA ALA A 2 -44.45 19.01 2.41
C ALA A 2 -45.91 18.67 2.13
N SER A 3 -46.24 18.46 0.85
CA SER A 3 -47.60 18.12 0.46
C SER A 3 -47.99 16.74 0.99
N MET A 4 -47.01 15.84 1.07
CA MET A 4 -47.28 14.48 1.55
C MET A 4 -47.03 14.39 3.05
N THR A 5 -47.53 13.30 3.65
CA THR A 5 -47.35 13.06 5.09
C THR A 5 -47.76 14.28 5.92
N GLY A 6 -48.74 15.03 5.43
CA GLY A 6 -49.23 16.22 6.13
C GLY A 6 -50.52 15.91 6.87
N GLY A 7 -51.37 15.07 6.28
CA GLY A 7 -52.64 14.71 6.89
C GLY A 7 -53.15 13.38 6.32
N GLN A 8 -54.39 13.02 6.69
CA GLN A 8 -54.99 11.79 6.21
C GLN A 8 -55.77 12.04 4.92
N GLN A 9 -55.47 11.24 3.89
CA GLN A 9 -56.15 11.37 2.61
C GLN A 9 -56.73 10.03 2.17
N MET A 10 -57.79 10.08 1.34
CA MET A 10 -58.43 8.87 0.86
C MET A 10 -58.06 8.61 -0.60
N GLY A 11 -57.85 7.33 -0.94
CA GLY A 11 -57.51 6.96 -2.30
C GLY A 11 -55.99 7.06 -2.52
N ARG A 12 -55.56 6.74 -3.75
CA ARG A 12 -54.14 6.81 -4.09
C ARG A 12 -53.96 7.00 -5.59
N GLY A 13 -52.74 7.35 -6.00
CA GLY A 13 -52.45 7.56 -7.41
C GLY A 13 -51.50 8.75 -7.60
N SER A 14 -50.31 8.65 -7.00
CA SER A 14 -49.33 9.72 -7.12
C SER A 14 -48.73 9.75 -8.52
N MET A 15 -48.10 10.87 -8.88
CA MET A 15 -47.49 11.02 -10.20
C MET A 15 -46.02 10.62 -10.16
N GLY A 16 -45.59 9.83 -11.15
CA GLY A 16 -44.21 9.38 -11.22
C GLY A 16 -43.91 8.74 -12.56
N ALA A 17 -42.74 8.09 -12.66
CA ALA A 17 -42.34 7.44 -13.89
C ALA A 17 -41.72 6.07 -13.59
N ALA A 18 -41.72 5.18 -14.60
CA ALA A 18 -41.16 3.85 -14.43
C ALA A 18 -39.66 3.91 -14.22
N SER A 19 -39.00 4.83 -14.92
CA SER A 19 -37.55 4.99 -14.80
C SER A 19 -37.12 6.37 -15.29
N ALA A 20 -36.56 7.17 -14.39
CA ALA A 20 -36.09 8.52 -14.75
C ALA A 20 -35.28 9.12 -13.60
N ALA A 21 -35.88 9.16 -12.42
CA ALA A 21 -35.22 9.72 -11.24
C ALA A 21 -34.24 8.72 -10.65
N VAL A 22 -33.56 9.13 -9.58
CA VAL A 22 -32.59 8.25 -8.91
C VAL A 22 -33.23 7.60 -7.69
N SER A 23 -32.94 6.31 -7.49
CA SER A 23 -33.50 5.57 -6.36
C SER A 23 -32.48 5.42 -5.25
N VAL A 24 -32.96 5.35 -4.01
CA VAL A 24 -32.07 5.21 -2.86
C VAL A 24 -31.40 3.83 -2.86
N GLY A 25 -30.12 3.81 -2.51
CA GLY A 25 -29.36 2.56 -2.50
C GLY A 25 -28.63 2.35 -3.82
N GLY A 26 -28.06 1.16 -4.00
CA GLY A 26 -27.32 0.85 -5.22
C GLY A 26 -25.96 1.54 -5.22
N TYR A 27 -25.10 1.15 -4.28
CA TYR A 27 -23.78 1.76 -4.15
C TYR A 27 -22.71 0.85 -4.78
N GLY A 28 -23.10 0.09 -5.80
CA GLY A 28 -22.16 -0.82 -6.46
C GLY A 28 -22.31 -2.25 -5.93
N PRO A 29 -23.31 -2.97 -6.38
CA PRO A 29 -23.52 -4.38 -5.96
C PRO A 29 -22.43 -5.31 -6.51
N GLN A 30 -22.22 -6.45 -5.83
CA GLN A 30 -21.21 -7.42 -6.25
C GLN A 30 -19.81 -6.79 -6.24
N SER A 31 -19.48 -6.10 -5.14
CA SER A 31 -18.19 -5.44 -5.01
C SER A 31 -17.06 -6.48 -4.91
N SER A 32 -15.87 -6.09 -5.38
CA SER A 32 -14.72 -7.00 -5.34
C SER A 32 -13.56 -6.36 -4.57
N SER A 33 -13.87 -5.83 -3.39
CA SER A 33 -12.85 -5.17 -2.57
C SER A 33 -12.05 -6.21 -1.80
N ALA A 34 -12.71 -7.24 -1.30
CA ALA A 34 -12.05 -8.27 -0.50
C ALA A 34 -11.06 -9.08 -1.34
N PRO A 35 -11.50 -9.73 -2.39
CA PRO A 35 -10.66 -10.77 -3.07
C PRO A 35 -9.34 -10.22 -3.60
N VAL A 36 -9.29 -8.90 -3.82
CA VAL A 36 -8.05 -8.25 -4.28
C VAL A 36 -6.99 -8.35 -3.20
N ALA A 37 -7.35 -7.97 -1.97
CA ALA A 37 -6.41 -8.06 -0.84
C ALA A 37 -6.07 -9.51 -0.53
N SER A 38 -7.04 -10.40 -0.72
CA SER A 38 -6.83 -11.84 -0.47
C SER A 38 -5.74 -12.38 -1.38
N ALA A 39 -5.80 -12.02 -2.65
CA ALA A 39 -4.81 -12.47 -3.63
C ALA A 39 -3.43 -11.90 -3.29
N ALA A 40 -3.41 -10.65 -2.84
CA ALA A 40 -2.15 -9.99 -2.48
C ALA A 40 -1.48 -10.71 -1.30
N ALA A 41 -2.30 -11.15 -0.34
CA ALA A 41 -1.78 -11.88 0.82
C ALA A 41 -1.24 -13.25 0.40
N SER A 42 -1.91 -13.87 -0.56
CA SER A 42 -1.51 -15.22 -1.01
C SER A 42 -0.13 -15.19 -1.63
N ARG A 43 0.09 -14.26 -2.57
CA ARG A 43 1.39 -14.12 -3.22
C ARG A 43 2.42 -13.46 -2.28
N LEU A 44 1.93 -12.69 -1.30
CA LEU A 44 2.77 -12.22 -0.19
C LEU A 44 3.36 -13.41 0.59
N SER A 45 2.59 -14.50 0.66
CA SER A 45 3.05 -15.70 1.36
C SER A 45 4.08 -16.49 0.54
N SER A 46 4.21 -16.16 -0.75
CA SER A 46 5.15 -16.87 -1.63
C SER A 46 6.60 -16.63 -1.18
N PRO A 47 7.49 -17.57 -1.44
CA PRO A 47 8.93 -17.43 -1.06
C PRO A 47 9.55 -16.15 -1.61
N ALA A 48 9.08 -15.71 -2.78
CA ALA A 48 9.61 -14.49 -3.42
C ALA A 48 9.31 -13.27 -2.54
N ALA A 49 8.10 -13.23 -1.99
CA ALA A 49 7.69 -12.10 -1.16
C ALA A 49 8.53 -12.04 0.13
N SER A 50 8.71 -13.20 0.77
CA SER A 50 9.45 -13.26 2.04
C SER A 50 10.88 -12.74 1.86
N SER A 51 11.51 -13.13 0.74
CA SER A 51 12.88 -12.72 0.47
C SER A 51 12.98 -11.20 0.32
N ARG A 52 12.00 -10.61 -0.37
CA ARG A 52 11.97 -9.17 -0.57
C ARG A 52 11.80 -8.43 0.76
N VAL A 53 11.02 -9.02 1.67
CA VAL A 53 10.83 -8.44 3.00
C VAL A 53 12.18 -8.34 3.73
N SER A 54 12.95 -9.42 3.68
CA SER A 54 14.27 -9.45 4.33
C SER A 54 15.16 -8.34 3.80
N SER A 55 15.19 -8.20 2.47
CA SER A 55 15.99 -7.17 1.83
C SER A 55 15.53 -5.78 2.26
N ALA A 56 14.22 -5.62 2.43
CA ALA A 56 13.67 -4.35 2.91
C ALA A 56 14.16 -4.04 4.32
N VAL A 57 14.38 -5.09 5.13
CA VAL A 57 14.88 -4.90 6.49
C VAL A 57 16.28 -4.29 6.46
N SER A 58 17.18 -4.94 5.72
CA SER A 58 18.58 -4.48 5.67
C SER A 58 18.68 -3.05 5.15
N SER A 59 17.84 -2.72 4.15
CA SER A 59 17.88 -1.39 3.54
C SER A 59 17.47 -0.32 4.54
N LEU A 60 16.35 -0.52 5.21
CA LEU A 60 15.83 0.45 6.16
C LEU A 60 16.75 0.57 7.38
N VAL A 61 17.26 -0.57 7.83
CA VAL A 61 18.09 -0.61 9.05
C VAL A 61 19.40 0.16 8.84
N SER A 62 20.07 -0.10 7.73
CA SER A 62 21.39 0.47 7.49
C SER A 62 21.29 1.95 7.11
N SER A 63 20.34 2.27 6.24
CA SER A 63 20.17 3.64 5.76
C SER A 63 19.52 4.53 6.83
N GLY A 64 18.57 3.95 7.57
CA GLY A 64 17.84 4.71 8.58
C GLY A 64 16.36 4.30 8.59
N PRO A 65 15.93 3.58 9.60
CA PRO A 65 14.49 3.14 9.72
C PRO A 65 13.47 4.22 9.35
N THR A 66 13.80 5.49 9.60
CA THR A 66 12.85 6.58 9.37
C THR A 66 13.47 7.70 8.53
N ASN A 67 14.36 7.32 7.59
CA ASN A 67 14.98 8.29 6.71
C ASN A 67 14.22 8.40 5.40
N GLN A 68 14.09 9.62 4.88
CA GLN A 68 13.38 9.84 3.60
C GLN A 68 14.11 9.14 2.46
N ALA A 69 15.44 9.27 2.44
CA ALA A 69 16.24 8.67 1.38
C ALA A 69 16.19 7.14 1.46
N ALA A 70 16.18 6.62 2.68
CA ALA A 70 16.17 5.17 2.88
C ALA A 70 14.86 4.56 2.40
N LEU A 71 13.75 5.21 2.75
CA LEU A 71 12.42 4.72 2.37
C LEU A 71 12.27 4.73 0.85
N SER A 72 12.78 5.77 0.20
CA SER A 72 12.70 5.87 -1.25
C SER A 72 13.45 4.73 -1.94
N ASN A 73 14.63 4.40 -1.41
CA ASN A 73 15.46 3.35 -1.98
C ASN A 73 14.77 2.00 -1.91
N THR A 74 14.23 1.69 -0.73
CA THR A 74 13.59 0.39 -0.50
C THR A 74 12.35 0.23 -1.39
N ILE A 75 11.51 1.26 -1.42
CA ILE A 75 10.27 1.22 -2.18
C ILE A 75 10.56 1.06 -3.68
N SER A 76 11.51 1.83 -4.19
CA SER A 76 11.84 1.80 -5.62
C SER A 76 12.31 0.40 -6.03
N SER A 77 13.27 -0.14 -5.27
CA SER A 77 13.85 -1.44 -5.60
C SER A 77 12.81 -2.55 -5.54
N VAL A 78 12.01 -2.54 -4.46
CA VAL A 78 11.01 -3.59 -4.24
C VAL A 78 9.95 -3.57 -5.35
N VAL A 79 9.44 -2.39 -5.67
CA VAL A 79 8.38 -2.26 -6.68
C VAL A 79 8.86 -2.80 -8.03
N SER A 80 10.11 -2.48 -8.38
CA SER A 80 10.68 -2.94 -9.65
C SER A 80 10.71 -4.47 -9.72
N GLN A 81 11.30 -5.09 -8.70
CA GLN A 81 11.49 -6.53 -8.71
C GLN A 81 10.16 -7.28 -8.61
N VAL A 82 9.21 -6.71 -7.86
CA VAL A 82 7.88 -7.32 -7.73
C VAL A 82 7.18 -7.34 -9.10
N SER A 83 7.41 -6.29 -9.90
CA SER A 83 6.90 -6.26 -11.27
C SER A 83 7.52 -7.36 -12.11
N ALA A 84 8.81 -7.61 -11.91
CA ALA A 84 9.54 -8.62 -12.67
C ALA A 84 8.96 -10.01 -12.45
N SER A 85 8.62 -10.33 -11.20
CA SER A 85 8.04 -11.62 -10.87
C SER A 85 6.60 -11.72 -11.37
N ASN A 86 5.88 -10.60 -11.29
CA ASN A 86 4.45 -10.59 -11.60
C ASN A 86 4.18 -9.77 -12.88
N PRO A 87 4.56 -10.28 -14.03
CA PRO A 87 4.13 -9.69 -15.33
C PRO A 87 2.70 -10.08 -15.69
N GLY A 88 2.30 -11.30 -15.28
CA GLY A 88 0.95 -11.79 -15.54
C GLY A 88 -0.10 -10.94 -14.81
N LEU A 89 0.27 -10.39 -13.66
CA LEU A 89 -0.66 -9.61 -12.85
C LEU A 89 -0.78 -8.19 -13.41
N SER A 90 -1.94 -7.56 -13.15
CA SER A 90 -2.20 -6.22 -13.68
C SER A 90 -1.31 -5.20 -13.00
N GLY A 91 -1.21 -4.01 -13.62
CA GLY A 91 -0.35 -2.95 -13.08
C GLY A 91 -0.75 -2.58 -11.66
N CYS A 92 -2.06 -2.57 -11.39
CA CYS A 92 -2.55 -2.24 -10.05
C CYS A 92 -2.09 -3.28 -9.04
N ASP A 93 -2.17 -4.56 -9.41
CA ASP A 93 -1.76 -5.65 -8.53
C ASP A 93 -0.29 -5.49 -8.10
N VAL A 94 0.54 -5.01 -9.02
CA VAL A 94 1.96 -4.78 -8.73
C VAL A 94 2.10 -3.74 -7.61
N LEU A 95 1.32 -2.66 -7.72
CA LEU A 95 1.36 -1.59 -6.71
C LEU A 95 0.90 -2.11 -5.35
N VAL A 96 -0.14 -2.95 -5.35
CA VAL A 96 -0.66 -3.53 -4.11
C VAL A 96 0.43 -4.33 -3.40
N GLN A 97 1.13 -5.17 -4.18
CA GLN A 97 2.11 -6.09 -3.61
C GLN A 97 3.27 -5.33 -2.97
N ALA A 98 3.75 -4.29 -3.65
CA ALA A 98 4.87 -3.52 -3.13
C ALA A 98 4.49 -2.79 -1.84
N LEU A 99 3.29 -2.21 -1.81
CA LEU A 99 2.89 -1.37 -0.69
C LEU A 99 2.73 -2.18 0.59
N LEU A 100 1.97 -3.28 0.54
CA LEU A 100 1.70 -4.06 1.75
C LEU A 100 2.96 -4.80 2.20
N GLU A 101 3.82 -5.16 1.25
CA GLU A 101 5.10 -5.78 1.59
C GLU A 101 5.99 -4.81 2.38
N VAL A 102 5.86 -3.50 2.08
CA VAL A 102 6.54 -2.49 2.87
C VAL A 102 5.96 -2.44 4.29
N VAL A 103 4.65 -2.65 4.39
CA VAL A 103 3.98 -2.69 5.70
C VAL A 103 4.58 -3.81 6.56
N SER A 104 4.76 -4.99 5.95
CA SER A 104 5.26 -6.15 6.68
C SER A 104 6.69 -5.92 7.16
N ALA A 105 7.51 -5.29 6.34
CA ALA A 105 8.89 -4.98 6.72
C ALA A 105 8.91 -4.08 7.96
N LEU A 106 8.02 -3.08 7.95
CA LEU A 106 7.93 -2.15 9.08
C LEU A 106 7.47 -2.86 10.35
N VAL A 107 6.58 -3.84 10.20
CA VAL A 107 6.13 -4.64 11.35
C VAL A 107 7.31 -5.36 11.99
N SER A 108 8.18 -5.92 11.16
CA SER A 108 9.36 -6.63 11.64
C SER A 108 10.26 -5.70 12.46
N ILE A 109 10.43 -4.48 11.98
CA ILE A 109 11.26 -3.49 12.67
C ILE A 109 10.66 -3.16 14.05
N LEU A 110 9.35 -2.96 14.08
CA LEU A 110 8.66 -2.58 15.32
C LEU A 110 8.79 -3.66 16.38
N GLY A 111 8.58 -4.92 15.98
CA GLY A 111 8.61 -6.04 16.92
C GLY A 111 10.00 -6.24 17.50
N SER A 112 11.02 -6.07 16.67
CA SER A 112 12.41 -6.21 17.13
C SER A 112 12.90 -4.93 17.82
N SER A 113 12.26 -3.80 17.51
CA SER A 113 12.67 -2.52 18.07
C SER A 113 11.87 -2.19 19.32
N SER A 114 12.35 -1.18 20.07
CA SER A 114 11.71 -0.80 21.32
C SER A 114 10.81 0.41 21.11
N ILE A 115 9.62 0.36 21.71
CA ILE A 115 8.65 1.46 21.56
C ILE A 115 8.74 2.40 22.76
N GLY A 116 9.07 3.66 22.48
CA GLY A 116 9.15 4.68 23.52
C GLY A 116 7.88 5.52 23.55
N GLN A 117 8.03 6.83 23.38
CA GLN A 117 6.89 7.74 23.30
C GLN A 117 6.58 8.07 21.84
N ILE A 118 5.30 8.03 21.49
CA ILE A 118 4.88 8.29 20.11
C ILE A 118 4.46 9.75 19.94
N ASN A 119 5.13 10.46 19.05
CA ASN A 119 4.76 11.84 18.73
C ASN A 119 3.53 11.84 17.83
N TYR A 120 2.36 11.99 18.44
CA TYR A 120 1.09 11.80 17.74
C TYR A 120 0.90 12.85 16.65
N GLY A 121 1.26 14.10 16.95
CA GLY A 121 1.06 15.20 16.01
C GLY A 121 1.91 15.04 14.76
N ALA A 122 3.12 14.50 14.92
CA ALA A 122 4.06 14.35 13.81
C ALA A 122 3.68 13.21 12.87
N SER A 123 2.66 12.42 13.23
CA SER A 123 2.25 11.27 12.41
C SER A 123 1.89 11.71 11.00
N ALA A 124 1.30 12.91 10.88
CA ALA A 124 0.94 13.46 9.57
C ALA A 124 2.19 13.73 8.74
N GLN A 125 3.26 14.18 9.39
CA GLN A 125 4.51 14.48 8.69
C GLN A 125 5.10 13.22 8.09
N TYR A 126 5.11 12.13 8.87
CA TYR A 126 5.61 10.85 8.38
C TYR A 126 4.76 10.33 7.22
N THR A 127 3.47 10.66 7.23
CA THR A 127 2.58 10.33 6.12
C THR A 127 3.06 11.02 4.84
N GLN A 128 3.51 12.27 4.99
CA GLN A 128 4.07 13.02 3.86
C GLN A 128 5.34 12.35 3.33
N MET A 129 6.12 11.75 4.25
CA MET A 129 7.35 11.07 3.85
C MET A 129 7.05 9.91 2.90
N VAL A 130 6.06 9.09 3.26
CA VAL A 130 5.72 7.92 2.45
C VAL A 130 5.16 8.34 1.09
N GLY A 131 4.22 9.29 1.10
CA GLY A 131 3.66 9.83 -0.15
C GLY A 131 4.75 10.39 -1.05
N GLN A 132 5.75 11.05 -0.43
CA GLN A 132 6.86 11.63 -1.17
C GLN A 132 7.67 10.54 -1.87
N SER A 133 7.94 9.45 -1.16
CA SER A 133 8.74 8.35 -1.70
C SER A 133 8.05 7.72 -2.91
N VAL A 134 6.73 7.65 -2.88
CA VAL A 134 5.96 7.09 -4.00
C VAL A 134 6.13 7.96 -5.24
N ALA A 135 5.90 9.26 -5.09
CA ALA A 135 5.94 10.18 -6.24
C ALA A 135 7.33 10.22 -6.85
N GLN A 136 8.36 10.36 -6.01
CA GLN A 136 9.73 10.46 -6.48
C GLN A 136 10.21 9.14 -7.09
N ALA A 137 9.86 8.03 -6.44
CA ALA A 137 10.36 6.72 -6.87
C ALA A 137 9.84 6.33 -8.24
N LEU A 138 8.55 6.59 -8.48
CA LEU A 138 7.91 6.18 -9.74
C LEU A 138 7.84 7.34 -10.74
N ALA A 139 8.18 8.56 -10.30
CA ALA A 139 8.14 9.73 -11.17
C ALA A 139 9.02 10.85 -10.62
N GLY A 140 10.27 10.51 -10.31
CA GLY A 140 11.21 11.50 -9.78
C GLY A 140 12.63 11.19 -10.24
N MET B 1 -25.60 12.46 -4.07
CA MET B 1 -24.39 12.82 -4.85
C MET B 1 -23.33 13.38 -3.91
N ALA B 2 -22.14 13.65 -4.47
CA ALA B 2 -21.04 14.18 -3.67
C ALA B 2 -20.18 15.13 -4.49
N SER B 3 -19.49 16.04 -3.81
CA SER B 3 -18.62 17.01 -4.50
C SER B 3 -17.44 16.30 -5.17
N MET B 4 -17.01 15.17 -4.58
CA MET B 4 -15.88 14.42 -5.13
C MET B 4 -16.19 13.92 -6.55
N THR B 5 -17.46 13.60 -6.80
CA THR B 5 -17.86 13.12 -8.12
C THR B 5 -17.64 14.20 -9.18
N GLY B 6 -17.87 15.45 -8.80
CA GLY B 6 -17.67 16.57 -9.72
C GLY B 6 -18.94 16.86 -10.53
N GLY B 7 -19.43 18.09 -10.42
CA GLY B 7 -20.63 18.49 -11.16
C GLY B 7 -21.86 17.75 -10.66
N GLN B 8 -22.72 18.47 -9.92
CA GLN B 8 -23.96 17.88 -9.41
C GLN B 8 -24.90 17.48 -10.54
N GLN B 9 -24.90 18.29 -11.60
CA GLN B 9 -25.76 18.02 -12.76
C GLN B 9 -24.91 17.88 -14.02
N MET B 10 -25.46 17.21 -15.03
CA MET B 10 -24.75 16.99 -16.29
C MET B 10 -24.88 18.22 -17.19
N GLY B 11 -23.77 18.57 -17.85
CA GLY B 11 -23.76 19.73 -18.73
C GLY B 11 -24.13 19.34 -20.16
N ARG B 12 -23.25 18.61 -20.82
CA ARG B 12 -23.50 18.17 -22.21
C ARG B 12 -23.51 16.65 -22.29
N GLY B 13 -24.38 16.11 -23.14
CA GLY B 13 -24.48 14.66 -23.32
C GLY B 13 -23.21 14.10 -23.94
N SER B 14 -22.63 14.84 -24.88
CA SER B 14 -21.41 14.41 -25.55
C SER B 14 -20.54 15.61 -25.91
N MET B 15 -19.25 15.36 -26.14
CA MET B 15 -18.32 16.42 -26.49
C MET B 15 -17.42 15.99 -27.65
N GLY B 16 -16.74 16.95 -28.26
CA GLY B 16 -15.86 16.65 -29.38
C GLY B 16 -16.63 16.52 -30.69
N ALA B 17 -17.18 17.65 -31.16
CA ALA B 17 -17.96 17.66 -32.40
C ALA B 17 -17.08 17.32 -33.60
N ALA B 18 -15.83 17.80 -33.56
CA ALA B 18 -14.89 17.51 -34.63
C ALA B 18 -14.45 16.06 -34.59
N SER B 19 -14.23 15.47 -35.78
CA SER B 19 -13.82 14.07 -35.88
C SER B 19 -12.67 13.92 -36.87
N ALA B 20 -11.88 12.87 -36.70
CA ALA B 20 -10.76 12.60 -37.59
C ALA B 20 -10.48 11.10 -37.68
N ALA B 21 -9.93 10.67 -38.81
CA ALA B 21 -9.63 9.26 -39.02
C ALA B 21 -8.16 8.98 -38.69
N VAL B 22 -7.92 7.96 -37.86
CA VAL B 22 -6.56 7.59 -37.47
C VAL B 22 -6.33 6.11 -37.75
N SER B 23 -5.19 5.79 -38.37
CA SER B 23 -4.87 4.41 -38.72
C SER B 23 -4.65 3.56 -37.46
N VAL B 24 -3.92 4.12 -36.50
CA VAL B 24 -3.62 3.41 -35.25
C VAL B 24 -3.78 4.34 -34.06
N GLY B 25 -3.93 3.74 -32.87
CA GLY B 25 -4.09 4.52 -31.64
C GLY B 25 -3.12 4.04 -30.56
N GLY B 26 -3.25 4.62 -29.37
CA GLY B 26 -2.38 4.24 -28.26
C GLY B 26 -1.03 4.97 -28.36
N TYR B 27 -1.08 6.29 -28.51
CA TYR B 27 0.14 7.09 -28.62
C TYR B 27 0.94 7.04 -27.31
N GLY B 28 0.23 7.01 -26.19
CA GLY B 28 0.88 6.95 -24.88
C GLY B 28 1.52 5.58 -24.66
N PRO B 29 2.38 5.46 -23.67
CA PRO B 29 3.08 4.16 -23.39
C PRO B 29 2.11 3.06 -23.00
N GLN B 30 2.30 1.88 -23.58
CA GLN B 30 1.43 0.73 -23.29
C GLN B 30 1.56 0.30 -21.83
N SER B 31 2.79 0.33 -21.32
CA SER B 31 3.05 -0.06 -19.94
C SER B 31 2.48 0.96 -18.97
N SER B 32 2.06 0.49 -17.79
CA SER B 32 1.52 1.38 -16.77
C SER B 32 1.85 0.86 -15.37
N SER B 33 2.29 1.77 -14.50
CA SER B 33 2.64 1.39 -13.13
C SER B 33 2.85 2.62 -12.26
N ALA B 34 3.55 3.62 -12.80
CA ALA B 34 3.88 4.83 -12.03
C ALA B 34 2.60 5.59 -11.62
N PRO B 35 1.79 6.02 -12.57
CA PRO B 35 0.71 7.01 -12.28
C PRO B 35 -0.27 6.52 -11.23
N VAL B 36 -0.36 5.18 -11.06
CA VAL B 36 -1.24 4.62 -10.05
C VAL B 36 -0.76 4.99 -8.65
N ALA B 37 0.54 4.79 -8.40
CA ALA B 37 1.13 5.14 -7.11
C ALA B 37 1.10 6.66 -6.91
N SER B 38 1.27 7.41 -8.00
CA SER B 38 1.26 8.87 -7.93
C SER B 38 -0.09 9.38 -7.43
N ALA B 39 -1.17 8.80 -7.97
CA ALA B 39 -2.52 9.18 -7.56
C ALA B 39 -2.76 8.83 -6.09
N ALA B 40 -2.24 7.67 -5.67
CA ALA B 40 -2.40 7.22 -4.29
C ALA B 40 -1.71 8.18 -3.33
N ALA B 41 -0.54 8.68 -3.71
CA ALA B 41 0.19 9.64 -2.90
C ALA B 41 -0.57 10.97 -2.81
N SER B 42 -1.19 11.37 -3.92
CA SER B 42 -1.90 12.64 -3.97
C SER B 42 -3.07 12.66 -2.98
N ARG B 43 -3.90 11.62 -3.03
CA ARG B 43 -5.03 11.51 -2.11
C ARG B 43 -4.58 11.10 -0.70
N LEU B 44 -3.41 10.48 -0.60
CA LEU B 44 -2.74 10.28 0.69
C LEU B 44 -2.43 11.64 1.34
N SER B 45 -2.14 12.65 0.51
CA SER B 45 -1.83 13.98 1.02
C SER B 45 -3.11 14.72 1.47
N SER B 46 -4.28 14.21 1.10
CA SER B 46 -5.54 14.86 1.46
C SER B 46 -5.75 14.85 2.98
N PRO B 47 -6.48 15.81 3.51
CA PRO B 47 -6.75 15.88 4.98
C PRO B 47 -7.38 14.59 5.52
N ALA B 48 -8.18 13.93 4.68
CA ALA B 48 -8.84 12.69 5.07
C ALA B 48 -7.82 11.60 5.38
N ALA B 49 -6.78 11.53 4.53
CA ALA B 49 -5.74 10.52 4.71
C ALA B 49 -4.95 10.75 5.99
N SER B 50 -4.58 12.01 6.24
CA SER B 50 -3.78 12.35 7.42
C SER B 50 -4.51 11.96 8.71
N SER B 51 -5.82 12.22 8.74
CA SER B 51 -6.63 11.91 9.93
C SER B 51 -6.65 10.41 10.19
N ARG B 52 -6.77 9.62 9.13
CA ARG B 52 -6.79 8.16 9.25
C ARG B 52 -5.45 7.64 9.77
N VAL B 53 -4.36 8.30 9.37
CA VAL B 53 -3.03 7.92 9.85
C VAL B 53 -2.96 8.08 11.37
N SER B 54 -3.45 9.22 11.87
CA SER B 54 -3.44 9.48 13.31
C SER B 54 -4.21 8.39 14.06
N SER B 55 -5.38 8.05 13.56
CA SER B 55 -6.21 7.01 14.18
C SER B 55 -5.48 5.67 14.18
N ALA B 56 -4.73 5.41 13.10
CA ALA B 56 -3.93 4.20 13.01
C ALA B 56 -2.86 4.17 14.09
N VAL B 57 -2.34 5.35 14.45
CA VAL B 57 -1.33 5.44 15.50
C VAL B 57 -1.90 4.98 16.84
N SER B 58 -3.02 5.58 17.23
CA SER B 58 -3.63 5.27 18.53
C SER B 58 -3.99 3.79 18.63
N SER B 59 -4.49 3.22 17.53
CA SER B 59 -4.91 1.83 17.51
C SER B 59 -3.73 0.89 17.76
N LEU B 60 -2.65 1.09 16.99
CA LEU B 60 -1.47 0.22 17.09
C LEU B 60 -0.78 0.40 18.44
N VAL B 61 -0.72 1.65 18.91
CA VAL B 61 0.00 1.97 20.14
C VAL B 61 -0.68 1.32 21.35
N SER B 62 -1.99 1.48 21.45
CA SER B 62 -2.73 0.99 22.62
C SER B 62 -2.87 -0.52 22.61
N SER B 63 -3.19 -1.08 21.45
CA SER B 63 -3.41 -2.52 21.33
C SER B 63 -2.08 -3.28 21.34
N GLY B 64 -1.06 -2.70 20.70
CA GLY B 64 0.23 -3.36 20.59
C GLY B 64 0.86 -3.11 19.20
N PRO B 65 1.87 -2.26 19.12
CA PRO B 65 2.57 -1.96 17.83
C PRO B 65 2.79 -3.19 16.93
N THR B 66 2.99 -4.36 17.53
CA THR B 66 3.31 -5.57 16.78
C THR B 66 2.40 -6.74 17.16
N ASN B 67 1.15 -6.43 17.49
CA ASN B 67 0.18 -7.46 17.84
C ASN B 67 -0.64 -7.86 16.62
N GLN B 68 -0.92 -9.16 16.49
CA GLN B 68 -1.72 -9.66 15.37
C GLN B 68 -3.14 -9.08 15.42
N ALA B 69 -3.73 -9.07 16.62
CA ALA B 69 -5.09 -8.57 16.79
C ALA B 69 -5.15 -7.06 16.53
N ALA B 70 -4.12 -6.35 16.96
CA ALA B 70 -4.08 -4.90 16.79
C ALA B 70 -3.99 -4.52 15.32
N LEU B 71 -3.12 -5.22 14.57
CA LEU B 71 -2.94 -4.94 13.16
C LEU B 71 -4.23 -5.19 12.38
N SER B 72 -4.92 -6.27 12.74
CA SER B 72 -6.17 -6.63 12.07
C SER B 72 -7.23 -5.54 12.27
N ASN B 73 -7.30 -5.01 13.49
CA ASN B 73 -8.30 -3.99 13.83
C ASN B 73 -8.05 -2.71 13.02
N THR B 74 -6.80 -2.27 12.97
CA THR B 74 -6.46 -1.03 12.29
C THR B 74 -6.72 -1.15 10.79
N ILE B 75 -6.27 -2.26 10.19
CA ILE B 75 -6.42 -2.46 8.75
C ILE B 75 -7.89 -2.52 8.35
N SER B 76 -8.69 -3.26 9.12
CA SER B 76 -10.11 -3.43 8.81
C SER B 76 -10.83 -2.08 8.84
N SER B 77 -10.63 -1.33 9.91
CA SER B 77 -11.32 -0.04 10.09
C SER B 77 -10.91 0.95 9.00
N VAL B 78 -9.60 1.03 8.73
CA VAL B 78 -9.08 1.99 7.76
C VAL B 78 -9.60 1.69 6.36
N VAL B 79 -9.53 0.42 5.97
CA VAL B 79 -9.97 0.02 4.62
C VAL B 79 -11.44 0.38 4.39
N SER B 80 -12.27 0.15 5.41
CA SER B 80 -13.70 0.44 5.31
C SER B 80 -13.93 1.94 5.06
N GLN B 81 -13.34 2.77 5.91
CA GLN B 81 -13.58 4.21 5.85
C GLN B 81 -13.00 4.82 4.57
N VAL B 82 -11.84 4.29 4.14
CA VAL B 82 -11.22 4.77 2.89
C VAL B 82 -12.13 4.49 1.70
N SER B 83 -12.84 3.37 1.75
CA SER B 83 -13.83 3.04 0.72
C SER B 83 -14.97 4.06 0.74
N ALA B 84 -15.37 4.47 1.94
CA ALA B 84 -16.48 5.41 2.09
C ALA B 84 -16.17 6.74 1.43
N SER B 85 -14.94 7.22 1.62
CA SER B 85 -14.53 8.49 1.02
C SER B 85 -14.35 8.36 -0.49
N ASN B 86 -13.85 7.19 -0.91
CA ASN B 86 -13.51 6.98 -2.32
C ASN B 86 -14.44 5.94 -2.95
N PRO B 87 -15.68 6.30 -3.19
CA PRO B 87 -16.60 5.46 -4.03
C PRO B 87 -16.33 5.64 -5.52
N GLY B 88 -15.91 6.85 -5.89
CA GLY B 88 -15.60 7.16 -7.29
C GLY B 88 -14.41 6.34 -7.79
N LEU B 89 -13.49 6.03 -6.88
CA LEU B 89 -12.28 5.29 -7.25
C LEU B 89 -12.58 3.79 -7.36
N SER B 90 -11.79 3.11 -8.19
CA SER B 90 -11.99 1.68 -8.42
C SER B 90 -11.68 0.87 -7.17
N GLY B 91 -12.15 -0.37 -7.14
CA GLY B 91 -11.94 -1.25 -5.98
C GLY B 91 -10.45 -1.42 -5.68
N CYS B 92 -9.64 -1.51 -6.73
CA CYS B 92 -8.19 -1.66 -6.56
C CYS B 92 -7.60 -0.43 -5.90
N ASP B 93 -8.02 0.75 -6.33
CA ASP B 93 -7.52 2.01 -5.77
C ASP B 93 -7.77 2.07 -4.26
N VAL B 94 -8.92 1.54 -3.83
CA VAL B 94 -9.24 1.50 -2.39
C VAL B 94 -8.20 0.68 -1.63
N LEU B 95 -7.84 -0.48 -2.19
CA LEU B 95 -6.85 -1.36 -1.56
C LEU B 95 -5.48 -0.68 -1.49
N VAL B 96 -5.12 0.04 -2.55
CA VAL B 96 -3.84 0.76 -2.59
C VAL B 96 -3.78 1.78 -1.44
N GLN B 97 -4.86 2.54 -1.29
CA GLN B 97 -4.88 3.63 -0.32
C GLN B 97 -4.73 3.12 1.10
N ALA B 98 -5.44 2.03 1.41
CA ALA B 98 -5.40 1.47 2.77
C ALA B 98 -4.00 0.93 3.08
N LEU B 99 -3.39 0.25 2.11
CA LEU B 99 -2.12 -0.44 2.36
C LEU B 99 -0.99 0.56 2.63
N LEU B 100 -0.81 1.53 1.74
CA LEU B 100 0.30 2.48 1.89
C LEU B 100 0.08 3.42 3.08
N GLU B 101 -1.19 3.70 3.39
CA GLU B 101 -1.51 4.49 4.57
C GLU B 101 -1.09 3.76 5.86
N VAL B 102 -1.17 2.42 5.82
CA VAL B 102 -0.66 1.61 6.93
C VAL B 102 0.86 1.75 7.02
N VAL B 103 1.52 1.84 5.85
CA VAL B 103 2.97 2.01 5.81
C VAL B 103 3.36 3.32 6.52
N SER B 104 2.62 4.39 6.22
CA SER B 104 2.93 5.70 6.79
C SER B 104 2.76 5.71 8.30
N ALA B 105 1.72 5.03 8.80
CA ALA B 105 1.50 4.93 10.24
C ALA B 105 2.68 4.25 10.92
N LEU B 106 3.18 3.19 10.29
CA LEU B 106 4.31 2.44 10.83
C LEU B 106 5.58 3.31 10.84
N VAL B 107 5.74 4.15 9.81
CA VAL B 107 6.88 5.07 9.76
C VAL B 107 6.86 6.01 10.96
N SER B 108 5.67 6.51 11.31
CA SER B 108 5.52 7.41 12.45
C SER B 108 5.96 6.73 13.74
N ILE B 109 5.57 5.46 13.90
CA ILE B 109 5.93 4.70 15.10
C ILE B 109 7.45 4.52 15.19
N LEU B 110 8.08 4.21 14.06
CA LEU B 110 9.52 3.96 14.02
C LEU B 110 10.31 5.21 14.41
N GLY B 111 9.90 6.35 13.85
CA GLY B 111 10.62 7.61 14.08
C GLY B 111 10.52 8.05 15.55
N SER B 112 9.35 7.86 16.13
CA SER B 112 9.13 8.21 17.54
C SER B 112 9.67 7.11 18.47
N SER B 113 9.79 5.89 17.96
CA SER B 113 10.23 4.76 18.77
C SER B 113 11.74 4.56 18.64
N SER B 114 12.29 3.75 19.53
CA SER B 114 13.73 3.50 19.56
C SER B 114 14.07 2.20 18.86
N ILE B 115 15.12 2.21 18.04
CA ILE B 115 15.52 1.03 17.29
C ILE B 115 16.65 0.30 18.02
N GLY B 116 16.38 -0.95 18.40
CA GLY B 116 17.39 -1.77 19.08
C GLY B 116 18.05 -2.72 18.10
N GLN B 117 17.96 -4.02 18.38
CA GLN B 117 18.49 -5.04 17.46
C GLN B 117 17.35 -5.64 16.64
N ILE B 118 17.60 -5.79 15.34
CA ILE B 118 16.57 -6.31 14.44
C ILE B 118 16.77 -7.81 14.21
N ASN B 119 15.75 -8.59 14.57
CA ASN B 119 15.76 -10.03 14.32
C ASN B 119 15.50 -10.29 12.84
N TYR B 120 16.57 -10.48 12.08
CA TYR B 120 16.48 -10.54 10.62
C TYR B 120 15.70 -11.76 10.16
N GLY B 121 15.94 -12.89 10.82
CA GLY B 121 15.30 -14.15 10.42
C GLY B 121 13.79 -14.11 10.64
N ALA B 122 13.36 -13.43 11.70
CA ALA B 122 11.94 -13.38 12.05
C ALA B 122 11.14 -12.45 11.11
N SER B 123 11.83 -11.71 10.24
CA SER B 123 11.16 -10.77 9.34
C SER B 123 10.10 -11.47 8.50
N ALA B 124 10.38 -12.72 8.12
CA ALA B 124 9.42 -13.51 7.34
C ALA B 124 8.16 -13.78 8.15
N GLN B 125 8.33 -14.00 9.46
CA GLN B 125 7.18 -14.28 10.33
C GLN B 125 6.26 -13.08 10.41
N TYR B 126 6.84 -11.89 10.55
CA TYR B 126 6.05 -10.66 10.58
C TYR B 126 5.33 -10.43 9.26
N THR B 127 5.95 -10.88 8.17
CA THR B 127 5.29 -10.84 6.85
C THR B 127 4.02 -11.67 6.86
N GLN B 128 4.08 -12.83 7.52
CA GLN B 128 2.90 -13.69 7.67
C GLN B 128 1.81 -12.99 8.48
N MET B 129 2.22 -12.17 9.45
CA MET B 129 1.26 -11.44 10.27
C MET B 129 0.42 -10.49 9.42
N VAL B 130 1.10 -9.72 8.55
CA VAL B 130 0.40 -8.75 7.72
C VAL B 130 -0.52 -9.44 6.72
N GLY B 131 -0.01 -10.47 6.04
CA GLY B 131 -0.82 -11.26 5.10
C GLY B 131 -2.05 -11.84 5.80
N GLN B 132 -1.87 -12.28 7.05
CA GLN B 132 -2.96 -12.86 7.83
C GLN B 132 -4.06 -11.82 8.09
N SER B 133 -3.64 -10.60 8.44
CA SER B 133 -4.58 -9.54 8.75
C SER B 133 -5.43 -9.18 7.53
N VAL B 134 -4.83 -9.25 6.34
CA VAL B 134 -5.55 -8.96 5.10
C VAL B 134 -6.65 -10.00 4.86
N ALA B 135 -6.28 -11.28 4.94
CA ALA B 135 -7.22 -12.36 4.65
C ALA B 135 -8.38 -12.36 5.65
N GLN B 136 -8.06 -12.25 6.93
CA GLN B 136 -9.07 -12.29 7.99
C GLN B 136 -9.97 -11.04 7.93
N ALA B 137 -9.34 -9.88 7.71
CA ALA B 137 -10.07 -8.61 7.77
C ALA B 137 -11.12 -8.52 6.66
N LEU B 138 -10.74 -8.93 5.45
CA LEU B 138 -11.62 -8.81 4.30
C LEU B 138 -12.37 -10.11 4.00
N ALA B 139 -12.00 -11.21 4.69
CA ALA B 139 -12.64 -12.49 4.47
C ALA B 139 -12.42 -13.41 5.68
N GLY B 140 -12.75 -12.91 6.86
CA GLY B 140 -12.60 -13.69 8.09
C GLY B 140 -13.41 -13.07 9.23
N MET A 1 -18.96 5.48 -32.40
CA MET A 1 -19.08 6.33 -33.62
C MET A 1 -17.81 7.14 -33.79
N ALA A 2 -17.39 7.81 -32.72
CA ALA A 2 -16.17 8.63 -32.76
C ALA A 2 -15.46 8.61 -31.41
N SER A 3 -14.14 8.81 -31.43
CA SER A 3 -13.35 8.82 -30.21
C SER A 3 -12.62 10.16 -30.05
N MET A 4 -12.44 10.59 -28.80
CA MET A 4 -11.77 11.85 -28.53
C MET A 4 -10.27 11.62 -28.36
N THR A 5 -9.47 12.21 -29.24
CA THR A 5 -8.02 12.08 -29.16
C THR A 5 -7.47 12.81 -27.93
N GLY A 6 -8.07 13.96 -27.62
CA GLY A 6 -7.65 14.74 -26.46
C GLY A 6 -8.73 15.72 -26.04
N GLY A 7 -9.78 15.20 -25.40
CA GLY A 7 -10.88 16.05 -24.95
C GLY A 7 -10.56 16.70 -23.61
N GLN A 8 -11.52 17.46 -23.07
CA GLN A 8 -11.32 18.13 -21.79
C GLN A 8 -11.17 17.12 -20.65
N GLN A 9 -11.94 16.04 -20.72
CA GLN A 9 -11.88 14.99 -19.72
C GLN A 9 -12.05 13.61 -20.35
N MET A 10 -11.60 12.58 -19.63
CA MET A 10 -11.74 11.20 -20.12
C MET A 10 -13.22 10.80 -20.20
N GLY A 11 -14.01 11.30 -19.25
CA GLY A 11 -15.44 11.00 -19.22
C GLY A 11 -16.18 12.03 -18.38
N ARG A 12 -17.51 11.97 -18.43
CA ARG A 12 -18.34 12.90 -17.67
C ARG A 12 -19.72 12.31 -17.38
N GLY A 13 -20.37 12.80 -16.34
CA GLY A 13 -21.70 12.32 -15.97
C GLY A 13 -21.65 10.89 -15.45
N SER A 14 -20.57 10.56 -14.75
CA SER A 14 -20.40 9.22 -14.20
C SER A 14 -21.17 9.07 -12.88
N MET A 15 -21.57 7.84 -12.56
CA MET A 15 -22.29 7.57 -11.32
C MET A 15 -21.83 6.25 -10.71
N GLY A 16 -21.57 6.26 -9.40
CA GLY A 16 -21.13 5.05 -8.70
C GLY A 16 -19.74 4.63 -9.18
N ALA A 17 -19.59 3.32 -9.44
CA ALA A 17 -18.31 2.79 -9.91
C ALA A 17 -18.41 2.43 -11.39
N ALA A 18 -17.30 2.58 -12.11
CA ALA A 18 -17.26 2.26 -13.53
C ALA A 18 -17.22 0.74 -13.75
N SER A 19 -18.20 0.23 -14.50
CA SER A 19 -18.27 -1.21 -14.76
C SER A 19 -18.80 -1.46 -16.17
N ALA A 20 -18.55 -2.67 -16.69
CA ALA A 20 -19.03 -3.04 -18.01
C ALA A 20 -20.55 -3.17 -18.01
N ALA A 21 -21.15 -3.08 -19.20
CA ALA A 21 -22.60 -3.16 -19.34
C ALA A 21 -23.08 -4.59 -19.13
N VAL A 22 -22.94 -5.10 -17.90
CA VAL A 22 -23.38 -6.45 -17.57
C VAL A 22 -24.03 -6.46 -16.19
N SER A 23 -25.17 -7.15 -16.10
CA SER A 23 -25.89 -7.24 -14.82
C SER A 23 -26.38 -8.66 -14.59
N VAL A 24 -26.42 -9.07 -13.32
CA VAL A 24 -26.90 -10.40 -12.96
C VAL A 24 -27.82 -10.31 -11.75
N GLY A 25 -28.97 -10.99 -11.83
CA GLY A 25 -29.94 -10.98 -10.74
C GLY A 25 -30.74 -9.69 -10.73
N GLY A 26 -31.30 -9.35 -9.57
CA GLY A 26 -32.10 -8.13 -9.44
C GLY A 26 -31.22 -6.95 -9.02
N TYR A 27 -30.81 -6.95 -7.75
CA TYR A 27 -29.97 -5.88 -7.23
C TYR A 27 -28.75 -6.45 -6.49
N GLY A 28 -28.08 -7.40 -7.14
CA GLY A 28 -26.90 -8.03 -6.55
C GLY A 28 -25.76 -7.02 -6.37
N PRO A 29 -24.97 -7.15 -5.32
CA PRO A 29 -23.93 -6.13 -4.99
C PRO A 29 -22.81 -6.10 -6.03
N GLN A 30 -22.29 -4.90 -6.28
CA GLN A 30 -21.21 -4.74 -7.25
C GLN A 30 -19.91 -4.31 -6.55
N SER A 31 -19.60 -4.98 -5.45
CA SER A 31 -18.40 -4.66 -4.67
C SER A 31 -17.50 -5.89 -4.56
N SER A 32 -16.18 -5.67 -4.64
CA SER A 32 -15.22 -6.77 -4.56
C SER A 32 -13.89 -6.27 -3.99
N SER A 33 -13.96 -5.54 -2.89
CA SER A 33 -12.75 -5.02 -2.24
C SER A 33 -11.97 -6.14 -1.56
N ALA A 34 -12.69 -7.12 -1.00
CA ALA A 34 -12.06 -8.20 -0.26
C ALA A 34 -11.13 -9.03 -1.14
N PRO A 35 -11.63 -9.65 -2.19
CA PRO A 35 -10.84 -10.66 -2.96
C PRO A 35 -9.53 -10.10 -3.51
N VAL A 36 -9.47 -8.79 -3.70
CA VAL A 36 -8.24 -8.14 -4.15
C VAL A 36 -7.15 -8.28 -3.09
N ALA A 37 -7.50 -7.96 -1.84
CA ALA A 37 -6.55 -8.05 -0.74
C ALA A 37 -6.17 -9.50 -0.46
N SER A 38 -7.15 -10.41 -0.58
CA SER A 38 -6.91 -11.83 -0.28
C SER A 38 -5.89 -12.41 -1.26
N ALA A 39 -6.00 -12.02 -2.53
CA ALA A 39 -5.04 -12.47 -3.54
C ALA A 39 -3.66 -11.92 -3.26
N ALA A 40 -3.59 -10.65 -2.89
CA ALA A 40 -2.32 -10.01 -2.55
C ALA A 40 -1.68 -10.68 -1.33
N ALA A 41 -2.52 -11.11 -0.39
CA ALA A 41 -2.03 -11.80 0.80
C ALA A 41 -1.46 -13.17 0.43
N SER A 42 -2.13 -13.85 -0.51
CA SER A 42 -1.71 -15.20 -0.91
C SER A 42 -0.31 -15.18 -1.53
N ARG A 43 -0.10 -14.28 -2.48
CA ARG A 43 1.21 -14.15 -3.12
C ARG A 43 2.22 -13.44 -2.20
N LEU A 44 1.70 -12.66 -1.24
CA LEU A 44 2.53 -12.13 -0.15
C LEU A 44 3.10 -13.28 0.70
N SER A 45 2.34 -14.37 0.81
CA SER A 45 2.79 -15.53 1.58
C SER A 45 3.82 -16.36 0.81
N SER A 46 3.92 -16.14 -0.51
CA SER A 46 4.85 -16.92 -1.34
C SER A 46 6.30 -16.67 -0.92
N PRO A 47 7.18 -17.63 -1.13
CA PRO A 47 8.61 -17.50 -0.73
C PRO A 47 9.29 -16.29 -1.37
N ALA A 48 8.82 -15.91 -2.56
CA ALA A 48 9.35 -14.74 -3.26
C ALA A 48 9.08 -13.46 -2.46
N ALA A 49 7.88 -13.37 -1.89
CA ALA A 49 7.51 -12.21 -1.10
C ALA A 49 8.35 -12.12 0.17
N SER A 50 8.53 -13.26 0.84
CA SER A 50 9.29 -13.28 2.11
C SER A 50 10.72 -12.79 1.90
N SER A 51 11.33 -13.21 0.79
CA SER A 51 12.70 -12.80 0.47
C SER A 51 12.79 -11.28 0.28
N ARG A 52 11.80 -10.71 -0.40
CA ARG A 52 11.74 -9.27 -0.61
C ARG A 52 11.60 -8.53 0.72
N VAL A 53 10.87 -9.12 1.66
CA VAL A 53 10.70 -8.53 3.00
C VAL A 53 12.07 -8.40 3.68
N SER A 54 12.87 -9.47 3.61
CA SER A 54 14.20 -9.46 4.23
C SER A 54 15.06 -8.34 3.64
N SER A 55 15.01 -8.20 2.33
CA SER A 55 15.77 -7.15 1.64
C SER A 55 15.32 -5.76 2.11
N ALA A 56 14.01 -5.62 2.34
CA ALA A 56 13.46 -4.37 2.86
C ALA A 56 14.01 -4.06 4.25
N VAL A 57 14.25 -5.11 5.03
CA VAL A 57 14.80 -4.95 6.38
C VAL A 57 16.20 -4.32 6.32
N SER A 58 17.08 -4.92 5.52
CA SER A 58 18.46 -4.44 5.41
C SER A 58 18.51 -3.01 4.90
N SER A 59 17.63 -2.70 3.94
CA SER A 59 17.63 -1.36 3.32
C SER A 59 17.26 -0.29 4.34
N LEU A 60 16.14 -0.51 5.04
CA LEU A 60 15.66 0.48 6.01
C LEU A 60 16.62 0.61 7.20
N VAL A 61 17.15 -0.52 7.64
CA VAL A 61 18.03 -0.55 8.81
C VAL A 61 19.33 0.20 8.55
N SER A 62 19.96 -0.07 7.41
CA SER A 62 21.27 0.51 7.10
C SER A 62 21.14 1.99 6.76
N SER A 63 20.13 2.33 5.96
CA SER A 63 19.95 3.72 5.54
C SER A 63 19.40 4.58 6.66
N GLY A 64 18.49 4.00 7.45
CA GLY A 64 17.83 4.73 8.54
C GLY A 64 16.35 4.37 8.61
N PRO A 65 15.93 3.66 9.65
CA PRO A 65 14.49 3.27 9.83
C PRO A 65 13.48 4.38 9.47
N THR A 66 13.86 5.64 9.71
CA THR A 66 12.94 6.76 9.53
C THR A 66 13.55 7.86 8.65
N ASN A 67 14.37 7.46 7.69
CA ASN A 67 14.98 8.42 6.77
C ASN A 67 14.15 8.54 5.49
N GLN A 68 13.99 9.77 5.00
CA GLN A 68 13.24 10.01 3.76
C GLN A 68 13.92 9.31 2.58
N ALA A 69 15.24 9.43 2.51
CA ALA A 69 16.01 8.83 1.43
C ALA A 69 15.95 7.30 1.50
N ALA A 70 15.94 6.77 2.72
CA ALA A 70 15.89 5.32 2.90
C ALA A 70 14.57 4.75 2.41
N LEU A 71 13.47 5.45 2.72
CA LEU A 71 12.14 5.00 2.30
C LEU A 71 12.03 4.99 0.77
N SER A 72 12.58 6.02 0.12
CA SER A 72 12.54 6.11 -1.33
C SER A 72 13.28 4.93 -1.98
N ASN A 73 14.44 4.59 -1.42
CA ASN A 73 15.26 3.51 -1.97
C ASN A 73 14.54 2.17 -1.87
N THR A 74 13.94 1.90 -0.71
CA THR A 74 13.28 0.62 -0.48
C THR A 74 12.07 0.44 -1.40
N ILE A 75 11.24 1.47 -1.48
CA ILE A 75 10.00 1.39 -2.28
C ILE A 75 10.33 1.17 -3.76
N SER A 76 11.29 1.94 -4.28
CA SER A 76 11.65 1.85 -5.69
C SER A 76 12.17 0.46 -6.04
N SER A 77 13.12 -0.03 -5.23
CA SER A 77 13.73 -1.33 -5.48
C SER A 77 12.70 -2.45 -5.38
N VAL A 78 11.88 -2.42 -4.34
CA VAL A 78 10.91 -3.48 -4.09
C VAL A 78 9.87 -3.53 -5.22
N VAL A 79 9.37 -2.36 -5.63
CA VAL A 79 8.36 -2.29 -6.68
C VAL A 79 8.88 -2.92 -7.97
N SER A 80 10.14 -2.65 -8.30
CA SER A 80 10.75 -3.20 -9.51
C SER A 80 10.79 -4.72 -9.45
N GLN A 81 11.35 -5.25 -8.38
CA GLN A 81 11.53 -6.71 -8.24
C GLN A 81 10.19 -7.43 -8.17
N VAL A 82 9.22 -6.84 -7.46
CA VAL A 82 7.89 -7.46 -7.33
C VAL A 82 7.21 -7.55 -8.69
N SER A 83 7.42 -6.54 -9.53
CA SER A 83 6.92 -6.57 -10.91
C SER A 83 7.61 -7.68 -11.71
N ALA A 84 8.90 -7.89 -11.45
CA ALA A 84 9.67 -8.90 -12.17
C ALA A 84 9.10 -10.30 -11.97
N SER A 85 8.69 -10.58 -10.73
CA SER A 85 8.05 -11.86 -10.43
C SER A 85 6.63 -11.90 -11.01
N ASN A 86 5.95 -10.76 -10.95
CA ASN A 86 4.55 -10.68 -11.37
C ASN A 86 4.40 -9.80 -12.63
N PRO A 87 4.88 -10.27 -13.77
CA PRO A 87 4.59 -9.59 -15.07
C PRO A 87 3.19 -9.90 -15.59
N GLY A 88 2.74 -11.13 -15.35
CA GLY A 88 1.41 -11.55 -15.79
C GLY A 88 0.30 -10.77 -15.09
N LEU A 89 0.58 -10.31 -13.86
CA LEU A 89 -0.42 -9.60 -13.07
C LEU A 89 -0.59 -8.18 -13.57
N SER A 90 -1.76 -7.59 -13.28
CA SER A 90 -2.07 -6.24 -13.75
C SER A 90 -1.20 -5.21 -13.04
N GLY A 91 -1.13 -4.01 -13.60
CA GLY A 91 -0.31 -2.93 -13.04
C GLY A 91 -0.73 -2.60 -11.61
N CYS A 92 -2.04 -2.61 -11.36
CA CYS A 92 -2.55 -2.31 -10.02
C CYS A 92 -2.13 -3.38 -9.03
N ASP A 93 -2.10 -4.64 -9.49
CA ASP A 93 -1.66 -5.74 -8.63
C ASP A 93 -0.21 -5.54 -8.18
N VAL A 94 0.63 -5.03 -9.08
CA VAL A 94 2.03 -4.77 -8.75
C VAL A 94 2.13 -3.73 -7.63
N LEU A 95 1.34 -2.65 -7.75
CA LEU A 95 1.35 -1.58 -6.74
C LEU A 95 0.89 -2.10 -5.39
N VAL A 96 -0.14 -2.94 -5.38
CA VAL A 96 -0.66 -3.51 -4.14
C VAL A 96 0.42 -4.33 -3.44
N GLN A 97 1.11 -5.17 -4.21
CA GLN A 97 2.08 -6.09 -3.64
C GLN A 97 3.24 -5.33 -2.99
N ALA A 98 3.72 -4.29 -3.67
CA ALA A 98 4.83 -3.50 -3.15
C ALA A 98 4.46 -2.80 -1.85
N LEU A 99 3.26 -2.21 -1.82
CA LEU A 99 2.87 -1.37 -0.69
C LEU A 99 2.71 -2.19 0.58
N LEU A 100 1.95 -3.28 0.52
CA LEU A 100 1.66 -4.07 1.73
C LEU A 100 2.91 -4.82 2.18
N GLU A 101 3.78 -5.19 1.23
CA GLU A 101 5.04 -5.83 1.57
C GLU A 101 5.94 -4.86 2.35
N VAL A 102 5.81 -3.55 2.06
CA VAL A 102 6.50 -2.53 2.85
C VAL A 102 5.91 -2.48 4.27
N VAL A 103 4.60 -2.69 4.37
CA VAL A 103 3.93 -2.72 5.68
C VAL A 103 4.52 -3.85 6.54
N SER A 104 4.74 -5.02 5.92
CA SER A 104 5.27 -6.17 6.65
C SER A 104 6.70 -5.92 7.11
N ALA A 105 7.50 -5.27 6.26
CA ALA A 105 8.88 -4.95 6.62
C ALA A 105 8.92 -4.03 7.84
N LEU A 106 8.02 -3.03 7.84
CA LEU A 106 7.94 -2.09 8.96
C LEU A 106 7.49 -2.79 10.24
N VAL A 107 6.59 -3.78 10.11
CA VAL A 107 6.16 -4.57 11.26
C VAL A 107 7.37 -5.29 11.89
N SER A 108 8.24 -5.82 11.03
CA SER A 108 9.44 -6.52 11.50
C SER A 108 10.34 -5.58 12.31
N ILE A 109 10.47 -4.34 11.83
CA ILE A 109 11.28 -3.34 12.53
C ILE A 109 10.67 -3.01 13.89
N LEU A 110 9.35 -2.91 13.95
CA LEU A 110 8.65 -2.55 15.18
C LEU A 110 8.89 -3.61 16.27
N GLY A 111 8.75 -4.88 15.89
CA GLY A 111 8.88 -5.97 16.85
C GLY A 111 10.32 -6.09 17.35
N SER A 112 11.28 -5.91 16.45
CA SER A 112 12.69 -5.96 16.82
C SER A 112 13.11 -4.72 17.60
N SER A 113 12.42 -3.61 17.37
CA SER A 113 12.78 -2.33 17.98
C SER A 113 11.98 -2.10 19.26
N SER A 114 12.42 -1.14 20.05
CA SER A 114 11.76 -0.82 21.32
C SER A 114 10.84 0.39 21.14
N ILE A 115 9.66 0.33 21.76
CA ILE A 115 8.68 1.41 21.65
C ILE A 115 8.80 2.36 22.84
N GLY A 116 9.00 3.64 22.55
CA GLY A 116 9.11 4.66 23.59
C GLY A 116 7.81 5.47 23.68
N GLN A 117 7.93 6.78 23.46
CA GLN A 117 6.76 7.66 23.48
C GLN A 117 6.34 8.01 22.06
N ILE A 118 5.04 7.85 21.77
CA ILE A 118 4.53 8.12 20.43
C ILE A 118 4.35 9.63 20.23
N ASN A 119 4.87 10.13 19.11
CA ASN A 119 4.66 11.52 18.73
C ASN A 119 3.43 11.63 17.84
N TYR A 120 2.27 11.77 18.46
CA TYR A 120 1.00 11.65 17.76
C TYR A 120 0.82 12.78 16.73
N GLY A 121 1.25 13.98 17.10
CA GLY A 121 1.07 15.15 16.23
C GLY A 121 1.87 15.02 14.94
N ALA A 122 3.05 14.42 15.03
CA ALA A 122 3.95 14.29 13.88
C ALA A 122 3.53 13.16 12.94
N SER A 123 2.46 12.42 13.28
CA SER A 123 2.02 11.29 12.45
C SER A 123 1.70 11.75 11.02
N ALA A 124 1.15 12.96 10.91
CA ALA A 124 0.83 13.52 9.59
C ALA A 124 2.11 13.77 8.78
N GLN A 125 3.17 14.18 9.47
CA GLN A 125 4.44 14.45 8.80
C GLN A 125 5.03 13.18 8.19
N TYR A 126 4.98 12.09 8.94
CA TYR A 126 5.45 10.80 8.45
C TYR A 126 4.62 10.32 7.27
N THR A 127 3.32 10.67 7.28
CA THR A 127 2.45 10.38 6.14
C THR A 127 2.97 11.07 4.88
N GLN A 128 3.45 12.31 5.04
CA GLN A 128 4.05 13.04 3.93
C GLN A 128 5.32 12.36 3.42
N MET A 129 6.05 11.73 4.34
CA MET A 129 7.29 11.03 3.97
C MET A 129 7.00 9.89 3.00
N VAL A 130 6.00 9.07 3.33
CA VAL A 130 5.66 7.92 2.48
C VAL A 130 5.12 8.38 1.13
N GLY A 131 4.21 9.35 1.14
CA GLY A 131 3.66 9.91 -0.10
C GLY A 131 4.76 10.48 -0.99
N GLN A 132 5.73 11.14 -0.37
CA GLN A 132 6.85 11.75 -1.11
C GLN A 132 7.68 10.67 -1.79
N SER A 133 7.99 9.60 -1.07
CA SER A 133 8.84 8.54 -1.61
C SER A 133 8.19 7.86 -2.81
N VAL A 134 6.85 7.75 -2.78
CA VAL A 134 6.12 7.16 -3.90
C VAL A 134 6.26 8.03 -5.16
N ALA A 135 6.02 9.33 -5.01
CA ALA A 135 6.03 10.23 -6.16
C ALA A 135 7.42 10.29 -6.79
N GLN A 136 8.44 10.50 -5.97
CA GLN A 136 9.80 10.63 -6.46
C GLN A 136 10.31 9.31 -7.03
N ALA A 137 9.98 8.20 -6.36
CA ALA A 137 10.51 6.90 -6.73
C ALA A 137 10.03 6.46 -8.11
N LEU A 138 8.74 6.67 -8.39
CA LEU A 138 8.15 6.21 -9.64
C LEU A 138 8.10 7.32 -10.69
N ALA A 139 8.41 8.56 -10.30
CA ALA A 139 8.44 9.68 -11.25
C ALA A 139 9.62 9.56 -12.20
N GLY A 140 10.74 9.06 -11.69
CA GLY A 140 11.94 8.91 -12.51
C GLY A 140 13.14 8.55 -11.64
N MET B 1 18.17 -15.83 -14.57
CA MET B 1 18.98 -14.58 -14.69
C MET B 1 18.16 -13.51 -15.39
N ALA B 2 17.52 -12.65 -14.60
CA ALA B 2 16.70 -11.57 -15.15
C ALA B 2 17.57 -10.55 -15.88
N SER B 3 18.76 -10.30 -15.33
CA SER B 3 19.69 -9.34 -15.94
C SER B 3 21.13 -9.81 -15.77
N MET B 4 21.96 -9.52 -16.77
CA MET B 4 23.37 -9.93 -16.72
C MET B 4 24.11 -9.22 -15.60
N THR B 5 23.76 -7.95 -15.37
CA THR B 5 24.40 -7.16 -14.33
C THR B 5 23.59 -5.88 -14.05
N GLY B 6 22.26 -6.01 -14.11
CA GLY B 6 21.38 -4.87 -13.87
C GLY B 6 20.74 -4.40 -15.18
N GLY B 7 19.49 -3.94 -15.10
CA GLY B 7 18.77 -3.47 -16.28
C GLY B 7 19.05 -2.00 -16.54
N GLN B 8 18.49 -1.48 -17.63
CA GLN B 8 18.67 -0.08 -17.99
C GLN B 8 18.01 0.84 -16.97
N GLN B 9 16.86 0.40 -16.44
CA GLN B 9 16.12 1.19 -15.45
C GLN B 9 16.94 1.35 -14.17
N MET B 10 17.70 0.32 -13.80
CA MET B 10 18.52 0.36 -12.60
C MET B 10 19.93 0.84 -12.93
N GLY B 11 20.75 1.00 -11.90
CA GLY B 11 22.13 1.47 -12.08
C GLY B 11 22.19 2.99 -12.03
N ARG B 12 21.38 3.58 -11.17
CA ARG B 12 21.36 5.04 -11.01
C ARG B 12 21.69 5.43 -9.58
N GLY B 13 22.37 6.56 -9.42
CA GLY B 13 22.75 7.03 -8.08
C GLY B 13 23.51 8.36 -8.17
N SER B 14 24.03 8.81 -7.03
CA SER B 14 24.78 10.07 -6.98
C SER B 14 26.05 9.98 -7.82
N MET B 15 26.68 8.80 -7.82
CA MET B 15 27.90 8.58 -8.60
C MET B 15 27.62 8.69 -10.09
N GLY B 16 26.46 8.23 -10.51
CA GLY B 16 26.07 8.28 -11.93
C GLY B 16 26.66 7.09 -12.68
N ALA B 17 26.59 7.16 -14.01
CA ALA B 17 27.12 6.08 -14.86
C ALA B 17 27.28 6.56 -16.31
N ALA B 18 27.60 7.84 -16.48
CA ALA B 18 27.78 8.40 -17.81
C ALA B 18 29.25 8.68 -18.09
N SER B 19 29.68 8.45 -19.33
CA SER B 19 31.07 8.68 -19.71
C SER B 19 31.41 10.17 -19.66
N ALA B 20 30.43 11.02 -20.00
CA ALA B 20 30.61 12.46 -19.98
C ALA B 20 29.94 13.07 -18.75
N ALA B 21 28.61 12.94 -18.67
CA ALA B 21 27.86 13.46 -17.55
C ALA B 21 26.46 12.84 -17.51
N VAL B 22 25.73 12.99 -18.62
CA VAL B 22 24.38 12.42 -18.71
C VAL B 22 24.19 11.74 -20.07
N SER B 23 23.49 10.59 -20.06
CA SER B 23 23.24 9.85 -21.30
C SER B 23 21.74 9.68 -21.52
N VAL B 24 21.32 9.77 -22.78
CA VAL B 24 19.91 9.60 -23.13
C VAL B 24 19.77 8.80 -24.43
N GLY B 25 18.80 7.89 -24.45
CA GLY B 25 18.56 7.07 -25.65
C GLY B 25 17.34 7.58 -26.41
N GLY B 26 16.15 7.22 -25.90
CA GLY B 26 14.90 7.66 -26.54
C GLY B 26 14.41 8.96 -25.93
N TYR B 27 13.19 9.36 -26.29
CA TYR B 27 12.59 10.59 -25.77
C TYR B 27 11.44 10.26 -24.84
N GLY B 28 11.35 10.98 -23.72
CA GLY B 28 10.28 10.74 -22.75
C GLY B 28 10.52 9.44 -21.98
N PRO B 29 11.06 9.51 -20.78
CA PRO B 29 11.35 8.28 -19.96
C PRO B 29 10.14 7.37 -19.82
N GLN B 30 10.35 6.07 -20.01
CA GLN B 30 9.26 5.09 -19.93
C GLN B 30 9.47 4.15 -18.75
N SER B 31 8.37 3.79 -18.09
CA SER B 31 8.42 2.88 -16.94
C SER B 31 7.27 1.88 -17.01
N SER B 32 7.46 0.72 -16.38
CA SER B 32 6.42 -0.32 -16.38
C SER B 32 5.19 0.15 -15.58
N SER B 33 5.44 0.90 -14.52
CA SER B 33 4.35 1.43 -13.70
C SER B 33 4.79 2.71 -12.99
N ALA B 34 3.81 3.55 -12.62
CA ALA B 34 4.11 4.80 -11.94
C ALA B 34 2.82 5.58 -11.60
N PRO B 35 2.03 5.95 -12.60
CA PRO B 35 0.90 6.91 -12.37
C PRO B 35 -0.10 6.40 -11.34
N VAL B 36 -0.17 5.08 -11.16
CA VAL B 36 -1.05 4.50 -10.14
C VAL B 36 -0.58 4.92 -8.74
N ALA B 37 0.72 4.78 -8.48
CA ALA B 37 1.28 5.14 -7.18
C ALA B 37 1.21 6.65 -6.97
N SER B 38 1.44 7.42 -8.04
CA SER B 38 1.44 8.88 -7.93
C SER B 38 0.07 9.40 -7.53
N ALA B 39 -0.99 8.80 -8.09
CA ALA B 39 -2.35 9.18 -7.74
C ALA B 39 -2.65 8.83 -6.29
N ALA B 40 -2.21 7.64 -5.87
CA ALA B 40 -2.40 7.20 -4.48
C ALA B 40 -1.66 8.12 -3.51
N ALA B 41 -0.49 8.61 -3.93
CA ALA B 41 0.28 9.54 -3.11
C ALA B 41 -0.44 10.88 -2.99
N SER B 42 -1.06 11.32 -4.09
CA SER B 42 -1.73 12.62 -4.11
C SER B 42 -2.89 12.65 -3.11
N ARG B 43 -3.75 11.63 -3.17
CA ARG B 43 -4.88 11.54 -2.24
C ARG B 43 -4.42 11.09 -0.85
N LEU B 44 -3.25 10.43 -0.78
CA LEU B 44 -2.59 10.17 0.50
C LEU B 44 -2.21 11.50 1.19
N SER B 45 -1.88 12.51 0.37
CA SER B 45 -1.51 13.82 0.91
C SER B 45 -2.74 14.61 1.38
N SER B 46 -3.94 14.20 0.94
CA SER B 46 -5.16 14.91 1.30
C SER B 46 -5.39 14.89 2.81
N PRO B 47 -6.07 15.89 3.35
CA PRO B 47 -6.32 15.97 4.83
C PRO B 47 -7.06 14.74 5.35
N ALA B 48 -7.89 14.13 4.50
CA ALA B 48 -8.63 12.93 4.87
C ALA B 48 -7.66 11.78 5.18
N ALA B 49 -6.61 11.66 4.36
CA ALA B 49 -5.63 10.60 4.54
C ALA B 49 -4.85 10.80 5.85
N SER B 50 -4.44 12.06 6.11
CA SER B 50 -3.66 12.37 7.30
C SER B 50 -4.41 11.99 8.57
N SER B 51 -5.72 12.29 8.58
CA SER B 51 -6.55 11.97 9.75
C SER B 51 -6.60 10.47 9.99
N ARG B 52 -6.72 9.70 8.91
CA ARG B 52 -6.74 8.24 9.01
C ARG B 52 -5.42 7.71 9.56
N VAL B 53 -4.32 8.38 9.20
CA VAL B 53 -2.99 7.99 9.71
C VAL B 53 -2.96 8.13 11.24
N SER B 54 -3.49 9.25 11.75
CA SER B 54 -3.52 9.47 13.20
C SER B 54 -4.29 8.37 13.91
N SER B 55 -5.44 8.00 13.33
CA SER B 55 -6.27 6.94 13.90
C SER B 55 -5.51 5.62 13.92
N ALA B 56 -4.72 5.38 12.87
CA ALA B 56 -3.89 4.17 12.79
C ALA B 56 -2.86 4.15 13.92
N VAL B 57 -2.37 5.34 14.29
CA VAL B 57 -1.39 5.46 15.38
C VAL B 57 -1.99 4.97 16.70
N SER B 58 -3.16 5.52 17.05
CA SER B 58 -3.79 5.18 18.32
C SER B 58 -4.13 3.69 18.38
N SER B 59 -4.58 3.13 17.25
CA SER B 59 -4.99 1.73 17.20
C SER B 59 -3.80 0.80 17.48
N LEU B 60 -2.71 1.01 16.74
CA LEU B 60 -1.53 0.16 16.87
C LEU B 60 -0.89 0.32 18.25
N VAL B 61 -0.83 1.56 18.73
CA VAL B 61 -0.17 1.87 19.99
C VAL B 61 -0.90 1.21 21.17
N SER B 62 -2.23 1.36 21.21
CA SER B 62 -3.01 0.88 22.34
C SER B 62 -3.11 -0.64 22.33
N SER B 63 -3.35 -1.21 21.16
CA SER B 63 -3.51 -2.66 21.03
C SER B 63 -2.16 -3.37 21.15
N GLY B 64 -1.13 -2.77 20.57
CA GLY B 64 0.21 -3.38 20.57
C GLY B 64 0.89 -3.17 19.21
N PRO B 65 1.93 -2.34 19.15
CA PRO B 65 2.67 -2.08 17.88
C PRO B 65 2.91 -3.34 17.02
N THR B 66 3.08 -4.49 17.66
CA THR B 66 3.44 -5.72 16.94
C THR B 66 2.50 -6.87 17.29
N ASN B 67 1.24 -6.56 17.56
CA ASN B 67 0.25 -7.58 17.88
C ASN B 67 -0.51 -7.99 16.62
N GLN B 68 -0.75 -9.30 16.47
CA GLN B 68 -1.52 -9.81 15.32
C GLN B 68 -2.93 -9.24 15.32
N ALA B 69 -3.56 -9.24 16.50
CA ALA B 69 -4.93 -8.74 16.63
C ALA B 69 -4.99 -7.25 16.36
N ALA B 70 -3.96 -6.52 16.77
CA ALA B 70 -3.92 -5.08 16.57
C ALA B 70 -3.83 -4.74 15.09
N LEU B 71 -3.00 -5.49 14.35
CA LEU B 71 -2.85 -5.25 12.92
C LEU B 71 -4.16 -5.50 12.18
N SER B 72 -4.88 -6.55 12.57
CA SER B 72 -6.15 -6.88 11.93
C SER B 72 -7.17 -5.76 12.13
N ASN B 73 -7.21 -5.22 13.34
CA ASN B 73 -8.18 -4.16 13.67
C ASN B 73 -7.92 -2.90 12.84
N THR B 74 -6.64 -2.51 12.75
CA THR B 74 -6.28 -1.28 12.05
C THR B 74 -6.59 -1.38 10.56
N ILE B 75 -6.19 -2.49 9.95
CA ILE B 75 -6.38 -2.67 8.50
C ILE B 75 -7.86 -2.67 8.15
N SER B 76 -8.67 -3.42 8.90
CA SER B 76 -10.09 -3.52 8.62
C SER B 76 -10.77 -2.15 8.71
N SER B 77 -10.51 -1.44 9.82
CA SER B 77 -11.14 -0.14 10.05
C SER B 77 -10.73 0.87 8.98
N VAL B 78 -9.43 0.93 8.70
CA VAL B 78 -8.89 1.91 7.75
C VAL B 78 -9.45 1.66 6.34
N VAL B 79 -9.47 0.39 5.92
CA VAL B 79 -9.96 0.06 4.57
C VAL B 79 -11.42 0.51 4.40
N SER B 80 -12.23 0.31 5.43
CA SER B 80 -13.64 0.72 5.40
C SER B 80 -13.75 2.24 5.19
N GLN B 81 -13.10 3.00 6.07
CA GLN B 81 -13.20 4.45 6.05
C GLN B 81 -12.62 5.04 4.75
N VAL B 82 -11.50 4.48 4.28
CA VAL B 82 -10.87 4.97 3.05
C VAL B 82 -11.80 4.76 1.86
N SER B 83 -12.55 3.66 1.87
CA SER B 83 -13.56 3.41 0.84
C SER B 83 -14.70 4.44 0.93
N ALA B 84 -15.03 4.82 2.16
CA ALA B 84 -16.13 5.78 2.39
C ALA B 84 -15.83 7.12 1.73
N SER B 85 -14.58 7.56 1.83
CA SER B 85 -14.16 8.80 1.17
C SER B 85 -14.06 8.60 -0.33
N ASN B 86 -13.61 7.41 -0.73
CA ASN B 86 -13.36 7.12 -2.15
C ASN B 86 -14.32 6.04 -2.66
N PRO B 87 -15.59 6.37 -2.80
CA PRO B 87 -16.56 5.46 -3.49
C PRO B 87 -16.44 5.54 -5.01
N GLY B 88 -16.16 6.74 -5.51
CA GLY B 88 -16.01 6.95 -6.96
C GLY B 88 -14.82 6.17 -7.51
N LEU B 89 -13.80 5.95 -6.68
CA LEU B 89 -12.58 5.28 -7.13
C LEU B 89 -12.80 3.77 -7.25
N SER B 90 -11.98 3.13 -8.08
CA SER B 90 -12.13 1.70 -8.33
C SER B 90 -11.76 0.90 -7.08
N GLY B 91 -12.17 -0.38 -7.07
CA GLY B 91 -11.92 -1.25 -5.92
C GLY B 91 -10.43 -1.39 -5.65
N CYS B 92 -9.63 -1.46 -6.71
CA CYS B 92 -8.19 -1.60 -6.56
C CYS B 92 -7.58 -0.35 -5.95
N ASP B 93 -8.13 0.82 -6.31
CA ASP B 93 -7.68 2.09 -5.74
C ASP B 93 -7.88 2.12 -4.23
N VAL B 94 -9.00 1.55 -3.77
CA VAL B 94 -9.30 1.50 -2.34
C VAL B 94 -8.24 0.66 -1.61
N LEU B 95 -7.88 -0.48 -2.19
CA LEU B 95 -6.89 -1.38 -1.58
C LEU B 95 -5.53 -0.70 -1.50
N VAL B 96 -5.15 0.02 -2.58
CA VAL B 96 -3.87 0.73 -2.61
C VAL B 96 -3.80 1.76 -1.49
N GLN B 97 -4.88 2.53 -1.33
CA GLN B 97 -4.89 3.63 -0.38
C GLN B 97 -4.75 3.11 1.06
N ALA B 98 -5.45 2.03 1.37
CA ALA B 98 -5.41 1.46 2.71
C ALA B 98 -4.00 0.94 3.04
N LEU B 99 -3.39 0.24 2.08
CA LEU B 99 -2.12 -0.43 2.33
C LEU B 99 -1.00 0.56 2.60
N LEU B 100 -0.82 1.53 1.70
CA LEU B 100 0.29 2.48 1.84
C LEU B 100 0.07 3.43 3.02
N GLU B 101 -1.19 3.71 3.33
CA GLU B 101 -1.51 4.52 4.51
C GLU B 101 -1.11 3.79 5.79
N VAL B 102 -1.16 2.46 5.77
CA VAL B 102 -0.66 1.65 6.88
C VAL B 102 0.87 1.77 6.95
N VAL B 103 1.51 1.87 5.79
CA VAL B 103 2.97 2.04 5.73
C VAL B 103 3.37 3.35 6.43
N SER B 104 2.60 4.41 6.19
CA SER B 104 2.89 5.72 6.77
C SER B 104 2.70 5.69 8.29
N ALA B 105 1.66 5.00 8.76
CA ALA B 105 1.41 4.89 10.19
C ALA B 105 2.59 4.18 10.87
N LEU B 106 3.09 3.12 10.24
CA LEU B 106 4.21 2.37 10.79
C LEU B 106 5.48 3.22 10.81
N VAL B 107 5.65 4.07 9.80
CA VAL B 107 6.79 5.00 9.76
C VAL B 107 6.75 5.93 10.98
N SER B 108 5.54 6.40 11.32
CA SER B 108 5.37 7.28 12.47
C SER B 108 5.80 6.59 13.77
N ILE B 109 5.44 5.31 13.88
CA ILE B 109 5.80 4.52 15.06
C ILE B 109 7.32 4.35 15.15
N LEU B 110 7.96 4.13 14.00
CA LEU B 110 9.40 3.92 13.95
C LEU B 110 10.17 5.15 14.45
N GLY B 111 9.76 6.32 13.96
CA GLY B 111 10.44 7.56 14.31
C GLY B 111 10.26 7.91 15.78
N SER B 112 9.05 7.68 16.29
CA SER B 112 8.75 7.94 17.70
C SER B 112 9.40 6.89 18.60
N SER B 113 9.60 5.68 18.06
CA SER B 113 10.13 4.59 18.85
C SER B 113 11.64 4.48 18.71
N SER B 114 12.26 3.70 19.60
CA SER B 114 13.71 3.52 19.58
C SER B 114 14.08 2.22 18.88
N ILE B 115 15.15 2.26 18.09
CA ILE B 115 15.58 1.08 17.34
C ILE B 115 16.69 0.36 18.09
N GLY B 116 16.47 -0.93 18.36
CA GLY B 116 17.46 -1.75 19.06
C GLY B 116 18.19 -2.66 18.08
N GLN B 117 18.09 -3.97 18.31
CA GLN B 117 18.71 -4.95 17.42
C GLN B 117 17.65 -5.57 16.49
N ILE B 118 17.95 -5.58 15.19
CA ILE B 118 17.01 -6.12 14.21
C ILE B 118 17.05 -7.66 14.22
N ASN B 119 15.88 -8.28 14.30
CA ASN B 119 15.78 -9.73 14.18
C ASN B 119 15.52 -10.11 12.72
N TYR B 120 16.61 -10.27 11.97
CA TYR B 120 16.52 -10.40 10.51
C TYR B 120 15.80 -11.68 10.11
N GLY B 121 16.07 -12.76 10.85
CA GLY B 121 15.49 -14.07 10.52
C GLY B 121 13.96 -14.07 10.67
N ALA B 122 13.48 -13.33 11.66
CA ALA B 122 12.04 -13.31 11.96
C ALA B 122 11.26 -12.41 11.00
N SER B 123 11.95 -11.73 10.07
CA SER B 123 11.30 -10.81 9.15
C SER B 123 10.21 -11.51 8.34
N ALA B 124 10.46 -12.78 8.00
CA ALA B 124 9.49 -13.58 7.25
C ALA B 124 8.24 -13.82 8.09
N GLN B 125 8.42 -14.00 9.40
CA GLN B 125 7.30 -14.26 10.31
C GLN B 125 6.36 -13.04 10.35
N TYR B 126 6.96 -11.86 10.45
CA TYR B 126 6.17 -10.62 10.46
C TYR B 126 5.44 -10.42 9.13
N THR B 127 6.04 -10.91 8.05
CA THR B 127 5.38 -10.90 6.74
C THR B 127 4.09 -11.72 6.79
N GLN B 128 4.16 -12.86 7.49
CA GLN B 128 2.97 -13.71 7.67
C GLN B 128 1.90 -12.99 8.49
N MET B 129 2.33 -12.14 9.43
CA MET B 129 1.39 -11.39 10.26
C MET B 129 0.53 -10.46 9.40
N VAL B 130 1.18 -9.71 8.52
CA VAL B 130 0.45 -8.75 7.68
C VAL B 130 -0.48 -9.48 6.70
N GLY B 131 0.04 -10.52 6.05
CA GLY B 131 -0.77 -11.33 5.13
C GLY B 131 -1.99 -11.91 5.84
N GLN B 132 -1.79 -12.37 7.08
CA GLN B 132 -2.88 -12.97 7.86
C GLN B 132 -3.97 -11.95 8.14
N SER B 133 -3.57 -10.74 8.55
CA SER B 133 -4.53 -9.70 8.90
C SER B 133 -5.39 -9.30 7.70
N VAL B 134 -4.79 -9.32 6.52
CA VAL B 134 -5.53 -9.00 5.29
C VAL B 134 -6.62 -10.04 5.04
N ALA B 135 -6.25 -11.31 5.09
CA ALA B 135 -7.19 -12.39 4.77
C ALA B 135 -8.36 -12.41 5.75
N GLN B 136 -8.03 -12.38 7.05
CA GLN B 136 -9.07 -12.45 8.08
C GLN B 136 -9.94 -11.19 8.08
N ALA B 137 -9.31 -10.04 7.87
CA ALA B 137 -10.00 -8.75 7.99
C ALA B 137 -11.08 -8.61 6.91
N LEU B 138 -10.73 -8.98 5.68
CA LEU B 138 -11.65 -8.79 4.55
C LEU B 138 -12.45 -10.07 4.25
N ALA B 139 -12.11 -11.19 4.89
CA ALA B 139 -12.84 -12.43 4.69
C ALA B 139 -14.23 -12.35 5.33
N GLY B 140 -14.31 -11.66 6.47
CA GLY B 140 -15.59 -11.52 7.18
C GLY B 140 -16.40 -10.38 6.59
N MET A 1 -47.12 -33.35 4.30
CA MET A 1 -47.28 -33.93 5.67
C MET A 1 -46.81 -32.92 6.70
N ALA A 2 -47.77 -32.19 7.29
CA ALA A 2 -47.46 -31.15 8.28
C ALA A 2 -46.73 -29.98 7.62
N SER A 3 -45.49 -30.22 7.21
CA SER A 3 -44.68 -29.17 6.58
C SER A 3 -43.82 -29.75 5.46
N MET A 4 -43.34 -28.87 4.58
CA MET A 4 -42.51 -29.30 3.46
C MET A 4 -41.13 -28.65 3.53
N THR A 5 -40.12 -29.32 2.98
CA THR A 5 -38.76 -28.80 2.98
C THR A 5 -38.11 -28.98 1.61
N GLY A 6 -37.08 -28.19 1.33
CA GLY A 6 -36.38 -28.26 0.07
C GLY A 6 -35.32 -27.16 -0.05
N GLY A 7 -34.59 -26.93 1.03
CA GLY A 7 -33.55 -25.91 1.05
C GLY A 7 -32.66 -26.04 2.29
N GLN A 8 -31.74 -25.10 2.45
CA GLN A 8 -30.81 -25.11 3.59
C GLN A 8 -29.92 -26.35 3.56
N GLN A 9 -28.71 -26.23 4.10
CA GLN A 9 -27.77 -27.35 4.13
C GLN A 9 -27.87 -28.08 5.47
N MET A 10 -28.23 -29.36 5.42
CA MET A 10 -28.35 -30.18 6.62
C MET A 10 -27.17 -31.14 6.74
N GLY A 11 -26.53 -31.14 7.91
CA GLY A 11 -25.39 -32.01 8.16
C GLY A 11 -24.19 -31.61 7.31
N ARG A 12 -23.60 -32.57 6.60
CA ARG A 12 -22.45 -32.32 5.75
C ARG A 12 -22.66 -32.93 4.37
N GLY A 13 -22.39 -32.15 3.33
CA GLY A 13 -22.55 -32.63 1.96
C GLY A 13 -23.13 -31.54 1.06
N SER A 14 -23.32 -31.87 -0.21
CA SER A 14 -23.89 -30.91 -1.17
C SER A 14 -24.79 -31.62 -2.16
N MET A 15 -25.73 -30.87 -2.75
CA MET A 15 -26.66 -31.43 -3.72
C MET A 15 -26.85 -30.47 -4.90
N GLY A 16 -27.01 -31.03 -6.10
CA GLY A 16 -27.20 -30.21 -7.29
C GLY A 16 -27.87 -31.02 -8.41
N ALA A 17 -28.78 -31.91 -8.02
CA ALA A 17 -29.48 -32.75 -8.99
C ALA A 17 -30.39 -31.90 -9.88
N ALA A 18 -31.04 -30.90 -9.28
CA ALA A 18 -31.93 -30.02 -10.02
C ALA A 18 -31.38 -28.59 -10.04
N SER A 19 -31.35 -27.95 -8.86
CA SER A 19 -30.84 -26.60 -8.75
C SER A 19 -30.29 -26.34 -7.34
N ALA A 20 -29.47 -25.30 -7.21
CA ALA A 20 -28.88 -24.95 -5.92
C ALA A 20 -28.23 -23.57 -5.99
N ALA A 21 -29.03 -22.53 -5.75
CA ALA A 21 -28.53 -21.16 -5.76
C ALA A 21 -29.58 -20.19 -5.23
N VAL A 22 -29.27 -19.58 -4.08
CA VAL A 22 -30.20 -18.62 -3.47
C VAL A 22 -29.51 -17.26 -3.31
N SER A 23 -30.19 -16.20 -3.78
CA SER A 23 -29.65 -14.85 -3.69
C SER A 23 -30.73 -13.87 -3.22
N VAL A 24 -30.30 -12.83 -2.50
CA VAL A 24 -31.23 -11.82 -2.01
C VAL A 24 -30.84 -10.45 -2.54
N GLY A 25 -31.82 -9.72 -3.08
CA GLY A 25 -31.58 -8.39 -3.63
C GLY A 25 -30.93 -8.47 -5.00
N GLY A 26 -30.42 -7.34 -5.48
CA GLY A 26 -29.75 -7.30 -6.78
C GLY A 26 -28.75 -6.15 -6.85
N TYR A 27 -28.11 -5.86 -5.72
CA TYR A 27 -27.13 -4.79 -5.65
C TYR A 27 -26.14 -5.04 -4.52
N GLY A 28 -25.17 -5.92 -4.75
CA GLY A 28 -24.16 -6.25 -3.75
C GLY A 28 -23.24 -5.06 -3.51
N PRO A 29 -23.26 -4.46 -2.34
CA PRO A 29 -22.36 -3.30 -2.02
C PRO A 29 -20.93 -3.75 -1.75
N GLN A 30 -19.98 -2.86 -2.05
CA GLN A 30 -18.55 -3.15 -1.83
C GLN A 30 -18.12 -4.37 -2.64
N SER A 31 -18.49 -4.38 -3.92
CA SER A 31 -18.15 -5.49 -4.80
C SER A 31 -16.73 -5.33 -5.36
N SER A 32 -15.99 -6.44 -5.44
CA SER A 32 -14.63 -6.42 -5.95
C SER A 32 -13.73 -5.51 -5.11
N SER A 33 -13.29 -6.02 -3.96
CA SER A 33 -12.42 -5.24 -3.08
C SER A 33 -11.75 -6.16 -2.06
N ALA A 34 -12.56 -7.00 -1.40
CA ALA A 34 -12.03 -7.93 -0.40
C ALA A 34 -11.11 -8.98 -1.03
N PRO A 35 -11.60 -9.77 -1.97
CA PRO A 35 -10.78 -10.84 -2.61
C PRO A 35 -9.50 -10.30 -3.24
N VAL A 36 -9.48 -9.00 -3.54
CA VAL A 36 -8.27 -8.36 -4.08
C VAL A 36 -7.14 -8.41 -3.06
N ALA A 37 -7.45 -7.99 -1.83
CA ALA A 37 -6.45 -8.00 -0.75
C ALA A 37 -6.06 -9.43 -0.39
N SER A 38 -7.03 -10.35 -0.43
CA SER A 38 -6.78 -11.74 -0.10
C SER A 38 -5.78 -12.37 -1.06
N ALA A 39 -5.91 -12.03 -2.35
CA ALA A 39 -4.98 -12.51 -3.37
C ALA A 39 -3.58 -11.95 -3.14
N ALA A 40 -3.52 -10.67 -2.75
CA ALA A 40 -2.24 -10.02 -2.47
C ALA A 40 -1.54 -10.69 -1.29
N ALA A 41 -2.32 -11.10 -0.29
CA ALA A 41 -1.78 -11.81 0.87
C ALA A 41 -1.25 -13.19 0.46
N SER A 42 -1.95 -13.84 -0.47
CA SER A 42 -1.57 -15.18 -0.90
C SER A 42 -0.19 -15.17 -1.54
N ARG A 43 0.02 -14.27 -2.50
CA ARG A 43 1.33 -14.15 -3.16
C ARG A 43 2.36 -13.48 -2.25
N LEU A 44 1.89 -12.70 -1.27
CA LEU A 44 2.75 -12.21 -0.19
C LEU A 44 3.34 -13.39 0.60
N SER A 45 2.57 -14.47 0.71
CA SER A 45 3.04 -15.66 1.43
C SER A 45 4.06 -16.46 0.62
N SER A 46 4.21 -16.15 -0.66
CA SER A 46 5.15 -16.86 -1.52
C SER A 46 6.60 -16.63 -1.07
N PRO A 47 7.48 -17.58 -1.32
CA PRO A 47 8.92 -17.44 -0.92
C PRO A 47 9.56 -16.17 -1.48
N ALA A 48 9.11 -15.77 -2.68
CA ALA A 48 9.66 -14.56 -3.32
C ALA A 48 9.36 -13.32 -2.48
N ALA A 49 8.16 -13.26 -1.91
CA ALA A 49 7.76 -12.12 -1.10
C ALA A 49 8.59 -12.05 0.18
N SER A 50 8.76 -13.19 0.84
CA SER A 50 9.48 -13.24 2.11
C SER A 50 10.92 -12.73 1.94
N SER A 51 11.54 -13.11 0.83
CA SER A 51 12.92 -12.69 0.55
C SER A 51 13.01 -11.17 0.40
N ARG A 52 12.02 -10.59 -0.30
CA ARG A 52 11.99 -9.15 -0.48
C ARG A 52 11.78 -8.42 0.84
N VAL A 53 11.04 -9.05 1.77
CA VAL A 53 10.83 -8.47 3.10
C VAL A 53 12.17 -8.34 3.82
N SER A 54 12.97 -9.40 3.81
CA SER A 54 14.27 -9.38 4.48
C SER A 54 15.17 -8.29 3.91
N SER A 55 15.17 -8.17 2.57
CA SER A 55 15.97 -7.14 1.90
C SER A 55 15.50 -5.75 2.31
N ALA A 56 14.19 -5.58 2.47
CA ALA A 56 13.62 -4.32 2.93
C ALA A 56 14.11 -3.98 4.33
N VAL A 57 14.33 -5.00 5.16
CA VAL A 57 14.84 -4.79 6.52
C VAL A 57 16.23 -4.17 6.47
N SER A 58 17.13 -4.80 5.73
CA SER A 58 18.52 -4.32 5.66
C SER A 58 18.59 -2.90 5.12
N SER A 59 17.73 -2.59 4.14
CA SER A 59 17.74 -1.27 3.51
C SER A 59 17.33 -0.19 4.52
N LEU A 60 16.21 -0.40 5.19
CA LEU A 60 15.69 0.58 6.15
C LEU A 60 16.62 0.70 7.36
N VAL A 61 17.14 -0.43 7.82
CA VAL A 61 17.96 -0.46 9.03
C VAL A 61 19.28 0.31 8.80
N SER A 62 19.95 0.04 7.69
CA SER A 62 21.27 0.62 7.45
C SER A 62 21.16 2.10 7.10
N SER A 63 20.18 2.45 6.25
CA SER A 63 20.02 3.83 5.80
C SER A 63 19.37 4.68 6.88
N GLY A 64 18.40 4.10 7.59
CA GLY A 64 17.67 4.84 8.62
C GLY A 64 16.20 4.42 8.64
N PRO A 65 15.76 3.71 9.67
CA PRO A 65 14.33 3.28 9.81
C PRO A 65 13.31 4.35 9.39
N THR A 66 13.64 5.63 9.59
CA THR A 66 12.70 6.71 9.29
C THR A 66 13.36 7.80 8.43
N ASN A 67 14.25 7.40 7.54
CA ASN A 67 14.90 8.33 6.62
C ASN A 67 14.13 8.44 5.32
N GLN A 68 13.97 9.67 4.82
CA GLN A 68 13.26 9.90 3.55
C GLN A 68 13.98 9.20 2.40
N ALA A 69 15.31 9.31 2.38
CA ALA A 69 16.11 8.71 1.32
C ALA A 69 16.03 7.18 1.39
N ALA A 70 16.01 6.65 2.61
CA ALA A 70 15.97 5.20 2.80
C ALA A 70 14.64 4.63 2.31
N LEU A 71 13.54 5.32 2.63
CA LEU A 71 12.22 4.86 2.23
C LEU A 71 12.08 4.84 0.71
N SER A 72 12.63 5.87 0.05
CA SER A 72 12.57 5.97 -1.41
C SER A 72 13.31 4.79 -2.05
N ASN A 73 14.48 4.46 -1.51
CA ASN A 73 15.30 3.39 -2.08
C ASN A 73 14.59 2.04 -1.97
N THR A 74 14.03 1.76 -0.81
CA THR A 74 13.39 0.46 -0.57
C THR A 74 12.16 0.30 -1.47
N ILE A 75 11.31 1.31 -1.50
CA ILE A 75 10.06 1.25 -2.27
C ILE A 75 10.36 1.08 -3.77
N SER A 76 11.31 1.86 -4.27
CA SER A 76 11.64 1.81 -5.70
C SER A 76 12.14 0.42 -6.10
N SER A 77 13.09 -0.11 -5.32
CA SER A 77 13.68 -1.41 -5.63
C SER A 77 12.65 -2.52 -5.56
N VAL A 78 11.84 -2.51 -4.50
CA VAL A 78 10.84 -3.57 -4.28
C VAL A 78 9.80 -3.57 -5.39
N VAL A 79 9.28 -2.39 -5.73
CA VAL A 79 8.23 -2.28 -6.76
C VAL A 79 8.73 -2.85 -8.09
N SER A 80 9.98 -2.53 -8.43
CA SER A 80 10.56 -3.01 -9.69
C SER A 80 10.61 -4.53 -9.73
N GLN A 81 11.22 -5.13 -8.71
CA GLN A 81 11.43 -6.57 -8.69
C GLN A 81 10.11 -7.33 -8.58
N VAL A 82 9.15 -6.78 -7.82
CA VAL A 82 7.84 -7.41 -7.67
C VAL A 82 7.12 -7.48 -9.02
N SER A 83 7.29 -6.43 -9.83
CA SER A 83 6.75 -6.43 -11.19
C SER A 83 7.41 -7.50 -12.04
N ALA A 84 8.71 -7.69 -11.84
CA ALA A 84 9.48 -8.67 -12.63
C ALA A 84 8.94 -10.09 -12.41
N SER A 85 8.62 -10.41 -11.16
CA SER A 85 8.09 -11.74 -10.84
C SER A 85 6.64 -11.85 -11.32
N ASN A 86 5.90 -10.75 -11.23
CA ASN A 86 4.47 -10.75 -11.55
C ASN A 86 4.20 -9.92 -12.81
N PRO A 87 4.61 -10.40 -13.97
CA PRO A 87 4.19 -9.78 -15.26
C PRO A 87 2.76 -10.15 -15.63
N GLY A 88 2.34 -11.35 -15.25
CA GLY A 88 0.98 -11.82 -15.52
C GLY A 88 -0.05 -10.97 -14.78
N LEU A 89 0.33 -10.44 -13.62
CA LEU A 89 -0.60 -9.66 -12.80
C LEU A 89 -0.71 -8.23 -13.33
N SER A 90 -1.86 -7.60 -13.08
CA SER A 90 -2.11 -6.25 -13.59
C SER A 90 -1.20 -5.24 -12.88
N GLY A 91 -1.10 -4.05 -13.46
CA GLY A 91 -0.25 -3.00 -12.91
C GLY A 91 -0.67 -2.63 -11.49
N CYS A 92 -1.98 -2.61 -11.24
CA CYS A 92 -2.50 -2.27 -9.92
C CYS A 92 -2.10 -3.33 -8.90
N ASP A 93 -2.12 -4.61 -9.33
CA ASP A 93 -1.71 -5.70 -8.46
C ASP A 93 -0.26 -5.55 -8.02
N VAL A 94 0.59 -5.06 -8.92
CA VAL A 94 2.00 -4.83 -8.61
C VAL A 94 2.13 -3.77 -7.51
N LEU A 95 1.35 -2.69 -7.63
CA LEU A 95 1.38 -1.61 -6.64
C LEU A 95 0.92 -2.12 -5.26
N VAL A 96 -0.11 -2.94 -5.25
CA VAL A 96 -0.63 -3.51 -4.00
C VAL A 96 0.46 -4.34 -3.31
N GLN A 97 1.15 -5.16 -4.10
CA GLN A 97 2.14 -6.08 -3.55
C GLN A 97 3.29 -5.34 -2.89
N ALA A 98 3.78 -4.29 -3.56
CA ALA A 98 4.89 -3.51 -3.04
C ALA A 98 4.52 -2.80 -1.74
N LEU A 99 3.31 -2.22 -1.71
CA LEU A 99 2.91 -1.38 -0.59
C LEU A 99 2.76 -2.20 0.70
N LEU A 100 2.01 -3.30 0.62
CA LEU A 100 1.74 -4.09 1.83
C LEU A 100 3.00 -4.82 2.28
N GLU A 101 3.88 -5.17 1.33
CA GLU A 101 5.16 -5.79 1.66
C GLU A 101 6.03 -4.82 2.46
N VAL A 102 5.90 -3.52 2.17
CA VAL A 102 6.58 -2.50 2.96
C VAL A 102 6.00 -2.46 4.38
N VAL A 103 4.69 -2.68 4.48
CA VAL A 103 4.02 -2.71 5.79
C VAL A 103 4.60 -3.85 6.65
N SER A 104 4.81 -5.00 6.02
CA SER A 104 5.31 -6.18 6.75
C SER A 104 6.74 -5.94 7.24
N ALA A 105 7.57 -5.30 6.41
CA ALA A 105 8.94 -5.00 6.81
C ALA A 105 8.95 -4.08 8.03
N LEU A 106 8.06 -3.09 8.03
CA LEU A 106 7.97 -2.14 9.14
C LEU A 106 7.49 -2.85 10.41
N VAL A 107 6.60 -3.83 10.26
CA VAL A 107 6.13 -4.63 11.41
C VAL A 107 7.31 -5.34 12.07
N SER A 108 8.20 -5.90 11.24
CA SER A 108 9.38 -6.60 11.76
C SER A 108 10.26 -5.67 12.58
N ILE A 109 10.45 -4.44 12.07
CA ILE A 109 11.28 -3.46 12.75
C ILE A 109 10.67 -3.07 14.11
N LEU A 110 9.36 -2.86 14.12
CA LEU A 110 8.67 -2.42 15.33
C LEU A 110 8.79 -3.45 16.45
N GLY A 111 8.53 -4.71 16.12
CA GLY A 111 8.55 -5.78 17.12
C GLY A 111 9.95 -6.01 17.66
N SER A 112 10.95 -5.95 16.78
CA SER A 112 12.34 -6.13 17.18
C SER A 112 12.88 -4.87 17.90
N SER A 113 12.27 -3.73 17.61
CA SER A 113 12.72 -2.46 18.19
C SER A 113 11.94 -2.13 19.45
N SER A 114 12.45 -1.16 20.21
CA SER A 114 11.82 -0.77 21.47
C SER A 114 10.91 0.43 21.26
N ILE A 115 9.71 0.36 21.84
CA ILE A 115 8.74 1.45 21.69
C ILE A 115 8.80 2.39 22.88
N GLY A 116 9.13 3.66 22.60
CA GLY A 116 9.18 4.68 23.65
C GLY A 116 7.90 5.50 23.67
N GLN A 117 8.03 6.78 23.30
CA GLN A 117 6.86 7.66 23.19
C GLN A 117 6.59 7.96 21.72
N ILE A 118 5.30 7.97 21.35
CA ILE A 118 4.91 8.22 19.96
C ILE A 118 4.50 9.67 19.77
N ASN A 119 5.13 10.34 18.80
CA ASN A 119 4.77 11.72 18.47
C ASN A 119 3.49 11.73 17.63
N TYR A 120 2.35 11.86 18.32
CA TYR A 120 1.05 11.69 17.67
C TYR A 120 0.80 12.79 16.63
N GLY A 121 1.16 14.03 16.99
CA GLY A 121 0.91 15.17 16.11
C GLY A 121 1.69 15.07 14.80
N ALA A 122 2.88 14.48 14.87
CA ALA A 122 3.75 14.39 13.70
C ALA A 122 3.36 13.23 12.77
N SER A 123 2.30 12.48 13.11
CA SER A 123 1.87 11.35 12.29
C SER A 123 1.57 11.78 10.86
N ALA A 124 1.01 12.98 10.72
CA ALA A 124 0.70 13.52 9.39
C ALA A 124 1.98 13.77 8.59
N GLN A 125 3.04 14.20 9.28
CA GLN A 125 4.31 14.49 8.63
C GLN A 125 4.91 13.22 8.05
N TYR A 126 4.87 12.14 8.82
CA TYR A 126 5.38 10.85 8.34
C TYR A 126 4.56 10.34 7.16
N THR A 127 3.27 10.68 7.14
CA THR A 127 2.42 10.36 5.99
C THR A 127 2.94 11.06 4.73
N GLN A 128 3.39 12.30 4.89
CA GLN A 128 3.98 13.04 3.78
C GLN A 128 5.26 12.36 3.28
N MET A 129 6.01 11.75 4.21
CA MET A 129 7.24 11.06 3.84
C MET A 129 6.96 9.89 2.90
N VAL A 130 5.99 9.06 3.26
CA VAL A 130 5.67 7.87 2.46
C VAL A 130 5.12 8.29 1.09
N GLY A 131 4.18 9.24 1.08
CA GLY A 131 3.62 9.76 -0.17
C GLY A 131 4.73 10.33 -1.08
N GLN A 132 5.69 11.01 -0.47
CA GLN A 132 6.80 11.61 -1.21
C GLN A 132 7.63 10.54 -1.91
N SER A 133 7.96 9.47 -1.18
CA SER A 133 8.78 8.40 -1.71
C SER A 133 8.09 7.72 -2.90
N VAL A 134 6.76 7.62 -2.83
CA VAL A 134 5.99 7.02 -3.93
C VAL A 134 6.13 7.85 -5.20
N ALA A 135 5.90 9.16 -5.08
CA ALA A 135 5.90 10.04 -6.25
C ALA A 135 7.28 10.07 -6.92
N GLN A 136 8.32 10.28 -6.11
CA GLN A 136 9.67 10.39 -6.64
C GLN A 136 10.15 9.05 -7.21
N ALA A 137 9.84 7.96 -6.50
CA ALA A 137 10.35 6.64 -6.87
C ALA A 137 9.81 6.19 -8.23
N LEU A 138 8.51 6.41 -8.44
CA LEU A 138 7.86 5.91 -9.65
C LEU A 138 7.78 7.00 -10.74
N ALA A 139 8.14 8.24 -10.40
CA ALA A 139 8.13 9.32 -11.38
C ALA A 139 9.28 9.15 -12.37
N GLY A 140 10.42 8.66 -11.88
CA GLY A 140 11.58 8.45 -12.74
C GLY A 140 12.87 8.64 -11.95
N MET B 1 26.84 -26.89 11.44
CA MET B 1 25.47 -26.57 11.93
C MET B 1 24.45 -26.95 10.85
N ALA B 2 23.22 -27.24 11.29
CA ALA B 2 22.16 -27.61 10.35
C ALA B 2 20.81 -27.09 10.84
N SER B 3 19.91 -26.84 9.90
CA SER B 3 18.58 -26.34 10.23
C SER B 3 17.50 -27.26 9.67
N MET B 4 16.37 -27.34 10.39
CA MET B 4 15.26 -28.19 9.96
C MET B 4 14.67 -27.69 8.64
N THR B 5 14.63 -26.37 8.47
CA THR B 5 14.10 -25.77 7.26
C THR B 5 15.17 -25.71 6.17
N GLY B 6 14.74 -25.53 4.92
CA GLY B 6 15.67 -25.44 3.80
C GLY B 6 14.97 -24.89 2.56
N GLY B 7 15.03 -25.66 1.47
CA GLY B 7 14.40 -25.24 0.22
C GLY B 7 15.43 -24.67 -0.76
N GLN B 8 16.46 -24.01 -0.22
CA GLN B 8 17.51 -23.43 -1.05
C GLN B 8 18.78 -24.27 -0.95
N GLN B 9 19.46 -24.45 -2.09
CA GLN B 9 20.69 -25.23 -2.12
C GLN B 9 21.90 -24.32 -2.31
N MET B 10 22.88 -24.45 -1.40
CA MET B 10 24.08 -23.63 -1.47
C MET B 10 24.91 -23.97 -2.69
N GLY B 11 24.94 -25.26 -3.04
CA GLY B 11 25.74 -25.73 -4.17
C GLY B 11 25.21 -25.16 -5.49
N ARG B 12 23.92 -25.36 -5.74
CA ARG B 12 23.30 -24.88 -6.98
C ARG B 12 23.29 -23.35 -7.02
N GLY B 13 23.00 -22.73 -5.87
CA GLY B 13 22.97 -21.28 -5.78
C GLY B 13 21.85 -20.70 -6.63
N SER B 14 20.70 -20.44 -6.00
CA SER B 14 19.55 -19.88 -6.71
C SER B 14 19.86 -18.48 -7.24
N MET B 15 20.59 -17.70 -6.45
CA MET B 15 20.96 -16.34 -6.84
C MET B 15 22.40 -16.04 -6.43
N GLY B 16 22.98 -15.00 -7.03
CA GLY B 16 24.35 -14.60 -6.71
C GLY B 16 25.17 -14.44 -7.98
N ALA B 17 24.62 -13.73 -8.97
CA ALA B 17 25.31 -13.50 -10.23
C ALA B 17 24.97 -12.12 -10.80
N ALA B 18 24.76 -11.15 -9.90
CA ALA B 18 24.42 -9.80 -10.32
C ALA B 18 25.01 -8.77 -9.36
N SER B 19 25.24 -7.55 -9.85
CA SER B 19 25.79 -6.49 -9.03
C SER B 19 24.83 -5.31 -8.97
N ALA B 20 24.85 -4.59 -7.84
CA ALA B 20 23.96 -3.44 -7.65
C ALA B 20 24.37 -2.30 -8.57
N ALA B 21 23.38 -1.63 -9.16
CA ALA B 21 23.65 -0.51 -10.06
C ALA B 21 22.48 0.47 -10.06
N VAL B 22 22.76 1.73 -10.43
CA VAL B 22 21.73 2.75 -10.47
C VAL B 22 21.75 3.48 -11.82
N SER B 23 20.58 3.99 -12.23
CA SER B 23 20.48 4.71 -13.50
C SER B 23 19.47 5.85 -13.39
N VAL B 24 19.71 6.92 -14.14
CA VAL B 24 18.81 8.08 -14.13
C VAL B 24 18.13 8.23 -15.49
N GLY B 25 16.81 8.42 -15.46
CA GLY B 25 16.04 8.58 -16.70
C GLY B 25 15.69 7.22 -17.30
N GLY B 26 15.25 7.23 -18.55
CA GLY B 26 14.88 5.98 -19.23
C GLY B 26 14.47 6.26 -20.67
N TYR B 27 14.09 5.19 -21.39
CA TYR B 27 13.67 5.32 -22.78
C TYR B 27 12.36 6.10 -22.87
N GLY B 28 11.45 5.84 -21.93
CA GLY B 28 10.16 6.53 -21.90
C GLY B 28 9.90 7.14 -20.53
N PRO B 29 8.96 8.06 -20.44
CA PRO B 29 8.66 8.75 -19.14
C PRO B 29 8.10 7.79 -18.10
N GLN B 30 7.29 6.83 -18.56
CA GLN B 30 6.70 5.84 -17.65
C GLN B 30 6.83 4.43 -18.24
N SER B 31 7.13 3.46 -17.38
CA SER B 31 7.26 2.07 -17.81
C SER B 31 6.52 1.14 -16.85
N SER B 32 5.78 0.18 -17.41
CA SER B 32 5.00 -0.77 -16.62
C SER B 32 3.93 -0.06 -15.77
N SER B 33 4.36 0.53 -14.64
CA SER B 33 3.43 1.22 -13.76
C SER B 33 4.15 2.33 -13.00
N ALA B 34 3.42 3.39 -12.65
CA ALA B 34 3.99 4.51 -11.91
C ALA B 34 2.91 5.53 -11.53
N PRO B 35 2.22 6.11 -12.50
CA PRO B 35 1.16 7.14 -12.20
C PRO B 35 0.09 6.64 -11.23
N VAL B 36 -0.04 5.31 -11.13
CA VAL B 36 -1.00 4.73 -10.18
C VAL B 36 -0.58 5.06 -8.74
N ALA B 37 0.70 4.82 -8.42
CA ALA B 37 1.22 5.10 -7.09
C ALA B 37 1.23 6.61 -6.83
N SER B 38 1.53 7.39 -7.86
CA SER B 38 1.57 8.85 -7.72
C SER B 38 0.20 9.41 -7.33
N ALA B 39 -0.85 8.85 -7.94
CA ALA B 39 -2.22 9.26 -7.61
C ALA B 39 -2.57 8.87 -6.17
N ALA B 40 -2.11 7.70 -5.75
CA ALA B 40 -2.35 7.24 -4.38
C ALA B 40 -1.68 8.16 -3.37
N ALA B 41 -0.49 8.65 -3.72
CA ALA B 41 0.23 9.58 -2.86
C ALA B 41 -0.50 10.93 -2.79
N SER B 42 -1.09 11.34 -3.91
CA SER B 42 -1.78 12.62 -3.97
C SER B 42 -2.96 12.66 -3.00
N ARG B 43 -3.81 11.62 -3.06
CA ARG B 43 -4.96 11.54 -2.15
C ARG B 43 -4.54 11.14 -0.75
N LEU B 44 -3.37 10.49 -0.63
CA LEU B 44 -2.74 10.26 0.68
C LEU B 44 -2.41 11.61 1.34
N SER B 45 -2.08 12.61 0.53
CA SER B 45 -1.76 13.95 1.05
C SER B 45 -3.02 14.71 1.50
N SER B 46 -4.20 14.19 1.13
CA SER B 46 -5.45 14.86 1.50
C SER B 46 -5.65 14.86 3.02
N PRO B 47 -6.37 15.84 3.56
CA PRO B 47 -6.62 15.92 5.02
C PRO B 47 -7.28 14.64 5.57
N ALA B 48 -8.11 14.00 4.73
CA ALA B 48 -8.79 12.78 5.14
C ALA B 48 -7.79 11.67 5.45
N ALA B 49 -6.75 11.57 4.61
CA ALA B 49 -5.73 10.54 4.78
C ALA B 49 -4.94 10.76 6.07
N SER B 50 -4.53 12.02 6.32
CA SER B 50 -3.73 12.34 7.49
C SER B 50 -4.46 11.97 8.78
N SER B 51 -5.76 12.22 8.81
CA SER B 51 -6.58 11.91 9.99
C SER B 51 -6.58 10.40 10.25
N ARG B 52 -6.71 9.62 9.18
CA ARG B 52 -6.72 8.17 9.30
C ARG B 52 -5.37 7.65 9.80
N VAL B 53 -4.29 8.34 9.42
CA VAL B 53 -2.96 7.97 9.88
C VAL B 53 -2.87 8.09 11.41
N SER B 54 -3.34 9.21 11.94
CA SER B 54 -3.31 9.44 13.39
C SER B 54 -4.10 8.36 14.12
N SER B 55 -5.28 8.04 13.59
CA SER B 55 -6.12 6.99 14.19
C SER B 55 -5.41 5.64 14.17
N ALA B 56 -4.67 5.39 13.09
CA ALA B 56 -3.89 4.15 12.98
C ALA B 56 -2.81 4.09 14.07
N VAL B 57 -2.27 5.26 14.44
CA VAL B 57 -1.26 5.33 15.49
C VAL B 57 -1.85 4.85 16.82
N SER B 58 -2.98 5.44 17.22
CA SER B 58 -3.61 5.11 18.50
C SER B 58 -3.95 3.62 18.57
N SER B 59 -4.43 3.07 17.44
CA SER B 59 -4.86 1.67 17.40
C SER B 59 -3.67 0.74 17.64
N LEU B 60 -2.59 0.95 16.88
CA LEU B 60 -1.42 0.08 16.98
C LEU B 60 -0.73 0.25 18.33
N VAL B 61 -0.66 1.50 18.81
CA VAL B 61 0.05 1.81 20.05
C VAL B 61 -0.64 1.15 21.25
N SER B 62 -1.95 1.31 21.34
CA SER B 62 -2.70 0.83 22.51
C SER B 62 -2.81 -0.69 22.50
N SER B 63 -3.10 -1.26 21.34
CA SER B 63 -3.30 -2.71 21.22
C SER B 63 -1.95 -3.44 21.24
N GLY B 64 -0.95 -2.86 20.58
CA GLY B 64 0.37 -3.49 20.48
C GLY B 64 0.99 -3.22 19.10
N PRO B 65 2.02 -2.40 19.03
CA PRO B 65 2.74 -2.11 17.74
C PRO B 65 2.91 -3.34 16.82
N THR B 66 3.06 -4.52 17.41
CA THR B 66 3.33 -5.73 16.62
C THR B 66 2.38 -6.87 17.03
N ASN B 67 1.15 -6.52 17.38
CA ASN B 67 0.14 -7.53 17.75
C ASN B 67 -0.66 -7.93 16.51
N GLN B 68 -0.92 -9.23 16.36
CA GLN B 68 -1.71 -9.73 15.25
C GLN B 68 -3.13 -9.16 15.29
N ALA B 69 -3.71 -9.14 16.48
CA ALA B 69 -5.08 -8.64 16.66
C ALA B 69 -5.14 -7.14 16.37
N ALA B 70 -4.10 -6.41 16.77
CA ALA B 70 -4.06 -4.97 16.58
C ALA B 70 -3.97 -4.62 15.09
N LEU B 71 -3.13 -5.36 14.36
CA LEU B 71 -2.96 -5.11 12.93
C LEU B 71 -4.26 -5.35 12.18
N SER B 72 -4.98 -6.42 12.56
CA SER B 72 -6.24 -6.75 11.90
C SER B 72 -7.27 -5.64 12.10
N ASN B 73 -7.32 -5.10 13.32
CA ASN B 73 -8.30 -4.06 13.65
C ASN B 73 -8.04 -2.79 12.84
N THR B 74 -6.78 -2.37 12.77
CA THR B 74 -6.43 -1.13 12.09
C THR B 74 -6.69 -1.25 10.59
N ILE B 75 -6.26 -2.34 9.97
CA ILE B 75 -6.40 -2.52 8.53
C ILE B 75 -7.89 -2.57 8.15
N SER B 76 -8.68 -3.32 8.91
CA SER B 76 -10.10 -3.48 8.61
C SER B 76 -10.82 -2.13 8.65
N SER B 77 -10.60 -1.38 9.73
CA SER B 77 -11.27 -0.10 9.93
C SER B 77 -10.87 0.90 8.85
N VAL B 78 -9.57 0.97 8.57
CA VAL B 78 -9.04 1.95 7.61
C VAL B 78 -9.57 1.66 6.20
N VAL B 79 -9.53 0.40 5.79
CA VAL B 79 -9.98 0.02 4.45
C VAL B 79 -11.44 0.41 4.24
N SER B 80 -12.26 0.17 5.26
CA SER B 80 -13.69 0.49 5.18
C SER B 80 -13.90 1.98 4.95
N GLN B 81 -13.31 2.80 5.83
CA GLN B 81 -13.54 4.24 5.79
C GLN B 81 -12.93 4.87 4.54
N VAL B 82 -11.80 4.35 4.08
CA VAL B 82 -11.14 4.86 2.87
C VAL B 82 -12.04 4.63 1.66
N SER B 83 -12.74 3.49 1.64
CA SER B 83 -13.71 3.21 0.58
C SER B 83 -14.88 4.19 0.64
N ALA B 84 -15.29 4.55 1.86
CA ALA B 84 -16.42 5.46 2.06
C ALA B 84 -16.14 6.83 1.44
N SER B 85 -14.92 7.32 1.63
CA SER B 85 -14.53 8.61 1.06
C SER B 85 -14.33 8.50 -0.45
N ASN B 86 -13.83 7.35 -0.89
CA ASN B 86 -13.49 7.16 -2.30
C ASN B 86 -14.40 6.11 -2.94
N PRO B 87 -15.67 6.43 -3.14
CA PRO B 87 -16.58 5.58 -3.95
C PRO B 87 -16.32 5.73 -5.45
N GLY B 88 -15.92 6.93 -5.86
CA GLY B 88 -15.61 7.20 -7.26
C GLY B 88 -14.41 6.38 -7.74
N LEU B 89 -13.48 6.09 -6.83
CA LEU B 89 -12.27 5.36 -7.18
C LEU B 89 -12.55 3.86 -7.27
N SER B 90 -11.77 3.16 -8.09
CA SER B 90 -11.96 1.73 -8.30
C SER B 90 -11.62 0.95 -7.03
N GLY B 91 -12.07 -0.31 -6.99
CA GLY B 91 -11.84 -1.16 -5.82
C GLY B 91 -10.34 -1.33 -5.54
N CYS B 92 -9.55 -1.45 -6.61
CA CYS B 92 -8.11 -1.61 -6.46
C CYS B 92 -7.48 -0.37 -5.86
N ASP B 93 -7.98 0.81 -6.26
CA ASP B 93 -7.49 2.08 -5.71
C ASP B 93 -7.72 2.14 -4.20
N VAL B 94 -8.85 1.60 -3.75
CA VAL B 94 -9.16 1.58 -2.31
C VAL B 94 -8.12 0.73 -1.56
N LEU B 95 -7.78 -0.42 -2.13
CA LEU B 95 -6.81 -1.33 -1.52
C LEU B 95 -5.43 -0.65 -1.43
N VAL B 96 -5.05 0.06 -2.49
CA VAL B 96 -3.76 0.76 -2.52
C VAL B 96 -3.71 1.80 -1.40
N GLN B 97 -4.80 2.55 -1.24
CA GLN B 97 -4.83 3.65 -0.28
C GLN B 97 -4.68 3.14 1.15
N ALA B 98 -5.38 2.05 1.47
CA ALA B 98 -5.32 1.49 2.81
C ALA B 98 -3.93 0.96 3.14
N LEU B 99 -3.32 0.28 2.17
CA LEU B 99 -2.04 -0.40 2.43
C LEU B 99 -0.92 0.60 2.70
N LEU B 100 -0.76 1.58 1.80
CA LEU B 100 0.34 2.53 1.95
C LEU B 100 0.13 3.46 3.14
N GLU B 101 -1.14 3.73 3.47
CA GLU B 101 -1.46 4.52 4.65
C GLU B 101 -1.04 3.78 5.93
N VAL B 102 -1.10 2.45 5.89
CA VAL B 102 -0.59 1.64 7.00
C VAL B 102 0.93 1.78 7.08
N VAL B 103 1.59 1.89 5.92
CA VAL B 103 3.04 2.06 5.87
C VAL B 103 3.43 3.37 6.55
N SER B 104 2.66 4.43 6.29
CA SER B 104 2.97 5.74 6.85
C SER B 104 2.80 5.75 8.37
N ALA B 105 1.77 5.07 8.87
CA ALA B 105 1.55 4.97 10.32
C ALA B 105 2.74 4.27 10.99
N LEU B 106 3.22 3.20 10.35
CA LEU B 106 4.35 2.45 10.88
C LEU B 106 5.63 3.30 10.88
N VAL B 107 5.78 4.15 9.86
CA VAL B 107 6.93 5.07 9.80
C VAL B 107 6.93 6.00 11.00
N SER B 108 5.75 6.50 11.36
CA SER B 108 5.61 7.40 12.52
C SER B 108 6.05 6.70 13.79
N ILE B 109 5.65 5.45 13.96
CA ILE B 109 5.99 4.67 15.15
C ILE B 109 7.51 4.45 15.23
N LEU B 110 8.12 4.12 14.09
CA LEU B 110 9.55 3.81 14.06
C LEU B 110 10.40 5.01 14.46
N GLY B 111 10.07 6.17 13.89
CA GLY B 111 10.85 7.38 14.15
C GLY B 111 10.71 7.84 15.60
N SER B 112 9.49 7.75 16.12
CA SER B 112 9.23 8.12 17.51
C SER B 112 9.75 7.07 18.49
N SER B 113 9.87 5.83 18.01
CA SER B 113 10.32 4.73 18.87
C SER B 113 11.83 4.53 18.75
N SER B 114 12.38 3.76 19.68
CA SER B 114 13.82 3.52 19.71
C SER B 114 14.16 2.21 19.01
N ILE B 115 15.19 2.24 18.18
CA ILE B 115 15.60 1.06 17.41
C ILE B 115 16.73 0.33 18.12
N GLY B 116 16.48 -0.93 18.51
CA GLY B 116 17.49 -1.74 19.16
C GLY B 116 18.14 -2.69 18.16
N GLN B 117 17.89 -3.98 18.32
CA GLN B 117 18.39 -4.99 17.38
C GLN B 117 17.24 -5.55 16.56
N ILE B 118 17.47 -5.75 15.26
CA ILE B 118 16.43 -6.26 14.38
C ILE B 118 16.59 -7.76 14.17
N ASN B 119 15.51 -8.51 14.44
CA ASN B 119 15.51 -9.95 14.19
C ASN B 119 15.33 -10.23 12.71
N TYR B 120 16.45 -10.37 11.99
CA TYR B 120 16.42 -10.44 10.54
C TYR B 120 15.73 -11.72 10.06
N GLY B 121 16.00 -12.83 10.73
CA GLY B 121 15.45 -14.12 10.33
C GLY B 121 13.93 -14.16 10.46
N ALA B 122 13.40 -13.44 11.46
CA ALA B 122 11.96 -13.46 11.73
C ALA B 122 11.19 -12.51 10.80
N SER B 123 11.89 -11.83 9.87
CA SER B 123 11.23 -10.90 8.97
C SER B 123 10.13 -11.59 8.17
N ALA B 124 10.36 -12.85 7.80
CA ALA B 124 9.37 -13.62 7.06
C ALA B 124 8.12 -13.87 7.91
N GLN B 125 8.32 -14.07 9.21
CA GLN B 125 7.21 -14.33 10.12
C GLN B 125 6.29 -13.11 10.21
N TYR B 126 6.89 -11.93 10.32
CA TYR B 126 6.12 -10.69 10.36
C TYR B 126 5.36 -10.47 9.05
N THR B 127 5.94 -10.95 7.95
CA THR B 127 5.26 -10.90 6.65
C THR B 127 3.97 -11.73 6.70
N GLN B 128 4.05 -12.88 7.37
CA GLN B 128 2.88 -13.73 7.55
C GLN B 128 1.80 -13.01 8.38
N MET B 129 2.24 -12.19 9.34
CA MET B 129 1.30 -11.44 10.18
C MET B 129 0.46 -10.48 9.34
N VAL B 130 1.12 -9.71 8.49
CA VAL B 130 0.42 -8.71 7.67
C VAL B 130 -0.52 -9.40 6.68
N GLY B 131 -0.02 -10.42 5.99
CA GLY B 131 -0.84 -11.19 5.05
C GLY B 131 -2.07 -11.79 5.74
N GLN B 132 -1.88 -12.26 6.98
CA GLN B 132 -2.97 -12.86 7.75
C GLN B 132 -4.07 -11.83 8.03
N SER B 133 -3.66 -10.63 8.45
CA SER B 133 -4.61 -9.58 8.79
C SER B 133 -5.44 -9.18 7.56
N VAL B 134 -4.81 -9.20 6.39
CA VAL B 134 -5.51 -8.87 5.15
C VAL B 134 -6.62 -9.88 4.87
N ALA B 135 -6.28 -11.17 4.93
CA ALA B 135 -7.23 -12.23 4.59
C ALA B 135 -8.43 -12.23 5.54
N GLN B 136 -8.15 -12.20 6.84
CA GLN B 136 -9.20 -12.25 7.85
C GLN B 136 -10.05 -10.98 7.83
N ALA B 137 -9.40 -9.83 7.66
CA ALA B 137 -10.09 -8.54 7.75
C ALA B 137 -11.10 -8.38 6.61
N LEU B 138 -10.70 -8.75 5.41
CA LEU B 138 -11.56 -8.54 4.23
C LEU B 138 -12.39 -9.78 3.88
N ALA B 139 -12.10 -10.91 4.54
CA ALA B 139 -12.87 -12.13 4.31
C ALA B 139 -14.28 -12.01 4.88
N GLY B 140 -14.38 -11.33 6.03
CA GLY B 140 -15.68 -11.15 6.68
C GLY B 140 -16.09 -12.41 7.43
N MET A 1 -30.71 28.33 -32.48
CA MET A 1 -30.57 27.32 -33.57
C MET A 1 -29.33 26.47 -33.33
N ALA A 2 -28.17 27.10 -33.36
CA ALA A 2 -26.91 26.39 -33.14
C ALA A 2 -26.80 25.92 -31.70
N SER A 3 -26.23 24.73 -31.51
CA SER A 3 -26.05 24.18 -30.17
C SER A 3 -24.68 23.53 -30.03
N MET A 4 -24.07 23.66 -28.84
CA MET A 4 -22.76 23.08 -28.59
C MET A 4 -22.86 21.94 -27.58
N THR A 5 -22.07 20.89 -27.79
CA THR A 5 -22.07 19.73 -26.89
C THR A 5 -20.64 19.24 -26.65
N GLY A 6 -20.44 18.55 -25.53
CA GLY A 6 -19.13 18.03 -25.18
C GLY A 6 -19.12 17.46 -23.77
N GLY A 7 -17.94 17.05 -23.30
CA GLY A 7 -17.80 16.49 -21.96
C GLY A 7 -17.65 17.60 -20.92
N GLN A 8 -17.49 17.20 -19.66
CA GLN A 8 -17.34 18.18 -18.58
C GLN A 8 -16.05 18.98 -18.73
N GLN A 9 -14.99 18.30 -19.19
CA GLN A 9 -13.71 18.95 -19.39
C GLN A 9 -13.00 18.41 -20.63
N MET A 10 -12.17 19.24 -21.25
CA MET A 10 -11.44 18.82 -22.45
C MET A 10 -9.94 19.12 -22.29
N GLY A 11 -9.13 18.46 -23.11
CA GLY A 11 -7.68 18.66 -23.06
C GLY A 11 -6.95 17.39 -23.50
N ARG A 12 -7.49 16.24 -23.13
CA ARG A 12 -6.88 14.96 -23.49
C ARG A 12 -7.88 14.09 -24.26
N GLY A 13 -7.36 13.28 -25.18
CA GLY A 13 -8.21 12.40 -25.99
C GLY A 13 -8.82 11.30 -25.13
N SER A 14 -10.14 11.13 -25.25
CA SER A 14 -10.84 10.10 -24.49
C SER A 14 -10.41 8.70 -24.92
N MET A 15 -10.12 8.54 -26.21
CA MET A 15 -9.70 7.26 -26.74
C MET A 15 -8.17 7.14 -26.71
N GLY A 16 -7.68 5.98 -26.26
CA GLY A 16 -6.24 5.75 -26.17
C GLY A 16 -5.93 4.71 -25.10
N ALA A 17 -4.65 4.58 -24.76
CA ALA A 17 -4.22 3.63 -23.73
C ALA A 17 -4.48 4.20 -22.34
N ALA A 18 -5.51 3.66 -21.68
CA ALA A 18 -5.87 4.13 -20.35
C ALA A 18 -6.60 3.03 -19.58
N SER A 19 -6.73 3.22 -18.26
CA SER A 19 -7.42 2.24 -17.42
C SER A 19 -8.91 2.23 -17.72
N ALA A 20 -9.57 1.12 -17.37
CA ALA A 20 -11.01 0.99 -17.63
C ALA A 20 -11.81 1.97 -16.76
N ALA A 21 -12.91 2.47 -17.31
CA ALA A 21 -13.75 3.42 -16.59
C ALA A 21 -14.80 2.68 -15.76
N VAL A 22 -15.15 3.25 -14.61
CA VAL A 22 -16.14 2.65 -13.72
C VAL A 22 -17.37 3.54 -13.63
N SER A 23 -18.56 2.91 -13.58
CA SER A 23 -19.80 3.66 -13.49
C SER A 23 -20.19 3.88 -12.03
N VAL A 24 -20.96 4.94 -11.78
CA VAL A 24 -21.38 5.26 -10.41
C VAL A 24 -22.74 4.64 -10.11
N GLY A 25 -22.84 4.00 -8.95
CA GLY A 25 -24.10 3.37 -8.54
C GLY A 25 -23.85 2.36 -7.42
N GLY A 26 -24.92 2.00 -6.70
CA GLY A 26 -24.81 1.04 -5.60
C GLY A 26 -24.76 1.76 -4.25
N TYR A 27 -24.18 2.97 -4.23
CA TYR A 27 -24.06 3.76 -3.01
C TYR A 27 -23.29 2.98 -1.94
N GLY A 28 -21.95 2.98 -2.05
CA GLY A 28 -21.11 2.28 -1.09
C GLY A 28 -21.31 0.77 -1.17
N PRO A 29 -21.10 0.17 -2.33
CA PRO A 29 -21.27 -1.30 -2.50
C PRO A 29 -20.11 -2.09 -1.89
N GLN A 30 -20.42 -3.25 -1.32
CA GLN A 30 -19.40 -4.10 -0.72
C GLN A 30 -19.01 -5.24 -1.66
N SER A 31 -18.82 -4.88 -2.93
CA SER A 31 -18.47 -5.87 -3.95
C SER A 31 -17.17 -5.47 -4.66
N SER A 32 -16.35 -6.47 -4.99
CA SER A 32 -15.07 -6.24 -5.67
C SER A 32 -14.17 -5.31 -4.84
N SER A 33 -13.70 -5.83 -3.71
CA SER A 33 -12.81 -5.05 -2.84
C SER A 33 -12.10 -5.97 -1.86
N ALA A 34 -12.86 -6.82 -1.18
CA ALA A 34 -12.29 -7.74 -0.20
C ALA A 34 -11.38 -8.78 -0.88
N PRO A 35 -11.91 -9.57 -1.81
CA PRO A 35 -11.11 -10.65 -2.47
C PRO A 35 -9.83 -10.12 -3.12
N VAL A 36 -9.79 -8.82 -3.41
CA VAL A 36 -8.59 -8.21 -3.98
C VAL A 36 -7.44 -8.28 -2.97
N ALA A 37 -7.71 -7.86 -1.74
CA ALA A 37 -6.69 -7.90 -0.69
C ALA A 37 -6.33 -9.34 -0.33
N SER A 38 -7.33 -10.23 -0.35
CA SER A 38 -7.11 -11.63 -0.02
C SER A 38 -6.12 -12.27 -0.99
N ALA A 39 -6.26 -11.95 -2.27
CA ALA A 39 -5.35 -12.46 -3.30
C ALA A 39 -3.95 -11.90 -3.08
N ALA A 40 -3.87 -10.61 -2.73
CA ALA A 40 -2.57 -9.97 -2.48
C ALA A 40 -1.86 -10.62 -1.29
N ALA A 41 -2.64 -11.00 -0.27
CA ALA A 41 -2.09 -11.66 0.90
C ALA A 41 -1.57 -13.05 0.55
N SER A 42 -2.30 -13.74 -0.33
CA SER A 42 -1.94 -15.10 -0.71
C SER A 42 -0.58 -15.14 -1.40
N ARG A 43 -0.38 -14.26 -2.37
CA ARG A 43 0.90 -14.17 -3.07
C ARG A 43 1.97 -13.49 -2.21
N LEU A 44 1.53 -12.68 -1.23
CA LEU A 44 2.45 -12.11 -0.23
C LEU A 44 3.11 -13.23 0.60
N SER A 45 2.38 -14.33 0.81
CA SER A 45 2.91 -15.45 1.57
C SER A 45 3.86 -16.31 0.74
N SER A 46 4.01 -15.99 -0.56
CA SER A 46 4.92 -16.74 -1.43
C SER A 46 6.37 -16.54 -1.00
N PRO A 47 7.23 -17.51 -1.26
CA PRO A 47 8.67 -17.41 -0.85
C PRO A 47 9.36 -16.19 -1.45
N ALA A 48 8.94 -15.80 -2.64
CA ALA A 48 9.51 -14.63 -3.32
C ALA A 48 9.24 -13.36 -2.52
N ALA A 49 8.02 -13.26 -1.97
CA ALA A 49 7.63 -12.09 -1.19
C ALA A 49 8.45 -12.00 0.09
N SER A 50 8.60 -13.13 0.79
CA SER A 50 9.34 -13.15 2.05
C SER A 50 10.78 -12.66 1.87
N SER A 51 11.40 -13.09 0.76
CA SER A 51 12.78 -12.68 0.46
C SER A 51 12.86 -11.17 0.28
N ARG A 52 11.86 -10.60 -0.40
CA ARG A 52 11.82 -9.16 -0.62
C ARG A 52 11.67 -8.41 0.72
N VAL A 53 10.94 -9.01 1.66
CA VAL A 53 10.76 -8.42 2.99
C VAL A 53 12.12 -8.29 3.68
N SER A 54 12.91 -9.36 3.66
CA SER A 54 14.21 -9.36 4.32
C SER A 54 15.11 -8.28 3.72
N SER A 55 15.08 -8.15 2.39
CA SER A 55 15.87 -7.13 1.71
C SER A 55 15.44 -5.73 2.15
N ALA A 56 14.13 -5.55 2.33
CA ALA A 56 13.59 -4.28 2.80
C ALA A 56 14.11 -3.95 4.21
N VAL A 57 14.34 -5.00 5.01
CA VAL A 57 14.87 -4.81 6.37
C VAL A 57 16.26 -4.21 6.31
N SER A 58 17.15 -4.84 5.54
CA SER A 58 18.54 -4.38 5.45
C SER A 58 18.62 -2.95 4.93
N SER A 59 17.75 -2.62 3.97
CA SER A 59 17.77 -1.29 3.36
C SER A 59 17.40 -0.22 4.39
N LEU A 60 16.29 -0.42 5.10
CA LEU A 60 15.81 0.55 6.08
C LEU A 60 16.77 0.65 7.26
N VAL A 61 17.27 -0.50 7.69
CA VAL A 61 18.14 -0.57 8.88
C VAL A 61 19.45 0.19 8.64
N SER A 62 20.10 -0.08 7.51
CA SER A 62 21.42 0.48 7.24
C SER A 62 21.32 1.97 6.91
N SER A 63 20.34 2.34 6.10
CA SER A 63 20.19 3.73 5.66
C SER A 63 19.58 4.58 6.78
N GLY A 64 18.64 4.00 7.52
CA GLY A 64 17.95 4.73 8.58
C GLY A 64 16.46 4.35 8.61
N PRO A 65 16.03 3.59 9.60
CA PRO A 65 14.60 3.15 9.71
C PRO A 65 13.58 4.26 9.42
N THR A 66 13.93 5.51 9.74
CA THR A 66 12.98 6.62 9.64
C THR A 66 13.53 7.75 8.76
N ASN A 67 14.36 7.41 7.78
CA ASN A 67 14.94 8.40 6.88
C ASN A 67 14.13 8.52 5.60
N GLN A 68 13.98 9.74 5.09
CA GLN A 68 13.26 9.96 3.82
C GLN A 68 13.98 9.26 2.66
N ALA A 69 15.30 9.42 2.62
CA ALA A 69 16.10 8.84 1.54
C ALA A 69 16.09 7.31 1.61
N ALA A 70 16.11 6.79 2.84
CA ALA A 70 16.14 5.34 3.02
C ALA A 70 14.83 4.70 2.57
N LEU A 71 13.70 5.30 2.96
CA LEU A 71 12.39 4.77 2.59
C LEU A 71 12.21 4.80 1.08
N SER A 72 12.68 5.87 0.43
CA SER A 72 12.56 6.00 -1.02
C SER A 72 13.33 4.88 -1.73
N ASN A 73 14.52 4.58 -1.23
CA ASN A 73 15.36 3.53 -1.84
C ASN A 73 14.69 2.17 -1.74
N THR A 74 14.17 1.84 -0.56
CA THR A 74 13.55 0.53 -0.33
C THR A 74 12.31 0.36 -1.18
N ILE A 75 11.43 1.36 -1.18
CA ILE A 75 10.16 1.28 -1.90
C ILE A 75 10.40 1.14 -3.41
N SER A 76 11.32 1.95 -3.94
CA SER A 76 11.60 1.94 -5.37
C SER A 76 12.12 0.57 -5.81
N SER A 77 13.11 0.06 -5.08
CA SER A 77 13.73 -1.23 -5.41
C SER A 77 12.72 -2.37 -5.32
N VAL A 78 11.91 -2.37 -4.26
CA VAL A 78 10.95 -3.45 -4.02
C VAL A 78 9.88 -3.46 -5.12
N VAL A 79 9.38 -2.27 -5.48
CA VAL A 79 8.33 -2.17 -6.50
C VAL A 79 8.82 -2.75 -7.83
N SER A 80 10.07 -2.44 -8.18
CA SER A 80 10.66 -2.95 -9.42
C SER A 80 10.70 -4.48 -9.43
N GLN A 81 11.31 -5.04 -8.39
CA GLN A 81 11.51 -6.49 -8.32
C GLN A 81 10.18 -7.24 -8.25
N VAL A 82 9.20 -6.68 -7.53
CA VAL A 82 7.88 -7.31 -7.42
C VAL A 82 7.21 -7.37 -8.80
N SER A 83 7.40 -6.32 -9.60
CA SER A 83 6.89 -6.31 -10.97
C SER A 83 7.58 -7.38 -11.82
N ALA A 84 8.88 -7.58 -11.58
CA ALA A 84 9.67 -8.55 -12.34
C ALA A 84 9.13 -9.96 -12.17
N SER A 85 8.76 -10.30 -10.93
CA SER A 85 8.19 -11.63 -10.65
C SER A 85 6.77 -11.72 -11.19
N ASN A 86 6.03 -10.61 -11.10
CA ASN A 86 4.61 -10.60 -11.46
C ASN A 86 4.38 -9.74 -12.72
N PRO A 87 4.80 -10.20 -13.88
CA PRO A 87 4.41 -9.57 -15.17
C PRO A 87 3.00 -9.96 -15.59
N GLY A 88 2.58 -11.17 -15.21
CA GLY A 88 1.24 -11.65 -15.56
C GLY A 88 0.15 -10.82 -14.89
N LEU A 89 0.45 -10.27 -13.72
CA LEU A 89 -0.54 -9.51 -12.96
C LEU A 89 -0.67 -8.09 -13.51
N SER A 90 -1.85 -7.49 -13.32
CA SER A 90 -2.11 -6.15 -13.82
C SER A 90 -1.27 -5.11 -13.10
N GLY A 91 -1.19 -3.92 -13.66
CA GLY A 91 -0.36 -2.86 -13.09
C GLY A 91 -0.77 -2.53 -11.66
N CYS A 92 -2.09 -2.52 -11.40
CA CYS A 92 -2.59 -2.22 -10.06
C CYS A 92 -2.18 -3.31 -9.07
N ASP A 93 -2.19 -4.56 -9.52
CA ASP A 93 -1.77 -5.67 -8.66
C ASP A 93 -0.32 -5.52 -8.22
N VAL A 94 0.52 -5.02 -9.12
CA VAL A 94 1.93 -4.78 -8.80
C VAL A 94 2.04 -3.73 -7.69
N LEU A 95 1.27 -2.65 -7.82
CA LEU A 95 1.29 -1.58 -6.82
C LEU A 95 0.82 -2.10 -5.45
N VAL A 96 -0.23 -2.92 -5.46
CA VAL A 96 -0.76 -3.49 -4.22
C VAL A 96 0.34 -4.29 -3.50
N GLN A 97 0.97 -5.19 -4.25
CA GLN A 97 1.93 -6.13 -3.66
C GLN A 97 3.10 -5.38 -3.02
N ALA A 98 3.62 -4.37 -3.71
CA ALA A 98 4.73 -3.59 -3.19
C ALA A 98 4.35 -2.88 -1.89
N LEU A 99 3.11 -2.37 -1.84
CA LEU A 99 2.71 -1.53 -0.71
C LEU A 99 2.60 -2.33 0.58
N LEU A 100 1.89 -3.46 0.55
CA LEU A 100 1.67 -4.23 1.77
C LEU A 100 2.97 -4.93 2.22
N GLU A 101 3.82 -5.27 1.25
CA GLU A 101 5.12 -5.84 1.56
C GLU A 101 5.99 -4.82 2.31
N VAL A 102 5.81 -3.53 2.02
CA VAL A 102 6.48 -2.48 2.79
C VAL A 102 5.91 -2.44 4.21
N VAL A 103 4.60 -2.67 4.33
CA VAL A 103 3.94 -2.70 5.64
C VAL A 103 4.54 -3.81 6.51
N SER A 104 4.79 -4.97 5.89
CA SER A 104 5.34 -6.11 6.62
C SER A 104 6.77 -5.85 7.07
N ALA A 105 7.55 -5.18 6.23
CA ALA A 105 8.93 -4.84 6.58
C ALA A 105 8.96 -3.93 7.82
N LEU A 106 8.06 -2.95 7.84
CA LEU A 106 7.97 -2.04 8.97
C LEU A 106 7.52 -2.77 10.24
N VAL A 107 6.62 -3.75 10.08
CA VAL A 107 6.18 -4.57 11.20
C VAL A 107 7.37 -5.32 11.83
N SER A 108 8.25 -5.83 10.97
CA SER A 108 9.45 -6.55 11.43
C SER A 108 10.33 -5.63 12.27
N ILE A 109 10.50 -4.39 11.81
CA ILE A 109 11.32 -3.43 12.54
C ILE A 109 10.71 -3.12 13.91
N LEU A 110 9.39 -2.96 13.95
CA LEU A 110 8.69 -2.63 15.19
C LEU A 110 8.84 -3.76 16.21
N GLY A 111 8.68 -5.00 15.75
CA GLY A 111 8.74 -6.16 16.63
C GLY A 111 10.12 -6.33 17.26
N SER A 112 11.16 -6.08 16.47
CA SER A 112 12.53 -6.18 16.96
C SER A 112 12.97 -4.90 17.68
N SER A 113 12.31 -3.79 17.38
CA SER A 113 12.69 -2.50 17.95
C SER A 113 11.88 -2.18 19.20
N SER A 114 12.32 -1.19 19.95
CA SER A 114 11.68 -0.82 21.21
C SER A 114 10.75 0.36 21.01
N ILE A 115 9.57 0.30 21.62
CA ILE A 115 8.59 1.37 21.49
C ILE A 115 8.66 2.31 22.69
N GLY A 116 8.97 3.59 22.42
CA GLY A 116 9.04 4.59 23.47
C GLY A 116 7.75 5.40 23.52
N GLN A 117 7.89 6.73 23.43
CA GLN A 117 6.72 7.61 23.38
C GLN A 117 6.40 7.98 21.94
N ILE A 118 5.12 7.93 21.58
CA ILE A 118 4.71 8.20 20.20
C ILE A 118 4.27 9.66 20.05
N ASN A 119 4.90 10.37 19.12
CA ASN A 119 4.51 11.74 18.80
C ASN A 119 3.29 11.74 17.89
N TYR A 120 2.12 11.90 18.49
CA TYR A 120 0.86 11.71 17.77
C TYR A 120 0.68 12.78 16.69
N GLY A 121 1.05 14.02 17.00
CA GLY A 121 0.86 15.13 16.08
C GLY A 121 1.70 14.98 14.81
N ALA A 122 2.90 14.42 14.97
CA ALA A 122 3.83 14.29 13.86
C ALA A 122 3.45 13.15 12.90
N SER A 123 2.42 12.37 13.26
CA SER A 123 2.01 11.22 12.44
C SER A 123 1.67 11.68 11.01
N ALA A 124 1.09 12.87 10.89
CA ALA A 124 0.75 13.41 9.57
C ALA A 124 2.01 13.69 8.75
N GLN A 125 3.08 14.13 9.44
CA GLN A 125 4.34 14.43 8.76
C GLN A 125 4.94 13.17 8.15
N TYR A 126 4.91 12.07 8.92
CA TYR A 126 5.41 10.79 8.43
C TYR A 126 4.57 10.29 7.25
N THR A 127 3.27 10.62 7.26
CA THR A 127 2.40 10.32 6.13
C THR A 127 2.92 11.01 4.86
N GLN A 128 3.38 12.25 5.02
CA GLN A 128 3.96 12.99 3.91
C GLN A 128 5.23 12.31 3.40
N MET A 129 5.99 11.69 4.31
CA MET A 129 7.22 10.99 3.94
C MET A 129 6.92 9.85 2.97
N VAL A 130 5.92 9.02 3.33
CA VAL A 130 5.58 7.87 2.50
C VAL A 130 5.05 8.30 1.13
N GLY A 131 4.13 9.27 1.13
CA GLY A 131 3.59 9.80 -0.12
C GLY A 131 4.70 10.35 -1.02
N GLN A 132 5.67 11.03 -0.40
CA GLN A 132 6.80 11.59 -1.16
C GLN A 132 7.61 10.49 -1.82
N SER A 133 7.87 9.42 -1.08
CA SER A 133 8.69 8.33 -1.58
C SER A 133 8.04 7.67 -2.80
N VAL A 134 6.71 7.55 -2.78
CA VAL A 134 5.97 6.96 -3.90
C VAL A 134 6.14 7.81 -5.16
N ALA A 135 5.92 9.12 -5.03
CA ALA A 135 5.95 10.01 -6.19
C ALA A 135 7.34 10.03 -6.82
N GLN A 136 8.36 10.23 -6.01
CA GLN A 136 9.74 10.32 -6.50
C GLN A 136 10.21 8.96 -7.04
N ALA A 137 9.84 7.89 -6.35
CA ALA A 137 10.35 6.56 -6.68
C ALA A 137 9.87 6.10 -8.06
N LEU A 138 8.59 6.33 -8.35
CA LEU A 138 8.00 5.85 -9.59
C LEU A 138 7.96 6.94 -10.68
N ALA A 139 8.29 8.18 -10.31
CA ALA A 139 8.33 9.26 -11.29
C ALA A 139 9.53 9.11 -12.22
N GLY A 140 10.65 8.63 -11.67
CA GLY A 140 11.86 8.44 -12.45
C GLY A 140 13.10 8.54 -11.57
N MET B 1 -0.14 -31.40 -18.49
CA MET B 1 1.28 -30.98 -18.42
C MET B 1 1.68 -30.31 -19.74
N ALA B 2 1.60 -28.98 -19.77
CA ALA B 2 1.96 -28.22 -20.97
C ALA B 2 2.55 -26.87 -20.60
N SER B 3 3.37 -26.32 -21.50
CA SER B 3 3.99 -25.02 -21.25
C SER B 3 3.57 -24.02 -22.33
N MET B 4 3.47 -22.75 -21.94
CA MET B 4 3.07 -21.70 -22.87
C MET B 4 4.11 -21.52 -23.97
N THR B 5 5.38 -21.64 -23.60
CA THR B 5 6.48 -21.50 -24.56
C THR B 5 7.44 -22.68 -24.45
N GLY B 6 7.89 -23.19 -25.59
CA GLY B 6 8.83 -24.30 -25.61
C GLY B 6 10.24 -23.85 -25.23
N GLY B 7 10.88 -24.61 -24.35
CA GLY B 7 12.23 -24.27 -23.90
C GLY B 7 12.17 -23.19 -22.81
N GLN B 8 13.29 -22.48 -22.65
CA GLN B 8 13.36 -21.41 -21.65
C GLN B 8 14.13 -20.21 -22.21
N GLN B 9 13.85 -19.03 -21.65
CA GLN B 9 14.53 -17.81 -22.09
C GLN B 9 15.14 -17.09 -20.90
N MET B 10 16.44 -16.79 -20.99
CA MET B 10 17.15 -16.10 -19.91
C MET B 10 16.62 -14.68 -19.74
N GLY B 11 16.31 -14.02 -20.86
CA GLY B 11 15.78 -12.66 -20.81
C GLY B 11 16.86 -11.66 -20.38
N ARG B 12 18.10 -11.93 -20.77
CA ARG B 12 19.21 -11.05 -20.39
C ARG B 12 19.05 -9.68 -21.04
N GLY B 13 18.60 -9.66 -22.29
CA GLY B 13 18.40 -8.41 -23.02
C GLY B 13 19.74 -7.79 -23.43
N SER B 14 20.69 -8.66 -23.78
CA SER B 14 22.03 -8.20 -24.18
C SER B 14 21.95 -7.40 -25.50
N MET B 15 21.03 -7.78 -26.37
CA MET B 15 20.86 -7.10 -27.65
C MET B 15 19.76 -6.06 -27.57
N GLY B 16 19.97 -4.91 -28.22
CA GLY B 16 18.98 -3.84 -28.22
C GLY B 16 19.45 -2.67 -29.06
N ALA B 17 19.02 -2.64 -30.33
CA ALA B 17 19.39 -1.56 -31.24
C ALA B 17 18.23 -0.59 -31.43
N ALA B 18 18.56 0.70 -31.56
CA ALA B 18 17.54 1.73 -31.75
C ALA B 18 18.06 2.85 -32.63
N SER B 19 17.15 3.55 -33.32
CA SER B 19 17.53 4.65 -34.20
C SER B 19 18.15 5.79 -33.40
N ALA B 20 17.62 6.03 -32.20
CA ALA B 20 18.12 7.10 -31.34
C ALA B 20 17.85 6.78 -29.88
N ALA B 21 18.74 7.25 -29.00
CA ALA B 21 18.59 7.02 -27.57
C ALA B 21 18.21 8.32 -26.86
N VAL B 22 17.41 8.21 -25.79
CA VAL B 22 17.00 9.39 -25.03
C VAL B 22 17.17 9.13 -23.53
N SER B 23 17.65 10.17 -22.81
CA SER B 23 17.85 10.10 -21.37
C SER B 23 18.67 8.87 -20.95
N VAL B 24 18.01 7.72 -20.73
CA VAL B 24 18.71 6.50 -20.30
C VAL B 24 18.41 5.34 -21.26
N GLY B 25 18.17 5.66 -22.53
CA GLY B 25 17.85 4.64 -23.53
C GLY B 25 16.39 4.19 -23.40
N GLY B 26 16.12 2.95 -23.77
CA GLY B 26 14.76 2.41 -23.68
C GLY B 26 14.69 1.01 -24.28
N TYR B 27 14.46 0.01 -23.44
CA TYR B 27 14.36 -1.37 -23.89
C TYR B 27 13.12 -1.57 -24.75
N GLY B 28 12.03 -0.90 -24.38
CA GLY B 28 10.78 -1.01 -25.13
C GLY B 28 10.06 0.35 -25.18
N PRO B 29 9.15 0.52 -26.12
CA PRO B 29 8.38 1.80 -26.25
C PRO B 29 7.45 2.05 -25.05
N GLN B 30 6.97 0.95 -24.46
CA GLN B 30 6.07 1.05 -23.31
C GLN B 30 6.87 1.07 -22.01
N SER B 31 6.45 1.93 -21.08
CA SER B 31 7.13 2.06 -19.79
C SER B 31 6.38 1.28 -18.71
N SER B 32 7.11 0.87 -17.67
CA SER B 32 6.52 0.11 -16.57
C SER B 32 5.53 0.98 -15.80
N SER B 33 4.86 0.38 -14.82
CA SER B 33 3.87 1.10 -14.01
C SER B 33 4.55 2.20 -13.19
N ALA B 34 3.77 3.22 -12.80
CA ALA B 34 4.30 4.34 -12.03
C ALA B 34 3.18 5.34 -11.68
N PRO B 35 2.51 5.91 -12.66
CA PRO B 35 1.46 6.95 -12.41
C PRO B 35 0.37 6.46 -11.45
N VAL B 36 0.23 5.13 -11.32
CA VAL B 36 -0.75 4.56 -10.39
C VAL B 36 -0.36 4.91 -8.95
N ALA B 37 0.91 4.67 -8.60
CA ALA B 37 1.41 4.99 -7.26
C ALA B 37 1.41 6.50 -7.02
N SER B 38 1.74 7.26 -8.08
CA SER B 38 1.80 8.72 -7.96
C SER B 38 0.42 9.28 -7.59
N ALA B 39 -0.63 8.74 -8.21
CA ALA B 39 -1.99 9.18 -7.90
C ALA B 39 -2.35 8.80 -6.46
N ALA B 40 -1.94 7.61 -6.04
CA ALA B 40 -2.21 7.15 -4.68
C ALA B 40 -1.53 8.05 -3.65
N ALA B 41 -0.32 8.50 -3.98
CA ALA B 41 0.42 9.41 -3.09
C ALA B 41 -0.27 10.77 -3.01
N SER B 42 -0.81 11.23 -4.15
CA SER B 42 -1.44 12.55 -4.20
C SER B 42 -2.66 12.60 -3.28
N ARG B 43 -3.52 11.60 -3.36
CA ARG B 43 -4.70 11.53 -2.50
C ARG B 43 -4.32 11.11 -1.07
N LEU B 44 -3.18 10.44 -0.92
CA LEU B 44 -2.62 10.14 0.40
C LEU B 44 -2.29 11.43 1.16
N SER B 45 -1.89 12.47 0.42
CA SER B 45 -1.56 13.75 1.02
C SER B 45 -2.82 14.56 1.38
N SER B 46 -4.00 14.04 1.03
CA SER B 46 -5.25 14.73 1.35
C SER B 46 -5.48 14.76 2.86
N PRO B 47 -6.20 15.75 3.37
CA PRO B 47 -6.45 15.89 4.83
C PRO B 47 -7.16 14.65 5.41
N ALA B 48 -8.00 14.02 4.59
CA ALA B 48 -8.73 12.83 5.02
C ALA B 48 -7.76 11.69 5.31
N ALA B 49 -6.73 11.56 4.46
CA ALA B 49 -5.75 10.49 4.63
C ALA B 49 -4.95 10.69 5.92
N SER B 50 -4.52 11.93 6.16
CA SER B 50 -3.71 12.24 7.35
C SER B 50 -4.46 11.88 8.63
N SER B 51 -5.76 12.18 8.66
CA SER B 51 -6.58 11.86 9.82
C SER B 51 -6.63 10.36 10.07
N ARG B 52 -6.74 9.59 8.99
CA ARG B 52 -6.76 8.14 9.09
C ARG B 52 -5.43 7.61 9.64
N VAL B 53 -4.34 8.28 9.28
CA VAL B 53 -3.01 7.88 9.78
C VAL B 53 -2.97 8.02 11.30
N SER B 54 -3.45 9.15 11.82
CA SER B 54 -3.44 9.39 13.27
C SER B 54 -4.24 8.31 14.00
N SER B 55 -5.41 7.98 13.44
CA SER B 55 -6.25 6.93 14.03
C SER B 55 -5.53 5.60 14.05
N ALA B 56 -4.77 5.32 12.99
CA ALA B 56 -3.98 4.08 12.91
C ALA B 56 -2.93 4.06 14.02
N VAL B 57 -2.41 5.23 14.38
CA VAL B 57 -1.41 5.32 15.46
C VAL B 57 -2.02 4.86 16.78
N SER B 58 -3.16 5.46 17.15
CA SER B 58 -3.80 5.14 18.43
C SER B 58 -4.14 3.65 18.51
N SER B 59 -4.59 3.09 17.39
CA SER B 59 -5.00 1.68 17.37
C SER B 59 -3.82 0.76 17.65
N LEU B 60 -2.72 0.96 16.91
CA LEU B 60 -1.54 0.12 17.05
C LEU B 60 -0.89 0.31 18.41
N VAL B 61 -0.84 1.56 18.87
CA VAL B 61 -0.16 1.91 20.12
C VAL B 61 -0.88 1.26 21.31
N SER B 62 -2.20 1.42 21.38
CA SER B 62 -2.96 0.95 22.53
C SER B 62 -3.06 -0.58 22.55
N SER B 63 -3.32 -1.18 21.39
CA SER B 63 -3.50 -2.62 21.31
C SER B 63 -2.15 -3.33 21.37
N GLY B 64 -1.13 -2.75 20.75
CA GLY B 64 0.19 -3.36 20.69
C GLY B 64 0.83 -3.14 19.31
N PRO B 65 1.82 -2.27 19.22
CA PRO B 65 2.51 -1.97 17.92
C PRO B 65 2.80 -3.21 17.06
N THR B 66 3.07 -4.34 17.72
CA THR B 66 3.50 -5.55 17.00
C THR B 66 2.60 -6.75 17.32
N ASN B 67 1.32 -6.48 17.58
CA ASN B 67 0.37 -7.55 17.90
C ASN B 67 -0.41 -7.95 16.65
N GLN B 68 -0.68 -9.25 16.50
CA GLN B 68 -1.46 -9.75 15.36
C GLN B 68 -2.88 -9.18 15.42
N ALA B 69 -3.49 -9.20 16.60
CA ALA B 69 -4.86 -8.74 16.76
C ALA B 69 -4.95 -7.22 16.53
N ALA B 70 -3.93 -6.50 16.98
CA ALA B 70 -3.91 -5.05 16.85
C ALA B 70 -3.81 -4.62 15.39
N LEU B 71 -2.91 -5.28 14.64
CA LEU B 71 -2.72 -4.96 13.24
C LEU B 71 -3.99 -5.25 12.43
N SER B 72 -4.66 -6.35 12.77
CA SER B 72 -5.89 -6.73 12.07
C SER B 72 -6.98 -5.66 12.27
N ASN B 73 -7.08 -5.16 13.50
CA ASN B 73 -8.10 -4.16 13.82
C ASN B 73 -7.87 -2.86 13.03
N THR B 74 -6.62 -2.41 13.01
CA THR B 74 -6.28 -1.14 12.36
C THR B 74 -6.51 -1.24 10.85
N ILE B 75 -6.01 -2.32 10.24
CA ILE B 75 -6.12 -2.49 8.78
C ILE B 75 -7.58 -2.57 8.35
N SER B 76 -8.37 -3.37 9.07
CA SER B 76 -9.78 -3.55 8.72
C SER B 76 -10.53 -2.22 8.77
N SER B 77 -10.37 -1.50 9.89
CA SER B 77 -11.07 -0.23 10.08
C SER B 77 -10.67 0.79 9.03
N VAL B 78 -9.36 0.89 8.77
CA VAL B 78 -8.85 1.89 7.83
C VAL B 78 -9.35 1.61 6.40
N VAL B 79 -9.33 0.33 6.01
CA VAL B 79 -9.77 -0.04 4.65
C VAL B 79 -11.24 0.36 4.45
N SER B 80 -12.06 0.14 5.46
CA SER B 80 -13.49 0.49 5.39
C SER B 80 -13.68 1.99 5.17
N GLN B 81 -13.07 2.78 6.06
CA GLN B 81 -13.24 4.24 6.02
C GLN B 81 -12.67 4.84 4.74
N VAL B 82 -11.54 4.30 4.27
CA VAL B 82 -10.93 4.80 3.03
C VAL B 82 -11.88 4.57 1.84
N SER B 83 -12.57 3.44 1.86
CA SER B 83 -13.57 3.15 0.82
C SER B 83 -14.74 4.12 0.91
N ALA B 84 -15.10 4.50 2.14
CA ALA B 84 -16.24 5.39 2.36
C ALA B 84 -16.00 6.76 1.72
N SER B 85 -14.76 7.26 1.86
CA SER B 85 -14.40 8.54 1.26
C SER B 85 -14.26 8.40 -0.27
N ASN B 86 -13.75 7.25 -0.70
CA ASN B 86 -13.46 7.04 -2.12
C ASN B 86 -14.38 5.96 -2.71
N PRO B 87 -15.65 6.28 -2.89
CA PRO B 87 -16.57 5.40 -3.68
C PRO B 87 -16.36 5.56 -5.19
N GLY B 88 -15.98 6.77 -5.60
CA GLY B 88 -15.74 7.06 -7.01
C GLY B 88 -14.58 6.24 -7.58
N LEU B 89 -13.61 5.92 -6.72
CA LEU B 89 -12.43 5.20 -7.17
C LEU B 89 -12.72 3.70 -7.29
N SER B 90 -11.96 3.02 -8.17
CA SER B 90 -12.16 1.60 -8.40
C SER B 90 -11.78 0.79 -7.15
N GLY B 91 -12.19 -0.48 -7.13
CA GLY B 91 -11.93 -1.34 -5.98
C GLY B 91 -10.44 -1.47 -5.69
N CYS B 92 -9.64 -1.57 -6.75
CA CYS B 92 -8.19 -1.70 -6.59
C CYS B 92 -7.59 -0.43 -5.99
N ASP B 93 -8.12 0.73 -6.38
CA ASP B 93 -7.64 2.01 -5.85
C ASP B 93 -7.87 2.08 -4.34
N VAL B 94 -9.00 1.52 -3.88
CA VAL B 94 -9.30 1.49 -2.45
C VAL B 94 -8.25 0.65 -1.71
N LEU B 95 -7.91 -0.51 -2.28
CA LEU B 95 -6.92 -1.40 -1.67
C LEU B 95 -5.56 -0.71 -1.60
N VAL B 96 -5.18 -0.02 -2.68
CA VAL B 96 -3.90 0.69 -2.71
C VAL B 96 -3.82 1.71 -1.57
N GLN B 97 -4.86 2.53 -1.46
CA GLN B 97 -4.85 3.65 -0.51
C GLN B 97 -4.71 3.15 0.92
N ALA B 98 -5.44 2.09 1.25
CA ALA B 98 -5.39 1.53 2.60
C ALA B 98 -3.99 0.99 2.91
N LEU B 99 -3.35 0.37 1.92
CA LEU B 99 -2.08 -0.31 2.15
C LEU B 99 -0.97 0.69 2.48
N LEU B 100 -0.80 1.72 1.64
CA LEU B 100 0.32 2.64 1.85
C LEU B 100 0.07 3.54 3.06
N GLU B 101 -1.20 3.79 3.36
CA GLU B 101 -1.56 4.55 4.56
C GLU B 101 -1.16 3.77 5.83
N VAL B 102 -1.20 2.43 5.74
CA VAL B 102 -0.70 1.59 6.84
C VAL B 102 0.82 1.72 6.93
N VAL B 103 1.48 1.84 5.77
CA VAL B 103 2.93 2.01 5.73
C VAL B 103 3.32 3.31 6.45
N SER B 104 2.55 4.37 6.22
CA SER B 104 2.84 5.66 6.84
C SER B 104 2.65 5.62 8.35
N ALA B 105 1.62 4.91 8.79
CA ALA B 105 1.37 4.78 10.24
C ALA B 105 2.56 4.10 10.93
N LEU B 106 3.08 3.05 10.29
CA LEU B 106 4.22 2.32 10.83
C LEU B 106 5.46 3.20 10.84
N VAL B 107 5.61 4.05 9.82
CA VAL B 107 6.73 4.99 9.76
C VAL B 107 6.69 5.94 10.97
N SER B 108 5.48 6.39 11.32
CA SER B 108 5.31 7.29 12.44
C SER B 108 5.76 6.63 13.74
N ILE B 109 5.41 5.36 13.90
CA ILE B 109 5.79 4.61 15.10
C ILE B 109 7.31 4.47 15.18
N LEU B 110 7.94 4.18 14.04
CA LEU B 110 9.39 4.00 13.98
C LEU B 110 10.13 5.28 14.36
N GLY B 111 9.64 6.41 13.83
CA GLY B 111 10.30 7.70 14.05
C GLY B 111 10.25 8.10 15.53
N SER B 112 9.10 7.83 16.16
CA SER B 112 8.94 8.16 17.58
C SER B 112 9.51 7.06 18.48
N SER B 113 9.64 5.86 17.94
CA SER B 113 10.12 4.71 18.74
C SER B 113 11.63 4.55 18.59
N SER B 114 12.21 3.73 19.47
CA SER B 114 13.64 3.51 19.47
C SER B 114 14.00 2.22 18.75
N ILE B 115 15.05 2.26 17.94
CA ILE B 115 15.48 1.08 17.18
C ILE B 115 16.61 0.36 17.91
N GLY B 116 16.37 -0.89 18.28
CA GLY B 116 17.37 -1.70 18.95
C GLY B 116 18.07 -2.63 17.95
N GLN B 117 18.07 -3.93 18.24
CA GLN B 117 18.62 -4.92 17.32
C GLN B 117 17.51 -5.54 16.50
N ILE B 118 17.75 -5.69 15.19
CA ILE B 118 16.72 -6.23 14.29
C ILE B 118 16.93 -7.72 14.08
N ASN B 119 15.90 -8.50 14.37
CA ASN B 119 15.93 -9.95 14.11
C ASN B 119 15.65 -10.22 12.65
N TYR B 120 16.71 -10.39 11.86
CA TYR B 120 16.60 -10.47 10.42
C TYR B 120 15.81 -11.71 9.97
N GLY B 121 16.07 -12.83 10.64
CA GLY B 121 15.45 -14.10 10.26
C GLY B 121 13.93 -14.07 10.46
N ALA B 122 13.49 -13.37 11.51
CA ALA B 122 12.07 -13.33 11.85
C ALA B 122 11.26 -12.41 10.92
N SER B 123 11.96 -11.69 10.02
CA SER B 123 11.28 -10.74 9.12
C SER B 123 10.20 -11.45 8.30
N ALA B 124 10.46 -12.70 7.93
CA ALA B 124 9.51 -13.48 7.16
C ALA B 124 8.25 -13.76 7.99
N GLN B 125 8.43 -13.97 9.29
CA GLN B 125 7.31 -14.25 10.19
C GLN B 125 6.37 -13.04 10.27
N TYR B 126 6.96 -11.85 10.38
CA TYR B 126 6.17 -10.62 10.42
C TYR B 126 5.44 -10.40 9.08
N THR B 127 6.04 -10.86 8.00
CA THR B 127 5.39 -10.84 6.69
C THR B 127 4.10 -11.68 6.73
N GLN B 128 4.16 -12.82 7.42
CA GLN B 128 2.99 -13.66 7.59
C GLN B 128 1.91 -12.94 8.41
N MET B 129 2.33 -12.12 9.36
CA MET B 129 1.39 -11.37 10.18
C MET B 129 0.54 -10.42 9.33
N VAL B 130 1.20 -9.67 8.45
CA VAL B 130 0.50 -8.69 7.61
C VAL B 130 -0.45 -9.41 6.63
N GLY B 131 0.06 -10.45 5.97
CA GLY B 131 -0.77 -11.23 5.05
C GLY B 131 -2.01 -11.80 5.75
N GLN B 132 -1.81 -12.27 6.99
CA GLN B 132 -2.91 -12.83 7.77
C GLN B 132 -3.99 -11.78 8.05
N SER B 133 -3.54 -10.57 8.40
CA SER B 133 -4.46 -9.49 8.74
C SER B 133 -5.34 -9.11 7.55
N VAL B 134 -4.75 -9.14 6.35
CA VAL B 134 -5.48 -8.82 5.13
C VAL B 134 -6.60 -9.84 4.90
N ALA B 135 -6.25 -11.12 4.96
CA ALA B 135 -7.20 -12.19 4.66
C ALA B 135 -8.38 -12.17 5.63
N GLN B 136 -8.07 -12.12 6.93
CA GLN B 136 -9.11 -12.14 7.95
C GLN B 136 -9.94 -10.86 7.93
N ALA B 137 -9.27 -9.73 7.72
CA ALA B 137 -9.93 -8.43 7.81
C ALA B 137 -10.99 -8.26 6.73
N LEU B 138 -10.67 -8.66 5.50
CA LEU B 138 -11.56 -8.45 4.37
C LEU B 138 -12.41 -9.69 4.06
N ALA B 139 -12.10 -10.82 4.71
CA ALA B 139 -12.88 -12.04 4.52
C ALA B 139 -14.25 -11.92 5.18
N GLY B 140 -14.30 -11.25 6.33
CA GLY B 140 -15.55 -11.06 7.06
C GLY B 140 -15.80 -12.22 8.01
N MET A 1 13.47 22.06 2.99
CA MET A 1 12.45 21.90 4.07
C MET A 1 13.15 21.64 5.39
N ALA A 2 14.12 20.72 5.38
CA ALA A 2 14.87 20.38 6.59
C ALA A 2 15.99 21.38 6.83
N SER A 3 15.84 22.20 7.86
CA SER A 3 16.85 23.21 8.19
C SER A 3 16.57 23.81 9.56
N MET A 4 15.34 24.28 9.76
CA MET A 4 14.94 24.89 11.03
C MET A 4 13.51 24.50 11.38
N THR A 5 13.11 24.80 12.62
CA THR A 5 11.75 24.49 13.08
C THR A 5 10.72 25.29 12.30
N GLY A 6 11.06 26.53 11.95
CA GLY A 6 10.17 27.39 11.20
C GLY A 6 8.94 27.77 12.02
N GLY A 7 8.52 29.03 11.90
CA GLY A 7 7.35 29.52 12.63
C GLY A 7 6.87 30.85 12.07
N GLN A 8 7.00 31.02 10.75
CA GLN A 8 6.58 32.26 10.10
C GLN A 8 5.06 32.41 10.17
N GLN A 9 4.34 31.30 10.03
CA GLN A 9 2.89 31.32 10.08
C GLN A 9 2.36 30.22 11.00
N MET A 10 1.15 30.42 11.51
CA MET A 10 0.54 29.44 12.42
C MET A 10 0.26 28.13 11.68
N GLY A 11 -0.09 28.23 10.41
CA GLY A 11 -0.40 27.04 9.59
C GLY A 11 -1.90 26.84 9.45
N ARG A 12 -2.42 25.83 10.14
CA ARG A 12 -3.85 25.53 10.07
C ARG A 12 -4.34 24.93 11.39
N GLY A 13 -5.66 24.92 11.58
CA GLY A 13 -6.24 24.36 12.80
C GLY A 13 -7.52 25.11 13.17
N SER A 14 -7.40 26.43 13.36
CA SER A 14 -8.55 27.26 13.73
C SER A 14 -9.58 27.28 12.61
N MET A 15 -9.10 27.27 11.36
CA MET A 15 -10.00 27.29 10.20
C MET A 15 -10.20 25.89 9.65
N GLY A 16 -11.37 25.64 9.07
CA GLY A 16 -11.69 24.34 8.50
C GLY A 16 -12.47 24.49 7.20
N ALA A 17 -12.68 23.36 6.51
CA ALA A 17 -13.41 23.38 5.24
C ALA A 17 -14.84 22.91 5.44
N ALA A 18 -15.78 23.52 4.70
CA ALA A 18 -17.18 23.16 4.80
C ALA A 18 -17.61 22.34 3.58
N SER A 19 -18.58 21.44 3.78
CA SER A 19 -19.07 20.60 2.69
C SER A 19 -20.38 21.16 2.14
N ALA A 20 -20.63 20.92 0.85
CA ALA A 20 -21.85 21.40 0.21
C ALA A 20 -23.07 20.68 0.76
N ALA A 21 -22.97 19.36 0.88
CA ALA A 21 -24.08 18.55 1.38
C ALA A 21 -23.59 17.20 1.86
N VAL A 22 -24.39 16.54 2.71
CA VAL A 22 -24.03 15.22 3.23
C VAL A 22 -25.00 14.17 2.67
N SER A 23 -24.44 13.06 2.19
CA SER A 23 -25.24 11.98 1.63
C SER A 23 -24.64 10.62 1.94
N VAL A 24 -25.48 9.61 2.07
CA VAL A 24 -25.02 8.25 2.36
C VAL A 24 -25.27 7.34 1.16
N GLY A 25 -24.26 6.55 0.80
CA GLY A 25 -24.36 5.64 -0.34
C GLY A 25 -23.03 4.94 -0.62
N GLY A 26 -22.94 4.30 -1.78
CA GLY A 26 -21.71 3.59 -2.16
C GLY A 26 -21.67 2.20 -1.54
N TYR A 27 -22.84 1.56 -1.43
CA TYR A 27 -22.93 0.22 -0.86
C TYR A 27 -23.49 -0.76 -1.89
N GLY A 28 -23.15 -0.55 -3.16
CA GLY A 28 -23.65 -1.40 -4.24
C GLY A 28 -23.20 -2.85 -4.06
N PRO A 29 -24.05 -3.81 -4.36
CA PRO A 29 -23.76 -5.24 -4.05
C PRO A 29 -22.76 -5.85 -5.04
N GLN A 30 -22.32 -7.07 -4.75
CA GLN A 30 -21.37 -7.77 -5.63
C GLN A 30 -20.07 -6.98 -5.77
N SER A 31 -19.52 -6.54 -4.63
CA SER A 31 -18.28 -5.79 -4.63
C SER A 31 -17.08 -6.73 -4.65
N SER A 32 -16.03 -6.33 -5.36
CA SER A 32 -14.82 -7.15 -5.48
C SER A 32 -13.63 -6.46 -4.83
N SER A 33 -13.85 -5.90 -3.64
CA SER A 33 -12.79 -5.21 -2.91
C SER A 33 -11.99 -6.20 -2.05
N ALA A 34 -12.68 -7.20 -1.52
CA ALA A 34 -12.02 -8.20 -0.67
C ALA A 34 -11.00 -9.03 -1.46
N PRO A 35 -11.41 -9.70 -2.51
CA PRO A 35 -10.54 -10.74 -3.16
C PRO A 35 -9.21 -10.16 -3.65
N VAL A 36 -9.17 -8.85 -3.88
CA VAL A 36 -7.93 -8.20 -4.31
C VAL A 36 -6.87 -8.30 -3.22
N ALA A 37 -7.24 -7.92 -1.99
CA ALA A 37 -6.32 -8.01 -0.86
C ALA A 37 -5.98 -9.47 -0.55
N SER A 38 -6.96 -10.36 -0.74
CA SER A 38 -6.75 -11.78 -0.48
C SER A 38 -5.67 -12.35 -1.39
N ALA A 39 -5.72 -11.96 -2.67
CA ALA A 39 -4.71 -12.41 -3.64
C ALA A 39 -3.34 -11.87 -3.29
N ALA A 40 -3.29 -10.61 -2.85
CA ALA A 40 -2.03 -9.98 -2.47
C ALA A 40 -1.38 -10.70 -1.28
N ALA A 41 -2.21 -11.12 -0.33
CA ALA A 41 -1.72 -11.85 0.84
C ALA A 41 -1.19 -13.23 0.42
N SER A 42 -1.87 -13.86 -0.54
CA SER A 42 -1.49 -15.20 -0.98
C SER A 42 -0.09 -15.19 -1.59
N ARG A 43 0.15 -14.27 -2.53
CA ARG A 43 1.46 -14.16 -3.16
C ARG A 43 2.48 -13.49 -2.23
N LEU A 44 1.99 -12.73 -1.25
CA LEU A 44 2.83 -12.24 -0.14
C LEU A 44 3.38 -13.43 0.65
N SER A 45 2.61 -14.52 0.72
CA SER A 45 3.05 -15.72 1.45
C SER A 45 4.09 -16.52 0.64
N SER A 46 4.21 -16.23 -0.66
CA SER A 46 5.15 -16.96 -1.51
C SER A 46 6.60 -16.71 -1.06
N PRO A 47 7.49 -17.64 -1.31
CA PRO A 47 8.94 -17.49 -0.92
C PRO A 47 9.56 -16.21 -1.48
N ALA A 48 9.11 -15.81 -2.67
CA ALA A 48 9.63 -14.61 -3.33
C ALA A 48 9.31 -13.37 -2.49
N ALA A 49 8.10 -13.32 -1.94
CA ALA A 49 7.67 -12.18 -1.14
C ALA A 49 8.49 -12.09 0.15
N SER A 50 8.66 -13.23 0.82
CA SER A 50 9.39 -13.27 2.10
C SER A 50 10.82 -12.75 1.93
N SER A 51 11.46 -13.13 0.81
CA SER A 51 12.83 -12.70 0.54
C SER A 51 12.91 -11.19 0.40
N ARG A 52 11.93 -10.61 -0.30
CA ARG A 52 11.89 -9.16 -0.49
C ARG A 52 11.67 -8.44 0.85
N VAL A 53 10.92 -9.06 1.75
CA VAL A 53 10.68 -8.49 3.07
C VAL A 53 12.01 -8.35 3.82
N SER A 54 12.81 -9.41 3.82
CA SER A 54 14.11 -9.38 4.50
C SER A 54 15.01 -8.28 3.93
N SER A 55 15.02 -8.17 2.60
CA SER A 55 15.82 -7.14 1.93
C SER A 55 15.36 -5.75 2.34
N ALA A 56 14.05 -5.58 2.52
CA ALA A 56 13.50 -4.31 2.99
C ALA A 56 14.01 -3.98 4.39
N VAL A 57 14.22 -5.02 5.21
CA VAL A 57 14.73 -4.82 6.56
C VAL A 57 16.14 -4.21 6.52
N SER A 58 17.02 -4.85 5.76
CA SER A 58 18.41 -4.39 5.68
C SER A 58 18.49 -2.96 5.15
N SER A 59 17.65 -2.64 4.17
CA SER A 59 17.68 -1.32 3.55
C SER A 59 17.29 -0.23 4.55
N LEU A 60 16.16 -0.42 5.22
CA LEU A 60 15.66 0.58 6.18
C LEU A 60 16.59 0.68 7.39
N VAL A 61 17.09 -0.46 7.85
CA VAL A 61 17.91 -0.51 9.05
C VAL A 61 19.24 0.23 8.84
N SER A 62 19.90 -0.06 7.71
CA SER A 62 21.23 0.49 7.45
C SER A 62 21.16 1.97 7.11
N SER A 63 20.19 2.34 6.28
CA SER A 63 20.06 3.73 5.82
C SER A 63 19.44 4.60 6.91
N GLY A 64 18.46 4.04 7.63
CA GLY A 64 17.75 4.78 8.65
C GLY A 64 16.26 4.40 8.68
N PRO A 65 15.82 3.70 9.70
CA PRO A 65 14.37 3.30 9.83
C PRO A 65 13.38 4.41 9.45
N THR A 66 13.76 5.67 9.69
CA THR A 66 12.84 6.79 9.44
C THR A 66 13.48 7.85 8.54
N ASN A 67 14.34 7.40 7.61
CA ASN A 67 14.98 8.31 6.67
C ASN A 67 14.17 8.41 5.37
N GLN A 68 14.02 9.63 4.86
CA GLN A 68 13.31 9.85 3.59
C GLN A 68 14.02 9.12 2.45
N ALA A 69 15.35 9.23 2.42
CA ALA A 69 16.14 8.61 1.36
C ALA A 69 16.05 7.09 1.44
N ALA A 70 16.04 6.57 2.66
CA ALA A 70 15.99 5.12 2.87
C ALA A 70 14.66 4.54 2.39
N LEU A 71 13.57 5.22 2.73
CA LEU A 71 12.24 4.75 2.33
C LEU A 71 12.10 4.74 0.82
N SER A 72 12.63 5.78 0.16
CA SER A 72 12.57 5.86 -1.30
C SER A 72 13.30 4.71 -1.96
N ASN A 73 14.48 4.37 -1.42
CA ASN A 73 15.30 3.31 -1.99
C ASN A 73 14.59 1.95 -1.89
N THR A 74 14.04 1.66 -0.72
CA THR A 74 13.40 0.36 -0.50
C THR A 74 12.16 0.21 -1.39
N ILE A 75 11.32 1.24 -1.42
CA ILE A 75 10.06 1.17 -2.18
C ILE A 75 10.35 1.00 -3.68
N SER A 76 11.31 1.78 -4.19
CA SER A 76 11.64 1.73 -5.62
C SER A 76 12.14 0.35 -6.02
N SER A 77 13.09 -0.17 -5.25
CA SER A 77 13.69 -1.48 -5.56
C SER A 77 12.65 -2.59 -5.50
N VAL A 78 11.84 -2.60 -4.44
CA VAL A 78 10.84 -3.64 -4.23
C VAL A 78 9.82 -3.65 -5.38
N VAL A 79 9.30 -2.47 -5.71
CA VAL A 79 8.28 -2.35 -6.75
C VAL A 79 8.80 -2.92 -8.08
N SER A 80 10.06 -2.60 -8.40
CA SER A 80 10.67 -3.06 -9.65
C SER A 80 10.71 -4.58 -9.72
N GLN A 81 11.22 -5.21 -8.66
CA GLN A 81 11.41 -6.66 -8.66
C GLN A 81 10.08 -7.40 -8.53
N VAL A 82 9.14 -6.83 -7.79
CA VAL A 82 7.82 -7.45 -7.63
C VAL A 82 7.09 -7.54 -8.97
N SER A 83 7.24 -6.49 -9.79
CA SER A 83 6.69 -6.50 -11.14
C SER A 83 7.38 -7.56 -12.00
N ALA A 84 8.70 -7.66 -11.85
CA ALA A 84 9.50 -8.60 -12.64
C ALA A 84 9.03 -10.05 -12.42
N SER A 85 8.67 -10.36 -11.18
CA SER A 85 8.16 -11.69 -10.85
C SER A 85 6.72 -11.84 -11.37
N ASN A 86 5.94 -10.77 -11.27
CA ASN A 86 4.53 -10.80 -11.62
C ASN A 86 4.24 -9.94 -12.87
N PRO A 87 4.72 -10.36 -14.03
CA PRO A 87 4.35 -9.70 -15.30
C PRO A 87 2.92 -10.05 -15.73
N GLY A 88 2.50 -11.28 -15.42
CA GLY A 88 1.15 -11.73 -15.75
C GLY A 88 0.09 -10.92 -15.02
N LEU A 89 0.42 -10.43 -13.83
CA LEU A 89 -0.54 -9.70 -13.00
C LEU A 89 -0.68 -8.26 -13.50
N SER A 90 -1.81 -7.64 -13.19
CA SER A 90 -2.10 -6.29 -13.67
C SER A 90 -1.19 -5.28 -12.96
N GLY A 91 -1.10 -4.07 -13.53
CA GLY A 91 -0.26 -3.02 -12.98
C GLY A 91 -0.69 -2.67 -11.56
N CYS A 92 -2.00 -2.69 -11.32
CA CYS A 92 -2.53 -2.37 -9.99
C CYS A 92 -2.11 -3.43 -8.97
N ASP A 93 -2.08 -4.69 -9.40
CA ASP A 93 -1.63 -5.78 -8.53
C ASP A 93 -0.18 -5.58 -8.10
N VAL A 94 0.63 -5.04 -9.00
CA VAL A 94 2.03 -4.75 -8.70
C VAL A 94 2.12 -3.71 -7.56
N LEU A 95 1.31 -2.66 -7.68
CA LEU A 95 1.32 -1.59 -6.67
C LEU A 95 0.86 -2.12 -5.31
N VAL A 96 -0.16 -2.97 -5.31
CA VAL A 96 -0.67 -3.57 -4.06
C VAL A 96 0.43 -4.37 -3.37
N GLN A 97 1.12 -5.21 -4.15
CA GLN A 97 2.11 -6.12 -3.59
C GLN A 97 3.26 -5.36 -2.94
N ALA A 98 3.73 -4.31 -3.61
CA ALA A 98 4.86 -3.53 -3.11
C ALA A 98 4.47 -2.81 -1.81
N LEU A 99 3.28 -2.23 -1.78
CA LEU A 99 2.87 -1.40 -0.66
C LEU A 99 2.72 -2.21 0.63
N LEU A 100 1.96 -3.31 0.56
CA LEU A 100 1.70 -4.09 1.77
C LEU A 100 2.97 -4.82 2.22
N GLU A 101 3.84 -5.17 1.27
CA GLU A 101 5.12 -5.79 1.62
C GLU A 101 5.99 -4.80 2.40
N VAL A 102 5.86 -3.51 2.11
CA VAL A 102 6.53 -2.48 2.89
C VAL A 102 5.96 -2.44 4.31
N VAL A 103 4.64 -2.66 4.42
CA VAL A 103 3.99 -2.69 5.73
C VAL A 103 4.57 -3.81 6.59
N SER A 104 4.77 -4.98 5.98
CA SER A 104 5.30 -6.14 6.70
C SER A 104 6.72 -5.90 7.18
N ALA A 105 7.54 -5.25 6.34
CA ALA A 105 8.91 -4.94 6.72
C ALA A 105 8.94 -4.03 7.95
N LEU A 106 8.05 -3.03 7.96
CA LEU A 106 7.96 -2.10 9.08
C LEU A 106 7.50 -2.81 10.35
N VAL A 107 6.62 -3.80 10.21
CA VAL A 107 6.16 -4.60 11.36
C VAL A 107 7.36 -5.31 12.00
N SER A 108 8.24 -5.86 11.16
CA SER A 108 9.44 -6.55 11.65
C SER A 108 10.32 -5.61 12.46
N ILE A 109 10.45 -4.37 11.97
CA ILE A 109 11.27 -3.37 12.67
C ILE A 109 10.69 -3.06 14.05
N LEU A 110 9.37 -2.90 14.12
CA LEU A 110 8.71 -2.54 15.37
C LEU A 110 8.88 -3.63 16.42
N GLY A 111 8.71 -4.89 16.01
CA GLY A 111 8.78 -6.00 16.95
C GLY A 111 10.19 -6.17 17.50
N SER A 112 11.19 -5.98 16.62
CA SER A 112 12.59 -6.06 17.04
C SER A 112 13.02 -4.80 17.79
N SER A 113 12.36 -3.69 17.51
CA SER A 113 12.73 -2.40 18.10
C SER A 113 11.92 -2.12 19.37
N SER A 114 12.37 -1.14 20.13
CA SER A 114 11.72 -0.77 21.39
C SER A 114 10.83 0.45 21.18
N ILE A 115 9.66 0.45 21.83
CA ILE A 115 8.71 1.55 21.68
C ILE A 115 8.85 2.54 22.83
N GLY A 116 9.04 3.82 22.50
CA GLY A 116 9.16 4.86 23.50
C GLY A 116 7.88 5.69 23.58
N GLN A 117 8.03 7.01 23.43
CA GLN A 117 6.87 7.91 23.43
C GLN A 117 6.47 8.27 22.00
N ILE A 118 5.21 8.02 21.67
CA ILE A 118 4.72 8.30 20.31
C ILE A 118 4.48 9.79 20.12
N ASN A 119 5.09 10.36 19.09
CA ASN A 119 4.82 11.75 18.71
C ASN A 119 3.58 11.80 17.81
N TYR A 120 2.41 11.92 18.44
CA TYR A 120 1.14 11.76 17.74
C TYR A 120 0.94 12.86 16.70
N GLY A 121 1.35 14.08 17.04
CA GLY A 121 1.14 15.23 16.15
C GLY A 121 1.94 15.08 14.85
N ALA A 122 3.12 14.48 14.96
CA ALA A 122 4.01 14.35 13.79
C ALA A 122 3.58 13.20 12.87
N SER A 123 2.52 12.47 13.22
CA SER A 123 2.06 11.35 12.41
C SER A 123 1.74 11.79 10.98
N ALA A 124 1.20 13.00 10.85
CA ALA A 124 0.86 13.55 9.54
C ALA A 124 2.13 13.78 8.72
N GLN A 125 3.21 14.19 9.38
CA GLN A 125 4.47 14.47 8.71
C GLN A 125 5.04 13.19 8.10
N TYR A 126 5.01 12.11 8.88
CA TYR A 126 5.50 10.81 8.40
C TYR A 126 4.65 10.31 7.23
N THR A 127 3.36 10.65 7.24
CA THR A 127 2.49 10.34 6.10
C THR A 127 2.99 11.03 4.84
N GLN A 128 3.44 12.27 4.98
CA GLN A 128 4.01 13.01 3.86
C GLN A 128 5.28 12.33 3.35
N MET A 129 6.04 11.72 4.25
CA MET A 129 7.29 11.03 3.87
C MET A 129 6.98 9.87 2.92
N VAL A 130 6.00 9.04 3.28
CA VAL A 130 5.66 7.87 2.47
C VAL A 130 5.10 8.31 1.11
N GLY A 131 4.18 9.27 1.12
CA GLY A 131 3.62 9.80 -0.13
C GLY A 131 4.72 10.36 -1.04
N GLN A 132 5.70 11.03 -0.43
CA GLN A 132 6.80 11.62 -1.19
C GLN A 132 7.62 10.54 -1.90
N SER A 133 7.92 9.45 -1.18
CA SER A 133 8.72 8.37 -1.73
C SER A 133 8.02 7.72 -2.93
N VAL A 134 6.69 7.63 -2.86
CA VAL A 134 5.91 7.05 -3.95
C VAL A 134 6.04 7.90 -5.21
N ALA A 135 5.82 9.21 -5.08
CA ALA A 135 5.83 10.10 -6.24
C ALA A 135 7.20 10.12 -6.91
N GLN A 136 8.24 10.30 -6.10
CA GLN A 136 9.60 10.39 -6.64
C GLN A 136 10.06 9.04 -7.20
N ALA A 137 9.70 7.96 -6.51
CA ALA A 137 10.19 6.62 -6.88
C ALA A 137 9.66 6.20 -8.26
N LEU A 138 8.38 6.45 -8.51
CA LEU A 138 7.76 6.01 -9.76
C LEU A 138 7.75 7.13 -10.82
N ALA A 139 8.13 8.34 -10.43
CA ALA A 139 8.19 9.46 -11.37
C ALA A 139 9.37 9.30 -12.32
N GLY A 140 10.48 8.77 -11.79
CA GLY A 140 11.68 8.56 -12.60
C GLY A 140 12.94 8.71 -11.75
N MET B 1 18.01 -29.10 -48.55
CA MET B 1 18.02 -29.83 -49.85
C MET B 1 18.19 -28.83 -50.99
N ALA B 2 17.27 -27.88 -51.08
CA ALA B 2 17.34 -26.86 -52.12
C ALA B 2 16.80 -25.53 -51.61
N SER B 3 17.26 -24.43 -52.21
CA SER B 3 16.85 -23.08 -51.81
C SER B 3 17.18 -22.81 -50.35
N MET B 4 18.23 -22.02 -50.12
CA MET B 4 18.64 -21.69 -48.76
C MET B 4 17.97 -20.41 -48.28
N THR B 5 17.57 -20.39 -47.01
CA THR B 5 16.90 -19.22 -46.43
C THR B 5 17.87 -18.02 -46.38
N GLY B 6 19.13 -18.31 -46.10
CA GLY B 6 20.15 -17.26 -45.99
C GLY B 6 20.06 -16.55 -44.65
N GLY B 7 19.75 -17.31 -43.60
CA GLY B 7 19.65 -16.74 -42.26
C GLY B 7 18.74 -17.60 -41.38
N GLN B 8 19.24 -18.77 -40.99
CA GLN B 8 18.46 -19.68 -40.14
C GLN B 8 18.20 -19.06 -38.78
N GLN B 9 19.19 -18.34 -38.26
CA GLN B 9 19.06 -17.69 -36.95
C GLN B 9 18.64 -16.24 -37.11
N MET B 10 17.60 -15.83 -36.39
CA MET B 10 17.12 -14.45 -36.45
C MET B 10 18.16 -13.49 -35.88
N GLY B 11 18.85 -13.92 -34.83
CA GLY B 11 19.88 -13.09 -34.19
C GLY B 11 21.23 -13.33 -34.84
N ARG B 12 22.28 -12.74 -34.26
CA ARG B 12 23.65 -12.85 -34.78
C ARG B 12 23.76 -12.21 -36.17
N GLY B 13 23.24 -12.89 -37.19
CA GLY B 13 23.30 -12.38 -38.55
C GLY B 13 22.06 -11.56 -38.90
N SER B 14 21.75 -10.58 -38.06
CA SER B 14 20.59 -9.72 -38.29
C SER B 14 20.81 -8.83 -39.50
N MET B 15 19.71 -8.34 -40.09
CA MET B 15 19.79 -7.48 -41.26
C MET B 15 20.49 -6.15 -40.92
N GLY B 16 20.27 -5.67 -39.70
CA GLY B 16 20.89 -4.42 -39.26
C GLY B 16 20.03 -3.22 -39.63
N ALA B 17 20.59 -2.02 -39.45
CA ALA B 17 19.87 -0.79 -39.76
C ALA B 17 19.69 -0.65 -41.27
N ALA B 18 18.58 -0.01 -41.68
CA ALA B 18 18.31 0.21 -43.09
C ALA B 18 18.75 1.60 -43.52
N SER B 19 19.09 1.74 -44.80
CA SER B 19 19.54 3.03 -45.34
C SER B 19 18.44 4.08 -45.23
N ALA B 20 17.19 3.66 -45.45
CA ALA B 20 16.05 4.56 -45.36
C ALA B 20 15.25 4.30 -44.08
N ALA B 21 14.78 5.39 -43.47
CA ALA B 21 14.00 5.27 -42.23
C ALA B 21 13.25 6.57 -41.94
N VAL B 22 11.94 6.46 -41.80
CA VAL B 22 11.11 7.63 -41.50
C VAL B 22 10.22 7.34 -40.28
N SER B 23 10.13 8.32 -39.37
CA SER B 23 9.33 8.16 -38.17
C SER B 23 8.13 9.11 -38.19
N VAL B 24 7.00 8.65 -37.65
CA VAL B 24 5.79 9.47 -37.60
C VAL B 24 5.98 10.64 -36.63
N GLY B 25 6.65 10.38 -35.52
CA GLY B 25 6.88 11.40 -34.50
C GLY B 25 5.65 11.58 -33.61
N GLY B 26 4.96 10.46 -33.33
CA GLY B 26 3.77 10.51 -32.49
C GLY B 26 4.14 10.46 -31.01
N TYR B 27 3.13 10.42 -30.15
CA TYR B 27 3.35 10.38 -28.71
C TYR B 27 2.50 9.29 -28.07
N GLY B 28 3.08 8.60 -27.08
CA GLY B 28 2.36 7.54 -26.37
C GLY B 28 2.03 7.96 -24.94
N PRO B 29 1.01 7.38 -24.34
CA PRO B 29 0.61 7.73 -22.93
C PRO B 29 1.76 7.50 -21.94
N GLN B 30 2.48 6.39 -22.11
CA GLN B 30 3.60 6.04 -21.22
C GLN B 30 3.13 5.93 -19.77
N SER B 31 1.90 5.47 -19.58
CA SER B 31 1.32 5.33 -18.24
C SER B 31 0.84 3.91 -18.01
N SER B 32 1.09 3.39 -16.80
CA SER B 32 0.65 2.05 -16.44
C SER B 32 0.85 1.77 -14.96
N SER B 33 2.11 1.70 -14.54
CA SER B 33 2.42 1.32 -13.15
C SER B 33 2.66 2.55 -12.29
N ALA B 34 3.34 3.55 -12.84
CA ALA B 34 3.71 4.75 -12.08
C ALA B 34 2.47 5.52 -11.62
N PRO B 35 1.64 5.97 -12.54
CA PRO B 35 0.58 6.98 -12.20
C PRO B 35 -0.39 6.47 -11.13
N VAL B 36 -0.48 5.14 -10.97
CA VAL B 36 -1.33 4.55 -9.94
C VAL B 36 -0.83 4.95 -8.55
N ALA B 37 0.47 4.75 -8.31
CA ALA B 37 1.07 5.11 -7.02
C ALA B 37 1.05 6.62 -6.83
N SER B 38 1.21 7.37 -7.93
CA SER B 38 1.20 8.82 -7.86
C SER B 38 -0.15 9.34 -7.37
N ALA B 39 -1.22 8.74 -7.88
CA ALA B 39 -2.57 9.14 -7.47
C ALA B 39 -2.80 8.80 -6.00
N ALA B 40 -2.29 7.64 -5.57
CA ALA B 40 -2.44 7.22 -4.18
C ALA B 40 -1.75 8.18 -3.23
N ALA B 41 -0.57 8.67 -3.64
CA ALA B 41 0.17 9.63 -2.83
C ALA B 41 -0.57 10.97 -2.76
N SER B 42 -1.20 11.36 -3.87
CA SER B 42 -1.89 12.64 -3.93
C SER B 42 -3.05 12.68 -2.93
N ARG B 43 -3.90 11.65 -2.97
CA ARG B 43 -5.02 11.56 -2.04
C ARG B 43 -4.56 11.17 -0.63
N LEU B 44 -3.40 10.53 -0.54
CA LEU B 44 -2.74 10.32 0.76
C LEU B 44 -2.39 11.67 1.40
N SER B 45 -2.09 12.67 0.56
CA SER B 45 -1.77 14.01 1.05
C SER B 45 -3.02 14.76 1.52
N SER B 46 -4.20 14.29 1.13
CA SER B 46 -5.45 14.96 1.49
C SER B 46 -5.66 14.93 3.02
N PRO B 47 -6.37 15.90 3.56
CA PRO B 47 -6.63 15.96 5.04
C PRO B 47 -7.28 14.68 5.56
N ALA B 48 -8.10 14.06 4.73
CA ALA B 48 -8.79 12.82 5.11
C ALA B 48 -7.78 11.70 5.39
N ALA B 49 -6.76 11.62 4.54
CA ALA B 49 -5.73 10.60 4.68
C ALA B 49 -4.93 10.80 5.96
N SER B 50 -4.53 12.04 6.22
CA SER B 50 -3.71 12.36 7.40
C SER B 50 -4.43 11.97 8.69
N SER B 51 -5.74 12.23 8.73
CA SER B 51 -6.54 11.91 9.90
C SER B 51 -6.55 10.40 10.17
N ARG B 52 -6.68 9.63 9.09
CA ARG B 52 -6.68 8.16 9.21
C ARG B 52 -5.33 7.65 9.69
N VAL B 53 -4.25 8.34 9.29
CA VAL B 53 -2.91 7.97 9.74
C VAL B 53 -2.80 8.08 11.26
N SER B 54 -3.28 9.21 11.80
CA SER B 54 -3.22 9.43 13.25
C SER B 54 -4.01 8.36 13.99
N SER B 55 -5.19 8.02 13.46
CA SER B 55 -6.03 6.99 14.06
C SER B 55 -5.33 5.64 14.06
N ALA B 56 -4.57 5.37 12.99
CA ALA B 56 -3.79 4.15 12.89
C ALA B 56 -2.72 4.10 13.99
N VAL B 57 -2.19 5.27 14.35
CA VAL B 57 -1.18 5.35 15.41
C VAL B 57 -1.77 4.90 16.75
N SER B 58 -2.91 5.49 17.12
CA SER B 58 -3.54 5.16 18.41
C SER B 58 -3.90 3.69 18.48
N SER B 59 -4.37 3.12 17.38
CA SER B 59 -4.81 1.73 17.35
C SER B 59 -3.63 0.79 17.61
N LEU B 60 -2.55 0.96 16.84
CA LEU B 60 -1.38 0.10 16.96
C LEU B 60 -0.70 0.28 18.32
N VAL B 61 -0.61 1.53 18.77
CA VAL B 61 0.09 1.85 20.00
C VAL B 61 -0.61 1.24 21.21
N SER B 62 -1.93 1.40 21.29
CA SER B 62 -2.68 0.95 22.46
C SER B 62 -2.80 -0.57 22.49
N SER B 63 -3.09 -1.16 21.33
CA SER B 63 -3.30 -2.60 21.25
C SER B 63 -1.97 -3.35 21.30
N GLY B 64 -0.95 -2.78 20.64
CA GLY B 64 0.35 -3.42 20.55
C GLY B 64 0.98 -3.19 19.17
N PRO B 65 2.02 -2.38 19.09
CA PRO B 65 2.73 -2.12 17.79
C PRO B 65 2.94 -3.37 16.92
N THR B 66 3.11 -4.53 17.56
CA THR B 66 3.41 -5.77 16.83
C THR B 66 2.43 -6.88 17.20
N ASN B 67 1.18 -6.52 17.49
CA ASN B 67 0.15 -7.50 17.83
C ASN B 67 -0.64 -7.88 16.58
N GLN B 68 -0.91 -9.17 16.42
CA GLN B 68 -1.70 -9.66 15.29
C GLN B 68 -3.12 -9.07 15.32
N ALA B 69 -3.71 -9.05 16.52
CA ALA B 69 -5.06 -8.53 16.68
C ALA B 69 -5.11 -7.04 16.39
N ALA B 70 -4.07 -6.32 16.80
CA ALA B 70 -4.01 -4.87 16.62
C ALA B 70 -3.92 -4.52 15.13
N LEU B 71 -3.07 -5.25 14.41
CA LEU B 71 -2.89 -4.99 12.98
C LEU B 71 -4.18 -5.24 12.21
N SER B 72 -4.89 -6.30 12.59
CA SER B 72 -6.16 -6.65 11.92
C SER B 72 -7.19 -5.54 12.12
N ASN B 73 -7.25 -4.99 13.34
CA ASN B 73 -8.23 -3.96 13.67
C ASN B 73 -7.99 -2.69 12.85
N THR B 74 -6.72 -2.26 12.80
CA THR B 74 -6.37 -1.03 12.11
C THR B 74 -6.64 -1.15 10.61
N ILE B 75 -6.20 -2.24 10.00
CA ILE B 75 -6.35 -2.43 8.56
C ILE B 75 -7.82 -2.49 8.16
N SER B 76 -8.61 -3.23 8.93
CA SER B 76 -10.04 -3.39 8.62
C SER B 76 -10.75 -2.04 8.67
N SER B 77 -10.54 -1.30 9.76
CA SER B 77 -11.20 -0.01 9.96
C SER B 77 -10.81 0.98 8.87
N VAL B 78 -9.52 1.07 8.58
CA VAL B 78 -9.01 2.04 7.61
C VAL B 78 -9.58 1.75 6.23
N VAL B 79 -9.53 0.49 5.81
CA VAL B 79 -10.00 0.10 4.48
C VAL B 79 -11.48 0.49 4.29
N SER B 80 -12.28 0.25 5.34
CA SER B 80 -13.71 0.56 5.28
C SER B 80 -13.95 2.05 5.04
N GLN B 81 -13.29 2.89 5.83
CA GLN B 81 -13.52 4.32 5.77
C GLN B 81 -12.91 4.94 4.52
N VAL B 82 -11.77 4.41 4.08
CA VAL B 82 -11.11 4.91 2.87
C VAL B 82 -12.00 4.69 1.64
N SER B 83 -12.69 3.56 1.60
CA SER B 83 -13.66 3.29 0.53
C SER B 83 -14.84 4.24 0.62
N ALA B 84 -15.29 4.51 1.85
CA ALA B 84 -16.44 5.39 2.07
C ALA B 84 -16.18 6.79 1.51
N SER B 85 -14.95 7.27 1.67
CA SER B 85 -14.57 8.57 1.12
C SER B 85 -14.42 8.49 -0.40
N ASN B 86 -13.89 7.37 -0.87
CA ASN B 86 -13.58 7.20 -2.29
C ASN B 86 -14.48 6.12 -2.92
N PRO B 87 -15.76 6.39 -3.05
CA PRO B 87 -16.68 5.50 -3.82
C PRO B 87 -16.47 5.63 -5.33
N GLY B 88 -16.13 6.83 -5.77
CA GLY B 88 -15.89 7.09 -7.19
C GLY B 88 -14.68 6.31 -7.71
N LEU B 89 -13.71 6.06 -6.83
CA LEU B 89 -12.48 5.37 -7.21
C LEU B 89 -12.72 3.87 -7.31
N SER B 90 -11.89 3.19 -8.11
CA SER B 90 -12.03 1.76 -8.33
C SER B 90 -11.71 0.98 -7.07
N GLY B 91 -12.14 -0.29 -7.03
CA GLY B 91 -11.89 -1.15 -5.87
C GLY B 91 -10.40 -1.31 -5.60
N CYS B 92 -9.61 -1.38 -6.67
CA CYS B 92 -8.16 -1.53 -6.53
C CYS B 92 -7.54 -0.28 -5.90
N ASP B 93 -8.08 0.89 -6.27
CA ASP B 93 -7.61 2.15 -5.69
C ASP B 93 -7.84 2.16 -4.17
N VAL B 94 -8.95 1.57 -3.74
CA VAL B 94 -9.25 1.49 -2.31
C VAL B 94 -8.17 0.66 -1.59
N LEU B 95 -7.81 -0.48 -2.19
CA LEU B 95 -6.81 -1.36 -1.59
C LEU B 95 -5.44 -0.66 -1.50
N VAL B 96 -5.08 0.07 -2.56
CA VAL B 96 -3.81 0.80 -2.60
C VAL B 96 -3.76 1.82 -1.46
N GLN B 97 -4.83 2.58 -1.29
CA GLN B 97 -4.86 3.67 -0.32
C GLN B 97 -4.71 3.15 1.10
N ALA B 98 -5.41 2.06 1.40
CA ALA B 98 -5.36 1.49 2.76
C ALA B 98 -3.97 0.96 3.08
N LEU B 99 -3.36 0.27 2.10
CA LEU B 99 -2.09 -0.41 2.35
C LEU B 99 -0.97 0.59 2.63
N LEU B 100 -0.80 1.57 1.74
CA LEU B 100 0.31 2.52 1.88
C LEU B 100 0.09 3.43 3.09
N GLU B 101 -1.17 3.71 3.40
CA GLU B 101 -1.51 4.50 4.60
C GLU B 101 -1.08 3.76 5.87
N VAL B 102 -1.15 2.43 5.83
CA VAL B 102 -0.64 1.61 6.94
C VAL B 102 0.88 1.74 7.01
N VAL B 103 1.54 1.85 5.86
CA VAL B 103 2.99 2.02 5.81
C VAL B 103 3.39 3.32 6.51
N SER B 104 2.64 4.39 6.25
CA SER B 104 2.93 5.70 6.82
C SER B 104 2.76 5.69 8.35
N ALA B 105 1.72 5.01 8.82
CA ALA B 105 1.49 4.90 10.26
C ALA B 105 2.68 4.21 10.94
N LEU B 106 3.18 3.14 10.32
CA LEU B 106 4.31 2.40 10.86
C LEU B 106 5.57 3.26 10.87
N VAL B 107 5.73 4.11 9.85
CA VAL B 107 6.86 5.04 9.81
C VAL B 107 6.84 5.96 11.03
N SER B 108 5.65 6.45 11.37
CA SER B 108 5.50 7.34 12.53
C SER B 108 5.94 6.63 13.81
N ILE B 109 5.58 5.35 13.93
CA ILE B 109 5.93 4.57 15.11
C ILE B 109 7.46 4.42 15.22
N LEU B 110 8.10 4.14 14.09
CA LEU B 110 9.55 3.93 14.08
C LEU B 110 10.30 5.19 14.51
N GLY B 111 9.89 6.33 13.97
CA GLY B 111 10.57 7.60 14.25
C GLY B 111 10.43 8.00 15.72
N SER B 112 9.24 7.77 16.27
CA SER B 112 8.98 8.06 17.68
C SER B 112 9.59 7.00 18.59
N SER B 113 9.75 5.77 18.06
CA SER B 113 10.24 4.66 18.85
C SER B 113 11.76 4.51 18.71
N SER B 114 12.35 3.71 19.59
CA SER B 114 13.80 3.50 19.58
C SER B 114 14.13 2.17 18.91
N ILE B 115 15.21 2.16 18.14
CA ILE B 115 15.60 0.95 17.40
C ILE B 115 16.68 0.19 18.17
N GLY B 116 16.44 -1.10 18.41
CA GLY B 116 17.39 -1.95 19.11
C GLY B 116 18.10 -2.88 18.13
N GLN B 117 18.03 -4.19 18.41
CA GLN B 117 18.63 -5.19 17.53
C GLN B 117 17.56 -5.81 16.63
N ILE B 118 17.80 -5.76 15.32
CA ILE B 118 16.83 -6.30 14.36
C ILE B 118 16.93 -7.83 14.31
N ASN B 119 15.78 -8.49 14.51
CA ASN B 119 15.71 -9.93 14.34
C ASN B 119 15.45 -10.26 12.87
N TYR B 120 16.54 -10.40 12.12
CA TYR B 120 16.46 -10.49 10.66
C TYR B 120 15.72 -11.76 10.22
N GLY B 121 15.97 -12.85 10.92
CA GLY B 121 15.39 -14.15 10.56
C GLY B 121 13.87 -14.14 10.70
N ALA B 122 13.38 -13.40 11.70
CA ALA B 122 11.94 -13.38 11.99
C ALA B 122 11.18 -12.45 11.03
N SER B 123 11.88 -11.78 10.12
CA SER B 123 11.24 -10.85 9.18
C SER B 123 10.16 -11.56 8.37
N ALA B 124 10.41 -12.82 8.03
CA ALA B 124 9.44 -13.61 7.27
C ALA B 124 8.17 -13.84 8.10
N GLN B 125 8.34 -14.03 9.40
CA GLN B 125 7.21 -14.28 10.29
C GLN B 125 6.28 -13.06 10.35
N TYR B 126 6.88 -11.88 10.45
CA TYR B 126 6.11 -10.63 10.49
C TYR B 126 5.38 -10.42 9.15
N THR B 127 5.99 -10.89 8.06
CA THR B 127 5.32 -10.86 6.76
C THR B 127 4.04 -11.69 6.78
N GLN B 128 4.10 -12.84 7.45
CA GLN B 128 2.92 -13.69 7.61
C GLN B 128 1.84 -12.97 8.42
N MET B 129 2.26 -12.16 9.39
CA MET B 129 1.30 -11.41 10.21
C MET B 129 0.47 -10.46 9.36
N VAL B 130 1.14 -9.69 8.50
CA VAL B 130 0.43 -8.70 7.66
C VAL B 130 -0.49 -9.41 6.67
N GLY B 131 0.01 -10.44 6.00
CA GLY B 131 -0.80 -11.22 5.08
C GLY B 131 -2.04 -11.82 5.76
N GLN B 132 -1.85 -12.27 7.00
CA GLN B 132 -2.94 -12.86 7.77
C GLN B 132 -4.05 -11.84 8.03
N SER B 133 -3.64 -10.62 8.41
CA SER B 133 -4.61 -9.56 8.72
C SER B 133 -5.43 -9.19 7.49
N VAL B 134 -4.80 -9.23 6.31
CA VAL B 134 -5.49 -8.92 5.06
C VAL B 134 -6.59 -9.95 4.79
N ALA B 135 -6.24 -11.23 4.87
CA ALA B 135 -7.19 -12.29 4.53
C ALA B 135 -8.39 -12.28 5.48
N GLN B 136 -8.10 -12.22 6.78
CA GLN B 136 -9.16 -12.25 7.79
C GLN B 136 -10.01 -10.98 7.74
N ALA B 137 -9.35 -9.84 7.53
CA ALA B 137 -10.03 -8.54 7.59
C ALA B 137 -11.07 -8.40 6.49
N LEU B 138 -10.71 -8.82 5.27
CA LEU B 138 -11.59 -8.66 4.12
C LEU B 138 -12.42 -9.93 3.85
N ALA B 139 -12.11 -11.02 4.55
CA ALA B 139 -12.87 -12.27 4.39
C ALA B 139 -14.25 -12.14 5.02
N GLY B 140 -14.32 -11.41 6.15
CA GLY B 140 -15.59 -11.23 6.84
C GLY B 140 -16.08 -12.53 7.46
N MET A 1 -46.82 -29.25 4.43
CA MET A 1 -47.38 -29.52 3.08
C MET A 1 -46.23 -29.89 2.13
N ALA A 2 -45.99 -31.20 1.98
CA ALA A 2 -44.94 -31.68 1.10
C ALA A 2 -45.45 -31.84 -0.33
N SER A 3 -44.99 -30.95 -1.22
CA SER A 3 -45.41 -31.00 -2.62
C SER A 3 -44.90 -32.27 -3.30
N MET A 4 -43.68 -32.69 -2.91
CA MET A 4 -43.07 -33.89 -3.50
C MET A 4 -43.14 -35.05 -2.52
N THR A 5 -43.26 -36.26 -3.05
CA THR A 5 -43.31 -37.47 -2.22
C THR A 5 -42.45 -38.58 -2.82
N GLY A 6 -41.34 -38.19 -3.45
CA GLY A 6 -40.43 -39.15 -4.06
C GLY A 6 -39.32 -38.45 -4.83
N GLY A 7 -38.50 -39.23 -5.52
CA GLY A 7 -37.39 -38.67 -6.29
C GLY A 7 -36.64 -39.77 -7.05
N GLN A 8 -36.51 -39.60 -8.36
CA GLN A 8 -35.80 -40.57 -9.19
C GLN A 8 -34.58 -39.94 -9.83
N GLN A 9 -33.53 -40.74 -10.04
CA GLN A 9 -32.29 -40.25 -10.65
C GLN A 9 -31.66 -39.13 -9.81
N MET A 10 -31.68 -39.31 -8.48
CA MET A 10 -31.13 -38.31 -7.57
C MET A 10 -29.96 -38.90 -6.78
N GLY A 11 -29.08 -38.02 -6.30
CA GLY A 11 -27.91 -38.47 -5.54
C GLY A 11 -26.83 -39.02 -6.45
N ARG A 12 -26.70 -38.43 -7.64
CA ARG A 12 -25.70 -38.88 -8.61
C ARG A 12 -24.32 -38.29 -8.27
N GLY A 13 -23.28 -39.09 -8.48
CA GLY A 13 -21.92 -38.64 -8.20
C GLY A 13 -21.54 -38.90 -6.75
N SER A 14 -20.40 -38.37 -6.33
CA SER A 14 -19.93 -38.55 -4.96
C SER A 14 -20.87 -37.85 -3.97
N MET A 15 -21.41 -36.71 -4.37
CA MET A 15 -22.33 -35.95 -3.53
C MET A 15 -23.64 -35.67 -4.26
N GLY A 16 -24.71 -35.43 -3.50
CA GLY A 16 -26.02 -35.16 -4.09
C GLY A 16 -26.00 -33.85 -4.87
N ALA A 17 -25.24 -32.87 -4.37
CA ALA A 17 -25.15 -31.57 -5.02
C ALA A 17 -23.77 -30.95 -4.79
N ALA A 18 -23.37 -30.06 -5.70
CA ALA A 18 -22.08 -29.39 -5.58
C ALA A 18 -22.06 -28.45 -4.38
N SER A 19 -20.91 -28.34 -3.73
CA SER A 19 -20.77 -27.47 -2.56
C SER A 19 -20.86 -26.00 -2.97
N ALA A 20 -21.39 -25.17 -2.06
CA ALA A 20 -21.52 -23.75 -2.33
C ALA A 20 -21.68 -22.97 -1.03
N ALA A 21 -21.27 -21.70 -1.04
CA ALA A 21 -21.38 -20.85 0.15
C ALA A 21 -22.84 -20.52 0.43
N VAL A 22 -23.20 -20.53 1.71
CA VAL A 22 -24.58 -20.23 2.11
C VAL A 22 -24.59 -19.08 3.11
N SER A 23 -25.46 -18.09 2.87
CA SER A 23 -25.58 -16.94 3.75
C SER A 23 -27.00 -16.37 3.71
N VAL A 24 -27.46 -15.87 4.86
CA VAL A 24 -28.80 -15.28 4.94
C VAL A 24 -28.70 -13.79 5.26
N GLY A 25 -29.39 -12.97 4.46
CA GLY A 25 -29.37 -11.52 4.67
C GLY A 25 -28.03 -10.94 4.25
N GLY A 26 -27.87 -9.63 4.47
CA GLY A 26 -26.62 -8.95 4.14
C GLY A 26 -26.40 -8.91 2.63
N TYR A 27 -27.07 -7.98 1.96
CA TYR A 27 -26.93 -7.85 0.50
C TYR A 27 -25.51 -7.44 0.10
N GLY A 28 -24.77 -6.87 1.04
CA GLY A 28 -23.41 -6.43 0.78
C GLY A 28 -23.36 -5.29 -0.25
N PRO A 29 -22.22 -4.69 -0.45
CA PRO A 29 -22.07 -3.60 -1.46
C PRO A 29 -21.91 -4.16 -2.88
N GLN A 30 -21.88 -3.27 -3.87
CA GLN A 30 -21.71 -3.68 -5.26
C GLN A 30 -20.25 -3.56 -5.69
N SER A 31 -19.35 -4.04 -4.84
CA SER A 31 -17.92 -3.98 -5.13
C SER A 31 -17.22 -5.21 -4.57
N SER A 32 -16.16 -5.66 -5.27
CA SER A 32 -15.40 -6.83 -4.84
C SER A 32 -13.99 -6.41 -4.42
N SER A 33 -13.89 -5.33 -3.65
CA SER A 33 -12.60 -4.84 -3.18
C SER A 33 -11.95 -5.82 -2.21
N ALA A 34 -12.78 -6.52 -1.43
CA ALA A 34 -12.27 -7.45 -0.41
C ALA A 34 -11.40 -8.54 -1.03
N PRO A 35 -11.92 -9.33 -1.95
CA PRO A 35 -11.13 -10.46 -2.56
C PRO A 35 -9.81 -10.00 -3.16
N VAL A 36 -9.72 -8.71 -3.49
CA VAL A 36 -8.47 -8.15 -4.03
C VAL A 36 -7.36 -8.23 -2.98
N ALA A 37 -7.67 -7.80 -1.75
CA ALA A 37 -6.70 -7.85 -0.66
C ALA A 37 -6.37 -9.31 -0.30
N SER A 38 -7.38 -10.17 -0.34
CA SER A 38 -7.20 -11.58 0.01
C SER A 38 -6.19 -12.24 -0.94
N ALA A 39 -6.31 -11.94 -2.23
CA ALA A 39 -5.40 -12.49 -3.24
C ALA A 39 -3.98 -11.96 -3.02
N ALA A 40 -3.88 -10.66 -2.71
CA ALA A 40 -2.58 -10.03 -2.47
C ALA A 40 -1.90 -10.66 -1.26
N ALA A 41 -2.68 -11.02 -0.24
CA ALA A 41 -2.15 -11.67 0.94
C ALA A 41 -1.60 -13.05 0.61
N SER A 42 -2.31 -13.78 -0.26
CA SER A 42 -1.91 -15.13 -0.61
C SER A 42 -0.55 -15.15 -1.30
N ARG A 43 -0.38 -14.28 -2.31
CA ARG A 43 0.90 -14.20 -3.01
C ARG A 43 1.95 -13.46 -2.17
N LEU A 44 1.49 -12.63 -1.22
CA LEU A 44 2.38 -12.02 -0.23
C LEU A 44 3.04 -13.11 0.64
N SER A 45 2.30 -14.21 0.88
CA SER A 45 2.84 -15.31 1.67
C SER A 45 3.81 -16.19 0.84
N SER A 46 3.98 -15.88 -0.45
CA SER A 46 4.89 -16.63 -1.30
C SER A 46 6.34 -16.43 -0.85
N PRO A 47 7.21 -17.40 -1.10
CA PRO A 47 8.64 -17.32 -0.67
C PRO A 47 9.34 -16.10 -1.27
N ALA A 48 8.91 -15.70 -2.47
CA ALA A 48 9.51 -14.54 -3.14
C ALA A 48 9.25 -13.27 -2.33
N ALA A 49 8.05 -13.16 -1.78
CA ALA A 49 7.68 -11.97 -1.00
C ALA A 49 8.50 -11.90 0.28
N SER A 50 8.63 -13.03 0.97
CA SER A 50 9.35 -13.08 2.24
C SER A 50 10.80 -12.62 2.07
N SER A 51 11.44 -13.05 0.98
CA SER A 51 12.82 -12.68 0.69
C SER A 51 12.94 -11.17 0.50
N ARG A 52 11.97 -10.58 -0.20
CA ARG A 52 11.97 -9.14 -0.43
C ARG A 52 11.81 -8.37 0.88
N VAL A 53 11.06 -8.95 1.81
CA VAL A 53 10.89 -8.34 3.14
C VAL A 53 12.25 -8.25 3.84
N SER A 54 13.01 -9.33 3.78
CA SER A 54 14.35 -9.36 4.41
C SER A 54 15.23 -8.26 3.84
N SER A 55 15.22 -8.11 2.52
CA SER A 55 16.01 -7.08 1.85
C SER A 55 15.56 -5.69 2.30
N ALA A 56 14.26 -5.52 2.50
CA ALA A 56 13.72 -4.26 3.00
C ALA A 56 14.25 -3.95 4.40
N VAL A 57 14.47 -5.00 5.19
CA VAL A 57 15.00 -4.84 6.55
C VAL A 57 16.41 -4.23 6.49
N SER A 58 17.29 -4.85 5.70
CA SER A 58 18.68 -4.39 5.62
C SER A 58 18.75 -2.95 5.11
N SER A 59 17.91 -2.62 4.13
CA SER A 59 17.94 -1.29 3.53
C SER A 59 17.53 -0.22 4.53
N LEU A 60 16.39 -0.43 5.19
CA LEU A 60 15.85 0.55 6.14
C LEU A 60 16.77 0.68 7.37
N VAL A 61 17.27 -0.45 7.85
CA VAL A 61 18.09 -0.48 9.06
C VAL A 61 19.40 0.27 8.84
N SER A 62 20.08 -0.01 7.72
CA SER A 62 21.40 0.55 7.48
C SER A 62 21.31 2.04 7.14
N SER A 63 20.34 2.41 6.29
CA SER A 63 20.20 3.79 5.86
C SER A 63 19.55 4.64 6.94
N GLY A 64 18.58 4.06 7.65
CA GLY A 64 17.85 4.80 8.67
C GLY A 64 16.37 4.38 8.68
N PRO A 65 15.95 3.62 9.67
CA PRO A 65 14.52 3.14 9.76
C PRO A 65 13.48 4.23 9.43
N THR A 66 13.80 5.48 9.74
CA THR A 66 12.83 6.57 9.58
C THR A 66 13.40 7.70 8.70
N ASN A 67 14.25 7.34 7.75
CA ASN A 67 14.85 8.33 6.86
C ASN A 67 14.06 8.43 5.57
N GLN A 68 13.93 9.66 5.05
CA GLN A 68 13.22 9.88 3.77
C GLN A 68 13.95 9.17 2.63
N ALA A 69 15.28 9.31 2.60
CA ALA A 69 16.08 8.72 1.53
C ALA A 69 16.03 7.19 1.59
N ALA A 70 16.08 6.65 2.80
CA ALA A 70 16.08 5.20 2.97
C ALA A 70 14.75 4.59 2.53
N LEU A 71 13.65 5.23 2.92
CA LEU A 71 12.32 4.73 2.56
C LEU A 71 12.12 4.74 1.04
N SER A 72 12.60 5.81 0.39
CA SER A 72 12.47 5.91 -1.06
C SER A 72 13.22 4.78 -1.76
N ASN A 73 14.42 4.47 -1.26
CA ASN A 73 15.24 3.41 -1.86
C ASN A 73 14.56 2.05 -1.77
N THR A 74 13.99 1.76 -0.60
CA THR A 74 13.35 0.46 -0.38
C THR A 74 12.13 0.29 -1.27
N ILE A 75 11.28 1.32 -1.33
CA ILE A 75 10.04 1.24 -2.10
C ILE A 75 10.35 1.07 -3.59
N SER A 76 11.31 1.86 -4.09
CA SER A 76 11.66 1.82 -5.51
C SER A 76 12.15 0.42 -5.92
N SER A 77 13.10 -0.10 -5.15
CA SER A 77 13.72 -1.39 -5.46
C SER A 77 12.68 -2.52 -5.41
N VAL A 78 11.86 -2.51 -4.35
CA VAL A 78 10.88 -3.57 -4.15
C VAL A 78 9.84 -3.57 -5.28
N VAL A 79 9.32 -2.39 -5.63
CA VAL A 79 8.31 -2.28 -6.67
C VAL A 79 8.82 -2.84 -7.99
N SER A 80 10.08 -2.52 -8.32
CA SER A 80 10.68 -2.99 -9.57
C SER A 80 10.73 -4.52 -9.62
N GLN A 81 11.31 -5.11 -8.58
CA GLN A 81 11.52 -6.56 -8.58
C GLN A 81 10.19 -7.31 -8.50
N VAL A 82 9.22 -6.77 -7.76
CA VAL A 82 7.91 -7.38 -7.66
C VAL A 82 7.22 -7.42 -9.03
N SER A 83 7.45 -6.37 -9.84
CA SER A 83 6.95 -6.34 -11.21
C SER A 83 7.60 -7.45 -12.04
N ALA A 84 8.89 -7.68 -11.81
CA ALA A 84 9.64 -8.69 -12.57
C ALA A 84 9.07 -10.08 -12.35
N SER A 85 8.71 -10.39 -11.11
CA SER A 85 8.14 -11.69 -10.79
C SER A 85 6.71 -11.79 -11.30
N ASN A 86 5.97 -10.68 -11.23
CA ASN A 86 4.55 -10.67 -11.57
C ASN A 86 4.30 -9.84 -12.84
N PRO A 87 4.70 -10.35 -13.99
CA PRO A 87 4.29 -9.75 -15.29
C PRO A 87 2.86 -10.15 -15.68
N GLY A 88 2.46 -11.36 -15.28
CA GLY A 88 1.12 -11.85 -15.58
C GLY A 88 0.05 -11.01 -14.87
N LEU A 89 0.40 -10.46 -13.71
CA LEU A 89 -0.56 -9.69 -12.91
C LEU A 89 -0.71 -8.27 -13.47
N SER A 90 -1.88 -7.68 -13.25
CA SER A 90 -2.17 -6.35 -13.76
C SER A 90 -1.30 -5.30 -13.06
N GLY A 91 -1.23 -4.10 -13.65
CA GLY A 91 -0.39 -3.04 -13.11
C GLY A 91 -0.80 -2.68 -11.68
N CYS A 92 -2.11 -2.65 -11.44
CA CYS A 92 -2.62 -2.31 -10.11
C CYS A 92 -2.23 -3.39 -9.09
N ASP A 93 -2.23 -4.65 -9.52
CA ASP A 93 -1.83 -5.76 -8.65
C ASP A 93 -0.38 -5.59 -8.20
N VAL A 94 0.47 -5.09 -9.11
CA VAL A 94 1.89 -4.86 -8.78
C VAL A 94 2.01 -3.81 -7.68
N LEU A 95 1.23 -2.74 -7.80
CA LEU A 95 1.25 -1.66 -6.81
C LEU A 95 0.79 -2.17 -5.44
N VAL A 96 -0.25 -3.01 -5.43
CA VAL A 96 -0.76 -3.58 -4.18
C VAL A 96 0.33 -4.40 -3.49
N GLN A 97 1.03 -5.23 -4.27
CA GLN A 97 2.01 -6.15 -3.71
C GLN A 97 3.17 -5.40 -3.06
N ALA A 98 3.65 -4.37 -3.74
CA ALA A 98 4.78 -3.58 -3.23
C ALA A 98 4.38 -2.86 -1.93
N LEU A 99 3.18 -2.29 -1.91
CA LEU A 99 2.79 -1.44 -0.78
C LEU A 99 2.64 -2.24 0.51
N LEU A 100 1.89 -3.35 0.45
CA LEU A 100 1.63 -4.13 1.65
C LEU A 100 2.90 -4.85 2.10
N GLU A 101 3.77 -5.20 1.15
CA GLU A 101 5.06 -5.79 1.49
C GLU A 101 5.94 -4.80 2.26
N VAL A 102 5.77 -3.50 1.96
CA VAL A 102 6.44 -2.46 2.75
C VAL A 102 5.87 -2.43 4.17
N VAL A 103 4.56 -2.66 4.29
CA VAL A 103 3.90 -2.70 5.60
C VAL A 103 4.51 -3.82 6.46
N SER A 104 4.74 -4.98 5.83
CA SER A 104 5.28 -6.14 6.55
C SER A 104 6.71 -5.86 7.02
N ALA A 105 7.50 -5.20 6.18
CA ALA A 105 8.88 -4.86 6.55
C ALA A 105 8.89 -3.96 7.78
N LEU A 106 8.01 -2.98 7.79
CA LEU A 106 7.91 -2.04 8.92
C LEU A 106 7.47 -2.77 10.19
N VAL A 107 6.58 -3.77 10.04
CA VAL A 107 6.15 -4.58 11.19
C VAL A 107 7.35 -5.31 11.80
N SER A 108 8.23 -5.82 10.94
CA SER A 108 9.44 -6.51 11.41
C SER A 108 10.31 -5.57 12.23
N ILE A 109 10.43 -4.32 11.79
CA ILE A 109 11.24 -3.33 12.50
C ILE A 109 10.65 -3.06 13.89
N LEU A 110 9.33 -2.93 13.96
CA LEU A 110 8.66 -2.64 15.23
C LEU A 110 8.86 -3.76 16.24
N GLY A 111 8.71 -5.00 15.78
CA GLY A 111 8.82 -6.16 16.67
C GLY A 111 10.24 -6.29 17.23
N SER A 112 11.23 -6.02 16.39
CA SER A 112 12.63 -6.06 16.82
C SER A 112 13.03 -4.80 17.59
N SER A 113 12.34 -3.69 17.32
CA SER A 113 12.69 -2.42 17.92
C SER A 113 11.86 -2.16 19.18
N SER A 114 12.30 -1.16 19.95
CA SER A 114 11.63 -0.82 21.21
C SER A 114 10.74 0.40 21.02
N ILE A 115 9.59 0.40 21.70
CA ILE A 115 8.63 1.50 21.57
C ILE A 115 8.79 2.47 22.74
N GLY A 116 8.98 3.75 22.41
CA GLY A 116 9.14 4.79 23.43
C GLY A 116 7.88 5.64 23.54
N GLN A 117 8.04 6.95 23.42
CA GLN A 117 6.90 7.87 23.46
C GLN A 117 6.43 8.20 22.05
N ILE A 118 5.15 7.95 21.78
CA ILE A 118 4.59 8.19 20.45
C ILE A 118 4.30 9.68 20.25
N ASN A 119 4.92 10.26 19.23
CA ASN A 119 4.61 11.64 18.85
C ASN A 119 3.38 11.66 17.95
N TYR A 120 2.21 11.81 18.57
CA TYR A 120 0.94 11.62 17.88
C TYR A 120 0.74 12.68 16.80
N GLY A 121 1.09 13.93 17.11
CA GLY A 121 0.88 15.05 16.19
C GLY A 121 1.73 14.90 14.93
N ALA A 122 2.94 14.36 15.09
CA ALA A 122 3.88 14.24 13.97
C ALA A 122 3.50 13.09 13.01
N SER A 123 2.49 12.29 13.38
CA SER A 123 2.09 11.14 12.56
C SER A 123 1.72 11.59 11.14
N ALA A 124 1.11 12.76 11.04
CA ALA A 124 0.74 13.31 9.74
C ALA A 124 1.99 13.62 8.90
N GLN A 125 3.05 14.08 9.57
CA GLN A 125 4.30 14.42 8.88
C GLN A 125 4.91 13.16 8.26
N TYR A 126 4.92 12.07 9.01
CA TYR A 126 5.44 10.80 8.50
C TYR A 126 4.60 10.30 7.32
N THR A 127 3.31 10.61 7.35
CA THR A 127 2.43 10.30 6.20
C THR A 127 2.91 11.03 4.95
N GLN A 128 3.35 12.27 5.13
CA GLN A 128 3.90 13.04 4.02
C GLN A 128 5.18 12.39 3.48
N MET A 129 5.97 11.80 4.39
CA MET A 129 7.21 11.13 3.99
C MET A 129 6.92 10.00 3.01
N VAL A 130 5.95 9.16 3.35
CA VAL A 130 5.60 8.01 2.51
C VAL A 130 5.07 8.48 1.14
N GLY A 131 4.17 9.47 1.17
CA GLY A 131 3.62 10.02 -0.06
C GLY A 131 4.72 10.55 -0.98
N GLN A 132 5.72 11.20 -0.38
CA GLN A 132 6.84 11.75 -1.16
C GLN A 132 7.64 10.64 -1.84
N SER A 133 7.88 9.55 -1.11
CA SER A 133 8.68 8.45 -1.63
C SER A 133 8.01 7.81 -2.86
N VAL A 134 6.68 7.71 -2.81
CA VAL A 134 5.93 7.14 -3.94
C VAL A 134 6.06 8.05 -5.17
N ALA A 135 5.83 9.35 -4.99
CA ALA A 135 5.83 10.28 -6.12
C ALA A 135 7.19 10.29 -6.81
N GLN A 136 8.26 10.35 -6.03
CA GLN A 136 9.61 10.37 -6.58
C GLN A 136 9.96 9.03 -7.23
N ALA A 137 9.52 7.93 -6.60
CA ALA A 137 9.91 6.60 -7.04
C ALA A 137 9.38 6.29 -8.44
N LEU A 138 8.13 6.66 -8.69
CA LEU A 138 7.52 6.39 -10.00
C LEU A 138 7.63 7.58 -10.95
N ALA A 139 8.08 8.72 -10.44
CA ALA A 139 8.28 9.91 -11.28
C ALA A 139 9.50 9.73 -12.18
N GLY A 140 10.54 9.07 -11.66
CA GLY A 140 11.75 8.84 -12.43
C GLY A 140 11.51 7.82 -13.53
N MET B 1 -7.16 28.01 -23.26
CA MET B 1 -5.77 27.68 -23.70
C MET B 1 -5.66 26.17 -23.92
N ALA B 2 -5.48 25.77 -25.18
CA ALA B 2 -5.35 24.36 -25.51
C ALA B 2 -4.41 24.18 -26.69
N SER B 3 -3.74 23.01 -26.74
CA SER B 3 -2.80 22.72 -27.82
C SER B 3 -3.32 21.56 -28.68
N MET B 4 -4.64 21.46 -28.81
CA MET B 4 -5.24 20.39 -29.60
C MET B 4 -5.63 20.88 -30.99
N THR B 5 -5.48 20.02 -31.99
CA THR B 5 -5.83 20.37 -33.36
C THR B 5 -6.85 19.38 -33.94
N GLY B 6 -7.53 19.79 -35.00
CA GLY B 6 -8.54 18.93 -35.64
C GLY B 6 -7.89 17.69 -36.25
N GLY B 7 -6.72 17.88 -36.88
CA GLY B 7 -6.01 16.77 -37.49
C GLY B 7 -6.24 16.73 -39.01
N GLN B 8 -7.45 17.12 -39.43
CA GLN B 8 -7.79 17.14 -40.85
C GLN B 8 -7.94 18.57 -41.35
N GLN B 9 -7.85 18.74 -42.67
CA GLN B 9 -7.96 20.06 -43.30
C GLN B 9 -6.79 20.96 -42.86
N MET B 10 -6.15 21.59 -43.84
CA MET B 10 -5.02 22.47 -43.55
C MET B 10 -5.50 23.88 -43.21
N GLY B 11 -4.85 24.50 -42.24
CA GLY B 11 -5.22 25.85 -41.81
C GLY B 11 -5.05 26.01 -40.30
N ARG B 12 -5.82 25.24 -39.54
CA ARG B 12 -5.74 25.29 -38.08
C ARG B 12 -4.39 24.80 -37.59
N GLY B 13 -3.84 23.80 -38.27
CA GLY B 13 -2.54 23.23 -37.90
C GLY B 13 -1.89 22.54 -39.09
N SER B 14 -0.92 23.22 -39.71
CA SER B 14 -0.22 22.66 -40.87
C SER B 14 0.58 21.43 -40.48
N MET B 15 1.15 21.46 -39.27
CA MET B 15 1.97 20.34 -38.79
C MET B 15 1.53 19.93 -37.38
N GLY B 16 1.85 18.69 -37.01
CA GLY B 16 1.49 18.18 -35.69
C GLY B 16 2.31 18.86 -34.60
N ALA B 17 1.66 19.19 -33.48
CA ALA B 17 2.33 19.85 -32.38
C ALA B 17 3.34 18.91 -31.72
N ALA B 18 3.00 17.63 -31.65
CA ALA B 18 3.86 16.63 -31.03
C ALA B 18 4.62 15.84 -32.09
N SER B 19 5.91 15.62 -31.85
CA SER B 19 6.75 14.86 -32.79
C SER B 19 7.45 13.72 -32.05
N ALA B 20 7.61 12.59 -32.73
CA ALA B 20 8.27 11.42 -32.15
C ALA B 20 9.64 11.22 -32.76
N ALA B 21 10.63 10.90 -31.92
CA ALA B 21 11.99 10.65 -32.40
C ALA B 21 12.79 9.89 -31.34
N VAL B 22 13.63 8.97 -31.80
CA VAL B 22 14.46 8.18 -30.89
C VAL B 22 15.64 9.00 -30.37
N SER B 23 16.20 9.85 -31.23
CA SER B 23 17.37 10.64 -30.88
C SER B 23 17.08 11.59 -29.71
N VAL B 24 15.89 12.17 -29.72
CA VAL B 24 15.50 13.11 -28.66
C VAL B 24 15.32 12.39 -27.32
N GLY B 25 14.89 11.13 -27.38
CA GLY B 25 14.69 10.34 -26.17
C GLY B 25 14.00 9.02 -26.48
N GLY B 26 13.59 8.30 -25.43
CA GLY B 26 12.92 7.02 -25.61
C GLY B 26 11.44 7.22 -25.93
N TYR B 27 10.72 6.11 -26.08
CA TYR B 27 9.30 6.16 -26.40
C TYR B 27 8.48 5.43 -25.33
N GLY B 28 7.33 6.00 -24.98
CA GLY B 28 6.46 5.39 -23.97
C GLY B 28 7.09 5.46 -22.58
N PRO B 29 6.32 5.19 -21.54
CA PRO B 29 6.86 5.22 -20.15
C PRO B 29 8.02 4.25 -19.95
N GLN B 30 8.96 4.63 -19.08
CA GLN B 30 10.12 3.78 -18.79
C GLN B 30 9.69 2.48 -18.12
N SER B 31 8.67 2.56 -17.27
CA SER B 31 8.15 1.39 -16.58
C SER B 31 6.69 1.14 -16.92
N SER B 32 6.28 -0.12 -16.91
CA SER B 32 4.90 -0.48 -17.23
C SER B 32 3.92 0.11 -16.21
N SER B 33 4.35 0.17 -14.95
CA SER B 33 3.51 0.73 -13.89
C SER B 33 4.26 1.83 -13.14
N ALA B 34 3.54 2.89 -12.78
CA ALA B 34 4.13 4.01 -12.06
C ALA B 34 3.08 5.07 -11.71
N PRO B 35 2.41 5.65 -12.69
CA PRO B 35 1.42 6.74 -12.43
C PRO B 35 0.33 6.32 -11.43
N VAL B 36 0.13 5.01 -11.27
CA VAL B 36 -0.83 4.50 -10.30
C VAL B 36 -0.39 4.87 -8.87
N ALA B 37 0.88 4.61 -8.57
CA ALA B 37 1.43 4.95 -7.26
C ALA B 37 1.46 6.47 -7.05
N SER B 38 1.78 7.20 -8.11
CA SER B 38 1.86 8.66 -8.03
C SER B 38 0.50 9.26 -7.63
N ALA B 39 -0.56 8.74 -8.23
CA ALA B 39 -1.91 9.21 -7.92
C ALA B 39 -2.29 8.87 -6.49
N ALA B 40 -1.92 7.66 -6.05
CA ALA B 40 -2.21 7.21 -4.69
C ALA B 40 -1.50 8.09 -3.67
N ALA B 41 -0.29 8.53 -4.00
CA ALA B 41 0.48 9.42 -3.13
C ALA B 41 -0.20 10.78 -3.01
N SER B 42 -0.74 11.27 -4.13
CA SER B 42 -1.38 12.59 -4.14
C SER B 42 -2.58 12.63 -3.21
N ARG B 43 -3.46 11.64 -3.35
CA ARG B 43 -4.64 11.57 -2.48
C ARG B 43 -4.28 11.08 -1.07
N LEU B 44 -3.14 10.39 -0.95
CA LEU B 44 -2.58 10.05 0.36
C LEU B 44 -2.20 11.32 1.13
N SER B 45 -1.79 12.36 0.40
CA SER B 45 -1.44 13.63 1.03
C SER B 45 -2.68 14.45 1.40
N SER B 46 -3.87 13.94 1.07
CA SER B 46 -5.12 14.64 1.41
C SER B 46 -5.33 14.67 2.92
N PRO B 47 -6.02 15.68 3.43
CA PRO B 47 -6.26 15.81 4.90
C PRO B 47 -6.98 14.59 5.47
N ALA B 48 -7.83 13.96 4.66
CA ALA B 48 -8.56 12.77 5.10
C ALA B 48 -7.60 11.63 5.42
N ALA B 49 -6.57 11.47 4.58
CA ALA B 49 -5.59 10.41 4.77
C ALA B 49 -4.79 10.63 6.06
N SER B 50 -4.36 11.87 6.28
CA SER B 50 -3.53 12.20 7.46
C SER B 50 -4.28 11.87 8.75
N SER B 51 -5.58 12.18 8.78
CA SER B 51 -6.40 11.91 9.97
C SER B 51 -6.46 10.40 10.24
N ARG B 52 -6.61 9.62 9.18
CA ARG B 52 -6.66 8.17 9.31
C ARG B 52 -5.35 7.61 9.84
N VAL B 53 -4.23 8.25 9.47
CA VAL B 53 -2.92 7.85 9.98
C VAL B 53 -2.88 8.01 11.49
N SER B 54 -3.37 9.15 11.98
CA SER B 54 -3.40 9.41 13.43
C SER B 54 -4.19 8.33 14.16
N SER B 55 -5.35 7.98 13.62
CA SER B 55 -6.19 6.94 14.21
C SER B 55 -5.44 5.59 14.24
N ALA B 56 -4.67 5.33 13.18
CA ALA B 56 -3.86 4.12 13.11
C ALA B 56 -2.81 4.10 14.21
N VAL B 57 -2.31 5.28 14.57
CA VAL B 57 -1.32 5.39 15.64
C VAL B 57 -1.92 4.94 16.97
N SER B 58 -3.07 5.50 17.33
CA SER B 58 -3.71 5.19 18.60
C SER B 58 -4.04 3.68 18.71
N SER B 59 -4.52 3.12 17.60
CA SER B 59 -4.94 1.72 17.58
C SER B 59 -3.74 0.80 17.81
N LEU B 60 -2.68 0.99 17.04
CA LEU B 60 -1.50 0.12 17.12
C LEU B 60 -0.79 0.29 18.46
N VAL B 61 -0.70 1.54 18.93
CA VAL B 61 0.02 1.84 20.16
C VAL B 61 -0.67 1.22 21.37
N SER B 62 -1.99 1.38 21.46
CA SER B 62 -2.73 0.92 22.63
C SER B 62 -2.84 -0.61 22.65
N SER B 63 -3.13 -1.20 21.50
CA SER B 63 -3.33 -2.65 21.40
C SER B 63 -1.99 -3.38 21.42
N GLY B 64 -0.98 -2.79 20.76
CA GLY B 64 0.33 -3.42 20.65
C GLY B 64 0.94 -3.17 19.27
N PRO B 65 1.93 -2.30 19.17
CA PRO B 65 2.58 -1.97 17.86
C PRO B 65 2.86 -3.18 16.97
N THR B 66 3.13 -4.33 17.60
CA THR B 66 3.52 -5.53 16.83
C THR B 66 2.61 -6.72 17.16
N ASN B 67 1.34 -6.44 17.47
CA ASN B 67 0.37 -7.49 17.80
C ASN B 67 -0.42 -7.88 16.55
N GLN B 68 -0.70 -9.18 16.42
CA GLN B 68 -1.50 -9.68 15.30
C GLN B 68 -2.92 -9.10 15.35
N ALA B 69 -3.50 -9.10 16.55
CA ALA B 69 -4.87 -8.62 16.72
C ALA B 69 -4.96 -7.12 16.45
N ALA B 70 -3.95 -6.38 16.91
CA ALA B 70 -3.94 -4.92 16.75
C ALA B 70 -3.82 -4.54 15.28
N LEU B 71 -2.93 -5.22 14.56
CA LEU B 71 -2.72 -4.92 13.14
C LEU B 71 -3.98 -5.21 12.33
N SER B 72 -4.66 -6.29 12.66
CA SER B 72 -5.90 -6.66 11.96
C SER B 72 -6.97 -5.59 12.15
N ASN B 73 -7.07 -5.06 13.37
CA ASN B 73 -8.08 -4.06 13.69
C ASN B 73 -7.84 -2.77 12.89
N THR B 74 -6.58 -2.35 12.82
CA THR B 74 -6.23 -1.11 12.14
C THR B 74 -6.52 -1.21 10.65
N ILE B 75 -6.08 -2.31 10.03
CA ILE B 75 -6.25 -2.50 8.59
C ILE B 75 -7.73 -2.54 8.21
N SER B 76 -8.52 -3.29 8.98
CA SER B 76 -9.94 -3.45 8.69
C SER B 76 -10.66 -2.10 8.74
N SER B 77 -10.45 -1.36 9.83
CA SER B 77 -11.13 -0.08 10.03
C SER B 77 -10.73 0.92 8.96
N VAL B 78 -9.43 1.00 8.66
CA VAL B 78 -8.93 1.98 7.68
C VAL B 78 -9.49 1.69 6.29
N VAL B 79 -9.46 0.42 5.88
CA VAL B 79 -9.93 0.04 4.54
C VAL B 79 -11.40 0.42 4.36
N SER B 80 -12.20 0.19 5.40
CA SER B 80 -13.64 0.50 5.34
C SER B 80 -13.85 2.00 5.11
N GLN B 81 -13.25 2.82 5.97
CA GLN B 81 -13.47 4.26 5.93
C GLN B 81 -12.91 4.88 4.64
N VAL B 82 -11.77 4.36 4.18
CA VAL B 82 -11.16 4.85 2.94
C VAL B 82 -12.10 4.59 1.75
N SER B 83 -12.81 3.46 1.80
CA SER B 83 -13.81 3.15 0.78
C SER B 83 -14.96 4.16 0.83
N ALA B 84 -15.34 4.56 2.04
CA ALA B 84 -16.45 5.50 2.22
C ALA B 84 -16.14 6.85 1.57
N SER B 85 -14.91 7.31 1.73
CA SER B 85 -14.50 8.59 1.14
C SER B 85 -14.34 8.45 -0.38
N ASN B 86 -13.85 7.29 -0.82
CA ASN B 86 -13.53 7.08 -2.22
C ASN B 86 -14.47 6.03 -2.85
N PRO B 87 -15.72 6.39 -3.06
CA PRO B 87 -16.64 5.55 -3.88
C PRO B 87 -16.41 5.72 -5.38
N GLY B 88 -16.00 6.93 -5.76
CA GLY B 88 -15.73 7.23 -7.18
C GLY B 88 -14.54 6.42 -7.70
N LEU B 89 -13.60 6.11 -6.80
CA LEU B 89 -12.39 5.38 -7.20
C LEU B 89 -12.68 3.88 -7.34
N SER B 90 -11.91 3.21 -8.20
CA SER B 90 -12.10 1.79 -8.45
C SER B 90 -11.74 0.97 -7.21
N GLY B 91 -12.19 -0.29 -7.19
CA GLY B 91 -11.96 -1.16 -6.04
C GLY B 91 -10.46 -1.33 -5.75
N CYS B 92 -9.67 -1.45 -6.82
CA CYS B 92 -8.23 -1.62 -6.65
C CYS B 92 -7.59 -0.36 -6.05
N ASP B 93 -8.11 0.81 -6.45
CA ASP B 93 -7.63 2.08 -5.90
C ASP B 93 -7.84 2.14 -4.39
N VAL B 94 -8.97 1.59 -3.93
CA VAL B 94 -9.28 1.56 -2.50
C VAL B 94 -8.23 0.72 -1.76
N LEU B 95 -7.89 -0.43 -2.33
CA LEU B 95 -6.89 -1.32 -1.71
C LEU B 95 -5.53 -0.64 -1.63
N VAL B 96 -5.16 0.08 -2.69
CA VAL B 96 -3.87 0.80 -2.73
C VAL B 96 -3.82 1.83 -1.59
N GLN B 97 -4.91 2.58 -1.43
CA GLN B 97 -4.93 3.67 -0.47
C GLN B 97 -4.78 3.17 0.96
N ALA B 98 -5.49 2.08 1.27
CA ALA B 98 -5.44 1.51 2.61
C ALA B 98 -4.05 0.98 2.93
N LEU B 99 -3.44 0.29 1.97
CA LEU B 99 -2.17 -0.39 2.21
C LEU B 99 -1.04 0.60 2.49
N LEU B 100 -0.87 1.58 1.61
CA LEU B 100 0.24 2.53 1.76
C LEU B 100 0.01 3.44 2.98
N GLU B 101 -1.26 3.70 3.30
CA GLU B 101 -1.59 4.48 4.50
C GLU B 101 -1.18 3.73 5.75
N VAL B 102 -1.23 2.39 5.71
CA VAL B 102 -0.72 1.56 6.80
C VAL B 102 0.80 1.71 6.89
N VAL B 103 1.45 1.82 5.73
CA VAL B 103 2.91 2.01 5.68
C VAL B 103 3.29 3.30 6.39
N SER B 104 2.52 4.36 6.15
CA SER B 104 2.81 5.67 6.75
C SER B 104 2.63 5.63 8.26
N ALA B 105 1.60 4.93 8.73
CA ALA B 105 1.36 4.80 10.17
C ALA B 105 2.55 4.11 10.85
N LEU B 106 3.05 3.06 10.22
CA LEU B 106 4.19 2.31 10.76
C LEU B 106 5.45 3.19 10.78
N VAL B 107 5.60 4.04 9.76
CA VAL B 107 6.72 4.99 9.72
C VAL B 107 6.68 5.93 10.93
N SER B 108 5.47 6.37 11.28
CA SER B 108 5.29 7.26 12.44
C SER B 108 5.74 6.57 13.72
N ILE B 109 5.42 5.27 13.83
CA ILE B 109 5.80 4.50 15.02
C ILE B 109 7.32 4.40 15.13
N LEU B 110 7.99 4.15 13.99
CA LEU B 110 9.44 4.00 13.97
C LEU B 110 10.14 5.29 14.39
N GLY B 111 9.67 6.42 13.86
CA GLY B 111 10.29 7.71 14.15
C GLY B 111 10.16 8.07 15.63
N SER B 112 9.00 7.78 16.21
CA SER B 112 8.77 8.04 17.63
C SER B 112 9.42 6.97 18.51
N SER B 113 9.59 5.76 17.96
CA SER B 113 10.11 4.63 18.74
C SER B 113 11.62 4.51 18.58
N SER B 114 12.23 3.70 19.44
CA SER B 114 13.67 3.51 19.43
C SER B 114 14.02 2.18 18.76
N ILE B 115 15.12 2.18 18.01
CA ILE B 115 15.54 0.98 17.28
C ILE B 115 16.62 0.23 18.08
N GLY B 116 16.37 -1.07 18.32
CA GLY B 116 17.33 -1.89 19.05
C GLY B 116 18.06 -2.84 18.11
N GLN B 117 18.02 -4.13 18.42
CA GLN B 117 18.65 -5.15 17.57
C GLN B 117 17.62 -5.74 16.61
N ILE B 118 17.92 -5.68 15.32
CA ILE B 118 17.00 -6.19 14.30
C ILE B 118 17.10 -7.71 14.18
N ASN B 119 15.98 -8.38 14.42
CA ASN B 119 15.91 -9.83 14.21
C ASN B 119 15.65 -10.12 12.73
N TYR B 120 16.73 -10.29 11.97
CA TYR B 120 16.65 -10.35 10.52
C TYR B 120 15.89 -11.59 10.06
N GLY B 121 16.14 -12.73 10.71
CA GLY B 121 15.52 -13.99 10.31
C GLY B 121 14.01 -13.97 10.52
N ALA B 122 13.56 -13.28 11.58
CA ALA B 122 12.14 -13.25 11.93
C ALA B 122 11.34 -12.33 11.00
N SER B 123 12.02 -11.58 10.13
CA SER B 123 11.35 -10.63 9.24
C SER B 123 10.29 -11.33 8.40
N ALA B 124 10.58 -12.57 7.99
CA ALA B 124 9.63 -13.36 7.20
C ALA B 124 8.39 -13.67 8.02
N GLN B 125 8.56 -13.89 9.32
CA GLN B 125 7.44 -14.22 10.20
C GLN B 125 6.48 -13.03 10.30
N TYR B 126 7.04 -11.82 10.43
CA TYR B 126 6.22 -10.61 10.48
C TYR B 126 5.49 -10.39 9.15
N THR B 127 6.11 -10.84 8.05
CA THR B 127 5.44 -10.80 6.74
C THR B 127 4.19 -11.67 6.76
N GLN B 128 4.27 -12.82 7.43
CA GLN B 128 3.12 -13.70 7.59
C GLN B 128 2.02 -13.02 8.40
N MET B 129 2.43 -12.21 9.39
CA MET B 129 1.46 -11.49 10.22
C MET B 129 0.58 -10.57 9.38
N VAL B 130 1.22 -9.79 8.50
CA VAL B 130 0.50 -8.83 7.66
C VAL B 130 -0.42 -9.58 6.68
N GLY B 131 0.10 -10.63 6.05
CA GLY B 131 -0.71 -11.43 5.13
C GLY B 131 -1.97 -11.99 5.83
N GLN B 132 -1.80 -12.43 7.07
CA GLN B 132 -2.92 -12.98 7.84
C GLN B 132 -3.99 -11.91 8.08
N SER B 133 -3.55 -10.70 8.43
CA SER B 133 -4.48 -9.62 8.74
C SER B 133 -5.35 -9.27 7.53
N VAL B 134 -4.74 -9.30 6.34
CA VAL B 134 -5.47 -9.01 5.10
C VAL B 134 -6.54 -10.08 4.85
N ALA B 135 -6.14 -11.35 4.94
CA ALA B 135 -7.05 -12.45 4.62
C ALA B 135 -8.28 -12.43 5.54
N GLN B 136 -8.04 -12.25 6.83
CA GLN B 136 -9.12 -12.22 7.81
C GLN B 136 -9.99 -10.97 7.65
N ALA B 137 -9.35 -9.85 7.33
CA ALA B 137 -10.05 -8.57 7.27
C ALA B 137 -11.10 -8.55 6.17
N LEU B 138 -10.74 -9.07 5.00
CA LEU B 138 -11.67 -9.08 3.86
C LEU B 138 -12.44 -10.40 3.76
N ALA B 139 -12.07 -11.40 4.57
CA ALA B 139 -12.78 -12.67 4.58
C ALA B 139 -14.14 -12.53 5.26
N GLY B 140 -14.19 -11.69 6.30
CA GLY B 140 -15.43 -11.45 7.03
C GLY B 140 -15.15 -11.05 8.48
N MET A 1 -56.02 -22.18 24.56
CA MET A 1 -57.37 -22.66 24.95
C MET A 1 -58.19 -22.99 23.70
N ALA A 2 -58.35 -21.99 22.84
CA ALA A 2 -59.10 -22.17 21.60
C ALA A 2 -58.47 -21.36 20.46
N SER A 3 -58.39 -20.05 20.65
CA SER A 3 -57.79 -19.16 19.64
C SER A 3 -58.53 -19.27 18.31
N MET A 4 -59.50 -18.38 18.09
CA MET A 4 -60.26 -18.38 16.85
C MET A 4 -59.68 -17.39 15.85
N THR A 5 -59.40 -17.89 14.63
CA THR A 5 -58.83 -17.04 13.59
C THR A 5 -59.84 -15.98 13.14
N GLY A 6 -61.11 -16.37 13.07
CA GLY A 6 -62.17 -15.45 12.65
C GLY A 6 -62.13 -15.22 11.14
N GLY A 7 -61.78 -16.27 10.39
CA GLY A 7 -61.70 -16.18 8.94
C GLY A 7 -60.83 -17.29 8.36
N GLN A 8 -60.68 -17.30 7.03
CA GLN A 8 -59.87 -18.31 6.37
C GLN A 8 -58.66 -17.65 5.71
N GLN A 9 -57.49 -18.29 5.85
CA GLN A 9 -56.26 -17.77 5.25
C GLN A 9 -55.51 -18.88 4.51
N MET A 10 -55.32 -18.70 3.20
CA MET A 10 -54.62 -19.69 2.39
C MET A 10 -53.14 -19.77 2.80
N GLY A 11 -52.56 -18.62 3.13
CA GLY A 11 -51.16 -18.55 3.53
C GLY A 11 -50.72 -17.11 3.75
N ARG A 12 -49.41 -16.92 3.98
CA ARG A 12 -48.87 -15.58 4.20
C ARG A 12 -47.99 -15.16 3.03
N GLY A 13 -48.24 -13.97 2.50
CA GLY A 13 -47.48 -13.46 1.36
C GLY A 13 -46.02 -13.23 1.72
N SER A 14 -45.78 -12.69 2.92
CA SER A 14 -44.43 -12.40 3.37
C SER A 14 -44.28 -12.69 4.86
N MET A 15 -43.08 -13.11 5.26
CA MET A 15 -42.82 -13.42 6.66
C MET A 15 -42.00 -12.30 7.32
N GLY A 16 -42.14 -12.17 8.64
CA GLY A 16 -41.41 -11.13 9.37
C GLY A 16 -42.24 -9.86 9.49
N ALA A 17 -41.75 -8.92 10.29
CA ALA A 17 -42.45 -7.65 10.49
C ALA A 17 -41.47 -6.53 10.80
N ALA A 18 -41.86 -5.29 10.48
CA ALA A 18 -41.01 -4.13 10.73
C ALA A 18 -41.85 -2.89 11.01
N SER A 19 -41.28 -1.95 11.77
CA SER A 19 -41.98 -0.72 12.11
C SER A 19 -41.22 0.50 11.60
N ALA A 20 -41.95 1.53 11.18
CA ALA A 20 -41.34 2.76 10.64
C ALA A 20 -40.53 2.46 9.39
N ALA A 21 -40.38 3.47 8.53
CA ALA A 21 -39.62 3.32 7.29
C ALA A 21 -38.20 3.85 7.47
N VAL A 22 -37.29 2.98 7.88
CA VAL A 22 -35.89 3.36 8.06
C VAL A 22 -34.97 2.34 7.39
N SER A 23 -34.03 2.84 6.58
CA SER A 23 -33.10 1.97 5.88
C SER A 23 -31.68 2.54 5.92
N VAL A 24 -30.69 1.65 5.95
CA VAL A 24 -29.29 2.08 5.96
C VAL A 24 -28.53 1.43 4.81
N GLY A 25 -27.74 2.22 4.09
CA GLY A 25 -26.98 1.71 2.96
C GLY A 25 -26.25 2.84 2.23
N GLY A 26 -25.82 2.57 1.01
CA GLY A 26 -25.11 3.57 0.21
C GLY A 26 -23.63 3.57 0.54
N TYR A 27 -23.08 2.39 0.83
CA TYR A 27 -21.65 2.26 1.16
C TYR A 27 -20.91 1.50 0.05
N GLY A 28 -21.39 1.64 -1.19
CA GLY A 28 -20.77 0.94 -2.31
C GLY A 28 -21.17 -0.54 -2.34
N PRO A 29 -22.43 -0.82 -2.61
CA PRO A 29 -22.92 -2.24 -2.66
C PRO A 29 -22.36 -2.99 -3.86
N GLN A 30 -22.26 -4.33 -3.73
CA GLN A 30 -21.75 -5.17 -4.81
C GLN A 30 -20.30 -4.78 -5.16
N SER A 31 -19.47 -4.63 -4.13
CA SER A 31 -18.07 -4.25 -4.32
C SER A 31 -17.16 -5.45 -4.14
N SER A 32 -16.10 -5.52 -4.96
CA SER A 32 -15.15 -6.63 -4.89
C SER A 32 -13.83 -6.15 -4.29
N SER A 33 -13.91 -5.45 -3.15
CA SER A 33 -12.72 -4.92 -2.49
C SER A 33 -11.96 -6.03 -1.77
N ALA A 34 -12.70 -7.01 -1.21
CA ALA A 34 -12.08 -8.05 -0.41
C ALA A 34 -11.12 -8.90 -1.24
N PRO A 35 -11.58 -9.54 -2.30
CA PRO A 35 -10.78 -10.61 -2.98
C PRO A 35 -9.44 -10.08 -3.51
N VAL A 36 -9.37 -8.76 -3.77
CA VAL A 36 -8.13 -8.15 -4.23
C VAL A 36 -7.05 -8.25 -3.14
N ALA A 37 -7.41 -7.87 -1.91
CA ALA A 37 -6.49 -7.95 -0.78
C ALA A 37 -6.14 -9.42 -0.47
N SER A 38 -7.13 -10.30 -0.65
CA SER A 38 -6.92 -11.73 -0.38
C SER A 38 -5.84 -12.30 -1.30
N ALA A 39 -5.91 -11.95 -2.58
CA ALA A 39 -4.94 -12.42 -3.55
C ALA A 39 -3.54 -11.87 -3.24
N ALA A 40 -3.49 -10.60 -2.82
CA ALA A 40 -2.23 -9.96 -2.49
C ALA A 40 -1.55 -10.65 -1.31
N ALA A 41 -2.36 -11.04 -0.32
CA ALA A 41 -1.85 -11.75 0.85
C ALA A 41 -1.35 -13.14 0.47
N SER A 42 -2.05 -13.78 -0.47
CA SER A 42 -1.70 -15.13 -0.89
C SER A 42 -0.30 -15.17 -1.52
N ARG A 43 -0.05 -14.26 -2.45
CA ARG A 43 1.27 -14.18 -3.09
C ARG A 43 2.31 -13.52 -2.15
N LEU A 44 1.83 -12.73 -1.19
CA LEU A 44 2.70 -12.22 -0.12
C LEU A 44 3.30 -13.38 0.70
N SER A 45 2.55 -14.47 0.83
CA SER A 45 3.03 -15.62 1.58
C SER A 45 4.04 -16.46 0.77
N SER A 46 4.17 -16.17 -0.53
CA SER A 46 5.10 -16.90 -1.38
C SER A 46 6.55 -16.64 -0.94
N PRO A 47 7.44 -17.57 -1.18
CA PRO A 47 8.88 -17.42 -0.77
C PRO A 47 9.53 -16.18 -1.38
N ALA A 48 9.08 -15.80 -2.58
CA ALA A 48 9.60 -14.61 -3.25
C ALA A 48 9.30 -13.35 -2.44
N ALA A 49 8.09 -13.28 -1.89
CA ALA A 49 7.68 -12.12 -1.10
C ALA A 49 8.50 -12.02 0.18
N SER A 50 8.64 -13.14 0.88
CA SER A 50 9.36 -13.15 2.17
C SER A 50 10.80 -12.67 1.99
N SER A 51 11.44 -13.10 0.90
CA SER A 51 12.81 -12.71 0.61
C SER A 51 12.92 -11.20 0.43
N ARG A 52 11.94 -10.62 -0.27
CA ARG A 52 11.92 -9.17 -0.50
C ARG A 52 11.72 -8.43 0.83
N VAL A 53 10.97 -9.03 1.76
CA VAL A 53 10.76 -8.43 3.07
C VAL A 53 12.09 -8.28 3.80
N SER A 54 12.90 -9.35 3.80
CA SER A 54 14.20 -9.32 4.47
C SER A 54 15.10 -8.24 3.87
N SER A 55 15.09 -8.15 2.54
CA SER A 55 15.89 -7.13 1.83
C SER A 55 15.43 -5.73 2.22
N ALA A 56 14.11 -5.56 2.41
CA ALA A 56 13.56 -4.29 2.85
C ALA A 56 14.09 -3.91 4.24
N VAL A 57 14.31 -4.93 5.08
CA VAL A 57 14.84 -4.70 6.43
C VAL A 57 16.25 -4.10 6.33
N SER A 58 17.13 -4.75 5.57
CA SER A 58 18.52 -4.31 5.45
C SER A 58 18.59 -2.88 4.91
N SER A 59 17.72 -2.56 3.97
CA SER A 59 17.73 -1.23 3.35
C SER A 59 17.36 -0.15 4.37
N LEU A 60 16.23 -0.33 5.05
CA LEU A 60 15.77 0.66 6.02
C LEU A 60 16.71 0.74 7.21
N VAL A 61 17.22 -0.40 7.66
CA VAL A 61 18.06 -0.46 8.85
C VAL A 61 19.39 0.27 8.60
N SER A 62 20.03 -0.02 7.47
CA SER A 62 21.36 0.53 7.20
C SER A 62 21.29 2.03 6.89
N SER A 63 20.31 2.42 6.08
CA SER A 63 20.17 3.81 5.67
C SER A 63 19.58 4.66 6.79
N GLY A 64 18.61 4.08 7.51
CA GLY A 64 17.92 4.80 8.58
C GLY A 64 16.43 4.44 8.61
N PRO A 65 15.98 3.72 9.63
CA PRO A 65 14.54 3.34 9.77
C PRO A 65 13.55 4.46 9.41
N THR A 66 13.94 5.71 9.67
CA THR A 66 13.02 6.84 9.49
C THR A 66 13.61 7.90 8.57
N ASN A 67 14.41 7.48 7.60
CA ASN A 67 15.02 8.39 6.65
C ASN A 67 14.19 8.48 5.37
N GLN A 68 13.96 9.70 4.88
CA GLN A 68 13.22 9.89 3.63
C GLN A 68 13.96 9.26 2.46
N ALA A 69 15.28 9.39 2.45
CA ALA A 69 16.11 8.81 1.38
C ALA A 69 16.05 7.29 1.43
N ALA A 70 16.08 6.73 2.63
CA ALA A 70 16.04 5.28 2.80
C ALA A 70 14.71 4.71 2.34
N LEU A 71 13.62 5.42 2.66
CA LEU A 71 12.28 4.97 2.28
C LEU A 71 12.14 4.94 0.75
N SER A 72 12.65 5.98 0.09
CA SER A 72 12.57 6.06 -1.37
C SER A 72 13.29 4.88 -2.02
N ASN A 73 14.44 4.51 -1.45
CA ASN A 73 15.23 3.39 -1.97
C ASN A 73 14.46 2.08 -1.86
N THR A 74 13.80 1.88 -0.72
CA THR A 74 13.09 0.63 -0.46
C THR A 74 11.90 0.46 -1.41
N ILE A 75 11.09 1.51 -1.54
CA ILE A 75 9.88 1.46 -2.37
C ILE A 75 10.26 1.21 -3.83
N SER A 76 11.27 1.94 -4.33
CA SER A 76 11.67 1.84 -5.73
C SER A 76 12.14 0.42 -6.05
N SER A 77 13.06 -0.09 -5.24
CA SER A 77 13.65 -1.41 -5.48
C SER A 77 12.59 -2.52 -5.41
N VAL A 78 11.77 -2.47 -4.37
CA VAL A 78 10.77 -3.53 -4.14
C VAL A 78 9.75 -3.56 -5.28
N VAL A 79 9.23 -2.39 -5.65
CA VAL A 79 8.21 -2.31 -6.69
C VAL A 79 8.73 -2.88 -8.00
N SER A 80 9.99 -2.56 -8.34
CA SER A 80 10.59 -3.01 -9.59
C SER A 80 10.65 -4.54 -9.64
N GLN A 81 11.23 -5.13 -8.61
CA GLN A 81 11.46 -6.59 -8.61
C GLN A 81 10.14 -7.36 -8.51
N VAL A 82 9.18 -6.79 -7.77
CA VAL A 82 7.85 -7.42 -7.66
C VAL A 82 7.17 -7.48 -9.04
N SER A 83 7.39 -6.44 -9.85
CA SER A 83 6.89 -6.43 -11.23
C SER A 83 7.57 -7.53 -12.05
N ALA A 84 8.86 -7.74 -11.81
CA ALA A 84 9.64 -8.72 -12.57
C ALA A 84 9.08 -10.14 -12.36
N SER A 85 8.72 -10.45 -11.12
CA SER A 85 8.17 -11.76 -10.80
C SER A 85 6.72 -11.87 -11.30
N ASN A 86 5.99 -10.77 -11.22
CA ASN A 86 4.57 -10.76 -11.56
C ASN A 86 4.31 -9.93 -12.82
N PRO A 87 4.71 -10.42 -13.97
CA PRO A 87 4.29 -9.81 -15.28
C PRO A 87 2.86 -10.21 -15.65
N GLY A 88 2.46 -11.43 -15.27
CA GLY A 88 1.12 -11.91 -15.56
C GLY A 88 0.06 -11.09 -14.83
N LEU A 89 0.42 -10.55 -13.66
CA LEU A 89 -0.53 -9.78 -12.86
C LEU A 89 -0.69 -8.37 -13.41
N SER A 90 -1.86 -7.77 -13.15
CA SER A 90 -2.15 -6.44 -13.67
C SER A 90 -1.26 -5.39 -12.99
N GLY A 91 -1.20 -4.20 -13.60
CA GLY A 91 -0.36 -3.12 -13.08
C GLY A 91 -0.77 -2.75 -11.65
N CYS A 92 -2.07 -2.74 -11.39
CA CYS A 92 -2.58 -2.39 -10.06
C CYS A 92 -2.17 -3.44 -9.04
N ASP A 93 -2.18 -4.71 -9.45
CA ASP A 93 -1.75 -5.80 -8.57
C ASP A 93 -0.30 -5.62 -8.14
N VAL A 94 0.54 -5.12 -9.05
CA VAL A 94 1.94 -4.87 -8.74
C VAL A 94 2.06 -3.81 -7.64
N LEU A 95 1.30 -2.72 -7.78
CA LEU A 95 1.33 -1.65 -6.79
C LEU A 95 0.86 -2.14 -5.42
N VAL A 96 -0.18 -2.96 -5.42
CA VAL A 96 -0.71 -3.52 -4.16
C VAL A 96 0.38 -4.32 -3.44
N GLN A 97 1.03 -5.21 -4.19
CA GLN A 97 1.99 -6.14 -3.61
C GLN A 97 3.14 -5.40 -2.94
N ALA A 98 3.66 -4.38 -3.63
CA ALA A 98 4.77 -3.59 -3.10
C ALA A 98 4.36 -2.88 -1.81
N LEU A 99 3.12 -2.39 -1.76
CA LEU A 99 2.68 -1.57 -0.64
C LEU A 99 2.59 -2.38 0.65
N LEU A 100 1.90 -3.51 0.62
CA LEU A 100 1.70 -4.29 1.85
C LEU A 100 2.99 -4.96 2.29
N GLU A 101 3.86 -5.29 1.32
CA GLU A 101 5.16 -5.86 1.64
C GLU A 101 6.03 -4.86 2.41
N VAL A 102 5.87 -3.56 2.11
CA VAL A 102 6.54 -2.51 2.88
C VAL A 102 5.95 -2.45 4.30
N VAL A 103 4.64 -2.67 4.40
CA VAL A 103 3.97 -2.68 5.71
C VAL A 103 4.58 -3.78 6.58
N SER A 104 4.77 -4.97 5.99
CA SER A 104 5.30 -6.11 6.73
C SER A 104 6.72 -5.86 7.20
N ALA A 105 7.53 -5.24 6.36
CA ALA A 105 8.91 -4.94 6.72
C ALA A 105 8.95 -4.02 7.95
N LEU A 106 8.05 -3.03 7.96
CA LEU A 106 7.97 -2.10 9.09
C LEU A 106 7.53 -2.81 10.37
N VAL A 107 6.64 -3.80 10.24
CA VAL A 107 6.21 -4.59 11.40
C VAL A 107 7.41 -5.32 12.01
N SER A 108 8.27 -5.86 11.15
CA SER A 108 9.46 -6.59 11.61
C SER A 108 10.38 -5.66 12.43
N ILE A 109 10.54 -4.44 11.94
CA ILE A 109 11.38 -3.45 12.64
C ILE A 109 10.78 -3.12 14.01
N LEU A 110 9.46 -2.95 14.06
CA LEU A 110 8.78 -2.59 15.30
C LEU A 110 8.95 -3.67 16.36
N GLY A 111 8.77 -4.92 15.95
CA GLY A 111 8.83 -6.05 16.90
C GLY A 111 10.23 -6.22 17.46
N SER A 112 11.24 -6.03 16.61
CA SER A 112 12.63 -6.13 17.05
C SER A 112 13.09 -4.86 17.76
N SER A 113 12.41 -3.74 17.47
CA SER A 113 12.80 -2.45 18.04
C SER A 113 11.99 -2.16 19.30
N SER A 114 12.43 -1.16 20.06
CA SER A 114 11.78 -0.81 21.32
C SER A 114 10.83 0.37 21.12
N ILE A 115 9.65 0.27 21.72
CA ILE A 115 8.65 1.34 21.58
C ILE A 115 8.70 2.27 22.78
N GLY A 116 8.97 3.55 22.52
CA GLY A 116 9.02 4.55 23.57
C GLY A 116 7.71 5.34 23.62
N GLN A 117 7.82 6.67 23.51
CA GLN A 117 6.63 7.52 23.43
C GLN A 117 6.34 7.91 21.99
N ILE A 118 5.06 7.85 21.60
CA ILE A 118 4.67 8.13 20.23
C ILE A 118 4.24 9.59 20.07
N ASN A 119 4.91 10.30 19.17
CA ASN A 119 4.52 11.68 18.85
C ASN A 119 3.32 11.67 17.91
N TYR A 120 2.13 11.84 18.50
CA TYR A 120 0.89 11.65 17.76
C TYR A 120 0.73 12.70 16.65
N GLY A 121 1.08 13.94 16.96
CA GLY A 121 0.90 15.05 16.02
C GLY A 121 1.80 14.90 14.78
N ALA A 122 2.99 14.34 15.00
CA ALA A 122 3.97 14.22 13.91
C ALA A 122 3.60 13.11 12.93
N SER A 123 2.58 12.30 13.26
CA SER A 123 2.19 11.18 12.41
C SER A 123 1.85 11.65 10.99
N ALA A 124 1.28 12.85 10.90
CA ALA A 124 0.93 13.44 9.60
C ALA A 124 2.18 13.71 8.78
N GLN A 125 3.24 14.15 9.45
CA GLN A 125 4.51 14.46 8.76
C GLN A 125 5.11 13.20 8.16
N TYR A 126 5.09 12.11 8.92
CA TYR A 126 5.60 10.82 8.43
C TYR A 126 4.74 10.32 7.27
N THR A 127 3.44 10.65 7.29
CA THR A 127 2.56 10.33 6.16
C THR A 127 3.07 11.01 4.89
N GLN A 128 3.53 12.26 5.02
CA GLN A 128 4.10 12.98 3.89
C GLN A 128 5.37 12.29 3.38
N MET A 129 6.15 11.71 4.30
CA MET A 129 7.39 11.02 3.93
C MET A 129 7.08 9.86 2.97
N VAL A 130 6.09 9.04 3.33
CA VAL A 130 5.76 7.87 2.52
C VAL A 130 5.21 8.30 1.15
N GLY A 131 4.28 9.25 1.15
CA GLY A 131 3.71 9.76 -0.10
C GLY A 131 4.80 10.28 -1.04
N GLN A 132 5.79 10.97 -0.46
CA GLN A 132 6.89 11.52 -1.24
C GLN A 132 7.72 10.41 -1.89
N SER A 133 7.97 9.34 -1.13
CA SER A 133 8.77 8.23 -1.62
C SER A 133 8.11 7.57 -2.84
N VAL A 134 6.78 7.50 -2.82
CA VAL A 134 6.03 6.92 -3.94
C VAL A 134 6.20 7.79 -5.20
N ALA A 135 5.96 9.09 -5.05
CA ALA A 135 5.97 9.99 -6.21
C ALA A 135 7.35 10.04 -6.84
N GLN A 136 8.37 10.24 -6.01
CA GLN A 136 9.75 10.38 -6.51
C GLN A 136 10.24 9.06 -7.11
N ALA A 137 9.94 7.95 -6.45
CA ALA A 137 10.47 6.65 -6.84
C ALA A 137 9.96 6.23 -8.22
N LEU A 138 8.66 6.43 -8.46
CA LEU A 138 8.05 5.99 -9.70
C LEU A 138 8.01 7.11 -10.75
N ALA A 139 8.35 8.32 -10.36
CA ALA A 139 8.38 9.44 -11.30
C ALA A 139 9.55 9.31 -12.26
N GLY A 140 10.68 8.81 -11.76
CA GLY A 140 11.87 8.64 -12.58
C GLY A 140 12.75 7.53 -12.01
N MET B 1 33.53 40.14 -34.39
CA MET B 1 33.95 38.72 -34.52
C MET B 1 33.63 37.99 -33.22
N ALA B 2 33.16 36.75 -33.34
CA ALA B 2 32.81 35.94 -32.17
C ALA B 2 33.12 34.47 -32.43
N SER B 3 33.32 33.71 -31.34
CA SER B 3 33.63 32.29 -31.45
C SER B 3 32.64 31.47 -30.62
N MET B 4 32.46 30.20 -31.01
CA MET B 4 31.55 29.31 -30.29
C MET B 4 32.31 28.47 -29.26
N THR B 5 31.72 28.33 -28.08
CA THR B 5 32.34 27.55 -27.01
C THR B 5 31.33 26.60 -26.37
N GLY B 6 31.84 25.55 -25.71
CA GLY B 6 30.99 24.58 -25.07
C GLY B 6 31.78 23.68 -24.12
N GLY B 7 31.49 22.39 -24.14
CA GLY B 7 32.19 21.43 -23.29
C GLY B 7 32.59 20.19 -24.08
N GLN B 8 33.55 19.42 -23.54
CA GLN B 8 34.02 18.21 -24.20
C GLN B 8 32.92 17.15 -24.23
N GLN B 9 32.12 17.09 -23.16
CA GLN B 9 31.06 16.09 -23.06
C GLN B 9 30.00 16.32 -24.12
N MET B 10 29.72 17.59 -24.42
CA MET B 10 28.69 17.94 -25.40
C MET B 10 29.34 18.28 -26.75
N GLY B 11 28.69 17.85 -27.82
CA GLY B 11 29.21 18.11 -29.17
C GLY B 11 28.46 17.29 -30.21
N ARG B 12 28.94 17.34 -31.46
CA ARG B 12 28.33 16.59 -32.54
C ARG B 12 28.53 15.09 -32.33
N GLY B 13 27.51 14.30 -32.69
CA GLY B 13 27.58 12.85 -32.54
C GLY B 13 27.45 12.45 -31.08
N SER B 14 26.58 13.16 -30.35
CA SER B 14 26.37 12.89 -28.93
C SER B 14 24.94 12.41 -28.68
N MET B 15 24.78 11.58 -27.66
CA MET B 15 23.45 11.04 -27.32
C MET B 15 22.80 11.91 -26.25
N GLY B 16 21.59 11.50 -25.83
CA GLY B 16 20.86 12.25 -24.82
C GLY B 16 19.89 13.24 -25.46
N ALA B 17 19.31 12.85 -26.59
CA ALA B 17 18.36 13.72 -27.30
C ALA B 17 17.26 12.88 -27.95
N ALA B 18 16.09 13.48 -28.12
CA ALA B 18 14.96 12.80 -28.73
C ALA B 18 14.08 13.76 -29.50
N SER B 19 13.58 14.80 -28.81
CA SER B 19 12.72 15.80 -29.43
C SER B 19 13.50 16.60 -30.48
N ALA B 20 14.76 16.91 -30.16
CA ALA B 20 15.60 17.67 -31.08
C ALA B 20 15.95 16.84 -32.31
N ALA B 21 16.22 15.54 -32.10
CA ALA B 21 16.56 14.66 -33.19
C ALA B 21 16.18 13.22 -32.86
N VAL B 22 15.97 12.40 -33.90
CA VAL B 22 15.60 11.00 -33.70
C VAL B 22 16.78 10.10 -34.03
N SER B 23 17.04 9.12 -33.15
CA SER B 23 18.14 8.19 -33.35
C SER B 23 17.85 6.84 -32.68
N VAL B 24 17.42 6.90 -31.42
CA VAL B 24 17.11 5.68 -30.67
C VAL B 24 15.61 5.61 -30.37
N GLY B 25 15.01 4.45 -30.60
CA GLY B 25 13.58 4.26 -30.35
C GLY B 25 13.03 3.14 -31.21
N GLY B 26 11.72 2.90 -31.10
CA GLY B 26 11.07 1.85 -31.88
C GLY B 26 10.03 1.11 -31.05
N TYR B 27 10.43 0.64 -29.87
CA TYR B 27 9.54 -0.10 -28.99
C TYR B 27 9.56 0.50 -27.58
N GLY B 28 8.38 0.58 -26.96
CA GLY B 28 8.27 1.13 -25.61
C GLY B 28 7.24 0.35 -24.80
N PRO B 29 7.23 0.50 -23.49
CA PRO B 29 6.25 -0.22 -22.62
C PRO B 29 4.81 0.22 -22.87
N GLN B 30 3.92 -0.76 -23.02
CA GLN B 30 2.51 -0.46 -23.29
C GLN B 30 1.86 0.23 -22.09
N SER B 31 2.21 -0.23 -20.89
CA SER B 31 1.64 0.32 -19.67
C SER B 31 2.72 0.46 -18.59
N SER B 32 2.55 1.44 -17.70
CA SER B 32 3.49 1.65 -16.60
C SER B 32 2.77 1.63 -15.27
N SER B 33 3.46 1.16 -14.23
CA SER B 33 2.87 1.09 -12.90
C SER B 33 3.21 2.32 -12.05
N ALA B 34 3.64 3.40 -12.71
CA ALA B 34 4.00 4.63 -11.99
C ALA B 34 2.74 5.43 -11.60
N PRO B 35 1.93 5.83 -12.57
CA PRO B 35 0.86 6.85 -12.32
C PRO B 35 -0.14 6.37 -11.25
N VAL B 36 -0.26 5.06 -11.09
CA VAL B 36 -1.16 4.51 -10.07
C VAL B 36 -0.67 4.90 -8.67
N ALA B 37 0.62 4.68 -8.42
CA ALA B 37 1.21 5.05 -7.13
C ALA B 37 1.19 6.56 -6.94
N SER B 38 1.37 7.30 -8.03
CA SER B 38 1.38 8.77 -7.97
C SER B 38 0.02 9.29 -7.49
N ALA B 39 -1.06 8.73 -8.02
CA ALA B 39 -2.41 9.13 -7.63
C ALA B 39 -2.67 8.78 -6.17
N ALA B 40 -2.18 7.62 -5.74
CA ALA B 40 -2.38 7.17 -4.36
C ALA B 40 -1.68 8.11 -3.38
N ALA B 41 -0.49 8.57 -3.76
CA ALA B 41 0.26 9.51 -2.92
C ALA B 41 -0.45 10.87 -2.87
N SER B 42 -1.05 11.27 -3.99
CA SER B 42 -1.71 12.57 -4.07
C SER B 42 -2.88 12.65 -3.09
N ARG B 43 -3.74 11.62 -3.10
CA ARG B 43 -4.87 11.57 -2.18
C ARG B 43 -4.43 11.19 -0.76
N LEU B 44 -3.27 10.53 -0.65
CA LEU B 44 -2.64 10.28 0.66
C LEU B 44 -2.30 11.61 1.35
N SER B 45 -1.96 12.62 0.56
CA SER B 45 -1.62 13.94 1.11
C SER B 45 -2.87 14.72 1.53
N SER B 46 -4.05 14.24 1.15
CA SER B 46 -5.31 14.92 1.51
C SER B 46 -5.52 14.89 3.04
N PRO B 47 -6.22 15.85 3.58
CA PRO B 47 -6.46 15.92 5.05
C PRO B 47 -7.16 14.67 5.59
N ALA B 48 -8.00 14.06 4.73
CA ALA B 48 -8.70 12.83 5.12
C ALA B 48 -7.72 11.70 5.40
N ALA B 49 -6.69 11.59 4.56
CA ALA B 49 -5.69 10.54 4.71
C ALA B 49 -4.89 10.73 5.99
N SER B 50 -4.44 11.96 6.23
CA SER B 50 -3.62 12.26 7.40
C SER B 50 -4.35 11.91 8.70
N SER B 51 -5.66 12.21 8.74
CA SER B 51 -6.47 11.92 9.92
C SER B 51 -6.52 10.42 10.18
N ARG B 52 -6.66 9.64 9.11
CA ARG B 52 -6.70 8.18 9.23
C ARG B 52 -5.36 7.64 9.73
N VAL B 53 -4.27 8.32 9.36
CA VAL B 53 -2.93 7.92 9.82
C VAL B 53 -2.85 8.03 11.34
N SER B 54 -3.31 9.16 11.88
CA SER B 54 -3.28 9.38 13.33
C SER B 54 -4.10 8.30 14.05
N SER B 55 -5.28 8.00 13.50
CA SER B 55 -6.14 6.97 14.08
C SER B 55 -5.45 5.61 14.07
N ALA B 56 -4.70 5.34 13.00
CA ALA B 56 -3.94 4.10 12.90
C ALA B 56 -2.88 4.02 14.01
N VAL B 57 -2.33 5.18 14.40
CA VAL B 57 -1.34 5.22 15.48
C VAL B 57 -1.97 4.77 16.79
N SER B 58 -3.11 5.38 17.15
CA SER B 58 -3.77 5.06 18.42
C SER B 58 -4.15 3.58 18.49
N SER B 59 -4.57 3.02 17.36
CA SER B 59 -4.99 1.61 17.32
C SER B 59 -3.82 0.69 17.60
N LEU B 60 -2.73 0.85 16.86
CA LEU B 60 -1.56 -0.01 17.01
C LEU B 60 -0.89 0.20 18.36
N VAL B 61 -0.84 1.45 18.81
CA VAL B 61 -0.16 1.80 20.06
C VAL B 61 -0.88 1.17 21.26
N SER B 62 -2.20 1.34 21.32
CA SER B 62 -2.97 0.89 22.48
C SER B 62 -3.06 -0.63 22.53
N SER B 63 -3.31 -1.26 21.37
CA SER B 63 -3.48 -2.70 21.30
C SER B 63 -2.13 -3.41 21.38
N GLY B 64 -1.12 -2.83 20.73
CA GLY B 64 0.22 -3.43 20.68
C GLY B 64 0.86 -3.22 19.31
N PRO B 65 1.89 -2.40 19.21
CA PRO B 65 2.60 -2.15 17.91
C PRO B 65 2.83 -3.41 17.07
N THR B 66 3.02 -4.55 17.73
CA THR B 66 3.39 -5.78 17.02
C THR B 66 2.41 -6.92 17.33
N ASN B 67 1.15 -6.57 17.57
CA ASN B 67 0.13 -7.57 17.87
C ASN B 67 -0.65 -7.95 16.60
N GLN B 68 -0.86 -9.24 16.40
CA GLN B 68 -1.62 -9.71 15.24
C GLN B 68 -3.07 -9.21 15.31
N ALA B 69 -3.64 -9.20 16.51
CA ALA B 69 -5.00 -8.73 16.70
C ALA B 69 -5.11 -7.23 16.41
N ALA B 70 -4.10 -6.48 16.87
CA ALA B 70 -4.08 -5.04 16.66
C ALA B 70 -3.96 -4.70 15.18
N LEU B 71 -3.13 -5.45 14.46
CA LEU B 71 -2.94 -5.21 13.04
C LEU B 71 -4.23 -5.44 12.27
N SER B 72 -4.95 -6.51 12.61
CA SER B 72 -6.21 -6.84 11.94
C SER B 72 -7.23 -5.71 12.13
N ASN B 73 -7.26 -5.14 13.33
CA ASN B 73 -8.18 -4.05 13.62
C ASN B 73 -7.87 -2.82 12.76
N THR B 74 -6.59 -2.51 12.63
CA THR B 74 -6.18 -1.30 11.90
C THR B 74 -6.53 -1.43 10.41
N ILE B 75 -6.17 -2.55 9.80
CA ILE B 75 -6.40 -2.76 8.36
C ILE B 75 -7.89 -2.72 8.05
N SER B 76 -8.69 -3.42 8.85
CA SER B 76 -10.13 -3.50 8.62
C SER B 76 -10.78 -2.12 8.67
N SER B 77 -10.51 -1.38 9.75
CA SER B 77 -11.12 -0.07 9.96
C SER B 77 -10.70 0.91 8.86
N VAL B 78 -9.40 0.97 8.57
CA VAL B 78 -8.87 1.92 7.61
C VAL B 78 -9.45 1.67 6.22
N VAL B 79 -9.42 0.41 5.78
CA VAL B 79 -9.90 0.05 4.45
C VAL B 79 -11.38 0.45 4.27
N SER B 80 -12.17 0.21 5.31
CA SER B 80 -13.61 0.51 5.26
C SER B 80 -13.84 2.02 5.03
N GLN B 81 -13.24 2.83 5.88
CA GLN B 81 -13.48 4.27 5.85
C GLN B 81 -12.89 4.91 4.58
N VAL B 82 -11.76 4.38 4.12
CA VAL B 82 -11.14 4.87 2.88
C VAL B 82 -12.08 4.63 1.69
N SER B 83 -12.80 3.51 1.72
CA SER B 83 -13.81 3.23 0.70
C SER B 83 -14.95 4.23 0.77
N ALA B 84 -15.33 4.62 2.00
CA ALA B 84 -16.45 5.54 2.21
C ALA B 84 -16.16 6.89 1.57
N SER B 85 -14.92 7.38 1.73
CA SER B 85 -14.53 8.66 1.14
C SER B 85 -14.37 8.53 -0.37
N ASN B 86 -13.86 7.39 -0.81
CA ASN B 86 -13.54 7.18 -2.22
C ASN B 86 -14.45 6.13 -2.85
N PRO B 87 -15.72 6.46 -3.06
CA PRO B 87 -16.63 5.61 -3.87
C PRO B 87 -16.39 5.78 -5.37
N GLY B 88 -15.99 7.00 -5.76
CA GLY B 88 -15.71 7.30 -7.17
C GLY B 88 -14.51 6.50 -7.68
N LEU B 89 -13.57 6.20 -6.78
CA LEU B 89 -12.37 5.48 -7.17
C LEU B 89 -12.64 3.99 -7.30
N SER B 90 -11.85 3.32 -8.14
CA SER B 90 -12.03 1.90 -8.40
C SER B 90 -11.71 1.07 -7.17
N GLY B 91 -12.16 -0.19 -7.16
CA GLY B 91 -11.94 -1.07 -6.01
C GLY B 91 -10.46 -1.25 -5.72
N CYS B 92 -9.65 -1.35 -6.78
CA CYS B 92 -8.21 -1.53 -6.62
C CYS B 92 -7.58 -0.28 -5.99
N ASP B 93 -8.08 0.89 -6.37
CA ASP B 93 -7.58 2.15 -5.80
C ASP B 93 -7.81 2.19 -4.30
N VAL B 94 -8.95 1.63 -3.86
CA VAL B 94 -9.26 1.58 -2.43
C VAL B 94 -8.21 0.74 -1.68
N LEU B 95 -7.89 -0.42 -2.24
CA LEU B 95 -6.92 -1.33 -1.63
C LEU B 95 -5.54 -0.66 -1.55
N VAL B 96 -5.16 0.04 -2.62
CA VAL B 96 -3.87 0.74 -2.66
C VAL B 96 -3.79 1.74 -1.52
N GLN B 97 -4.83 2.58 -1.40
CA GLN B 97 -4.82 3.68 -0.44
C GLN B 97 -4.67 3.17 0.98
N ALA B 98 -5.40 2.11 1.32
CA ALA B 98 -5.33 1.55 2.67
C ALA B 98 -3.92 1.02 2.96
N LEU B 99 -3.30 0.41 1.96
CA LEU B 99 -2.01 -0.26 2.16
C LEU B 99 -0.91 0.74 2.49
N LEU B 100 -0.74 1.78 1.67
CA LEU B 100 0.37 2.72 1.88
C LEU B 100 0.12 3.58 3.12
N GLU B 101 -1.15 3.83 3.43
CA GLU B 101 -1.50 4.58 4.64
C GLU B 101 -1.09 3.81 5.89
N VAL B 102 -1.14 2.48 5.82
CA VAL B 102 -0.65 1.64 6.93
C VAL B 102 0.87 1.75 7.01
N VAL B 103 1.52 1.84 5.84
CA VAL B 103 2.98 2.00 5.79
C VAL B 103 3.39 3.29 6.51
N SER B 104 2.66 4.37 6.25
CA SER B 104 2.96 5.68 6.83
C SER B 104 2.79 5.66 8.36
N ALA B 105 1.73 4.99 8.83
CA ALA B 105 1.49 4.89 10.27
C ALA B 105 2.67 4.19 10.96
N LEU B 106 3.18 3.15 10.32
CA LEU B 106 4.30 2.40 10.88
C LEU B 106 5.57 3.26 10.91
N VAL B 107 5.75 4.12 9.89
CA VAL B 107 6.89 5.04 9.86
C VAL B 107 6.83 5.97 11.07
N SER B 108 5.64 6.46 11.40
CA SER B 108 5.45 7.37 12.53
C SER B 108 5.88 6.69 13.84
N ILE B 109 5.50 5.42 13.98
CA ILE B 109 5.85 4.66 15.18
C ILE B 109 7.36 4.49 15.28
N LEU B 110 8.01 4.20 14.14
CA LEU B 110 9.45 3.98 14.12
C LEU B 110 10.22 5.23 14.53
N GLY B 111 9.80 6.37 14.00
CA GLY B 111 10.50 7.63 14.27
C GLY B 111 10.38 8.03 15.73
N SER B 112 9.19 7.83 16.30
CA SER B 112 8.97 8.14 17.71
C SER B 112 9.54 7.04 18.62
N SER B 113 9.68 5.83 18.09
CA SER B 113 10.16 4.70 18.87
C SER B 113 11.67 4.54 18.73
N SER B 114 12.26 3.73 19.61
CA SER B 114 13.70 3.53 19.62
C SER B 114 14.06 2.25 18.87
N ILE B 115 15.11 2.30 18.05
CA ILE B 115 15.53 1.14 17.27
C ILE B 115 16.68 0.42 17.98
N GLY B 116 16.45 -0.85 18.31
CA GLY B 116 17.47 -1.66 18.96
C GLY B 116 18.17 -2.56 17.94
N GLN B 117 18.15 -3.86 18.21
CA GLN B 117 18.70 -4.83 17.26
C GLN B 117 17.58 -5.47 16.46
N ILE B 118 17.79 -5.61 15.14
CA ILE B 118 16.76 -6.16 14.27
C ILE B 118 16.96 -7.66 14.06
N ASN B 119 15.93 -8.44 14.39
CA ASN B 119 15.97 -9.87 14.14
C ASN B 119 15.65 -10.15 12.66
N TYR B 120 16.71 -10.35 11.88
CA TYR B 120 16.57 -10.41 10.43
C TYR B 120 15.76 -11.63 9.99
N GLY B 121 16.01 -12.77 10.63
CA GLY B 121 15.35 -14.03 10.26
C GLY B 121 13.85 -13.97 10.52
N ALA B 122 13.46 -13.29 11.59
CA ALA B 122 12.05 -13.24 11.99
C ALA B 122 11.22 -12.34 11.06
N SER B 123 11.88 -11.59 10.17
CA SER B 123 11.17 -10.67 9.26
C SER B 123 10.11 -11.42 8.45
N ALA B 124 10.40 -12.67 8.09
CA ALA B 124 9.45 -13.48 7.34
C ALA B 124 8.18 -13.77 8.16
N GLN B 125 8.37 -13.98 9.46
CA GLN B 125 7.23 -14.26 10.35
C GLN B 125 6.31 -13.05 10.43
N TYR B 126 6.88 -11.86 10.55
CA TYR B 126 6.09 -10.63 10.59
C TYR B 126 5.38 -10.41 9.26
N THR B 127 5.99 -10.87 8.16
CA THR B 127 5.34 -10.84 6.85
C THR B 127 4.05 -11.65 6.88
N GLN B 128 4.10 -12.80 7.56
CA GLN B 128 2.92 -13.64 7.71
C GLN B 128 1.83 -12.92 8.51
N MET B 129 2.25 -12.12 9.50
CA MET B 129 1.31 -11.38 10.33
C MET B 129 0.46 -10.42 9.48
N VAL B 130 1.13 -9.67 8.61
CA VAL B 130 0.43 -8.68 7.77
C VAL B 130 -0.51 -9.38 6.79
N GLY B 131 0.01 -10.41 6.11
CA GLY B 131 -0.82 -11.18 5.17
C GLY B 131 -2.07 -11.73 5.83
N GLN B 132 -1.92 -12.21 7.07
CA GLN B 132 -3.05 -12.77 7.81
C GLN B 132 -4.09 -11.69 8.11
N SER B 133 -3.64 -10.49 8.46
CA SER B 133 -4.55 -9.39 8.80
C SER B 133 -5.41 -9.02 7.59
N VAL B 134 -4.82 -9.08 6.39
CA VAL B 134 -5.55 -8.78 5.16
C VAL B 134 -6.66 -9.81 4.93
N ALA B 135 -6.30 -11.10 4.98
CA ALA B 135 -7.24 -12.16 4.65
C ALA B 135 -8.41 -12.18 5.64
N GLN B 136 -8.09 -12.13 6.93
CA GLN B 136 -9.12 -12.21 7.96
C GLN B 136 -10.00 -10.97 7.95
N ALA B 137 -9.39 -9.79 7.77
CA ALA B 137 -10.11 -8.53 7.87
C ALA B 137 -11.16 -8.39 6.76
N LEU B 138 -10.78 -8.76 5.54
CA LEU B 138 -11.68 -8.59 4.39
C LEU B 138 -12.48 -9.87 4.10
N ALA B 139 -12.15 -10.97 4.77
CA ALA B 139 -12.89 -12.22 4.58
C ALA B 139 -14.28 -12.13 5.21
N GLY B 140 -14.36 -11.43 6.35
CA GLY B 140 -15.64 -11.27 7.04
C GLY B 140 -15.43 -11.03 8.53
N MET A 1 -4.13 -2.77 50.16
CA MET A 1 -3.97 -1.65 51.14
C MET A 1 -3.99 -0.32 50.39
N ALA A 2 -3.11 -0.19 49.41
CA ALA A 2 -3.02 1.04 48.62
C ALA A 2 -4.26 1.20 47.74
N SER A 3 -4.72 2.45 47.59
CA SER A 3 -5.88 2.73 46.76
C SER A 3 -5.52 3.62 45.58
N MET A 4 -4.30 3.44 45.06
CA MET A 4 -3.82 4.23 43.93
C MET A 4 -4.06 3.49 42.61
N THR A 5 -4.42 4.24 41.58
CA THR A 5 -4.68 3.65 40.25
C THR A 5 -3.77 4.29 39.20
N GLY A 6 -3.62 3.60 38.07
CA GLY A 6 -2.79 4.11 36.98
C GLY A 6 -1.81 3.04 36.49
N GLY A 7 -1.60 2.99 35.18
CA GLY A 7 -0.68 2.01 34.60
C GLY A 7 0.76 2.52 34.63
N GLN A 8 1.68 1.74 34.06
CA GLN A 8 3.09 2.13 34.01
C GLN A 8 3.28 3.37 33.15
N GLN A 9 2.50 3.47 32.08
CA GLN A 9 2.59 4.62 31.17
C GLN A 9 1.33 5.45 31.24
N MET A 10 1.46 6.76 31.00
CA MET A 10 0.32 7.67 31.03
C MET A 10 -0.08 8.08 29.62
N GLY A 11 -1.36 8.41 29.44
CA GLY A 11 -1.87 8.81 28.13
C GLY A 11 -2.11 7.60 27.24
N ARG A 12 -2.56 6.50 27.84
CA ARG A 12 -2.84 5.27 27.09
C ARG A 12 -3.97 5.50 26.08
N GLY A 13 -4.96 6.28 26.49
CA GLY A 13 -6.10 6.58 25.61
C GLY A 13 -6.72 7.93 25.96
N SER A 14 -6.57 8.90 25.05
CA SER A 14 -7.12 10.23 25.28
C SER A 14 -8.64 10.21 25.30
N MET A 15 -9.23 9.33 24.48
CA MET A 15 -10.68 9.21 24.41
C MET A 15 -11.11 7.74 24.54
N GLY A 16 -12.38 7.52 24.89
CA GLY A 16 -12.90 6.17 25.03
C GLY A 16 -14.41 6.14 24.86
N ALA A 17 -15.13 5.80 25.94
CA ALA A 17 -16.59 5.74 25.90
C ALA A 17 -17.08 4.74 24.86
N ALA A 18 -17.38 3.52 25.31
CA ALA A 18 -17.85 2.47 24.41
C ALA A 18 -19.25 2.79 23.91
N SER A 19 -19.54 2.42 22.66
CA SER A 19 -20.85 2.66 22.07
C SER A 19 -21.25 1.50 21.16
N ALA A 20 -22.56 1.41 20.88
CA ALA A 20 -23.07 0.33 20.02
C ALA A 20 -24.23 0.84 19.17
N ALA A 21 -24.38 0.26 17.98
CA ALA A 21 -25.47 0.65 17.08
C ALA A 21 -25.84 -0.50 16.16
N VAL A 22 -27.05 -0.45 15.60
CA VAL A 22 -27.51 -1.48 14.69
C VAL A 22 -27.50 -0.97 13.25
N SER A 23 -26.94 -1.77 12.34
CA SER A 23 -26.86 -1.38 10.93
C SER A 23 -27.05 -2.60 10.03
N VAL A 24 -27.55 -2.36 8.82
CA VAL A 24 -27.78 -3.45 7.86
C VAL A 24 -26.81 -3.31 6.68
N GLY A 25 -26.27 -4.44 6.23
CA GLY A 25 -25.33 -4.45 5.11
C GLY A 25 -23.89 -4.39 5.62
N GLY A 26 -22.95 -4.20 4.69
CA GLY A 26 -21.54 -4.14 5.05
C GLY A 26 -20.78 -3.21 4.11
N TYR A 27 -20.20 -3.78 3.05
CA TYR A 27 -19.43 -2.99 2.09
C TYR A 27 -20.26 -2.69 0.84
N GLY A 28 -21.58 -2.60 1.00
CA GLY A 28 -22.47 -2.31 -0.12
C GLY A 28 -22.55 -3.51 -1.06
N PRO A 29 -23.67 -3.71 -1.73
CA PRO A 29 -23.85 -4.85 -2.67
C PRO A 29 -23.01 -4.70 -3.94
N GLN A 30 -22.66 -5.83 -4.56
CA GLN A 30 -21.87 -5.82 -5.78
C GLN A 30 -20.50 -5.18 -5.55
N SER A 31 -19.83 -5.60 -4.46
CA SER A 31 -18.52 -5.07 -4.12
C SER A 31 -17.47 -6.18 -4.17
N SER A 32 -16.29 -5.85 -4.68
CA SER A 32 -15.20 -6.84 -4.78
C SER A 32 -13.89 -6.23 -4.28
N SER A 33 -13.96 -5.55 -3.14
CA SER A 33 -12.77 -4.93 -2.55
C SER A 33 -11.98 -5.95 -1.71
N ALA A 34 -12.71 -6.87 -1.06
CA ALA A 34 -12.09 -7.85 -0.20
C ALA A 34 -11.14 -8.78 -1.00
N PRO A 35 -11.64 -9.48 -1.99
CA PRO A 35 -10.85 -10.58 -2.64
C PRO A 35 -9.53 -10.09 -3.23
N VAL A 36 -9.45 -8.79 -3.53
CA VAL A 36 -8.21 -8.21 -4.06
C VAL A 36 -7.10 -8.31 -3.02
N ALA A 37 -7.40 -7.90 -1.78
CA ALA A 37 -6.44 -7.97 -0.69
C ALA A 37 -6.09 -9.41 -0.36
N SER A 38 -7.09 -10.30 -0.47
CA SER A 38 -6.88 -11.72 -0.19
C SER A 38 -5.84 -12.33 -1.13
N ALA A 39 -5.94 -11.98 -2.41
CA ALA A 39 -4.99 -12.47 -3.41
C ALA A 39 -3.60 -11.91 -3.13
N ALA A 40 -3.54 -10.63 -2.74
CA ALA A 40 -2.25 -9.99 -2.44
C ALA A 40 -1.56 -10.67 -1.27
N ALA A 41 -2.35 -11.07 -0.27
CA ALA A 41 -1.81 -11.78 0.89
C ALA A 41 -1.29 -13.16 0.50
N SER A 42 -2.00 -13.81 -0.42
CA SER A 42 -1.63 -15.16 -0.85
C SER A 42 -0.24 -15.17 -1.49
N ARG A 43 -0.03 -14.27 -2.45
CA ARG A 43 1.27 -14.17 -3.12
C ARG A 43 2.32 -13.50 -2.21
N LEU A 44 1.86 -12.71 -1.24
CA LEU A 44 2.74 -12.22 -0.17
C LEU A 44 3.32 -13.39 0.63
N SER A 45 2.56 -14.48 0.74
CA SER A 45 3.03 -15.66 1.46
C SER A 45 4.05 -16.47 0.64
N SER A 46 4.20 -16.13 -0.65
CA SER A 46 5.15 -16.84 -1.51
C SER A 46 6.59 -16.62 -1.04
N PRO A 47 7.48 -17.55 -1.30
CA PRO A 47 8.91 -17.41 -0.90
C PRO A 47 9.56 -16.14 -1.46
N ALA A 48 9.12 -15.74 -2.65
CA ALA A 48 9.66 -14.54 -3.30
C ALA A 48 9.37 -13.30 -2.46
N ALA A 49 8.16 -13.24 -1.91
CA ALA A 49 7.74 -12.08 -1.11
C ALA A 49 8.57 -12.00 0.18
N SER A 50 8.73 -13.13 0.86
CA SER A 50 9.45 -13.15 2.13
C SER A 50 10.89 -12.67 1.97
N SER A 51 11.52 -13.08 0.87
CA SER A 51 12.90 -12.68 0.59
C SER A 51 13.00 -11.17 0.41
N ARG A 52 12.03 -10.59 -0.29
CA ARG A 52 11.99 -9.15 -0.50
C ARG A 52 11.79 -8.40 0.82
N VAL A 53 11.06 -9.01 1.74
CA VAL A 53 10.86 -8.42 3.07
C VAL A 53 12.21 -8.27 3.79
N SER A 54 13.01 -9.34 3.76
CA SER A 54 14.33 -9.32 4.40
C SER A 54 15.20 -8.21 3.82
N SER A 55 15.19 -8.09 2.49
CA SER A 55 15.96 -7.06 1.81
C SER A 55 15.49 -5.67 2.22
N ALA A 56 14.18 -5.53 2.42
CA ALA A 56 13.61 -4.26 2.87
C ALA A 56 14.13 -3.90 4.27
N VAL A 57 14.36 -4.92 5.11
CA VAL A 57 14.86 -4.70 6.46
C VAL A 57 16.26 -4.09 6.41
N SER A 58 17.16 -4.74 5.69
CA SER A 58 18.55 -4.27 5.61
C SER A 58 18.63 -2.86 5.02
N SER A 59 17.77 -2.58 4.04
CA SER A 59 17.79 -1.28 3.36
C SER A 59 17.41 -0.16 4.32
N LEU A 60 16.29 -0.33 5.02
CA LEU A 60 15.81 0.71 5.94
C LEU A 60 16.75 0.84 7.14
N VAL A 61 17.24 -0.29 7.64
CA VAL A 61 18.08 -0.30 8.84
C VAL A 61 19.41 0.42 8.59
N SER A 62 20.05 0.10 7.46
CA SER A 62 21.39 0.64 7.18
C SER A 62 21.31 2.10 6.77
N SER A 63 20.34 2.43 5.92
CA SER A 63 20.21 3.79 5.41
C SER A 63 19.63 4.72 6.48
N GLY A 64 18.70 4.19 7.27
CA GLY A 64 18.03 4.99 8.29
C GLY A 64 16.55 4.59 8.40
N PRO A 65 16.15 3.91 9.46
CA PRO A 65 14.73 3.46 9.66
C PRO A 65 13.69 4.52 9.26
N THR A 66 14.01 5.79 9.48
CA THR A 66 13.03 6.86 9.24
C THR A 66 13.61 7.95 8.33
N ASN A 67 14.47 7.55 7.39
CA ASN A 67 15.07 8.49 6.45
C ASN A 67 14.23 8.57 5.17
N GLN A 68 14.04 9.78 4.66
CA GLN A 68 13.28 9.97 3.41
C GLN A 68 13.99 9.27 2.25
N ALA A 69 15.31 9.40 2.21
CA ALA A 69 16.10 8.80 1.12
C ALA A 69 16.05 7.28 1.21
N ALA A 70 16.11 6.75 2.43
CA ALA A 70 16.10 5.30 2.63
C ALA A 70 14.77 4.70 2.20
N LEU A 71 13.67 5.35 2.56
CA LEU A 71 12.34 4.86 2.22
C LEU A 71 12.14 4.85 0.69
N SER A 72 12.63 5.89 0.02
CA SER A 72 12.51 5.97 -1.44
C SER A 72 13.25 4.83 -2.11
N ASN A 73 14.44 4.50 -1.60
CA ASN A 73 15.25 3.43 -2.16
C ASN A 73 14.54 2.08 -2.05
N THR A 74 13.97 1.81 -0.87
CA THR A 74 13.32 0.52 -0.62
C THR A 74 12.09 0.36 -1.51
N ILE A 75 11.26 1.40 -1.58
CA ILE A 75 10.02 1.33 -2.36
C ILE A 75 10.33 1.12 -3.85
N SER A 76 11.29 1.88 -4.38
CA SER A 76 11.63 1.78 -5.79
C SER A 76 12.11 0.39 -6.16
N SER A 77 13.06 -0.13 -5.36
CA SER A 77 13.65 -1.44 -5.64
C SER A 77 12.60 -2.55 -5.54
N VAL A 78 11.80 -2.52 -4.47
CA VAL A 78 10.81 -3.57 -4.23
C VAL A 78 9.76 -3.59 -5.35
N VAL A 79 9.23 -2.42 -5.70
CA VAL A 79 8.19 -2.33 -6.71
C VAL A 79 8.69 -2.91 -8.05
N SER A 80 9.93 -2.58 -8.40
CA SER A 80 10.52 -3.06 -9.65
C SER A 80 10.57 -4.58 -9.70
N GLN A 81 11.16 -5.19 -8.68
CA GLN A 81 11.38 -6.64 -8.68
C GLN A 81 10.06 -7.40 -8.53
N VAL A 82 9.12 -6.83 -7.78
CA VAL A 82 7.80 -7.46 -7.62
C VAL A 82 7.07 -7.52 -8.96
N SER A 83 7.24 -6.48 -9.79
CA SER A 83 6.70 -6.48 -11.14
C SER A 83 7.36 -7.57 -11.99
N ALA A 84 8.66 -7.76 -11.80
CA ALA A 84 9.43 -8.73 -12.58
C ALA A 84 8.89 -10.15 -12.36
N SER A 85 8.58 -10.47 -11.10
CA SER A 85 8.03 -11.78 -10.78
C SER A 85 6.59 -11.90 -11.26
N ASN A 86 5.85 -10.79 -11.18
CA ASN A 86 4.42 -10.80 -11.51
C ASN A 86 4.17 -9.96 -12.78
N PRO A 87 4.58 -10.44 -13.94
CA PRO A 87 4.18 -9.83 -15.23
C PRO A 87 2.74 -10.20 -15.63
N GLY A 88 2.33 -11.41 -15.24
CA GLY A 88 0.97 -11.88 -15.52
C GLY A 88 -0.07 -11.04 -14.80
N LEU A 89 0.29 -10.50 -13.63
CA LEU A 89 -0.64 -9.71 -12.81
C LEU A 89 -0.76 -8.30 -13.36
N SER A 90 -1.91 -7.67 -13.11
CA SER A 90 -2.17 -6.32 -13.62
C SER A 90 -1.27 -5.30 -12.93
N GLY A 91 -1.17 -4.11 -13.54
CA GLY A 91 -0.31 -3.06 -13.00
C GLY A 91 -0.72 -2.68 -11.58
N CYS A 92 -2.04 -2.66 -11.32
CA CYS A 92 -2.54 -2.31 -10.00
C CYS A 92 -2.14 -3.36 -8.97
N ASP A 93 -2.15 -4.64 -9.38
CA ASP A 93 -1.74 -5.73 -8.50
C ASP A 93 -0.29 -5.57 -8.06
N VAL A 94 0.56 -5.09 -8.98
CA VAL A 94 1.97 -4.85 -8.66
C VAL A 94 2.09 -3.79 -7.57
N LEU A 95 1.33 -2.71 -7.70
CA LEU A 95 1.36 -1.63 -6.72
C LEU A 95 0.90 -2.12 -5.34
N VAL A 96 -0.16 -2.94 -5.34
CA VAL A 96 -0.68 -3.51 -4.09
C VAL A 96 0.41 -4.30 -3.38
N GLN A 97 1.07 -5.19 -4.13
CA GLN A 97 2.04 -6.12 -3.57
C GLN A 97 3.18 -5.38 -2.89
N ALA A 98 3.70 -4.36 -3.57
CA ALA A 98 4.81 -3.58 -3.04
C ALA A 98 4.40 -2.87 -1.75
N LEU A 99 3.17 -2.38 -1.70
CA LEU A 99 2.73 -1.56 -0.58
C LEU A 99 2.62 -2.37 0.71
N LEU A 100 1.94 -3.51 0.66
CA LEU A 100 1.73 -4.28 1.90
C LEU A 100 3.03 -4.96 2.33
N GLU A 101 3.90 -5.28 1.37
CA GLU A 101 5.20 -5.85 1.68
C GLU A 101 6.07 -4.85 2.46
N VAL A 102 5.89 -3.55 2.16
CA VAL A 102 6.56 -2.52 2.94
C VAL A 102 5.97 -2.47 4.36
N VAL A 103 4.66 -2.69 4.46
CA VAL A 103 3.99 -2.71 5.77
C VAL A 103 4.58 -3.83 6.64
N SER A 104 4.80 -4.99 6.03
CA SER A 104 5.32 -6.15 6.75
C SER A 104 6.74 -5.92 7.24
N ALA A 105 7.57 -5.29 6.40
CA ALA A 105 8.95 -4.98 6.79
C ALA A 105 8.96 -4.07 8.01
N LEU A 106 8.07 -3.08 8.02
CA LEU A 106 7.96 -2.15 9.14
C LEU A 106 7.50 -2.87 10.40
N VAL A 107 6.61 -3.85 10.25
CA VAL A 107 6.15 -4.65 11.40
C VAL A 107 7.34 -5.38 12.04
N SER A 108 8.22 -5.93 11.21
CA SER A 108 9.39 -6.64 11.71
C SER A 108 10.29 -5.72 12.54
N ILE A 109 10.49 -4.50 12.02
CA ILE A 109 11.34 -3.53 12.72
C ILE A 109 10.72 -3.14 14.06
N LEU A 110 9.40 -2.92 14.07
CA LEU A 110 8.70 -2.48 15.28
C LEU A 110 8.82 -3.52 16.40
N GLY A 111 8.60 -4.78 16.05
CA GLY A 111 8.63 -5.86 17.04
C GLY A 111 10.03 -6.05 17.62
N SER A 112 11.04 -5.94 16.76
CA SER A 112 12.42 -6.06 17.19
C SER A 112 12.89 -4.82 17.94
N SER A 113 12.24 -3.68 17.70
CA SER A 113 12.67 -2.42 18.26
C SER A 113 11.93 -2.11 19.56
N SER A 114 12.47 -1.15 20.31
CA SER A 114 11.83 -0.70 21.55
C SER A 114 11.00 0.54 21.29
N ILE A 115 9.73 0.49 21.65
CA ILE A 115 8.82 1.61 21.38
C ILE A 115 8.64 2.48 22.62
N GLY A 116 9.09 3.72 22.53
CA GLY A 116 9.02 4.64 23.67
C GLY A 116 7.72 5.45 23.61
N GLN A 117 7.86 6.77 23.48
CA GLN A 117 6.69 7.65 23.37
C GLN A 117 6.44 8.02 21.90
N ILE A 118 5.20 7.86 21.46
CA ILE A 118 4.85 8.14 20.07
C ILE A 118 4.47 9.61 19.90
N ASN A 119 5.13 10.28 18.95
CA ASN A 119 4.79 11.65 18.62
C ASN A 119 3.53 11.68 17.76
N TYR A 120 2.38 11.82 18.42
CA TYR A 120 1.09 11.65 17.75
C TYR A 120 0.86 12.74 16.70
N GLY A 121 1.22 13.98 17.04
CA GLY A 121 0.97 15.12 16.15
C GLY A 121 1.79 15.01 14.87
N ALA A 122 3.00 14.46 14.97
CA ALA A 122 3.90 14.37 13.83
C ALA A 122 3.53 13.22 12.88
N SER A 123 2.51 12.42 13.24
CA SER A 123 2.12 11.27 12.42
C SER A 123 1.75 11.71 11.00
N ALA A 124 1.15 12.89 10.89
CA ALA A 124 0.78 13.42 9.58
C ALA A 124 2.02 13.73 8.75
N GLN A 125 3.08 14.20 9.41
CA GLN A 125 4.33 14.53 8.72
C GLN A 125 4.95 13.27 8.12
N TYR A 126 4.96 12.18 8.89
CA TYR A 126 5.48 10.90 8.39
C TYR A 126 4.64 10.39 7.22
N THR A 127 3.34 10.69 7.23
CA THR A 127 2.46 10.38 6.11
C THR A 127 2.95 11.07 4.84
N GLN A 128 3.38 12.32 4.98
CA GLN A 128 3.94 13.07 3.86
C GLN A 128 5.22 12.41 3.36
N MET A 129 6.00 11.82 4.27
CA MET A 129 7.24 11.15 3.89
C MET A 129 6.96 9.98 2.94
N VAL A 130 6.00 9.14 3.31
CA VAL A 130 5.68 7.95 2.50
C VAL A 130 5.14 8.38 1.13
N GLY A 131 4.19 9.32 1.12
CA GLY A 131 3.63 9.83 -0.13
C GLY A 131 4.73 10.40 -1.03
N GLN A 132 5.68 11.10 -0.42
CA GLN A 132 6.78 11.70 -1.16
C GLN A 132 7.64 10.64 -1.85
N SER A 133 7.98 9.59 -1.10
CA SER A 133 8.84 8.53 -1.63
C SER A 133 8.19 7.83 -2.81
N VAL A 134 6.86 7.68 -2.78
CA VAL A 134 6.14 7.06 -3.88
C VAL A 134 6.25 7.91 -5.15
N ALA A 135 5.98 9.21 -5.01
CA ALA A 135 5.96 10.10 -6.17
C ALA A 135 7.33 10.18 -6.83
N GLN A 136 8.37 10.38 -6.02
CA GLN A 136 9.73 10.52 -6.54
C GLN A 136 10.23 9.21 -7.15
N ALA A 137 9.98 8.10 -6.46
CA ALA A 137 10.51 6.81 -6.86
C ALA A 137 9.94 6.36 -8.21
N LEU A 138 8.64 6.53 -8.38
CA LEU A 138 7.96 6.04 -9.59
C LEU A 138 7.84 7.11 -10.66
N ALA A 139 8.20 8.36 -10.34
CA ALA A 139 8.16 9.44 -11.32
C ALA A 139 9.28 9.29 -12.33
N GLY A 140 10.44 8.81 -11.87
CA GLY A 140 11.59 8.62 -12.74
C GLY A 140 12.88 8.54 -11.94
N MET B 1 -28.86 0.33 -10.69
CA MET B 1 -29.92 0.44 -9.64
C MET B 1 -31.01 -0.59 -9.91
N ALA B 2 -31.66 -0.49 -11.07
CA ALA B 2 -32.71 -1.43 -11.44
C ALA B 2 -32.70 -1.69 -12.94
N SER B 3 -33.14 -2.88 -13.33
CA SER B 3 -33.17 -3.25 -14.75
C SER B 3 -34.57 -3.67 -15.16
N MET B 4 -34.94 -3.40 -16.42
CA MET B 4 -36.26 -3.75 -16.93
C MET B 4 -36.44 -5.28 -16.97
N THR B 5 -35.35 -5.98 -17.29
CA THR B 5 -35.40 -7.45 -17.36
C THR B 5 -34.21 -8.07 -16.63
N GLY B 6 -34.35 -9.33 -16.26
CA GLY B 6 -33.29 -10.03 -15.54
C GLY B 6 -32.30 -10.66 -16.51
N GLY B 7 -31.36 -11.44 -15.97
CA GLY B 7 -30.34 -12.10 -16.79
C GLY B 7 -28.97 -12.01 -16.13
N GLN B 8 -28.72 -12.91 -15.18
CA GLN B 8 -27.46 -12.90 -14.44
C GLN B 8 -26.29 -13.27 -15.36
N GLN B 9 -26.47 -14.34 -16.13
CA GLN B 9 -25.43 -14.79 -17.04
C GLN B 9 -25.23 -13.81 -18.19
N MET B 10 -26.34 -13.30 -18.71
CA MET B 10 -26.30 -12.35 -19.83
C MET B 10 -27.34 -11.25 -19.63
N GLY B 11 -27.06 -10.07 -20.19
CA GLY B 11 -27.97 -8.93 -20.06
C GLY B 11 -27.23 -7.62 -20.30
N ARG B 12 -27.89 -6.51 -19.93
CA ARG B 12 -27.28 -5.19 -20.09
C ARG B 12 -26.55 -4.78 -18.82
N GLY B 13 -25.22 -4.86 -18.85
CA GLY B 13 -24.41 -4.50 -17.70
C GLY B 13 -24.52 -3.00 -17.39
N SER B 14 -24.56 -2.20 -18.45
CA SER B 14 -24.67 -0.73 -18.31
C SER B 14 -23.51 -0.17 -17.47
N MET B 15 -22.35 -0.84 -17.55
CA MET B 15 -21.18 -0.41 -16.79
C MET B 15 -20.69 0.95 -17.27
N GLY B 16 -20.77 1.18 -18.58
CA GLY B 16 -20.34 2.44 -19.16
C GLY B 16 -18.81 2.53 -19.20
N ALA B 17 -18.16 1.38 -19.42
CA ALA B 17 -16.70 1.34 -19.47
C ALA B 17 -16.19 1.96 -20.77
N ALA B 18 -15.06 2.64 -20.69
CA ALA B 18 -14.46 3.28 -21.86
C ALA B 18 -13.37 2.39 -22.47
N SER B 19 -13.35 2.29 -23.79
CA SER B 19 -12.36 1.47 -24.48
C SER B 19 -11.92 2.14 -25.77
N ALA B 20 -10.65 1.94 -26.14
CA ALA B 20 -10.11 2.51 -27.36
C ALA B 20 -9.09 1.58 -27.99
N ALA B 21 -8.95 1.66 -29.31
CA ALA B 21 -8.00 0.82 -30.05
C ALA B 21 -8.31 -0.68 -29.84
N VAL B 22 -7.50 -1.53 -30.46
CA VAL B 22 -7.70 -2.98 -30.33
C VAL B 22 -6.51 -3.61 -29.60
N SER B 23 -6.79 -4.49 -28.65
CA SER B 23 -5.75 -5.16 -27.89
C SER B 23 -6.14 -6.60 -27.57
N VAL B 24 -7.29 -6.76 -26.91
CA VAL B 24 -7.79 -8.10 -26.55
C VAL B 24 -6.79 -8.81 -25.62
N GLY B 25 -7.06 -8.77 -24.32
CA GLY B 25 -6.18 -9.41 -23.34
C GLY B 25 -6.37 -8.80 -21.96
N GLY B 26 -5.54 -7.82 -21.62
CA GLY B 26 -5.62 -7.16 -20.32
C GLY B 26 -6.69 -6.06 -20.34
N TYR B 27 -6.77 -5.30 -19.25
CA TYR B 27 -7.75 -4.22 -19.16
C TYR B 27 -7.13 -2.90 -19.59
N GLY B 28 -7.84 -2.17 -20.46
CA GLY B 28 -7.35 -0.89 -20.96
C GLY B 28 -6.33 -1.10 -22.08
N PRO B 29 -6.25 -0.19 -23.02
CA PRO B 29 -5.31 -0.32 -24.17
C PRO B 29 -3.85 -0.22 -23.74
N GLN B 30 -3.60 0.59 -22.71
CA GLN B 30 -2.24 0.77 -22.19
C GLN B 30 -2.23 0.62 -20.67
N SER B 31 -1.09 0.16 -20.14
CA SER B 31 -0.96 -0.02 -18.70
C SER B 31 0.28 0.72 -18.17
N SER B 32 0.18 1.24 -16.95
CA SER B 32 1.30 1.95 -16.33
C SER B 32 1.37 1.64 -14.85
N SER B 33 2.59 1.47 -14.33
CA SER B 33 2.78 1.10 -12.93
C SER B 33 3.05 2.34 -12.07
N ALA B 34 3.80 3.29 -12.62
CA ALA B 34 4.20 4.48 -11.87
C ALA B 34 2.98 5.34 -11.51
N PRO B 35 2.23 5.82 -12.48
CA PRO B 35 1.20 6.88 -12.23
C PRO B 35 0.15 6.43 -11.22
N VAL B 36 -0.03 5.12 -11.06
CA VAL B 36 -0.98 4.59 -10.08
C VAL B 36 -0.55 4.96 -8.67
N ALA B 37 0.74 4.73 -8.36
CA ALA B 37 1.28 5.08 -7.05
C ALA B 37 1.28 6.59 -6.84
N SER B 38 1.52 7.34 -7.92
CA SER B 38 1.54 8.80 -7.85
C SER B 38 0.18 9.35 -7.41
N ALA B 39 -0.89 8.78 -7.98
CA ALA B 39 -2.24 9.19 -7.63
C ALA B 39 -2.56 8.85 -6.18
N ALA B 40 -2.09 7.66 -5.75
CA ALA B 40 -2.32 7.22 -4.38
C ALA B 40 -1.64 8.14 -3.37
N ALA B 41 -0.45 8.62 -3.73
CA ALA B 41 0.27 9.56 -2.87
C ALA B 41 -0.44 10.90 -2.80
N SER B 42 -1.03 11.31 -3.93
CA SER B 42 -1.71 12.60 -4.00
C SER B 42 -2.89 12.65 -3.03
N ARG B 43 -3.75 11.63 -3.09
CA ARG B 43 -4.90 11.56 -2.19
C ARG B 43 -4.49 11.16 -0.77
N LEU B 44 -3.32 10.51 -0.64
CA LEU B 44 -2.70 10.28 0.67
C LEU B 44 -2.38 11.62 1.34
N SER B 45 -2.05 12.63 0.53
CA SER B 45 -1.73 13.95 1.05
C SER B 45 -2.99 14.71 1.49
N SER B 46 -4.17 14.20 1.14
CA SER B 46 -5.43 14.85 1.50
C SER B 46 -5.63 14.85 3.02
N PRO B 47 -6.35 15.82 3.56
CA PRO B 47 -6.60 15.89 5.03
C PRO B 47 -7.25 14.62 5.58
N ALA B 48 -8.09 13.98 4.76
CA ALA B 48 -8.77 12.76 5.17
C ALA B 48 -7.77 11.64 5.46
N ALA B 49 -6.73 11.55 4.62
CA ALA B 49 -5.72 10.51 4.77
C ALA B 49 -4.93 10.72 6.07
N SER B 50 -4.50 11.95 6.30
CA SER B 50 -3.68 12.26 7.48
C SER B 50 -4.41 11.90 8.78
N SER B 51 -5.71 12.20 8.82
CA SER B 51 -6.53 11.90 10.00
C SER B 51 -6.56 10.39 10.26
N ARG B 52 -6.71 9.62 9.18
CA ARG B 52 -6.74 8.16 9.30
C ARG B 52 -5.40 7.62 9.80
N VAL B 53 -4.31 8.29 9.43
CA VAL B 53 -2.98 7.91 9.91
C VAL B 53 -2.91 8.03 11.43
N SER B 54 -3.40 9.15 11.96
CA SER B 54 -3.40 9.38 13.41
C SER B 54 -4.19 8.28 14.12
N SER B 55 -5.36 7.95 13.58
CA SER B 55 -6.20 6.90 14.16
C SER B 55 -5.48 5.55 14.14
N ALA B 56 -4.72 5.32 13.07
CA ALA B 56 -3.93 4.08 12.97
C ALA B 56 -2.87 4.01 14.07
N VAL B 57 -2.34 5.18 14.44
CA VAL B 57 -1.32 5.24 15.51
C VAL B 57 -1.92 4.77 16.83
N SER B 58 -3.02 5.38 17.23
CA SER B 58 -3.65 5.05 18.51
C SER B 58 -4.06 3.58 18.57
N SER B 59 -4.54 3.05 17.43
CA SER B 59 -5.02 1.68 17.38
C SER B 59 -3.88 0.69 17.64
N LEU B 60 -2.78 0.85 16.90
CA LEU B 60 -1.63 -0.06 17.02
C LEU B 60 -0.97 0.09 18.38
N VAL B 61 -0.85 1.35 18.85
CA VAL B 61 -0.15 1.64 20.10
C VAL B 61 -0.88 1.03 21.29
N SER B 62 -2.20 1.22 21.35
CA SER B 62 -2.98 0.79 22.51
C SER B 62 -3.17 -0.72 22.51
N SER B 63 -3.47 -1.28 21.34
CA SER B 63 -3.72 -2.72 21.24
C SER B 63 -2.42 -3.51 21.32
N GLY B 64 -1.36 -2.96 20.73
CA GLY B 64 -0.07 -3.64 20.68
C GLY B 64 0.64 -3.40 19.34
N PRO B 65 1.68 -2.59 19.32
CA PRO B 65 2.43 -2.27 18.07
C PRO B 65 2.64 -3.46 17.13
N THR B 66 2.83 -4.65 17.71
CA THR B 66 3.15 -5.85 16.93
C THR B 66 2.20 -7.01 17.24
N ASN B 67 0.94 -6.67 17.55
CA ASN B 67 -0.06 -7.69 17.84
C ASN B 67 -0.83 -8.05 16.57
N GLN B 68 -1.08 -9.35 16.38
CA GLN B 68 -1.83 -9.83 15.22
C GLN B 68 -3.26 -9.25 15.25
N ALA B 69 -3.86 -9.25 16.43
CA ALA B 69 -5.23 -8.76 16.59
C ALA B 69 -5.30 -7.26 16.32
N ALA B 70 -4.28 -6.53 16.79
CA ALA B 70 -4.25 -5.08 16.65
C ALA B 70 -4.12 -4.69 15.17
N LEU B 71 -3.25 -5.39 14.46
CA LEU B 71 -3.03 -5.11 13.04
C LEU B 71 -4.30 -5.36 12.23
N SER B 72 -5.00 -6.44 12.55
CA SER B 72 -6.24 -6.78 11.84
C SER B 72 -7.29 -5.68 12.03
N ASN B 73 -7.37 -5.16 13.26
CA ASN B 73 -8.35 -4.11 13.57
C ASN B 73 -8.08 -2.84 12.76
N THR B 74 -6.81 -2.44 12.71
CA THR B 74 -6.43 -1.22 12.02
C THR B 74 -6.71 -1.32 10.51
N ILE B 75 -6.31 -2.44 9.92
CA ILE B 75 -6.46 -2.63 8.48
C ILE B 75 -7.95 -2.63 8.09
N SER B 76 -8.76 -3.35 8.85
CA SER B 76 -10.18 -3.47 8.55
C SER B 76 -10.87 -2.10 8.60
N SER B 77 -10.62 -1.37 9.69
CA SER B 77 -11.25 -0.07 9.89
C SER B 77 -10.83 0.93 8.81
N VAL B 78 -9.52 0.99 8.55
CA VAL B 78 -8.98 1.96 7.59
C VAL B 78 -9.53 1.70 6.19
N VAL B 79 -9.48 0.44 5.76
CA VAL B 79 -9.93 0.07 4.42
C VAL B 79 -11.39 0.46 4.21
N SER B 80 -12.22 0.23 5.23
CA SER B 80 -13.64 0.54 5.15
C SER B 80 -13.86 2.04 4.92
N GLN B 81 -13.27 2.85 5.78
CA GLN B 81 -13.51 4.30 5.74
C GLN B 81 -12.89 4.94 4.50
N VAL B 82 -11.74 4.41 4.06
CA VAL B 82 -11.08 4.91 2.85
C VAL B 82 -11.97 4.69 1.63
N SER B 83 -12.68 3.55 1.61
CA SER B 83 -13.64 3.27 0.55
C SER B 83 -14.81 4.26 0.61
N ALA B 84 -15.23 4.61 1.83
CA ALA B 84 -16.36 5.52 2.01
C ALA B 84 -16.08 6.89 1.41
N SER B 85 -14.86 7.38 1.60
CA SER B 85 -14.45 8.67 1.03
C SER B 85 -14.27 8.55 -0.48
N ASN B 86 -13.76 7.40 -0.93
CA ASN B 86 -13.44 7.20 -2.33
C ASN B 86 -14.37 6.15 -2.97
N PRO B 87 -15.63 6.48 -3.16
CA PRO B 87 -16.55 5.63 -3.96
C PRO B 87 -16.30 5.78 -5.47
N GLY B 88 -15.90 6.98 -5.88
CA GLY B 88 -15.61 7.25 -7.28
C GLY B 88 -14.42 6.44 -7.77
N LEU B 89 -13.48 6.14 -6.87
CA LEU B 89 -12.27 5.41 -7.23
C LEU B 89 -12.56 3.92 -7.33
N SER B 90 -11.77 3.22 -8.15
CA SER B 90 -11.97 1.80 -8.38
C SER B 90 -11.64 0.99 -7.12
N GLY B 91 -12.11 -0.26 -7.09
CA GLY B 91 -11.89 -1.11 -5.93
C GLY B 91 -10.40 -1.30 -5.64
N CYS B 92 -9.60 -1.42 -6.70
CA CYS B 92 -8.16 -1.59 -6.54
C CYS B 92 -7.53 -0.35 -5.92
N ASP B 93 -8.02 0.83 -6.32
CA ASP B 93 -7.52 2.09 -5.76
C ASP B 93 -7.75 2.15 -4.25
N VAL B 94 -8.89 1.62 -3.81
CA VAL B 94 -9.20 1.59 -2.37
C VAL B 94 -8.16 0.73 -1.62
N LEU B 95 -7.84 -0.43 -2.19
CA LEU B 95 -6.86 -1.33 -1.57
C LEU B 95 -5.49 -0.66 -1.50
N VAL B 96 -5.11 0.04 -2.57
CA VAL B 96 -3.82 0.74 -2.60
C VAL B 96 -3.75 1.75 -1.46
N GLN B 97 -4.80 2.56 -1.33
CA GLN B 97 -4.81 3.67 -0.39
C GLN B 97 -4.63 3.17 1.05
N ALA B 98 -5.35 2.11 1.39
CA ALA B 98 -5.29 1.54 2.74
C ALA B 98 -3.89 1.02 3.03
N LEU B 99 -3.25 0.42 2.03
CA LEU B 99 -1.98 -0.25 2.23
C LEU B 99 -0.87 0.75 2.55
N LEU B 100 -0.71 1.79 1.73
CA LEU B 100 0.40 2.73 1.94
C LEU B 100 0.15 3.60 3.17
N GLU B 101 -1.13 3.84 3.49
CA GLU B 101 -1.47 4.59 4.69
C GLU B 101 -1.07 3.82 5.94
N VAL B 102 -1.11 2.49 5.88
CA VAL B 102 -0.60 1.66 6.98
C VAL B 102 0.92 1.78 7.05
N VAL B 103 1.57 1.89 5.89
CA VAL B 103 3.03 2.05 5.83
C VAL B 103 3.43 3.35 6.54
N SER B 104 2.66 4.42 6.30
CA SER B 104 2.97 5.73 6.87
C SER B 104 2.81 5.72 8.38
N ALA B 105 1.76 5.05 8.87
CA ALA B 105 1.53 4.95 10.31
C ALA B 105 2.72 4.26 11.00
N LEU B 106 3.21 3.20 10.35
CA LEU B 106 4.35 2.46 10.89
C LEU B 106 5.61 3.32 10.89
N VAL B 107 5.76 4.17 9.87
CA VAL B 107 6.90 5.09 9.81
C VAL B 107 6.89 6.03 11.01
N SER B 108 5.70 6.53 11.37
CA SER B 108 5.56 7.43 12.51
C SER B 108 6.00 6.75 13.80
N ILE B 109 5.59 5.50 13.97
CA ILE B 109 5.93 4.74 15.18
C ILE B 109 7.45 4.51 15.25
N LEU B 110 8.05 4.17 14.11
CA LEU B 110 9.49 3.86 14.06
C LEU B 110 10.32 5.07 14.47
N GLY B 111 9.98 6.24 13.91
CA GLY B 111 10.74 7.45 14.18
C GLY B 111 10.63 7.88 15.64
N SER B 112 9.43 7.74 16.20
CA SER B 112 9.20 8.08 17.60
C SER B 112 9.78 7.02 18.53
N SER B 113 9.96 5.81 18.03
CA SER B 113 10.41 4.69 18.87
C SER B 113 11.93 4.54 18.81
N SER B 114 12.47 3.76 19.74
CA SER B 114 13.90 3.46 19.77
C SER B 114 14.16 2.11 19.12
N ILE B 115 15.04 2.08 18.13
CA ILE B 115 15.30 0.85 17.39
C ILE B 115 16.58 0.19 17.89
N GLY B 116 16.43 -1.00 18.47
CA GLY B 116 17.57 -1.73 19.02
C GLY B 116 18.17 -2.66 17.97
N GLN B 117 18.13 -3.96 18.25
CA GLN B 117 18.63 -4.96 17.31
C GLN B 117 17.47 -5.58 16.54
N ILE B 118 17.60 -5.64 15.21
CA ILE B 118 16.54 -6.17 14.36
C ILE B 118 16.70 -7.68 14.19
N ASN B 119 15.63 -8.42 14.49
CA ASN B 119 15.63 -9.87 14.27
C ASN B 119 15.41 -10.16 12.79
N TYR B 120 16.52 -10.31 12.06
CA TYR B 120 16.47 -10.38 10.61
C TYR B 120 15.75 -11.65 10.14
N GLY B 121 16.02 -12.77 10.80
CA GLY B 121 15.46 -14.05 10.40
C GLY B 121 13.94 -14.07 10.57
N ALA B 122 13.45 -13.40 11.60
CA ALA B 122 12.02 -13.40 11.92
C ALA B 122 11.22 -12.46 11.00
N SER B 123 11.91 -11.73 10.12
CA SER B 123 11.23 -10.77 9.23
C SER B 123 10.17 -11.47 8.38
N ALA B 124 10.45 -12.71 7.99
CA ALA B 124 9.50 -13.49 7.20
C ALA B 124 8.24 -13.80 8.01
N GLN B 125 8.42 -14.03 9.31
CA GLN B 125 7.28 -14.34 10.19
C GLN B 125 6.35 -13.15 10.28
N TYR B 126 6.92 -11.95 10.43
CA TYR B 126 6.11 -10.73 10.48
C TYR B 126 5.39 -10.49 9.16
N THR B 127 6.00 -10.94 8.06
CA THR B 127 5.35 -10.89 6.74
C THR B 127 4.07 -11.73 6.76
N GLN B 128 4.14 -12.88 7.41
CA GLN B 128 2.97 -13.75 7.57
C GLN B 128 1.88 -13.06 8.39
N MET B 129 2.31 -12.25 9.37
CA MET B 129 1.36 -11.53 10.21
C MET B 129 0.51 -10.56 9.38
N VAL B 130 1.17 -9.78 8.52
CA VAL B 130 0.46 -8.78 7.72
C VAL B 130 -0.48 -9.47 6.72
N GLY B 131 0.03 -10.49 6.03
CA GLY B 131 -0.80 -11.26 5.09
C GLY B 131 -2.02 -11.86 5.78
N GLN B 132 -1.82 -12.34 7.01
CA GLN B 132 -2.90 -12.94 7.78
C GLN B 132 -4.00 -11.93 8.09
N SER B 133 -3.59 -10.73 8.52
CA SER B 133 -4.55 -9.70 8.91
C SER B 133 -5.40 -9.26 7.71
N VAL B 134 -4.80 -9.24 6.52
CA VAL B 134 -5.53 -8.89 5.31
C VAL B 134 -6.62 -9.92 5.01
N ALA B 135 -6.25 -11.21 5.04
CA ALA B 135 -7.18 -12.27 4.68
C ALA B 135 -8.36 -12.31 5.65
N GLN B 136 -8.08 -12.27 6.95
CA GLN B 136 -9.12 -12.36 7.96
C GLN B 136 -10.02 -11.11 7.94
N ALA B 137 -9.39 -9.94 7.82
CA ALA B 137 -10.13 -8.67 7.93
C ALA B 137 -11.13 -8.52 6.78
N LEU B 138 -10.70 -8.85 5.57
CA LEU B 138 -11.52 -8.64 4.38
C LEU B 138 -12.33 -9.88 3.99
N ALA B 139 -12.06 -11.02 4.65
CA ALA B 139 -12.81 -12.23 4.38
C ALA B 139 -14.23 -12.13 4.94
N GLY B 140 -14.36 -11.47 6.08
CA GLY B 140 -15.67 -11.30 6.72
C GLY B 140 -16.17 -12.62 7.31
N MET A 1 -17.05 35.13 31.82
CA MET A 1 -17.87 34.36 30.84
C MET A 1 -17.34 34.60 29.43
N ALA A 2 -16.52 33.68 28.93
CA ALA A 2 -15.95 33.80 27.59
C ALA A 2 -17.04 33.69 26.53
N SER A 3 -18.05 32.84 26.79
CA SER A 3 -19.15 32.66 25.85
C SER A 3 -20.47 32.54 26.60
N MET A 4 -21.53 33.09 26.01
CA MET A 4 -22.85 33.04 26.62
C MET A 4 -23.65 31.85 26.07
N THR A 5 -24.31 31.12 26.97
CA THR A 5 -25.11 29.96 26.57
C THR A 5 -26.55 30.12 27.03
N GLY A 6 -27.46 29.41 26.36
CA GLY A 6 -28.88 29.47 26.71
C GLY A 6 -29.34 28.14 27.30
N GLY A 7 -28.84 27.04 26.75
CA GLY A 7 -29.21 25.71 27.23
C GLY A 7 -30.59 25.31 26.71
N GLN A 8 -30.91 25.73 25.49
CA GLN A 8 -32.20 25.40 24.88
C GLN A 8 -32.07 24.23 23.90
N GLN A 9 -31.09 23.35 24.15
CA GLN A 9 -30.85 22.21 23.27
C GLN A 9 -30.80 20.92 24.08
N MET A 10 -31.09 19.79 23.42
CA MET A 10 -31.07 18.48 24.08
C MET A 10 -29.65 18.14 24.55
N GLY A 11 -28.66 18.52 23.75
CA GLY A 11 -27.26 18.24 24.09
C GLY A 11 -26.32 18.95 23.12
N ARG A 12 -25.34 18.20 22.60
CA ARG A 12 -24.38 18.76 21.66
C ARG A 12 -25.08 19.21 20.36
N GLY A 13 -26.07 18.44 19.94
CA GLY A 13 -26.82 18.77 18.72
C GLY A 13 -26.08 18.26 17.48
N SER A 14 -26.55 18.69 16.32
CA SER A 14 -25.93 18.28 15.06
C SER A 14 -26.00 19.41 14.03
N MET A 15 -25.10 19.38 13.05
CA MET A 15 -25.07 20.40 12.00
C MET A 15 -24.89 19.76 10.63
N GLY A 16 -25.18 20.51 9.58
CA GLY A 16 -25.04 20.01 8.21
C GLY A 16 -26.11 20.59 7.30
N ALA A 17 -26.24 21.92 7.31
CA ALA A 17 -27.23 22.59 6.46
C ALA A 17 -26.87 22.42 4.98
N ALA A 18 -25.57 22.42 4.68
CA ALA A 18 -25.12 22.25 3.31
C ALA A 18 -23.67 21.79 3.28
N SER A 19 -23.47 20.47 3.35
CA SER A 19 -22.14 19.90 3.34
C SER A 19 -22.15 18.49 2.73
N ALA A 20 -20.97 17.97 2.40
CA ALA A 20 -20.84 16.63 1.81
C ALA A 20 -21.55 16.57 0.45
N ALA A 21 -20.77 16.31 -0.60
CA ALA A 21 -21.33 16.22 -1.94
C ALA A 21 -22.22 14.99 -2.09
N VAL A 22 -23.20 15.07 -2.97
CA VAL A 22 -24.13 13.96 -3.19
C VAL A 22 -23.74 13.17 -4.43
N SER A 23 -23.72 11.84 -4.31
CA SER A 23 -23.35 10.98 -5.44
C SER A 23 -24.25 9.75 -5.48
N VAL A 24 -24.49 9.23 -6.68
CA VAL A 24 -25.34 8.06 -6.85
C VAL A 24 -24.49 6.85 -7.25
N GLY A 25 -24.76 5.71 -6.62
CA GLY A 25 -24.01 4.49 -6.90
C GLY A 25 -24.46 3.88 -8.23
N GLY A 26 -24.87 2.61 -8.18
CA GLY A 26 -25.32 1.92 -9.38
C GLY A 26 -24.14 1.41 -10.21
N TYR A 27 -23.12 0.90 -9.52
CA TYR A 27 -21.93 0.39 -10.20
C TYR A 27 -21.97 -1.15 -10.29
N GLY A 28 -23.18 -1.71 -10.34
CA GLY A 28 -23.34 -3.15 -10.43
C GLY A 28 -23.27 -3.79 -9.04
N PRO A 29 -24.00 -4.87 -8.82
CA PRO A 29 -23.99 -5.57 -7.50
C PRO A 29 -22.79 -6.50 -7.35
N GLN A 30 -22.69 -7.16 -6.18
CA GLN A 30 -21.59 -8.09 -5.91
C GLN A 30 -20.24 -7.39 -6.00
N SER A 31 -19.86 -6.71 -4.92
CA SER A 31 -18.58 -6.02 -4.86
C SER A 31 -17.44 -7.03 -4.77
N SER A 32 -16.28 -6.67 -5.32
CA SER A 32 -15.12 -7.57 -5.30
C SER A 32 -13.89 -6.82 -4.79
N SER A 33 -14.05 -6.15 -3.65
CA SER A 33 -12.93 -5.41 -3.04
C SER A 33 -12.17 -6.31 -2.06
N ALA A 34 -12.90 -7.19 -1.38
CA ALA A 34 -12.29 -8.09 -0.40
C ALA A 34 -11.33 -9.08 -1.07
N PRO A 35 -11.81 -9.89 -2.00
CA PRO A 35 -10.96 -10.95 -2.64
C PRO A 35 -9.68 -10.39 -3.27
N VAL A 36 -9.68 -9.08 -3.58
CA VAL A 36 -8.49 -8.44 -4.13
C VAL A 36 -7.34 -8.48 -3.13
N ALA A 37 -7.61 -8.02 -1.91
CA ALA A 37 -6.60 -8.05 -0.85
C ALA A 37 -6.24 -9.49 -0.48
N SER A 38 -7.22 -10.39 -0.54
CA SER A 38 -7.00 -11.80 -0.22
C SER A 38 -5.98 -12.42 -1.17
N ALA A 39 -6.11 -12.10 -2.45
CA ALA A 39 -5.16 -12.59 -3.46
C ALA A 39 -3.77 -12.01 -3.21
N ALA A 40 -3.72 -10.73 -2.84
CA ALA A 40 -2.46 -10.07 -2.54
C ALA A 40 -1.76 -10.72 -1.35
N ALA A 41 -2.55 -11.14 -0.36
CA ALA A 41 -2.00 -11.80 0.82
C ALA A 41 -1.41 -13.16 0.45
N SER A 42 -2.10 -13.89 -0.43
CA SER A 42 -1.67 -15.23 -0.82
C SER A 42 -0.31 -15.19 -1.50
N ARG A 43 -0.17 -14.30 -2.48
CA ARG A 43 1.12 -14.15 -3.18
C ARG A 43 2.14 -13.41 -2.31
N LEU A 44 1.67 -12.62 -1.35
CA LEU A 44 2.54 -11.99 -0.36
C LEU A 44 3.22 -13.06 0.52
N SER A 45 2.52 -14.18 0.75
CA SER A 45 3.09 -15.28 1.52
C SER A 45 4.03 -16.15 0.67
N SER A 46 4.16 -15.84 -0.62
CA SER A 46 5.05 -16.60 -1.51
C SER A 46 6.51 -16.43 -1.09
N PRO A 47 7.35 -17.41 -1.37
CA PRO A 47 8.78 -17.35 -0.97
C PRO A 47 9.50 -16.12 -1.55
N ALA A 48 9.05 -15.69 -2.74
CA ALA A 48 9.64 -14.51 -3.38
C ALA A 48 9.39 -13.26 -2.55
N ALA A 49 8.18 -13.14 -2.01
CA ALA A 49 7.81 -11.99 -1.19
C ALA A 49 8.62 -11.96 0.11
N SER A 50 8.75 -13.12 0.75
CA SER A 50 9.46 -13.21 2.03
C SER A 50 10.91 -12.73 1.88
N SER A 51 11.55 -13.12 0.78
CA SER A 51 12.93 -12.71 0.52
C SER A 51 13.03 -11.20 0.39
N ARG A 52 12.08 -10.59 -0.31
CA ARG A 52 12.05 -9.14 -0.48
C ARG A 52 11.83 -8.44 0.85
N VAL A 53 11.08 -9.06 1.76
CA VAL A 53 10.87 -8.51 3.10
C VAL A 53 12.20 -8.40 3.83
N SER A 54 13.00 -9.47 3.78
CA SER A 54 14.31 -9.48 4.45
C SER A 54 15.19 -8.35 3.91
N SER A 55 15.21 -8.21 2.59
CA SER A 55 16.01 -7.17 1.94
C SER A 55 15.56 -5.78 2.39
N ALA A 56 14.25 -5.62 2.57
CA ALA A 56 13.69 -4.37 3.06
C ALA A 56 14.20 -4.05 4.47
N VAL A 57 14.39 -5.10 5.27
CA VAL A 57 14.89 -4.93 6.64
C VAL A 57 16.29 -4.33 6.61
N SER A 58 17.20 -4.96 5.88
CA SER A 58 18.60 -4.52 5.84
C SER A 58 18.71 -3.09 5.30
N SER A 59 17.91 -2.79 4.28
CA SER A 59 17.96 -1.48 3.64
C SER A 59 17.54 -0.37 4.61
N LEU A 60 16.40 -0.56 5.26
CA LEU A 60 15.88 0.45 6.18
C LEU A 60 16.78 0.59 7.41
N VAL A 61 17.29 -0.54 7.90
CA VAL A 61 18.09 -0.55 9.12
C VAL A 61 19.42 0.20 8.91
N SER A 62 20.10 -0.11 7.80
CA SER A 62 21.42 0.46 7.56
C SER A 62 21.34 1.93 7.17
N SER A 63 20.38 2.27 6.30
CA SER A 63 20.24 3.64 5.82
C SER A 63 19.58 4.53 6.87
N GLY A 64 18.59 3.98 7.56
CA GLY A 64 17.84 4.76 8.55
C GLY A 64 16.36 4.36 8.54
N PRO A 65 15.91 3.63 9.55
CA PRO A 65 14.47 3.19 9.65
C PRO A 65 13.46 4.28 9.26
N THR A 66 13.79 5.54 9.52
CA THR A 66 12.85 6.64 9.29
C THR A 66 13.47 7.76 8.45
N ASN A 67 14.36 7.39 7.53
CA ASN A 67 14.99 8.36 6.64
C ASN A 67 14.20 8.47 5.33
N GLN A 68 14.02 9.69 4.85
CA GLN A 68 13.31 9.92 3.58
C GLN A 68 14.04 9.24 2.43
N ALA A 69 15.36 9.38 2.40
CA ALA A 69 16.17 8.80 1.33
C ALA A 69 16.13 7.28 1.37
N ALA A 70 16.19 6.73 2.58
CA ALA A 70 16.21 5.27 2.74
C ALA A 70 14.88 4.65 2.32
N LEU A 71 13.78 5.30 2.71
CA LEU A 71 12.45 4.80 2.36
C LEU A 71 12.25 4.80 0.85
N SER A 72 12.70 5.86 0.19
CA SER A 72 12.57 5.97 -1.27
C SER A 72 13.33 4.84 -1.97
N ASN A 73 14.52 4.54 -1.48
CA ASN A 73 15.36 3.50 -2.08
C ASN A 73 14.69 2.13 -1.98
N THR A 74 14.18 1.81 -0.80
CA THR A 74 13.57 0.51 -0.57
C THR A 74 12.31 0.33 -1.43
N ILE A 75 11.46 1.35 -1.46
CA ILE A 75 10.20 1.27 -2.20
C ILE A 75 10.47 1.10 -3.69
N SER A 76 11.40 1.89 -4.23
CA SER A 76 11.71 1.85 -5.66
C SER A 76 12.21 0.47 -6.07
N SER A 77 13.18 -0.04 -5.31
CA SER A 77 13.80 -1.33 -5.63
C SER A 77 12.78 -2.47 -5.54
N VAL A 78 11.97 -2.46 -4.48
CA VAL A 78 11.00 -3.53 -4.26
C VAL A 78 9.94 -3.54 -5.37
N VAL A 79 9.42 -2.36 -5.71
CA VAL A 79 8.37 -2.25 -6.73
C VAL A 79 8.87 -2.81 -8.07
N SER A 80 10.12 -2.49 -8.41
CA SER A 80 10.72 -2.96 -9.66
C SER A 80 10.76 -4.49 -9.71
N GLN A 81 11.36 -5.08 -8.69
CA GLN A 81 11.56 -6.53 -8.66
C GLN A 81 10.24 -7.28 -8.57
N VAL A 82 9.28 -6.74 -7.82
CA VAL A 82 7.95 -7.35 -7.70
C VAL A 82 7.26 -7.39 -9.07
N SER A 83 7.48 -6.36 -9.88
CA SER A 83 6.97 -6.33 -11.25
C SER A 83 7.62 -7.43 -12.08
N ALA A 84 8.91 -7.66 -11.86
CA ALA A 84 9.66 -8.66 -12.63
C ALA A 84 9.08 -10.06 -12.41
N SER A 85 8.72 -10.36 -11.16
CA SER A 85 8.13 -11.66 -10.84
C SER A 85 6.69 -11.74 -11.35
N ASN A 86 5.98 -10.61 -11.27
CA ASN A 86 4.57 -10.56 -11.62
C ASN A 86 4.33 -9.72 -12.88
N PRO A 87 4.74 -10.21 -14.04
CA PRO A 87 4.36 -9.58 -15.34
C PRO A 87 2.93 -9.94 -15.74
N GLY A 88 2.50 -11.14 -15.38
CA GLY A 88 1.15 -11.60 -15.70
C GLY A 88 0.09 -10.77 -14.97
N LEU A 89 0.45 -10.25 -13.79
CA LEU A 89 -0.50 -9.50 -12.98
C LEU A 89 -0.64 -8.06 -13.50
N SER A 90 -1.80 -7.46 -13.26
CA SER A 90 -2.08 -6.11 -13.75
C SER A 90 -1.22 -5.09 -13.02
N GLY A 91 -1.12 -3.89 -13.58
CA GLY A 91 -0.29 -2.84 -13.00
C GLY A 91 -0.72 -2.50 -11.58
N CYS A 92 -2.03 -2.49 -11.34
CA CYS A 92 -2.55 -2.19 -10.01
C CYS A 92 -2.15 -3.27 -9.00
N ASP A 93 -2.14 -4.52 -9.47
CA ASP A 93 -1.72 -5.64 -8.61
C ASP A 93 -0.27 -5.47 -8.16
N VAL A 94 0.57 -4.96 -9.06
CA VAL A 94 1.98 -4.71 -8.74
C VAL A 94 2.09 -3.67 -7.61
N LEU A 95 1.30 -2.61 -7.71
CA LEU A 95 1.33 -1.54 -6.71
C LEU A 95 0.87 -2.09 -5.34
N VAL A 96 -0.16 -2.92 -5.35
CA VAL A 96 -0.65 -3.53 -4.11
C VAL A 96 0.45 -4.34 -3.43
N GLN A 97 1.15 -5.15 -4.22
CA GLN A 97 2.14 -6.08 -3.68
C GLN A 97 3.30 -5.33 -3.02
N ALA A 98 3.79 -4.28 -3.68
CA ALA A 98 4.90 -3.50 -3.16
C ALA A 98 4.52 -2.79 -1.87
N LEU A 99 3.31 -2.22 -1.85
CA LEU A 99 2.90 -1.37 -0.72
C LEU A 99 2.75 -2.19 0.57
N LEU A 100 2.01 -3.30 0.50
CA LEU A 100 1.75 -4.09 1.70
C LEU A 100 3.02 -4.81 2.16
N GLU A 101 3.89 -5.15 1.21
CA GLU A 101 5.19 -5.73 1.54
C GLU A 101 6.05 -4.73 2.33
N VAL A 102 5.88 -3.43 2.04
CA VAL A 102 6.54 -2.39 2.83
C VAL A 102 5.97 -2.38 4.25
N VAL A 103 4.66 -2.63 4.36
CA VAL A 103 4.01 -2.70 5.68
C VAL A 103 4.61 -3.84 6.51
N SER A 104 4.87 -4.97 5.85
CA SER A 104 5.41 -6.15 6.54
C SER A 104 6.82 -5.89 7.07
N ALA A 105 7.65 -5.23 6.26
CA ALA A 105 9.02 -4.90 6.69
C ALA A 105 8.99 -4.00 7.93
N LEU A 106 8.08 -3.01 7.90
CA LEU A 106 7.95 -2.09 9.02
C LEU A 106 7.47 -2.81 10.28
N VAL A 107 6.60 -3.81 10.11
CA VAL A 107 6.12 -4.61 11.23
C VAL A 107 7.29 -5.32 11.91
N SER A 108 8.19 -5.89 11.10
CA SER A 108 9.35 -6.60 11.63
C SER A 108 10.24 -5.67 12.46
N ILE A 109 10.42 -4.44 11.97
CA ILE A 109 11.25 -3.46 12.67
C ILE A 109 10.63 -3.12 14.03
N LEU A 110 9.32 -2.90 14.05
CA LEU A 110 8.61 -2.51 15.27
C LEU A 110 8.72 -3.61 16.33
N GLY A 111 8.53 -4.86 15.91
CA GLY A 111 8.51 -5.98 16.86
C GLY A 111 9.88 -6.19 17.48
N SER A 112 10.94 -6.04 16.68
CA SER A 112 12.30 -6.18 17.17
C SER A 112 12.78 -4.91 17.87
N SER A 113 12.17 -3.78 17.55
CA SER A 113 12.59 -2.50 18.10
C SER A 113 11.77 -2.14 19.34
N SER A 114 12.25 -1.14 20.08
CA SER A 114 11.61 -0.74 21.32
C SER A 114 10.73 0.49 21.09
N ILE A 115 9.56 0.51 21.72
CA ILE A 115 8.62 1.62 21.55
C ILE A 115 8.75 2.60 22.71
N GLY A 116 9.08 3.85 22.38
CA GLY A 116 9.22 4.90 23.40
C GLY A 116 7.96 5.76 23.45
N GLN A 117 8.16 7.08 23.37
CA GLN A 117 7.03 8.01 23.33
C GLN A 117 6.70 8.38 21.88
N ILE A 118 5.44 8.15 21.49
CA ILE A 118 5.02 8.42 20.12
C ILE A 118 4.65 9.90 19.95
N ASN A 119 5.34 10.58 19.03
CA ASN A 119 4.99 11.95 18.68
C ASN A 119 3.73 11.97 17.83
N TYR A 120 2.57 12.08 18.49
CA TYR A 120 1.29 11.90 17.82
C TYR A 120 1.05 12.99 16.77
N GLY A 121 1.45 14.23 17.09
CA GLY A 121 1.22 15.36 16.20
C GLY A 121 1.98 15.22 14.90
N ALA A 122 3.18 14.62 14.96
CA ALA A 122 4.03 14.50 13.78
C ALA A 122 3.61 13.34 12.87
N SER A 123 2.55 12.61 13.23
CA SER A 123 2.10 11.47 12.43
C SER A 123 1.77 11.90 11.00
N ALA A 124 1.20 13.11 10.86
CA ALA A 124 0.86 13.64 9.55
C ALA A 124 2.14 13.91 8.72
N GLN A 125 3.21 14.31 9.41
CA GLN A 125 4.48 14.59 8.73
C GLN A 125 5.04 13.31 8.12
N TYR A 126 4.99 12.22 8.88
CA TYR A 126 5.45 10.92 8.38
C TYR A 126 4.59 10.46 7.20
N THR A 127 3.31 10.84 7.21
CA THR A 127 2.43 10.57 6.06
C THR A 127 2.96 11.26 4.81
N GLN A 128 3.46 12.48 4.97
CA GLN A 128 4.07 13.21 3.86
C GLN A 128 5.31 12.49 3.35
N MET A 129 6.05 11.84 4.26
CA MET A 129 7.26 11.11 3.88
C MET A 129 6.92 9.97 2.93
N VAL A 130 5.92 9.16 3.29
CA VAL A 130 5.54 7.99 2.49
C VAL A 130 5.00 8.43 1.13
N GLY A 131 4.10 9.41 1.12
CA GLY A 131 3.54 9.93 -0.13
C GLY A 131 4.65 10.46 -1.05
N GLN A 132 5.64 11.11 -0.44
CA GLN A 132 6.77 11.67 -1.19
C GLN A 132 7.57 10.56 -1.87
N SER A 133 7.82 9.47 -1.14
CA SER A 133 8.61 8.37 -1.68
C SER A 133 7.93 7.73 -2.89
N VAL A 134 6.60 7.64 -2.84
CA VAL A 134 5.84 7.08 -3.96
C VAL A 134 5.99 7.95 -5.21
N ALA A 135 5.78 9.25 -5.06
CA ALA A 135 5.80 10.16 -6.21
C ALA A 135 7.18 10.19 -6.87
N GLN A 136 8.22 10.37 -6.05
CA GLN A 136 9.58 10.47 -6.57
C GLN A 136 10.05 9.13 -7.15
N ALA A 137 9.70 8.04 -6.47
CA ALA A 137 10.20 6.72 -6.84
C ALA A 137 9.68 6.29 -8.21
N LEU A 138 8.40 6.53 -8.46
CA LEU A 138 7.77 6.07 -9.71
C LEU A 138 7.74 7.18 -10.77
N ALA A 139 8.10 8.41 -10.38
CA ALA A 139 8.15 9.52 -11.34
C ALA A 139 9.34 9.36 -12.28
N GLY A 140 10.45 8.86 -11.75
CA GLY A 140 11.66 8.67 -12.55
C GLY A 140 12.65 7.75 -11.84
N MET B 1 -21.34 17.55 -34.08
CA MET B 1 -20.00 17.08 -34.56
C MET B 1 -19.02 18.27 -34.57
N ALA B 2 -19.06 19.07 -33.50
CA ALA B 2 -18.18 20.23 -33.39
C ALA B 2 -16.73 19.78 -33.22
N SER B 3 -15.80 20.56 -33.81
CA SER B 3 -14.39 20.24 -33.72
C SER B 3 -13.66 21.26 -32.85
N MET B 4 -12.70 20.79 -32.07
CA MET B 4 -11.92 21.67 -31.19
C MET B 4 -10.52 21.11 -30.99
N THR B 5 -10.43 19.83 -30.64
CA THR B 5 -9.14 19.18 -30.40
C THR B 5 -8.32 19.12 -31.69
N GLY B 6 -9.00 18.84 -32.80
CA GLY B 6 -8.33 18.76 -34.10
C GLY B 6 -8.29 20.12 -34.78
N GLY B 7 -7.63 20.18 -35.93
CA GLY B 7 -7.52 21.42 -36.68
C GLY B 7 -6.45 22.33 -36.08
N GLN B 8 -6.49 23.61 -36.46
CA GLN B 8 -5.52 24.58 -35.94
C GLN B 8 -6.11 25.32 -34.74
N GLN B 9 -5.35 25.34 -33.64
CA GLN B 9 -5.80 26.00 -32.42
C GLN B 9 -5.14 27.37 -32.26
N MET B 10 -5.88 28.33 -31.73
CA MET B 10 -5.35 29.68 -31.51
C MET B 10 -4.24 29.65 -30.46
N GLY B 11 -4.37 28.78 -29.47
CA GLY B 11 -3.38 28.67 -28.41
C GLY B 11 -3.68 29.66 -27.28
N ARG B 12 -4.96 29.88 -27.01
CA ARG B 12 -5.38 30.80 -25.96
C ARG B 12 -6.49 30.18 -25.12
N GLY B 13 -6.48 30.47 -23.81
CA GLY B 13 -7.50 29.95 -22.91
C GLY B 13 -6.86 29.05 -21.84
N SER B 14 -5.83 28.30 -22.25
CA SER B 14 -5.13 27.41 -21.33
C SER B 14 -3.63 27.70 -21.33
N MET B 15 -3.02 27.65 -20.15
CA MET B 15 -1.59 27.90 -20.01
C MET B 15 -0.81 26.61 -20.03
N GLY B 16 0.19 26.53 -20.91
CA GLY B 16 1.02 25.32 -21.01
C GLY B 16 2.09 25.50 -22.08
N ALA B 17 2.87 24.44 -22.31
CA ALA B 17 3.93 24.47 -23.32
C ALA B 17 3.40 24.08 -24.68
N ALA B 18 3.45 25.01 -25.63
CA ALA B 18 2.97 24.75 -26.99
C ALA B 18 4.14 24.76 -27.98
N SER B 19 4.04 23.93 -29.02
CA SER B 19 5.08 23.87 -30.04
C SER B 19 4.47 23.75 -31.43
N ALA B 20 5.17 24.29 -32.43
CA ALA B 20 4.68 24.24 -33.81
C ALA B 20 4.84 22.83 -34.39
N ALA B 21 6.02 22.26 -34.19
CA ALA B 21 6.31 20.92 -34.71
C ALA B 21 6.49 19.93 -33.56
N VAL B 22 6.24 18.65 -33.83
CA VAL B 22 6.38 17.60 -32.82
C VAL B 22 7.67 16.81 -33.07
N SER B 23 8.44 16.60 -32.00
CA SER B 23 9.70 15.86 -32.10
C SER B 23 9.69 14.66 -31.17
N VAL B 24 10.40 13.59 -31.56
CA VAL B 24 10.47 12.39 -30.75
C VAL B 24 11.88 12.21 -30.19
N GLY B 25 11.96 11.90 -28.89
CA GLY B 25 13.26 11.71 -28.24
C GLY B 25 13.09 11.38 -26.76
N GLY B 26 12.56 10.19 -26.48
CA GLY B 26 12.36 9.77 -25.09
C GLY B 26 13.64 9.19 -24.51
N TYR B 27 13.59 8.78 -23.24
CA TYR B 27 14.75 8.21 -22.56
C TYR B 27 14.56 6.71 -22.29
N GLY B 28 13.70 6.06 -23.08
CA GLY B 28 13.45 4.64 -22.92
C GLY B 28 12.80 4.34 -21.56
N PRO B 29 11.50 4.45 -21.46
CA PRO B 29 10.77 4.18 -20.19
C PRO B 29 10.89 2.71 -19.77
N GLN B 30 11.83 2.43 -18.87
CA GLN B 30 12.06 1.06 -18.40
C GLN B 30 10.87 0.56 -17.59
N SER B 31 10.23 1.47 -16.85
CA SER B 31 9.10 1.10 -16.00
C SER B 31 7.79 1.27 -16.77
N SER B 32 6.91 0.28 -16.65
CA SER B 32 5.62 0.33 -17.33
C SER B 32 4.56 1.02 -16.47
N SER B 33 4.66 0.86 -15.15
CA SER B 33 3.70 1.46 -14.23
C SER B 33 4.36 2.55 -13.39
N ALA B 34 3.57 3.54 -12.97
CA ALA B 34 4.09 4.65 -12.17
C ALA B 34 2.96 5.60 -11.76
N PRO B 35 2.25 6.20 -12.71
CA PRO B 35 1.21 7.22 -12.39
C PRO B 35 0.14 6.70 -11.42
N VAL B 36 0.00 5.37 -11.34
CA VAL B 36 -0.95 4.77 -10.40
C VAL B 36 -0.56 5.09 -8.96
N ALA B 37 0.70 4.83 -8.61
CA ALA B 37 1.20 5.12 -7.27
C ALA B 37 1.23 6.63 -7.03
N SER B 38 1.51 7.40 -8.09
CA SER B 38 1.56 8.86 -7.98
C SER B 38 0.19 9.42 -7.57
N ALA B 39 -0.87 8.88 -8.17
CA ALA B 39 -2.23 9.30 -7.82
C ALA B 39 -2.56 8.91 -6.38
N ALA B 40 -2.11 7.72 -5.97
CA ALA B 40 -2.34 7.25 -4.61
C ALA B 40 -1.65 8.15 -3.60
N ALA B 41 -0.46 8.64 -3.96
CA ALA B 41 0.28 9.54 -3.09
C ALA B 41 -0.44 10.87 -2.93
N SER B 42 -1.00 11.38 -4.03
CA SER B 42 -1.67 12.68 -4.02
C SER B 42 -2.88 12.66 -3.09
N ARG B 43 -3.72 11.64 -3.23
CA ARG B 43 -4.89 11.52 -2.35
C ARG B 43 -4.49 11.03 -0.95
N LEU B 44 -3.33 10.37 -0.85
CA LEU B 44 -2.76 10.00 0.46
C LEU B 44 -2.40 11.27 1.25
N SER B 45 -2.00 12.33 0.55
CA SER B 45 -1.67 13.60 1.20
C SER B 45 -2.93 14.42 1.53
N SER B 46 -4.11 13.91 1.16
CA SER B 46 -5.36 14.60 1.45
C SER B 46 -5.62 14.64 2.96
N PRO B 47 -6.33 15.65 3.44
CA PRO B 47 -6.61 15.80 4.90
C PRO B 47 -7.31 14.57 5.49
N ALA B 48 -8.13 13.91 4.68
CA ALA B 48 -8.83 12.71 5.12
C ALA B 48 -7.85 11.59 5.45
N ALA B 49 -6.82 11.45 4.61
CA ALA B 49 -5.82 10.41 4.82
C ALA B 49 -5.01 10.68 6.08
N SER B 50 -4.61 11.93 6.28
CA SER B 50 -3.79 12.31 7.43
C SER B 50 -4.50 11.95 8.74
N SER B 51 -5.81 12.21 8.80
CA SER B 51 -6.60 11.92 9.99
C SER B 51 -6.61 10.42 10.28
N ARG B 52 -6.75 9.62 9.22
CA ARG B 52 -6.75 8.17 9.36
C ARG B 52 -5.38 7.67 9.85
N VAL B 53 -4.32 8.36 9.44
CA VAL B 53 -2.97 8.01 9.90
C VAL B 53 -2.87 8.16 11.43
N SER B 54 -3.38 9.28 11.95
CA SER B 54 -3.36 9.53 13.38
C SER B 54 -4.12 8.43 14.14
N SER B 55 -5.30 8.08 13.62
CA SER B 55 -6.12 7.03 14.24
C SER B 55 -5.38 5.69 14.25
N ALA B 56 -4.61 5.44 13.18
CA ALA B 56 -3.81 4.23 13.09
C ALA B 56 -2.74 4.20 14.18
N VAL B 57 -2.22 5.38 14.53
CA VAL B 57 -1.20 5.48 15.57
C VAL B 57 -1.77 5.03 16.92
N SER B 58 -2.89 5.64 17.32
CA SER B 58 -3.48 5.34 18.62
C SER B 58 -3.87 3.86 18.72
N SER B 59 -4.39 3.31 17.63
CA SER B 59 -4.86 1.92 17.62
C SER B 59 -3.70 0.95 17.83
N LEU B 60 -2.63 1.13 17.05
CA LEU B 60 -1.48 0.24 17.14
C LEU B 60 -0.76 0.39 18.48
N VAL B 61 -0.66 1.63 18.96
CA VAL B 61 0.08 1.92 20.18
C VAL B 61 -0.62 1.30 21.40
N SER B 62 -1.94 1.48 21.50
CA SER B 62 -2.68 1.03 22.67
C SER B 62 -2.83 -0.50 22.67
N SER B 63 -3.15 -1.07 21.51
CA SER B 63 -3.39 -2.50 21.40
C SER B 63 -2.07 -3.27 21.40
N GLY B 64 -1.07 -2.73 20.71
CA GLY B 64 0.23 -3.40 20.59
C GLY B 64 0.83 -3.16 19.19
N PRO B 65 1.84 -2.33 19.09
CA PRO B 65 2.51 -2.03 17.78
C PRO B 65 2.72 -3.27 16.89
N THR B 66 2.94 -4.43 17.50
CA THR B 66 3.26 -5.64 16.74
C THR B 66 2.35 -6.81 17.14
N ASN B 67 1.10 -6.50 17.48
CA ASN B 67 0.13 -7.53 17.83
C ASN B 67 -0.68 -7.94 16.59
N GLN B 68 -0.91 -9.24 16.43
CA GLN B 68 -1.70 -9.75 15.30
C GLN B 68 -3.13 -9.19 15.35
N ALA B 69 -3.71 -9.19 16.55
CA ALA B 69 -5.09 -8.73 16.72
C ALA B 69 -5.19 -7.23 16.45
N ALA B 70 -4.19 -6.48 16.93
CA ALA B 70 -4.20 -5.02 16.78
C ALA B 70 -4.06 -4.63 15.31
N LEU B 71 -3.17 -5.31 14.60
CA LEU B 71 -2.95 -5.00 13.18
C LEU B 71 -4.21 -5.28 12.36
N SER B 72 -4.90 -6.38 12.68
CA SER B 72 -6.12 -6.73 11.97
C SER B 72 -7.19 -5.66 12.16
N ASN B 73 -7.31 -5.16 13.39
CA ASN B 73 -8.32 -4.16 13.72
C ASN B 73 -8.09 -2.86 12.94
N THR B 74 -6.83 -2.42 12.91
CA THR B 74 -6.49 -1.16 12.26
C THR B 74 -6.74 -1.25 10.75
N ILE B 75 -6.28 -2.34 10.14
CA ILE B 75 -6.41 -2.52 8.69
C ILE B 75 -7.87 -2.57 8.27
N SER B 76 -8.68 -3.34 9.01
CA SER B 76 -10.09 -3.50 8.68
C SER B 76 -10.82 -2.16 8.74
N SER B 77 -10.62 -1.43 9.84
CA SER B 77 -11.30 -0.16 10.04
C SER B 77 -10.90 0.86 8.98
N VAL B 78 -9.60 0.94 8.71
CA VAL B 78 -9.08 1.93 7.76
C VAL B 78 -9.62 1.65 6.35
N VAL B 79 -9.56 0.39 5.93
CA VAL B 79 -10.00 0.01 4.59
C VAL B 79 -11.48 0.39 4.38
N SER B 80 -12.30 0.14 5.40
CA SER B 80 -13.73 0.46 5.33
C SER B 80 -13.95 1.96 5.11
N GLN B 81 -13.35 2.77 5.98
CA GLN B 81 -13.58 4.22 5.93
C GLN B 81 -12.99 4.84 4.66
N VAL B 82 -11.85 4.31 4.21
CA VAL B 82 -11.22 4.81 2.97
C VAL B 82 -12.14 4.55 1.77
N SER B 83 -12.85 3.43 1.81
CA SER B 83 -13.85 3.12 0.78
C SER B 83 -15.00 4.13 0.82
N ALA B 84 -15.38 4.53 2.04
CA ALA B 84 -16.50 5.46 2.22
C ALA B 84 -16.19 6.81 1.56
N SER B 85 -14.96 7.28 1.72
CA SER B 85 -14.55 8.55 1.11
C SER B 85 -14.38 8.38 -0.40
N ASN B 86 -13.89 7.21 -0.81
CA ASN B 86 -13.58 6.97 -2.21
C ASN B 86 -14.51 5.92 -2.81
N PRO B 87 -15.77 6.25 -3.01
CA PRO B 87 -16.70 5.38 -3.79
C PRO B 87 -16.47 5.52 -5.30
N GLY B 88 -16.09 6.72 -5.73
CA GLY B 88 -15.83 6.98 -7.15
C GLY B 88 -14.63 6.17 -7.65
N LEU B 89 -13.67 5.89 -6.76
CA LEU B 89 -12.45 5.18 -7.14
C LEU B 89 -12.71 3.68 -7.25
N SER B 90 -11.93 3.01 -8.10
CA SER B 90 -12.11 1.58 -8.32
C SER B 90 -11.73 0.78 -7.08
N GLY B 91 -12.14 -0.49 -7.04
CA GLY B 91 -11.88 -1.34 -5.88
C GLY B 91 -10.38 -1.47 -5.61
N CYS B 92 -9.60 -1.58 -6.68
CA CYS B 92 -8.15 -1.72 -6.53
C CYS B 92 -7.54 -0.45 -5.94
N ASP B 93 -8.09 0.71 -6.32
CA ASP B 93 -7.62 1.98 -5.77
C ASP B 93 -7.84 2.04 -4.26
N VAL B 94 -8.96 1.48 -3.81
CA VAL B 94 -9.26 1.43 -2.37
C VAL B 94 -8.19 0.62 -1.63
N LEU B 95 -7.83 -0.53 -2.20
CA LEU B 95 -6.83 -1.41 -1.59
C LEU B 95 -5.48 -0.70 -1.50
N VAL B 96 -5.12 0.03 -2.56
CA VAL B 96 -3.84 0.76 -2.59
C VAL B 96 -3.80 1.79 -1.45
N GLN B 97 -4.90 2.52 -1.29
CA GLN B 97 -4.96 3.62 -0.33
C GLN B 97 -4.80 3.11 1.10
N ALA B 98 -5.49 2.02 1.42
CA ALA B 98 -5.44 1.46 2.77
C ALA B 98 -4.04 0.93 3.09
N LEU B 99 -3.43 0.25 2.12
CA LEU B 99 -2.15 -0.43 2.35
C LEU B 99 -1.03 0.57 2.63
N LEU B 100 -0.86 1.55 1.75
CA LEU B 100 0.24 2.50 1.90
C LEU B 100 0.01 3.41 3.11
N GLU B 101 -1.26 3.68 3.44
CA GLU B 101 -1.59 4.44 4.64
C GLU B 101 -1.16 3.68 5.89
N VAL B 102 -1.20 2.34 5.83
CA VAL B 102 -0.68 1.52 6.93
C VAL B 102 0.85 1.69 7.01
N VAL B 103 1.49 1.81 5.85
CA VAL B 103 2.94 2.03 5.81
C VAL B 103 3.30 3.34 6.51
N SER B 104 2.48 4.37 6.29
CA SER B 104 2.73 5.69 6.86
C SER B 104 2.63 5.67 8.38
N ALA B 105 1.61 4.98 8.89
CA ALA B 105 1.43 4.86 10.35
C ALA B 105 2.63 4.18 10.98
N LEU B 106 3.11 3.12 10.33
CA LEU B 106 4.26 2.38 10.83
C LEU B 106 5.52 3.24 10.80
N VAL B 107 5.65 4.11 9.80
CA VAL B 107 6.78 5.02 9.72
C VAL B 107 6.80 5.96 10.94
N SER B 108 5.62 6.47 11.30
CA SER B 108 5.51 7.37 12.44
C SER B 108 5.97 6.69 13.73
N ILE B 109 5.57 5.43 13.89
CA ILE B 109 5.94 4.66 15.09
C ILE B 109 7.46 4.47 15.16
N LEU B 110 8.07 4.14 14.02
CA LEU B 110 9.50 3.88 13.97
C LEU B 110 10.31 5.14 14.32
N GLY B 111 9.88 6.28 13.78
CA GLY B 111 10.61 7.53 13.98
C GLY B 111 10.56 7.98 15.44
N SER B 112 9.39 7.82 16.06
CA SER B 112 9.22 8.18 17.46
C SER B 112 9.77 7.09 18.39
N SER B 113 9.86 5.86 17.89
CA SER B 113 10.30 4.73 18.71
C SER B 113 11.80 4.51 18.56
N SER B 114 12.36 3.70 19.46
CA SER B 114 13.79 3.43 19.47
C SER B 114 14.10 2.11 18.79
N ILE B 115 15.17 2.06 18.00
CA ILE B 115 15.54 0.85 17.29
C ILE B 115 16.62 0.10 18.05
N GLY B 116 16.32 -1.15 18.41
CA GLY B 116 17.27 -1.99 19.12
C GLY B 116 17.95 -2.97 18.16
N GLN B 117 17.93 -4.26 18.52
CA GLN B 117 18.49 -5.29 17.64
C GLN B 117 17.38 -5.92 16.81
N ILE B 118 17.55 -5.89 15.49
CA ILE B 118 16.54 -6.43 14.58
C ILE B 118 16.70 -7.93 14.42
N ASN B 119 15.65 -8.68 14.75
CA ASN B 119 15.64 -10.13 14.52
C ASN B 119 15.42 -10.41 13.04
N TYR B 120 16.52 -10.53 12.30
CA TYR B 120 16.46 -10.60 10.85
C TYR B 120 15.75 -11.87 10.38
N GLY B 121 15.99 -12.98 11.07
CA GLY B 121 15.42 -14.26 10.67
C GLY B 121 13.90 -14.26 10.79
N ALA B 122 13.38 -13.53 11.77
CA ALA B 122 11.94 -13.52 12.03
C ALA B 122 11.18 -12.58 11.09
N SER B 123 11.90 -11.92 10.17
CA SER B 123 11.27 -10.97 9.24
C SER B 123 10.17 -11.66 8.42
N ALA B 124 10.42 -12.93 8.06
CA ALA B 124 9.45 -13.70 7.29
C ALA B 124 8.19 -13.96 8.12
N GLN B 125 8.37 -14.14 9.43
CA GLN B 125 7.24 -14.40 10.33
C GLN B 125 6.31 -13.18 10.37
N TYR B 126 6.91 -12.00 10.46
CA TYR B 126 6.12 -10.75 10.45
C TYR B 126 5.39 -10.58 9.11
N THR B 127 6.00 -11.08 8.04
CA THR B 127 5.34 -11.10 6.73
C THR B 127 4.05 -11.92 6.78
N GLN B 128 4.11 -13.04 7.51
CA GLN B 128 2.93 -13.87 7.70
C GLN B 128 1.85 -13.12 8.48
N MET B 129 2.27 -12.27 9.41
CA MET B 129 1.32 -11.49 10.21
C MET B 129 0.51 -10.55 9.32
N VAL B 130 1.19 -9.80 8.45
CA VAL B 130 0.52 -8.83 7.59
C VAL B 130 -0.42 -9.54 6.60
N GLY B 131 0.07 -10.59 5.95
CA GLY B 131 -0.74 -11.37 5.03
C GLY B 131 -2.00 -11.92 5.73
N GLN B 132 -1.82 -12.36 6.97
CA GLN B 132 -2.94 -12.91 7.74
C GLN B 132 -4.01 -11.86 8.00
N SER B 133 -3.57 -10.64 8.33
CA SER B 133 -4.50 -9.56 8.65
C SER B 133 -5.35 -9.20 7.43
N VAL B 134 -4.74 -9.25 6.25
CA VAL B 134 -5.47 -8.95 5.01
C VAL B 134 -6.57 -10.00 4.76
N ALA B 135 -6.20 -11.27 4.85
CA ALA B 135 -7.15 -12.36 4.54
C ALA B 135 -8.33 -12.34 5.50
N GLN B 136 -8.04 -12.28 6.79
CA GLN B 136 -9.09 -12.32 7.81
C GLN B 136 -9.95 -11.06 7.77
N ALA B 137 -9.29 -9.91 7.56
CA ALA B 137 -9.98 -8.63 7.63
C ALA B 137 -11.03 -8.48 6.53
N LEU B 138 -10.66 -8.89 5.31
CA LEU B 138 -11.54 -8.71 4.16
C LEU B 138 -12.37 -9.97 3.88
N ALA B 139 -12.06 -11.07 4.55
CA ALA B 139 -12.82 -12.32 4.38
C ALA B 139 -14.20 -12.20 5.02
N GLY B 140 -14.26 -11.50 6.16
CA GLY B 140 -15.52 -11.32 6.86
C GLY B 140 -15.28 -10.91 8.31
N MET A 1 -47.06 16.31 -21.41
CA MET A 1 -45.86 17.16 -21.64
C MET A 1 -45.73 17.46 -23.12
N ALA A 2 -44.88 18.45 -23.45
CA ALA A 2 -44.66 18.83 -24.84
C ALA A 2 -43.97 17.71 -25.61
N SER A 3 -43.08 16.98 -24.94
CA SER A 3 -42.35 15.87 -25.56
C SER A 3 -41.55 16.35 -26.77
N MET A 4 -40.81 15.43 -27.39
CA MET A 4 -40.00 15.75 -28.56
C MET A 4 -40.39 14.91 -29.76
N THR A 5 -39.91 15.28 -30.94
CA THR A 5 -40.23 14.55 -32.17
C THR A 5 -38.95 13.99 -32.79
N GLY A 6 -39.12 13.02 -33.70
CA GLY A 6 -37.98 12.38 -34.36
C GLY A 6 -37.50 13.23 -35.53
N GLY A 7 -36.50 12.71 -36.25
CA GLY A 7 -35.95 13.43 -37.40
C GLY A 7 -34.87 12.59 -38.09
N GLN A 8 -34.18 13.21 -39.05
CA GLN A 8 -33.11 12.52 -39.77
C GLN A 8 -31.91 12.29 -38.87
N GLN A 9 -31.19 11.19 -39.11
CA GLN A 9 -30.02 10.85 -38.31
C GLN A 9 -28.91 11.89 -38.49
N MET A 10 -28.79 12.40 -39.71
CA MET A 10 -27.77 13.41 -40.02
C MET A 10 -28.34 14.81 -39.85
N GLY A 11 -27.55 15.69 -39.24
CA GLY A 11 -27.99 17.07 -39.02
C GLY A 11 -26.91 17.88 -38.29
N ARG A 12 -27.25 19.12 -37.93
CA ARG A 12 -26.31 19.98 -37.22
C ARG A 12 -26.23 19.60 -35.74
N GLY A 13 -25.05 19.75 -35.16
CA GLY A 13 -24.85 19.42 -33.75
C GLY A 13 -24.03 18.14 -33.60
N SER A 14 -24.08 17.55 -32.41
CA SER A 14 -23.33 16.31 -32.15
C SER A 14 -24.24 15.09 -32.23
N MET A 15 -25.27 15.17 -33.08
CA MET A 15 -26.22 14.06 -33.25
C MET A 15 -26.91 13.72 -31.93
N GLY A 16 -27.12 14.74 -31.09
CA GLY A 16 -27.76 14.55 -29.80
C GLY A 16 -27.42 15.68 -28.84
N ALA A 17 -27.87 15.55 -27.58
CA ALA A 17 -27.58 16.57 -26.58
C ALA A 17 -26.09 16.61 -26.25
N ALA A 18 -25.46 15.44 -26.24
CA ALA A 18 -24.03 15.35 -25.97
C ALA A 18 -23.44 14.11 -26.60
N SER A 19 -22.16 14.19 -26.99
CA SER A 19 -21.48 13.06 -27.62
C SER A 19 -20.03 12.98 -27.16
N ALA A 20 -19.60 11.78 -26.79
CA ALA A 20 -18.22 11.56 -26.35
C ALA A 20 -17.92 10.07 -26.21
N ALA A 21 -18.60 9.41 -25.28
CA ALA A 21 -18.41 7.98 -25.08
C ALA A 21 -19.61 7.38 -24.34
N VAL A 22 -19.85 6.08 -24.55
CA VAL A 22 -20.96 5.39 -23.90
C VAL A 22 -20.42 4.36 -22.91
N SER A 23 -20.92 4.41 -21.68
CA SER A 23 -20.50 3.48 -20.63
C SER A 23 -21.68 3.06 -19.77
N VAL A 24 -21.59 1.87 -19.17
CA VAL A 24 -22.65 1.36 -18.31
C VAL A 24 -22.14 1.24 -16.87
N GLY A 25 -22.96 1.69 -15.92
CA GLY A 25 -22.57 1.64 -14.51
C GLY A 25 -21.48 2.65 -14.21
N GLY A 26 -20.46 2.21 -13.46
CA GLY A 26 -19.35 3.08 -13.10
C GLY A 26 -19.74 4.04 -11.98
N TYR A 27 -20.57 3.57 -11.07
CA TYR A 27 -21.02 4.39 -9.94
C TYR A 27 -20.40 3.92 -8.63
N GLY A 28 -19.17 3.39 -8.72
CA GLY A 28 -18.49 2.87 -7.54
C GLY A 28 -19.13 1.58 -7.05
N PRO A 29 -19.11 0.54 -7.86
CA PRO A 29 -19.78 -0.75 -7.49
C PRO A 29 -19.03 -1.49 -6.38
N GLN A 30 -19.79 -2.17 -5.52
CA GLN A 30 -19.19 -2.94 -4.43
C GLN A 30 -19.13 -4.42 -4.79
N SER A 31 -18.60 -4.70 -5.99
CA SER A 31 -18.54 -6.09 -6.49
C SER A 31 -17.84 -7.01 -5.49
N SER A 32 -16.53 -6.83 -5.32
CA SER A 32 -15.76 -7.65 -4.39
C SER A 32 -14.36 -7.08 -4.18
N SER A 33 -14.25 -6.06 -3.33
CA SER A 33 -12.95 -5.47 -3.00
C SER A 33 -12.15 -6.41 -2.09
N ALA A 34 -12.86 -7.19 -1.28
CA ALA A 34 -12.20 -8.10 -0.32
C ALA A 34 -11.22 -9.05 -1.01
N PRO A 35 -11.68 -9.86 -1.94
CA PRO A 35 -10.82 -10.91 -2.57
C PRO A 35 -9.54 -10.34 -3.21
N VAL A 36 -9.55 -9.03 -3.49
CA VAL A 36 -8.36 -8.36 -4.05
C VAL A 36 -7.22 -8.41 -3.03
N ALA A 37 -7.50 -7.99 -1.80
CA ALA A 37 -6.50 -8.01 -0.73
C ALA A 37 -6.09 -9.44 -0.39
N SER A 38 -7.06 -10.35 -0.42
CA SER A 38 -6.80 -11.75 -0.10
C SER A 38 -5.80 -12.36 -1.08
N ALA A 39 -5.94 -12.01 -2.36
CA ALA A 39 -5.02 -12.50 -3.39
C ALA A 39 -3.63 -11.93 -3.15
N ALA A 40 -3.57 -10.65 -2.78
CA ALA A 40 -2.28 -10.00 -2.49
C ALA A 40 -1.57 -10.68 -1.32
N ALA A 41 -2.35 -11.09 -0.32
CA ALA A 41 -1.80 -11.80 0.83
C ALA A 41 -1.29 -13.17 0.43
N SER A 42 -1.99 -13.82 -0.50
CA SER A 42 -1.61 -15.17 -0.94
C SER A 42 -0.23 -15.16 -1.59
N ARG A 43 -0.02 -14.24 -2.54
CA ARG A 43 1.28 -14.12 -3.20
C ARG A 43 2.32 -13.45 -2.30
N LEU A 44 1.86 -12.68 -1.31
CA LEU A 44 2.74 -12.20 -0.23
C LEU A 44 3.32 -13.38 0.55
N SER A 45 2.56 -14.47 0.65
CA SER A 45 3.03 -15.67 1.36
C SER A 45 4.04 -16.46 0.53
N SER A 46 4.18 -16.13 -0.76
CA SER A 46 5.11 -16.83 -1.64
C SER A 46 6.56 -16.60 -1.19
N PRO A 47 7.45 -17.54 -1.46
CA PRO A 47 8.89 -17.41 -1.07
C PRO A 47 9.52 -16.13 -1.62
N ALA A 48 9.08 -15.71 -2.80
CA ALA A 48 9.61 -14.50 -3.44
C ALA A 48 9.31 -13.26 -2.58
N ALA A 49 8.10 -13.22 -2.03
CA ALA A 49 7.68 -12.07 -1.21
C ALA A 49 8.51 -12.00 0.07
N SER A 50 8.69 -13.16 0.72
CA SER A 50 9.43 -13.20 1.99
C SER A 50 10.85 -12.70 1.83
N SER A 51 11.49 -13.09 0.73
CA SER A 51 12.87 -12.69 0.45
C SER A 51 12.97 -11.17 0.28
N ARG A 52 12.00 -10.59 -0.42
CA ARG A 52 11.99 -9.15 -0.65
C ARG A 52 11.81 -8.39 0.67
N VAL A 53 11.01 -8.96 1.58
CA VAL A 53 10.80 -8.36 2.90
C VAL A 53 12.13 -8.26 3.65
N SER A 54 12.91 -9.35 3.62
CA SER A 54 14.22 -9.38 4.29
C SER A 54 15.12 -8.27 3.74
N SER A 55 15.13 -8.13 2.41
CA SER A 55 15.94 -7.10 1.76
C SER A 55 15.50 -5.71 2.21
N ALA A 56 14.19 -5.53 2.39
CA ALA A 56 13.64 -4.27 2.89
C ALA A 56 14.17 -3.97 4.30
N VAL A 57 14.37 -5.03 5.09
CA VAL A 57 14.89 -4.86 6.46
C VAL A 57 16.29 -4.27 6.42
N SER A 58 17.18 -4.90 5.64
CA SER A 58 18.57 -4.45 5.57
C SER A 58 18.66 -3.01 5.07
N SER A 59 17.83 -2.68 4.08
CA SER A 59 17.88 -1.34 3.47
C SER A 59 17.49 -0.27 4.48
N LEU A 60 16.37 -0.47 5.16
CA LEU A 60 15.87 0.52 6.13
C LEU A 60 16.81 0.62 7.33
N VAL A 61 17.30 -0.53 7.79
CA VAL A 61 18.14 -0.57 8.99
C VAL A 61 19.48 0.15 8.75
N SER A 62 20.12 -0.14 7.63
CA SER A 62 21.45 0.41 7.36
C SER A 62 21.38 1.89 7.02
N SER A 63 20.41 2.26 6.19
CA SER A 63 20.27 3.65 5.74
C SER A 63 19.70 4.52 6.85
N GLY A 64 18.73 3.99 7.59
CA GLY A 64 18.07 4.75 8.65
C GLY A 64 16.57 4.47 8.65
N PRO A 65 16.06 3.77 9.66
CA PRO A 65 14.58 3.51 9.79
C PRO A 65 13.69 4.72 9.46
N THR A 66 14.19 5.92 9.76
CA THR A 66 13.37 7.13 9.62
C THR A 66 13.94 8.09 8.57
N ASN A 67 14.65 7.55 7.59
CA ASN A 67 15.27 8.37 6.55
C ASN A 67 14.39 8.43 5.31
N GLN A 68 14.19 9.64 4.77
CA GLN A 68 13.43 9.81 3.53
C GLN A 68 14.13 9.09 2.37
N ALA A 69 15.45 9.22 2.32
CA ALA A 69 16.23 8.60 1.25
C ALA A 69 16.15 7.08 1.32
N ALA A 70 16.17 6.54 2.53
CA ALA A 70 16.13 5.10 2.74
C ALA A 70 14.80 4.52 2.28
N LEU A 71 13.71 5.21 2.64
CA LEU A 71 12.36 4.75 2.27
C LEU A 71 12.20 4.72 0.75
N SER A 72 12.72 5.76 0.09
CA SER A 72 12.61 5.84 -1.37
C SER A 72 13.35 4.68 -2.04
N ASN A 73 14.54 4.36 -1.53
CA ASN A 73 15.36 3.30 -2.11
C ASN A 73 14.67 1.95 -2.01
N THR A 74 14.13 1.64 -0.83
CA THR A 74 13.49 0.34 -0.60
C THR A 74 12.24 0.19 -1.45
N ILE A 75 11.40 1.23 -1.48
CA ILE A 75 10.14 1.18 -2.22
C ILE A 75 10.40 1.01 -3.72
N SER A 76 11.35 1.79 -4.26
CA SER A 76 11.65 1.75 -5.69
C SER A 76 12.14 0.36 -6.10
N SER A 77 13.10 -0.17 -5.35
CA SER A 77 13.69 -1.47 -5.67
C SER A 77 12.65 -2.58 -5.61
N VAL A 78 11.85 -2.58 -4.53
CA VAL A 78 10.86 -3.63 -4.32
C VAL A 78 9.81 -3.62 -5.43
N VAL A 79 9.29 -2.43 -5.74
CA VAL A 79 8.24 -2.30 -6.75
C VAL A 79 8.72 -2.86 -8.10
N SER A 80 9.97 -2.54 -8.45
CA SER A 80 10.54 -3.00 -9.71
C SER A 80 10.58 -4.53 -9.80
N GLN A 81 11.16 -5.15 -8.78
CA GLN A 81 11.36 -6.60 -8.80
C GLN A 81 10.05 -7.35 -8.66
N VAL A 82 9.11 -6.79 -7.89
CA VAL A 82 7.79 -7.41 -7.73
C VAL A 82 7.06 -7.45 -9.06
N SER A 83 7.23 -6.40 -9.88
CA SER A 83 6.68 -6.38 -11.22
C SER A 83 7.33 -7.46 -12.10
N ALA A 84 8.63 -7.66 -11.91
CA ALA A 84 9.39 -8.64 -12.70
C ALA A 84 8.84 -10.05 -12.49
N SER A 85 8.52 -10.38 -11.24
CA SER A 85 7.97 -11.69 -10.91
C SER A 85 6.53 -11.80 -11.40
N ASN A 86 5.80 -10.69 -11.31
CA ASN A 86 4.38 -10.68 -11.64
C ASN A 86 4.11 -9.84 -12.90
N PRO A 87 4.51 -10.32 -14.06
CA PRO A 87 4.10 -9.69 -15.35
C PRO A 87 2.67 -10.06 -15.73
N GLY A 88 2.24 -11.27 -15.35
CA GLY A 88 0.89 -11.73 -15.63
C GLY A 88 -0.15 -10.88 -14.89
N LEU A 89 0.23 -10.36 -13.73
CA LEU A 89 -0.70 -9.57 -12.90
C LEU A 89 -0.80 -8.15 -13.43
N SER A 90 -1.94 -7.51 -13.17
CA SER A 90 -2.19 -6.16 -13.67
C SER A 90 -1.28 -5.16 -12.96
N GLY A 91 -1.17 -3.96 -13.54
CA GLY A 91 -0.30 -2.92 -12.98
C GLY A 91 -0.71 -2.56 -11.56
N CYS A 92 -2.03 -2.55 -11.31
CA CYS A 92 -2.53 -2.22 -9.98
C CYS A 92 -2.14 -3.29 -8.97
N ASP A 93 -2.17 -4.56 -9.40
CA ASP A 93 -1.75 -5.66 -8.53
C ASP A 93 -0.29 -5.52 -8.11
N VAL A 94 0.54 -5.01 -9.02
CA VAL A 94 1.96 -4.78 -8.72
C VAL A 94 2.09 -3.73 -7.61
N LEU A 95 1.31 -2.66 -7.72
CA LEU A 95 1.34 -1.58 -6.72
C LEU A 95 0.88 -2.09 -5.36
N VAL A 96 -0.16 -2.94 -5.35
CA VAL A 96 -0.67 -3.53 -4.10
C VAL A 96 0.42 -4.34 -3.41
N GLN A 97 1.11 -5.17 -4.20
CA GLN A 97 2.09 -6.09 -3.64
C GLN A 97 3.25 -5.34 -3.00
N ALA A 98 3.74 -4.30 -3.66
CA ALA A 98 4.86 -3.53 -3.15
C ALA A 98 4.48 -2.81 -1.86
N LEU A 99 3.28 -2.22 -1.82
CA LEU A 99 2.87 -1.38 -0.71
C LEU A 99 2.72 -2.19 0.58
N LEU A 100 1.96 -3.28 0.52
CA LEU A 100 1.69 -4.07 1.72
C LEU A 100 2.95 -4.82 2.18
N GLU A 101 3.83 -5.16 1.23
CA GLU A 101 5.11 -5.77 1.56
C GLU A 101 5.99 -4.80 2.34
N VAL A 102 5.85 -3.49 2.05
CA VAL A 102 6.53 -2.46 2.83
C VAL A 102 5.95 -2.43 4.25
N VAL A 103 4.64 -2.65 4.36
CA VAL A 103 3.98 -2.68 5.68
C VAL A 103 4.58 -3.80 6.53
N SER A 104 4.77 -4.98 5.92
CA SER A 104 5.30 -6.14 6.64
C SER A 104 6.72 -5.89 7.11
N ALA A 105 7.53 -5.24 6.27
CA ALA A 105 8.91 -4.93 6.65
C ALA A 105 8.94 -4.02 7.88
N LEU A 106 8.04 -3.05 7.92
CA LEU A 106 7.96 -2.12 9.03
C LEU A 106 7.53 -2.83 10.32
N VAL A 107 6.64 -3.81 10.20
CA VAL A 107 6.22 -4.61 11.36
C VAL A 107 7.43 -5.34 11.96
N SER A 108 8.27 -5.89 11.08
CA SER A 108 9.48 -6.60 11.52
C SER A 108 10.40 -5.67 12.33
N ILE A 109 10.54 -4.43 11.86
CA ILE A 109 11.37 -3.45 12.55
C ILE A 109 10.78 -3.12 13.93
N LEU A 110 9.45 -3.00 13.99
CA LEU A 110 8.77 -2.65 15.24
C LEU A 110 8.98 -3.73 16.30
N GLY A 111 8.84 -4.99 15.90
CA GLY A 111 8.98 -6.10 16.84
C GLY A 111 10.41 -6.22 17.35
N SER A 112 11.37 -6.00 16.47
CA SER A 112 12.78 -6.02 16.86
C SER A 112 13.16 -4.75 17.64
N SER A 113 12.45 -3.65 17.37
CA SER A 113 12.78 -2.37 17.97
C SER A 113 11.96 -2.14 19.24
N SER A 114 12.37 -1.14 20.02
CA SER A 114 11.70 -0.81 21.27
C SER A 114 10.80 0.40 21.09
N ILE A 115 9.63 0.38 21.73
CA ILE A 115 8.67 1.47 21.61
C ILE A 115 8.82 2.44 22.78
N GLY A 116 8.93 3.73 22.47
CA GLY A 116 9.07 4.75 23.49
C GLY A 116 7.80 5.59 23.60
N GLN A 117 7.96 6.91 23.48
CA GLN A 117 6.82 7.82 23.54
C GLN A 117 6.35 8.18 22.13
N ILE A 118 5.07 7.95 21.85
CA ILE A 118 4.51 8.21 20.52
C ILE A 118 4.30 9.71 20.32
N ASN A 119 4.93 10.26 19.28
CA ASN A 119 4.68 11.64 18.89
C ASN A 119 3.47 11.70 17.96
N TYR A 120 2.29 11.89 18.54
CA TYR A 120 1.04 11.71 17.82
C TYR A 120 0.89 12.77 16.72
N GLY A 121 1.27 14.01 17.03
CA GLY A 121 1.10 15.11 16.08
C GLY A 121 1.98 14.94 14.85
N ALA A 122 3.18 14.41 15.04
CA ALA A 122 4.14 14.26 13.95
C ALA A 122 3.77 13.12 13.00
N SER A 123 2.77 12.30 13.37
CA SER A 123 2.38 11.15 12.55
C SER A 123 1.99 11.60 11.14
N ALA A 124 1.36 12.77 11.03
CA ALA A 124 0.98 13.32 9.74
C ALA A 124 2.21 13.63 8.88
N GLN A 125 3.27 14.09 9.54
CA GLN A 125 4.50 14.43 8.83
C GLN A 125 5.13 13.18 8.20
N TYR A 126 5.16 12.10 8.97
CA TYR A 126 5.68 10.82 8.46
C TYR A 126 4.82 10.30 7.31
N THR A 127 3.52 10.61 7.35
CA THR A 127 2.63 10.27 6.24
C THR A 127 3.08 10.98 4.96
N GLN A 128 3.50 12.24 5.11
CA GLN A 128 4.04 13.00 3.97
C GLN A 128 5.30 12.34 3.43
N MET A 129 6.11 11.76 4.31
CA MET A 129 7.34 11.09 3.90
C MET A 129 7.04 9.92 2.96
N VAL A 130 6.06 9.11 3.32
CA VAL A 130 5.71 7.93 2.52
C VAL A 130 5.15 8.35 1.15
N GLY A 131 4.21 9.30 1.17
CA GLY A 131 3.65 9.83 -0.08
C GLY A 131 4.75 10.38 -0.99
N GLN A 132 5.73 11.05 -0.38
CA GLN A 132 6.85 11.62 -1.12
C GLN A 132 7.67 10.53 -1.82
N SER A 133 7.94 9.44 -1.10
CA SER A 133 8.74 8.35 -1.64
C SER A 133 8.06 7.70 -2.83
N VAL A 134 6.73 7.62 -2.80
CA VAL A 134 5.97 7.04 -3.90
C VAL A 134 6.12 7.91 -5.16
N ALA A 135 5.91 9.21 -5.01
CA ALA A 135 5.94 10.12 -6.16
C ALA A 135 7.33 10.13 -6.81
N GLN A 136 8.35 10.30 -5.98
CA GLN A 136 9.73 10.39 -6.50
C GLN A 136 10.19 9.06 -7.09
N ALA A 137 9.85 7.97 -6.41
CA ALA A 137 10.35 6.65 -6.81
C ALA A 137 9.79 6.23 -8.17
N LEU A 138 8.50 6.48 -8.39
CA LEU A 138 7.85 6.03 -9.63
C LEU A 138 7.82 7.14 -10.68
N ALA A 139 8.21 8.36 -10.31
CA ALA A 139 8.26 9.47 -11.26
C ALA A 139 9.42 9.28 -12.25
N GLY A 140 10.54 8.74 -11.75
CA GLY A 140 11.70 8.51 -12.59
C GLY A 140 11.59 7.18 -13.32
N MET B 1 -17.14 -28.58 -55.34
CA MET B 1 -16.58 -28.87 -53.99
C MET B 1 -15.77 -30.17 -54.03
N ALA B 2 -14.45 -30.04 -53.90
CA ALA B 2 -13.58 -31.21 -53.92
C ALA B 2 -13.82 -32.10 -52.70
N SER B 3 -14.10 -31.47 -51.56
CA SER B 3 -14.35 -32.21 -50.32
C SER B 3 -15.51 -31.58 -49.55
N MET B 4 -16.35 -32.43 -48.96
CA MET B 4 -17.50 -31.95 -48.18
C MET B 4 -17.03 -31.20 -46.94
N THR B 5 -15.94 -31.66 -46.34
CA THR B 5 -15.40 -31.02 -45.15
C THR B 5 -13.88 -30.92 -45.22
N GLY B 6 -13.30 -29.99 -44.45
CA GLY B 6 -11.86 -29.79 -44.44
C GLY B 6 -11.43 -28.88 -45.59
N GLY B 7 -10.12 -28.86 -45.87
CA GLY B 7 -9.59 -28.03 -46.94
C GLY B 7 -8.38 -28.70 -47.59
N GLN B 8 -8.53 -29.07 -48.87
CA GLN B 8 -7.45 -29.73 -49.60
C GLN B 8 -6.26 -28.78 -49.78
N GLN B 9 -6.55 -27.50 -50.00
CA GLN B 9 -5.51 -26.49 -50.19
C GLN B 9 -5.53 -25.47 -49.06
N MET B 10 -4.37 -24.87 -48.78
CA MET B 10 -4.27 -23.87 -47.73
C MET B 10 -4.33 -22.46 -48.31
N GLY B 11 -4.75 -21.50 -47.50
CA GLY B 11 -4.85 -20.12 -47.95
C GLY B 11 -6.14 -19.90 -48.75
N ARG B 12 -7.22 -20.57 -48.31
CA ARG B 12 -8.51 -20.45 -48.99
C ARG B 12 -9.10 -19.06 -48.79
N GLY B 13 -9.90 -18.62 -49.76
CA GLY B 13 -10.52 -17.30 -49.70
C GLY B 13 -11.66 -17.28 -48.68
N SER B 14 -12.42 -16.19 -48.66
CA SER B 14 -13.52 -16.02 -47.71
C SER B 14 -12.99 -15.88 -46.28
N MET B 15 -12.41 -16.95 -45.75
CA MET B 15 -11.86 -16.93 -44.39
C MET B 15 -10.68 -15.96 -44.30
N GLY B 16 -9.89 -15.89 -45.36
CA GLY B 16 -8.73 -15.00 -45.40
C GLY B 16 -9.08 -13.68 -46.08
N ALA B 17 -8.46 -13.42 -47.23
CA ALA B 17 -8.69 -12.19 -47.98
C ALA B 17 -8.31 -10.95 -47.16
N ALA B 18 -8.20 -9.81 -47.83
CA ALA B 18 -7.84 -8.57 -47.15
C ALA B 18 -8.99 -8.09 -46.26
N SER B 19 -8.64 -7.60 -45.06
CA SER B 19 -9.64 -7.09 -44.13
C SER B 19 -9.32 -5.67 -43.70
N ALA B 20 -10.35 -4.87 -43.44
CA ALA B 20 -10.16 -3.49 -43.01
C ALA B 20 -10.03 -3.41 -41.49
N ALA B 21 -8.90 -2.88 -41.02
CA ALA B 21 -8.66 -2.75 -39.59
C ALA B 21 -7.70 -1.59 -39.31
N VAL B 22 -7.79 -1.03 -38.11
CA VAL B 22 -6.92 0.08 -37.71
C VAL B 22 -6.05 -0.33 -36.52
N SER B 23 -4.76 -0.05 -36.60
CA SER B 23 -3.83 -0.39 -35.53
C SER B 23 -3.08 0.86 -35.05
N VAL B 24 -2.76 0.88 -33.76
CA VAL B 24 -2.02 2.01 -33.18
C VAL B 24 -0.84 1.52 -32.35
N GLY B 25 0.15 2.39 -32.16
CA GLY B 25 1.33 2.04 -31.38
C GLY B 25 2.61 2.44 -32.12
N GLY B 26 2.64 2.16 -33.42
CA GLY B 26 3.81 2.49 -34.23
C GLY B 26 5.02 1.64 -33.84
N TYR B 27 6.14 2.30 -33.58
CA TYR B 27 7.37 1.60 -33.19
C TYR B 27 7.78 2.00 -31.78
N GLY B 28 8.23 1.02 -31.00
CA GLY B 28 8.65 1.28 -29.63
C GLY B 28 7.46 1.67 -28.74
N PRO B 29 6.55 0.76 -28.50
CA PRO B 29 5.34 1.05 -27.66
C PRO B 29 5.72 1.33 -26.21
N GLN B 30 4.95 2.21 -25.56
CA GLN B 30 5.21 2.56 -24.17
C GLN B 30 4.40 1.67 -23.22
N SER B 31 5.06 1.15 -22.19
CA SER B 31 4.39 0.30 -21.21
C SER B 31 5.16 0.28 -19.90
N SER B 32 4.76 1.14 -18.96
CA SER B 32 5.43 1.23 -17.67
C SER B 32 4.42 1.62 -16.59
N SER B 33 4.71 1.21 -15.35
CA SER B 33 3.84 1.53 -14.22
C SER B 33 4.46 2.62 -13.36
N ALA B 34 3.63 3.56 -12.89
CA ALA B 34 4.12 4.67 -12.06
C ALA B 34 2.97 5.59 -11.63
N PRO B 35 2.26 6.19 -12.57
CA PRO B 35 1.21 7.21 -12.23
C PRO B 35 0.14 6.67 -11.26
N VAL B 36 0.02 5.34 -11.18
CA VAL B 36 -0.93 4.72 -10.24
C VAL B 36 -0.52 5.05 -8.80
N ALA B 37 0.75 4.81 -8.47
CA ALA B 37 1.25 5.10 -7.12
C ALA B 37 1.24 6.60 -6.86
N SER B 38 1.54 7.40 -7.89
CA SER B 38 1.58 8.86 -7.74
C SER B 38 0.20 9.39 -7.36
N ALA B 39 -0.85 8.82 -7.96
CA ALA B 39 -2.21 9.23 -7.65
C ALA B 39 -2.57 8.85 -6.22
N ALA B 40 -2.11 7.67 -5.79
CA ALA B 40 -2.37 7.20 -4.43
C ALA B 40 -1.69 8.13 -3.41
N ALA B 41 -0.50 8.62 -3.76
CA ALA B 41 0.22 9.55 -2.89
C ALA B 41 -0.52 10.90 -2.83
N SER B 42 -1.11 11.31 -3.95
CA SER B 42 -1.80 12.60 -4.02
C SER B 42 -2.99 12.62 -3.05
N ARG B 43 -3.83 11.60 -3.11
CA ARG B 43 -4.98 11.51 -2.22
C ARG B 43 -4.56 11.10 -0.79
N LEU B 44 -3.39 10.46 -0.68
CA LEU B 44 -2.76 10.25 0.63
C LEU B 44 -2.45 11.60 1.30
N SER B 45 -2.13 12.60 0.49
CA SER B 45 -1.83 13.94 1.01
C SER B 45 -3.10 14.68 1.44
N SER B 46 -4.27 14.16 1.07
CA SER B 46 -5.53 14.82 1.42
C SER B 46 -5.75 14.81 2.94
N PRO B 47 -6.47 15.78 3.47
CA PRO B 47 -6.74 15.86 4.95
C PRO B 47 -7.38 14.58 5.49
N ALA B 48 -8.19 13.92 4.66
CA ALA B 48 -8.87 12.69 5.07
C ALA B 48 -7.85 11.59 5.36
N ALA B 49 -6.82 11.51 4.51
CA ALA B 49 -5.80 10.47 4.67
C ALA B 49 -4.99 10.70 5.97
N SER B 50 -4.61 11.95 6.22
CA SER B 50 -3.80 12.29 7.39
C SER B 50 -4.53 11.91 8.68
N SER B 51 -5.84 12.18 8.73
CA SER B 51 -6.64 11.88 9.91
C SER B 51 -6.67 10.38 10.18
N ARG B 52 -6.82 9.60 9.11
CA ARG B 52 -6.87 8.14 9.24
C ARG B 52 -5.53 7.59 9.74
N VAL B 53 -4.43 8.22 9.33
CA VAL B 53 -3.11 7.82 9.79
C VAL B 53 -3.00 7.99 11.31
N SER B 54 -3.48 9.13 11.81
CA SER B 54 -3.46 9.40 13.25
C SER B 54 -4.23 8.33 14.01
N SER B 55 -5.41 7.96 13.49
CA SER B 55 -6.23 6.93 14.11
C SER B 55 -5.50 5.59 14.13
N ALA B 56 -4.73 5.32 13.07
CA ALA B 56 -3.93 4.10 13.00
C ALA B 56 -2.87 4.09 14.09
N VAL B 57 -2.35 5.28 14.44
CA VAL B 57 -1.35 5.38 15.50
C VAL B 57 -1.93 4.95 16.83
N SER B 58 -3.08 5.53 17.20
CA SER B 58 -3.71 5.23 18.49
C SER B 58 -4.06 3.74 18.60
N SER B 59 -4.54 3.16 17.50
CA SER B 59 -4.96 1.76 17.49
C SER B 59 -3.78 0.83 17.75
N LEU B 60 -2.70 1.02 17.00
CA LEU B 60 -1.52 0.17 17.12
C LEU B 60 -0.84 0.35 18.47
N VAL B 61 -0.77 1.61 18.93
CA VAL B 61 -0.07 1.93 20.16
C VAL B 61 -0.78 1.32 21.38
N SER B 62 -2.10 1.49 21.44
CA SER B 62 -2.87 1.05 22.60
C SER B 62 -2.99 -0.48 22.64
N SER B 63 -3.27 -1.07 21.48
CA SER B 63 -3.47 -2.53 21.40
C SER B 63 -2.13 -3.26 21.50
N GLY B 64 -1.11 -2.71 20.85
CA GLY B 64 0.21 -3.34 20.83
C GLY B 64 0.84 -3.23 19.43
N PRO B 65 1.89 -2.44 19.29
CA PRO B 65 2.62 -2.30 17.99
C PRO B 65 2.85 -3.64 17.25
N THR B 66 3.02 -4.72 18.01
CA THR B 66 3.38 -6.02 17.42
C THR B 66 2.29 -7.06 17.66
N ASN B 67 1.05 -6.62 17.79
CA ASN B 67 -0.07 -7.54 18.05
C ASN B 67 -0.80 -7.88 16.74
N GLN B 68 -1.06 -9.18 16.55
CA GLN B 68 -1.82 -9.63 15.37
C GLN B 68 -3.23 -9.04 15.39
N ALA B 69 -3.85 -9.03 16.57
CA ALA B 69 -5.21 -8.53 16.71
C ALA B 69 -5.27 -7.03 16.43
N ALA B 70 -4.24 -6.31 16.87
CA ALA B 70 -4.19 -4.85 16.68
C ALA B 70 -4.07 -4.50 15.20
N LEU B 71 -3.21 -5.23 14.49
CA LEU B 71 -2.99 -4.98 13.07
C LEU B 71 -4.28 -5.22 12.28
N SER B 72 -5.00 -6.29 12.63
CA SER B 72 -6.25 -6.62 11.94
C SER B 72 -7.29 -5.52 12.13
N ASN B 73 -7.38 -4.99 13.35
CA ASN B 73 -8.37 -3.96 13.66
C ASN B 73 -8.11 -2.69 12.87
N THR B 74 -6.86 -2.26 12.84
CA THR B 74 -6.50 -1.01 12.14
C THR B 74 -6.74 -1.13 10.64
N ILE B 75 -6.29 -2.24 10.06
CA ILE B 75 -6.41 -2.44 8.61
C ILE B 75 -7.88 -2.50 8.19
N SER B 76 -8.69 -3.25 8.93
CA SER B 76 -10.10 -3.41 8.60
C SER B 76 -10.83 -2.07 8.64
N SER B 77 -10.63 -1.32 9.72
CA SER B 77 -11.31 -0.04 9.90
C SER B 77 -10.91 0.96 8.82
N VAL B 78 -9.60 1.05 8.56
CA VAL B 78 -9.09 2.02 7.59
C VAL B 78 -9.62 1.72 6.19
N VAL B 79 -9.54 0.44 5.78
CA VAL B 79 -9.98 0.04 4.45
C VAL B 79 -11.45 0.42 4.23
N SER B 80 -12.27 0.18 5.24
CA SER B 80 -13.70 0.47 5.15
C SER B 80 -13.95 1.96 4.90
N GLN B 81 -13.36 2.81 5.75
CA GLN B 81 -13.62 4.24 5.68
C GLN B 81 -12.99 4.86 4.44
N VAL B 82 -11.84 4.35 4.02
CA VAL B 82 -11.18 4.85 2.81
C VAL B 82 -12.05 4.59 1.57
N SER B 83 -12.75 3.46 1.57
CA SER B 83 -13.71 3.15 0.51
C SER B 83 -14.89 4.13 0.56
N ALA B 84 -15.31 4.50 1.76
CA ALA B 84 -16.44 5.40 1.95
C ALA B 84 -16.16 6.77 1.32
N SER B 85 -14.94 7.26 1.50
CA SER B 85 -14.55 8.55 0.93
C SER B 85 -14.36 8.43 -0.58
N ASN B 86 -13.85 7.27 -1.01
CA ASN B 86 -13.52 7.06 -2.42
C ASN B 86 -14.43 6.01 -3.05
N PRO B 87 -15.70 6.33 -3.25
CA PRO B 87 -16.61 5.46 -4.06
C PRO B 87 -16.36 5.62 -5.55
N GLY B 88 -15.95 6.82 -5.97
CA GLY B 88 -15.66 7.09 -7.37
C GLY B 88 -14.45 6.26 -7.85
N LEU B 89 -13.53 5.98 -6.94
CA LEU B 89 -12.32 5.26 -7.30
C LEU B 89 -12.59 3.76 -7.38
N SER B 90 -11.80 3.06 -8.19
CA SER B 90 -11.99 1.63 -8.39
C SER B 90 -11.66 0.85 -7.12
N GLY B 91 -12.10 -0.41 -7.06
CA GLY B 91 -11.87 -1.25 -5.89
C GLY B 91 -10.39 -1.42 -5.60
N CYS B 92 -9.58 -1.52 -6.67
CA CYS B 92 -8.14 -1.68 -6.51
C CYS B 92 -7.51 -0.42 -5.91
N ASP B 93 -8.02 0.75 -6.32
CA ASP B 93 -7.54 2.02 -5.77
C ASP B 93 -7.79 2.09 -4.26
N VAL B 94 -8.91 1.54 -3.82
CA VAL B 94 -9.23 1.51 -2.39
C VAL B 94 -8.20 0.67 -1.64
N LEU B 95 -7.84 -0.49 -2.21
CA LEU B 95 -6.86 -1.37 -1.59
C LEU B 95 -5.49 -0.69 -1.51
N VAL B 96 -5.12 0.03 -2.58
CA VAL B 96 -3.84 0.75 -2.61
C VAL B 96 -3.79 1.78 -1.47
N GLN B 97 -4.88 2.53 -1.32
CA GLN B 97 -4.90 3.64 -0.36
C GLN B 97 -4.75 3.12 1.06
N ALA B 98 -5.46 2.04 1.38
CA ALA B 98 -5.41 1.48 2.74
C ALA B 98 -4.01 0.95 3.06
N LEU B 99 -3.40 0.26 2.09
CA LEU B 99 -2.14 -0.43 2.33
C LEU B 99 -1.00 0.57 2.61
N LEU B 100 -0.83 1.54 1.72
CA LEU B 100 0.27 2.49 1.86
C LEU B 100 0.05 3.43 3.06
N GLU B 101 -1.22 3.70 3.38
CA GLU B 101 -1.54 4.48 4.56
C GLU B 101 -1.13 3.74 5.84
N VAL B 102 -1.19 2.40 5.80
CA VAL B 102 -0.68 1.59 6.91
C VAL B 102 0.85 1.72 6.99
N VAL B 103 1.50 1.83 5.83
CA VAL B 103 2.95 2.00 5.78
C VAL B 103 3.33 3.31 6.50
N SER B 104 2.59 4.37 6.22
CA SER B 104 2.88 5.69 6.80
C SER B 104 2.70 5.67 8.32
N ALA B 105 1.66 4.98 8.79
CA ALA B 105 1.43 4.87 10.23
C ALA B 105 2.61 4.19 10.93
N LEU B 106 3.14 3.15 10.28
CA LEU B 106 4.27 2.41 10.83
C LEU B 106 5.52 3.27 10.89
N VAL B 107 5.71 4.13 9.87
CA VAL B 107 6.84 5.06 9.86
C VAL B 107 6.77 6.00 11.06
N SER B 108 5.56 6.47 11.37
CA SER B 108 5.36 7.36 12.51
C SER B 108 5.78 6.68 13.81
N ILE B 109 5.43 5.41 13.95
CA ILE B 109 5.78 4.64 15.14
C ILE B 109 7.30 4.48 15.24
N LEU B 110 7.94 4.23 14.10
CA LEU B 110 9.40 4.02 14.07
C LEU B 110 10.15 5.27 14.53
N GLY B 111 9.71 6.44 14.03
CA GLY B 111 10.38 7.70 14.36
C GLY B 111 10.20 8.04 15.84
N SER B 112 9.01 7.78 16.37
CA SER B 112 8.75 8.01 17.78
C SER B 112 9.40 6.94 18.65
N SER B 113 9.59 5.74 18.08
CA SER B 113 10.11 4.61 18.84
C SER B 113 11.63 4.51 18.68
N SER B 114 12.25 3.70 19.55
CA SER B 114 13.69 3.51 19.52
C SER B 114 14.05 2.20 18.83
N ILE B 115 15.13 2.21 18.05
CA ILE B 115 15.56 1.02 17.32
C ILE B 115 16.64 0.27 18.11
N GLY B 116 16.44 -1.03 18.28
CA GLY B 116 17.40 -1.86 19.01
C GLY B 116 18.14 -2.80 18.06
N GLN B 117 18.11 -4.10 18.36
CA GLN B 117 18.75 -5.10 17.51
C GLN B 117 17.73 -5.73 16.56
N ILE B 118 18.02 -5.67 15.26
CA ILE B 118 17.10 -6.21 14.26
C ILE B 118 17.17 -7.73 14.22
N ASN B 119 16.02 -8.38 14.44
CA ASN B 119 15.93 -9.82 14.28
C ASN B 119 15.63 -10.15 12.82
N TYR B 120 16.68 -10.36 12.04
CA TYR B 120 16.57 -10.44 10.60
C TYR B 120 15.75 -11.67 10.17
N GLY B 121 15.99 -12.79 10.84
CA GLY B 121 15.34 -14.05 10.48
C GLY B 121 13.83 -14.00 10.71
N ALA B 122 13.42 -13.31 11.79
CA ALA B 122 12.01 -13.26 12.16
C ALA B 122 11.20 -12.32 11.25
N SER B 123 11.90 -11.57 10.38
CA SER B 123 11.21 -10.62 9.50
C SER B 123 10.17 -11.32 8.63
N ALA B 124 10.48 -12.55 8.22
CA ALA B 124 9.54 -13.34 7.41
C ALA B 124 8.27 -13.66 8.21
N GLN B 125 8.43 -13.90 9.50
CA GLN B 125 7.29 -14.21 10.37
C GLN B 125 6.33 -13.03 10.46
N TYR B 126 6.90 -11.83 10.63
CA TYR B 126 6.08 -10.62 10.67
C TYR B 126 5.38 -10.38 9.34
N THR B 127 6.01 -10.81 8.25
CA THR B 127 5.38 -10.76 6.93
C THR B 127 4.11 -11.61 6.91
N GLN B 128 4.18 -12.78 7.56
CA GLN B 128 3.01 -13.65 7.68
C GLN B 128 1.90 -12.97 8.48
N MET B 129 2.29 -12.17 9.47
CA MET B 129 1.31 -11.45 10.29
C MET B 129 0.48 -10.49 9.44
N VAL B 130 1.16 -9.73 8.58
CA VAL B 130 0.46 -8.74 7.74
C VAL B 130 -0.46 -9.44 6.74
N GLY B 131 0.06 -10.47 6.05
CA GLY B 131 -0.76 -11.24 5.13
C GLY B 131 -2.00 -11.83 5.82
N GLN B 132 -1.81 -12.27 7.06
CA GLN B 132 -2.92 -12.85 7.83
C GLN B 132 -4.00 -11.80 8.10
N SER B 133 -3.58 -10.59 8.46
CA SER B 133 -4.53 -9.53 8.78
C SER B 133 -5.37 -9.16 7.56
N VAL B 134 -4.75 -9.20 6.38
CA VAL B 134 -5.47 -8.91 5.14
C VAL B 134 -6.57 -9.94 4.88
N ALA B 135 -6.22 -11.22 4.98
CA ALA B 135 -7.16 -12.29 4.67
C ALA B 135 -8.35 -12.27 5.64
N GLN B 136 -8.05 -12.20 6.93
CA GLN B 136 -9.10 -12.22 7.96
C GLN B 136 -9.96 -10.97 7.90
N ALA B 137 -9.33 -9.82 7.71
CA ALA B 137 -10.03 -8.53 7.76
C ALA B 137 -11.05 -8.40 6.64
N LEU B 138 -10.66 -8.82 5.43
CA LEU B 138 -11.52 -8.65 4.26
C LEU B 138 -12.34 -9.91 3.97
N ALA B 139 -12.04 -11.00 4.67
CA ALA B 139 -12.81 -12.25 4.50
C ALA B 139 -14.21 -12.10 5.09
N GLY B 140 -14.31 -11.37 6.21
CA GLY B 140 -15.60 -11.17 6.86
C GLY B 140 -15.53 -9.97 7.82
N MET A 1 -25.34 16.63 -23.07
CA MET A 1 -24.89 18.04 -22.86
C MET A 1 -24.03 18.10 -21.61
N ALA A 2 -22.95 18.89 -21.66
CA ALA A 2 -22.05 19.04 -20.53
C ALA A 2 -21.47 20.45 -20.49
N SER A 3 -22.08 21.33 -19.70
CA SER A 3 -21.62 22.70 -19.58
C SER A 3 -22.23 23.38 -18.36
N MET A 4 -23.55 23.21 -18.19
CA MET A 4 -24.26 23.81 -17.07
C MET A 4 -24.48 22.76 -15.96
N THR A 5 -24.53 23.23 -14.72
CA THR A 5 -24.75 22.34 -13.59
C THR A 5 -26.20 21.89 -13.52
N GLY A 6 -26.41 20.60 -13.22
CA GLY A 6 -27.75 20.04 -13.13
C GLY A 6 -27.79 18.62 -13.67
N GLY A 7 -26.86 17.79 -13.21
CA GLY A 7 -26.79 16.40 -13.63
C GLY A 7 -25.76 15.62 -12.82
N GLN A 8 -24.76 15.06 -13.50
CA GLN A 8 -23.72 14.30 -12.82
C GLN A 8 -22.44 15.11 -12.72
N GLN A 9 -21.75 14.99 -11.59
CA GLN A 9 -20.51 15.74 -11.36
C GLN A 9 -19.42 15.29 -12.33
N MET A 10 -19.39 13.99 -12.62
CA MET A 10 -18.38 13.44 -13.54
C MET A 10 -19.04 12.57 -14.60
N GLY A 11 -19.66 11.47 -14.18
CA GLY A 11 -20.32 10.56 -15.11
C GLY A 11 -19.33 9.59 -15.72
N ARG A 12 -19.78 8.84 -16.73
CA ARG A 12 -18.92 7.87 -17.40
C ARG A 12 -17.84 8.58 -18.22
N GLY A 13 -16.66 7.97 -18.30
CA GLY A 13 -15.56 8.55 -19.07
C GLY A 13 -15.55 8.03 -20.49
N SER A 14 -15.09 6.79 -20.66
CA SER A 14 -15.05 6.16 -21.97
C SER A 14 -16.46 5.86 -22.48
N MET A 15 -16.62 5.82 -23.80
CA MET A 15 -17.93 5.54 -24.40
C MET A 15 -17.79 4.49 -25.51
N GLY A 16 -18.83 3.68 -25.69
CA GLY A 16 -18.83 2.66 -26.73
C GLY A 16 -17.90 1.50 -26.37
N ALA A 17 -17.81 1.20 -25.07
CA ALA A 17 -16.94 0.12 -24.61
C ALA A 17 -17.49 -1.24 -25.05
N ALA A 18 -18.82 -1.37 -25.02
CA ALA A 18 -19.47 -2.61 -25.42
C ALA A 18 -20.90 -2.35 -25.88
N SER A 19 -21.48 -3.32 -26.60
CA SER A 19 -22.85 -3.18 -27.10
C SER A 19 -23.76 -4.20 -26.42
N ALA A 20 -25.01 -3.79 -26.18
CA ALA A 20 -25.99 -4.65 -25.50
C ALA A 20 -25.54 -5.00 -24.08
N ALA A 21 -24.63 -5.97 -23.96
CA ALA A 21 -24.11 -6.39 -22.65
C ALA A 21 -25.23 -6.89 -21.74
N VAL A 22 -24.85 -7.53 -20.64
CA VAL A 22 -25.84 -8.05 -19.67
C VAL A 22 -25.54 -7.50 -18.28
N SER A 23 -26.59 -7.07 -17.58
CA SER A 23 -26.43 -6.51 -16.24
C SER A 23 -27.23 -7.34 -15.23
N VAL A 24 -26.68 -7.46 -14.02
CA VAL A 24 -27.34 -8.23 -12.96
C VAL A 24 -27.55 -7.35 -11.73
N GLY A 25 -28.74 -7.45 -11.13
CA GLY A 25 -29.07 -6.67 -9.94
C GLY A 25 -29.66 -5.32 -10.33
N GLY A 26 -28.82 -4.42 -10.81
CA GLY A 26 -29.27 -3.08 -11.22
C GLY A 26 -28.46 -2.57 -12.40
N TYR A 27 -27.46 -1.74 -12.11
CA TYR A 27 -26.62 -1.16 -13.17
C TYR A 27 -25.23 -1.79 -13.16
N GLY A 28 -25.14 -3.05 -12.73
CA GLY A 28 -23.86 -3.75 -12.66
C GLY A 28 -22.96 -3.15 -11.59
N PRO A 29 -23.12 -3.57 -10.35
CA PRO A 29 -22.30 -3.03 -9.23
C PRO A 29 -20.82 -3.39 -9.37
N GLN A 30 -19.95 -2.47 -8.94
CA GLN A 30 -18.50 -2.70 -9.03
C GLN A 30 -17.95 -3.22 -7.71
N SER A 31 -18.63 -4.21 -7.14
CA SER A 31 -18.22 -4.78 -5.86
C SER A 31 -16.99 -5.68 -6.04
N SER A 32 -15.84 -5.20 -5.60
CA SER A 32 -14.60 -5.97 -5.70
C SER A 32 -13.48 -5.28 -4.94
N SER A 33 -13.40 -5.53 -3.64
CA SER A 33 -12.37 -4.92 -2.79
C SER A 33 -11.79 -5.94 -1.82
N ALA A 34 -12.67 -6.68 -1.13
CA ALA A 34 -12.23 -7.67 -0.15
C ALA A 34 -11.40 -8.78 -0.82
N PRO A 35 -11.97 -9.50 -1.77
CA PRO A 35 -11.24 -10.61 -2.47
C PRO A 35 -9.94 -10.14 -3.12
N VAL A 36 -9.87 -8.83 -3.44
CA VAL A 36 -8.65 -8.26 -4.02
C VAL A 36 -7.50 -8.34 -3.01
N ALA A 37 -7.77 -7.91 -1.78
CA ALA A 37 -6.76 -7.96 -0.73
C ALA A 37 -6.40 -9.41 -0.38
N SER A 38 -7.41 -10.30 -0.45
CA SER A 38 -7.19 -11.71 -0.14
C SER A 38 -6.18 -12.34 -1.09
N ALA A 39 -6.32 -12.04 -2.38
CA ALA A 39 -5.40 -12.55 -3.39
C ALA A 39 -4.00 -11.98 -3.18
N ALA A 40 -3.93 -10.68 -2.86
CA ALA A 40 -2.65 -10.02 -2.62
C ALA A 40 -1.94 -10.62 -1.41
N ALA A 41 -2.71 -11.00 -0.39
CA ALA A 41 -2.15 -11.64 0.79
C ALA A 41 -1.58 -13.02 0.45
N SER A 42 -2.28 -13.74 -0.42
CA SER A 42 -1.87 -15.10 -0.78
C SER A 42 -0.50 -15.09 -1.46
N ARG A 43 -0.35 -14.23 -2.46
CA ARG A 43 0.93 -14.11 -3.17
C ARG A 43 1.97 -13.36 -2.32
N LEU A 44 1.51 -12.55 -1.38
CA LEU A 44 2.39 -11.93 -0.39
C LEU A 44 3.05 -13.00 0.49
N SER A 45 2.34 -14.10 0.72
CA SER A 45 2.89 -15.22 1.50
C SER A 45 3.83 -16.09 0.66
N SER A 46 3.99 -15.77 -0.64
CA SER A 46 4.87 -16.54 -1.51
C SER A 46 6.33 -16.38 -1.08
N PRO A 47 7.18 -17.37 -1.34
CA PRO A 47 8.62 -17.30 -0.97
C PRO A 47 9.31 -16.06 -1.53
N ALA A 48 8.88 -15.62 -2.72
CA ALA A 48 9.47 -14.45 -3.36
C ALA A 48 9.23 -13.19 -2.52
N ALA A 49 8.02 -13.07 -1.97
CA ALA A 49 7.66 -11.90 -1.18
C ALA A 49 8.48 -11.87 0.11
N SER A 50 8.58 -13.02 0.78
CA SER A 50 9.30 -13.10 2.05
C SER A 50 10.76 -12.65 1.91
N SER A 51 11.38 -13.08 0.81
CA SER A 51 12.78 -12.71 0.54
C SER A 51 12.92 -11.21 0.38
N ARG A 52 11.97 -10.59 -0.33
CA ARG A 52 11.98 -9.14 -0.52
C ARG A 52 11.80 -8.41 0.81
N VAL A 53 11.02 -9.00 1.72
CA VAL A 53 10.83 -8.43 3.05
C VAL A 53 12.18 -8.34 3.78
N SER A 54 12.96 -9.42 3.72
CA SER A 54 14.27 -9.44 4.36
C SER A 54 15.18 -8.34 3.81
N SER A 55 15.18 -8.20 2.48
CA SER A 55 15.99 -7.18 1.81
C SER A 55 15.55 -5.78 2.25
N ALA A 56 14.25 -5.60 2.43
CA ALA A 56 13.71 -4.32 2.90
C ALA A 56 14.23 -3.99 4.29
N VAL A 57 14.42 -5.03 5.12
CA VAL A 57 14.95 -4.84 6.48
C VAL A 57 16.36 -4.28 6.42
N SER A 58 17.23 -4.95 5.66
CA SER A 58 18.64 -4.55 5.59
C SER A 58 18.78 -3.11 5.07
N SER A 59 17.95 -2.75 4.10
CA SER A 59 18.03 -1.41 3.50
C SER A 59 17.64 -0.34 4.51
N LEU A 60 16.49 -0.51 5.16
CA LEU A 60 16.01 0.47 6.13
C LEU A 60 16.92 0.54 7.36
N VAL A 61 17.37 -0.62 7.81
CA VAL A 61 18.19 -0.71 9.03
C VAL A 61 19.52 0.01 8.84
N SER A 62 20.20 -0.26 7.73
CA SER A 62 21.54 0.26 7.50
C SER A 62 21.51 1.76 7.20
N SER A 63 20.56 2.17 6.35
CA SER A 63 20.48 3.56 5.93
C SER A 63 19.83 4.42 7.01
N GLY A 64 18.82 3.88 7.68
CA GLY A 64 18.08 4.63 8.69
C GLY A 64 16.60 4.23 8.68
N PRO A 65 16.16 3.43 9.65
CA PRO A 65 14.74 2.95 9.71
C PRO A 65 13.70 4.03 9.41
N THR A 66 14.00 5.28 9.78
CA THR A 66 13.02 6.36 9.68
C THR A 66 13.57 7.55 8.87
N ASN A 67 14.43 7.25 7.90
CA ASN A 67 15.02 8.29 7.05
C ASN A 67 14.23 8.42 5.75
N GLN A 68 14.09 9.66 5.27
CA GLN A 68 13.40 9.92 4.00
C GLN A 68 14.17 9.27 2.84
N ALA A 69 15.49 9.40 2.86
CA ALA A 69 16.32 8.86 1.77
C ALA A 69 16.28 7.34 1.77
N ALA A 70 16.39 6.74 2.96
CA ALA A 70 16.43 5.28 3.06
C ALA A 70 15.11 4.67 2.63
N LEU A 71 13.99 5.28 3.05
CA LEU A 71 12.67 4.76 2.71
C LEU A 71 12.45 4.83 1.20
N SER A 72 12.87 5.93 0.57
CA SER A 72 12.71 6.09 -0.87
C SER A 72 13.44 4.98 -1.63
N ASN A 73 14.63 4.62 -1.13
CA ASN A 73 15.42 3.55 -1.75
C ASN A 73 14.66 2.21 -1.66
N THR A 74 14.03 1.97 -0.51
CA THR A 74 13.32 0.71 -0.30
C THR A 74 12.13 0.58 -1.24
N ILE A 75 11.33 1.64 -1.35
CA ILE A 75 10.13 1.61 -2.20
C ILE A 75 10.51 1.38 -3.67
N SER A 76 11.52 2.12 -4.14
CA SER A 76 11.93 2.04 -5.54
C SER A 76 12.39 0.61 -5.90
N SER A 77 13.29 0.08 -5.09
CA SER A 77 13.87 -1.24 -5.36
C SER A 77 12.81 -2.33 -5.31
N VAL A 78 11.98 -2.30 -4.26
CA VAL A 78 10.97 -3.34 -4.06
C VAL A 78 9.95 -3.34 -5.20
N VAL A 79 9.44 -2.17 -5.55
CA VAL A 79 8.42 -2.05 -6.59
C VAL A 79 8.94 -2.60 -7.93
N SER A 80 10.19 -2.27 -8.24
CA SER A 80 10.80 -2.71 -9.50
C SER A 80 10.84 -4.23 -9.58
N GLN A 81 11.42 -4.86 -8.55
CA GLN A 81 11.62 -6.31 -8.57
C GLN A 81 10.29 -7.06 -8.52
N VAL A 82 9.33 -6.52 -7.78
CA VAL A 82 8.00 -7.14 -7.69
C VAL A 82 7.32 -7.15 -9.07
N SER A 83 7.55 -6.09 -9.84
CA SER A 83 7.05 -6.02 -11.21
C SER A 83 7.70 -7.10 -12.08
N ALA A 84 9.00 -7.33 -11.85
CA ALA A 84 9.75 -8.32 -12.64
C ALA A 84 9.17 -9.72 -12.46
N SER A 85 8.81 -10.06 -11.23
CA SER A 85 8.23 -11.38 -10.94
C SER A 85 6.80 -11.45 -11.47
N ASN A 86 6.07 -10.34 -11.37
CA ASN A 86 4.66 -10.31 -11.73
C ASN A 86 4.43 -9.45 -12.99
N PRO A 87 4.84 -9.93 -14.15
CA PRO A 87 4.45 -9.29 -15.44
C PRO A 87 3.04 -9.70 -15.88
N GLY A 88 2.67 -10.94 -15.57
CA GLY A 88 1.35 -11.44 -15.92
C GLY A 88 0.24 -10.69 -15.18
N LEU A 89 0.56 -10.19 -13.99
CA LEU A 89 -0.43 -9.49 -13.17
C LEU A 89 -0.63 -8.06 -13.66
N SER A 90 -1.80 -7.50 -13.39
CA SER A 90 -2.13 -6.15 -13.85
C SER A 90 -1.26 -5.12 -13.13
N GLY A 91 -1.22 -3.90 -13.69
CA GLY A 91 -0.39 -2.83 -13.13
C GLY A 91 -0.81 -2.51 -11.70
N CYS A 92 -2.11 -2.50 -11.43
CA CYS A 92 -2.60 -2.20 -10.09
C CYS A 92 -2.20 -3.29 -9.11
N ASP A 93 -2.18 -4.55 -9.59
CA ASP A 93 -1.76 -5.67 -8.74
C ASP A 93 -0.32 -5.50 -8.28
N VAL A 94 0.54 -5.00 -9.18
CA VAL A 94 1.95 -4.76 -8.84
C VAL A 94 2.06 -3.71 -7.73
N LEU A 95 1.27 -2.64 -7.85
CA LEU A 95 1.29 -1.56 -6.85
C LEU A 95 0.85 -2.07 -5.48
N VAL A 96 -0.19 -2.91 -5.48
CA VAL A 96 -0.70 -3.49 -4.23
C VAL A 96 0.39 -4.32 -3.54
N GLN A 97 1.09 -5.13 -4.33
CA GLN A 97 2.08 -6.06 -3.79
C GLN A 97 3.23 -5.31 -3.13
N ALA A 98 3.71 -4.26 -3.79
CA ALA A 98 4.82 -3.47 -3.27
C ALA A 98 4.43 -2.77 -1.96
N LEU A 99 3.22 -2.19 -1.93
CA LEU A 99 2.82 -1.37 -0.80
C LEU A 99 2.67 -2.20 0.48
N LEU A 100 1.93 -3.30 0.40
CA LEU A 100 1.67 -4.10 1.60
C LEU A 100 2.94 -4.82 2.05
N GLU A 101 3.82 -5.16 1.10
CA GLU A 101 5.11 -5.74 1.43
C GLU A 101 5.97 -4.74 2.23
N VAL A 102 5.81 -3.45 1.94
CA VAL A 102 6.47 -2.42 2.74
C VAL A 102 5.89 -2.39 4.16
N VAL A 103 4.58 -2.64 4.27
CA VAL A 103 3.92 -2.69 5.58
C VAL A 103 4.53 -3.81 6.44
N SER A 104 4.76 -4.96 5.82
CA SER A 104 5.31 -6.11 6.54
C SER A 104 6.74 -5.83 7.00
N ALA A 105 7.52 -5.15 6.17
CA ALA A 105 8.89 -4.80 6.54
C ALA A 105 8.90 -3.89 7.77
N LEU A 106 8.01 -2.89 7.77
CA LEU A 106 7.91 -1.96 8.89
C LEU A 106 7.46 -2.67 10.15
N VAL A 107 6.57 -3.66 10.00
CA VAL A 107 6.12 -4.47 11.14
C VAL A 107 7.30 -5.21 11.76
N SER A 108 8.18 -5.74 10.91
CA SER A 108 9.36 -6.48 11.39
C SER A 108 10.25 -5.57 12.24
N ILE A 109 10.43 -4.33 11.78
CA ILE A 109 11.26 -3.36 12.50
C ILE A 109 10.64 -3.05 13.87
N LEU A 110 9.32 -2.86 13.89
CA LEU A 110 8.61 -2.52 15.12
C LEU A 110 8.72 -3.65 16.15
N GLY A 111 8.54 -4.89 15.68
CA GLY A 111 8.56 -6.05 16.58
C GLY A 111 9.92 -6.24 17.22
N SER A 112 10.98 -6.02 16.44
CA SER A 112 12.34 -6.17 16.95
C SER A 112 12.81 -4.91 17.68
N SER A 113 12.18 -3.77 17.37
CA SER A 113 12.59 -2.49 17.94
C SER A 113 11.77 -2.16 19.19
N SER A 114 12.25 -1.18 19.94
CA SER A 114 11.60 -0.80 21.20
C SER A 114 10.70 0.42 20.99
N ILE A 115 9.53 0.39 21.61
CA ILE A 115 8.57 1.49 21.47
C ILE A 115 8.68 2.44 22.66
N GLY A 116 9.03 3.70 22.37
CA GLY A 116 9.14 4.71 23.42
C GLY A 116 7.90 5.58 23.46
N GLN A 117 8.07 6.89 23.33
CA GLN A 117 6.96 7.82 23.29
C GLN A 117 6.59 8.14 21.84
N ILE A 118 5.31 8.00 21.51
CA ILE A 118 4.86 8.24 20.14
C ILE A 118 4.41 9.69 19.96
N ASN A 119 5.07 10.41 19.06
CA ASN A 119 4.68 11.78 18.74
C ASN A 119 3.46 11.76 17.83
N TYR A 120 2.29 11.97 18.42
CA TYR A 120 1.03 11.79 17.70
C TYR A 120 0.87 12.83 16.59
N GLY A 121 1.25 14.08 16.88
CA GLY A 121 1.08 15.16 15.93
C GLY A 121 1.94 14.98 14.69
N ALA A 122 3.13 14.40 14.88
CA ALA A 122 4.08 14.23 13.78
C ALA A 122 3.67 13.10 12.82
N SER A 123 2.64 12.34 13.19
CA SER A 123 2.20 11.21 12.36
C SER A 123 1.87 11.66 10.94
N ALA A 124 1.32 12.87 10.83
CA ALA A 124 0.99 13.42 9.51
C ALA A 124 2.25 13.66 8.69
N GLN A 125 3.33 14.07 9.36
CA GLN A 125 4.60 14.34 8.67
C GLN A 125 5.16 13.05 8.08
N TYR A 126 5.11 11.97 8.85
CA TYR A 126 5.58 10.67 8.37
C TYR A 126 4.72 10.18 7.20
N THR A 127 3.44 10.54 7.22
CA THR A 127 2.55 10.24 6.09
C THR A 127 3.08 10.91 4.81
N GLN A 128 3.59 12.14 4.96
CA GLN A 128 4.19 12.86 3.84
C GLN A 128 5.43 12.14 3.34
N MET A 129 6.18 11.51 4.26
CA MET A 129 7.40 10.79 3.89
C MET A 129 7.07 9.64 2.93
N VAL A 130 6.04 8.86 3.26
CA VAL A 130 5.66 7.72 2.43
C VAL A 130 5.15 8.19 1.07
N GLY A 131 4.26 9.18 1.08
CA GLY A 131 3.72 9.74 -0.17
C GLY A 131 4.86 10.27 -1.05
N GLN A 132 5.86 10.88 -0.41
CA GLN A 132 7.00 11.43 -1.14
C GLN A 132 7.80 10.34 -1.84
N SER A 133 8.04 9.23 -1.13
CA SER A 133 8.84 8.13 -1.68
C SER A 133 8.16 7.54 -2.92
N VAL A 134 6.83 7.44 -2.88
CA VAL A 134 6.08 6.89 -4.01
C VAL A 134 6.24 7.79 -5.24
N ALA A 135 5.98 9.10 -5.06
CA ALA A 135 5.99 10.03 -6.19
C ALA A 135 7.38 10.13 -6.82
N GLN A 136 8.39 10.28 -5.97
CA GLN A 136 9.76 10.47 -6.47
C GLN A 136 10.29 9.23 -7.17
N ALA A 137 10.05 8.06 -6.57
CA ALA A 137 10.61 6.81 -7.09
C ALA A 137 9.98 6.43 -8.43
N LEU A 138 8.66 6.58 -8.53
CA LEU A 138 7.93 6.15 -9.73
C LEU A 138 7.63 7.33 -10.67
N ALA A 139 7.90 8.56 -10.22
CA ALA A 139 7.64 9.74 -11.05
C ALA A 139 8.44 10.93 -10.54
N GLY A 140 9.70 10.68 -10.16
CA GLY A 140 10.57 11.74 -9.67
C GLY A 140 10.99 12.68 -10.80
N MET B 1 20.30 26.91 5.16
CA MET B 1 21.03 27.53 6.30
C MET B 1 22.38 28.05 5.82
N ALA B 2 22.63 29.34 6.02
CA ALA B 2 23.89 29.95 5.60
C ALA B 2 24.29 31.05 6.57
N SER B 3 25.60 31.30 6.68
CA SER B 3 26.11 32.33 7.57
C SER B 3 25.68 33.72 7.11
N MET B 4 25.58 33.90 5.79
CA MET B 4 25.18 35.19 5.23
C MET B 4 24.10 34.99 4.18
N THR B 5 23.33 36.06 3.90
CA THR B 5 22.27 36.00 2.91
C THR B 5 22.82 36.20 1.51
N GLY B 6 22.35 35.41 0.55
CA GLY B 6 22.81 35.52 -0.83
C GLY B 6 22.07 34.53 -1.73
N GLY B 7 22.45 34.49 -3.00
CA GLY B 7 21.83 33.59 -3.96
C GLY B 7 22.40 32.17 -3.83
N GLN B 8 21.56 31.23 -3.41
CA GLN B 8 21.98 29.85 -3.24
C GLN B 8 21.45 28.99 -4.38
N GLN B 9 22.35 28.22 -5.01
CA GLN B 9 21.97 27.34 -6.11
C GLN B 9 22.73 26.02 -6.03
N MET B 10 22.95 25.54 -4.81
CA MET B 10 23.68 24.29 -4.61
C MET B 10 22.72 23.19 -4.15
N GLY B 11 23.23 21.96 -4.08
CA GLY B 11 22.41 20.82 -3.68
C GLY B 11 22.00 20.92 -2.21
N ARG B 12 22.20 19.84 -1.46
CA ARG B 12 21.83 19.81 -0.04
C ARG B 12 20.33 20.04 0.13
N GLY B 13 19.57 18.95 0.21
CA GLY B 13 18.12 19.04 0.38
C GLY B 13 17.43 19.29 -0.95
N SER B 14 16.12 19.58 -0.89
CA SER B 14 15.35 19.85 -2.10
C SER B 14 14.26 20.89 -1.83
N MET B 15 13.80 21.54 -2.89
CA MET B 15 12.76 22.55 -2.76
C MET B 15 11.41 22.00 -3.23
N GLY B 16 10.36 22.24 -2.45
CA GLY B 16 9.02 21.77 -2.78
C GLY B 16 8.50 22.48 -4.04
N ALA B 17 8.80 23.77 -4.16
CA ALA B 17 8.36 24.55 -5.31
C ALA B 17 9.16 24.18 -6.55
N ALA B 18 8.50 24.19 -7.70
CA ALA B 18 9.17 23.88 -8.96
C ALA B 18 10.17 24.97 -9.34
N SER B 19 11.28 24.57 -9.96
CA SER B 19 12.30 25.52 -10.37
C SER B 19 12.87 25.15 -11.74
N ALA B 20 13.38 23.93 -11.86
CA ALA B 20 13.96 23.46 -13.11
C ALA B 20 12.88 23.31 -14.18
N ALA B 21 11.73 22.75 -13.78
CA ALA B 21 10.60 22.56 -14.70
C ALA B 21 11.00 21.70 -15.89
N VAL B 22 10.63 20.42 -15.85
CA VAL B 22 10.96 19.49 -16.94
C VAL B 22 9.68 19.02 -17.62
N SER B 23 9.68 19.06 -18.96
CA SER B 23 8.52 18.62 -19.73
C SER B 23 8.93 17.54 -20.72
N VAL B 24 8.00 16.60 -20.98
CA VAL B 24 8.26 15.51 -21.91
C VAL B 24 7.12 15.36 -22.91
N GLY B 25 7.43 14.85 -24.10
CA GLY B 25 6.42 14.65 -25.13
C GLY B 25 5.41 13.58 -24.71
N GLY B 26 5.89 12.57 -23.98
CA GLY B 26 5.02 11.49 -23.54
C GLY B 26 4.82 10.45 -24.64
N TYR B 27 5.90 10.16 -25.38
CA TYR B 27 5.83 9.20 -26.47
C TYR B 27 5.56 7.79 -25.94
N GLY B 28 6.17 7.48 -24.79
CA GLY B 28 5.98 6.16 -24.18
C GLY B 28 6.34 6.20 -22.69
N PRO B 29 5.74 5.35 -21.89
CA PRO B 29 6.06 5.30 -20.42
C PRO B 29 7.39 4.61 -20.15
N GLN B 30 8.17 5.17 -19.23
CA GLN B 30 9.47 4.61 -18.88
C GLN B 30 9.29 3.26 -18.19
N SER B 31 8.25 3.15 -17.37
CA SER B 31 7.97 1.90 -16.64
C SER B 31 6.53 1.46 -16.86
N SER B 32 6.29 0.16 -16.75
CA SER B 32 4.94 -0.38 -16.92
C SER B 32 3.99 0.13 -15.84
N SER B 33 4.53 0.34 -14.64
CA SER B 33 3.74 0.86 -13.52
C SER B 33 4.46 2.01 -12.84
N ALA B 34 3.74 3.10 -12.58
CA ALA B 34 4.32 4.28 -11.94
C ALA B 34 3.25 5.35 -11.67
N PRO B 35 2.58 5.83 -12.69
CA PRO B 35 1.53 6.89 -12.51
C PRO B 35 0.42 6.45 -11.54
N VAL B 36 0.23 5.13 -11.41
CA VAL B 36 -0.76 4.60 -10.47
C VAL B 36 -0.37 4.96 -9.03
N ALA B 37 0.89 4.72 -8.69
CA ALA B 37 1.39 5.04 -7.35
C ALA B 37 1.39 6.55 -7.13
N SER B 38 1.68 7.31 -8.19
CA SER B 38 1.73 8.77 -8.10
C SER B 38 0.36 9.32 -7.69
N ALA B 39 -0.70 8.81 -8.32
CA ALA B 39 -2.06 9.25 -7.99
C ALA B 39 -2.42 8.86 -6.56
N ALA B 40 -2.03 7.65 -6.16
CA ALA B 40 -2.31 7.16 -4.81
C ALA B 40 -1.62 8.03 -3.76
N ALA B 41 -0.40 8.50 -4.09
CA ALA B 41 0.35 9.36 -3.19
C ALA B 41 -0.34 10.72 -3.05
N SER B 42 -0.89 11.21 -4.16
CA SER B 42 -1.53 12.53 -4.17
C SER B 42 -2.74 12.55 -3.24
N ARG B 43 -3.61 11.55 -3.37
CA ARG B 43 -4.79 11.47 -2.51
C ARG B 43 -4.42 10.97 -1.11
N LEU B 44 -3.28 10.28 -0.99
CA LEU B 44 -2.72 9.92 0.31
C LEU B 44 -2.34 11.18 1.10
N SER B 45 -1.93 12.23 0.38
CA SER B 45 -1.59 13.51 1.01
C SER B 45 -2.85 14.33 1.35
N SER B 46 -4.03 13.82 1.01
CA SER B 46 -5.28 14.53 1.31
C SER B 46 -5.52 14.59 2.83
N PRO B 47 -6.22 15.59 3.30
CA PRO B 47 -6.52 15.74 4.77
C PRO B 47 -7.20 14.50 5.35
N ALA B 48 -8.01 13.84 4.54
CA ALA B 48 -8.73 12.64 4.98
C ALA B 48 -7.75 11.52 5.32
N ALA B 49 -6.72 11.37 4.49
CA ALA B 49 -5.73 10.31 4.70
C ALA B 49 -4.93 10.58 5.97
N SER B 50 -4.50 11.82 6.16
CA SER B 50 -3.68 12.18 7.32
C SER B 50 -4.41 11.87 8.63
N SER B 51 -5.71 12.17 8.66
CA SER B 51 -6.52 11.92 9.86
C SER B 51 -6.57 10.41 10.16
N ARG B 52 -6.72 9.61 9.12
CA ARG B 52 -6.74 8.15 9.28
C ARG B 52 -5.41 7.63 9.79
N VAL B 53 -4.32 8.29 9.39
CA VAL B 53 -2.99 7.92 9.87
C VAL B 53 -2.92 8.09 11.39
N SER B 54 -3.42 9.22 11.89
CA SER B 54 -3.42 9.49 13.33
C SER B 54 -4.20 8.40 14.08
N SER B 55 -5.38 8.05 13.55
CA SER B 55 -6.22 7.02 14.16
C SER B 55 -5.49 5.68 14.19
N ALA B 56 -4.74 5.39 13.12
CA ALA B 56 -3.96 4.16 13.05
C ALA B 56 -2.90 4.12 14.15
N VAL B 57 -2.35 5.28 14.50
CA VAL B 57 -1.36 5.38 15.56
C VAL B 57 -1.97 4.97 16.90
N SER B 58 -3.10 5.59 17.25
CA SER B 58 -3.73 5.32 18.54
C SER B 58 -4.10 3.85 18.69
N SER B 59 -4.58 3.24 17.59
CA SER B 59 -5.01 1.85 17.63
C SER B 59 -3.82 0.92 17.89
N LEU B 60 -2.77 1.08 17.11
CA LEU B 60 -1.59 0.22 17.24
C LEU B 60 -0.88 0.45 18.57
N VAL B 61 -0.80 1.71 18.98
CA VAL B 61 -0.07 2.08 20.20
C VAL B 61 -0.75 1.49 21.44
N SER B 62 -2.07 1.64 21.53
CA SER B 62 -2.80 1.22 22.72
C SER B 62 -2.90 -0.29 22.80
N SER B 63 -3.20 -0.94 21.68
CA SER B 63 -3.40 -2.39 21.65
C SER B 63 -2.06 -3.12 21.66
N GLY B 64 -1.08 -2.58 20.95
CA GLY B 64 0.22 -3.22 20.84
C GLY B 64 0.83 -2.99 19.44
N PRO B 65 1.79 -2.08 19.33
CA PRO B 65 2.42 -1.75 18.00
C PRO B 65 2.72 -2.97 17.13
N THR B 66 3.05 -4.11 17.76
CA THR B 66 3.50 -5.29 17.01
C THR B 66 2.66 -6.52 17.36
N ASN B 67 1.38 -6.30 17.67
CA ASN B 67 0.48 -7.40 18.01
C ASN B 67 -0.33 -7.82 16.79
N GLN B 68 -0.56 -9.14 16.67
CA GLN B 68 -1.38 -9.67 15.57
C GLN B 68 -2.81 -9.13 15.65
N ALA B 69 -3.37 -9.13 16.86
CA ALA B 69 -4.75 -8.69 17.06
C ALA B 69 -4.89 -7.20 16.78
N ALA B 70 -3.94 -6.41 17.27
CA ALA B 70 -4.01 -4.95 17.11
C ALA B 70 -3.89 -4.56 15.64
N LEU B 71 -2.96 -5.20 14.93
CA LEU B 71 -2.73 -4.89 13.52
C LEU B 71 -3.98 -5.23 12.69
N SER B 72 -4.61 -6.36 13.00
CA SER B 72 -5.82 -6.77 12.28
C SER B 72 -6.93 -5.73 12.44
N ASN B 73 -7.04 -5.18 13.63
CA ASN B 73 -8.04 -4.14 13.90
C ASN B 73 -7.78 -2.90 13.06
N THR B 74 -6.50 -2.54 12.92
CA THR B 74 -6.12 -1.34 12.18
C THR B 74 -6.46 -1.49 10.69
N ILE B 75 -6.10 -2.63 10.11
CA ILE B 75 -6.34 -2.85 8.69
C ILE B 75 -7.83 -2.84 8.37
N SER B 76 -8.62 -3.53 9.20
CA SER B 76 -10.06 -3.63 8.96
C SER B 76 -10.73 -2.25 8.99
N SER B 77 -10.46 -1.51 10.06
CA SER B 77 -11.09 -0.19 10.23
C SER B 77 -10.68 0.77 9.13
N VAL B 78 -9.39 0.83 8.82
CA VAL B 78 -8.87 1.79 7.84
C VAL B 78 -9.45 1.49 6.45
N VAL B 79 -9.41 0.22 6.05
CA VAL B 79 -9.88 -0.17 4.72
C VAL B 79 -11.36 0.21 4.54
N SER B 80 -12.16 -0.03 5.57
CA SER B 80 -13.60 0.25 5.51
C SER B 80 -13.84 1.74 5.27
N GLN B 81 -13.25 2.58 6.12
CA GLN B 81 -13.49 4.02 6.06
C GLN B 81 -12.95 4.62 4.76
N VAL B 82 -11.80 4.13 4.30
CA VAL B 82 -11.21 4.61 3.05
C VAL B 82 -12.14 4.32 1.86
N SER B 83 -12.82 3.18 1.93
CA SER B 83 -13.82 2.84 0.91
C SER B 83 -14.99 3.82 0.95
N ALA B 84 -15.37 4.22 2.17
CA ALA B 84 -16.51 5.13 2.35
C ALA B 84 -16.25 6.48 1.68
N SER B 85 -15.02 6.98 1.82
CA SER B 85 -14.65 8.26 1.21
C SER B 85 -14.50 8.11 -0.31
N ASN B 86 -14.00 6.95 -0.73
CA ASN B 86 -13.69 6.71 -2.14
C ASN B 86 -14.61 5.64 -2.73
N PRO B 87 -15.88 5.96 -2.92
CA PRO B 87 -16.80 5.09 -3.72
C PRO B 87 -16.61 5.27 -5.22
N GLY B 88 -16.30 6.50 -5.63
CA GLY B 88 -16.09 6.80 -7.04
C GLY B 88 -14.87 6.06 -7.60
N LEU B 89 -13.88 5.81 -6.73
CA LEU B 89 -12.66 5.15 -7.16
C LEU B 89 -12.86 3.65 -7.30
N SER B 90 -12.04 3.02 -8.15
CA SER B 90 -12.17 1.59 -8.41
C SER B 90 -11.80 0.78 -7.17
N GLY B 91 -12.20 -0.49 -7.16
CA GLY B 91 -11.95 -1.37 -6.02
C GLY B 91 -10.46 -1.49 -5.73
N CYS B 92 -9.65 -1.60 -6.79
CA CYS B 92 -8.20 -1.72 -6.62
C CYS B 92 -7.62 -0.44 -6.02
N ASP B 93 -8.18 0.71 -6.40
CA ASP B 93 -7.73 2.00 -5.87
C ASP B 93 -7.93 2.05 -4.35
N VAL B 94 -9.05 1.49 -3.89
CA VAL B 94 -9.34 1.47 -2.45
C VAL B 94 -8.29 0.62 -1.71
N LEU B 95 -7.94 -0.53 -2.30
CA LEU B 95 -6.95 -1.41 -1.68
C LEU B 95 -5.58 -0.74 -1.59
N VAL B 96 -5.21 -0.02 -2.64
CA VAL B 96 -3.93 0.69 -2.67
C VAL B 96 -3.88 1.73 -1.54
N GLN B 97 -4.98 2.47 -1.39
CA GLN B 97 -5.02 3.57 -0.43
C GLN B 97 -4.86 3.07 1.00
N ALA B 98 -5.55 1.97 1.32
CA ALA B 98 -5.49 1.40 2.66
C ALA B 98 -4.08 0.89 2.98
N LEU B 99 -3.47 0.21 2.01
CA LEU B 99 -2.19 -0.46 2.25
C LEU B 99 -1.08 0.54 2.52
N LEU B 100 -0.92 1.53 1.64
CA LEU B 100 0.18 2.49 1.79
C LEU B 100 -0.05 3.40 3.00
N GLU B 101 -1.32 3.66 3.32
CA GLU B 101 -1.65 4.43 4.53
C GLU B 101 -1.21 3.67 5.78
N VAL B 102 -1.26 2.34 5.73
CA VAL B 102 -0.73 1.51 6.82
C VAL B 102 0.79 1.67 6.90
N VAL B 103 1.44 1.80 5.73
CA VAL B 103 2.89 1.99 5.69
C VAL B 103 3.27 3.29 6.40
N SER B 104 2.51 4.35 6.17
CA SER B 104 2.78 5.65 6.78
C SER B 104 2.60 5.60 8.29
N ALA B 105 1.59 4.87 8.75
CA ALA B 105 1.35 4.73 10.19
C ALA B 105 2.54 4.04 10.86
N LEU B 106 3.03 2.97 10.22
CA LEU B 106 4.17 2.22 10.77
C LEU B 106 5.44 3.09 10.77
N VAL B 107 5.58 3.93 9.75
CA VAL B 107 6.72 4.86 9.69
C VAL B 107 6.68 5.82 10.89
N SER B 108 5.48 6.29 11.23
CA SER B 108 5.31 7.21 12.37
C SER B 108 5.77 6.55 13.67
N ILE B 109 5.42 5.28 13.84
CA ILE B 109 5.79 4.54 15.04
C ILE B 109 7.32 4.39 15.10
N LEU B 110 7.93 4.07 13.97
CA LEU B 110 9.38 3.87 13.91
C LEU B 110 10.13 5.15 14.25
N GLY B 111 9.66 6.28 13.70
CA GLY B 111 10.34 7.57 13.88
C GLY B 111 10.30 8.00 15.34
N SER B 112 9.16 7.77 16.00
CA SER B 112 9.00 8.13 17.40
C SER B 112 9.58 7.05 18.33
N SER B 113 9.69 5.82 17.83
CA SER B 113 10.16 4.70 18.64
C SER B 113 11.67 4.51 18.50
N SER B 114 12.23 3.71 19.39
CA SER B 114 13.67 3.47 19.40
C SER B 114 14.01 2.16 18.71
N ILE B 115 15.07 2.17 17.92
CA ILE B 115 15.48 0.97 17.18
C ILE B 115 16.60 0.24 17.94
N GLY B 116 16.31 -1.00 18.33
CA GLY B 116 17.29 -1.82 19.04
C GLY B 116 17.98 -2.79 18.08
N GLN B 117 17.91 -4.08 18.41
CA GLN B 117 18.47 -5.12 17.53
C GLN B 117 17.36 -5.71 16.66
N ILE B 118 17.60 -5.76 15.35
CA ILE B 118 16.61 -6.26 14.42
C ILE B 118 16.80 -7.76 14.17
N ASN B 119 15.78 -8.54 14.51
CA ASN B 119 15.80 -9.97 14.24
C ASN B 119 15.51 -10.24 12.77
N TYR B 120 16.58 -10.46 12.00
CA TYR B 120 16.47 -10.54 10.55
C TYR B 120 15.66 -11.75 10.11
N GLY B 121 15.88 -12.88 10.78
CA GLY B 121 15.22 -14.13 10.40
C GLY B 121 13.71 -14.06 10.62
N ALA B 122 13.30 -13.35 11.67
CA ALA B 122 11.88 -13.26 12.03
C ALA B 122 11.10 -12.35 11.09
N SER B 123 11.79 -11.64 10.19
CA SER B 123 11.14 -10.71 9.27
C SER B 123 10.06 -11.43 8.44
N ALA B 124 10.31 -12.69 8.11
CA ALA B 124 9.35 -13.48 7.35
C ALA B 124 8.08 -13.72 8.18
N GLN B 125 8.24 -13.90 9.49
CA GLN B 125 7.11 -14.14 10.37
C GLN B 125 6.20 -12.93 10.42
N TYR B 126 6.80 -11.74 10.52
CA TYR B 126 6.03 -10.49 10.53
C TYR B 126 5.31 -10.29 9.19
N THR B 127 5.92 -10.77 8.11
CA THR B 127 5.27 -10.76 6.79
C THR B 127 3.98 -11.58 6.84
N GLN B 128 4.02 -12.70 7.56
CA GLN B 128 2.82 -13.52 7.74
C GLN B 128 1.75 -12.77 8.53
N MET B 129 2.18 -11.94 9.48
CA MET B 129 1.25 -11.15 10.29
C MET B 129 0.42 -10.22 9.41
N VAL B 130 1.08 -9.50 8.50
CA VAL B 130 0.39 -8.56 7.62
C VAL B 130 -0.56 -9.30 6.67
N GLY B 131 -0.05 -10.36 6.03
CA GLY B 131 -0.88 -11.16 5.14
C GLY B 131 -2.11 -11.72 5.87
N GLN B 132 -1.92 -12.10 7.13
CA GLN B 132 -3.01 -12.65 7.94
C GLN B 132 -4.10 -11.60 8.18
N SER B 133 -3.68 -10.38 8.51
CA SER B 133 -4.63 -9.32 8.81
C SER B 133 -5.50 -8.99 7.60
N VAL B 134 -4.90 -9.04 6.41
CA VAL B 134 -5.63 -8.77 5.17
C VAL B 134 -6.71 -9.83 4.94
N ALA B 135 -6.30 -11.10 5.00
CA ALA B 135 -7.22 -12.20 4.69
C ALA B 135 -8.38 -12.25 5.68
N GLN B 136 -8.06 -12.16 6.97
CA GLN B 136 -9.08 -12.29 8.02
C GLN B 136 -10.06 -11.12 7.99
N ALA B 137 -9.54 -9.91 7.84
CA ALA B 137 -10.38 -8.71 7.91
C ALA B 137 -11.34 -8.63 6.73
N LEU B 138 -10.83 -8.92 5.52
CA LEU B 138 -11.63 -8.78 4.31
C LEU B 138 -12.22 -10.11 3.85
N ALA B 139 -11.81 -11.22 4.46
CA ALA B 139 -12.31 -12.53 4.08
C ALA B 139 -12.09 -13.55 5.21
N GLY B 140 -12.33 -13.12 6.44
CA GLY B 140 -12.16 -13.98 7.60
C GLY B 140 -13.26 -15.05 7.65
N MET A 1 -39.49 -24.84 -20.65
CA MET A 1 -38.47 -23.81 -20.31
C MET A 1 -38.99 -22.93 -19.17
N ALA A 2 -40.16 -22.33 -19.39
CA ALA A 2 -40.75 -21.47 -18.37
C ALA A 2 -41.80 -22.24 -17.56
N SER A 3 -41.87 -21.95 -16.26
CA SER A 3 -42.82 -22.62 -15.37
C SER A 3 -43.83 -21.63 -14.81
N MET A 4 -45.08 -22.08 -14.65
CA MET A 4 -46.13 -21.22 -14.12
C MET A 4 -45.84 -20.82 -12.68
N THR A 5 -45.23 -21.74 -11.92
CA THR A 5 -44.90 -21.47 -10.52
C THR A 5 -43.38 -21.49 -10.32
N GLY A 6 -42.93 -20.90 -9.21
CA GLY A 6 -41.50 -20.86 -8.91
C GLY A 6 -40.84 -19.66 -9.59
N GLY A 7 -39.51 -19.64 -9.58
CA GLY A 7 -38.76 -18.55 -10.19
C GLY A 7 -37.51 -18.23 -9.39
N GLN A 8 -37.70 -17.76 -8.15
CA GLN A 8 -36.58 -17.41 -7.27
C GLN A 8 -35.71 -16.31 -7.89
N GLN A 9 -36.35 -15.40 -8.63
CA GLN A 9 -35.64 -14.30 -9.28
C GLN A 9 -34.60 -14.83 -10.27
N MET A 10 -34.99 -15.86 -11.03
CA MET A 10 -34.10 -16.47 -12.01
C MET A 10 -34.44 -15.97 -13.41
N GLY A 11 -33.52 -16.22 -14.36
CA GLY A 11 -33.72 -15.78 -15.73
C GLY A 11 -33.35 -14.31 -15.90
N ARG A 12 -32.30 -13.88 -15.20
CA ARG A 12 -31.85 -12.49 -15.29
C ARG A 12 -31.26 -12.20 -16.66
N GLY A 13 -31.39 -10.96 -17.11
CA GLY A 13 -30.89 -10.55 -18.42
C GLY A 13 -31.98 -10.62 -19.47
N SER A 14 -32.28 -9.48 -20.08
CA SER A 14 -33.34 -9.40 -21.09
C SER A 14 -32.96 -10.22 -22.33
N MET A 15 -31.73 -10.03 -22.81
CA MET A 15 -31.25 -10.75 -23.98
C MET A 15 -31.05 -12.23 -23.67
N GLY A 16 -30.35 -12.51 -22.56
CA GLY A 16 -30.12 -13.89 -22.14
C GLY A 16 -29.25 -14.63 -23.15
N ALA A 17 -28.33 -13.91 -23.80
CA ALA A 17 -27.46 -14.50 -24.82
C ALA A 17 -26.03 -14.62 -24.31
N ALA A 18 -25.40 -13.47 -24.06
CA ALA A 18 -24.01 -13.45 -23.62
C ALA A 18 -23.82 -12.43 -22.48
N SER A 19 -24.81 -12.34 -21.60
CA SER A 19 -24.75 -11.41 -20.48
C SER A 19 -24.50 -12.15 -19.18
N ALA A 20 -23.73 -11.54 -18.28
CA ALA A 20 -23.39 -12.15 -17.00
C ALA A 20 -24.20 -11.50 -15.88
N ALA A 21 -24.48 -12.28 -14.83
CA ALA A 21 -25.24 -11.76 -13.70
C ALA A 21 -24.36 -10.89 -12.81
N VAL A 22 -24.48 -9.58 -12.97
CA VAL A 22 -23.70 -8.63 -12.18
C VAL A 22 -24.62 -7.59 -11.53
N SER A 23 -24.38 -7.31 -10.25
CA SER A 23 -25.20 -6.34 -9.52
C SER A 23 -24.82 -4.92 -9.93
N VAL A 24 -25.77 -4.00 -9.76
CA VAL A 24 -25.54 -2.60 -10.11
C VAL A 24 -25.95 -1.69 -8.95
N GLY A 25 -25.12 -0.70 -8.66
CA GLY A 25 -25.41 0.24 -7.57
C GLY A 25 -24.30 1.28 -7.43
N GLY A 26 -24.46 2.18 -6.46
CA GLY A 26 -23.46 3.22 -6.23
C GLY A 26 -23.41 3.59 -4.75
N TYR A 27 -23.60 2.61 -3.87
CA TYR A 27 -23.57 2.84 -2.43
C TYR A 27 -22.32 2.21 -1.80
N GLY A 28 -21.24 2.12 -2.57
CA GLY A 28 -20.01 1.52 -2.08
C GLY A 28 -20.19 0.02 -1.83
N PRO A 29 -20.53 -0.74 -2.86
CA PRO A 29 -20.75 -2.21 -2.71
C PRO A 29 -19.44 -2.97 -2.50
N GLN A 30 -19.51 -4.08 -1.77
CA GLN A 30 -18.34 -4.91 -1.50
C GLN A 30 -18.29 -6.08 -2.48
N SER A 31 -18.48 -5.78 -3.77
CA SER A 31 -18.50 -6.83 -4.80
C SER A 31 -17.16 -7.59 -4.84
N SER A 32 -16.12 -6.93 -5.34
CA SER A 32 -14.80 -7.57 -5.45
C SER A 32 -13.75 -6.73 -4.71
N SER A 33 -14.08 -6.32 -3.48
CA SER A 33 -13.15 -5.55 -2.67
C SER A 33 -12.26 -6.47 -1.85
N ALA A 34 -12.83 -7.56 -1.35
CA ALA A 34 -12.08 -8.52 -0.55
C ALA A 34 -11.02 -9.25 -1.39
N PRO A 35 -11.42 -9.94 -2.44
CA PRO A 35 -10.52 -10.93 -3.12
C PRO A 35 -9.22 -10.30 -3.63
N VAL A 36 -9.23 -8.98 -3.83
CA VAL A 36 -8.02 -8.28 -4.27
C VAL A 36 -6.92 -8.38 -3.21
N ALA A 37 -7.27 -8.02 -1.97
CA ALA A 37 -6.32 -8.10 -0.86
C ALA A 37 -5.97 -9.56 -0.57
N SER A 38 -6.94 -10.45 -0.76
CA SER A 38 -6.71 -11.88 -0.53
C SER A 38 -5.63 -12.43 -1.46
N ALA A 39 -5.69 -12.02 -2.73
CA ALA A 39 -4.70 -12.44 -3.72
C ALA A 39 -3.33 -11.88 -3.37
N ALA A 40 -3.30 -10.63 -2.91
CA ALA A 40 -2.04 -9.99 -2.52
C ALA A 40 -1.40 -10.72 -1.34
N ALA A 41 -2.22 -11.19 -0.40
CA ALA A 41 -1.72 -11.93 0.75
C ALA A 41 -1.18 -13.28 0.34
N SER A 42 -1.84 -13.92 -0.63
CA SER A 42 -1.43 -15.26 -1.08
C SER A 42 -0.04 -15.21 -1.70
N ARG A 43 0.17 -14.28 -2.63
CA ARG A 43 1.47 -14.14 -3.27
C ARG A 43 2.49 -13.46 -2.34
N LEU A 44 1.99 -12.72 -1.34
CA LEU A 44 2.83 -12.26 -0.22
C LEU A 44 3.39 -13.48 0.54
N SER A 45 2.61 -14.56 0.60
CA SER A 45 3.04 -15.77 1.28
C SER A 45 4.08 -16.55 0.48
N SER A 46 4.17 -16.28 -0.84
CA SER A 46 5.10 -17.00 -1.70
C SER A 46 6.55 -16.76 -1.28
N PRO A 47 7.44 -17.69 -1.55
CA PRO A 47 8.89 -17.55 -1.17
C PRO A 47 9.51 -16.26 -1.72
N ALA A 48 9.03 -15.84 -2.90
CA ALA A 48 9.54 -14.62 -3.54
C ALA A 48 9.24 -13.39 -2.67
N ALA A 49 8.02 -13.35 -2.12
CA ALA A 49 7.61 -12.22 -1.30
C ALA A 49 8.43 -12.17 0.00
N SER A 50 8.61 -13.33 0.63
CA SER A 50 9.34 -13.40 1.90
C SER A 50 10.77 -12.88 1.74
N SER A 51 11.41 -13.26 0.63
CA SER A 51 12.79 -12.86 0.37
C SER A 51 12.89 -11.34 0.24
N ARG A 52 11.92 -10.74 -0.47
CA ARG A 52 11.91 -9.29 -0.65
C ARG A 52 11.72 -8.57 0.68
N VAL A 53 10.92 -9.16 1.57
CA VAL A 53 10.70 -8.58 2.90
C VAL A 53 12.01 -8.50 3.67
N SER A 54 12.79 -9.58 3.63
CA SER A 54 14.09 -9.60 4.31
C SER A 54 15.01 -8.49 3.78
N SER A 55 15.04 -8.36 2.45
CA SER A 55 15.86 -7.33 1.81
C SER A 55 15.41 -5.93 2.24
N ALA A 56 14.10 -5.76 2.41
CA ALA A 56 13.55 -4.50 2.89
C ALA A 56 14.05 -4.19 4.30
N VAL A 57 14.24 -5.23 5.12
CA VAL A 57 14.75 -5.05 6.47
C VAL A 57 16.17 -4.48 6.43
N SER A 58 17.06 -5.13 5.69
CA SER A 58 18.45 -4.70 5.63
C SER A 58 18.56 -3.27 5.10
N SER A 59 17.74 -2.92 4.12
CA SER A 59 17.78 -1.60 3.50
C SER A 59 17.41 -0.52 4.51
N LEU A 60 16.29 -0.71 5.20
CA LEU A 60 15.81 0.29 6.17
C LEU A 60 16.75 0.38 7.36
N VAL A 61 17.27 -0.76 7.81
CA VAL A 61 18.13 -0.81 9.00
C VAL A 61 19.45 -0.06 8.76
N SER A 62 20.10 -0.35 7.63
CA SER A 62 21.42 0.23 7.35
C SER A 62 21.31 1.71 6.98
N SER A 63 20.33 2.03 6.13
CA SER A 63 20.17 3.40 5.66
C SER A 63 19.58 4.30 6.75
N GLY A 64 18.64 3.74 7.52
CA GLY A 64 17.95 4.51 8.54
C GLY A 64 16.46 4.14 8.59
N PRO A 65 16.03 3.40 9.59
CA PRO A 65 14.59 3.00 9.74
C PRO A 65 13.59 4.12 9.43
N THR A 66 13.97 5.37 9.73
CA THR A 66 13.05 6.49 9.60
C THR A 66 13.63 7.60 8.70
N ASN A 67 14.45 7.21 7.74
CA ASN A 67 15.07 8.17 6.83
C ASN A 67 14.25 8.31 5.54
N GLN A 68 14.13 9.54 5.04
CA GLN A 68 13.43 9.78 3.78
C GLN A 68 14.13 9.08 2.62
N ALA A 69 15.47 9.19 2.59
CA ALA A 69 16.25 8.59 1.51
C ALA A 69 16.18 7.07 1.56
N ALA A 70 16.18 6.52 2.78
CA ALA A 70 16.15 5.06 2.94
C ALA A 70 14.82 4.49 2.47
N LEU A 71 13.72 5.15 2.84
CA LEU A 71 12.39 4.69 2.45
C LEU A 71 12.22 4.72 0.94
N SER A 72 12.74 5.76 0.30
CA SER A 72 12.64 5.90 -1.15
C SER A 72 13.38 4.75 -1.86
N ASN A 73 14.55 4.41 -1.33
CA ASN A 73 15.36 3.35 -1.94
C ASN A 73 14.66 2.00 -1.87
N THR A 74 14.10 1.68 -0.70
CA THR A 74 13.44 0.39 -0.49
C THR A 74 12.21 0.26 -1.38
N ILE A 75 11.38 1.31 -1.42
CA ILE A 75 10.14 1.27 -2.19
C ILE A 75 10.43 1.10 -3.68
N SER A 76 11.39 1.88 -4.19
CA SER A 76 11.72 1.84 -5.62
C SER A 76 12.20 0.46 -6.03
N SER A 77 13.15 -0.08 -5.27
CA SER A 77 13.76 -1.38 -5.60
C SER A 77 12.71 -2.50 -5.54
N VAL A 78 11.91 -2.50 -4.48
CA VAL A 78 10.92 -3.56 -4.26
C VAL A 78 9.86 -3.55 -5.38
N VAL A 79 9.35 -2.36 -5.70
CA VAL A 79 8.30 -2.23 -6.71
C VAL A 79 8.79 -2.78 -8.05
N SER A 80 10.03 -2.45 -8.41
CA SER A 80 10.61 -2.90 -9.67
C SER A 80 10.65 -4.43 -9.75
N GLN A 81 11.26 -5.03 -8.73
CA GLN A 81 11.47 -6.49 -8.75
C GLN A 81 10.14 -7.24 -8.65
N VAL A 82 9.19 -6.70 -7.90
CA VAL A 82 7.86 -7.32 -7.78
C VAL A 82 7.17 -7.36 -9.15
N SER A 83 7.37 -6.30 -9.94
CA SER A 83 6.85 -6.27 -11.31
C SER A 83 7.51 -7.36 -12.16
N ALA A 84 8.81 -7.58 -11.95
CA ALA A 84 9.56 -8.56 -12.72
C ALA A 84 9.00 -9.96 -12.52
N SER A 85 8.67 -10.30 -11.28
CA SER A 85 8.12 -11.61 -10.96
C SER A 85 6.67 -11.72 -11.46
N ASN A 86 5.94 -10.61 -11.37
CA ASN A 86 4.52 -10.61 -11.69
C ASN A 86 4.24 -9.79 -12.96
N PRO A 87 4.63 -10.29 -14.12
CA PRO A 87 4.18 -9.69 -15.42
C PRO A 87 2.76 -10.09 -15.77
N GLY A 88 2.36 -11.29 -15.36
CA GLY A 88 1.02 -11.79 -15.61
C GLY A 88 -0.04 -10.95 -14.88
N LEU A 89 0.34 -10.40 -13.72
CA LEU A 89 -0.58 -9.63 -12.91
C LEU A 89 -0.72 -8.20 -13.45
N SER A 90 -1.87 -7.58 -13.20
CA SER A 90 -2.14 -6.24 -13.71
C SER A 90 -1.25 -5.22 -13.01
N GLY A 91 -1.15 -4.02 -13.60
CA GLY A 91 -0.31 -2.96 -13.04
C GLY A 91 -0.73 -2.60 -11.61
N CYS A 92 -2.04 -2.61 -11.36
CA CYS A 92 -2.56 -2.28 -10.03
C CYS A 92 -2.15 -3.35 -9.02
N ASP A 93 -2.14 -4.61 -9.44
CA ASP A 93 -1.71 -5.71 -8.56
C ASP A 93 -0.25 -5.51 -8.13
N VAL A 94 0.57 -5.00 -9.05
CA VAL A 94 1.97 -4.72 -8.74
C VAL A 94 2.07 -3.69 -7.62
N LEU A 95 1.27 -2.63 -7.72
CA LEU A 95 1.27 -1.56 -6.71
C LEU A 95 0.83 -2.11 -5.35
N VAL A 96 -0.19 -2.97 -5.35
CA VAL A 96 -0.70 -3.56 -4.11
C VAL A 96 0.41 -4.36 -3.42
N GLN A 97 1.10 -5.19 -4.20
CA GLN A 97 2.10 -6.10 -3.64
C GLN A 97 3.25 -5.34 -3.00
N ALA A 98 3.71 -4.29 -3.68
CA ALA A 98 4.84 -3.51 -3.18
C ALA A 98 4.45 -2.78 -1.88
N LEU A 99 3.26 -2.21 -1.85
CA LEU A 99 2.86 -1.37 -0.72
C LEU A 99 2.71 -2.18 0.57
N LEU A 100 1.96 -3.28 0.51
CA LEU A 100 1.69 -4.06 1.71
C LEU A 100 2.96 -4.80 2.17
N GLU A 101 3.83 -5.14 1.21
CA GLU A 101 5.11 -5.76 1.55
C GLU A 101 5.99 -4.76 2.33
N VAL A 102 5.84 -3.47 2.04
CA VAL A 102 6.51 -2.44 2.82
C VAL A 102 5.94 -2.40 4.24
N VAL A 103 4.63 -2.63 4.36
CA VAL A 103 3.98 -2.67 5.68
C VAL A 103 4.58 -3.80 6.52
N SER A 104 4.81 -4.95 5.89
CA SER A 104 5.35 -6.11 6.61
C SER A 104 6.79 -5.87 7.07
N ALA A 105 7.56 -5.17 6.24
CA ALA A 105 8.95 -4.85 6.61
C ALA A 105 8.97 -3.97 7.85
N LEU A 106 8.07 -2.97 7.88
CA LEU A 106 7.98 -2.08 9.03
C LEU A 106 7.50 -2.83 10.28
N VAL A 107 6.63 -3.81 10.09
CA VAL A 107 6.16 -4.64 11.21
C VAL A 107 7.33 -5.39 11.84
N SER A 108 8.21 -5.93 11.00
CA SER A 108 9.39 -6.65 11.48
C SER A 108 10.29 -5.74 12.33
N ILE A 109 10.46 -4.50 11.86
CA ILE A 109 11.29 -3.54 12.58
C ILE A 109 10.66 -3.22 13.95
N LEU A 110 9.35 -3.03 13.96
CA LEU A 110 8.64 -2.69 15.21
C LEU A 110 8.75 -3.82 16.24
N GLY A 111 8.62 -5.06 15.78
CA GLY A 111 8.65 -6.21 16.67
C GLY A 111 10.02 -6.38 17.32
N SER A 112 11.07 -6.13 16.54
CA SER A 112 12.44 -6.25 17.05
C SER A 112 12.88 -4.95 17.76
N SER A 113 12.24 -3.84 17.44
CA SER A 113 12.63 -2.55 17.98
C SER A 113 11.81 -2.21 19.22
N SER A 114 12.26 -1.20 19.97
CA SER A 114 11.62 -0.81 21.21
C SER A 114 10.72 0.40 21.00
N ILE A 115 9.55 0.39 21.63
CA ILE A 115 8.59 1.49 21.49
C ILE A 115 8.70 2.43 22.67
N GLY A 116 9.04 3.70 22.39
CA GLY A 116 9.16 4.71 23.43
C GLY A 116 7.90 5.57 23.49
N GLN A 117 8.08 6.89 23.44
CA GLN A 117 6.94 7.81 23.41
C GLN A 117 6.60 8.19 21.98
N ILE A 118 5.33 8.05 21.61
CA ILE A 118 4.89 8.32 20.25
C ILE A 118 4.46 9.78 20.11
N ASN A 119 5.17 10.52 19.27
CA ASN A 119 4.80 11.90 18.97
C ASN A 119 3.60 11.92 18.01
N TYR A 120 2.42 12.11 18.57
CA TYR A 120 1.18 11.93 17.81
C TYR A 120 1.05 12.99 16.72
N GLY A 121 1.44 14.22 17.04
CA GLY A 121 1.30 15.33 16.09
C GLY A 121 2.22 15.15 14.87
N ALA A 122 3.40 14.59 15.11
CA ALA A 122 4.38 14.41 14.03
C ALA A 122 3.99 13.28 13.07
N SER A 123 2.97 12.49 13.44
CA SER A 123 2.54 11.36 12.61
C SER A 123 2.17 11.83 11.20
N ALA A 124 1.59 13.02 11.12
CA ALA A 124 1.20 13.60 9.82
C ALA A 124 2.44 13.89 8.97
N GLN A 125 3.52 14.30 9.62
CA GLN A 125 4.77 14.60 8.91
C GLN A 125 5.34 13.33 8.28
N TYR A 126 5.33 12.24 9.04
CA TYR A 126 5.76 10.94 8.52
C TYR A 126 4.86 10.49 7.37
N THR A 127 3.59 10.87 7.42
CA THR A 127 2.67 10.61 6.30
C THR A 127 3.17 11.29 5.02
N GLN A 128 3.69 12.51 5.18
CA GLN A 128 4.27 13.24 4.05
C GLN A 128 5.49 12.51 3.50
N MET A 129 6.26 11.86 4.40
CA MET A 129 7.44 11.11 3.99
C MET A 129 7.07 9.98 3.02
N VAL A 130 6.05 9.21 3.38
CA VAL A 130 5.64 8.06 2.58
C VAL A 130 5.09 8.52 1.22
N GLY A 131 4.19 9.50 1.25
CA GLY A 131 3.64 10.07 0.01
C GLY A 131 4.75 10.60 -0.89
N GLN A 132 5.77 11.22 -0.28
CA GLN A 132 6.90 11.75 -1.02
C GLN A 132 7.67 10.64 -1.74
N SER A 133 7.90 9.54 -1.03
CA SER A 133 8.67 8.43 -1.59
C SER A 133 7.97 7.83 -2.80
N VAL A 134 6.63 7.76 -2.76
CA VAL A 134 5.85 7.23 -3.87
C VAL A 134 6.01 8.12 -5.11
N ALA A 135 5.80 9.41 -4.94
CA ALA A 135 5.81 10.35 -6.07
C ALA A 135 7.19 10.38 -6.73
N GLN A 136 8.24 10.53 -5.91
CA GLN A 136 9.60 10.63 -6.43
C GLN A 136 10.04 9.30 -7.04
N ALA A 137 9.69 8.19 -6.39
CA ALA A 137 10.18 6.87 -6.80
C ALA A 137 9.65 6.49 -8.18
N LEU A 138 8.37 6.75 -8.43
CA LEU A 138 7.75 6.35 -9.69
C LEU A 138 7.74 7.50 -10.71
N ALA A 139 8.13 8.70 -10.28
CA ALA A 139 8.19 9.85 -11.19
C ALA A 139 9.38 9.70 -12.14
N GLY A 140 10.48 9.15 -11.64
CA GLY A 140 11.68 8.96 -12.45
C GLY A 140 12.50 10.24 -12.52
N MET B 1 16.17 17.59 -37.33
CA MET B 1 14.69 17.80 -37.23
C MET B 1 13.99 16.87 -38.23
N ALA B 2 12.67 16.78 -38.10
CA ALA B 2 11.88 15.92 -38.99
C ALA B 2 10.51 16.54 -39.25
N SER B 3 9.93 16.21 -40.40
CA SER B 3 8.61 16.74 -40.76
C SER B 3 7.90 15.81 -41.74
N MET B 4 8.58 15.49 -42.84
CA MET B 4 8.01 14.60 -43.86
C MET B 4 7.81 13.19 -43.30
N THR B 5 8.76 12.76 -42.46
CA THR B 5 8.68 11.44 -41.86
C THR B 5 9.07 11.49 -40.38
N GLY B 6 8.56 10.54 -39.60
CA GLY B 6 8.86 10.48 -38.18
C GLY B 6 8.25 11.66 -37.43
N GLY B 7 7.95 11.47 -36.15
CA GLY B 7 7.37 12.52 -35.33
C GLY B 7 8.45 13.41 -34.73
N GLN B 8 8.03 14.45 -34.00
CA GLN B 8 8.98 15.38 -33.38
C GLN B 8 9.01 15.15 -31.87
N GLN B 9 10.22 14.89 -31.35
CA GLN B 9 10.40 14.67 -29.92
C GLN B 9 10.98 15.92 -29.26
N MET B 10 10.33 16.39 -28.19
CA MET B 10 10.78 17.58 -27.49
C MET B 10 11.59 17.19 -26.25
N GLY B 11 12.64 17.96 -25.97
CA GLY B 11 13.49 17.68 -24.81
C GLY B 11 14.69 18.64 -24.78
N ARG B 12 14.54 19.74 -24.03
CA ARG B 12 15.62 20.73 -23.91
C ARG B 12 16.82 20.13 -23.21
N GLY B 13 16.58 19.28 -22.21
CA GLY B 13 17.65 18.65 -21.46
C GLY B 13 17.28 18.53 -19.99
N SER B 14 18.08 19.16 -19.13
CA SER B 14 17.82 19.12 -17.68
C SER B 14 16.57 19.92 -17.34
N MET B 15 16.05 19.71 -16.12
CA MET B 15 14.86 20.41 -15.67
C MET B 15 15.23 21.71 -14.97
N GLY B 16 14.33 22.70 -15.02
CA GLY B 16 14.56 23.98 -14.38
C GLY B 16 13.26 24.58 -13.86
N ALA B 17 13.33 25.83 -13.41
CA ALA B 17 12.15 26.50 -12.87
C ALA B 17 11.13 26.78 -13.97
N ALA B 18 9.85 26.57 -13.66
CA ALA B 18 8.79 26.79 -14.64
C ALA B 18 7.47 27.15 -13.95
N SER B 19 6.53 27.68 -14.71
CA SER B 19 5.23 28.05 -14.16
C SER B 19 4.43 26.82 -13.77
N ALA B 20 3.40 27.00 -12.95
CA ALA B 20 2.58 25.89 -12.50
C ALA B 20 1.28 25.79 -13.31
N ALA B 21 1.34 26.21 -14.57
CA ALA B 21 0.17 26.15 -15.45
C ALA B 21 0.36 25.07 -16.52
N VAL B 22 -0.72 24.37 -16.84
CA VAL B 22 -0.67 23.31 -17.85
C VAL B 22 -1.65 23.61 -18.98
N SER B 23 -1.15 23.62 -20.22
CA SER B 23 -2.00 23.86 -21.38
C SER B 23 -2.57 22.56 -21.93
N VAL B 24 -1.77 21.49 -21.88
CA VAL B 24 -2.19 20.19 -22.39
C VAL B 24 -2.12 19.15 -21.27
N GLY B 25 -3.13 18.27 -21.23
CA GLY B 25 -3.18 17.23 -20.21
C GLY B 25 -2.06 16.21 -20.40
N GLY B 26 -2.43 14.94 -20.51
CA GLY B 26 -1.44 13.88 -20.69
C GLY B 26 -1.96 12.81 -21.65
N TYR B 27 -1.14 11.78 -21.89
CA TYR B 27 -1.52 10.70 -22.79
C TYR B 27 -1.71 9.39 -22.02
N GLY B 28 -2.56 8.52 -22.56
CA GLY B 28 -2.85 7.24 -21.91
C GLY B 28 -2.18 6.08 -22.65
N PRO B 29 -0.95 5.75 -22.29
CA PRO B 29 -0.22 4.62 -22.95
C PRO B 29 -0.85 3.27 -22.62
N GLN B 30 -0.34 2.21 -23.26
CA GLN B 30 -0.86 0.86 -23.03
C GLN B 30 -0.65 0.42 -21.59
N SER B 31 0.48 0.85 -21.00
CA SER B 31 0.80 0.51 -19.62
C SER B 31 1.21 1.76 -18.85
N SER B 32 0.91 1.78 -17.55
CA SER B 32 1.26 2.92 -16.70
C SER B 32 1.34 2.49 -15.24
N SER B 33 2.55 2.11 -14.80
CA SER B 33 2.76 1.65 -13.44
C SER B 33 2.91 2.83 -12.49
N ALA B 34 3.53 3.90 -12.96
CA ALA B 34 3.82 5.06 -12.12
C ALA B 34 2.52 5.75 -11.64
N PRO B 35 1.69 6.21 -12.55
CA PRO B 35 0.59 7.17 -12.20
C PRO B 35 -0.37 6.61 -11.14
N VAL B 36 -0.41 5.27 -11.01
CA VAL B 36 -1.27 4.64 -10.02
C VAL B 36 -0.80 5.02 -8.60
N ALA B 37 0.49 4.83 -8.34
CA ALA B 37 1.07 5.20 -7.04
C ALA B 37 1.02 6.71 -6.84
N SER B 38 1.19 7.47 -7.93
CA SER B 38 1.15 8.93 -7.86
C SER B 38 -0.22 9.41 -7.38
N ALA B 39 -1.28 8.79 -7.90
CA ALA B 39 -2.65 9.15 -7.50
C ALA B 39 -2.88 8.79 -6.03
N ALA B 40 -2.33 7.66 -5.60
CA ALA B 40 -2.48 7.22 -4.22
C ALA B 40 -1.79 8.20 -3.26
N ALA B 41 -0.64 8.72 -3.69
CA ALA B 41 0.11 9.69 -2.88
C ALA B 41 -0.65 11.01 -2.79
N SER B 42 -1.29 11.40 -3.88
CA SER B 42 -2.00 12.68 -3.93
C SER B 42 -3.17 12.69 -2.94
N ARG B 43 -3.99 11.64 -2.99
CA ARG B 43 -5.12 11.53 -2.07
C ARG B 43 -4.67 11.12 -0.66
N LEU B 44 -3.48 10.50 -0.57
CA LEU B 44 -2.80 10.33 0.73
C LEU B 44 -2.49 11.69 1.35
N SER B 45 -2.21 12.68 0.50
CA SER B 45 -1.91 14.04 0.97
C SER B 45 -3.17 14.77 1.43
N SER B 46 -4.34 14.30 1.01
CA SER B 46 -5.61 14.96 1.36
C SER B 46 -5.84 14.94 2.87
N PRO B 47 -6.56 15.91 3.40
CA PRO B 47 -6.83 15.98 4.88
C PRO B 47 -7.47 14.68 5.40
N ALA B 48 -8.27 14.03 4.55
CA ALA B 48 -8.93 12.78 4.95
C ALA B 48 -7.90 11.69 5.24
N ALA B 49 -6.88 11.61 4.40
CA ALA B 49 -5.84 10.60 4.55
C ALA B 49 -5.04 10.84 5.83
N SER B 50 -4.67 12.10 6.07
CA SER B 50 -3.86 12.45 7.24
C SER B 50 -4.58 12.08 8.54
N SER B 51 -5.89 12.33 8.58
CA SER B 51 -6.68 12.02 9.77
C SER B 51 -6.69 10.53 10.06
N ARG B 52 -6.83 9.72 9.00
CA ARG B 52 -6.84 8.28 9.14
C ARG B 52 -5.50 7.76 9.65
N VAL B 53 -4.42 8.40 9.22
CA VAL B 53 -3.08 8.02 9.66
C VAL B 53 -2.96 8.21 11.17
N SER B 54 -3.44 9.34 11.68
CA SER B 54 -3.40 9.61 13.12
C SER B 54 -4.17 8.54 13.89
N SER B 55 -5.35 8.19 13.39
CA SER B 55 -6.18 7.15 14.02
C SER B 55 -5.45 5.82 14.03
N ALA B 56 -4.70 5.54 12.96
CA ALA B 56 -3.91 4.32 12.88
C ALA B 56 -2.83 4.30 13.96
N VAL B 57 -2.31 5.47 14.30
CA VAL B 57 -1.29 5.58 15.36
C VAL B 57 -1.89 5.14 16.70
N SER B 58 -3.01 5.75 17.07
CA SER B 58 -3.63 5.46 18.37
C SER B 58 -4.00 3.98 18.48
N SER B 59 -4.49 3.41 17.38
CA SER B 59 -4.91 2.01 17.39
C SER B 59 -3.74 1.07 17.65
N LEU B 60 -2.65 1.25 16.91
CA LEU B 60 -1.47 0.40 17.05
C LEU B 60 -0.82 0.58 18.41
N VAL B 61 -0.77 1.83 18.87
CA VAL B 61 -0.09 2.17 20.12
C VAL B 61 -0.80 1.52 21.32
N SER B 62 -2.12 1.68 21.39
CA SER B 62 -2.88 1.21 22.54
C SER B 62 -3.01 -0.31 22.53
N SER B 63 -3.31 -0.86 21.36
CA SER B 63 -3.53 -2.31 21.24
C SER B 63 -2.20 -3.07 21.31
N GLY B 64 -1.16 -2.50 20.70
CA GLY B 64 0.14 -3.14 20.64
C GLY B 64 0.79 -2.93 19.28
N PRO B 65 1.80 -2.08 19.18
CA PRO B 65 2.52 -1.82 17.90
C PRO B 65 2.80 -3.06 17.06
N THR B 66 3.03 -4.20 17.72
CA THR B 66 3.43 -5.43 17.03
C THR B 66 2.49 -6.59 17.36
N ASN B 67 1.23 -6.29 17.62
CA ASN B 67 0.24 -7.32 17.95
C ASN B 67 -0.54 -7.74 16.71
N GLN B 68 -0.81 -9.04 16.59
CA GLN B 68 -1.60 -9.56 15.47
C GLN B 68 -3.01 -8.99 15.50
N ALA B 69 -3.61 -8.96 16.70
CA ALA B 69 -4.98 -8.47 16.85
C ALA B 69 -5.06 -6.98 16.55
N ALA B 70 -4.04 -6.23 16.97
CA ALA B 70 -4.01 -4.79 16.78
C ALA B 70 -3.91 -4.44 15.30
N LEU B 71 -3.04 -5.15 14.58
CA LEU B 71 -2.84 -4.89 13.16
C LEU B 71 -4.12 -5.18 12.38
N SER B 72 -4.82 -6.26 12.74
CA SER B 72 -6.05 -6.64 12.07
C SER B 72 -7.12 -5.55 12.24
N ASN B 73 -7.20 -5.01 13.46
CA ASN B 73 -8.21 -3.99 13.75
C ASN B 73 -7.98 -2.73 12.93
N THR B 74 -6.72 -2.28 12.87
CA THR B 74 -6.38 -1.05 12.17
C THR B 74 -6.65 -1.19 10.67
N ILE B 75 -6.21 -2.31 10.09
CA ILE B 75 -6.36 -2.53 8.65
C ILE B 75 -7.84 -2.58 8.25
N SER B 76 -8.63 -3.33 9.02
CA SER B 76 -10.05 -3.48 8.71
C SER B 76 -10.78 -2.14 8.74
N SER B 77 -10.58 -1.39 9.82
CA SER B 77 -11.26 -0.11 10.01
C SER B 77 -10.87 0.88 8.92
N VAL B 78 -9.56 0.98 8.65
CA VAL B 78 -9.06 1.96 7.68
C VAL B 78 -9.59 1.66 6.27
N VAL B 79 -9.52 0.38 5.87
CA VAL B 79 -9.96 -0.01 4.53
C VAL B 79 -11.43 0.35 4.32
N SER B 80 -12.26 0.10 5.33
CA SER B 80 -13.69 0.39 5.25
C SER B 80 -13.93 1.88 5.01
N GLN B 81 -13.35 2.72 5.88
CA GLN B 81 -13.60 4.16 5.82
C GLN B 81 -13.02 4.78 4.54
N VAL B 82 -11.87 4.26 4.09
CA VAL B 82 -11.24 4.76 2.86
C VAL B 82 -12.16 4.49 1.67
N SER B 83 -12.86 3.35 1.69
CA SER B 83 -13.85 3.05 0.66
C SER B 83 -15.01 4.04 0.70
N ALA B 84 -15.40 4.43 1.93
CA ALA B 84 -16.53 5.34 2.11
C ALA B 84 -16.25 6.70 1.46
N SER B 85 -15.03 7.19 1.63
CA SER B 85 -14.64 8.47 1.05
C SER B 85 -14.46 8.35 -0.45
N ASN B 86 -13.95 7.20 -0.89
CA ASN B 86 -13.62 7.00 -2.30
C ASN B 86 -14.54 5.96 -2.94
N PRO B 87 -15.79 6.30 -3.16
CA PRO B 87 -16.70 5.45 -4.00
C PRO B 87 -16.43 5.64 -5.49
N GLY B 88 -16.02 6.85 -5.87
CA GLY B 88 -15.70 7.15 -7.27
C GLY B 88 -14.51 6.34 -7.76
N LEU B 89 -13.58 6.04 -6.84
CA LEU B 89 -12.36 5.31 -7.21
C LEU B 89 -12.64 3.82 -7.32
N SER B 90 -11.85 3.13 -8.15
CA SER B 90 -12.04 1.70 -8.37
C SER B 90 -11.70 0.91 -7.12
N GLY B 91 -12.15 -0.36 -7.08
CA GLY B 91 -11.91 -1.21 -5.92
C GLY B 91 -10.42 -1.38 -5.65
N CYS B 92 -9.62 -1.46 -6.71
CA CYS B 92 -8.18 -1.63 -6.56
C CYS B 92 -7.56 -0.38 -5.95
N ASP B 93 -8.07 0.79 -6.32
CA ASP B 93 -7.59 2.06 -5.76
C ASP B 93 -7.83 2.09 -4.24
N VAL B 94 -8.95 1.52 -3.81
CA VAL B 94 -9.26 1.44 -2.38
C VAL B 94 -8.19 0.62 -1.64
N LEU B 95 -7.82 -0.51 -2.24
CA LEU B 95 -6.82 -1.39 -1.63
C LEU B 95 -5.46 -0.70 -1.55
N VAL B 96 -5.11 0.06 -2.60
CA VAL B 96 -3.84 0.78 -2.63
C VAL B 96 -3.79 1.80 -1.49
N GLN B 97 -4.87 2.55 -1.32
CA GLN B 97 -4.90 3.65 -0.36
C GLN B 97 -4.75 3.12 1.06
N ALA B 98 -5.45 2.03 1.37
CA ALA B 98 -5.41 1.46 2.71
C ALA B 98 -4.02 0.92 3.04
N LEU B 99 -3.41 0.24 2.07
CA LEU B 99 -2.13 -0.45 2.32
C LEU B 99 -1.01 0.55 2.60
N LEU B 100 -0.83 1.53 1.72
CA LEU B 100 0.27 2.48 1.86
C LEU B 100 0.05 3.41 3.07
N GLU B 101 -1.23 3.68 3.38
CA GLU B 101 -1.55 4.46 4.57
C GLU B 101 -1.13 3.71 5.84
N VAL B 102 -1.19 2.37 5.79
CA VAL B 102 -0.68 1.55 6.90
C VAL B 102 0.84 1.70 6.99
N VAL B 103 1.50 1.81 5.82
CA VAL B 103 2.95 2.00 5.79
C VAL B 103 3.33 3.30 6.49
N SER B 104 2.55 4.35 6.25
CA SER B 104 2.83 5.67 6.84
C SER B 104 2.64 5.64 8.35
N ALA B 105 1.63 4.91 8.82
CA ALA B 105 1.39 4.79 10.26
C ALA B 105 2.59 4.13 10.94
N LEU B 106 3.11 3.08 10.32
CA LEU B 106 4.27 2.37 10.86
C LEU B 106 5.50 3.27 10.85
N VAL B 107 5.62 4.11 9.81
CA VAL B 107 6.74 5.06 9.73
C VAL B 107 6.71 6.02 10.92
N SER B 108 5.52 6.49 11.28
CA SER B 108 5.37 7.41 12.41
C SER B 108 5.82 6.74 13.70
N ILE B 109 5.45 5.47 13.88
CA ILE B 109 5.84 4.72 15.07
C ILE B 109 7.36 4.57 15.14
N LEU B 110 7.97 4.26 13.99
CA LEU B 110 9.42 4.05 13.94
C LEU B 110 10.17 5.33 14.29
N GLY B 111 9.69 6.47 13.77
CA GLY B 111 10.37 7.75 13.98
C GLY B 111 10.33 8.15 15.45
N SER B 112 9.20 7.90 16.11
CA SER B 112 9.05 8.23 17.53
C SER B 112 9.62 7.13 18.43
N SER B 113 9.72 5.91 17.89
CA SER B 113 10.18 4.77 18.69
C SER B 113 11.67 4.56 18.54
N SER B 114 12.24 3.74 19.41
CA SER B 114 13.68 3.50 19.43
C SER B 114 14.00 2.18 18.74
N ILE B 115 15.08 2.18 17.95
CA ILE B 115 15.48 0.97 17.22
C ILE B 115 16.59 0.25 17.97
N GLY B 116 16.32 -1.00 18.35
CA GLY B 116 17.31 -1.81 19.05
C GLY B 116 17.99 -2.78 18.09
N GLN B 117 18.00 -4.07 18.45
CA GLN B 117 18.58 -5.09 17.58
C GLN B 117 17.48 -5.73 16.73
N ILE B 118 17.71 -5.79 15.42
CA ILE B 118 16.71 -6.31 14.50
C ILE B 118 16.91 -7.82 14.29
N ASN B 119 15.93 -8.61 14.71
CA ASN B 119 15.97 -10.06 14.47
C ASN B 119 15.63 -10.34 13.01
N TYR B 120 16.68 -10.55 12.21
CA TYR B 120 16.51 -10.64 10.76
C TYR B 120 15.70 -11.88 10.36
N GLY B 121 15.94 -13.00 11.04
CA GLY B 121 15.28 -14.25 10.70
C GLY B 121 13.77 -14.17 10.97
N ALA B 122 13.40 -13.46 12.04
CA ALA B 122 11.99 -13.36 12.44
C ALA B 122 11.20 -12.46 11.50
N SER B 123 11.89 -11.72 10.62
CA SER B 123 11.21 -10.79 9.71
C SER B 123 10.17 -11.51 8.85
N ALA B 124 10.47 -12.77 8.49
CA ALA B 124 9.54 -13.57 7.71
C ALA B 124 8.27 -13.87 8.50
N GLN B 125 8.42 -14.06 9.81
CA GLN B 125 7.27 -14.34 10.68
C GLN B 125 6.33 -13.14 10.72
N TYR B 126 6.90 -11.95 10.83
CA TYR B 126 6.11 -10.72 10.80
C TYR B 126 5.43 -10.54 9.44
N THR B 127 6.06 -11.05 8.38
CA THR B 127 5.45 -11.08 7.05
C THR B 127 4.16 -11.90 7.08
N GLN B 128 4.19 -13.01 7.81
CA GLN B 128 3.01 -13.85 7.97
C GLN B 128 1.90 -13.10 8.72
N MET B 129 2.31 -12.24 9.66
CA MET B 129 1.34 -11.45 10.43
C MET B 129 0.54 -10.53 9.51
N VAL B 130 1.22 -9.82 8.62
CA VAL B 130 0.55 -8.87 7.73
C VAL B 130 -0.36 -9.61 6.75
N GLY B 131 0.16 -10.66 6.11
CA GLY B 131 -0.65 -11.46 5.19
C GLY B 131 -1.89 -12.02 5.90
N GLN B 132 -1.72 -12.42 7.16
CA GLN B 132 -2.83 -12.95 7.95
C GLN B 132 -3.92 -11.91 8.16
N SER B 133 -3.50 -10.67 8.47
CA SER B 133 -4.45 -9.60 8.74
C SER B 133 -5.29 -9.28 7.51
N VAL B 134 -4.67 -9.35 6.33
CA VAL B 134 -5.38 -9.09 5.08
C VAL B 134 -6.46 -10.14 4.85
N ALA B 135 -6.08 -11.41 4.94
CA ALA B 135 -7.00 -12.50 4.63
C ALA B 135 -8.19 -12.50 5.59
N GLN B 136 -7.90 -12.41 6.89
CA GLN B 136 -8.96 -12.46 7.91
C GLN B 136 -9.83 -11.21 7.84
N ALA B 137 -9.21 -10.05 7.62
CA ALA B 137 -9.92 -8.77 7.67
C ALA B 137 -10.97 -8.68 6.56
N LEU B 138 -10.59 -9.10 5.35
CA LEU B 138 -11.48 -8.98 4.20
C LEU B 138 -12.29 -10.27 3.95
N ALA B 139 -11.95 -11.35 4.67
CA ALA B 139 -12.67 -12.61 4.53
C ALA B 139 -14.06 -12.50 5.17
N GLY B 140 -14.14 -11.77 6.27
CA GLY B 140 -15.42 -11.58 6.97
C GLY B 140 -15.75 -12.80 7.83
N MET A 1 -14.77 14.09 -4.58
CA MET A 1 -15.67 14.01 -5.76
C MET A 1 -16.05 15.42 -6.22
N ALA A 2 -16.77 16.14 -5.36
CA ALA A 2 -17.19 17.50 -5.68
C ALA A 2 -15.99 18.45 -5.69
N SER A 3 -16.03 19.44 -6.58
CA SER A 3 -14.95 20.41 -6.69
C SER A 3 -15.46 21.82 -6.41
N MET A 4 -14.60 22.65 -5.82
CA MET A 4 -14.97 24.03 -5.50
C MET A 4 -13.89 25.00 -5.98
N THR A 5 -14.29 26.25 -6.23
CA THR A 5 -13.36 27.26 -6.70
C THR A 5 -12.33 27.59 -5.63
N GLY A 6 -12.78 27.62 -4.36
CA GLY A 6 -11.90 27.93 -3.24
C GLY A 6 -11.75 29.43 -3.06
N GLY A 7 -10.78 29.82 -2.23
CA GLY A 7 -10.53 31.25 -1.99
C GLY A 7 -9.04 31.51 -1.83
N GLN A 8 -8.66 32.79 -1.93
CA GLN A 8 -7.26 33.17 -1.79
C GLN A 8 -6.94 33.54 -0.35
N GLN A 9 -7.52 34.64 0.13
CA GLN A 9 -7.27 35.12 1.49
C GLN A 9 -8.42 34.75 2.43
N MET A 10 -9.25 33.78 2.04
CA MET A 10 -10.38 33.37 2.87
C MET A 10 -9.89 32.66 4.13
N GLY A 11 -8.81 31.88 3.98
CA GLY A 11 -8.25 31.15 5.12
C GLY A 11 -7.59 29.86 4.66
N ARG A 12 -6.79 29.24 5.54
CA ARG A 12 -6.11 28.00 5.22
C ARG A 12 -7.11 26.87 5.01
N GLY A 13 -8.19 26.88 5.81
CA GLY A 13 -9.21 25.84 5.71
C GLY A 13 -10.25 26.00 6.82
N SER A 14 -11.17 25.05 6.90
CA SER A 14 -12.21 25.08 7.93
C SER A 14 -12.17 23.80 8.76
N MET A 15 -12.55 23.93 10.04
CA MET A 15 -12.55 22.78 10.95
C MET A 15 -13.89 22.67 11.68
N GLY A 16 -14.25 21.45 12.06
CA GLY A 16 -15.51 21.21 12.76
C GLY A 16 -15.68 19.73 13.11
N ALA A 17 -16.84 19.39 13.67
CA ALA A 17 -17.11 18.00 14.04
C ALA A 17 -18.04 17.35 13.03
N ALA A 18 -17.85 16.05 12.81
CA ALA A 18 -18.68 15.32 11.86
C ALA A 18 -18.91 13.88 12.34
N SER A 19 -20.03 13.29 11.91
CA SER A 19 -20.36 11.92 12.30
C SER A 19 -20.84 11.13 11.09
N ALA A 20 -20.53 9.83 11.09
CA ALA A 20 -20.93 8.96 9.98
C ALA A 20 -21.26 7.56 10.50
N ALA A 21 -22.12 6.85 9.76
CA ALA A 21 -22.51 5.50 10.15
C ALA A 21 -22.76 4.64 8.92
N VAL A 22 -22.65 3.32 9.09
CA VAL A 22 -22.87 2.39 7.98
C VAL A 22 -24.16 1.60 8.20
N SER A 23 -24.99 1.54 7.15
CA SER A 23 -26.26 0.81 7.22
C SER A 23 -26.37 -0.19 6.08
N VAL A 24 -27.07 -1.29 6.33
CA VAL A 24 -27.26 -2.33 5.30
C VAL A 24 -28.73 -2.45 4.96
N GLY A 25 -29.03 -2.52 3.66
CA GLY A 25 -30.41 -2.64 3.20
C GLY A 25 -30.50 -2.49 1.69
N GLY A 26 -31.40 -1.61 1.23
CA GLY A 26 -31.59 -1.38 -0.20
C GLY A 26 -30.33 -0.81 -0.84
N TYR A 27 -29.61 0.02 -0.09
CA TYR A 27 -28.38 0.65 -0.60
C TYR A 27 -27.15 -0.08 -0.09
N GLY A 28 -27.26 -1.39 0.11
CA GLY A 28 -26.14 -2.18 0.61
C GLY A 28 -24.96 -2.16 -0.37
N PRO A 29 -23.75 -2.11 0.13
CA PRO A 29 -22.55 -1.89 -0.75
C PRO A 29 -22.37 -3.03 -1.76
N GLN A 30 -21.88 -2.67 -2.94
CA GLN A 30 -21.68 -3.66 -4.00
C GLN A 30 -20.23 -3.59 -4.53
N SER A 31 -19.28 -3.55 -3.60
CA SER A 31 -17.86 -3.50 -3.96
C SER A 31 -17.15 -4.77 -3.53
N SER A 32 -16.23 -5.25 -4.38
CA SER A 32 -15.50 -6.47 -4.09
C SER A 32 -14.03 -6.16 -3.78
N SER A 33 -13.82 -5.13 -2.96
CA SER A 33 -12.47 -4.72 -2.56
C SER A 33 -11.82 -5.79 -1.67
N ALA A 34 -12.65 -6.48 -0.89
CA ALA A 34 -12.14 -7.49 0.05
C ALA A 34 -11.32 -8.57 -0.66
N PRO A 35 -11.90 -9.28 -1.60
CA PRO A 35 -11.19 -10.40 -2.31
C PRO A 35 -9.88 -9.96 -2.96
N VAL A 36 -9.78 -8.66 -3.26
CA VAL A 36 -8.55 -8.12 -3.85
C VAL A 36 -7.38 -8.26 -2.88
N ALA A 37 -7.60 -7.86 -1.63
CA ALA A 37 -6.56 -7.99 -0.59
C ALA A 37 -6.27 -9.46 -0.31
N SER A 38 -7.30 -10.30 -0.40
CA SER A 38 -7.13 -11.74 -0.14
C SER A 38 -6.13 -12.36 -1.12
N ALA A 39 -6.26 -12.01 -2.39
CA ALA A 39 -5.33 -12.51 -3.41
C ALA A 39 -3.93 -11.95 -3.18
N ALA A 40 -3.85 -10.67 -2.83
CA ALA A 40 -2.57 -10.02 -2.56
C ALA A 40 -1.87 -10.66 -1.36
N ALA A 41 -2.67 -11.06 -0.35
CA ALA A 41 -2.12 -11.70 0.83
C ALA A 41 -1.55 -13.08 0.49
N SER A 42 -2.25 -13.82 -0.38
CA SER A 42 -1.83 -15.17 -0.74
C SER A 42 -0.47 -15.15 -1.43
N ARG A 43 -0.33 -14.28 -2.44
CA ARG A 43 0.94 -14.15 -3.15
C ARG A 43 1.99 -13.41 -2.30
N LEU A 44 1.52 -12.60 -1.35
CA LEU A 44 2.42 -11.99 -0.35
C LEU A 44 3.08 -13.08 0.51
N SER A 45 2.36 -14.18 0.74
CA SER A 45 2.90 -15.30 1.52
C SER A 45 3.83 -16.19 0.66
N SER A 46 4.00 -15.85 -0.63
CA SER A 46 4.87 -16.62 -1.51
C SER A 46 6.33 -16.48 -1.07
N PRO A 47 7.16 -17.47 -1.35
CA PRO A 47 8.61 -17.41 -0.97
C PRO A 47 9.32 -16.18 -1.51
N ALA A 48 8.90 -15.74 -2.70
CA ALA A 48 9.50 -14.57 -3.35
C ALA A 48 9.25 -13.31 -2.50
N ALA A 49 8.04 -13.19 -1.98
CA ALA A 49 7.66 -12.03 -1.19
C ALA A 49 8.47 -11.98 0.11
N SER A 50 8.57 -13.13 0.79
CA SER A 50 9.27 -13.21 2.08
C SER A 50 10.72 -12.75 1.95
N SER A 51 11.37 -13.18 0.85
CA SER A 51 12.76 -12.80 0.61
C SER A 51 12.89 -11.30 0.43
N ARG A 52 11.91 -10.70 -0.26
CA ARG A 52 11.91 -9.25 -0.45
C ARG A 52 11.70 -8.52 0.88
N VAL A 53 10.95 -9.13 1.80
CA VAL A 53 10.73 -8.55 3.12
C VAL A 53 12.07 -8.42 3.86
N SER A 54 12.86 -9.50 3.85
CA SER A 54 14.16 -9.49 4.52
C SER A 54 15.06 -8.41 3.92
N SER A 55 15.03 -8.29 2.59
CA SER A 55 15.83 -7.27 1.91
C SER A 55 15.38 -5.87 2.32
N ALA A 56 14.08 -5.71 2.53
CA ALA A 56 13.53 -4.43 3.00
C ALA A 56 14.07 -4.09 4.39
N VAL A 57 14.30 -5.13 5.21
CA VAL A 57 14.84 -4.92 6.55
C VAL A 57 16.25 -4.32 6.46
N SER A 58 17.11 -4.96 5.67
CA SER A 58 18.50 -4.50 5.55
C SER A 58 18.57 -3.07 5.02
N SER A 59 17.70 -2.74 4.07
CA SER A 59 17.72 -1.41 3.45
C SER A 59 17.34 -0.33 4.46
N LEU A 60 16.22 -0.53 5.16
CA LEU A 60 15.74 0.46 6.12
C LEU A 60 16.70 0.59 7.31
N VAL A 61 17.20 -0.55 7.77
CA VAL A 61 18.06 -0.58 8.96
C VAL A 61 19.38 0.15 8.70
N SER A 62 20.01 -0.14 7.56
CA SER A 62 21.33 0.41 7.27
C SER A 62 21.24 1.89 6.89
N SER A 63 20.25 2.23 6.07
CA SER A 63 20.10 3.61 5.60
C SER A 63 19.55 4.50 6.69
N GLY A 64 18.61 3.97 7.48
CA GLY A 64 17.97 4.73 8.54
C GLY A 64 16.48 4.41 8.62
N PRO A 65 16.04 3.69 9.65
CA PRO A 65 14.59 3.35 9.82
C PRO A 65 13.64 4.52 9.55
N THR A 66 14.08 5.74 9.82
CA THR A 66 13.20 6.91 9.72
C THR A 66 13.76 7.96 8.75
N ASN A 67 14.51 7.49 7.74
CA ASN A 67 15.12 8.40 6.76
C ASN A 67 14.27 8.49 5.50
N GLN A 68 14.12 9.71 4.97
CA GLN A 68 13.37 9.91 3.73
C GLN A 68 14.07 9.19 2.57
N ALA A 69 15.40 9.30 2.53
CA ALA A 69 16.17 8.68 1.45
C ALA A 69 16.10 7.16 1.53
N ALA A 70 16.09 6.64 2.75
CA ALA A 70 16.06 5.18 2.95
C ALA A 70 14.72 4.60 2.47
N LEU A 71 13.63 5.27 2.84
CA LEU A 71 12.30 4.79 2.44
C LEU A 71 12.14 4.81 0.93
N SER A 72 12.66 5.86 0.28
CA SER A 72 12.57 5.98 -1.17
C SER A 72 13.32 4.83 -1.86
N ASN A 73 14.48 4.48 -1.32
CA ASN A 73 15.30 3.41 -1.90
C ASN A 73 14.57 2.07 -1.83
N THR A 74 13.97 1.79 -0.68
CA THR A 74 13.28 0.51 -0.47
C THR A 74 12.08 0.39 -1.41
N ILE A 75 11.29 1.46 -1.52
CA ILE A 75 10.08 1.44 -2.34
C ILE A 75 10.44 1.21 -3.80
N SER A 76 11.42 1.95 -4.32
CA SER A 76 11.81 1.85 -5.72
C SER A 76 12.29 0.43 -6.06
N SER A 77 13.20 -0.08 -5.24
CA SER A 77 13.79 -1.40 -5.50
C SER A 77 12.74 -2.50 -5.44
N VAL A 78 11.91 -2.47 -4.39
CA VAL A 78 10.92 -3.53 -4.18
C VAL A 78 9.89 -3.53 -5.32
N VAL A 79 9.38 -2.36 -5.67
CA VAL A 79 8.36 -2.24 -6.71
C VAL A 79 8.87 -2.82 -8.03
N SER A 80 10.12 -2.50 -8.36
CA SER A 80 10.73 -2.98 -9.61
C SER A 80 10.77 -4.49 -9.66
N GLN A 81 11.35 -5.10 -8.62
CA GLN A 81 11.55 -6.55 -8.61
C GLN A 81 10.21 -7.29 -8.53
N VAL A 82 9.25 -6.74 -7.79
CA VAL A 82 7.93 -7.34 -7.68
C VAL A 82 7.24 -7.37 -9.05
N SER A 83 7.48 -6.33 -9.86
CA SER A 83 6.97 -6.30 -11.23
C SER A 83 7.61 -7.41 -12.06
N ALA A 84 8.90 -7.64 -11.84
CA ALA A 84 9.64 -8.65 -12.60
C ALA A 84 9.06 -10.05 -12.39
N SER A 85 8.70 -10.36 -11.15
CA SER A 85 8.11 -11.65 -10.82
C SER A 85 6.67 -11.73 -11.34
N ASN A 86 5.95 -10.60 -11.26
CA ASN A 86 4.54 -10.57 -11.61
C ASN A 86 4.30 -9.73 -12.88
N PRO A 87 4.70 -10.24 -14.03
CA PRO A 87 4.31 -9.63 -15.33
C PRO A 87 2.88 -10.00 -15.73
N GLY A 88 2.47 -11.21 -15.37
CA GLY A 88 1.12 -11.69 -15.67
C GLY A 88 0.05 -10.86 -14.96
N LEU A 89 0.39 -10.32 -13.79
CA LEU A 89 -0.57 -9.56 -12.99
C LEU A 89 -0.71 -8.14 -13.53
N SER A 90 -1.89 -7.55 -13.32
CA SER A 90 -2.16 -6.21 -13.82
C SER A 90 -1.30 -5.17 -13.09
N GLY A 91 -1.22 -3.97 -13.67
CA GLY A 91 -0.39 -2.91 -13.10
C GLY A 91 -0.80 -2.58 -11.66
N CYS A 92 -2.10 -2.55 -11.42
CA CYS A 92 -2.61 -2.23 -10.09
C CYS A 92 -2.22 -3.32 -9.08
N ASP A 93 -2.23 -4.57 -9.54
CA ASP A 93 -1.82 -5.69 -8.69
C ASP A 93 -0.37 -5.54 -8.24
N VAL A 94 0.48 -5.06 -9.14
CA VAL A 94 1.89 -4.83 -8.82
C VAL A 94 2.02 -3.78 -7.71
N LEU A 95 1.25 -2.70 -7.83
CA LEU A 95 1.29 -1.63 -6.82
C LEU A 95 0.84 -2.13 -5.45
N VAL A 96 -0.21 -2.97 -5.45
CA VAL A 96 -0.72 -3.53 -4.20
C VAL A 96 0.37 -4.36 -3.51
N GLN A 97 1.07 -5.19 -4.30
CA GLN A 97 2.05 -6.11 -3.75
C GLN A 97 3.21 -5.36 -3.10
N ALA A 98 3.69 -4.32 -3.77
CA ALA A 98 4.82 -3.54 -3.25
C ALA A 98 4.42 -2.82 -1.96
N LEU A 99 3.23 -2.25 -1.93
CA LEU A 99 2.82 -1.41 -0.80
C LEU A 99 2.66 -2.22 0.48
N LEU A 100 1.92 -3.32 0.42
CA LEU A 100 1.66 -4.10 1.62
C LEU A 100 2.92 -4.83 2.08
N GLU A 101 3.80 -5.17 1.12
CA GLU A 101 5.09 -5.76 1.47
C GLU A 101 5.95 -4.77 2.26
N VAL A 102 5.81 -3.47 1.96
CA VAL A 102 6.47 -2.43 2.74
C VAL A 102 5.90 -2.41 4.16
N VAL A 103 4.59 -2.62 4.27
CA VAL A 103 3.94 -2.67 5.59
C VAL A 103 4.56 -3.78 6.44
N SER A 104 4.78 -4.95 5.81
CA SER A 104 5.31 -6.11 6.52
C SER A 104 6.72 -5.85 7.03
N ALA A 105 7.54 -5.20 6.20
CA ALA A 105 8.91 -4.88 6.60
C ALA A 105 8.92 -3.98 7.83
N LEU A 106 8.02 -3.01 7.85
CA LEU A 106 7.92 -2.08 8.97
C LEU A 106 7.49 -2.79 10.25
N VAL A 107 6.60 -3.79 10.11
CA VAL A 107 6.18 -4.59 11.27
C VAL A 107 7.38 -5.32 11.88
N SER A 108 8.24 -5.85 11.02
CA SER A 108 9.44 -6.57 11.47
C SER A 108 10.34 -5.64 12.29
N ILE A 109 10.46 -4.38 11.84
CA ILE A 109 11.27 -3.40 12.55
C ILE A 109 10.68 -3.12 13.94
N LEU A 110 9.36 -3.01 14.01
CA LEU A 110 8.69 -2.73 15.28
C LEU A 110 8.91 -3.85 16.29
N GLY A 111 8.80 -5.10 15.83
CA GLY A 111 8.94 -6.25 16.71
C GLY A 111 10.35 -6.35 17.27
N SER A 112 11.34 -6.05 16.43
CA SER A 112 12.74 -6.07 16.87
C SER A 112 13.11 -4.80 17.64
N SER A 113 12.40 -3.70 17.35
CA SER A 113 12.72 -2.42 17.94
C SER A 113 11.90 -2.16 19.20
N SER A 114 12.31 -1.16 19.96
CA SER A 114 11.64 -0.82 21.22
C SER A 114 10.74 0.40 21.03
N ILE A 115 9.59 0.39 21.70
CA ILE A 115 8.64 1.50 21.58
C ILE A 115 8.79 2.47 22.75
N GLY A 116 8.95 3.76 22.42
CA GLY A 116 9.11 4.78 23.43
C GLY A 116 7.84 5.63 23.57
N GLN A 117 7.98 6.94 23.46
CA GLN A 117 6.84 7.84 23.53
C GLN A 117 6.39 8.22 22.11
N ILE A 118 5.11 7.98 21.82
CA ILE A 118 4.56 8.25 20.49
C ILE A 118 4.35 9.75 20.30
N ASN A 119 4.88 10.28 19.20
CA ASN A 119 4.63 11.67 18.82
C ASN A 119 3.39 11.74 17.92
N TYR A 120 2.23 11.87 18.55
CA TYR A 120 0.96 11.71 17.84
C TYR A 120 0.76 12.81 16.80
N GLY A 121 1.15 14.05 17.16
CA GLY A 121 0.94 15.20 16.28
C GLY A 121 1.76 15.08 14.99
N ALA A 122 2.95 14.50 15.10
CA ALA A 122 3.85 14.40 13.95
C ALA A 122 3.47 13.26 13.00
N SER A 123 2.41 12.50 13.33
CA SER A 123 2.00 11.37 12.50
C SER A 123 1.69 11.81 11.08
N ALA A 124 1.09 13.01 10.95
CA ALA A 124 0.77 13.56 9.64
C ALA A 124 2.04 13.86 8.84
N GLN A 125 3.08 14.29 9.53
CA GLN A 125 4.35 14.61 8.87
C GLN A 125 4.97 13.34 8.26
N TYR A 126 4.92 12.25 9.01
CA TYR A 126 5.40 10.97 8.50
C TYR A 126 4.59 10.51 7.30
N THR A 127 3.29 10.87 7.29
CA THR A 127 2.44 10.60 6.12
C THR A 127 2.98 11.30 4.88
N GLN A 128 3.46 12.53 5.07
CA GLN A 128 4.08 13.29 3.98
C GLN A 128 5.35 12.58 3.48
N MET A 129 6.08 11.95 4.40
CA MET A 129 7.30 11.24 4.03
C MET A 129 7.01 10.09 3.05
N VAL A 130 6.02 9.27 3.40
CA VAL A 130 5.69 8.10 2.58
C VAL A 130 5.15 8.53 1.21
N GLY A 131 4.22 9.49 1.21
CA GLY A 131 3.67 10.02 -0.04
C GLY A 131 4.78 10.59 -0.93
N GLN A 132 5.76 11.24 -0.30
CA GLN A 132 6.88 11.85 -1.03
C GLN A 132 7.70 10.78 -1.74
N SER A 133 8.02 9.70 -1.02
CA SER A 133 8.87 8.65 -1.57
C SER A 133 8.20 7.97 -2.77
N VAL A 134 6.87 7.81 -2.71
CA VAL A 134 6.13 7.20 -3.81
C VAL A 134 6.22 8.07 -5.06
N ALA A 135 5.96 9.38 -4.91
CA ALA A 135 5.93 10.28 -6.04
C ALA A 135 7.30 10.38 -6.73
N GLN A 136 8.33 10.60 -5.92
CA GLN A 136 9.68 10.81 -6.46
C GLN A 136 10.22 9.53 -7.12
N ALA A 137 10.02 8.40 -6.44
CA ALA A 137 10.58 7.13 -6.92
C ALA A 137 9.96 6.70 -8.25
N LEU A 138 8.63 6.84 -8.35
CA LEU A 138 7.91 6.34 -9.52
C LEU A 138 7.70 7.44 -10.58
N ALA A 139 8.02 8.69 -10.25
CA ALA A 139 7.90 9.78 -11.20
C ALA A 139 8.94 9.66 -12.31
N GLY A 140 10.13 9.20 -11.93
CA GLY A 140 11.22 9.04 -12.90
C GLY A 140 11.92 10.37 -13.17
N MET B 1 37.56 18.03 -28.20
CA MET B 1 38.85 17.32 -28.50
C MET B 1 38.74 15.86 -28.04
N ALA B 2 38.56 15.66 -26.74
CA ALA B 2 38.43 14.32 -26.19
C ALA B 2 37.72 14.36 -24.85
N SER B 3 36.63 13.60 -24.73
CA SER B 3 35.85 13.55 -23.50
C SER B 3 34.82 12.42 -23.55
N MET B 4 34.09 12.34 -24.66
CA MET B 4 33.07 11.31 -24.84
C MET B 4 33.23 10.62 -26.19
N THR B 5 32.68 9.42 -26.30
CA THR B 5 32.76 8.65 -27.54
C THR B 5 31.59 8.99 -28.46
N GLY B 6 31.87 9.10 -29.76
CA GLY B 6 30.83 9.42 -30.74
C GLY B 6 30.35 10.85 -30.56
N GLY B 7 29.03 11.01 -30.43
CA GLY B 7 28.44 12.34 -30.27
C GLY B 7 27.13 12.46 -31.03
N GLN B 8 26.12 11.69 -30.60
CA GLN B 8 24.83 11.70 -31.27
C GLN B 8 23.70 11.59 -30.23
N GLN B 9 22.47 11.90 -30.66
CA GLN B 9 21.32 11.83 -29.78
C GLN B 9 20.62 10.48 -29.90
N MET B 10 20.03 10.02 -28.81
CA MET B 10 19.33 8.73 -28.79
C MET B 10 18.12 8.75 -29.74
N GLY B 11 17.46 9.90 -29.82
CA GLY B 11 16.28 10.03 -30.67
C GLY B 11 15.03 9.57 -29.95
N ARG B 12 13.97 9.29 -30.71
CA ARG B 12 12.70 8.84 -30.11
C ARG B 12 12.89 7.50 -29.41
N GLY B 13 13.66 6.61 -30.04
CA GLY B 13 13.93 5.29 -29.45
C GLY B 13 12.67 4.44 -29.42
N SER B 14 12.01 4.32 -30.56
CA SER B 14 10.78 3.52 -30.65
C SER B 14 11.10 2.03 -30.51
N MET B 15 10.15 1.29 -29.92
CA MET B 15 10.35 -0.15 -29.72
C MET B 15 10.34 -0.89 -31.06
N GLY B 16 9.49 -0.43 -31.98
CA GLY B 16 9.37 -1.07 -33.28
C GLY B 16 10.36 -0.48 -34.29
N ALA B 17 10.12 0.76 -34.68
CA ALA B 17 10.98 1.45 -35.66
C ALA B 17 10.97 0.71 -37.00
N ALA B 18 10.10 1.16 -37.90
CA ALA B 18 10.00 0.56 -39.24
C ALA B 18 9.65 -0.93 -39.17
N SER B 19 8.91 -1.32 -38.13
CA SER B 19 8.50 -2.71 -37.97
C SER B 19 7.52 -3.12 -39.07
N ALA B 20 6.65 -2.19 -39.46
CA ALA B 20 5.66 -2.47 -40.49
C ALA B 20 5.40 -1.22 -41.33
N ALA B 21 4.61 -1.38 -42.39
CA ALA B 21 4.29 -0.25 -43.28
C ALA B 21 3.48 0.82 -42.53
N VAL B 22 2.63 0.37 -41.61
CA VAL B 22 1.81 1.30 -40.81
C VAL B 22 2.18 1.17 -39.33
N SER B 23 2.39 2.31 -38.68
CA SER B 23 2.75 2.32 -37.27
C SER B 23 2.17 3.55 -36.57
N VAL B 24 0.98 3.97 -37.01
CA VAL B 24 0.32 5.14 -36.43
C VAL B 24 -0.99 4.73 -35.75
N GLY B 25 -1.23 5.27 -34.55
CA GLY B 25 -2.44 4.96 -33.81
C GLY B 25 -2.26 3.71 -32.95
N GLY B 26 -3.37 3.13 -32.50
CA GLY B 26 -3.33 1.93 -31.67
C GLY B 26 -3.45 2.30 -30.19
N TYR B 27 -4.07 1.40 -29.42
CA TYR B 27 -4.26 1.63 -27.99
C TYR B 27 -3.71 0.46 -27.18
N GLY B 28 -3.19 0.77 -25.98
CA GLY B 28 -2.64 -0.27 -25.11
C GLY B 28 -3.28 -0.18 -23.71
N PRO B 29 -3.32 -1.28 -22.98
CA PRO B 29 -3.94 -1.31 -21.63
C PRO B 29 -3.16 -0.44 -20.63
N GLN B 30 -1.93 -0.83 -20.34
CA GLN B 30 -1.09 -0.07 -19.41
C GLN B 30 0.38 -0.17 -19.79
N SER B 31 0.94 -1.38 -19.67
CA SER B 31 2.35 -1.62 -20.02
C SER B 31 3.28 -0.68 -19.24
N SER B 32 2.86 -0.27 -18.04
CA SER B 32 3.66 0.62 -17.22
C SER B 32 3.36 0.41 -15.73
N SER B 33 4.27 0.86 -14.88
CA SER B 33 4.09 0.74 -13.43
C SER B 33 4.75 1.90 -12.70
N ALA B 34 3.97 2.94 -12.42
CA ALA B 34 4.49 4.14 -11.76
C ALA B 34 3.38 5.16 -11.50
N PRO B 35 2.71 5.66 -12.53
CA PRO B 35 1.67 6.71 -12.37
C PRO B 35 0.56 6.30 -11.41
N VAL B 36 0.37 4.99 -11.22
CA VAL B 36 -0.64 4.48 -10.29
C VAL B 36 -0.30 4.91 -8.85
N ALA B 37 0.96 4.71 -8.46
CA ALA B 37 1.41 5.10 -7.14
C ALA B 37 1.39 6.62 -6.98
N SER B 38 1.67 7.33 -8.09
CA SER B 38 1.69 8.80 -8.06
C SER B 38 0.31 9.35 -7.67
N ALA B 39 -0.73 8.78 -8.27
CA ALA B 39 -2.11 9.20 -7.95
C ALA B 39 -2.45 8.84 -6.50
N ALA B 40 -2.03 7.65 -6.08
CA ALA B 40 -2.29 7.19 -4.72
C ALA B 40 -1.59 8.08 -3.69
N ALA B 41 -0.40 8.56 -4.05
CA ALA B 41 0.37 9.44 -3.17
C ALA B 41 -0.33 10.79 -3.02
N SER B 42 -0.87 11.30 -4.13
CA SER B 42 -1.51 12.60 -4.13
C SER B 42 -2.74 12.62 -3.21
N ARG B 43 -3.60 11.61 -3.36
CA ARG B 43 -4.78 11.51 -2.50
C ARG B 43 -4.41 11.02 -1.09
N LEU B 44 -3.26 10.34 -0.97
CA LEU B 44 -2.70 9.99 0.34
C LEU B 44 -2.33 11.27 1.12
N SER B 45 -1.93 12.32 0.39
CA SER B 45 -1.60 13.59 1.02
C SER B 45 -2.85 14.42 1.35
N SER B 46 -4.04 13.90 1.01
CA SER B 46 -5.29 14.60 1.29
C SER B 46 -5.52 14.68 2.81
N PRO B 47 -6.23 15.69 3.27
CA PRO B 47 -6.52 15.85 4.74
C PRO B 47 -7.20 14.62 5.33
N ALA B 48 -8.03 13.96 4.53
CA ALA B 48 -8.74 12.77 5.00
C ALA B 48 -7.76 11.64 5.33
N ALA B 49 -6.74 11.48 4.48
CA ALA B 49 -5.75 10.43 4.68
C ALA B 49 -4.94 10.68 5.95
N SER B 50 -4.49 11.92 6.13
CA SER B 50 -3.66 12.28 7.28
C SER B 50 -4.36 11.97 8.59
N SER B 51 -5.66 12.28 8.65
CA SER B 51 -6.46 12.01 9.85
C SER B 51 -6.52 10.51 10.14
N ARG B 52 -6.65 9.72 9.09
CA ARG B 52 -6.67 8.26 9.23
C ARG B 52 -5.31 7.74 9.73
N VAL B 53 -4.23 8.42 9.33
CA VAL B 53 -2.89 8.04 9.79
C VAL B 53 -2.80 8.17 11.31
N SER B 54 -3.27 9.31 11.83
CA SER B 54 -3.24 9.55 13.28
C SER B 54 -4.06 8.48 14.02
N SER B 55 -5.21 8.14 13.46
CA SER B 55 -6.07 7.11 14.03
C SER B 55 -5.36 5.77 14.04
N ALA B 56 -4.59 5.50 12.99
CA ALA B 56 -3.80 4.27 12.91
C ALA B 56 -2.76 4.22 14.03
N VAL B 57 -2.23 5.39 14.41
CA VAL B 57 -1.25 5.47 15.49
C VAL B 57 -1.88 5.01 16.81
N SER B 58 -3.03 5.58 17.14
CA SER B 58 -3.71 5.26 18.40
C SER B 58 -4.05 3.78 18.48
N SER B 59 -4.50 3.21 17.36
CA SER B 59 -4.92 1.81 17.33
C SER B 59 -3.74 0.87 17.60
N LEU B 60 -2.65 1.07 16.87
CA LEU B 60 -1.47 0.21 16.99
C LEU B 60 -0.82 0.38 18.36
N VAL B 61 -0.75 1.63 18.82
CA VAL B 61 -0.06 1.93 20.09
C VAL B 61 -0.80 1.30 21.27
N SER B 62 -2.12 1.47 21.31
CA SER B 62 -2.91 1.02 22.46
C SER B 62 -3.05 -0.50 22.46
N SER B 63 -3.32 -1.07 21.29
CA SER B 63 -3.54 -2.52 21.18
C SER B 63 -2.21 -3.27 21.30
N GLY B 64 -1.16 -2.71 20.70
CA GLY B 64 0.15 -3.36 20.69
C GLY B 64 0.84 -3.19 19.33
N PRO B 65 1.87 -2.36 19.26
CA PRO B 65 2.63 -2.14 17.98
C PRO B 65 2.93 -3.44 17.20
N THR B 66 3.10 -4.55 17.93
CA THR B 66 3.51 -5.80 17.29
C THR B 66 2.50 -6.93 17.56
N ASN B 67 1.23 -6.56 17.71
CA ASN B 67 0.19 -7.54 18.01
C ASN B 67 -0.56 -7.92 16.73
N GLN B 68 -0.84 -9.23 16.57
CA GLN B 68 -1.61 -9.70 15.42
C GLN B 68 -3.02 -9.11 15.45
N ALA B 69 -3.63 -9.09 16.63
CA ALA B 69 -4.99 -8.59 16.77
C ALA B 69 -5.04 -7.08 16.48
N ALA B 70 -4.00 -6.37 16.91
CA ALA B 70 -3.96 -4.92 16.72
C ALA B 70 -3.86 -4.56 15.24
N LEU B 71 -3.00 -5.27 14.51
CA LEU B 71 -2.81 -5.00 13.08
C LEU B 71 -4.10 -5.28 12.30
N SER B 72 -4.78 -6.36 12.69
CA SER B 72 -6.03 -6.72 12.01
C SER B 72 -7.09 -5.64 12.19
N ASN B 73 -7.16 -5.08 13.41
CA ASN B 73 -8.14 -4.04 13.72
C ASN B 73 -7.91 -2.79 12.88
N THR B 74 -6.64 -2.39 12.78
CA THR B 74 -6.29 -1.17 12.04
C THR B 74 -6.61 -1.33 10.55
N ILE B 75 -6.25 -2.48 9.99
CA ILE B 75 -6.46 -2.73 8.56
C ILE B 75 -7.95 -2.69 8.23
N SER B 76 -8.76 -3.41 9.01
CA SER B 76 -10.19 -3.50 8.75
C SER B 76 -10.85 -2.12 8.81
N SER B 77 -10.57 -1.37 9.88
CA SER B 77 -11.19 -0.07 10.08
C SER B 77 -10.79 0.92 8.98
N VAL B 78 -9.49 0.97 8.69
CA VAL B 78 -8.97 1.94 7.71
C VAL B 78 -9.54 1.66 6.32
N VAL B 79 -9.52 0.38 5.91
CA VAL B 79 -9.99 0.00 4.58
C VAL B 79 -11.45 0.39 4.39
N SER B 80 -12.26 0.16 5.43
CA SER B 80 -13.68 0.49 5.36
C SER B 80 -13.90 1.98 5.13
N GLN B 81 -13.30 2.80 5.99
CA GLN B 81 -13.52 4.25 5.94
C GLN B 81 -12.94 4.85 4.66
N VAL B 82 -11.80 4.33 4.19
CA VAL B 82 -11.19 4.81 2.96
C VAL B 82 -12.11 4.54 1.77
N SER B 83 -12.83 3.41 1.81
CA SER B 83 -13.83 3.10 0.79
C SER B 83 -14.97 4.12 0.83
N ALA B 84 -15.36 4.53 2.04
CA ALA B 84 -16.47 5.47 2.22
C ALA B 84 -16.16 6.81 1.55
N SER B 85 -14.93 7.27 1.71
CA SER B 85 -14.52 8.54 1.09
C SER B 85 -14.36 8.38 -0.42
N ASN B 86 -13.86 7.21 -0.83
CA ASN B 86 -13.55 6.97 -2.24
C ASN B 86 -14.49 5.92 -2.84
N PRO B 87 -15.74 6.27 -3.05
CA PRO B 87 -16.67 5.42 -3.85
C PRO B 87 -16.44 5.58 -5.35
N GLY B 88 -16.05 6.78 -5.77
CA GLY B 88 -15.80 7.06 -7.17
C GLY B 88 -14.61 6.25 -7.70
N LEU B 89 -13.66 5.95 -6.81
CA LEU B 89 -12.45 5.24 -7.22
C LEU B 89 -12.72 3.74 -7.34
N SER B 90 -11.95 3.07 -8.20
CA SER B 90 -12.13 1.64 -8.44
C SER B 90 -11.76 0.84 -7.20
N GLY B 91 -12.19 -0.42 -7.17
CA GLY B 91 -11.94 -1.29 -6.02
C GLY B 91 -10.45 -1.43 -5.72
N CYS B 92 -9.65 -1.55 -6.79
CA CYS B 92 -8.20 -1.69 -6.62
C CYS B 92 -7.59 -0.42 -6.04
N ASP B 93 -8.13 0.73 -6.44
CA ASP B 93 -7.65 2.01 -5.91
C ASP B 93 -7.87 2.09 -4.39
N VAL B 94 -8.99 1.55 -3.93
CA VAL B 94 -9.30 1.54 -2.50
C VAL B 94 -8.26 0.70 -1.75
N LEU B 95 -7.91 -0.47 -2.31
CA LEU B 95 -6.93 -1.35 -1.68
C LEU B 95 -5.56 -0.67 -1.60
N VAL B 96 -5.19 0.03 -2.66
CA VAL B 96 -3.90 0.75 -2.69
C VAL B 96 -3.85 1.78 -1.56
N GLN B 97 -4.94 2.52 -1.40
CA GLN B 97 -4.99 3.62 -0.45
C GLN B 97 -4.83 3.13 0.98
N ALA B 98 -5.53 2.04 1.31
CA ALA B 98 -5.48 1.47 2.65
C ALA B 98 -4.08 0.94 2.97
N LEU B 99 -3.47 0.26 2.00
CA LEU B 99 -2.20 -0.43 2.25
C LEU B 99 -1.07 0.56 2.52
N LEU B 100 -0.90 1.55 1.63
CA LEU B 100 0.20 2.50 1.78
C LEU B 100 -0.02 3.42 2.99
N GLU B 101 -1.29 3.68 3.32
CA GLU B 101 -1.62 4.45 4.51
C GLU B 101 -1.18 3.69 5.77
N VAL B 102 -1.25 2.36 5.72
CA VAL B 102 -0.74 1.54 6.83
C VAL B 102 0.78 1.68 6.92
N VAL B 103 1.44 1.79 5.75
CA VAL B 103 2.88 1.97 5.71
C VAL B 103 3.27 3.27 6.43
N SER B 104 2.49 4.32 6.19
CA SER B 104 2.78 5.64 6.76
C SER B 104 2.63 5.62 8.28
N ALA B 105 1.60 4.93 8.77
CA ALA B 105 1.39 4.82 10.22
C ALA B 105 2.58 4.15 10.89
N LEU B 106 3.09 3.10 10.24
CA LEU B 106 4.23 2.36 10.79
C LEU B 106 5.48 3.22 10.82
N VAL B 107 5.65 4.08 9.80
CA VAL B 107 6.79 5.01 9.78
C VAL B 107 6.73 5.95 10.99
N SER B 108 5.53 6.43 11.31
CA SER B 108 5.34 7.31 12.46
C SER B 108 5.77 6.64 13.75
N ILE B 109 5.45 5.35 13.87
CA ILE B 109 5.83 4.58 15.06
C ILE B 109 7.35 4.47 15.17
N LEU B 110 8.01 4.25 14.03
CA LEU B 110 9.47 4.10 14.00
C LEU B 110 10.16 5.39 14.44
N GLY B 111 9.67 6.53 13.95
CA GLY B 111 10.27 7.82 14.25
C GLY B 111 10.15 8.15 15.73
N SER B 112 9.00 7.82 16.32
CA SER B 112 8.77 8.06 17.74
C SER B 112 9.42 6.98 18.59
N SER B 113 9.59 5.78 18.02
CA SER B 113 10.11 4.64 18.77
C SER B 113 11.62 4.52 18.61
N SER B 114 12.23 3.69 19.46
CA SER B 114 13.68 3.50 19.44
C SER B 114 14.03 2.18 18.75
N ILE B 115 15.12 2.18 18.01
CA ILE B 115 15.54 0.97 17.29
C ILE B 115 16.62 0.23 18.08
N GLY B 116 16.39 -1.07 18.29
CA GLY B 116 17.34 -1.90 19.02
C GLY B 116 18.10 -2.83 18.08
N GLN B 117 18.08 -4.12 18.38
CA GLN B 117 18.73 -5.12 17.53
C GLN B 117 17.71 -5.77 16.60
N ILE B 118 17.97 -5.70 15.29
CA ILE B 118 17.05 -6.24 14.31
C ILE B 118 17.12 -7.77 14.27
N ASN B 119 15.96 -8.42 14.37
CA ASN B 119 15.89 -9.87 14.21
C ASN B 119 15.62 -10.21 12.75
N TYR B 120 16.71 -10.35 11.99
CA TYR B 120 16.62 -10.45 10.53
C TYR B 120 15.90 -11.73 10.09
N GLY B 121 16.17 -12.83 10.80
CA GLY B 121 15.59 -14.13 10.43
C GLY B 121 14.08 -14.13 10.60
N ALA B 122 13.59 -13.43 11.62
CA ALA B 122 12.15 -13.42 11.93
C ALA B 122 11.35 -12.50 11.00
N SER B 123 12.03 -11.80 10.07
CA SER B 123 11.35 -10.87 9.17
C SER B 123 10.27 -11.58 8.37
N ALA B 124 10.54 -12.82 7.99
CA ALA B 124 9.56 -13.62 7.23
C ALA B 124 8.32 -13.91 8.08
N GLN B 125 8.53 -14.11 9.37
CA GLN B 125 7.42 -14.40 10.29
C GLN B 125 6.47 -13.21 10.37
N TYR B 126 7.05 -12.00 10.46
CA TYR B 126 6.25 -10.77 10.48
C TYR B 126 5.49 -10.60 9.15
N THR B 127 6.08 -11.11 8.06
CA THR B 127 5.39 -11.12 6.77
C THR B 127 4.11 -11.95 6.85
N GLN B 128 4.20 -13.07 7.56
CA GLN B 128 3.02 -13.93 7.77
C GLN B 128 1.96 -13.19 8.58
N MET B 129 2.39 -12.34 9.51
CA MET B 129 1.46 -11.58 10.34
C MET B 129 0.60 -10.65 9.48
N VAL B 130 1.25 -9.89 8.61
CA VAL B 130 0.54 -8.90 7.78
C VAL B 130 -0.41 -9.61 6.80
N GLY B 131 0.11 -10.64 6.12
CA GLY B 131 -0.72 -11.42 5.20
C GLY B 131 -1.94 -12.01 5.90
N GLN B 132 -1.74 -12.45 7.15
CA GLN B 132 -2.82 -13.05 7.93
C GLN B 132 -3.92 -12.03 8.20
N SER B 133 -3.53 -10.83 8.61
CA SER B 133 -4.50 -9.78 8.97
C SER B 133 -5.35 -9.39 7.76
N VAL B 134 -4.73 -9.37 6.58
CA VAL B 134 -5.45 -9.02 5.35
C VAL B 134 -6.52 -10.08 5.06
N ALA B 135 -6.13 -11.35 5.10
CA ALA B 135 -7.05 -12.43 4.74
C ALA B 135 -8.24 -12.49 5.69
N GLN B 136 -7.96 -12.48 6.99
CA GLN B 136 -9.00 -12.63 8.00
C GLN B 136 -9.95 -11.43 7.99
N ALA B 137 -9.38 -10.22 7.91
CA ALA B 137 -10.17 -9.00 8.02
C ALA B 137 -11.14 -8.86 6.84
N LEU B 138 -10.64 -9.15 5.63
CA LEU B 138 -11.42 -8.93 4.42
C LEU B 138 -12.16 -10.20 3.96
N ALA B 139 -11.88 -11.34 4.59
CA ALA B 139 -12.56 -12.58 4.25
C ALA B 139 -14.02 -12.54 4.70
N GLY B 140 -14.26 -11.89 5.85
CA GLY B 140 -15.61 -11.79 6.39
C GLY B 140 -16.36 -10.63 5.72
N MET A 1 -38.99 -4.59 5.90
CA MET A 1 -39.19 -6.06 5.81
C MET A 1 -38.68 -6.72 7.09
N ALA A 2 -39.47 -7.66 7.62
CA ALA A 2 -39.12 -8.36 8.86
C ALA A 2 -39.06 -7.39 10.05
N SER A 3 -37.96 -6.63 10.15
CA SER A 3 -37.80 -5.67 11.23
C SER A 3 -37.73 -4.25 10.67
N MET A 4 -38.31 -3.29 11.41
CA MET A 4 -38.33 -1.90 10.98
C MET A 4 -37.00 -1.22 11.33
N THR A 5 -36.24 -0.84 10.31
CA THR A 5 -34.97 -0.18 10.51
C THR A 5 -35.18 1.22 11.11
N GLY A 6 -36.22 1.90 10.66
CA GLY A 6 -36.53 3.24 11.15
C GLY A 6 -37.85 3.76 10.56
N GLY A 7 -38.18 5.01 10.88
CA GLY A 7 -39.42 5.60 10.39
C GLY A 7 -39.14 6.56 9.23
N GLN A 8 -39.25 7.86 9.50
CA GLN A 8 -39.01 8.88 8.47
C GLN A 8 -37.58 9.37 8.55
N GLN A 9 -37.03 9.75 7.38
CA GLN A 9 -35.65 10.24 7.32
C GLN A 9 -35.62 11.76 7.25
N MET A 10 -34.62 12.36 7.90
CA MET A 10 -34.48 13.82 7.90
C MET A 10 -34.17 14.33 6.49
N GLY A 11 -33.39 13.55 5.74
CA GLY A 11 -33.02 13.93 4.38
C GLY A 11 -31.90 14.97 4.38
N ARG A 12 -31.00 14.88 5.37
CA ARG A 12 -29.88 15.81 5.47
C ARG A 12 -28.93 15.63 4.28
N GLY A 13 -28.73 14.39 3.87
CA GLY A 13 -27.85 14.10 2.74
C GLY A 13 -28.63 13.96 1.45
N SER A 14 -28.53 12.78 0.82
CA SER A 14 -29.25 12.52 -0.43
C SER A 14 -30.25 11.39 -0.25
N MET A 15 -31.36 11.47 -0.98
CA MET A 15 -32.41 10.44 -0.90
C MET A 15 -31.90 9.09 -1.39
N GLY A 16 -31.03 9.13 -2.41
CA GLY A 16 -30.48 7.90 -2.97
C GLY A 16 -29.10 8.15 -3.58
N ALA A 17 -28.58 7.15 -4.30
CA ALA A 17 -27.26 7.27 -4.93
C ALA A 17 -27.28 8.32 -6.03
N ALA A 18 -26.11 8.92 -6.29
CA ALA A 18 -26.01 9.94 -7.32
C ALA A 18 -26.27 9.36 -8.72
N SER A 19 -25.85 8.11 -8.92
CA SER A 19 -26.05 7.44 -10.20
C SER A 19 -26.93 6.21 -10.02
N ALA A 20 -27.78 5.94 -11.01
CA ALA A 20 -28.68 4.78 -10.95
C ALA A 20 -27.90 3.48 -11.06
N ALA A 21 -26.97 3.42 -12.02
CA ALA A 21 -26.16 2.22 -12.23
C ALA A 21 -24.97 2.54 -13.13
N VAL A 22 -23.88 1.78 -12.95
CA VAL A 22 -22.68 1.97 -13.77
C VAL A 22 -22.34 0.67 -14.50
N SER A 23 -22.03 0.76 -15.78
CA SER A 23 -21.70 -0.41 -16.59
C SER A 23 -20.33 -0.97 -16.17
N VAL A 24 -20.36 -2.02 -15.36
CA VAL A 24 -19.12 -2.65 -14.89
C VAL A 24 -19.17 -4.15 -15.13
N GLY A 25 -18.07 -4.70 -15.66
CA GLY A 25 -17.99 -6.14 -15.93
C GLY A 25 -18.65 -6.48 -17.25
N GLY A 26 -18.91 -7.77 -17.47
CA GLY A 26 -19.54 -8.23 -18.70
C GLY A 26 -20.52 -9.36 -18.43
N TYR A 27 -20.07 -10.37 -17.68
CA TYR A 27 -20.91 -11.52 -17.36
C TYR A 27 -21.39 -11.45 -15.91
N GLY A 28 -21.56 -10.23 -15.40
CA GLY A 28 -22.01 -10.05 -14.02
C GLY A 28 -20.85 -10.19 -13.04
N PRO A 29 -20.11 -9.13 -12.80
CA PRO A 29 -18.93 -9.18 -11.88
C PRO A 29 -19.36 -9.37 -10.42
N GLN A 30 -18.54 -10.11 -9.66
CA GLN A 30 -18.84 -10.36 -8.25
C GLN A 30 -18.06 -9.38 -7.36
N SER A 31 -18.10 -8.10 -7.72
CA SER A 31 -17.38 -7.07 -6.97
C SER A 31 -15.87 -7.35 -6.95
N SER A 32 -15.11 -6.43 -6.37
CA SER A 32 -13.66 -6.59 -6.30
C SER A 32 -13.05 -5.61 -5.31
N SER A 33 -13.09 -5.97 -4.02
CA SER A 33 -12.50 -5.13 -2.97
C SER A 33 -11.92 -6.00 -1.87
N ALA A 34 -12.78 -6.76 -1.20
CA ALA A 34 -12.35 -7.67 -0.14
C ALA A 34 -11.48 -8.81 -0.72
N PRO A 35 -12.00 -9.60 -1.64
CA PRO A 35 -11.23 -10.73 -2.23
C PRO A 35 -9.94 -10.26 -2.92
N VAL A 36 -9.90 -8.99 -3.32
CA VAL A 36 -8.69 -8.43 -3.95
C VAL A 36 -7.52 -8.45 -2.96
N ALA A 37 -7.77 -7.96 -1.75
CA ALA A 37 -6.74 -7.96 -0.71
C ALA A 37 -6.38 -9.39 -0.29
N SER A 38 -7.38 -10.28 -0.30
CA SER A 38 -7.16 -11.68 0.06
C SER A 38 -6.15 -12.33 -0.89
N ALA A 39 -6.30 -12.06 -2.18
CA ALA A 39 -5.38 -12.59 -3.18
C ALA A 39 -3.98 -12.01 -2.98
N ALA A 40 -3.91 -10.72 -2.67
CA ALA A 40 -2.63 -10.05 -2.43
C ALA A 40 -1.91 -10.66 -1.24
N ALA A 41 -2.68 -11.05 -0.21
CA ALA A 41 -2.11 -11.66 0.98
C ALA A 41 -1.54 -13.04 0.65
N SER A 42 -2.25 -13.80 -0.19
CA SER A 42 -1.83 -15.16 -0.52
C SER A 42 -0.47 -15.15 -1.24
N ARG A 43 -0.34 -14.29 -2.24
CA ARG A 43 0.93 -14.17 -2.97
C ARG A 43 1.98 -13.42 -2.14
N LEU A 44 1.53 -12.62 -1.18
CA LEU A 44 2.43 -12.01 -0.19
C LEU A 44 3.09 -13.11 0.67
N SER A 45 2.37 -14.20 0.89
CA SER A 45 2.91 -15.32 1.65
C SER A 45 3.84 -16.20 0.80
N SER A 46 3.98 -15.87 -0.49
CA SER A 46 4.87 -16.63 -1.36
C SER A 46 6.34 -16.46 -0.95
N PRO A 47 7.18 -17.44 -1.22
CA PRO A 47 8.62 -17.37 -0.83
C PRO A 47 9.33 -16.15 -1.43
N ALA A 48 8.88 -15.73 -2.61
CA ALA A 48 9.47 -14.56 -3.28
C ALA A 48 9.22 -13.30 -2.45
N ALA A 49 8.01 -13.18 -1.89
CA ALA A 49 7.65 -12.03 -1.09
C ALA A 49 8.49 -11.98 0.19
N SER A 50 8.63 -13.13 0.86
CA SER A 50 9.37 -13.20 2.12
C SER A 50 10.81 -12.72 1.95
N SER A 51 11.42 -13.12 0.83
CA SER A 51 12.81 -12.72 0.55
C SER A 51 12.92 -11.21 0.40
N ARG A 52 11.96 -10.62 -0.31
CA ARG A 52 11.95 -9.17 -0.50
C ARG A 52 11.74 -8.43 0.82
N VAL A 53 10.96 -9.04 1.72
CA VAL A 53 10.71 -8.44 3.03
C VAL A 53 12.03 -8.32 3.81
N SER A 54 12.82 -9.39 3.81
CA SER A 54 14.11 -9.39 4.52
C SER A 54 15.02 -8.30 3.95
N SER A 55 15.06 -8.21 2.62
CA SER A 55 15.87 -7.19 1.95
C SER A 55 15.39 -5.79 2.34
N ALA A 56 14.08 -5.63 2.50
CA ALA A 56 13.50 -4.36 2.92
C ALA A 56 13.99 -3.99 4.32
N VAL A 57 14.21 -5.01 5.16
CA VAL A 57 14.72 -4.79 6.51
C VAL A 57 16.11 -4.17 6.46
N SER A 58 17.02 -4.81 5.71
CA SER A 58 18.41 -4.34 5.62
C SER A 58 18.48 -2.91 5.09
N SER A 59 17.61 -2.60 4.11
CA SER A 59 17.62 -1.27 3.49
C SER A 59 17.23 -0.19 4.50
N LEU A 60 16.09 -0.40 5.17
CA LEU A 60 15.59 0.58 6.12
C LEU A 60 16.51 0.72 7.33
N VAL A 61 17.05 -0.41 7.78
CA VAL A 61 17.88 -0.42 8.99
C VAL A 61 19.18 0.35 8.77
N SER A 62 19.86 0.07 7.65
CA SER A 62 21.17 0.66 7.40
C SER A 62 21.05 2.14 7.03
N SER A 63 20.07 2.46 6.18
CA SER A 63 19.89 3.83 5.71
C SER A 63 19.27 4.70 6.80
N GLY A 64 18.32 4.12 7.55
CA GLY A 64 17.61 4.86 8.59
C GLY A 64 16.14 4.44 8.64
N PRO A 65 15.72 3.74 9.69
CA PRO A 65 14.30 3.31 9.86
C PRO A 65 13.26 4.37 9.46
N THR A 66 13.61 5.65 9.64
CA THR A 66 12.66 6.73 9.36
C THR A 66 13.31 7.85 8.54
N ASN A 67 14.20 7.47 7.63
CA ASN A 67 14.83 8.43 6.73
C ASN A 67 14.05 8.52 5.42
N GLN A 68 13.83 9.76 4.94
CA GLN A 68 13.12 9.96 3.69
C GLN A 68 13.87 9.33 2.52
N ALA A 69 15.21 9.46 2.54
CA ALA A 69 16.04 8.88 1.49
C ALA A 69 15.97 7.35 1.54
N ALA A 70 15.95 6.80 2.75
CA ALA A 70 15.90 5.35 2.93
C ALA A 70 14.57 4.80 2.42
N LEU A 71 13.48 5.52 2.70
CA LEU A 71 12.15 5.08 2.26
C LEU A 71 12.06 5.04 0.74
N SER A 72 12.61 6.07 0.09
CA SER A 72 12.59 6.14 -1.37
C SER A 72 13.32 4.95 -1.99
N ASN A 73 14.46 4.59 -1.38
CA ASN A 73 15.26 3.47 -1.88
C ASN A 73 14.48 2.16 -1.79
N THR A 74 13.81 1.94 -0.66
CA THR A 74 13.10 0.68 -0.42
C THR A 74 11.94 0.52 -1.40
N ILE A 75 11.12 1.56 -1.54
CA ILE A 75 9.94 1.49 -2.41
C ILE A 75 10.35 1.25 -3.86
N SER A 76 11.37 2.00 -4.33
CA SER A 76 11.81 1.89 -5.71
C SER A 76 12.28 0.48 -6.05
N SER A 77 13.19 -0.04 -5.21
CA SER A 77 13.78 -1.36 -5.46
C SER A 77 12.72 -2.46 -5.40
N VAL A 78 11.89 -2.43 -4.36
CA VAL A 78 10.90 -3.48 -4.14
C VAL A 78 9.88 -3.51 -5.28
N VAL A 79 9.35 -2.34 -5.64
CA VAL A 79 8.33 -2.25 -6.69
C VAL A 79 8.86 -2.80 -8.01
N SER A 80 10.12 -2.47 -8.32
CA SER A 80 10.73 -2.91 -9.58
C SER A 80 10.78 -4.43 -9.65
N GLN A 81 11.36 -5.06 -8.64
CA GLN A 81 11.58 -6.51 -8.65
C GLN A 81 10.25 -7.26 -8.57
N VAL A 82 9.28 -6.70 -7.83
CA VAL A 82 7.96 -7.32 -7.72
C VAL A 82 7.27 -7.34 -9.09
N SER A 83 7.52 -6.29 -9.89
CA SER A 83 7.01 -6.26 -11.26
C SER A 83 7.66 -7.35 -12.11
N ALA A 84 8.96 -7.59 -11.87
CA ALA A 84 9.70 -8.60 -12.64
C ALA A 84 9.12 -10.00 -12.43
N SER A 85 8.74 -10.30 -11.19
CA SER A 85 8.16 -11.60 -10.88
C SER A 85 6.72 -11.69 -11.40
N ASN A 86 6.00 -10.57 -11.30
CA ASN A 86 4.58 -10.55 -11.65
C ASN A 86 4.33 -9.69 -12.90
N PRO A 87 4.74 -10.16 -14.07
CA PRO A 87 4.36 -9.53 -15.36
C PRO A 87 2.93 -9.89 -15.77
N GLY A 88 2.52 -11.11 -15.44
CA GLY A 88 1.17 -11.57 -15.76
C GLY A 88 0.11 -10.75 -15.03
N LEU A 89 0.45 -10.25 -13.84
CA LEU A 89 -0.51 -9.51 -13.03
C LEU A 89 -0.65 -8.08 -13.53
N SER A 90 -1.80 -7.48 -13.25
CA SER A 90 -2.08 -6.10 -13.71
C SER A 90 -1.19 -5.11 -12.97
N GLY A 91 -1.10 -3.89 -13.51
CA GLY A 91 -0.26 -2.86 -12.93
C GLY A 91 -0.68 -2.54 -11.49
N CYS A 92 -1.99 -2.52 -11.25
CA CYS A 92 -2.50 -2.22 -9.91
C CYS A 92 -2.13 -3.32 -8.93
N ASP A 93 -2.11 -4.58 -9.40
CA ASP A 93 -1.70 -5.71 -8.56
C ASP A 93 -0.26 -5.53 -8.10
N VAL A 94 0.60 -5.04 -8.99
CA VAL A 94 2.01 -4.81 -8.65
C VAL A 94 2.12 -3.76 -7.53
N LEU A 95 1.34 -2.69 -7.65
CA LEU A 95 1.37 -1.62 -6.65
C LEU A 95 0.91 -2.13 -5.28
N VAL A 96 -0.13 -2.96 -5.27
CA VAL A 96 -0.65 -3.53 -4.03
C VAL A 96 0.44 -4.36 -3.33
N GLN A 97 1.12 -5.19 -4.12
CA GLN A 97 2.10 -6.12 -3.57
C GLN A 97 3.27 -5.39 -2.92
N ALA A 98 3.75 -4.35 -3.60
CA ALA A 98 4.89 -3.58 -3.08
C ALA A 98 4.51 -2.85 -1.78
N LEU A 99 3.32 -2.26 -1.75
CA LEU A 99 2.92 -1.42 -0.62
C LEU A 99 2.77 -2.23 0.66
N LEU A 100 2.01 -3.32 0.59
CA LEU A 100 1.74 -4.11 1.81
C LEU A 100 3.01 -4.84 2.26
N GLU A 101 3.88 -5.19 1.30
CA GLU A 101 5.16 -5.79 1.65
C GLU A 101 6.03 -4.82 2.45
N VAL A 102 5.90 -3.52 2.16
CA VAL A 102 6.57 -2.51 2.96
C VAL A 102 5.99 -2.46 4.37
N VAL A 103 4.66 -2.68 4.47
CA VAL A 103 3.99 -2.71 5.76
C VAL A 103 4.57 -3.83 6.63
N SER A 104 4.78 -5.00 6.03
CA SER A 104 5.29 -6.16 6.75
C SER A 104 6.72 -5.92 7.25
N ALA A 105 7.55 -5.30 6.41
CA ALA A 105 8.92 -4.99 6.80
C ALA A 105 8.94 -4.07 8.03
N LEU A 106 8.05 -3.08 8.01
CA LEU A 106 7.97 -2.13 9.12
C LEU A 106 7.49 -2.82 10.41
N VAL A 107 6.60 -3.82 10.26
CA VAL A 107 6.14 -4.60 11.41
C VAL A 107 7.33 -5.31 12.07
N SER A 108 8.21 -5.87 11.24
CA SER A 108 9.40 -6.57 11.74
C SER A 108 10.28 -5.64 12.56
N ILE A 109 10.48 -4.42 12.05
CA ILE A 109 11.33 -3.44 12.72
C ILE A 109 10.72 -3.04 14.08
N LEU A 110 9.41 -2.83 14.10
CA LEU A 110 8.72 -2.38 15.31
C LEU A 110 8.84 -3.40 16.43
N GLY A 111 8.59 -4.67 16.09
CA GLY A 111 8.58 -5.73 17.11
C GLY A 111 9.98 -5.97 17.66
N SER A 112 10.99 -5.92 16.78
CA SER A 112 12.37 -6.10 17.19
C SER A 112 12.91 -4.85 17.90
N SER A 113 12.31 -3.69 17.61
CA SER A 113 12.77 -2.44 18.20
C SER A 113 11.97 -2.11 19.46
N SER A 114 12.47 -1.15 20.23
CA SER A 114 11.85 -0.77 21.49
C SER A 114 10.92 0.42 21.29
N ILE A 115 9.73 0.35 21.87
CA ILE A 115 8.74 1.43 21.72
C ILE A 115 8.80 2.37 22.93
N GLY A 116 9.14 3.63 22.66
CA GLY A 116 9.19 4.64 23.71
C GLY A 116 7.91 5.46 23.72
N GLN A 117 8.01 6.74 23.34
CA GLN A 117 6.84 7.60 23.22
C GLN A 117 6.56 7.92 21.76
N ILE A 118 5.27 7.90 21.39
CA ILE A 118 4.89 8.15 20.00
C ILE A 118 4.46 9.61 19.83
N ASN A 119 5.13 10.32 18.91
CA ASN A 119 4.74 11.69 18.59
C ASN A 119 3.50 11.69 17.72
N TYR A 120 2.34 11.80 18.38
CA TYR A 120 1.06 11.63 17.69
C TYR A 120 0.82 12.72 16.66
N GLY A 121 1.19 13.95 17.00
CA GLY A 121 0.94 15.10 16.12
C GLY A 121 1.75 14.99 14.83
N ALA A 122 2.95 14.42 14.92
CA ALA A 122 3.84 14.33 13.76
C ALA A 122 3.46 13.17 12.83
N SER A 123 2.41 12.41 13.17
CA SER A 123 1.99 11.26 12.35
C SER A 123 1.69 11.70 10.92
N ALA A 124 1.10 12.89 10.78
CA ALA A 124 0.78 13.43 9.46
C ALA A 124 2.05 13.72 8.66
N GLN A 125 3.10 14.16 9.36
CA GLN A 125 4.37 14.46 8.70
C GLN A 125 4.98 13.20 8.09
N TYR A 126 4.96 12.11 8.86
CA TYR A 126 5.45 10.83 8.36
C TYR A 126 4.60 10.33 7.19
N THR A 127 3.32 10.66 7.20
CA THR A 127 2.44 10.37 6.05
C THR A 127 2.96 11.04 4.79
N GLN A 128 3.44 12.28 4.94
CA GLN A 128 4.03 13.00 3.82
C GLN A 128 5.30 12.31 3.33
N MET A 129 6.06 11.72 4.26
CA MET A 129 7.30 11.02 3.88
C MET A 129 7.02 9.87 2.93
N VAL A 130 6.04 9.04 3.28
CA VAL A 130 5.71 7.87 2.46
C VAL A 130 5.16 8.30 1.10
N GLY A 131 4.24 9.26 1.10
CA GLY A 131 3.67 9.77 -0.15
C GLY A 131 4.75 10.31 -1.09
N GLN A 132 5.74 11.00 -0.50
CA GLN A 132 6.84 11.57 -1.29
C GLN A 132 7.67 10.46 -1.94
N SER A 133 7.93 9.39 -1.18
CA SER A 133 8.76 8.30 -1.69
C SER A 133 8.11 7.64 -2.91
N VAL A 134 6.78 7.50 -2.87
CA VAL A 134 6.05 6.92 -3.99
C VAL A 134 6.17 7.79 -5.23
N ALA A 135 5.90 9.09 -5.07
CA ALA A 135 5.88 10.02 -6.20
C ALA A 135 7.24 10.10 -6.87
N GLN A 136 8.29 10.28 -6.06
CA GLN A 136 9.64 10.48 -6.60
C GLN A 136 10.15 9.22 -7.31
N ALA A 137 9.94 8.07 -6.69
CA ALA A 137 10.48 6.81 -7.21
C ALA A 137 9.83 6.44 -8.54
N LEU A 138 8.50 6.60 -8.61
CA LEU A 138 7.75 6.17 -9.78
C LEU A 138 7.50 7.31 -10.78
N ALA A 139 7.94 8.52 -10.43
CA ALA A 139 7.80 9.66 -11.33
C ALA A 139 8.73 9.52 -12.54
N GLY A 140 9.92 8.97 -12.30
CA GLY A 140 10.90 8.77 -13.37
C GLY A 140 12.05 7.88 -12.90
N MET B 1 23.89 -23.38 -43.01
CA MET B 1 22.64 -22.66 -42.62
C MET B 1 22.77 -21.19 -43.01
N ALA B 2 21.63 -20.54 -43.23
CA ALA B 2 21.64 -19.12 -43.61
C ALA B 2 22.15 -18.25 -42.47
N SER B 3 21.81 -18.64 -41.24
CA SER B 3 22.25 -17.88 -40.06
C SER B 3 22.53 -18.82 -38.89
N MET B 4 23.29 -18.33 -37.91
CA MET B 4 23.61 -19.14 -36.74
C MET B 4 22.37 -19.44 -35.92
N THR B 5 21.44 -18.48 -35.86
CA THR B 5 20.20 -18.65 -35.11
C THR B 5 19.27 -19.62 -35.83
N GLY B 6 18.60 -20.48 -35.06
CA GLY B 6 17.68 -21.46 -35.63
C GLY B 6 16.33 -20.82 -35.96
N GLY B 7 15.40 -21.62 -36.46
CA GLY B 7 14.08 -21.13 -36.83
C GLY B 7 14.13 -20.33 -38.12
N GLN B 8 13.17 -20.58 -39.01
CA GLN B 8 13.12 -19.88 -40.29
C GLN B 8 12.24 -18.65 -40.19
N GLN B 9 12.84 -17.47 -40.40
CA GLN B 9 12.10 -16.21 -40.35
C GLN B 9 12.71 -15.19 -41.30
N MET B 10 11.94 -14.14 -41.61
CA MET B 10 12.41 -13.08 -42.50
C MET B 10 12.22 -11.71 -41.84
N GLY B 11 13.08 -10.76 -42.22
CA GLY B 11 13.00 -9.42 -41.66
C GLY B 11 12.21 -8.49 -42.57
N ARG B 12 10.98 -8.15 -42.15
CA ARG B 12 10.13 -7.26 -42.92
C ARG B 12 10.73 -5.86 -42.99
N GLY B 13 11.38 -5.44 -41.91
CA GLY B 13 12.00 -4.12 -41.87
C GLY B 13 11.05 -3.09 -41.27
N SER B 14 11.53 -1.85 -41.16
CA SER B 14 10.73 -0.76 -40.61
C SER B 14 10.59 0.38 -41.61
N MET B 15 9.49 1.12 -41.52
CA MET B 15 9.24 2.25 -42.42
C MET B 15 10.30 3.34 -42.23
N GLY B 16 10.73 3.52 -40.99
CA GLY B 16 11.74 4.53 -40.68
C GLY B 16 12.82 3.96 -39.76
N ALA B 17 14.04 3.87 -40.26
CA ALA B 17 15.16 3.35 -39.48
C ALA B 17 15.51 4.30 -38.34
N ALA B 18 15.38 5.60 -38.59
CA ALA B 18 15.70 6.60 -37.57
C ALA B 18 14.70 6.55 -36.42
N SER B 19 15.17 6.86 -35.21
CA SER B 19 14.31 6.84 -34.03
C SER B 19 13.28 7.97 -34.09
N ALA B 20 12.27 7.89 -33.24
CA ALA B 20 11.21 8.91 -33.21
C ALA B 20 11.00 9.40 -31.78
N ALA B 21 10.42 10.60 -31.65
CA ALA B 21 10.16 11.19 -30.34
C ALA B 21 9.09 10.39 -29.59
N VAL B 22 9.21 10.35 -28.26
CA VAL B 22 8.26 9.61 -27.44
C VAL B 22 6.89 10.29 -27.46
N SER B 23 5.84 9.48 -27.46
CA SER B 23 4.47 10.01 -27.47
C SER B 23 3.79 9.75 -26.13
N VAL B 24 2.89 10.67 -25.75
CA VAL B 24 2.16 10.54 -24.48
C VAL B 24 0.65 10.59 -24.72
N GLY B 25 -0.10 10.00 -23.80
CA GLY B 25 -1.55 9.98 -23.91
C GLY B 25 -2.13 8.68 -23.32
N GLY B 26 -2.50 7.75 -24.20
CA GLY B 26 -3.05 6.47 -23.76
C GLY B 26 -2.41 5.32 -24.55
N TYR B 27 -1.13 5.45 -24.85
CA TYR B 27 -0.41 4.42 -25.60
C TYR B 27 0.92 4.09 -24.92
N GLY B 28 1.24 2.80 -24.86
CA GLY B 28 2.50 2.36 -24.24
C GLY B 28 3.10 1.18 -25.01
N PRO B 29 4.38 0.93 -24.85
CA PRO B 29 5.05 -0.21 -25.56
C PRO B 29 4.58 -1.57 -25.04
N GLN B 30 4.63 -1.73 -23.71
CA GLN B 30 4.20 -2.98 -23.08
C GLN B 30 3.67 -2.71 -21.68
N SER B 31 4.55 -2.32 -20.77
CA SER B 31 4.17 -2.03 -19.39
C SER B 31 4.90 -0.80 -18.87
N SER B 32 4.28 -0.10 -17.92
CA SER B 32 4.90 1.09 -17.34
C SER B 32 4.90 1.00 -15.81
N SER B 33 3.71 1.05 -15.20
CA SER B 33 3.58 0.95 -13.75
C SER B 33 4.39 2.04 -13.05
N ALA B 34 3.72 3.16 -12.74
CA ALA B 34 4.38 4.27 -12.05
C ALA B 34 3.37 5.37 -11.70
N PRO B 35 2.71 5.95 -12.69
CA PRO B 35 1.71 7.04 -12.43
C PRO B 35 0.59 6.61 -11.49
N VAL B 36 0.34 5.30 -11.41
CA VAL B 36 -0.69 4.77 -10.51
C VAL B 36 -0.33 5.07 -9.05
N ALA B 37 0.91 4.77 -8.68
CA ALA B 37 1.39 5.05 -7.32
C ALA B 37 1.45 6.54 -7.07
N SER B 38 1.80 7.31 -8.10
CA SER B 38 1.88 8.77 -7.98
C SER B 38 0.54 9.36 -7.59
N ALA B 39 -0.53 8.86 -8.22
CA ALA B 39 -1.89 9.32 -7.90
C ALA B 39 -2.26 8.93 -6.47
N ALA B 40 -1.88 7.71 -6.07
CA ALA B 40 -2.16 7.23 -4.72
C ALA B 40 -1.47 8.11 -3.67
N ALA B 41 -0.26 8.57 -4.00
CA ALA B 41 0.49 9.43 -3.09
C ALA B 41 -0.18 10.79 -2.94
N SER B 42 -0.70 11.31 -4.05
CA SER B 42 -1.33 12.64 -4.03
C SER B 42 -2.56 12.66 -3.13
N ARG B 43 -3.43 11.65 -3.28
CA ARG B 43 -4.62 11.55 -2.43
C ARG B 43 -4.26 11.07 -1.03
N LEU B 44 -3.12 10.38 -0.90
CA LEU B 44 -2.57 10.04 0.42
C LEU B 44 -2.21 11.32 1.19
N SER B 45 -1.80 12.36 0.46
CA SER B 45 -1.47 13.64 1.08
C SER B 45 -2.73 14.45 1.41
N SER B 46 -3.91 13.94 1.06
CA SER B 46 -5.16 14.63 1.36
C SER B 46 -5.41 14.68 2.87
N PRO B 47 -6.13 15.68 3.35
CA PRO B 47 -6.40 15.83 4.81
C PRO B 47 -7.11 14.61 5.39
N ALA B 48 -7.94 13.96 4.56
CA ALA B 48 -8.66 12.76 5.00
C ALA B 48 -7.69 11.64 5.33
N ALA B 49 -6.65 11.50 4.51
CA ALA B 49 -5.66 10.45 4.71
C ALA B 49 -4.87 10.69 6.00
N SER B 50 -4.47 11.95 6.21
CA SER B 50 -3.66 12.29 7.39
C SER B 50 -4.40 11.95 8.68
N SER B 51 -5.70 12.22 8.71
CA SER B 51 -6.52 11.93 9.89
C SER B 51 -6.54 10.43 10.17
N ARG B 52 -6.70 9.64 9.11
CA ARG B 52 -6.72 8.18 9.26
C ARG B 52 -5.37 7.65 9.74
N VAL B 53 -4.29 8.31 9.33
CA VAL B 53 -2.95 7.91 9.76
C VAL B 53 -2.81 8.06 11.27
N SER B 54 -3.27 9.19 11.81
CA SER B 54 -3.20 9.43 13.25
C SER B 54 -4.01 8.37 14.01
N SER B 55 -5.20 8.07 13.50
CA SER B 55 -6.05 7.04 14.12
C SER B 55 -5.35 5.68 14.08
N ALA B 56 -4.62 5.42 13.00
CA ALA B 56 -3.85 4.18 12.87
C ALA B 56 -2.78 4.10 13.96
N VAL B 57 -2.22 5.26 14.33
CA VAL B 57 -1.21 5.31 15.39
C VAL B 57 -1.82 4.84 16.71
N SER B 58 -2.95 5.43 17.10
CA SER B 58 -3.58 5.11 18.37
C SER B 58 -3.94 3.63 18.45
N SER B 59 -4.40 3.07 17.32
CA SER B 59 -4.82 1.67 17.29
C SER B 59 -3.65 0.74 17.53
N LEU B 60 -2.57 0.93 16.76
CA LEU B 60 -1.40 0.06 16.87
C LEU B 60 -0.71 0.22 18.23
N VAL B 61 -0.64 1.46 18.72
CA VAL B 61 0.06 1.76 19.96
C VAL B 61 -0.63 1.10 21.15
N SER B 62 -1.94 1.26 21.25
CA SER B 62 -2.69 0.77 22.41
C SER B 62 -2.81 -0.75 22.38
N SER B 63 -3.12 -1.30 21.21
CA SER B 63 -3.31 -2.74 21.08
C SER B 63 -1.97 -3.49 21.11
N GLY B 64 -0.95 -2.89 20.49
CA GLY B 64 0.36 -3.52 20.42
C GLY B 64 1.01 -3.24 19.06
N PRO B 65 2.06 -2.44 19.01
CA PRO B 65 2.79 -2.13 17.73
C PRO B 65 2.99 -3.35 16.81
N THR B 66 3.14 -4.54 17.41
CA THR B 66 3.42 -5.74 16.62
C THR B 66 2.51 -6.91 17.03
N ASN B 67 1.27 -6.58 17.39
CA ASN B 67 0.29 -7.61 17.74
C ASN B 67 -0.54 -8.00 16.51
N GLN B 68 -0.73 -9.31 16.32
CA GLN B 68 -1.53 -9.79 15.18
C GLN B 68 -2.97 -9.28 15.27
N ALA B 69 -3.52 -9.26 16.48
CA ALA B 69 -4.88 -8.78 16.69
C ALA B 69 -4.96 -7.28 16.41
N ALA B 70 -3.93 -6.55 16.81
CA ALA B 70 -3.90 -5.10 16.59
C ALA B 70 -3.82 -4.78 15.11
N LEU B 71 -3.02 -5.55 14.37
CA LEU B 71 -2.87 -5.33 12.93
C LEU B 71 -4.20 -5.55 12.21
N SER B 72 -4.92 -6.60 12.59
CA SER B 72 -6.20 -6.92 11.96
C SER B 72 -7.20 -5.78 12.17
N ASN B 73 -7.19 -5.20 13.38
CA ASN B 73 -8.10 -4.11 13.70
C ASN B 73 -7.81 -2.88 12.83
N THR B 74 -6.54 -2.55 12.66
CA THR B 74 -6.15 -1.35 11.93
C THR B 74 -6.52 -1.47 10.45
N ILE B 75 -6.19 -2.60 9.83
CA ILE B 75 -6.46 -2.80 8.40
C ILE B 75 -7.96 -2.76 8.13
N SER B 76 -8.73 -3.45 8.97
CA SER B 76 -10.19 -3.53 8.76
C SER B 76 -10.83 -2.16 8.81
N SER B 77 -10.54 -1.41 9.88
CA SER B 77 -11.15 -0.10 10.09
C SER B 77 -10.74 0.87 8.99
N VAL B 78 -9.45 0.93 8.70
CA VAL B 78 -8.93 1.89 7.72
C VAL B 78 -9.51 1.63 6.34
N VAL B 79 -9.47 0.38 5.90
CA VAL B 79 -9.95 0.01 4.57
C VAL B 79 -11.42 0.39 4.41
N SER B 80 -12.22 0.14 5.44
CA SER B 80 -13.66 0.43 5.40
C SER B 80 -13.90 1.92 5.15
N GLN B 81 -13.31 2.76 6.00
CA GLN B 81 -13.57 4.20 5.94
C GLN B 81 -12.99 4.81 4.67
N VAL B 82 -11.84 4.29 4.21
CA VAL B 82 -11.23 4.77 2.97
C VAL B 82 -12.16 4.49 1.78
N SER B 83 -12.87 3.37 1.84
CA SER B 83 -13.88 3.05 0.82
C SER B 83 -15.03 4.06 0.86
N ALA B 84 -15.41 4.47 2.08
CA ALA B 84 -16.51 5.41 2.27
C ALA B 84 -16.22 6.75 1.60
N SER B 85 -14.99 7.22 1.74
CA SER B 85 -14.58 8.49 1.13
C SER B 85 -14.43 8.33 -0.38
N ASN B 86 -13.93 7.18 -0.81
CA ASN B 86 -13.60 6.95 -2.22
C ASN B 86 -14.52 5.88 -2.82
N PRO B 87 -15.79 6.20 -3.02
CA PRO B 87 -16.71 5.32 -3.80
C PRO B 87 -16.49 5.46 -5.30
N GLY B 88 -16.14 6.67 -5.73
CA GLY B 88 -15.89 6.93 -7.16
C GLY B 88 -14.68 6.14 -7.66
N LEU B 89 -13.72 5.88 -6.78
CA LEU B 89 -12.50 5.19 -7.17
C LEU B 89 -12.74 3.68 -7.27
N SER B 90 -11.92 3.01 -8.09
CA SER B 90 -12.06 1.58 -8.30
C SER B 90 -11.69 0.81 -7.03
N GLY B 91 -12.09 -0.47 -6.99
CA GLY B 91 -11.82 -1.30 -5.82
C GLY B 91 -10.33 -1.41 -5.53
N CYS B 92 -9.54 -1.53 -6.61
CA CYS B 92 -8.09 -1.66 -6.46
C CYS B 92 -7.49 -0.38 -5.88
N ASP B 93 -8.05 0.78 -6.28
CA ASP B 93 -7.59 2.06 -5.74
C ASP B 93 -7.79 2.12 -4.23
N VAL B 94 -8.91 1.58 -3.75
CA VAL B 94 -9.20 1.56 -2.32
C VAL B 94 -8.15 0.72 -1.58
N LEU B 95 -7.80 -0.43 -2.16
CA LEU B 95 -6.81 -1.32 -1.54
C LEU B 95 -5.44 -0.64 -1.45
N VAL B 96 -5.05 0.06 -2.51
CA VAL B 96 -3.77 0.77 -2.55
C VAL B 96 -3.72 1.82 -1.42
N GLN B 97 -4.81 2.57 -1.28
CA GLN B 97 -4.83 3.68 -0.33
C GLN B 97 -4.70 3.19 1.11
N ALA B 98 -5.40 2.10 1.44
CA ALA B 98 -5.35 1.55 2.78
C ALA B 98 -3.96 1.02 3.11
N LEU B 99 -3.35 0.32 2.16
CA LEU B 99 -2.08 -0.37 2.41
C LEU B 99 -0.95 0.61 2.68
N LEU B 100 -0.78 1.60 1.79
CA LEU B 100 0.32 2.54 1.93
C LEU B 100 0.11 3.47 3.13
N GLU B 101 -1.16 3.74 3.46
CA GLU B 101 -1.49 4.52 4.64
C GLU B 101 -1.04 3.78 5.92
N VAL B 102 -1.11 2.46 5.89
CA VAL B 102 -0.59 1.65 6.99
C VAL B 102 0.93 1.78 7.06
N VAL B 103 1.57 1.87 5.89
CA VAL B 103 3.03 2.04 5.83
C VAL B 103 3.44 3.34 6.52
N SER B 104 2.68 4.42 6.27
CA SER B 104 2.98 5.72 6.84
C SER B 104 2.83 5.72 8.36
N ALA B 105 1.78 5.05 8.85
CA ALA B 105 1.56 4.96 10.29
C ALA B 105 2.73 4.26 10.97
N LEU B 106 3.22 3.20 10.34
CA LEU B 106 4.35 2.44 10.88
C LEU B 106 5.62 3.28 10.87
N VAL B 107 5.78 4.14 9.86
CA VAL B 107 6.93 5.04 9.81
C VAL B 107 6.93 5.97 11.03
N SER B 108 5.74 6.47 11.39
CA SER B 108 5.60 7.37 12.53
C SER B 108 6.04 6.67 13.82
N ILE B 109 5.62 5.42 13.97
CA ILE B 109 5.95 4.65 15.18
C ILE B 109 7.47 4.43 15.27
N LEU B 110 8.08 4.08 14.14
CA LEU B 110 9.51 3.76 14.10
C LEU B 110 10.36 4.97 14.52
N GLY B 111 10.04 6.14 13.94
CA GLY B 111 10.83 7.34 14.19
C GLY B 111 10.69 7.80 15.63
N SER B 112 9.47 7.71 16.16
CA SER B 112 9.21 8.09 17.54
C SER B 112 9.74 7.05 18.53
N SER B 113 9.86 5.80 18.06
CA SER B 113 10.31 4.72 18.91
C SER B 113 11.82 4.52 18.79
N SER B 114 12.39 3.74 19.72
CA SER B 114 13.83 3.52 19.74
C SER B 114 14.18 2.22 19.03
N ILE B 115 15.21 2.27 18.20
CA ILE B 115 15.63 1.09 17.43
C ILE B 115 16.76 0.36 18.14
N GLY B 116 16.51 -0.88 18.53
CA GLY B 116 17.53 -1.70 19.19
C GLY B 116 18.19 -2.64 18.18
N GLN B 117 17.93 -3.93 18.32
CA GLN B 117 18.44 -4.92 17.37
C GLN B 117 17.28 -5.51 16.56
N ILE B 118 17.51 -5.68 15.26
CA ILE B 118 16.46 -6.20 14.37
C ILE B 118 16.65 -7.70 14.15
N ASN B 119 15.62 -8.47 14.48
CA ASN B 119 15.63 -9.91 14.23
C ASN B 119 15.40 -10.18 12.74
N TYR B 120 16.50 -10.31 12.00
CA TYR B 120 16.43 -10.37 10.55
C TYR B 120 15.73 -11.64 10.08
N GLY B 121 16.01 -12.75 10.76
CA GLY B 121 15.44 -14.04 10.35
C GLY B 121 13.92 -14.08 10.51
N ALA B 122 13.42 -13.37 11.53
CA ALA B 122 11.98 -13.37 11.83
C ALA B 122 11.20 -12.43 10.90
N SER B 123 11.88 -11.74 9.99
CA SER B 123 11.21 -10.79 9.09
C SER B 123 10.12 -11.49 8.28
N ALA B 124 10.37 -12.74 7.90
CA ALA B 124 9.39 -13.51 7.15
C ALA B 124 8.15 -13.80 7.99
N GLN B 125 8.36 -14.01 9.29
CA GLN B 125 7.24 -14.28 10.20
C GLN B 125 6.31 -13.08 10.29
N TYR B 126 6.88 -11.89 10.40
CA TYR B 126 6.09 -10.66 10.43
C TYR B 126 5.37 -10.45 9.10
N THR B 127 5.97 -10.93 8.01
CA THR B 127 5.31 -10.90 6.71
C THR B 127 4.01 -11.71 6.75
N GLN B 128 4.07 -12.85 7.43
CA GLN B 128 2.87 -13.68 7.61
C GLN B 128 1.81 -12.95 8.43
N MET B 129 2.24 -12.14 9.40
CA MET B 129 1.31 -11.39 10.24
C MET B 129 0.46 -10.45 9.40
N VAL B 130 1.11 -9.67 8.53
CA VAL B 130 0.40 -8.69 7.71
C VAL B 130 -0.53 -9.40 6.72
N GLY B 131 -0.02 -10.43 6.05
CA GLY B 131 -0.84 -11.19 5.10
C GLY B 131 -2.09 -11.77 5.77
N GLN B 132 -1.93 -12.24 7.01
CA GLN B 132 -3.06 -12.82 7.75
C GLN B 132 -4.11 -11.76 8.05
N SER B 133 -3.67 -10.56 8.42
CA SER B 133 -4.59 -9.48 8.77
C SER B 133 -5.47 -9.10 7.57
N VAL B 134 -4.86 -9.09 6.37
CA VAL B 134 -5.60 -8.77 5.15
C VAL B 134 -6.67 -9.83 4.89
N ALA B 135 -6.27 -11.10 4.93
CA ALA B 135 -7.18 -12.20 4.58
C ALA B 135 -8.38 -12.26 5.53
N GLN B 136 -8.10 -12.18 6.84
CA GLN B 136 -9.14 -12.33 7.85
C GLN B 136 -10.12 -11.17 7.80
N ALA B 137 -9.59 -9.94 7.69
CA ALA B 137 -10.43 -8.74 7.75
C ALA B 137 -11.37 -8.67 6.55
N LEU B 138 -10.84 -8.96 5.36
CA LEU B 138 -11.61 -8.81 4.12
C LEU B 138 -12.26 -10.13 3.68
N ALA B 139 -12.03 -11.21 4.42
CA ALA B 139 -12.65 -12.49 4.10
C ALA B 139 -14.15 -12.45 4.40
N GLY B 140 -14.51 -11.75 5.48
CA GLY B 140 -15.91 -11.62 5.86
C GLY B 140 -16.60 -10.52 5.08
N MET A 1 -54.01 -7.65 -24.36
CA MET A 1 -53.37 -7.76 -23.02
C MET A 1 -54.23 -8.65 -22.13
N ALA A 2 -53.71 -9.85 -21.83
CA ALA A 2 -54.44 -10.79 -20.98
C ALA A 2 -53.90 -10.74 -19.55
N SER A 3 -54.81 -10.91 -18.59
CA SER A 3 -54.43 -10.88 -17.17
C SER A 3 -54.74 -12.22 -16.51
N MET A 4 -53.86 -12.65 -15.60
CA MET A 4 -54.05 -13.91 -14.90
C MET A 4 -54.50 -13.66 -13.46
N THR A 5 -55.33 -14.57 -12.93
CA THR A 5 -55.83 -14.44 -11.57
C THR A 5 -55.43 -15.66 -10.74
N GLY A 6 -55.01 -15.41 -9.50
CA GLY A 6 -54.61 -16.49 -8.60
C GLY A 6 -54.97 -16.16 -7.16
N GLY A 7 -54.59 -14.97 -6.71
CA GLY A 7 -54.88 -14.54 -5.35
C GLY A 7 -54.64 -13.04 -5.18
N GLN A 8 -53.98 -12.67 -4.07
CA GLN A 8 -53.70 -11.25 -3.80
C GLN A 8 -52.74 -10.69 -4.85
N GLN A 9 -51.79 -11.51 -5.30
CA GLN A 9 -50.81 -11.10 -6.30
C GLN A 9 -49.98 -9.91 -5.81
N MET A 10 -49.58 -9.97 -4.54
CA MET A 10 -48.78 -8.90 -3.94
C MET A 10 -47.42 -8.81 -4.61
N GLY A 11 -46.86 -9.96 -4.98
CA GLY A 11 -45.56 -10.00 -5.64
C GLY A 11 -45.09 -11.44 -5.85
N ARG A 12 -44.39 -11.67 -6.95
CA ARG A 12 -43.88 -13.01 -7.26
C ARG A 12 -42.83 -13.45 -6.23
N GLY A 13 -42.05 -12.49 -5.74
CA GLY A 13 -41.01 -12.78 -4.77
C GLY A 13 -39.75 -13.30 -5.45
N SER A 14 -39.44 -12.74 -6.63
CA SER A 14 -38.25 -13.15 -7.38
C SER A 14 -36.98 -12.81 -6.61
N MET A 15 -37.01 -11.70 -5.88
CA MET A 15 -35.83 -11.27 -5.11
C MET A 15 -35.70 -12.10 -3.84
N GLY A 16 -34.45 -12.37 -3.44
CA GLY A 16 -34.19 -13.16 -2.25
C GLY A 16 -32.98 -14.08 -2.46
N ALA A 17 -31.87 -13.48 -2.90
CA ALA A 17 -30.65 -14.25 -3.16
C ALA A 17 -30.08 -14.81 -1.85
N ALA A 18 -30.22 -14.04 -0.78
CA ALA A 18 -29.71 -14.47 0.53
C ALA A 18 -30.45 -15.70 1.03
N SER A 19 -31.75 -15.78 0.72
CA SER A 19 -32.57 -16.91 1.13
C SER A 19 -32.41 -18.08 0.17
N ALA A 20 -32.60 -19.30 0.68
CA ALA A 20 -32.49 -20.51 -0.14
C ALA A 20 -31.09 -20.64 -0.73
N ALA A 21 -30.82 -21.78 -1.37
CA ALA A 21 -29.51 -22.03 -1.97
C ALA A 21 -29.55 -21.80 -3.47
N VAL A 22 -28.39 -21.46 -4.05
CA VAL A 22 -28.30 -21.20 -5.49
C VAL A 22 -29.18 -20.02 -5.89
N SER A 23 -28.59 -18.83 -6.00
CA SER A 23 -29.33 -17.63 -6.35
C SER A 23 -28.68 -16.94 -7.57
N VAL A 24 -29.49 -16.19 -8.30
CA VAL A 24 -29.00 -15.47 -9.48
C VAL A 24 -28.69 -14.03 -9.12
N GLY A 25 -27.56 -13.51 -9.62
CA GLY A 25 -27.14 -12.15 -9.32
C GLY A 25 -28.11 -11.13 -9.94
N GLY A 26 -28.50 -10.14 -9.14
CA GLY A 26 -29.43 -9.11 -9.61
C GLY A 26 -28.67 -7.86 -10.05
N TYR A 27 -28.06 -7.18 -9.09
CA TYR A 27 -27.32 -5.95 -9.39
C TYR A 27 -25.81 -6.22 -9.46
N GLY A 28 -25.44 -7.44 -9.86
CA GLY A 28 -24.03 -7.80 -9.96
C GLY A 28 -23.38 -7.89 -8.57
N PRO A 29 -23.69 -8.90 -7.81
CA PRO A 29 -23.10 -9.07 -6.43
C PRO A 29 -21.61 -9.42 -6.50
N GLN A 30 -21.05 -9.78 -5.34
CA GLN A 30 -19.64 -10.15 -5.24
C GLN A 30 -18.74 -8.97 -5.67
N SER A 31 -18.53 -8.05 -4.73
CA SER A 31 -17.70 -6.87 -5.00
C SER A 31 -16.24 -7.29 -5.17
N SER A 32 -15.48 -6.47 -5.92
CA SER A 32 -14.08 -6.76 -6.18
C SER A 32 -13.18 -5.84 -5.35
N SER A 33 -13.43 -5.81 -4.04
CA SER A 33 -12.62 -5.00 -3.13
C SER A 33 -11.97 -5.87 -2.07
N ALA A 34 -12.78 -6.67 -1.38
CA ALA A 34 -12.27 -7.55 -0.33
C ALA A 34 -11.38 -8.65 -0.90
N PRO A 35 -11.89 -9.47 -1.82
CA PRO A 35 -11.08 -10.58 -2.41
C PRO A 35 -9.77 -10.09 -3.04
N VAL A 36 -9.72 -8.80 -3.38
CA VAL A 36 -8.50 -8.21 -3.93
C VAL A 36 -7.37 -8.25 -2.89
N ALA A 37 -7.69 -7.83 -1.66
CA ALA A 37 -6.71 -7.85 -0.58
C ALA A 37 -6.33 -9.29 -0.23
N SER A 38 -7.32 -10.19 -0.22
CA SER A 38 -7.07 -11.59 0.13
C SER A 38 -6.08 -12.22 -0.85
N ALA A 39 -6.24 -11.92 -2.14
CA ALA A 39 -5.34 -12.45 -3.16
C ALA A 39 -3.93 -11.90 -2.97
N ALA A 40 -3.83 -10.60 -2.65
CA ALA A 40 -2.54 -9.96 -2.44
C ALA A 40 -1.80 -10.60 -1.26
N ALA A 41 -2.55 -10.95 -0.21
CA ALA A 41 -1.98 -11.61 0.96
C ALA A 41 -1.47 -13.00 0.60
N SER A 42 -2.21 -13.70 -0.26
CA SER A 42 -1.86 -15.06 -0.63
C SER A 42 -0.50 -15.11 -1.33
N ARG A 43 -0.32 -14.23 -2.32
CA ARG A 43 0.95 -14.16 -3.04
C ARG A 43 2.03 -13.47 -2.20
N LEU A 44 1.61 -12.65 -1.23
CA LEU A 44 2.55 -12.08 -0.24
C LEU A 44 3.22 -13.19 0.57
N SER A 45 2.50 -14.29 0.81
CA SER A 45 3.04 -15.41 1.57
C SER A 45 3.96 -16.29 0.70
N SER A 46 4.10 -15.96 -0.59
CA SER A 46 4.97 -16.72 -1.48
C SER A 46 6.44 -16.56 -1.07
N PRO A 47 7.27 -17.55 -1.35
CA PRO A 47 8.72 -17.50 -0.97
C PRO A 47 9.42 -16.24 -1.52
N ALA A 48 9.02 -15.82 -2.72
CA ALA A 48 9.64 -14.65 -3.35
C ALA A 48 9.35 -13.39 -2.54
N ALA A 49 8.14 -13.29 -2.01
CA ALA A 49 7.75 -12.12 -1.23
C ALA A 49 8.54 -12.05 0.07
N SER A 50 8.69 -13.19 0.75
CA SER A 50 9.40 -13.25 2.02
C SER A 50 10.85 -12.77 1.86
N SER A 51 11.48 -13.19 0.76
CA SER A 51 12.87 -12.80 0.49
C SER A 51 12.99 -11.29 0.33
N ARG A 52 12.02 -10.70 -0.38
CA ARG A 52 12.01 -9.25 -0.60
C ARG A 52 11.83 -8.51 0.73
N VAL A 53 11.05 -9.09 1.65
CA VAL A 53 10.85 -8.50 2.96
C VAL A 53 12.19 -8.40 3.71
N SER A 54 12.96 -9.48 3.66
CA SER A 54 14.28 -9.50 4.31
C SER A 54 15.17 -8.39 3.76
N SER A 55 15.17 -8.25 2.43
CA SER A 55 15.97 -7.21 1.77
C SER A 55 15.51 -5.83 2.22
N ALA A 56 14.20 -5.68 2.41
CA ALA A 56 13.64 -4.41 2.92
C ALA A 56 14.17 -4.11 4.32
N VAL A 57 14.41 -5.15 5.11
CA VAL A 57 14.94 -4.97 6.46
C VAL A 57 16.34 -4.36 6.40
N SER A 58 17.22 -4.98 5.62
CA SER A 58 18.62 -4.53 5.52
C SER A 58 18.69 -3.08 5.01
N SER A 59 17.82 -2.75 4.05
CA SER A 59 17.83 -1.42 3.45
C SER A 59 17.46 -0.35 4.49
N LEU A 60 16.35 -0.57 5.19
CA LEU A 60 15.85 0.41 6.16
C LEU A 60 16.82 0.53 7.35
N VAL A 61 17.36 -0.60 7.78
CA VAL A 61 18.24 -0.62 8.95
C VAL A 61 19.53 0.16 8.69
N SER A 62 20.18 -0.11 7.56
CA SER A 62 21.48 0.48 7.27
C SER A 62 21.34 1.95 6.90
N SER A 63 20.34 2.27 6.07
CA SER A 63 20.13 3.64 5.61
C SER A 63 19.54 4.50 6.73
N GLY A 64 18.64 3.91 7.51
CA GLY A 64 17.96 4.65 8.57
C GLY A 64 16.47 4.26 8.64
N PRO A 65 16.06 3.54 9.65
CA PRO A 65 14.63 3.11 9.81
C PRO A 65 13.62 4.22 9.49
N THR A 66 13.98 5.47 9.78
CA THR A 66 13.05 6.59 9.63
C THR A 66 13.60 7.68 8.71
N ASN A 67 14.41 7.27 7.73
CA ASN A 67 15.01 8.22 6.79
C ASN A 67 14.17 8.35 5.52
N GLN A 68 14.02 9.57 5.02
CA GLN A 68 13.29 9.81 3.78
C GLN A 68 13.97 9.10 2.60
N ALA A 69 15.29 9.23 2.53
CA ALA A 69 16.05 8.64 1.44
C ALA A 69 15.98 7.11 1.50
N ALA A 70 16.01 6.57 2.71
CA ALA A 70 15.99 5.12 2.89
C ALA A 70 14.65 4.53 2.44
N LEU A 71 13.56 5.18 2.83
CA LEU A 71 12.23 4.71 2.46
C LEU A 71 12.04 4.73 0.95
N SER A 72 12.54 5.79 0.30
CA SER A 72 12.41 5.91 -1.15
C SER A 72 13.14 4.77 -1.86
N ASN A 73 14.35 4.43 -1.36
CA ASN A 73 15.16 3.39 -1.98
C ASN A 73 14.46 2.03 -1.89
N THR A 74 13.92 1.71 -0.71
CA THR A 74 13.29 0.41 -0.49
C THR A 74 12.06 0.24 -1.36
N ILE A 75 11.20 1.27 -1.38
CA ILE A 75 9.94 1.20 -2.13
C ILE A 75 10.21 1.05 -3.63
N SER A 76 11.14 1.84 -4.15
CA SER A 76 11.45 1.82 -5.59
C SER A 76 11.95 0.44 -6.01
N SER A 77 12.93 -0.06 -5.27
CA SER A 77 13.55 -1.35 -5.61
C SER A 77 12.54 -2.49 -5.55
N VAL A 78 11.73 -2.51 -4.48
CA VAL A 78 10.77 -3.59 -4.27
C VAL A 78 9.72 -3.59 -5.38
N VAL A 79 9.18 -2.41 -5.71
CA VAL A 79 8.13 -2.30 -6.73
C VAL A 79 8.63 -2.85 -8.06
N SER A 80 9.87 -2.51 -8.42
CA SER A 80 10.46 -2.95 -9.69
C SER A 80 10.52 -4.48 -9.75
N GLN A 81 11.14 -5.07 -8.73
CA GLN A 81 11.38 -6.52 -8.73
C GLN A 81 10.07 -7.30 -8.63
N VAL A 82 9.11 -6.78 -7.86
CA VAL A 82 7.81 -7.43 -7.71
C VAL A 82 7.08 -7.50 -9.06
N SER A 83 7.23 -6.44 -9.85
CA SER A 83 6.67 -6.43 -11.21
C SER A 83 7.36 -7.48 -12.09
N ALA A 84 8.67 -7.64 -11.90
CA ALA A 84 9.46 -8.58 -12.70
C ALA A 84 8.97 -10.01 -12.51
N SER A 85 8.65 -10.37 -11.26
CA SER A 85 8.17 -11.71 -10.96
C SER A 85 6.73 -11.87 -11.45
N ASN A 86 5.94 -10.80 -11.32
CA ASN A 86 4.51 -10.86 -11.66
C ASN A 86 4.20 -9.99 -12.89
N PRO A 87 4.65 -10.40 -14.06
CA PRO A 87 4.24 -9.73 -15.33
C PRO A 87 2.79 -10.06 -15.70
N GLY A 88 2.33 -11.25 -15.29
CA GLY A 88 0.96 -11.67 -15.58
C GLY A 88 -0.07 -10.78 -14.89
N LEU A 89 0.29 -10.23 -13.73
CA LEU A 89 -0.63 -9.43 -12.94
C LEU A 89 -0.77 -8.03 -13.54
N SER A 90 -1.93 -7.40 -13.31
CA SER A 90 -2.17 -6.05 -13.81
C SER A 90 -1.28 -5.04 -13.09
N GLY A 91 -1.19 -3.83 -13.65
CA GLY A 91 -0.35 -2.80 -13.08
C GLY A 91 -0.75 -2.47 -11.64
N CYS A 92 -2.06 -2.48 -11.37
CA CYS A 92 -2.57 -2.18 -10.05
C CYS A 92 -2.15 -3.27 -9.05
N ASP A 93 -2.17 -4.53 -9.50
CA ASP A 93 -1.75 -5.64 -8.63
C ASP A 93 -0.29 -5.48 -8.20
N VAL A 94 0.55 -4.97 -9.11
CA VAL A 94 1.95 -4.72 -8.79
C VAL A 94 2.07 -3.68 -7.67
N LEU A 95 1.30 -2.60 -7.79
CA LEU A 95 1.31 -1.54 -6.79
C LEU A 95 0.86 -2.07 -5.43
N VAL A 96 -0.19 -2.90 -5.43
CA VAL A 96 -0.71 -3.48 -4.19
C VAL A 96 0.39 -4.28 -3.49
N GLN A 97 1.03 -5.17 -4.24
CA GLN A 97 1.99 -6.11 -3.65
C GLN A 97 3.15 -5.38 -3.00
N ALA A 98 3.65 -4.35 -3.69
CA ALA A 98 4.77 -3.56 -3.16
C ALA A 98 4.38 -2.86 -1.87
N LEU A 99 3.15 -2.36 -1.82
CA LEU A 99 2.72 -1.53 -0.70
C LEU A 99 2.63 -2.33 0.61
N LEU A 100 1.93 -3.47 0.57
CA LEU A 100 1.73 -4.24 1.80
C LEU A 100 3.04 -4.93 2.23
N GLU A 101 3.89 -5.25 1.25
CA GLU A 101 5.21 -5.80 1.56
C GLU A 101 6.06 -4.78 2.34
N VAL A 102 5.85 -3.48 2.04
CA VAL A 102 6.51 -2.43 2.81
C VAL A 102 5.94 -2.40 4.24
N VAL A 103 4.62 -2.65 4.35
CA VAL A 103 3.97 -2.69 5.67
C VAL A 103 4.59 -3.79 6.53
N SER A 104 4.84 -4.95 5.91
CA SER A 104 5.39 -6.10 6.63
C SER A 104 6.83 -5.81 7.09
N ALA A 105 7.61 -5.14 6.24
CA ALA A 105 8.98 -4.80 6.60
C ALA A 105 9.01 -3.89 7.84
N LEU A 106 8.10 -2.91 7.86
CA LEU A 106 8.00 -2.00 8.99
C LEU A 106 7.55 -2.74 10.24
N VAL A 107 6.68 -3.73 10.08
CA VAL A 107 6.24 -4.56 11.21
C VAL A 107 7.44 -5.29 11.83
N SER A 108 8.32 -5.81 10.98
CA SER A 108 9.52 -6.51 11.45
C SER A 108 10.40 -5.59 12.29
N ILE A 109 10.55 -4.35 11.83
CA ILE A 109 11.37 -3.37 12.56
C ILE A 109 10.76 -3.07 13.92
N LEU A 110 9.44 -2.92 13.96
CA LEU A 110 8.74 -2.61 15.21
C LEU A 110 8.90 -3.73 16.23
N GLY A 111 8.74 -4.97 15.76
CA GLY A 111 8.79 -6.14 16.65
C GLY A 111 10.17 -6.30 17.28
N SER A 112 11.22 -6.05 16.48
CA SER A 112 12.59 -6.14 16.99
C SER A 112 13.03 -4.87 17.71
N SER A 113 12.36 -3.76 17.42
CA SER A 113 12.73 -2.46 17.98
C SER A 113 11.92 -2.17 19.24
N SER A 114 12.37 -1.18 20.00
CA SER A 114 11.71 -0.82 21.26
C SER A 114 10.78 0.37 21.07
N ILE A 115 9.62 0.32 21.69
CA ILE A 115 8.64 1.39 21.58
C ILE A 115 8.73 2.34 22.78
N GLY A 116 9.06 3.60 22.51
CA GLY A 116 9.16 4.60 23.56
C GLY A 116 7.89 5.43 23.63
N GLN A 117 8.04 6.75 23.52
CA GLN A 117 6.89 7.64 23.49
C GLN A 117 6.52 7.98 22.05
N ILE A 118 5.23 7.90 21.72
CA ILE A 118 4.77 8.15 20.36
C ILE A 118 4.30 9.59 20.20
N ASN A 119 4.97 10.34 19.34
CA ASN A 119 4.57 11.71 19.03
C ASN A 119 3.36 11.70 18.09
N TYR A 120 2.18 11.87 18.67
CA TYR A 120 0.94 11.68 17.93
C TYR A 120 0.78 12.73 16.83
N GLY A 121 1.15 13.98 17.14
CA GLY A 121 0.97 15.08 16.20
C GLY A 121 1.86 14.91 14.97
N ALA A 122 3.06 14.37 15.18
CA ALA A 122 4.03 14.21 14.09
C ALA A 122 3.63 13.10 13.11
N SER A 123 2.62 12.30 13.46
CA SER A 123 2.20 11.18 12.62
C SER A 123 1.83 11.67 11.21
N ALA A 124 1.27 12.88 11.13
CA ALA A 124 0.91 13.47 9.84
C ALA A 124 2.17 13.72 9.00
N GLN A 125 3.25 14.13 9.66
CA GLN A 125 4.51 14.42 8.96
C GLN A 125 5.08 13.14 8.34
N TYR A 126 5.06 12.06 9.10
CA TYR A 126 5.55 10.77 8.59
C TYR A 126 4.68 10.27 7.43
N THR A 127 3.39 10.61 7.47
CA THR A 127 2.50 10.31 6.34
C THR A 127 2.98 11.01 5.08
N GLN A 128 3.45 12.25 5.23
CA GLN A 128 4.00 13.00 4.11
C GLN A 128 5.26 12.32 3.58
N MET A 129 6.05 11.72 4.48
CA MET A 129 7.27 11.02 4.07
C MET A 129 6.96 9.89 3.10
N VAL A 130 5.95 9.08 3.44
CA VAL A 130 5.58 7.95 2.60
C VAL A 130 5.04 8.43 1.24
N GLY A 131 4.16 9.43 1.27
CA GLY A 131 3.61 10.00 0.04
C GLY A 131 4.72 10.51 -0.88
N GLN A 132 5.73 11.16 -0.29
CA GLN A 132 6.84 11.71 -1.06
C GLN A 132 7.63 10.58 -1.74
N SER A 133 7.87 9.50 -1.00
CA SER A 133 8.67 8.39 -1.52
C SER A 133 8.01 7.76 -2.75
N VAL A 134 6.68 7.66 -2.71
CA VAL A 134 5.93 7.11 -3.85
C VAL A 134 6.07 8.01 -5.08
N ALA A 135 5.84 9.32 -4.89
CA ALA A 135 5.86 10.26 -6.00
C ALA A 135 7.23 10.27 -6.70
N GLN A 136 8.29 10.33 -5.89
CA GLN A 136 9.64 10.35 -6.44
C GLN A 136 10.01 9.02 -7.08
N ALA A 137 9.56 7.92 -6.46
CA ALA A 137 9.95 6.58 -6.90
C ALA A 137 9.45 6.29 -8.32
N LEU A 138 8.19 6.66 -8.59
CA LEU A 138 7.59 6.40 -9.90
C LEU A 138 7.72 7.61 -10.84
N ALA A 139 8.18 8.74 -10.31
CA ALA A 139 8.38 9.93 -11.13
C ALA A 139 9.61 9.78 -12.03
N GLY A 140 10.64 9.11 -11.49
CA GLY A 140 11.87 8.89 -12.25
C GLY A 140 13.04 8.63 -11.31
N MET B 1 -9.58 -24.29 -35.07
CA MET B 1 -10.35 -25.49 -35.53
C MET B 1 -9.88 -25.89 -36.92
N ALA B 2 -9.85 -27.20 -37.17
CA ALA B 2 -9.42 -27.71 -38.48
C ALA B 2 -10.42 -27.32 -39.57
N SER B 3 -11.70 -27.30 -39.21
CA SER B 3 -12.75 -26.95 -40.17
C SER B 3 -12.60 -25.50 -40.64
N MET B 4 -12.18 -24.62 -39.73
CA MET B 4 -12.00 -23.22 -40.05
C MET B 4 -10.53 -22.92 -40.33
N THR B 5 -10.25 -22.37 -41.52
CA THR B 5 -8.89 -22.04 -41.90
C THR B 5 -8.36 -20.88 -41.05
N GLY B 6 -9.23 -19.91 -40.77
CA GLY B 6 -8.84 -18.76 -39.97
C GLY B 6 -9.26 -18.93 -38.51
N GLY B 7 -9.97 -17.94 -37.97
CA GLY B 7 -10.42 -18.00 -36.59
C GLY B 7 -9.29 -17.59 -35.63
N GLN B 8 -8.46 -16.65 -36.07
CA GLN B 8 -7.34 -16.18 -35.25
C GLN B 8 -7.86 -15.46 -34.01
N GLN B 9 -8.95 -14.72 -34.16
CA GLN B 9 -9.54 -13.99 -33.04
C GLN B 9 -10.84 -14.64 -32.60
N MET B 10 -11.16 -14.48 -31.31
CA MET B 10 -12.38 -15.07 -30.76
C MET B 10 -13.63 -14.44 -31.39
N GLY B 11 -13.54 -13.14 -31.68
CA GLY B 11 -14.67 -12.43 -32.28
C GLY B 11 -14.59 -10.94 -31.99
N ARG B 12 -15.55 -10.44 -31.21
CA ARG B 12 -15.59 -9.03 -30.86
C ARG B 12 -15.51 -8.84 -29.34
N GLY B 13 -14.89 -7.75 -28.91
CA GLY B 13 -14.75 -7.48 -27.48
C GLY B 13 -14.05 -6.14 -27.25
N SER B 14 -13.19 -6.09 -26.23
CA SER B 14 -12.46 -4.86 -25.90
C SER B 14 -13.42 -3.72 -25.56
N MET B 15 -13.67 -3.54 -24.26
CA MET B 15 -14.57 -2.49 -23.80
C MET B 15 -13.78 -1.26 -23.35
N GLY B 16 -14.35 -0.07 -23.58
CA GLY B 16 -13.70 1.16 -23.19
C GLY B 16 -14.67 2.34 -23.24
N ALA B 17 -14.17 3.53 -22.93
CA ALA B 17 -15.02 4.73 -22.95
C ALA B 17 -14.20 5.95 -23.33
N ALA B 18 -14.87 6.92 -23.97
CA ALA B 18 -14.20 8.15 -24.39
C ALA B 18 -15.21 9.29 -24.49
N SER B 19 -14.73 10.52 -24.36
CA SER B 19 -15.60 11.70 -24.44
C SER B 19 -15.18 12.60 -25.60
N ALA B 20 -16.17 12.97 -26.43
CA ALA B 20 -15.90 13.84 -27.58
C ALA B 20 -14.80 13.29 -28.50
N ALA B 21 -14.59 11.98 -28.44
CA ALA B 21 -13.55 11.34 -29.26
C ALA B 21 -12.17 11.94 -28.98
N VAL B 22 -11.96 12.39 -27.74
CA VAL B 22 -10.70 13.05 -27.36
C VAL B 22 -9.93 12.18 -26.37
N SER B 23 -8.62 12.07 -26.58
CA SER B 23 -7.77 11.28 -25.68
C SER B 23 -6.75 12.18 -25.00
N VAL B 24 -6.36 11.81 -23.77
CA VAL B 24 -5.40 12.60 -23.01
C VAL B 24 -4.27 11.71 -22.47
N GLY B 25 -3.13 12.33 -22.17
CA GLY B 25 -1.99 11.58 -21.65
C GLY B 25 -0.90 12.53 -21.14
N GLY B 26 0.22 11.96 -20.70
CA GLY B 26 1.33 12.77 -20.19
C GLY B 26 2.66 12.21 -20.66
N TYR B 27 2.85 10.90 -20.48
CA TYR B 27 4.09 10.24 -20.89
C TYR B 27 3.82 9.23 -22.00
N GLY B 28 4.75 9.13 -22.94
CA GLY B 28 4.60 8.21 -24.07
C GLY B 28 4.65 6.76 -23.61
N PRO B 29 5.83 6.22 -23.39
CA PRO B 29 5.99 4.79 -22.96
C PRO B 29 5.24 4.48 -21.67
N GLN B 30 4.49 3.37 -21.66
CA GLN B 30 3.74 2.97 -20.47
C GLN B 30 3.87 1.45 -20.25
N SER B 31 5.04 0.91 -20.60
CA SER B 31 5.27 -0.53 -20.45
C SER B 31 5.25 -0.94 -18.98
N SER B 32 5.76 -0.06 -18.11
CA SER B 32 5.81 -0.35 -16.68
C SER B 32 4.86 0.57 -15.92
N SER B 33 4.40 0.11 -14.76
CA SER B 33 3.50 0.90 -13.93
C SER B 33 4.27 1.95 -13.15
N ALA B 34 3.58 3.04 -12.78
CA ALA B 34 4.20 4.13 -12.04
C ALA B 34 3.18 5.20 -11.67
N PRO B 35 2.50 5.80 -12.63
CA PRO B 35 1.50 6.88 -12.34
C PRO B 35 0.42 6.43 -11.36
N VAL B 36 0.22 5.11 -11.24
CA VAL B 36 -0.75 4.57 -10.28
C VAL B 36 -0.31 4.90 -8.85
N ALA B 37 0.97 4.66 -8.55
CA ALA B 37 1.51 4.96 -7.22
C ALA B 37 1.51 6.47 -6.97
N SER B 38 1.86 7.24 -8.00
CA SER B 38 1.91 8.70 -7.87
C SER B 38 0.54 9.27 -7.49
N ALA B 39 -0.51 8.74 -8.12
CA ALA B 39 -1.87 9.18 -7.83
C ALA B 39 -2.27 8.82 -6.40
N ALA B 40 -1.87 7.61 -5.98
CA ALA B 40 -2.19 7.15 -4.62
C ALA B 40 -1.52 8.04 -3.58
N ALA B 41 -0.30 8.48 -3.87
CA ALA B 41 0.43 9.37 -2.97
C ALA B 41 -0.26 10.73 -2.89
N SER B 42 -0.78 11.21 -4.02
CA SER B 42 -1.40 12.53 -4.08
C SER B 42 -2.63 12.59 -3.19
N ARG B 43 -3.50 11.58 -3.29
CA ARG B 43 -4.69 11.53 -2.44
C ARG B 43 -4.34 11.10 -1.01
N LEU B 44 -3.20 10.42 -0.84
CA LEU B 44 -2.67 10.11 0.50
C LEU B 44 -2.35 11.41 1.25
N SER B 45 -1.94 12.44 0.53
CA SER B 45 -1.62 13.73 1.15
C SER B 45 -2.88 14.54 1.47
N SER B 46 -4.07 14.02 1.11
CA SER B 46 -5.32 14.71 1.38
C SER B 46 -5.58 14.78 2.89
N PRO B 47 -6.30 15.78 3.36
CA PRO B 47 -6.59 15.94 4.81
C PRO B 47 -7.25 14.70 5.42
N ALA B 48 -8.11 14.05 4.63
CA ALA B 48 -8.82 12.86 5.11
C ALA B 48 -7.84 11.72 5.40
N ALA B 49 -6.82 11.58 4.55
CA ALA B 49 -5.83 10.52 4.72
C ALA B 49 -5.02 10.76 5.98
N SER B 50 -4.60 12.00 6.20
CA SER B 50 -3.78 12.33 7.37
C SER B 50 -4.50 11.99 8.67
N SER B 51 -5.80 12.29 8.71
CA SER B 51 -6.60 12.00 9.90
C SER B 51 -6.66 10.50 10.18
N ARG B 52 -6.80 9.70 9.13
CA ARG B 52 -6.84 8.25 9.26
C ARG B 52 -5.50 7.72 9.78
N VAL B 53 -4.41 8.36 9.37
CA VAL B 53 -3.08 7.98 9.84
C VAL B 53 -2.98 8.13 11.35
N SER B 54 -3.48 9.27 11.86
CA SER B 54 -3.47 9.53 13.30
C SER B 54 -4.24 8.45 14.05
N SER B 55 -5.43 8.09 13.52
CA SER B 55 -6.25 7.05 14.12
C SER B 55 -5.51 5.71 14.12
N ALA B 56 -4.73 5.46 13.07
CA ALA B 56 -3.92 4.26 12.98
C ALA B 56 -2.87 4.23 14.09
N VAL B 57 -2.37 5.41 14.46
CA VAL B 57 -1.38 5.51 15.54
C VAL B 57 -1.99 5.05 16.86
N SER B 58 -3.14 5.62 17.22
CA SER B 58 -3.79 5.29 18.49
C SER B 58 -4.12 3.81 18.58
N SER B 59 -4.56 3.23 17.46
CA SER B 59 -4.96 1.83 17.44
C SER B 59 -3.77 0.91 17.71
N LEU B 60 -2.68 1.13 16.97
CA LEU B 60 -1.49 0.28 17.10
C LEU B 60 -0.85 0.45 18.48
N VAL B 61 -0.82 1.68 18.96
CA VAL B 61 -0.14 1.98 20.23
C VAL B 61 -0.86 1.31 21.41
N SER B 62 -2.19 1.47 21.46
CA SER B 62 -2.96 0.97 22.60
C SER B 62 -3.07 -0.56 22.56
N SER B 63 -3.34 -1.10 21.38
CA SER B 63 -3.52 -2.54 21.22
C SER B 63 -2.18 -3.27 21.30
N GLY B 64 -1.14 -2.65 20.72
CA GLY B 64 0.18 -3.28 20.69
C GLY B 64 0.83 -3.04 19.32
N PRO B 65 1.86 -2.20 19.25
CA PRO B 65 2.58 -1.91 17.98
C PRO B 65 2.86 -3.15 17.12
N THR B 66 3.07 -4.29 17.77
CA THR B 66 3.47 -5.51 17.06
C THR B 66 2.52 -6.68 17.35
N ASN B 67 1.24 -6.35 17.59
CA ASN B 67 0.24 -7.37 17.89
C ASN B 67 -0.51 -7.79 16.62
N GLN B 68 -0.77 -9.09 16.49
CA GLN B 68 -1.53 -9.60 15.34
C GLN B 68 -2.95 -9.03 15.35
N ALA B 69 -3.58 -9.03 16.53
CA ALA B 69 -4.96 -8.54 16.65
C ALA B 69 -5.03 -7.05 16.37
N ALA B 70 -4.01 -6.31 16.81
CA ALA B 70 -3.99 -4.87 16.63
C ALA B 70 -3.87 -4.51 15.15
N LEU B 71 -2.98 -5.20 14.43
CA LEU B 71 -2.77 -4.93 13.02
C LEU B 71 -4.03 -5.22 12.21
N SER B 72 -4.72 -6.30 12.57
CA SER B 72 -5.96 -6.67 11.87
C SER B 72 -7.03 -5.59 12.04
N ASN B 73 -7.14 -5.06 13.25
CA ASN B 73 -8.15 -4.05 13.56
C ASN B 73 -7.92 -2.77 12.75
N THR B 74 -6.66 -2.33 12.72
CA THR B 74 -6.32 -1.08 12.03
C THR B 74 -6.56 -1.19 10.53
N ILE B 75 -6.11 -2.28 9.93
CA ILE B 75 -6.23 -2.47 8.48
C ILE B 75 -7.70 -2.53 8.07
N SER B 76 -8.49 -3.31 8.81
CA SER B 76 -9.91 -3.49 8.48
C SER B 76 -10.65 -2.15 8.52
N SER B 77 -10.47 -1.42 9.63
CA SER B 77 -11.19 -0.15 9.83
C SER B 77 -10.80 0.87 8.77
N VAL B 78 -9.50 0.97 8.49
CA VAL B 78 -9.00 1.97 7.53
C VAL B 78 -9.54 1.68 6.12
N VAL B 79 -9.46 0.41 5.71
CA VAL B 79 -9.91 0.03 4.37
C VAL B 79 -11.37 0.40 4.16
N SER B 80 -12.20 0.13 5.18
CA SER B 80 -13.63 0.43 5.10
C SER B 80 -13.87 1.92 4.88
N GLN B 81 -13.30 2.74 5.76
CA GLN B 81 -13.55 4.18 5.74
C GLN B 81 -12.96 4.83 4.47
N VAL B 82 -11.81 4.34 4.03
CA VAL B 82 -11.16 4.87 2.82
C VAL B 82 -12.06 4.64 1.60
N SER B 83 -12.74 3.49 1.58
CA SER B 83 -13.70 3.19 0.51
C SER B 83 -14.89 4.15 0.59
N ALA B 84 -15.31 4.49 1.80
CA ALA B 84 -16.47 5.35 2.01
C ALA B 84 -16.23 6.74 1.43
N SER B 85 -15.01 7.27 1.62
CA SER B 85 -14.66 8.58 1.08
C SER B 85 -14.50 8.51 -0.43
N ASN B 86 -13.94 7.40 -0.91
CA ASN B 86 -13.61 7.25 -2.33
C ASN B 86 -14.48 6.17 -2.97
N PRO B 87 -15.76 6.43 -3.14
CA PRO B 87 -16.65 5.52 -3.93
C PRO B 87 -16.39 5.63 -5.44
N GLY B 88 -15.94 6.81 -5.87
CA GLY B 88 -15.65 7.04 -7.28
C GLY B 88 -14.48 6.17 -7.77
N LEU B 89 -13.54 5.87 -6.86
CA LEU B 89 -12.36 5.11 -7.23
C LEU B 89 -12.69 3.62 -7.38
N SER B 90 -11.91 2.93 -8.21
CA SER B 90 -12.11 1.50 -8.42
C SER B 90 -11.75 0.71 -7.16
N GLY B 91 -12.17 -0.55 -7.11
CA GLY B 91 -11.92 -1.40 -5.95
C GLY B 91 -10.42 -1.52 -5.66
N CYS B 92 -9.62 -1.60 -6.72
CA CYS B 92 -8.17 -1.72 -6.56
C CYS B 92 -7.58 -0.46 -5.95
N ASP B 93 -8.11 0.70 -6.35
CA ASP B 93 -7.63 1.98 -5.80
C ASP B 93 -7.88 2.05 -4.30
N VAL B 94 -8.99 1.48 -3.84
CA VAL B 94 -9.30 1.43 -2.42
C VAL B 94 -8.24 0.61 -1.67
N LEU B 95 -7.90 -0.55 -2.24
CA LEU B 95 -6.90 -1.43 -1.63
C LEU B 95 -5.54 -0.73 -1.55
N VAL B 96 -5.17 -0.03 -2.63
CA VAL B 96 -3.90 0.69 -2.66
C VAL B 96 -3.83 1.71 -1.52
N GLN B 97 -4.87 2.52 -1.41
CA GLN B 97 -4.86 3.64 -0.46
C GLN B 97 -4.71 3.14 0.97
N ALA B 98 -5.44 2.07 1.31
CA ALA B 98 -5.38 1.51 2.65
C ALA B 98 -3.98 0.98 2.96
N LEU B 99 -3.34 0.38 1.96
CA LEU B 99 -2.06 -0.30 2.18
C LEU B 99 -0.96 0.70 2.52
N LEU B 100 -0.79 1.73 1.69
CA LEU B 100 0.32 2.67 1.91
C LEU B 100 0.06 3.54 3.14
N GLU B 101 -1.22 3.79 3.43
CA GLU B 101 -1.58 4.52 4.65
C GLU B 101 -1.16 3.73 5.90
N VAL B 102 -1.19 2.40 5.81
CA VAL B 102 -0.68 1.56 6.89
C VAL B 102 0.84 1.70 6.98
N VAL B 103 1.49 1.82 5.82
CA VAL B 103 2.94 2.01 5.77
C VAL B 103 3.33 3.30 6.49
N SER B 104 2.55 4.36 6.28
CA SER B 104 2.84 5.66 6.90
C SER B 104 2.64 5.60 8.41
N ALA B 105 1.62 4.89 8.86
CA ALA B 105 1.37 4.74 10.30
C ALA B 105 2.55 4.06 10.98
N LEU B 106 3.07 3.01 10.34
CA LEU B 106 4.22 2.29 10.88
C LEU B 106 5.47 3.18 10.88
N VAL B 107 5.60 4.03 9.87
CA VAL B 107 6.70 4.99 9.81
C VAL B 107 6.66 5.92 11.03
N SER B 108 5.47 6.38 11.38
CA SER B 108 5.30 7.27 12.52
C SER B 108 5.75 6.60 13.82
N ILE B 109 5.40 5.32 13.97
CA ILE B 109 5.78 4.56 15.16
C ILE B 109 7.31 4.43 15.23
N LEU B 110 7.94 4.15 14.09
CA LEU B 110 9.40 3.97 14.04
C LEU B 110 10.12 5.27 14.42
N GLY B 111 9.64 6.39 13.89
CA GLY B 111 10.29 7.68 14.12
C GLY B 111 10.23 8.08 15.59
N SER B 112 9.09 7.82 16.23
CA SER B 112 8.93 8.14 17.64
C SER B 112 9.51 7.04 18.55
N SER B 113 9.66 5.84 18.01
CA SER B 113 10.14 4.71 18.79
C SER B 113 11.65 4.55 18.65
N SER B 114 12.24 3.73 19.52
CA SER B 114 13.68 3.52 19.52
C SER B 114 14.03 2.23 18.81
N ILE B 115 15.11 2.26 18.02
CA ILE B 115 15.54 1.09 17.27
C ILE B 115 16.67 0.37 18.02
N GLY B 116 16.41 -0.88 18.40
CA GLY B 116 17.41 -1.69 19.09
C GLY B 116 18.11 -2.62 18.12
N GLN B 117 18.09 -3.92 18.43
CA GLN B 117 18.65 -4.92 17.53
C GLN B 117 17.56 -5.53 16.65
N ILE B 118 17.83 -5.63 15.36
CA ILE B 118 16.84 -6.15 14.42
C ILE B 118 17.06 -7.64 14.17
N ASN B 119 16.06 -8.44 14.53
CA ASN B 119 16.10 -9.88 14.26
C ASN B 119 15.80 -10.13 12.79
N TYR B 120 16.84 -10.34 12.00
CA TYR B 120 16.70 -10.40 10.54
C TYR B 120 15.89 -11.63 10.11
N GLY B 121 16.14 -12.76 10.78
CA GLY B 121 15.49 -14.02 10.40
C GLY B 121 13.99 -13.96 10.66
N ALA B 122 13.59 -13.27 11.73
CA ALA B 122 12.18 -13.19 12.11
C ALA B 122 11.36 -12.30 11.17
N SER B 123 12.04 -11.56 10.28
CA SER B 123 11.36 -10.65 9.36
C SER B 123 10.31 -11.39 8.53
N ALA B 124 10.61 -12.65 8.19
CA ALA B 124 9.67 -13.47 7.43
C ALA B 124 8.40 -13.73 8.24
N GLN B 125 8.56 -13.91 9.56
CA GLN B 125 7.42 -14.19 10.43
C GLN B 125 6.48 -12.98 10.47
N TYR B 126 7.05 -11.79 10.59
CA TYR B 126 6.25 -10.56 10.61
C TYR B 126 5.54 -10.35 9.26
N THR B 127 6.18 -10.81 8.19
CA THR B 127 5.54 -10.79 6.86
C THR B 127 4.27 -11.63 6.88
N GLN B 128 4.33 -12.77 7.56
CA GLN B 128 3.17 -13.64 7.72
C GLN B 128 2.06 -12.94 8.50
N MET B 129 2.46 -12.10 9.48
CA MET B 129 1.49 -11.37 10.29
C MET B 129 0.64 -10.44 9.42
N VAL B 130 1.30 -9.70 8.54
CA VAL B 130 0.59 -8.77 7.66
C VAL B 130 -0.34 -9.51 6.70
N GLY B 131 0.18 -10.58 6.08
CA GLY B 131 -0.62 -11.40 5.17
C GLY B 131 -1.87 -11.94 5.86
N GLN B 132 -1.71 -12.37 7.11
CA GLN B 132 -2.84 -12.92 7.88
C GLN B 132 -3.90 -11.86 8.12
N SER B 133 -3.47 -10.64 8.46
CA SER B 133 -4.39 -9.55 8.77
C SER B 133 -5.26 -9.21 7.56
N VAL B 134 -4.67 -9.24 6.38
CA VAL B 134 -5.41 -8.95 5.14
C VAL B 134 -6.47 -10.03 4.89
N ALA B 135 -6.07 -11.30 4.99
CA ALA B 135 -6.97 -12.41 4.70
C ALA B 135 -8.18 -12.39 5.62
N GLN B 136 -7.93 -12.21 6.92
CA GLN B 136 -9.01 -12.18 7.90
C GLN B 136 -9.87 -10.94 7.75
N ALA B 137 -9.24 -9.81 7.41
CA ALA B 137 -9.95 -8.53 7.36
C ALA B 137 -11.02 -8.52 6.28
N LEU B 138 -10.68 -9.06 5.10
CA LEU B 138 -11.62 -9.08 3.98
C LEU B 138 -12.39 -10.41 3.90
N ALA B 139 -11.99 -11.39 4.71
CA ALA B 139 -12.69 -12.67 4.74
C ALA B 139 -14.04 -12.53 5.43
N GLY B 140 -14.09 -11.68 6.47
CA GLY B 140 -15.33 -11.46 7.21
C GLY B 140 -15.03 -11.18 8.68
N MET A 1 -62.02 23.80 -0.09
CA MET A 1 -61.95 22.76 -1.16
C MET A 1 -60.92 21.70 -0.77
N ALA A 2 -59.66 22.12 -0.67
CA ALA A 2 -58.58 21.20 -0.33
C ALA A 2 -58.70 20.74 1.12
N SER A 3 -58.38 19.48 1.38
CA SER A 3 -58.45 18.92 2.72
C SER A 3 -57.52 17.71 2.85
N MET A 4 -57.81 16.67 2.06
CA MET A 4 -57.00 15.45 2.09
C MET A 4 -55.59 15.74 1.55
N THR A 5 -55.52 16.60 0.53
CA THR A 5 -54.23 16.96 -0.06
C THR A 5 -54.19 18.45 -0.40
N GLY A 6 -52.98 19.00 -0.48
CA GLY A 6 -52.81 20.42 -0.80
C GLY A 6 -52.56 20.62 -2.29
N GLY A 7 -51.40 20.18 -2.76
CA GLY A 7 -51.04 20.33 -4.16
C GLY A 7 -51.65 19.21 -5.01
N GLN A 8 -51.30 19.18 -6.30
CA GLN A 8 -51.82 18.17 -7.20
C GLN A 8 -50.84 17.01 -7.32
N GLN A 9 -51.35 15.84 -7.71
CA GLN A 9 -50.50 14.65 -7.86
C GLN A 9 -49.48 14.85 -8.97
N MET A 10 -49.88 15.55 -10.02
CA MET A 10 -48.98 15.81 -11.15
C MET A 10 -48.26 17.14 -10.97
N GLY A 11 -46.95 17.15 -11.21
CA GLY A 11 -46.16 18.36 -11.06
C GLY A 11 -45.75 18.58 -9.60
N ARG A 12 -44.97 19.63 -9.36
CA ARG A 12 -44.53 19.94 -8.01
C ARG A 12 -44.13 21.42 -7.90
N GLY A 13 -44.23 21.97 -6.69
CA GLY A 13 -43.87 23.36 -6.45
C GLY A 13 -42.55 23.46 -5.71
N SER A 14 -42.58 23.18 -4.40
CA SER A 14 -41.37 23.23 -3.59
C SER A 14 -40.51 22.00 -3.81
N MET A 15 -39.26 22.06 -3.38
CA MET A 15 -38.33 20.94 -3.54
C MET A 15 -38.80 19.73 -2.71
N GLY A 16 -39.37 20.01 -1.54
CA GLY A 16 -39.86 18.95 -0.66
C GLY A 16 -38.71 18.32 0.11
N ALA A 17 -38.88 17.05 0.49
CA ALA A 17 -37.84 16.33 1.24
C ALA A 17 -36.61 16.11 0.37
N ALA A 18 -35.43 16.20 0.98
CA ALA A 18 -34.18 16.02 0.25
C ALA A 18 -34.03 14.58 -0.23
N SER A 19 -34.44 13.63 0.62
CA SER A 19 -34.35 12.21 0.28
C SER A 19 -35.40 11.41 1.03
N ALA A 20 -35.65 10.18 0.56
CA ALA A 20 -36.61 9.31 1.20
C ALA A 20 -35.91 8.25 2.05
N ALA A 21 -36.62 7.72 3.05
CA ALA A 21 -36.04 6.72 3.93
C ALA A 21 -36.49 5.31 3.53
N VAL A 22 -36.75 5.11 2.24
CA VAL A 22 -37.17 3.80 1.73
C VAL A 22 -36.33 3.41 0.51
N SER A 23 -35.82 2.18 0.52
CA SER A 23 -35.01 1.69 -0.59
C SER A 23 -35.21 0.20 -0.79
N VAL A 24 -34.93 -0.28 -2.00
CA VAL A 24 -35.08 -1.70 -2.31
C VAL A 24 -33.79 -2.23 -2.96
N GLY A 25 -33.35 -3.40 -2.50
CA GLY A 25 -32.13 -4.01 -3.03
C GLY A 25 -32.45 -4.86 -4.26
N GLY A 26 -31.43 -5.54 -4.78
CA GLY A 26 -31.61 -6.40 -5.94
C GLY A 26 -31.66 -5.57 -7.23
N TYR A 27 -30.68 -4.70 -7.40
CA TYR A 27 -30.62 -3.85 -8.59
C TYR A 27 -29.17 -3.57 -8.98
N GLY A 28 -28.52 -4.59 -9.57
CA GLY A 28 -27.14 -4.45 -10.04
C GLY A 28 -26.17 -4.43 -8.87
N PRO A 29 -25.68 -5.58 -8.44
CA PRO A 29 -24.66 -5.64 -7.34
C PRO A 29 -23.33 -5.06 -7.77
N GLN A 30 -22.57 -4.54 -6.80
CA GLN A 30 -21.27 -3.94 -7.09
C GLN A 30 -20.30 -4.15 -5.92
N SER A 31 -19.80 -5.38 -5.80
CA SER A 31 -18.85 -5.71 -4.75
C SER A 31 -17.53 -6.20 -5.36
N SER A 32 -16.42 -5.57 -4.95
CA SER A 32 -15.11 -5.93 -5.46
C SER A 32 -14.01 -5.15 -4.71
N SER A 33 -13.58 -5.70 -3.57
CA SER A 33 -12.55 -5.05 -2.77
C SER A 33 -11.88 -6.06 -1.84
N ALA A 34 -12.68 -6.85 -1.15
CA ALA A 34 -12.15 -7.82 -0.19
C ALA A 34 -11.28 -8.87 -0.89
N PRO A 35 -11.83 -9.62 -1.84
CA PRO A 35 -11.06 -10.71 -2.53
C PRO A 35 -9.77 -10.20 -3.17
N VAL A 36 -9.72 -8.89 -3.47
CA VAL A 36 -8.50 -8.29 -4.03
C VAL A 36 -7.37 -8.35 -3.01
N ALA A 37 -7.66 -7.93 -1.78
CA ALA A 37 -6.67 -7.97 -0.71
C ALA A 37 -6.30 -9.42 -0.37
N SER A 38 -7.29 -10.31 -0.45
CA SER A 38 -7.07 -11.72 -0.13
C SER A 38 -6.03 -12.34 -1.08
N ALA A 39 -6.16 -12.01 -2.37
CA ALA A 39 -5.22 -12.51 -3.37
C ALA A 39 -3.83 -11.93 -3.14
N ALA A 40 -3.77 -10.65 -2.77
CA ALA A 40 -2.49 -9.98 -2.51
C ALA A 40 -1.78 -10.63 -1.32
N ALA A 41 -2.55 -11.00 -0.30
CA ALA A 41 -1.98 -11.66 0.88
C ALA A 41 -1.46 -13.05 0.51
N SER A 42 -2.19 -13.75 -0.36
CA SER A 42 -1.82 -15.11 -0.74
C SER A 42 -0.45 -15.14 -1.41
N ARG A 43 -0.25 -14.24 -2.39
CA ARG A 43 1.05 -14.17 -3.07
C ARG A 43 2.11 -13.48 -2.19
N LEU A 44 1.66 -12.68 -1.22
CA LEU A 44 2.57 -12.11 -0.22
C LEU A 44 3.22 -13.23 0.61
N SER A 45 2.50 -14.33 0.81
CA SER A 45 3.04 -15.47 1.55
C SER A 45 3.98 -16.32 0.69
N SER A 46 4.10 -16.00 -0.59
CA SER A 46 4.99 -16.74 -1.48
C SER A 46 6.45 -16.54 -1.09
N PRO A 47 7.32 -17.50 -1.36
CA PRO A 47 8.76 -17.41 -0.96
C PRO A 47 9.44 -16.16 -1.54
N ALA A 48 8.99 -15.74 -2.73
CA ALA A 48 9.57 -14.55 -3.36
C ALA A 48 9.29 -13.31 -2.53
N ALA A 49 8.07 -13.22 -1.99
CA ALA A 49 7.68 -12.06 -1.20
C ALA A 49 8.49 -11.99 0.10
N SER A 50 8.62 -13.14 0.77
CA SER A 50 9.33 -13.19 2.06
C SER A 50 10.77 -12.73 1.91
N SER A 51 11.40 -13.14 0.81
CA SER A 51 12.79 -12.75 0.55
C SER A 51 12.91 -11.24 0.38
N ARG A 52 11.95 -10.64 -0.32
CA ARG A 52 11.94 -9.19 -0.52
C ARG A 52 11.75 -8.46 0.80
N VAL A 53 10.96 -9.05 1.70
CA VAL A 53 10.75 -8.45 3.02
C VAL A 53 12.07 -8.35 3.78
N SER A 54 12.86 -9.42 3.75
CA SER A 54 14.17 -9.44 4.40
C SER A 54 15.07 -8.34 3.84
N SER A 55 15.05 -8.20 2.52
CA SER A 55 15.85 -7.16 1.86
C SER A 55 15.39 -5.77 2.29
N ALA A 56 14.08 -5.62 2.50
CA ALA A 56 13.53 -4.36 2.99
C ALA A 56 14.06 -4.03 4.39
N VAL A 57 14.29 -5.08 5.19
CA VAL A 57 14.83 -4.90 6.54
C VAL A 57 16.23 -4.29 6.47
N SER A 58 17.10 -4.91 5.68
CA SER A 58 18.49 -4.46 5.57
C SER A 58 18.57 -3.02 5.07
N SER A 59 17.71 -2.68 4.10
CA SER A 59 17.74 -1.36 3.48
C SER A 59 17.35 -0.28 4.50
N LEU A 60 16.20 -0.46 5.14
CA LEU A 60 15.69 0.54 6.10
C LEU A 60 16.60 0.64 7.31
N VAL A 61 17.08 -0.50 7.80
CA VAL A 61 17.89 -0.54 9.01
C VAL A 61 19.23 0.18 8.80
N SER A 62 19.90 -0.14 7.69
CA SER A 62 21.24 0.39 7.46
C SER A 62 21.20 1.88 7.13
N SER A 63 20.25 2.29 6.30
CA SER A 63 20.15 3.69 5.89
C SER A 63 19.52 4.54 6.97
N GLY A 64 18.52 3.99 7.66
CA GLY A 64 17.80 4.73 8.68
C GLY A 64 16.32 4.33 8.70
N PRO A 65 15.88 3.59 9.70
CA PRO A 65 14.45 3.13 9.79
C PRO A 65 13.42 4.21 9.43
N THR A 66 13.74 5.47 9.72
CA THR A 66 12.76 6.56 9.52
C THR A 66 13.35 7.68 8.66
N ASN A 67 14.23 7.33 7.72
CA ASN A 67 14.83 8.31 6.83
C ASN A 67 14.04 8.39 5.52
N GLN A 68 13.85 9.62 5.03
CA GLN A 68 13.14 9.82 3.76
C GLN A 68 13.92 9.20 2.60
N ALA A 69 15.24 9.34 2.65
CA ALA A 69 16.09 8.80 1.59
C ALA A 69 16.04 7.27 1.59
N ALA A 70 16.10 6.68 2.78
CA ALA A 70 16.09 5.23 2.92
C ALA A 70 14.75 4.66 2.44
N LEU A 71 13.66 5.34 2.78
CA LEU A 71 12.33 4.90 2.37
C LEU A 71 12.19 4.90 0.86
N SER A 72 12.69 5.95 0.21
CA SER A 72 12.61 6.06 -1.25
C SER A 72 13.34 4.90 -1.91
N ASN A 73 14.49 4.52 -1.36
CA ASN A 73 15.28 3.42 -1.91
C ASN A 73 14.50 2.10 -1.82
N THR A 74 13.85 1.87 -0.67
CA THR A 74 13.15 0.61 -0.43
C THR A 74 11.95 0.48 -1.38
N ILE A 75 11.13 1.53 -1.47
CA ILE A 75 9.92 1.48 -2.29
C ILE A 75 10.28 1.26 -3.77
N SER A 76 11.28 2.00 -4.26
CA SER A 76 11.66 1.92 -5.67
C SER A 76 12.14 0.52 -6.03
N SER A 77 13.06 -0.01 -5.22
CA SER A 77 13.65 -1.32 -5.50
C SER A 77 12.61 -2.42 -5.43
N VAL A 78 11.79 -2.40 -4.37
CA VAL A 78 10.80 -3.46 -4.15
C VAL A 78 9.76 -3.48 -5.28
N VAL A 79 9.24 -2.30 -5.62
CA VAL A 79 8.19 -2.20 -6.65
C VAL A 79 8.71 -2.76 -7.99
N SER A 80 9.95 -2.41 -8.33
CA SER A 80 10.54 -2.87 -9.59
C SER A 80 10.60 -4.39 -9.66
N GLN A 81 11.21 -5.00 -8.64
CA GLN A 81 11.44 -6.45 -8.64
C GLN A 81 10.12 -7.21 -8.56
N VAL A 82 9.16 -6.68 -7.80
CA VAL A 82 7.84 -7.32 -7.67
C VAL A 82 7.13 -7.37 -9.03
N SER A 83 7.31 -6.31 -9.82
CA SER A 83 6.78 -6.29 -11.19
C SER A 83 7.45 -7.35 -12.06
N ALA A 84 8.75 -7.54 -11.85
CA ALA A 84 9.52 -8.50 -12.64
C ALA A 84 9.00 -9.93 -12.45
N SER A 85 8.67 -10.27 -11.20
CA SER A 85 8.14 -11.60 -10.91
C SER A 85 6.70 -11.71 -11.40
N ASN A 86 5.94 -10.62 -11.30
CA ASN A 86 4.52 -10.62 -11.64
C ASN A 86 4.24 -9.79 -12.89
N PRO A 87 4.65 -10.26 -14.05
CA PRO A 87 4.23 -9.63 -15.34
C PRO A 87 2.81 -10.03 -15.72
N GLY A 88 2.41 -11.25 -15.34
CA GLY A 88 1.07 -11.74 -15.63
C GLY A 88 0.01 -10.92 -14.90
N LEU A 89 0.36 -10.38 -13.73
CA LEU A 89 -0.58 -9.62 -12.93
C LEU A 89 -0.73 -8.20 -13.46
N SER A 90 -1.88 -7.59 -13.21
CA SER A 90 -2.17 -6.24 -13.71
C SER A 90 -1.27 -5.22 -13.01
N GLY A 91 -1.20 -4.01 -13.60
CA GLY A 91 -0.35 -2.96 -13.05
C GLY A 91 -0.75 -2.61 -11.62
N CYS A 92 -2.07 -2.58 -11.36
CA CYS A 92 -2.57 -2.24 -10.02
C CYS A 92 -2.16 -3.32 -9.02
N ASP A 93 -2.17 -4.58 -9.46
CA ASP A 93 -1.77 -5.70 -8.59
C ASP A 93 -0.32 -5.54 -8.14
N VAL A 94 0.53 -5.07 -9.05
CA VAL A 94 1.95 -4.83 -8.72
C VAL A 94 2.07 -3.77 -7.63
N LEU A 95 1.30 -2.69 -7.77
CA LEU A 95 1.33 -1.60 -6.79
C LEU A 95 0.88 -2.10 -5.41
N VAL A 96 -0.17 -2.91 -5.39
CA VAL A 96 -0.70 -3.46 -4.14
C VAL A 96 0.40 -4.26 -3.44
N GLN A 97 1.02 -5.18 -4.19
CA GLN A 97 1.98 -6.11 -3.61
C GLN A 97 3.14 -5.38 -2.95
N ALA A 98 3.65 -4.35 -3.63
CA ALA A 98 4.76 -3.57 -3.10
C ALA A 98 4.36 -2.87 -1.80
N LEU A 99 3.13 -2.36 -1.75
CA LEU A 99 2.71 -1.55 -0.62
C LEU A 99 2.63 -2.37 0.67
N LEU A 100 1.93 -3.51 0.63
CA LEU A 100 1.73 -4.28 1.85
C LEU A 100 3.03 -4.97 2.29
N GLU A 101 3.88 -5.29 1.32
CA GLU A 101 5.19 -5.85 1.63
C GLU A 101 6.04 -4.85 2.41
N VAL A 102 5.87 -3.55 2.12
CA VAL A 102 6.53 -2.50 2.91
C VAL A 102 5.95 -2.46 4.32
N VAL A 103 4.63 -2.68 4.43
CA VAL A 103 3.96 -2.70 5.72
C VAL A 103 4.56 -3.81 6.61
N SER A 104 4.80 -4.97 6.00
CA SER A 104 5.34 -6.12 6.75
C SER A 104 6.76 -5.85 7.21
N ALA A 105 7.56 -5.20 6.37
CA ALA A 105 8.94 -4.87 6.74
C ALA A 105 8.96 -3.96 7.96
N LEU A 106 8.07 -2.97 7.97
CA LEU A 106 7.99 -2.03 9.09
C LEU A 106 7.53 -2.74 10.36
N VAL A 107 6.63 -3.71 10.23
CA VAL A 107 6.19 -4.51 11.37
C VAL A 107 7.37 -5.25 11.99
N SER A 108 8.25 -5.80 11.15
CA SER A 108 9.43 -6.50 11.64
C SER A 108 10.33 -5.58 12.46
N ILE A 109 10.47 -4.34 11.99
CA ILE A 109 11.29 -3.35 12.70
C ILE A 109 10.70 -3.06 14.08
N LEU A 110 9.38 -2.90 14.13
CA LEU A 110 8.70 -2.58 15.40
C LEU A 110 8.87 -3.70 16.42
N GLY A 111 8.72 -4.94 15.97
CA GLY A 111 8.79 -6.09 16.89
C GLY A 111 10.20 -6.25 17.46
N SER A 112 11.21 -6.01 16.62
CA SER A 112 12.60 -6.10 17.07
C SER A 112 13.03 -4.83 17.81
N SER A 113 12.35 -3.71 17.51
CA SER A 113 12.73 -2.43 18.09
C SER A 113 11.91 -2.14 19.35
N SER A 114 12.35 -1.14 20.11
CA SER A 114 11.70 -0.77 21.36
C SER A 114 10.80 0.44 21.15
N ILE A 115 9.63 0.43 21.80
CA ILE A 115 8.68 1.53 21.65
C ILE A 115 8.80 2.51 22.81
N GLY A 116 9.03 3.78 22.48
CA GLY A 116 9.15 4.82 23.49
C GLY A 116 7.86 5.66 23.56
N GLN A 117 8.00 6.97 23.44
CA GLN A 117 6.86 7.87 23.45
C GLN A 117 6.47 8.24 22.02
N ILE A 118 5.23 7.95 21.64
CA ILE A 118 4.76 8.22 20.28
C ILE A 118 4.46 9.71 20.11
N ASN A 119 4.97 10.28 19.01
CA ASN A 119 4.66 11.66 18.66
C ASN A 119 3.42 11.70 17.78
N TYR A 120 2.25 11.84 18.42
CA TYR A 120 0.98 11.67 17.73
C TYR A 120 0.76 12.77 16.68
N GLY A 121 1.15 14.00 17.02
CA GLY A 121 0.93 15.14 16.14
C GLY A 121 1.73 15.02 14.85
N ALA A 122 2.93 14.44 14.95
CA ALA A 122 3.83 14.33 13.80
C ALA A 122 3.46 13.16 12.87
N SER A 123 2.40 12.41 13.22
CA SER A 123 1.99 11.27 12.41
C SER A 123 1.68 11.68 10.98
N ALA A 124 1.10 12.87 10.83
CA ALA A 124 0.78 13.41 9.50
C ALA A 124 2.06 13.69 8.70
N GLN A 125 3.11 14.12 9.40
CA GLN A 125 4.39 14.43 8.75
C GLN A 125 4.99 13.16 8.14
N TYR A 126 4.95 12.07 8.91
CA TYR A 126 5.45 10.78 8.43
C TYR A 126 4.61 10.29 7.25
N THR A 127 3.32 10.64 7.24
CA THR A 127 2.45 10.34 6.10
C THR A 127 2.99 11.02 4.83
N GLN A 128 3.47 12.25 4.99
CA GLN A 128 4.08 12.98 3.87
C GLN A 128 5.35 12.27 3.39
N MET A 129 6.09 11.66 4.32
CA MET A 129 7.32 10.95 3.96
C MET A 129 7.03 9.80 3.00
N VAL A 130 6.04 8.98 3.35
CA VAL A 130 5.71 7.80 2.53
C VAL A 130 5.15 8.23 1.16
N GLY A 131 4.21 9.16 1.17
CA GLY A 131 3.63 9.67 -0.07
C GLY A 131 4.71 10.25 -0.99
N GLN A 132 5.68 10.92 -0.39
CA GLN A 132 6.79 11.52 -1.15
C GLN A 132 7.63 10.44 -1.82
N SER A 133 7.91 9.36 -1.09
CA SER A 133 8.73 8.27 -1.61
C SER A 133 8.08 7.63 -2.85
N VAL A 134 6.75 7.51 -2.81
CA VAL A 134 6.01 6.93 -3.94
C VAL A 134 6.15 7.82 -5.18
N ALA A 135 5.86 9.10 -5.03
CA ALA A 135 5.83 10.02 -6.17
C ALA A 135 7.21 10.13 -6.82
N GLN A 136 8.23 10.37 -6.00
CA GLN A 136 9.59 10.57 -6.50
C GLN A 136 10.14 9.28 -7.12
N ALA A 137 9.89 8.15 -6.45
CA ALA A 137 10.48 6.88 -6.86
C ALA A 137 9.96 6.43 -8.22
N LEU A 138 8.65 6.57 -8.44
CA LEU A 138 8.02 6.06 -9.66
C LEU A 138 7.87 7.16 -10.73
N ALA A 139 8.15 8.41 -10.36
CA ALA A 139 8.07 9.52 -11.32
C ALA A 139 9.23 9.45 -12.30
N GLY A 140 10.40 9.02 -11.82
CA GLY A 140 11.58 8.91 -12.68
C GLY A 140 11.59 7.58 -13.42
N MET B 1 55.39 19.39 -42.42
CA MET B 1 56.30 19.50 -43.59
C MET B 1 55.49 19.28 -44.87
N ALA B 2 54.78 18.16 -44.94
CA ALA B 2 53.97 17.85 -46.12
C ALA B 2 52.69 17.12 -45.70
N SER B 3 51.61 17.88 -45.54
CA SER B 3 50.33 17.31 -45.15
C SER B 3 49.18 18.05 -45.83
N MET B 4 48.07 17.34 -46.06
CA MET B 4 46.90 17.96 -46.70
C MET B 4 46.02 18.63 -45.67
N THR B 5 45.93 19.96 -45.75
CA THR B 5 45.13 20.73 -44.80
C THR B 5 43.64 20.44 -44.98
N GLY B 6 43.22 20.28 -46.23
CA GLY B 6 41.81 20.05 -46.54
C GLY B 6 41.46 18.56 -46.40
N GLY B 7 40.25 18.21 -46.83
CA GLY B 7 39.79 16.83 -46.76
C GLY B 7 38.86 16.61 -45.58
N GLN B 8 38.02 15.58 -45.66
CA GLN B 8 37.08 15.27 -44.59
C GLN B 8 37.66 14.19 -43.67
N GLN B 9 37.95 14.56 -42.43
CA GLN B 9 38.50 13.62 -41.46
C GLN B 9 37.92 13.88 -40.07
N MET B 10 37.61 12.80 -39.35
CA MET B 10 37.05 12.93 -38.00
C MET B 10 37.73 11.94 -37.05
N GLY B 11 37.73 12.27 -35.77
CA GLY B 11 38.33 11.40 -34.76
C GLY B 11 38.24 12.02 -33.37
N ARG B 12 38.67 11.27 -32.35
CA ARG B 12 38.63 11.76 -30.97
C ARG B 12 39.90 11.35 -30.23
N GLY B 13 40.28 12.14 -29.23
CA GLY B 13 41.46 11.84 -28.43
C GLY B 13 42.13 13.13 -27.93
N SER B 14 42.51 13.98 -28.88
CA SER B 14 43.16 15.25 -28.53
C SER B 14 42.20 16.16 -27.78
N MET B 15 40.93 16.13 -28.16
CA MET B 15 39.91 16.95 -27.52
C MET B 15 39.72 16.54 -26.06
N GLY B 16 39.81 15.24 -25.80
CA GLY B 16 39.65 14.72 -24.44
C GLY B 16 38.19 14.80 -23.99
N ALA B 17 37.65 13.66 -23.55
CA ALA B 17 36.26 13.61 -23.08
C ALA B 17 36.11 12.56 -21.98
N ALA B 18 35.10 12.74 -21.13
CA ALA B 18 34.86 11.80 -20.04
C ALA B 18 33.36 11.75 -19.69
N SER B 19 32.51 11.89 -20.71
CA SER B 19 31.07 11.86 -20.50
C SER B 19 30.42 10.84 -21.43
N ALA B 20 29.42 10.13 -20.91
CA ALA B 20 28.71 9.13 -21.71
C ALA B 20 27.86 9.80 -22.78
N ALA B 21 27.70 9.12 -23.91
CA ALA B 21 26.91 9.66 -25.02
C ALA B 21 25.43 9.48 -24.76
N VAL B 22 24.68 10.59 -24.81
CA VAL B 22 23.24 10.55 -24.58
C VAL B 22 22.51 11.25 -25.73
N SER B 23 21.40 10.66 -26.18
CA SER B 23 20.62 11.23 -27.26
C SER B 23 19.30 11.80 -26.74
N VAL B 24 18.82 12.87 -27.38
CA VAL B 24 17.57 13.51 -26.96
C VAL B 24 16.38 12.59 -27.27
N GLY B 25 16.44 11.93 -28.43
CA GLY B 25 15.36 11.04 -28.85
C GLY B 25 15.52 9.65 -28.21
N GLY B 26 14.60 8.74 -28.55
CA GLY B 26 14.65 7.39 -28.01
C GLY B 26 13.26 6.76 -28.00
N TYR B 27 13.19 5.47 -28.30
CA TYR B 27 11.92 4.75 -28.31
C TYR B 27 12.01 3.49 -27.47
N GLY B 28 10.97 3.24 -26.66
CA GLY B 28 10.96 2.07 -25.79
C GLY B 28 9.54 1.47 -25.70
N PRO B 29 9.32 0.58 -24.76
CA PRO B 29 8.00 -0.11 -24.62
C PRO B 29 6.88 0.89 -24.30
N GLN B 30 7.22 1.98 -23.62
CA GLN B 30 6.24 3.01 -23.26
C GLN B 30 5.18 2.45 -22.32
N SER B 31 4.56 3.33 -21.52
CA SER B 31 3.52 2.92 -20.58
C SER B 31 4.05 1.91 -19.57
N SER B 32 4.49 2.41 -18.42
CA SER B 32 5.02 1.56 -17.35
C SER B 32 4.34 1.87 -16.03
N SER B 33 4.44 0.94 -15.08
CA SER B 33 3.82 1.12 -13.77
C SER B 33 4.50 2.26 -13.00
N ALA B 34 3.71 3.27 -12.64
CA ALA B 34 4.24 4.44 -11.93
C ALA B 34 3.12 5.44 -11.61
N PRO B 35 2.44 5.96 -12.62
CA PRO B 35 1.38 6.99 -12.39
C PRO B 35 0.29 6.52 -11.42
N VAL B 36 0.13 5.20 -11.29
CA VAL B 36 -0.83 4.64 -10.35
C VAL B 36 -0.43 4.98 -8.91
N ALA B 37 0.84 4.74 -8.59
CA ALA B 37 1.36 5.06 -7.26
C ALA B 37 1.36 6.57 -7.02
N SER B 38 1.63 7.33 -8.09
CA SER B 38 1.67 8.79 -7.99
C SER B 38 0.30 9.34 -7.56
N ALA B 39 -0.76 8.81 -8.16
CA ALA B 39 -2.12 9.22 -7.82
C ALA B 39 -2.46 8.84 -6.39
N ALA B 40 -2.02 7.65 -5.98
CA ALA B 40 -2.28 7.17 -4.62
C ALA B 40 -1.60 8.07 -3.59
N ALA B 41 -0.39 8.52 -3.91
CA ALA B 41 0.35 9.41 -3.02
C ALA B 41 -0.35 10.78 -2.93
N SER B 42 -0.88 11.23 -4.05
CA SER B 42 -1.52 12.56 -4.11
C SER B 42 -2.73 12.62 -3.18
N ARG B 43 -3.60 11.60 -3.25
CA ARG B 43 -4.77 11.54 -2.37
C ARG B 43 -4.37 11.12 -0.95
N LEU B 44 -3.23 10.45 -0.81
CA LEU B 44 -2.67 10.15 0.52
C LEU B 44 -2.34 11.45 1.27
N SER B 45 -1.95 12.48 0.52
CA SER B 45 -1.64 13.78 1.13
C SER B 45 -2.90 14.57 1.47
N SER B 46 -4.08 14.05 1.10
CA SER B 46 -5.34 14.72 1.40
C SER B 46 -5.60 14.75 2.90
N PRO B 47 -6.33 15.73 3.39
CA PRO B 47 -6.60 15.86 4.87
C PRO B 47 -7.27 14.62 5.44
N ALA B 48 -8.09 13.97 4.62
CA ALA B 48 -8.80 12.75 5.05
C ALA B 48 -7.80 11.63 5.36
N ALA B 49 -6.78 11.51 4.51
CA ALA B 49 -5.77 10.47 4.68
C ALA B 49 -4.97 10.69 5.96
N SER B 50 -4.54 11.94 6.17
CA SER B 50 -3.70 12.28 7.33
C SER B 50 -4.42 11.95 8.64
N SER B 51 -5.73 12.23 8.68
CA SER B 51 -6.52 11.95 9.87
C SER B 51 -6.57 10.45 10.15
N ARG B 52 -6.71 9.65 9.10
CA ARG B 52 -6.74 8.20 9.23
C ARG B 52 -5.40 7.67 9.74
N VAL B 53 -4.31 8.32 9.32
CA VAL B 53 -2.97 7.93 9.79
C VAL B 53 -2.86 8.09 11.30
N SER B 54 -3.35 9.23 11.81
CA SER B 54 -3.33 9.48 13.26
C SER B 54 -4.12 8.40 14.00
N SER B 55 -5.29 8.04 13.46
CA SER B 55 -6.11 7.00 14.06
C SER B 55 -5.39 5.66 14.06
N ALA B 56 -4.61 5.41 13.00
CA ALA B 56 -3.81 4.19 12.92
C ALA B 56 -2.76 4.16 14.02
N VAL B 57 -2.24 5.33 14.39
CA VAL B 57 -1.26 5.44 15.47
C VAL B 57 -1.86 4.97 16.80
N SER B 58 -3.03 5.53 17.14
CA SER B 58 -3.68 5.22 18.41
C SER B 58 -4.01 3.73 18.50
N SER B 59 -4.47 3.16 17.39
CA SER B 59 -4.89 1.76 17.38
C SER B 59 -3.70 0.83 17.63
N LEU B 60 -2.64 0.99 16.84
CA LEU B 60 -1.47 0.12 16.95
C LEU B 60 -0.77 0.30 18.29
N VAL B 61 -0.66 1.55 18.73
CA VAL B 61 0.07 1.88 19.96
C VAL B 61 -0.64 1.28 21.19
N SER B 62 -1.95 1.47 21.27
CA SER B 62 -2.70 1.05 22.45
C SER B 62 -2.81 -0.47 22.53
N SER B 63 -3.10 -1.10 21.39
CA SER B 63 -3.28 -2.55 21.35
C SER B 63 -1.95 -3.28 21.39
N GLY B 64 -0.95 -2.73 20.70
CA GLY B 64 0.36 -3.36 20.60
C GLY B 64 0.98 -3.12 19.21
N PRO B 65 1.99 -2.27 19.12
CA PRO B 65 2.64 -1.95 17.81
C PRO B 65 2.88 -3.18 16.91
N THR B 66 3.13 -4.33 17.52
CA THR B 66 3.49 -5.53 16.76
C THR B 66 2.58 -6.72 17.10
N ASN B 67 1.33 -6.42 17.43
CA ASN B 67 0.36 -7.47 17.75
C ASN B 67 -0.45 -7.86 16.52
N GLN B 68 -0.68 -9.16 16.33
CA GLN B 68 -1.48 -9.64 15.21
C GLN B 68 -2.92 -9.14 15.32
N ALA B 69 -3.45 -9.13 16.54
CA ALA B 69 -4.82 -8.69 16.77
C ALA B 69 -4.95 -7.18 16.48
N ALA B 70 -3.97 -6.41 16.94
CA ALA B 70 -3.99 -4.96 16.74
C ALA B 70 -3.90 -4.61 15.26
N LEU B 71 -3.04 -5.35 14.53
CA LEU B 71 -2.87 -5.11 13.10
C LEU B 71 -4.16 -5.37 12.34
N SER B 72 -4.86 -6.46 12.70
CA SER B 72 -6.10 -6.82 12.02
C SER B 72 -7.15 -5.72 12.21
N ASN B 73 -7.19 -5.14 13.41
CA ASN B 73 -8.14 -4.06 13.70
C ASN B 73 -7.85 -2.83 12.83
N THR B 74 -6.57 -2.48 12.70
CA THR B 74 -6.18 -1.29 11.95
C THR B 74 -6.52 -1.43 10.47
N ILE B 75 -6.13 -2.56 9.87
CA ILE B 75 -6.34 -2.77 8.44
C ILE B 75 -7.84 -2.76 8.11
N SER B 76 -8.63 -3.46 8.91
CA SER B 76 -10.07 -3.58 8.65
C SER B 76 -10.74 -2.21 8.70
N SER B 77 -10.48 -1.47 9.78
CA SER B 77 -11.12 -0.16 9.98
C SER B 77 -10.72 0.82 8.88
N VAL B 78 -9.42 0.89 8.59
CA VAL B 78 -8.90 1.86 7.63
C VAL B 78 -9.45 1.59 6.23
N VAL B 79 -9.40 0.32 5.81
CA VAL B 79 -9.86 -0.05 4.47
C VAL B 79 -11.33 0.33 4.27
N SER B 80 -12.14 0.07 5.30
CA SER B 80 -13.58 0.37 5.22
C SER B 80 -13.82 1.86 5.00
N GLN B 81 -13.24 2.68 5.87
CA GLN B 81 -13.49 4.12 5.84
C GLN B 81 -12.91 4.75 4.56
N VAL B 82 -11.76 4.26 4.12
CA VAL B 82 -11.14 4.78 2.89
C VAL B 82 -12.05 4.52 1.68
N SER B 83 -12.72 3.38 1.68
CA SER B 83 -13.71 3.07 0.64
C SER B 83 -14.89 4.04 0.70
N ALA B 84 -15.29 4.40 1.91
CA ALA B 84 -16.44 5.29 2.11
C ALA B 84 -16.18 6.67 1.50
N SER B 85 -14.96 7.17 1.67
CA SER B 85 -14.59 8.47 1.10
C SER B 85 -14.42 8.36 -0.41
N ASN B 86 -13.90 7.22 -0.86
CA ASN B 86 -13.57 7.03 -2.27
C ASN B 86 -14.48 5.97 -2.91
N PRO B 87 -15.74 6.28 -3.11
CA PRO B 87 -16.65 5.41 -3.93
C PRO B 87 -16.41 5.60 -5.42
N GLY B 88 -16.02 6.82 -5.81
CA GLY B 88 -15.74 7.11 -7.22
C GLY B 88 -14.54 6.32 -7.73
N LEU B 89 -13.59 6.02 -6.83
CA LEU B 89 -12.38 5.31 -7.22
C LEU B 89 -12.66 3.80 -7.33
N SER B 90 -11.87 3.13 -8.17
CA SER B 90 -12.05 1.70 -8.40
C SER B 90 -11.70 0.89 -7.15
N GLY B 91 -12.14 -0.37 -7.13
CA GLY B 91 -11.90 -1.22 -5.97
C GLY B 91 -10.41 -1.38 -5.67
N CYS B 92 -9.61 -1.50 -6.73
CA CYS B 92 -8.16 -1.66 -6.57
C CYS B 92 -7.55 -0.40 -5.97
N ASP B 93 -8.08 0.77 -6.36
CA ASP B 93 -7.59 2.04 -5.81
C ASP B 93 -7.81 2.11 -4.30
N VAL B 94 -8.94 1.58 -3.84
CA VAL B 94 -9.24 1.55 -2.41
C VAL B 94 -8.21 0.70 -1.67
N LEU B 95 -7.89 -0.46 -2.23
CA LEU B 95 -6.91 -1.36 -1.62
C LEU B 95 -5.54 -0.70 -1.52
N VAL B 96 -5.14 -0.01 -2.61
CA VAL B 96 -3.85 0.68 -2.63
C VAL B 96 -3.79 1.70 -1.49
N GLN B 97 -4.83 2.53 -1.39
CA GLN B 97 -4.83 3.65 -0.45
C GLN B 97 -4.67 3.16 0.99
N ALA B 98 -5.39 2.09 1.33
CA ALA B 98 -5.32 1.53 2.67
C ALA B 98 -3.91 1.02 2.97
N LEU B 99 -3.28 0.39 1.98
CA LEU B 99 -1.99 -0.26 2.20
C LEU B 99 -0.90 0.74 2.53
N LEU B 100 -0.74 1.78 1.70
CA LEU B 100 0.37 2.72 1.92
C LEU B 100 0.10 3.60 3.14
N GLU B 101 -1.17 3.84 3.45
CA GLU B 101 -1.52 4.58 4.66
C GLU B 101 -1.08 3.80 5.91
N VAL B 102 -1.14 2.48 5.84
CA VAL B 102 -0.62 1.65 6.94
C VAL B 102 0.90 1.76 7.02
N VAL B 103 1.54 1.87 5.84
CA VAL B 103 3.00 2.03 5.80
C VAL B 103 3.41 3.32 6.51
N SER B 104 2.64 4.40 6.28
CA SER B 104 2.96 5.69 6.88
C SER B 104 2.78 5.66 8.40
N ALA B 105 1.75 4.96 8.87
CA ALA B 105 1.50 4.83 10.30
C ALA B 105 2.69 4.14 10.99
N LEU B 106 3.18 3.08 10.35
CA LEU B 106 4.31 2.33 10.90
C LEU B 106 5.58 3.19 10.92
N VAL B 107 5.73 4.03 9.89
CA VAL B 107 6.88 4.96 9.84
C VAL B 107 6.85 5.90 11.05
N SER B 108 5.65 6.39 11.38
CA SER B 108 5.50 7.29 12.53
C SER B 108 5.93 6.61 13.83
N ILE B 109 5.59 5.32 13.95
CA ILE B 109 5.95 4.56 15.15
C ILE B 109 7.48 4.44 15.24
N LEU B 110 8.12 4.16 14.11
CA LEU B 110 9.58 3.97 14.08
C LEU B 110 10.30 5.26 14.49
N GLY B 111 9.85 6.40 13.97
CA GLY B 111 10.51 7.68 14.23
C GLY B 111 10.38 8.06 15.70
N SER B 112 9.22 7.81 16.28
CA SER B 112 9.00 8.10 17.70
C SER B 112 9.61 7.02 18.59
N SER B 113 9.75 5.80 18.06
CA SER B 113 10.24 4.68 18.84
C SER B 113 11.76 4.53 18.69
N SER B 114 12.34 3.71 19.57
CA SER B 114 13.78 3.48 19.56
C SER B 114 14.12 2.17 18.86
N ILE B 115 15.20 2.16 18.10
CA ILE B 115 15.60 0.97 17.36
C ILE B 115 16.68 0.21 18.11
N GLY B 116 16.41 -1.08 18.38
CA GLY B 116 17.37 -1.92 19.09
C GLY B 116 18.09 -2.85 18.11
N GLN B 117 18.05 -4.16 18.41
CA GLN B 117 18.66 -5.15 17.51
C GLN B 117 17.58 -5.78 16.64
N ILE B 118 17.76 -5.70 15.32
CA ILE B 118 16.79 -6.23 14.38
C ILE B 118 16.90 -7.75 14.28
N ASN B 119 15.76 -8.44 14.37
CA ASN B 119 15.72 -9.88 14.17
C ASN B 119 15.48 -10.19 12.70
N TYR B 120 16.58 -10.34 11.95
CA TYR B 120 16.51 -10.42 10.50
C TYR B 120 15.78 -11.69 10.05
N GLY B 121 16.05 -12.80 10.73
CA GLY B 121 15.46 -14.09 10.35
C GLY B 121 13.94 -14.09 10.52
N ALA B 122 13.46 -13.39 11.53
CA ALA B 122 12.03 -13.37 11.83
C ALA B 122 11.24 -12.42 10.92
N SER B 123 11.94 -11.73 10.00
CA SER B 123 11.27 -10.78 9.10
C SER B 123 10.17 -11.46 8.30
N ALA B 124 10.41 -12.72 7.91
CA ALA B 124 9.42 -13.49 7.16
C ALA B 124 8.18 -13.76 8.01
N GLN B 125 8.39 -13.96 9.31
CA GLN B 125 7.27 -14.24 10.22
C GLN B 125 6.35 -13.03 10.31
N TYR B 126 6.94 -11.84 10.41
CA TYR B 126 6.15 -10.60 10.45
C TYR B 126 5.42 -10.40 9.12
N THR B 127 6.01 -10.89 8.03
CA THR B 127 5.34 -10.86 6.72
C THR B 127 4.04 -11.68 6.78
N GLN B 128 4.09 -12.81 7.49
CA GLN B 128 2.91 -13.64 7.68
C GLN B 128 1.85 -12.90 8.49
N MET B 129 2.29 -12.07 9.45
CA MET B 129 1.36 -11.31 10.28
C MET B 129 0.51 -10.37 9.42
N VAL B 130 1.17 -9.61 8.55
CA VAL B 130 0.46 -8.62 7.72
C VAL B 130 -0.47 -9.32 6.73
N GLY B 131 0.04 -10.33 6.03
CA GLY B 131 -0.77 -11.09 5.08
C GLY B 131 -2.00 -11.69 5.76
N GLN B 132 -1.81 -12.17 6.99
CA GLN B 132 -2.91 -12.75 7.76
C GLN B 132 -4.00 -11.72 8.06
N SER B 133 -3.57 -10.52 8.42
CA SER B 133 -4.52 -9.44 8.77
C SER B 133 -5.39 -9.08 7.56
N VAL B 134 -4.79 -9.10 6.37
CA VAL B 134 -5.53 -8.79 5.15
C VAL B 134 -6.61 -9.85 4.89
N ALA B 135 -6.22 -11.11 4.91
CA ALA B 135 -7.13 -12.20 4.55
C ALA B 135 -8.31 -12.27 5.54
N GLN B 136 -8.00 -12.27 6.83
CA GLN B 136 -9.02 -12.41 7.86
C GLN B 136 -9.94 -11.19 7.89
N ALA B 137 -9.35 -10.00 7.75
CA ALA B 137 -10.11 -8.76 7.91
C ALA B 137 -11.15 -8.59 6.79
N LEU B 138 -10.75 -8.90 5.56
CA LEU B 138 -11.62 -8.67 4.41
C LEU B 138 -12.40 -9.93 4.01
N ALA B 139 -12.05 -11.07 4.60
CA ALA B 139 -12.76 -12.32 4.31
C ALA B 139 -14.16 -12.28 4.92
N GLY B 140 -14.29 -11.67 6.10
CA GLY B 140 -15.57 -11.58 6.78
C GLY B 140 -16.38 -10.39 6.27
N MET A 1 -32.20 -8.60 -30.44
CA MET A 1 -31.77 -8.18 -31.81
C MET A 1 -31.34 -6.72 -31.78
N ALA A 2 -32.15 -5.88 -31.15
CA ALA A 2 -31.84 -4.45 -31.06
C ALA A 2 -31.20 -4.13 -29.71
N SER A 3 -30.24 -3.20 -29.72
CA SER A 3 -29.54 -2.81 -28.49
C SER A 3 -29.75 -1.34 -28.19
N MET A 4 -29.75 -0.99 -26.90
CA MET A 4 -29.94 0.39 -26.48
C MET A 4 -28.70 0.91 -25.77
N THR A 5 -28.62 2.24 -25.61
CA THR A 5 -27.47 2.86 -24.95
C THR A 5 -27.92 3.81 -23.85
N GLY A 6 -27.06 4.03 -22.86
CA GLY A 6 -27.38 4.92 -21.75
C GLY A 6 -26.41 4.73 -20.60
N GLY A 7 -26.70 5.36 -19.46
CA GLY A 7 -25.84 5.25 -18.28
C GLY A 7 -26.64 4.82 -17.07
N GLN A 8 -26.73 5.70 -16.07
CA GLN A 8 -27.48 5.40 -14.85
C GLN A 8 -28.97 5.22 -15.16
N GLN A 9 -29.47 6.00 -16.11
CA GLN A 9 -30.88 5.93 -16.50
C GLN A 9 -31.17 4.62 -17.21
N MET A 10 -32.39 4.10 -17.04
CA MET A 10 -32.78 2.84 -17.67
C MET A 10 -33.99 3.06 -18.57
N GLY A 11 -34.18 2.15 -19.54
CA GLY A 11 -35.30 2.25 -20.46
C GLY A 11 -36.57 1.66 -19.85
N ARG A 12 -37.64 1.61 -20.65
CA ARG A 12 -38.93 1.08 -20.19
C ARG A 12 -39.48 1.91 -19.02
N GLY A 13 -40.81 1.94 -18.90
CA GLY A 13 -41.46 2.69 -17.83
C GLY A 13 -41.71 1.80 -16.63
N SER A 14 -41.53 2.36 -15.43
CA SER A 14 -41.75 1.62 -14.19
C SER A 14 -42.30 2.54 -13.10
N MET A 15 -42.93 1.93 -12.09
CA MET A 15 -43.49 2.70 -10.98
C MET A 15 -42.77 2.36 -9.69
N GLY A 16 -42.53 3.38 -8.86
CA GLY A 16 -41.84 3.19 -7.59
C GLY A 16 -40.34 3.06 -7.80
N ALA A 17 -39.66 2.43 -6.83
CA ALA A 17 -38.22 2.23 -6.93
C ALA A 17 -37.90 0.85 -7.51
N ALA A 18 -36.86 0.79 -8.34
CA ALA A 18 -36.47 -0.47 -8.97
C ALA A 18 -34.95 -0.54 -9.12
N SER A 19 -34.42 -1.76 -9.18
CA SER A 19 -32.98 -1.97 -9.32
C SER A 19 -32.70 -2.84 -10.54
N ALA A 20 -31.59 -2.55 -11.24
CA ALA A 20 -31.22 -3.31 -12.42
C ALA A 20 -30.81 -4.73 -12.03
N ALA A 21 -30.13 -4.86 -10.89
CA ALA A 21 -29.70 -6.17 -10.40
C ALA A 21 -30.58 -6.62 -9.24
N VAL A 22 -30.90 -7.92 -9.22
CA VAL A 22 -31.73 -8.49 -8.16
C VAL A 22 -30.99 -9.63 -7.45
N SER A 23 -30.95 -9.57 -6.12
CA SER A 23 -30.28 -10.61 -5.33
C SER A 23 -30.89 -10.69 -3.93
N VAL A 24 -31.07 -11.91 -3.44
CA VAL A 24 -31.64 -12.12 -2.10
C VAL A 24 -30.71 -13.00 -1.27
N GLY A 25 -30.41 -12.56 -0.05
CA GLY A 25 -29.54 -13.31 0.85
C GLY A 25 -28.11 -13.35 0.31
N GLY A 26 -27.35 -12.29 0.56
CA GLY A 26 -25.97 -12.21 0.10
C GLY A 26 -25.60 -10.78 -0.29
N TYR A 27 -25.78 -9.85 0.66
CA TYR A 27 -25.45 -8.45 0.41
C TYR A 27 -24.13 -8.07 1.08
N GLY A 28 -23.21 -9.04 1.14
CA GLY A 28 -21.92 -8.82 1.80
C GLY A 28 -21.12 -7.71 1.10
N PRO A 29 -20.53 -6.79 1.85
CA PRO A 29 -19.87 -5.60 1.25
C PRO A 29 -18.49 -5.92 0.67
N GLN A 30 -17.92 -4.97 -0.06
CA GLN A 30 -16.58 -5.14 -0.64
C GLN A 30 -16.55 -6.34 -1.60
N SER A 31 -17.52 -6.38 -2.52
CA SER A 31 -17.59 -7.46 -3.51
C SER A 31 -16.28 -7.57 -4.31
N SER A 32 -15.98 -6.56 -5.13
CA SER A 32 -14.75 -6.55 -5.91
C SER A 32 -13.69 -5.69 -5.22
N SER A 33 -13.54 -5.89 -3.91
CA SER A 33 -12.57 -5.13 -3.13
C SER A 33 -11.93 -6.01 -2.06
N ALA A 34 -12.77 -6.74 -1.31
CA ALA A 34 -12.27 -7.63 -0.27
C ALA A 34 -11.38 -8.74 -0.86
N PRO A 35 -11.89 -9.53 -1.78
CA PRO A 35 -11.07 -10.63 -2.40
C PRO A 35 -9.77 -10.12 -3.03
N VAL A 36 -9.73 -8.81 -3.34
CA VAL A 36 -8.52 -8.21 -3.87
C VAL A 36 -7.39 -8.27 -2.84
N ALA A 37 -7.70 -7.87 -1.61
CA ALA A 37 -6.72 -7.91 -0.53
C ALA A 37 -6.34 -9.35 -0.19
N SER A 38 -7.34 -10.24 -0.20
CA SER A 38 -7.11 -11.65 0.13
C SER A 38 -6.10 -12.27 -0.85
N ALA A 39 -6.27 -11.96 -2.14
CA ALA A 39 -5.35 -12.47 -3.16
C ALA A 39 -3.95 -11.92 -2.95
N ALA A 40 -3.86 -10.63 -2.65
CA ALA A 40 -2.56 -9.99 -2.41
C ALA A 40 -1.85 -10.62 -1.21
N ALA A 41 -2.62 -10.99 -0.19
CA ALA A 41 -2.07 -11.64 0.99
C ALA A 41 -1.54 -13.04 0.64
N SER A 42 -2.27 -13.74 -0.23
CA SER A 42 -1.88 -15.10 -0.60
C SER A 42 -0.53 -15.13 -1.28
N ARG A 43 -0.33 -14.25 -2.26
CA ARG A 43 0.95 -14.17 -2.96
C ARG A 43 2.02 -13.47 -2.09
N LEU A 44 1.58 -12.66 -1.14
CA LEU A 44 2.47 -12.11 -0.11
C LEU A 44 3.10 -13.25 0.72
N SER A 45 2.35 -14.33 0.90
CA SER A 45 2.86 -15.49 1.64
C SER A 45 3.86 -16.31 0.82
N SER A 46 4.01 -15.98 -0.47
CA SER A 46 4.94 -16.71 -1.33
C SER A 46 6.39 -16.51 -0.88
N PRO A 47 7.26 -17.47 -1.14
CA PRO A 47 8.70 -17.35 -0.74
C PRO A 47 9.37 -16.11 -1.31
N ALA A 48 8.94 -15.70 -2.51
CA ALA A 48 9.51 -14.51 -3.16
C ALA A 48 9.23 -13.25 -2.32
N ALA A 49 8.01 -13.17 -1.77
CA ALA A 49 7.63 -12.02 -0.97
C ALA A 49 8.45 -11.94 0.32
N SER A 50 8.62 -13.09 0.98
CA SER A 50 9.36 -13.14 2.24
C SER A 50 10.80 -12.65 2.06
N SER A 51 11.42 -13.05 0.96
CA SER A 51 12.80 -12.65 0.67
C SER A 51 12.90 -11.13 0.50
N ARG A 52 11.95 -10.55 -0.22
CA ARG A 52 11.94 -9.11 -0.44
C ARG A 52 11.73 -8.36 0.87
N VAL A 53 10.95 -8.95 1.78
CA VAL A 53 10.72 -8.34 3.09
C VAL A 53 12.03 -8.21 3.85
N SER A 54 12.84 -9.28 3.84
CA SER A 54 14.13 -9.26 4.51
C SER A 54 15.03 -8.16 3.94
N SER A 55 15.05 -8.06 2.61
CA SER A 55 15.85 -7.03 1.94
C SER A 55 15.38 -5.64 2.34
N ALA A 56 14.06 -5.48 2.51
CA ALA A 56 13.49 -4.21 2.96
C ALA A 56 13.99 -3.84 4.36
N VAL A 57 14.21 -4.86 5.19
CA VAL A 57 14.71 -4.64 6.55
C VAL A 57 16.11 -4.02 6.49
N SER A 58 17.01 -4.68 5.77
CA SER A 58 18.41 -4.21 5.69
C SER A 58 18.47 -2.80 5.09
N SER A 59 17.61 -2.52 4.12
CA SER A 59 17.63 -1.23 3.43
C SER A 59 17.26 -0.10 4.40
N LEU A 60 16.14 -0.24 5.09
CA LEU A 60 15.67 0.79 6.02
C LEU A 60 16.61 0.92 7.21
N VAL A 61 17.09 -0.22 7.71
CA VAL A 61 17.93 -0.23 8.91
C VAL A 61 19.27 0.48 8.66
N SER A 62 19.92 0.13 7.55
CA SER A 62 21.26 0.65 7.27
C SER A 62 21.21 2.12 6.84
N SER A 63 20.25 2.45 5.98
CA SER A 63 20.14 3.81 5.46
C SER A 63 19.56 4.75 6.51
N GLY A 64 18.60 4.26 7.29
CA GLY A 64 17.93 5.08 8.28
C GLY A 64 16.45 4.71 8.38
N PRO A 65 16.04 4.04 9.45
CA PRO A 65 14.60 3.63 9.65
C PRO A 65 13.58 4.71 9.26
N THR A 66 13.95 5.98 9.43
CA THR A 66 13.01 7.08 9.18
C THR A 66 13.64 8.14 8.26
N ASN A 67 14.47 7.69 7.33
CA ASN A 67 15.09 8.61 6.36
C ASN A 67 14.26 8.70 5.10
N GLN A 68 14.07 9.91 4.58
CA GLN A 68 13.30 10.12 3.35
C GLN A 68 13.99 9.42 2.17
N ALA A 69 15.30 9.55 2.10
CA ALA A 69 16.07 8.94 1.00
C ALA A 69 16.00 7.42 1.08
N ALA A 70 16.07 6.89 2.30
CA ALA A 70 16.06 5.44 2.50
C ALA A 70 14.72 4.85 2.10
N LEU A 71 13.63 5.53 2.48
CA LEU A 71 12.28 5.04 2.17
C LEU A 71 12.06 5.02 0.66
N SER A 72 12.53 6.05 -0.03
CA SER A 72 12.39 6.13 -1.49
C SER A 72 13.11 4.96 -2.17
N ASN A 73 14.32 4.65 -1.68
CA ASN A 73 15.12 3.57 -2.27
C ASN A 73 14.42 2.23 -2.14
N THR A 74 13.88 1.96 -0.95
CA THR A 74 13.24 0.67 -0.68
C THR A 74 12.00 0.48 -1.55
N ILE A 75 11.16 1.51 -1.63
CA ILE A 75 9.91 1.42 -2.38
C ILE A 75 10.20 1.19 -3.87
N SER A 76 11.13 1.96 -4.43
CA SER A 76 11.45 1.87 -5.85
C SER A 76 11.96 0.47 -6.20
N SER A 77 12.92 -0.01 -5.41
CA SER A 77 13.56 -1.31 -5.68
C SER A 77 12.54 -2.44 -5.57
N VAL A 78 11.74 -2.43 -4.50
CA VAL A 78 10.77 -3.51 -4.25
C VAL A 78 9.73 -3.56 -5.35
N VAL A 79 9.18 -2.40 -5.73
CA VAL A 79 8.12 -2.33 -6.74
C VAL A 79 8.63 -2.91 -8.07
N SER A 80 9.87 -2.56 -8.44
CA SER A 80 10.45 -3.04 -9.69
C SER A 80 10.53 -4.56 -9.73
N GLN A 81 11.16 -5.13 -8.70
CA GLN A 81 11.39 -6.57 -8.66
C GLN A 81 10.08 -7.35 -8.55
N VAL A 82 9.12 -6.81 -7.80
CA VAL A 82 7.81 -7.44 -7.66
C VAL A 82 7.11 -7.50 -9.02
N SER A 83 7.32 -6.48 -9.86
CA SER A 83 6.81 -6.48 -11.23
C SER A 83 7.46 -7.59 -12.05
N ALA A 84 8.76 -7.81 -11.82
CA ALA A 84 9.51 -8.82 -12.56
C ALA A 84 8.94 -10.22 -12.32
N SER A 85 8.59 -10.50 -11.07
CA SER A 85 8.01 -11.80 -10.73
C SER A 85 6.56 -11.88 -11.22
N ASN A 86 5.86 -10.76 -11.15
CA ASN A 86 4.44 -10.73 -11.50
C ASN A 86 4.19 -9.91 -12.77
N PRO A 87 4.59 -10.42 -13.92
CA PRO A 87 4.20 -9.81 -15.22
C PRO A 87 2.77 -10.16 -15.62
N GLY A 88 2.34 -11.36 -15.23
CA GLY A 88 0.98 -11.80 -15.54
C GLY A 88 -0.07 -10.96 -14.82
N LEU A 89 0.30 -10.43 -13.64
CA LEU A 89 -0.63 -9.65 -12.84
C LEU A 89 -0.76 -8.22 -13.37
N SER A 90 -1.91 -7.60 -13.12
CA SER A 90 -2.18 -6.26 -13.62
C SER A 90 -1.27 -5.23 -12.93
N GLY A 91 -1.17 -4.04 -13.52
CA GLY A 91 -0.31 -2.99 -12.98
C GLY A 91 -0.72 -2.61 -11.56
N CYS A 92 -2.03 -2.57 -11.30
CA CYS A 92 -2.54 -2.24 -9.97
C CYS A 92 -2.15 -3.32 -8.97
N ASP A 93 -2.16 -4.58 -9.40
CA ASP A 93 -1.76 -5.69 -8.54
C ASP A 93 -0.30 -5.54 -8.09
N VAL A 94 0.55 -5.04 -9.00
CA VAL A 94 1.95 -4.80 -8.68
C VAL A 94 2.07 -3.75 -7.57
N LEU A 95 1.32 -2.66 -7.70
CA LEU A 95 1.35 -1.59 -6.71
C LEU A 95 0.88 -2.10 -5.35
N VAL A 96 -0.17 -2.91 -5.34
CA VAL A 96 -0.70 -3.47 -4.09
C VAL A 96 0.38 -4.28 -3.39
N GLN A 97 1.01 -5.19 -4.14
CA GLN A 97 1.96 -6.13 -3.55
C GLN A 97 3.14 -5.41 -2.89
N ALA A 98 3.66 -4.39 -3.57
CA ALA A 98 4.78 -3.63 -3.05
C ALA A 98 4.39 -2.91 -1.75
N LEU A 99 3.17 -2.39 -1.70
CA LEU A 99 2.76 -1.55 -0.57
C LEU A 99 2.63 -2.37 0.71
N LEU A 100 1.92 -3.49 0.67
CA LEU A 100 1.70 -4.27 1.90
C LEU A 100 2.98 -4.97 2.34
N GLU A 101 3.84 -5.31 1.37
CA GLU A 101 5.15 -5.90 1.69
C GLU A 101 6.00 -4.91 2.48
N VAL A 102 5.85 -3.62 2.19
CA VAL A 102 6.54 -2.59 2.96
C VAL A 102 5.95 -2.53 4.38
N VAL A 103 4.63 -2.72 4.48
CA VAL A 103 3.96 -2.73 5.78
C VAL A 103 4.51 -3.86 6.64
N SER A 104 4.70 -5.04 6.04
CA SER A 104 5.17 -6.21 6.76
C SER A 104 6.59 -6.02 7.28
N ALA A 105 7.46 -5.46 6.45
CA ALA A 105 8.84 -5.20 6.86
C ALA A 105 8.86 -4.26 8.07
N LEU A 106 7.96 -3.27 8.04
CA LEU A 106 7.85 -2.32 9.15
C LEU A 106 7.38 -3.02 10.43
N VAL A 107 6.51 -4.03 10.29
CA VAL A 107 6.07 -4.81 11.44
C VAL A 107 7.27 -5.50 12.10
N SER A 108 8.15 -6.05 11.28
CA SER A 108 9.35 -6.74 11.78
C SER A 108 10.23 -5.78 12.59
N ILE A 109 10.38 -4.56 12.08
CA ILE A 109 11.22 -3.56 12.75
C ILE A 109 10.61 -3.19 14.12
N LEU A 110 9.29 -2.97 14.14
CA LEU A 110 8.62 -2.53 15.36
C LEU A 110 8.75 -3.55 16.47
N GLY A 111 8.52 -4.83 16.14
CA GLY A 111 8.57 -5.90 17.14
C GLY A 111 9.98 -6.08 17.68
N SER A 112 10.98 -5.98 16.80
CA SER A 112 12.38 -6.11 17.21
C SER A 112 12.86 -4.85 17.92
N SER A 113 12.21 -3.72 17.68
CA SER A 113 12.66 -2.45 18.22
C SER A 113 11.94 -2.13 19.54
N SER A 114 12.50 -1.17 20.28
CA SER A 114 11.91 -0.73 21.53
C SER A 114 11.05 0.50 21.29
N ILE A 115 9.76 0.40 21.60
CA ILE A 115 8.83 1.50 21.34
C ILE A 115 8.62 2.33 22.60
N GLY A 116 9.09 3.58 22.57
CA GLY A 116 8.97 4.47 23.71
C GLY A 116 7.66 5.26 23.64
N GLN A 117 7.78 6.58 23.57
CA GLN A 117 6.60 7.44 23.43
C GLN A 117 6.41 7.85 21.97
N ILE A 118 5.16 7.79 21.50
CA ILE A 118 4.86 8.12 20.11
C ILE A 118 4.49 9.59 19.97
N ASN A 119 5.22 10.30 19.10
CA ASN A 119 4.88 11.68 18.79
C ASN A 119 3.65 11.72 17.90
N TYR A 120 2.48 11.83 18.53
CA TYR A 120 1.21 11.65 17.83
C TYR A 120 0.99 12.75 16.78
N GLY A 121 1.35 13.98 17.14
CA GLY A 121 1.12 15.12 16.25
C GLY A 121 1.97 15.02 14.99
N ALA A 122 3.19 14.50 15.13
CA ALA A 122 4.12 14.42 14.00
C ALA A 122 3.76 13.27 13.05
N SER A 123 2.78 12.43 13.43
CA SER A 123 2.41 11.29 12.60
C SER A 123 1.99 11.73 11.20
N ALA A 124 1.32 12.88 11.13
CA ALA A 124 0.91 13.43 9.83
C ALA A 124 2.12 13.80 8.98
N GLN A 125 3.19 14.27 9.62
CA GLN A 125 4.41 14.65 8.91
C GLN A 125 5.05 13.42 8.25
N TYR A 126 5.10 12.32 9.01
CA TYR A 126 5.65 11.07 8.47
C TYR A 126 4.79 10.56 7.30
N THR A 127 3.48 10.83 7.36
CA THR A 127 2.59 10.51 6.24
C THR A 127 3.02 11.25 4.98
N GLN A 128 3.41 12.51 5.15
CA GLN A 128 3.92 13.30 4.02
C GLN A 128 5.20 12.69 3.46
N MET A 129 6.03 12.12 4.34
CA MET A 129 7.29 11.48 3.92
C MET A 129 7.01 10.33 2.94
N VAL A 130 6.06 9.46 3.31
CA VAL A 130 5.75 8.30 2.49
C VAL A 130 5.17 8.74 1.13
N GLY A 131 4.24 9.70 1.17
CA GLY A 131 3.65 10.24 -0.07
C GLY A 131 4.73 10.77 -1.01
N GLN A 132 5.72 11.46 -0.43
CA GLN A 132 6.81 12.03 -1.23
C GLN A 132 7.63 10.93 -1.90
N SER A 133 7.91 9.86 -1.16
CA SER A 133 8.73 8.76 -1.68
C SER A 133 8.07 8.10 -2.89
N VAL A 134 6.74 7.97 -2.83
CA VAL A 134 6.00 7.37 -3.95
C VAL A 134 6.09 8.26 -5.19
N ALA A 135 5.83 9.55 -5.01
CA ALA A 135 5.81 10.48 -6.15
C ALA A 135 7.17 10.52 -6.86
N GLN A 136 8.23 10.62 -6.06
CA GLN A 136 9.58 10.68 -6.61
C GLN A 136 9.98 9.34 -7.24
N ALA A 137 9.58 8.25 -6.60
CA ALA A 137 10.01 6.91 -7.02
C ALA A 137 9.50 6.57 -8.43
N LEU A 138 8.23 6.89 -8.69
CA LEU A 138 7.64 6.59 -9.99
C LEU A 138 7.73 7.78 -10.96
N ALA A 139 8.15 8.93 -10.46
CA ALA A 139 8.32 10.12 -11.30
C ALA A 139 9.56 9.97 -12.19
N GLY A 140 10.61 9.35 -11.64
CA GLY A 140 11.85 9.15 -12.39
C GLY A 140 12.60 7.92 -11.87
N MET B 1 42.79 27.79 -2.35
CA MET B 1 42.92 26.33 -2.04
C MET B 1 41.56 25.67 -2.14
N ALA B 2 41.39 24.80 -3.15
CA ALA B 2 40.13 24.09 -3.35
C ALA B 2 40.21 22.68 -2.77
N SER B 3 39.12 22.23 -2.15
CA SER B 3 39.07 20.89 -1.57
C SER B 3 37.80 20.17 -2.00
N MET B 4 37.93 18.87 -2.31
CA MET B 4 36.79 18.07 -2.73
C MET B 4 35.79 17.91 -1.60
N THR B 5 36.28 17.80 -0.37
CA THR B 5 35.42 17.65 0.81
C THR B 5 35.71 18.76 1.83
N GLY B 6 34.75 18.98 2.73
CA GLY B 6 34.92 20.00 3.75
C GLY B 6 34.91 21.40 3.15
N GLY B 7 35.94 22.19 3.47
CA GLY B 7 36.05 23.55 2.95
C GLY B 7 35.38 24.54 3.88
N GLN B 8 35.54 25.83 3.59
CA GLN B 8 34.94 26.89 4.42
C GLN B 8 33.41 26.83 4.34
N GLN B 9 32.89 26.51 3.16
CA GLN B 9 31.44 26.43 2.96
C GLN B 9 31.08 25.17 2.20
N MET B 10 29.84 24.72 2.36
CA MET B 10 29.36 23.52 1.67
C MET B 10 29.34 23.73 0.16
N GLY B 11 29.01 24.94 -0.27
CA GLY B 11 28.95 25.26 -1.69
C GLY B 11 27.66 24.75 -2.32
N ARG B 12 26.57 24.81 -1.55
CA ARG B 12 25.27 24.33 -2.03
C ARG B 12 24.22 25.43 -1.87
N GLY B 13 23.27 25.49 -2.82
CA GLY B 13 22.21 26.48 -2.79
C GLY B 13 22.69 27.82 -3.32
N SER B 14 23.57 27.76 -4.34
CA SER B 14 24.10 28.98 -4.95
C SER B 14 24.32 28.77 -6.45
N MET B 15 25.24 27.88 -6.78
CA MET B 15 25.55 27.60 -8.19
C MET B 15 24.36 26.96 -8.89
N GLY B 16 23.64 26.11 -8.17
CA GLY B 16 22.47 25.43 -8.73
C GLY B 16 22.09 24.22 -7.88
N ALA B 17 21.06 23.49 -8.34
CA ALA B 17 20.60 22.31 -7.61
C ALA B 17 21.64 21.20 -7.68
N ALA B 18 22.25 21.02 -8.85
CA ALA B 18 23.27 19.99 -9.04
C ALA B 18 24.62 20.64 -9.34
N SER B 19 25.69 20.08 -8.78
CA SER B 19 27.03 20.61 -9.01
C SER B 19 27.45 20.41 -10.47
N ALA B 20 27.05 19.27 -11.04
CA ALA B 20 27.39 18.95 -12.42
C ALA B 20 26.14 18.92 -13.29
N ALA B 21 26.31 19.18 -14.59
CA ALA B 21 25.19 19.19 -15.52
C ALA B 21 25.07 17.83 -16.21
N VAL B 22 23.86 17.51 -16.65
CA VAL B 22 23.60 16.24 -17.33
C VAL B 22 23.57 16.44 -18.84
N SER B 23 24.22 15.53 -19.58
CA SER B 23 24.31 15.65 -21.04
C SER B 23 22.93 15.55 -21.68
N VAL B 24 22.12 14.61 -21.18
CA VAL B 24 20.76 14.43 -21.69
C VAL B 24 19.77 14.31 -20.54
N GLY B 25 18.51 14.66 -20.80
CA GLY B 25 17.47 14.60 -19.78
C GLY B 25 16.61 13.34 -19.96
N GLY B 26 17.22 12.26 -20.43
CA GLY B 26 16.50 11.02 -20.66
C GLY B 26 15.72 11.07 -21.98
N TYR B 27 15.09 9.95 -22.33
CA TYR B 27 14.31 9.88 -23.56
C TYR B 27 12.86 9.44 -23.26
N GLY B 28 12.37 9.80 -22.07
CA GLY B 28 11.03 9.41 -21.66
C GLY B 28 10.93 7.90 -21.46
N PRO B 29 11.61 7.35 -20.49
CA PRO B 29 11.61 5.87 -20.24
C PRO B 29 10.20 5.33 -20.03
N GLN B 30 9.94 4.14 -20.56
CA GLN B 30 8.62 3.51 -20.44
C GLN B 30 8.64 2.46 -19.33
N SER B 31 7.65 2.54 -18.44
CA SER B 31 7.55 1.58 -17.33
C SER B 31 6.17 0.92 -17.33
N SER B 32 6.13 -0.32 -16.82
CA SER B 32 4.86 -1.07 -16.77
C SER B 32 3.86 -0.39 -15.84
N SER B 33 4.37 0.23 -14.77
CA SER B 33 3.52 0.92 -13.81
C SER B 33 4.31 2.02 -13.09
N ALA B 34 3.62 3.12 -12.75
CA ALA B 34 4.25 4.22 -12.04
C ALA B 34 3.22 5.30 -11.66
N PRO B 35 2.53 5.88 -12.63
CA PRO B 35 1.51 6.93 -12.34
C PRO B 35 0.43 6.46 -11.35
N VAL B 36 0.27 5.14 -11.23
CA VAL B 36 -0.68 4.58 -10.27
C VAL B 36 -0.25 4.92 -8.85
N ALA B 37 1.02 4.69 -8.54
CA ALA B 37 1.55 5.02 -7.21
C ALA B 37 1.54 6.53 -6.98
N SER B 38 1.89 7.29 -8.01
CA SER B 38 1.92 8.75 -7.90
C SER B 38 0.55 9.31 -7.53
N ALA B 39 -0.50 8.77 -8.14
CA ALA B 39 -1.86 9.21 -7.84
C ALA B 39 -2.24 8.85 -6.41
N ALA B 40 -1.86 7.64 -5.99
CA ALA B 40 -2.16 7.19 -4.63
C ALA B 40 -1.47 8.07 -3.60
N ALA B 41 -0.26 8.52 -3.92
CA ALA B 41 0.49 9.40 -3.04
C ALA B 41 -0.20 10.77 -2.94
N SER B 42 -0.73 11.24 -4.07
CA SER B 42 -1.36 12.56 -4.11
C SER B 42 -2.57 12.62 -3.18
N ARG B 43 -3.45 11.61 -3.28
CA ARG B 43 -4.63 11.56 -2.40
C ARG B 43 -4.24 11.12 -0.98
N LEU B 44 -3.10 10.43 -0.84
CA LEU B 44 -2.52 10.15 0.48
C LEU B 44 -2.19 11.47 1.20
N SER B 45 -1.81 12.49 0.43
CA SER B 45 -1.47 13.79 1.01
C SER B 45 -2.74 14.57 1.42
N SER B 46 -3.92 14.05 1.07
CA SER B 46 -5.18 14.73 1.42
C SER B 46 -5.38 14.75 2.94
N PRO B 47 -6.09 15.74 3.44
CA PRO B 47 -6.36 15.84 4.92
C PRO B 47 -7.03 14.59 5.49
N ALA B 48 -7.86 13.94 4.66
CA ALA B 48 -8.58 12.74 5.09
C ALA B 48 -7.58 11.61 5.40
N ALA B 49 -6.54 11.50 4.57
CA ALA B 49 -5.54 10.46 4.74
C ALA B 49 -4.75 10.67 6.03
N SER B 50 -4.35 11.93 6.27
CA SER B 50 -3.55 12.26 7.45
C SER B 50 -4.28 11.89 8.74
N SER B 51 -5.58 12.17 8.77
CA SER B 51 -6.41 11.87 9.95
C SER B 51 -6.44 10.37 10.21
N ARG B 52 -6.61 9.58 9.15
CA ARG B 52 -6.66 8.13 9.27
C ARG B 52 -5.32 7.58 9.76
N VAL B 53 -4.23 8.23 9.36
CA VAL B 53 -2.89 7.84 9.80
C VAL B 53 -2.77 7.96 11.32
N SER B 54 -3.24 9.09 11.85
CA SER B 54 -3.20 9.32 13.30
C SER B 54 -4.00 8.24 14.04
N SER B 55 -5.18 7.91 13.51
CA SER B 55 -6.03 6.88 14.12
C SER B 55 -5.32 5.53 14.08
N ALA B 56 -4.57 5.27 13.01
CA ALA B 56 -3.80 4.03 12.89
C ALA B 56 -2.73 3.96 13.99
N VAL B 57 -2.18 5.12 14.36
CA VAL B 57 -1.17 5.17 15.42
C VAL B 57 -1.77 4.70 16.75
N SER B 58 -2.88 5.32 17.15
CA SER B 58 -3.51 5.00 18.43
C SER B 58 -3.92 3.52 18.47
N SER B 59 -4.39 3.00 17.34
CA SER B 59 -4.87 1.62 17.28
C SER B 59 -3.73 0.63 17.54
N LEU B 60 -2.64 0.77 16.80
CA LEU B 60 -1.51 -0.14 16.94
C LEU B 60 -0.84 0.02 18.30
N VAL B 61 -0.72 1.26 18.75
CA VAL B 61 -0.02 1.56 20.00
C VAL B 61 -0.75 0.96 21.21
N SER B 62 -2.06 1.19 21.27
CA SER B 62 -2.85 0.77 22.44
C SER B 62 -3.06 -0.74 22.45
N SER B 63 -3.37 -1.32 21.29
CA SER B 63 -3.65 -2.74 21.19
C SER B 63 -2.36 -3.55 21.27
N GLY B 64 -1.29 -3.04 20.65
CA GLY B 64 -0.02 -3.75 20.60
C GLY B 64 0.68 -3.52 19.27
N PRO B 65 1.74 -2.73 19.23
CA PRO B 65 2.51 -2.44 17.98
C PRO B 65 2.71 -3.67 17.08
N THR B 66 2.84 -4.86 17.68
CA THR B 66 3.13 -6.07 16.92
C THR B 66 2.15 -7.20 17.26
N ASN B 67 0.90 -6.83 17.55
CA ASN B 67 -0.13 -7.82 17.85
C ASN B 67 -0.90 -8.20 16.58
N GLN B 68 -1.14 -9.49 16.40
CA GLN B 68 -1.89 -9.98 15.23
C GLN B 68 -3.31 -9.41 15.23
N ALA B 69 -3.95 -9.41 16.40
CA ALA B 69 -5.32 -8.92 16.52
C ALA B 69 -5.38 -7.42 16.25
N ALA B 70 -4.37 -6.69 16.75
CA ALA B 70 -4.34 -5.24 16.58
C ALA B 70 -4.16 -4.86 15.11
N LEU B 71 -3.28 -5.58 14.42
CA LEU B 71 -3.02 -5.30 13.00
C LEU B 71 -4.27 -5.54 12.16
N SER B 72 -5.00 -6.61 12.47
CA SER B 72 -6.22 -6.94 11.74
C SER B 72 -7.27 -5.84 11.91
N ASN B 73 -7.39 -5.33 13.14
CA ASN B 73 -8.38 -4.29 13.43
C ASN B 73 -8.09 -3.01 12.64
N THR B 74 -6.82 -2.61 12.61
CA THR B 74 -6.43 -1.36 11.95
C THR B 74 -6.69 -1.45 10.44
N ILE B 75 -6.29 -2.56 9.83
CA ILE B 75 -6.42 -2.73 8.38
C ILE B 75 -7.90 -2.72 7.98
N SER B 76 -8.72 -3.47 8.71
CA SER B 76 -10.15 -3.58 8.38
C SER B 76 -10.83 -2.21 8.46
N SER B 77 -10.60 -1.51 9.57
CA SER B 77 -11.24 -0.21 9.81
C SER B 77 -10.82 0.81 8.76
N VAL B 78 -9.51 0.89 8.50
CA VAL B 78 -8.98 1.89 7.57
C VAL B 78 -9.51 1.65 6.16
N VAL B 79 -9.47 0.40 5.71
CA VAL B 79 -9.92 0.06 4.35
C VAL B 79 -11.39 0.46 4.15
N SER B 80 -12.22 0.19 5.15
CA SER B 80 -13.64 0.50 5.08
C SER B 80 -13.86 2.00 4.89
N GLN B 81 -13.28 2.80 5.79
CA GLN B 81 -13.50 4.25 5.77
C GLN B 81 -12.90 4.89 4.52
N VAL B 82 -11.76 4.38 4.07
CA VAL B 82 -11.13 4.89 2.84
C VAL B 82 -12.05 4.65 1.63
N SER B 83 -12.78 3.54 1.65
CA SER B 83 -13.78 3.26 0.62
C SER B 83 -14.91 4.28 0.67
N ALA B 84 -15.29 4.67 1.89
CA ALA B 84 -16.40 5.61 2.09
C ALA B 84 -16.07 6.97 1.45
N SER B 85 -14.84 7.42 1.62
CA SER B 85 -14.40 8.69 1.03
C SER B 85 -14.22 8.54 -0.48
N ASN B 86 -13.74 7.37 -0.91
CA ASN B 86 -13.42 7.15 -2.31
C ASN B 86 -14.36 6.10 -2.93
N PRO B 87 -15.61 6.46 -3.14
CA PRO B 87 -16.55 5.61 -3.93
C PRO B 87 -16.30 5.73 -5.43
N GLY B 88 -15.90 6.93 -5.86
CA GLY B 88 -15.62 7.18 -7.27
C GLY B 88 -14.42 6.36 -7.76
N LEU B 89 -13.49 6.07 -6.86
CA LEU B 89 -12.28 5.34 -7.22
C LEU B 89 -12.56 3.84 -7.32
N SER B 90 -11.77 3.15 -8.16
CA SER B 90 -11.96 1.72 -8.38
C SER B 90 -11.63 0.92 -7.11
N GLY B 91 -12.07 -0.33 -7.08
CA GLY B 91 -11.87 -1.18 -5.91
C GLY B 91 -10.37 -1.36 -5.62
N CYS B 92 -9.58 -1.49 -6.67
CA CYS B 92 -8.13 -1.66 -6.51
C CYS B 92 -7.51 -0.40 -5.92
N ASP B 93 -8.03 0.77 -6.32
CA ASP B 93 -7.54 2.04 -5.78
C ASP B 93 -7.77 2.11 -4.27
N VAL B 94 -8.90 1.57 -3.81
CA VAL B 94 -9.20 1.53 -2.38
C VAL B 94 -8.15 0.70 -1.64
N LEU B 95 -7.83 -0.47 -2.18
CA LEU B 95 -6.84 -1.37 -1.58
C LEU B 95 -5.47 -0.69 -1.50
N VAL B 96 -5.10 0.00 -2.58
CA VAL B 96 -3.82 0.70 -2.62
C VAL B 96 -3.73 1.72 -1.48
N GLN B 97 -4.77 2.56 -1.38
CA GLN B 97 -4.76 3.67 -0.44
C GLN B 97 -4.62 3.20 1.01
N ALA B 98 -5.34 2.14 1.34
CA ALA B 98 -5.28 1.59 2.70
C ALA B 98 -3.88 1.06 3.01
N LEU B 99 -3.25 0.43 2.03
CA LEU B 99 -1.98 -0.25 2.25
C LEU B 99 -0.86 0.76 2.56
N LEU B 100 -0.69 1.77 1.71
CA LEU B 100 0.42 2.71 1.92
C LEU B 100 0.17 3.61 3.12
N GLU B 101 -1.11 3.87 3.43
CA GLU B 101 -1.45 4.63 4.63
C GLU B 101 -1.02 3.88 5.89
N VAL B 102 -1.08 2.55 5.84
CA VAL B 102 -0.57 1.74 6.96
C VAL B 102 0.95 1.84 7.03
N VAL B 103 1.59 1.91 5.86
CA VAL B 103 3.05 2.06 5.80
C VAL B 103 3.46 3.38 6.49
N SER B 104 2.72 4.45 6.20
CA SER B 104 3.04 5.77 6.72
C SER B 104 2.90 5.81 8.25
N ALA B 105 1.83 5.22 8.76
CA ALA B 105 1.62 5.17 10.22
C ALA B 105 2.78 4.44 10.89
N LEU B 106 3.27 3.38 10.24
CA LEU B 106 4.40 2.62 10.76
C LEU B 106 5.67 3.47 10.76
N VAL B 107 5.82 4.34 9.76
CA VAL B 107 6.97 5.26 9.72
C VAL B 107 6.96 6.16 10.96
N SER B 108 5.77 6.65 11.32
CA SER B 108 5.63 7.53 12.48
C SER B 108 6.07 6.82 13.75
N ILE B 109 5.68 5.55 13.89
CA ILE B 109 6.02 4.76 15.07
C ILE B 109 7.54 4.56 15.17
N LEU B 110 8.16 4.22 14.03
CA LEU B 110 9.58 3.91 14.00
C LEU B 110 10.42 5.12 14.43
N GLY B 111 10.09 6.29 13.88
CA GLY B 111 10.85 7.50 14.16
C GLY B 111 10.70 7.92 15.62
N SER B 112 9.49 7.78 16.15
CA SER B 112 9.22 8.12 17.55
C SER B 112 9.77 7.05 18.50
N SER B 113 9.96 5.84 17.99
CA SER B 113 10.39 4.71 18.82
C SER B 113 11.90 4.55 18.80
N SER B 114 12.42 3.79 19.77
CA SER B 114 13.85 3.49 19.83
C SER B 114 14.14 2.16 19.16
N ILE B 115 14.96 2.18 18.12
CA ILE B 115 15.25 0.96 17.36
C ILE B 115 16.56 0.33 17.84
N GLY B 116 16.45 -0.85 18.45
CA GLY B 116 17.61 -1.55 18.96
C GLY B 116 18.21 -2.47 17.90
N GLN B 117 18.22 -3.77 18.19
CA GLN B 117 18.70 -4.76 17.22
C GLN B 117 17.52 -5.41 16.50
N ILE B 118 17.65 -5.57 15.19
CA ILE B 118 16.57 -6.14 14.38
C ILE B 118 16.76 -7.65 14.24
N ASN B 119 15.74 -8.41 14.65
CA ASN B 119 15.74 -9.86 14.44
C ASN B 119 15.50 -10.17 12.96
N TYR B 120 16.58 -10.29 12.21
CA TYR B 120 16.49 -10.36 10.75
C TYR B 120 15.77 -11.63 10.30
N GLY B 121 16.06 -12.74 10.96
CA GLY B 121 15.48 -14.03 10.58
C GLY B 121 13.97 -14.05 10.79
N ALA B 122 13.51 -13.40 11.84
CA ALA B 122 12.09 -13.40 12.19
C ALA B 122 11.27 -12.46 11.28
N SER B 123 11.95 -11.68 10.44
CA SER B 123 11.26 -10.73 9.56
C SER B 123 10.24 -11.44 8.68
N ALA B 124 10.58 -12.65 8.24
CA ALA B 124 9.66 -13.45 7.42
C ALA B 124 8.41 -13.82 8.20
N GLN B 125 8.57 -14.07 9.50
CA GLN B 125 7.43 -14.43 10.35
C GLN B 125 6.44 -13.27 10.46
N TYR B 126 6.97 -12.05 10.63
CA TYR B 126 6.13 -10.86 10.69
C TYR B 126 5.42 -10.63 9.35
N THR B 127 6.07 -11.03 8.26
CA THR B 127 5.42 -10.98 6.94
C THR B 127 4.19 -11.87 6.92
N GLN B 128 4.28 -13.04 7.55
CA GLN B 128 3.14 -13.95 7.66
C GLN B 128 2.02 -13.31 8.46
N MET B 129 2.39 -12.52 9.48
CA MET B 129 1.38 -11.84 10.32
C MET B 129 0.52 -10.90 9.48
N VAL B 130 1.18 -10.08 8.64
CA VAL B 130 0.46 -9.11 7.82
C VAL B 130 -0.45 -9.83 6.81
N GLY B 131 0.09 -10.86 6.15
CA GLY B 131 -0.70 -11.64 5.20
C GLY B 131 -1.96 -12.22 5.86
N GLN B 132 -1.81 -12.70 7.09
CA GLN B 132 -2.94 -13.27 7.83
C GLN B 132 -4.02 -12.22 8.10
N SER B 133 -3.59 -11.01 8.48
CA SER B 133 -4.51 -9.94 8.82
C SER B 133 -5.38 -9.56 7.62
N VAL B 134 -4.76 -9.55 6.43
CA VAL B 134 -5.49 -9.22 5.20
C VAL B 134 -6.55 -10.29 4.92
N ALA B 135 -6.16 -11.56 4.96
CA ALA B 135 -7.06 -12.66 4.62
C ALA B 135 -8.28 -12.68 5.54
N GLN B 136 -8.03 -12.52 6.84
CA GLN B 136 -9.11 -12.54 7.82
C GLN B 136 -9.98 -11.28 7.71
N ALA B 137 -9.34 -10.15 7.42
CA ALA B 137 -10.04 -8.86 7.42
C ALA B 137 -11.11 -8.81 6.33
N LEU B 138 -10.76 -9.30 5.14
CA LEU B 138 -11.69 -9.27 4.01
C LEU B 138 -12.48 -10.59 3.89
N ALA B 139 -12.09 -11.60 4.66
CA ALA B 139 -12.80 -12.89 4.65
C ALA B 139 -14.15 -12.75 5.35
N GLY B 140 -14.18 -11.94 6.41
CA GLY B 140 -15.41 -11.74 7.17
C GLY B 140 -15.79 -13.00 7.94
N MET A 1 -18.46 25.73 31.54
CA MET A 1 -19.07 24.78 30.57
C MET A 1 -19.25 23.42 31.24
N ALA A 2 -20.48 22.89 31.18
CA ALA A 2 -20.77 21.59 31.79
C ALA A 2 -20.02 20.47 31.05
N SER A 3 -19.97 20.57 29.73
CA SER A 3 -19.27 19.57 28.92
C SER A 3 -18.72 20.21 27.65
N MET A 4 -17.61 19.67 27.15
CA MET A 4 -16.99 20.18 25.93
C MET A 4 -17.88 19.91 24.72
N THR A 5 -18.50 18.73 24.70
CA THR A 5 -19.38 18.35 23.58
C THR A 5 -20.63 19.22 23.57
N GLY A 6 -21.14 19.54 24.77
CA GLY A 6 -22.35 20.34 24.90
C GLY A 6 -23.59 19.48 24.70
N GLY A 7 -23.53 18.24 25.18
CA GLY A 7 -24.65 17.31 25.06
C GLY A 7 -24.25 15.91 25.47
N GLN A 8 -25.14 15.22 26.18
CA GLN A 8 -24.88 13.86 26.65
C GLN A 8 -25.81 12.86 25.98
N GLN A 9 -25.38 11.61 25.87
CA GLN A 9 -26.19 10.56 25.25
C GLN A 9 -26.99 9.82 26.32
N MET A 10 -28.32 9.87 26.21
CA MET A 10 -29.19 9.23 27.19
C MET A 10 -29.10 7.70 27.07
N GLY A 11 -29.08 7.20 25.84
CA GLY A 11 -29.02 5.76 25.62
C GLY A 11 -28.26 5.44 24.33
N ARG A 12 -27.93 4.16 24.14
CA ARG A 12 -27.18 3.73 22.97
C ARG A 12 -27.62 2.33 22.52
N GLY A 13 -27.32 2.00 21.28
CA GLY A 13 -27.68 0.69 20.73
C GLY A 13 -26.60 -0.34 21.03
N SER A 14 -26.83 -1.58 20.61
CA SER A 14 -25.87 -2.66 20.83
C SER A 14 -25.53 -3.34 19.51
N MET A 15 -24.29 -3.84 19.40
CA MET A 15 -23.85 -4.52 18.20
C MET A 15 -24.15 -6.02 18.28
N GLY A 16 -24.89 -6.53 17.30
CA GLY A 16 -25.26 -7.94 17.29
C GLY A 16 -26.48 -8.19 18.17
N ALA A 17 -26.66 -9.45 18.58
CA ALA A 17 -27.79 -9.82 19.43
C ALA A 17 -27.35 -10.83 20.49
N ALA A 18 -28.02 -10.78 21.64
CA ALA A 18 -27.70 -11.68 22.75
C ALA A 18 -28.82 -12.69 22.98
N SER A 19 -29.50 -13.07 21.90
CA SER A 19 -30.60 -14.03 22.00
C SER A 19 -30.41 -15.18 21.01
N ALA A 20 -29.80 -16.26 21.46
CA ALA A 20 -29.57 -17.44 20.62
C ALA A 20 -28.76 -17.08 19.37
N ALA A 21 -27.95 -16.01 19.46
CA ALA A 21 -27.13 -15.56 18.34
C ALA A 21 -27.99 -15.26 17.10
N VAL A 22 -28.24 -13.97 16.87
CA VAL A 22 -29.05 -13.55 15.72
C VAL A 22 -28.21 -12.68 14.79
N SER A 23 -28.24 -13.00 13.49
CA SER A 23 -27.49 -12.23 12.51
C SER A 23 -27.91 -12.62 11.09
N VAL A 24 -28.73 -11.78 10.46
CA VAL A 24 -29.19 -12.04 9.10
C VAL A 24 -28.86 -10.85 8.19
N GLY A 25 -28.25 -11.14 7.04
CA GLY A 25 -27.90 -10.09 6.09
C GLY A 25 -26.72 -9.26 6.60
N GLY A 26 -26.36 -8.23 5.85
CA GLY A 26 -25.26 -7.34 6.25
C GLY A 26 -23.91 -8.01 6.02
N TYR A 27 -23.79 -8.74 4.91
CA TYR A 27 -22.54 -9.43 4.57
C TYR A 27 -21.76 -8.67 3.50
N GLY A 28 -21.96 -7.34 3.44
CA GLY A 28 -21.28 -6.52 2.45
C GLY A 28 -21.72 -6.88 1.03
N PRO A 29 -22.99 -6.70 0.71
CA PRO A 29 -23.52 -7.05 -0.64
C PRO A 29 -23.07 -6.04 -1.70
N GLN A 30 -22.91 -6.53 -2.94
CA GLN A 30 -22.50 -5.67 -4.06
C GLN A 30 -21.15 -5.01 -3.77
N SER A 31 -20.19 -5.81 -3.32
CA SER A 31 -18.85 -5.30 -3.02
C SER A 31 -17.78 -6.28 -3.49
N SER A 32 -16.67 -5.75 -3.98
CA SER A 32 -15.57 -6.57 -4.46
C SER A 32 -14.22 -6.00 -3.99
N SER A 33 -14.18 -5.58 -2.73
CA SER A 33 -12.96 -5.01 -2.16
C SER A 33 -12.23 -6.06 -1.32
N ALA A 34 -12.98 -6.96 -0.69
CA ALA A 34 -12.40 -7.99 0.17
C ALA A 34 -11.49 -8.93 -0.64
N PRO A 35 -12.03 -9.60 -1.65
CA PRO A 35 -11.27 -10.70 -2.34
C PRO A 35 -9.97 -10.19 -3.00
N VAL A 36 -9.93 -8.90 -3.32
CA VAL A 36 -8.73 -8.31 -3.91
C VAL A 36 -7.55 -8.40 -2.94
N ALA A 37 -7.78 -7.95 -1.70
CA ALA A 37 -6.74 -8.02 -0.67
C ALA A 37 -6.40 -9.47 -0.34
N SER A 38 -7.41 -10.35 -0.40
CA SER A 38 -7.21 -11.76 -0.09
C SER A 38 -6.19 -12.38 -1.04
N ALA A 39 -6.33 -12.08 -2.33
CA ALA A 39 -5.39 -12.59 -3.34
C ALA A 39 -4.00 -12.00 -3.11
N ALA A 40 -3.95 -10.71 -2.77
CA ALA A 40 -2.68 -10.04 -2.53
C ALA A 40 -1.94 -10.67 -1.34
N ALA A 41 -2.71 -11.06 -0.31
CA ALA A 41 -2.14 -11.71 0.86
C ALA A 41 -1.58 -13.09 0.49
N SER A 42 -2.29 -13.80 -0.39
CA SER A 42 -1.89 -15.15 -0.78
C SER A 42 -0.53 -15.15 -1.46
N ARG A 43 -0.35 -14.25 -2.43
CA ARG A 43 0.95 -14.15 -3.12
C ARG A 43 1.99 -13.44 -2.25
N LEU A 44 1.53 -12.63 -1.28
CA LEU A 44 2.42 -12.03 -0.29
C LEU A 44 3.07 -13.13 0.57
N SER A 45 2.36 -14.23 0.80
CA SER A 45 2.90 -15.34 1.58
C SER A 45 3.83 -16.23 0.73
N SER A 46 3.98 -15.91 -0.56
CA SER A 46 4.85 -16.68 -1.44
C SER A 46 6.32 -16.53 -1.02
N PRO A 47 7.16 -17.52 -1.29
CA PRO A 47 8.61 -17.46 -0.92
C PRO A 47 9.30 -16.22 -1.47
N ALA A 48 8.88 -15.79 -2.66
CA ALA A 48 9.48 -14.62 -3.30
C ALA A 48 9.24 -13.36 -2.46
N ALA A 49 8.02 -13.23 -1.93
CA ALA A 49 7.66 -12.07 -1.12
C ALA A 49 8.48 -12.04 0.18
N SER A 50 8.60 -13.20 0.83
CA SER A 50 9.31 -13.28 2.10
C SER A 50 10.75 -12.82 1.96
N SER A 51 11.39 -13.22 0.86
CA SER A 51 12.78 -12.85 0.60
C SER A 51 12.91 -11.33 0.43
N ARG A 52 11.94 -10.73 -0.27
CA ARG A 52 11.94 -9.29 -0.47
C ARG A 52 11.75 -8.55 0.86
N VAL A 53 10.97 -9.14 1.76
CA VAL A 53 10.77 -8.56 3.09
C VAL A 53 12.11 -8.46 3.83
N SER A 54 12.89 -9.54 3.77
CA SER A 54 14.21 -9.56 4.42
C SER A 54 15.10 -8.45 3.88
N SER A 55 15.12 -8.31 2.55
CA SER A 55 15.90 -7.27 1.90
C SER A 55 15.40 -5.88 2.31
N ALA A 56 14.08 -5.75 2.47
CA ALA A 56 13.48 -4.50 2.92
C ALA A 56 13.95 -4.14 4.33
N VAL A 57 14.20 -5.17 5.15
CA VAL A 57 14.70 -4.95 6.51
C VAL A 57 16.08 -4.30 6.45
N SER A 58 16.99 -4.91 5.69
CA SER A 58 18.37 -4.39 5.61
C SER A 58 18.39 -2.96 5.07
N SER A 59 17.50 -2.67 4.12
CA SER A 59 17.47 -1.35 3.49
C SER A 59 17.07 -0.28 4.50
N LEU A 60 15.95 -0.50 5.19
CA LEU A 60 15.44 0.48 6.15
C LEU A 60 16.39 0.63 7.34
N VAL A 61 16.95 -0.49 7.80
CA VAL A 61 17.80 -0.50 8.98
C VAL A 61 19.09 0.29 8.73
N SER A 62 19.76 0.00 7.62
CA SER A 62 21.07 0.60 7.34
C SER A 62 20.92 2.07 6.95
N SER A 63 19.94 2.37 6.11
CA SER A 63 19.74 3.74 5.62
C SER A 63 19.14 4.62 6.71
N GLY A 64 18.21 4.04 7.48
CA GLY A 64 17.52 4.80 8.53
C GLY A 64 16.04 4.38 8.62
N PRO A 65 15.65 3.69 9.67
CA PRO A 65 14.22 3.27 9.86
C PRO A 65 13.19 4.34 9.48
N THR A 66 13.54 5.62 9.66
CA THR A 66 12.60 6.71 9.38
C THR A 66 13.26 7.82 8.56
N ASN A 67 14.15 7.44 7.65
CA ASN A 67 14.79 8.40 6.76
C ASN A 67 14.01 8.50 5.45
N GLN A 68 13.83 9.74 4.96
CA GLN A 68 13.14 9.97 3.69
C GLN A 68 13.90 9.30 2.54
N ALA A 69 15.23 9.39 2.58
CA ALA A 69 16.06 8.78 1.55
C ALA A 69 15.96 7.26 1.60
N ALA A 70 15.92 6.73 2.81
CA ALA A 70 15.81 5.28 3.00
C ALA A 70 14.48 4.75 2.47
N LEU A 71 13.41 5.51 2.72
CA LEU A 71 12.08 5.11 2.25
C LEU A 71 12.03 5.06 0.73
N SER A 72 12.61 6.08 0.08
CA SER A 72 12.62 6.13 -1.38
C SER A 72 13.34 4.92 -1.97
N ASN A 73 14.44 4.53 -1.35
CA ASN A 73 15.22 3.38 -1.82
C ASN A 73 14.43 2.09 -1.74
N THR A 74 13.73 1.90 -0.62
CA THR A 74 13.00 0.66 -0.38
C THR A 74 11.83 0.52 -1.38
N ILE A 75 11.05 1.59 -1.53
CA ILE A 75 9.89 1.55 -2.42
C ILE A 75 10.32 1.29 -3.87
N SER A 76 11.35 2.00 -4.32
CA SER A 76 11.80 1.87 -5.71
C SER A 76 12.24 0.44 -6.02
N SER A 77 13.13 -0.08 -5.18
CA SER A 77 13.70 -1.41 -5.40
C SER A 77 12.62 -2.50 -5.35
N VAL A 78 11.77 -2.44 -4.32
CA VAL A 78 10.76 -3.47 -4.10
C VAL A 78 9.76 -3.49 -5.26
N VAL A 79 9.25 -2.31 -5.63
CA VAL A 79 8.24 -2.22 -6.69
C VAL A 79 8.78 -2.80 -8.00
N SER A 80 10.04 -2.49 -8.31
CA SER A 80 10.66 -2.96 -9.55
C SER A 80 10.70 -4.48 -9.60
N GLN A 81 11.27 -5.10 -8.57
CA GLN A 81 11.48 -6.55 -8.57
C GLN A 81 10.15 -7.30 -8.47
N VAL A 82 9.20 -6.76 -7.72
CA VAL A 82 7.88 -7.39 -7.59
C VAL A 82 7.17 -7.43 -8.94
N SER A 83 7.35 -6.38 -9.74
CA SER A 83 6.82 -6.36 -11.10
C SER A 83 7.49 -7.42 -11.97
N ALA A 84 8.79 -7.62 -11.75
CA ALA A 84 9.56 -8.59 -12.53
C ALA A 84 9.01 -10.01 -12.34
N SER A 85 8.66 -10.35 -11.11
CA SER A 85 8.09 -11.66 -10.81
C SER A 85 6.65 -11.74 -11.34
N ASN A 86 5.92 -10.63 -11.24
CA ASN A 86 4.51 -10.60 -11.61
C ASN A 86 4.28 -9.74 -12.86
N PRO A 87 4.71 -10.20 -14.01
CA PRO A 87 4.34 -9.56 -15.30
C PRO A 87 2.91 -9.90 -15.73
N GLY A 88 2.48 -11.11 -15.38
CA GLY A 88 1.12 -11.56 -15.71
C GLY A 88 0.07 -10.73 -14.97
N LEU A 89 0.42 -10.23 -13.79
CA LEU A 89 -0.53 -9.48 -12.97
C LEU A 89 -0.65 -8.04 -13.47
N SER A 90 -1.80 -7.43 -13.23
CA SER A 90 -2.06 -6.08 -13.70
C SER A 90 -1.18 -5.07 -12.96
N GLY A 91 -1.08 -3.86 -13.52
CA GLY A 91 -0.23 -2.82 -12.92
C GLY A 91 -0.67 -2.50 -11.50
N CYS A 92 -1.98 -2.47 -11.27
CA CYS A 92 -2.51 -2.18 -9.94
C CYS A 92 -2.12 -3.27 -8.94
N ASP A 93 -2.12 -4.52 -9.40
CA ASP A 93 -1.73 -5.65 -8.54
C ASP A 93 -0.28 -5.50 -8.08
N VAL A 94 0.59 -5.01 -8.98
CA VAL A 94 1.99 -4.80 -8.64
C VAL A 94 2.12 -3.75 -7.53
N LEU A 95 1.35 -2.66 -7.65
CA LEU A 95 1.39 -1.59 -6.66
C LEU A 95 0.92 -2.09 -5.29
N VAL A 96 -0.12 -2.92 -5.28
CA VAL A 96 -0.64 -3.49 -4.03
C VAL A 96 0.45 -4.32 -3.34
N GLN A 97 1.13 -5.15 -4.13
CA GLN A 97 2.11 -6.08 -3.58
C GLN A 97 3.28 -5.34 -2.92
N ALA A 98 3.75 -4.29 -3.59
CA ALA A 98 4.88 -3.51 -3.07
C ALA A 98 4.49 -2.80 -1.76
N LEU A 99 3.30 -2.22 -1.73
CA LEU A 99 2.90 -1.39 -0.60
C LEU A 99 2.74 -2.21 0.68
N LEU A 100 1.99 -3.31 0.61
CA LEU A 100 1.72 -4.10 1.81
C LEU A 100 2.99 -4.84 2.26
N GLU A 101 3.86 -5.19 1.31
CA GLU A 101 5.14 -5.79 1.65
C GLU A 101 6.02 -4.82 2.45
N VAL A 102 5.89 -3.52 2.15
CA VAL A 102 6.56 -2.49 2.95
C VAL A 102 5.99 -2.46 4.36
N VAL A 103 4.67 -2.68 4.47
CA VAL A 103 4.00 -2.71 5.78
C VAL A 103 4.59 -3.83 6.64
N SER A 104 4.80 -5.00 6.03
CA SER A 104 5.32 -6.17 6.75
C SER A 104 6.75 -5.92 7.23
N ALA A 105 7.57 -5.28 6.39
CA ALA A 105 8.94 -4.97 6.78
C ALA A 105 8.96 -4.06 8.01
N LEU A 106 8.08 -3.06 8.01
CA LEU A 106 7.99 -2.13 9.13
C LEU A 106 7.53 -2.83 10.41
N VAL A 107 6.64 -3.83 10.26
CA VAL A 107 6.20 -4.63 11.41
C VAL A 107 7.39 -5.34 12.05
N SER A 108 8.27 -5.87 11.22
CA SER A 108 9.46 -6.57 11.71
C SER A 108 10.35 -5.63 12.53
N ILE A 109 10.53 -4.41 12.02
CA ILE A 109 11.36 -3.43 12.71
C ILE A 109 10.76 -3.05 14.07
N LEU A 110 9.45 -2.83 14.09
CA LEU A 110 8.77 -2.40 15.32
C LEU A 110 8.88 -3.46 16.42
N GLY A 111 8.64 -4.72 16.05
CA GLY A 111 8.63 -5.80 17.04
C GLY A 111 10.03 -6.04 17.60
N SER A 112 11.04 -5.95 16.75
CA SER A 112 12.43 -6.11 17.18
C SER A 112 12.94 -4.85 17.89
N SER A 113 12.33 -3.71 17.60
CA SER A 113 12.76 -2.44 18.17
C SER A 113 11.96 -2.13 19.43
N SER A 114 12.46 -1.15 20.20
CA SER A 114 11.82 -0.77 21.46
C SER A 114 10.90 0.43 21.25
N ILE A 115 9.70 0.36 21.84
CA ILE A 115 8.73 1.44 21.69
C ILE A 115 8.79 2.41 22.87
N GLY A 116 9.08 3.67 22.58
CA GLY A 116 9.14 4.70 23.62
C GLY A 116 7.86 5.52 23.64
N GLN A 117 8.01 6.83 23.42
CA GLN A 117 6.86 7.72 23.33
C GLN A 117 6.55 8.05 21.87
N ILE A 118 5.29 7.91 21.48
CA ILE A 118 4.89 8.16 20.10
C ILE A 118 4.44 9.60 19.92
N ASN A 119 5.09 10.31 19.00
CA ASN A 119 4.70 11.68 18.68
C ASN A 119 3.45 11.68 17.83
N TYR A 120 2.29 11.81 18.47
CA TYR A 120 1.00 11.64 17.79
C TYR A 120 0.77 12.75 16.76
N GLY A 121 1.15 13.97 17.11
CA GLY A 121 0.90 15.13 16.24
C GLY A 121 1.69 15.01 14.93
N ALA A 122 2.86 14.41 14.99
CA ALA A 122 3.74 14.32 13.81
C ALA A 122 3.33 13.17 12.87
N SER A 123 2.26 12.46 13.19
CA SER A 123 1.82 11.33 12.37
C SER A 123 1.55 11.77 10.94
N ALA A 124 1.00 12.98 10.79
CA ALA A 124 0.70 13.53 9.47
C ALA A 124 1.98 13.77 8.67
N GLN A 125 3.04 14.19 9.37
CA GLN A 125 4.32 14.48 8.72
C GLN A 125 4.93 13.21 8.13
N TYR A 126 4.88 12.12 8.90
CA TYR A 126 5.37 10.82 8.43
C TYR A 126 4.55 10.33 7.24
N THR A 127 3.26 10.68 7.22
CA THR A 127 2.40 10.37 6.07
C THR A 127 2.96 11.04 4.81
N GLN A 128 3.42 12.28 4.96
CA GLN A 128 4.03 13.01 3.86
C GLN A 128 5.31 12.32 3.39
N MET A 129 6.05 11.71 4.32
CA MET A 129 7.29 11.02 3.98
C MET A 129 7.03 9.87 3.01
N VAL A 130 6.04 9.03 3.34
CA VAL A 130 5.74 7.87 2.51
C VAL A 130 5.21 8.30 1.14
N GLY A 131 4.25 9.22 1.14
CA GLY A 131 3.69 9.74 -0.11
C GLY A 131 4.79 10.34 -1.00
N GLN A 132 5.74 11.01 -0.37
CA GLN A 132 6.85 11.63 -1.09
C GLN A 132 7.72 10.57 -1.77
N SER A 133 8.00 9.48 -1.04
CA SER A 133 8.86 8.42 -1.57
C SER A 133 8.25 7.79 -2.82
N VAL A 134 6.92 7.64 -2.83
CA VAL A 134 6.22 7.08 -3.99
C VAL A 134 6.36 8.02 -5.19
N ALA A 135 6.09 9.31 -4.98
CA ALA A 135 6.10 10.28 -6.06
C ALA A 135 7.49 10.39 -6.70
N GLN A 136 8.53 10.43 -5.86
CA GLN A 136 9.89 10.62 -6.35
C GLN A 136 10.37 9.40 -7.14
N ALA A 137 10.15 8.21 -6.59
CA ALA A 137 10.65 6.98 -7.20
C ALA A 137 9.94 6.70 -8.53
N LEU A 138 8.62 6.87 -8.53
CA LEU A 138 7.80 6.53 -9.71
C LEU A 138 7.50 7.75 -10.58
N ALA A 139 7.85 8.95 -10.11
CA ALA A 139 7.58 10.17 -10.87
C ALA A 139 8.53 11.29 -10.44
N GLY A 140 9.79 10.93 -10.19
CA GLY A 140 10.79 11.91 -9.78
C GLY A 140 12.11 11.65 -10.49
N MET B 1 38.06 -34.75 -40.21
CA MET B 1 37.76 -33.35 -39.81
C MET B 1 36.25 -33.16 -39.71
N ALA B 2 35.78 -32.71 -38.54
CA ALA B 2 34.36 -32.49 -38.32
C ALA B 2 33.86 -31.30 -39.14
N SER B 3 32.67 -31.45 -39.72
CA SER B 3 32.10 -30.39 -40.55
C SER B 3 31.73 -29.17 -39.69
N MET B 4 31.28 -29.44 -38.46
CA MET B 4 30.90 -28.36 -37.54
C MET B 4 31.48 -28.62 -36.16
N THR B 5 31.88 -27.55 -35.47
CA THR B 5 32.43 -27.66 -34.13
C THR B 5 31.78 -26.65 -33.19
N GLY B 6 31.60 -27.05 -31.92
CA GLY B 6 30.99 -26.16 -30.94
C GLY B 6 29.49 -25.98 -31.20
N GLY B 7 29.02 -24.74 -31.10
CA GLY B 7 27.60 -24.45 -31.32
C GLY B 7 26.80 -24.67 -30.04
N GLN B 8 27.19 -23.96 -28.98
CA GLN B 8 26.51 -24.08 -27.68
C GLN B 8 25.06 -23.60 -27.79
N GLN B 9 24.84 -22.57 -28.61
CA GLN B 9 23.49 -22.01 -28.80
C GLN B 9 22.94 -21.46 -27.48
N MET B 10 23.77 -20.70 -26.77
CA MET B 10 23.36 -20.13 -25.49
C MET B 10 22.22 -19.13 -25.67
N GLY B 11 22.27 -18.37 -26.77
CA GLY B 11 21.24 -17.40 -27.07
C GLY B 11 21.44 -16.12 -26.26
N ARG B 12 20.39 -15.31 -26.17
CA ARG B 12 20.45 -14.07 -25.40
C ARG B 12 19.08 -13.69 -24.84
N GLY B 13 19.06 -12.78 -23.87
CA GLY B 13 17.81 -12.37 -23.24
C GLY B 13 17.11 -11.30 -24.08
N SER B 14 15.87 -10.97 -23.72
CA SER B 14 15.10 -9.96 -24.44
C SER B 14 15.74 -8.58 -24.30
N MET B 15 16.30 -8.30 -23.12
CA MET B 15 16.93 -7.01 -22.85
C MET B 15 15.95 -5.86 -23.01
N GLY B 16 16.33 -4.68 -22.53
CA GLY B 16 15.47 -3.50 -22.61
C GLY B 16 15.43 -2.97 -24.05
N ALA B 17 14.25 -3.07 -24.68
CA ALA B 17 14.09 -2.59 -26.05
C ALA B 17 14.19 -1.07 -26.10
N ALA B 18 13.64 -0.41 -25.08
CA ALA B 18 13.67 1.06 -25.03
C ALA B 18 14.60 1.54 -23.90
N SER B 19 15.66 0.77 -23.64
CA SER B 19 16.61 1.12 -22.59
C SER B 19 17.34 2.42 -22.92
N ALA B 20 17.64 2.62 -24.20
CA ALA B 20 18.34 3.82 -24.66
C ALA B 20 19.69 3.96 -23.97
N ALA B 21 20.76 3.63 -24.70
CA ALA B 21 22.12 3.73 -24.15
C ALA B 21 23.05 4.39 -25.16
N VAL B 22 23.23 3.75 -26.31
CA VAL B 22 24.10 4.29 -27.36
C VAL B 22 23.51 5.56 -27.94
N SER B 23 22.19 5.57 -28.11
CA SER B 23 21.49 6.73 -28.66
C SER B 23 20.14 6.91 -27.99
N VAL B 24 19.54 8.10 -28.17
CA VAL B 24 18.23 8.38 -27.57
C VAL B 24 17.14 8.33 -28.64
N GLY B 25 16.07 7.62 -28.34
CA GLY B 25 14.95 7.47 -29.28
C GLY B 25 13.95 8.61 -29.12
N GLY B 26 12.84 8.53 -29.85
CA GLY B 26 11.80 9.55 -29.78
C GLY B 26 10.80 9.23 -28.68
N TYR B 27 9.98 8.19 -28.91
CA TYR B 27 8.97 7.78 -27.93
C TYR B 27 9.28 6.38 -27.42
N GLY B 28 9.15 6.19 -26.10
CA GLY B 28 9.42 4.90 -25.47
C GLY B 28 8.26 4.46 -24.59
N PRO B 29 7.22 3.91 -25.16
CA PRO B 29 6.03 3.45 -24.37
C PRO B 29 6.38 2.32 -23.41
N GLN B 30 5.80 2.37 -22.20
CA GLN B 30 6.06 1.34 -21.19
C GLN B 30 4.77 0.95 -20.49
N SER B 31 4.79 -0.18 -19.80
CA SER B 31 3.62 -0.67 -19.07
C SER B 31 3.33 0.23 -17.87
N SER B 32 2.07 0.29 -17.46
CA SER B 32 1.66 1.14 -16.34
C SER B 32 2.25 0.61 -15.03
N SER B 33 2.76 1.53 -14.21
CA SER B 33 3.34 1.16 -12.92
C SER B 33 3.64 2.41 -12.09
N ALA B 34 4.26 3.41 -12.73
CA ALA B 34 4.65 4.63 -12.02
C ALA B 34 3.43 5.51 -11.70
N PRO B 35 2.70 5.95 -12.71
CA PRO B 35 1.63 6.99 -12.50
C PRO B 35 0.54 6.52 -11.54
N VAL B 36 0.36 5.21 -11.42
CA VAL B 36 -0.63 4.65 -10.50
C VAL B 36 -0.29 5.01 -9.06
N ALA B 37 0.96 4.76 -8.67
CA ALA B 37 1.41 5.09 -7.32
C ALA B 37 1.43 6.61 -7.12
N SER B 38 1.72 7.36 -8.18
CA SER B 38 1.76 8.82 -8.10
C SER B 38 0.40 9.38 -7.69
N ALA B 39 -0.66 8.86 -8.31
CA ALA B 39 -2.02 9.29 -7.98
C ALA B 39 -2.37 8.89 -6.54
N ALA B 40 -1.95 7.69 -6.14
CA ALA B 40 -2.22 7.20 -4.79
C ALA B 40 -1.54 8.09 -3.75
N ALA B 41 -0.34 8.56 -4.06
CA ALA B 41 0.39 9.45 -3.17
C ALA B 41 -0.32 10.80 -3.05
N SER B 42 -0.86 11.27 -4.17
CA SER B 42 -1.53 12.57 -4.20
C SER B 42 -2.73 12.61 -3.26
N ARG B 43 -3.59 11.59 -3.36
CA ARG B 43 -4.75 11.51 -2.48
C ARG B 43 -4.36 11.06 -1.07
N LEU B 44 -3.22 10.38 -0.94
CA LEU B 44 -2.65 10.05 0.37
C LEU B 44 -2.29 11.33 1.14
N SER B 45 -1.88 12.37 0.41
CA SER B 45 -1.54 13.64 1.03
C SER B 45 -2.80 14.47 1.37
N SER B 46 -3.98 13.96 1.01
CA SER B 46 -5.22 14.67 1.30
C SER B 46 -5.47 14.74 2.81
N PRO B 47 -6.18 15.75 3.28
CA PRO B 47 -6.48 15.90 4.75
C PRO B 47 -7.15 14.67 5.34
N ALA B 48 -7.99 14.00 4.53
CA ALA B 48 -8.70 12.81 4.99
C ALA B 48 -7.71 11.70 5.34
N ALA B 49 -6.70 11.53 4.49
CA ALA B 49 -5.70 10.48 4.70
C ALA B 49 -4.89 10.75 5.96
N SER B 50 -4.48 12.01 6.16
CA SER B 50 -3.66 12.37 7.32
C SER B 50 -4.38 12.04 8.63
N SER B 51 -5.68 12.33 8.67
CA SER B 51 -6.48 12.05 9.86
C SER B 51 -6.53 10.56 10.16
N ARG B 52 -6.67 9.76 9.10
CA ARG B 52 -6.70 8.31 9.24
C ARG B 52 -5.36 7.78 9.74
N VAL B 53 -4.26 8.43 9.34
CA VAL B 53 -2.94 8.05 9.81
C VAL B 53 -2.84 8.21 11.32
N SER B 54 -3.36 9.34 11.83
CA SER B 54 -3.35 9.60 13.27
C SER B 54 -4.12 8.51 14.02
N SER B 55 -5.29 8.17 13.51
CA SER B 55 -6.11 7.11 14.10
C SER B 55 -5.38 5.77 14.06
N ALA B 56 -4.65 5.54 12.96
CA ALA B 56 -3.86 4.32 12.82
C ALA B 56 -2.77 4.25 13.89
N VAL B 57 -2.25 5.41 14.29
CA VAL B 57 -1.23 5.48 15.34
C VAL B 57 -1.82 4.96 16.66
N SER B 58 -2.96 5.53 17.06
CA SER B 58 -3.59 5.15 18.33
C SER B 58 -3.92 3.66 18.36
N SER B 59 -4.36 3.13 17.22
CA SER B 59 -4.77 1.73 17.14
C SER B 59 -3.58 0.80 17.38
N LEU B 60 -2.50 1.02 16.63
CA LEU B 60 -1.32 0.16 16.74
C LEU B 60 -0.66 0.30 18.11
N VAL B 61 -0.61 1.53 18.62
CA VAL B 61 0.08 1.81 19.88
C VAL B 61 -0.62 1.14 21.05
N SER B 62 -1.95 1.32 21.14
CA SER B 62 -2.70 0.81 22.29
C SER B 62 -2.84 -0.71 22.23
N SER B 63 -3.13 -1.25 21.05
CA SER B 63 -3.33 -2.68 20.89
C SER B 63 -2.00 -3.43 20.95
N GLY B 64 -0.97 -2.83 20.35
CA GLY B 64 0.35 -3.47 20.30
C GLY B 64 1.02 -3.20 18.94
N PRO B 65 2.07 -2.39 18.92
CA PRO B 65 2.83 -2.10 17.67
C PRO B 65 3.05 -3.31 16.75
N THR B 66 3.18 -4.51 17.35
CA THR B 66 3.45 -5.72 16.57
C THR B 66 2.55 -6.87 17.01
N ASN B 67 1.30 -6.55 17.35
CA ASN B 67 0.32 -7.58 17.70
C ASN B 67 -0.50 -7.98 16.48
N GLN B 68 -0.72 -9.29 16.32
CA GLN B 68 -1.53 -9.78 15.21
C GLN B 68 -2.96 -9.25 15.29
N ALA B 69 -3.50 -9.20 16.51
CA ALA B 69 -4.85 -8.68 16.73
C ALA B 69 -4.92 -7.19 16.40
N ALA B 70 -3.86 -6.46 16.79
CA ALA B 70 -3.80 -5.03 16.54
C ALA B 70 -3.75 -4.74 15.03
N LEU B 71 -2.98 -5.54 14.31
CA LEU B 71 -2.85 -5.37 12.86
C LEU B 71 -4.19 -5.57 12.17
N SER B 72 -4.93 -6.61 12.59
CA SER B 72 -6.22 -6.90 11.99
C SER B 72 -7.20 -5.74 12.19
N ASN B 73 -7.16 -5.14 13.37
CA ASN B 73 -8.04 -4.02 13.69
C ASN B 73 -7.75 -2.81 12.79
N THR B 74 -6.47 -2.51 12.61
CA THR B 74 -6.07 -1.33 11.84
C THR B 74 -6.46 -1.47 10.37
N ILE B 75 -6.14 -2.64 9.78
CA ILE B 75 -6.43 -2.87 8.36
C ILE B 75 -7.94 -2.80 8.10
N SER B 76 -8.73 -3.46 8.94
CA SER B 76 -10.18 -3.52 8.75
C SER B 76 -10.79 -2.12 8.78
N SER B 77 -10.48 -1.37 9.84
CA SER B 77 -11.07 -0.05 10.03
C SER B 77 -10.66 0.91 8.92
N VAL B 78 -9.36 0.94 8.61
CA VAL B 78 -8.83 1.88 7.62
C VAL B 78 -9.43 1.61 6.24
N VAL B 79 -9.42 0.34 5.82
CA VAL B 79 -9.91 -0.03 4.49
C VAL B 79 -11.38 0.38 4.34
N SER B 80 -12.18 0.16 5.38
CA SER B 80 -13.60 0.48 5.34
C SER B 80 -13.83 1.97 5.10
N GLN B 81 -13.21 2.80 5.93
CA GLN B 81 -13.46 4.24 5.89
C GLN B 81 -12.87 4.87 4.62
N VAL B 82 -11.72 4.35 4.17
CA VAL B 82 -11.08 4.85 2.95
C VAL B 82 -11.99 4.61 1.74
N SER B 83 -12.67 3.46 1.74
CA SER B 83 -13.65 3.16 0.70
C SER B 83 -14.83 4.13 0.76
N ALA B 84 -15.22 4.51 1.99
CA ALA B 84 -16.37 5.40 2.18
C ALA B 84 -16.10 6.77 1.53
N SER B 85 -14.88 7.27 1.69
CA SER B 85 -14.50 8.55 1.08
C SER B 85 -14.35 8.39 -0.42
N ASN B 86 -13.83 7.23 -0.85
CA ASN B 86 -13.53 7.00 -2.26
C ASN B 86 -14.46 5.93 -2.86
N PRO B 87 -15.72 6.25 -3.04
CA PRO B 87 -16.65 5.36 -3.81
C PRO B 87 -16.44 5.48 -5.32
N GLY B 88 -16.06 6.69 -5.75
CA GLY B 88 -15.81 6.92 -7.17
C GLY B 88 -14.61 6.13 -7.68
N LEU B 89 -13.65 5.87 -6.79
CA LEU B 89 -12.43 5.17 -7.17
C LEU B 89 -12.68 3.66 -7.23
N SER B 90 -11.90 2.99 -8.08
CA SER B 90 -12.06 1.55 -8.28
C SER B 90 -11.69 0.77 -7.02
N GLY B 91 -12.10 -0.49 -6.96
CA GLY B 91 -11.83 -1.33 -5.79
C GLY B 91 -10.34 -1.47 -5.53
N CYS B 92 -9.55 -1.58 -6.60
CA CYS B 92 -8.10 -1.71 -6.46
C CYS B 92 -7.50 -0.43 -5.88
N ASP B 93 -8.04 0.72 -6.27
CA ASP B 93 -7.56 2.00 -5.76
C ASP B 93 -7.77 2.08 -4.24
N VAL B 94 -8.89 1.55 -3.76
CA VAL B 94 -9.19 1.54 -2.33
C VAL B 94 -8.14 0.71 -1.58
N LEU B 95 -7.80 -0.46 -2.14
CA LEU B 95 -6.82 -1.35 -1.51
C LEU B 95 -5.45 -0.68 -1.43
N VAL B 96 -5.07 0.02 -2.50
CA VAL B 96 -3.79 0.74 -2.54
C VAL B 96 -3.72 1.77 -1.41
N GLN B 97 -4.82 2.53 -1.27
CA GLN B 97 -4.85 3.64 -0.32
C GLN B 97 -4.70 3.14 1.12
N ALA B 98 -5.38 2.04 1.45
CA ALA B 98 -5.34 1.49 2.79
C ALA B 98 -3.94 0.96 3.11
N LEU B 99 -3.32 0.27 2.15
CA LEU B 99 -2.05 -0.40 2.40
C LEU B 99 -0.93 0.60 2.68
N LEU B 100 -0.76 1.58 1.78
CA LEU B 100 0.34 2.53 1.92
C LEU B 100 0.11 3.46 3.13
N GLU B 101 -1.15 3.73 3.45
CA GLU B 101 -1.48 4.51 4.63
C GLU B 101 -1.05 3.78 5.91
N VAL B 102 -1.12 2.44 5.87
CA VAL B 102 -0.60 1.64 6.98
C VAL B 102 0.93 1.77 7.07
N VAL B 103 1.57 1.88 5.90
CA VAL B 103 3.03 2.05 5.85
C VAL B 103 3.43 3.36 6.55
N SER B 104 2.67 4.42 6.29
CA SER B 104 2.96 5.73 6.86
C SER B 104 2.80 5.72 8.37
N ALA B 105 1.76 5.04 8.87
CA ALA B 105 1.54 4.94 10.31
C ALA B 105 2.71 4.24 10.99
N LEU B 106 3.21 3.18 10.36
CA LEU B 106 4.34 2.44 10.90
C LEU B 106 5.61 3.29 10.91
N VAL B 107 5.76 4.16 9.89
CA VAL B 107 6.91 5.07 9.85
C VAL B 107 6.89 6.00 11.07
N SER B 108 5.70 6.48 11.43
CA SER B 108 5.54 7.37 12.58
C SER B 108 5.98 6.67 13.86
N ILE B 109 5.59 5.40 14.01
CA ILE B 109 5.93 4.64 15.21
C ILE B 109 7.44 4.44 15.30
N LEU B 110 8.06 4.09 14.17
CA LEU B 110 9.49 3.79 14.15
C LEU B 110 10.32 5.03 14.54
N GLY B 111 9.97 6.17 13.97
CA GLY B 111 10.74 7.40 14.19
C GLY B 111 10.61 7.87 15.64
N SER B 112 9.41 7.75 16.19
CA SER B 112 9.18 8.12 17.59
C SER B 112 9.72 7.06 18.55
N SER B 113 9.84 5.82 18.07
CA SER B 113 10.30 4.72 18.90
C SER B 113 11.81 4.53 18.77
N SER B 114 12.38 3.74 19.69
CA SER B 114 13.82 3.51 19.71
C SER B 114 14.16 2.21 19.00
N ILE B 115 15.20 2.24 18.17
CA ILE B 115 15.60 1.06 17.40
C ILE B 115 16.73 0.32 18.12
N GLY B 116 16.48 -0.95 18.47
CA GLY B 116 17.49 -1.77 19.11
C GLY B 116 18.14 -2.72 18.11
N GLN B 117 18.03 -4.02 18.38
CA GLN B 117 18.54 -5.02 17.45
C GLN B 117 17.40 -5.61 16.63
N ILE B 118 17.59 -5.67 15.31
CA ILE B 118 16.55 -6.17 14.41
C ILE B 118 16.74 -7.67 14.17
N ASN B 119 15.70 -8.45 14.48
CA ASN B 119 15.73 -9.89 14.22
C ASN B 119 15.51 -10.16 12.73
N TYR B 120 16.61 -10.31 12.00
CA TYR B 120 16.55 -10.38 10.54
C TYR B 120 15.84 -11.65 10.08
N GLY B 121 16.12 -12.77 10.77
CA GLY B 121 15.56 -14.06 10.37
C GLY B 121 14.03 -14.09 10.51
N ALA B 122 13.51 -13.36 11.49
CA ALA B 122 12.07 -13.37 11.76
C ALA B 122 11.29 -12.45 10.81
N SER B 123 11.98 -11.80 9.87
CA SER B 123 11.32 -10.87 8.94
C SER B 123 10.20 -11.57 8.17
N ALA B 124 10.44 -12.84 7.83
CA ALA B 124 9.44 -13.62 7.10
C ALA B 124 8.20 -13.85 7.95
N GLN B 125 8.40 -14.05 9.26
CA GLN B 125 7.29 -14.30 10.17
C GLN B 125 6.37 -13.08 10.26
N TYR B 126 6.97 -11.90 10.35
CA TYR B 126 6.20 -10.66 10.38
C TYR B 126 5.43 -10.45 9.07
N THR B 127 6.02 -10.92 7.97
CA THR B 127 5.32 -10.90 6.68
C THR B 127 4.04 -11.71 6.75
N GLN B 128 4.10 -12.85 7.44
CA GLN B 128 2.92 -13.68 7.63
C GLN B 128 1.86 -12.95 8.46
N MET B 129 2.32 -12.12 9.42
CA MET B 129 1.40 -11.38 10.27
C MET B 129 0.53 -10.44 9.44
N VAL B 130 1.16 -9.66 8.56
CA VAL B 130 0.43 -8.68 7.75
C VAL B 130 -0.51 -9.39 6.78
N GLY B 131 0.00 -10.39 6.07
CA GLY B 131 -0.82 -11.16 5.13
C GLY B 131 -2.03 -11.78 5.84
N GLN B 132 -1.81 -12.24 7.08
CA GLN B 132 -2.88 -12.85 7.86
C GLN B 132 -3.98 -11.83 8.18
N SER B 133 -3.56 -10.62 8.55
CA SER B 133 -4.52 -9.57 8.92
C SER B 133 -5.43 -9.22 7.75
N VAL B 134 -4.87 -9.21 6.54
CA VAL B 134 -5.66 -8.92 5.34
C VAL B 134 -6.70 -10.03 5.11
N ALA B 135 -6.25 -11.28 5.18
CA ALA B 135 -7.13 -12.42 4.89
C ALA B 135 -8.29 -12.49 5.87
N GLN B 136 -7.99 -12.28 7.15
CA GLN B 136 -9.01 -12.40 8.21
C GLN B 136 -10.05 -11.28 8.10
N ALA B 137 -9.58 -10.04 7.94
CA ALA B 137 -10.48 -8.90 7.93
C ALA B 137 -11.37 -8.90 6.69
N LEU B 138 -10.79 -9.22 5.54
CA LEU B 138 -11.51 -9.15 4.27
C LEU B 138 -12.04 -10.53 3.82
N ALA B 139 -11.65 -11.59 4.54
CA ALA B 139 -12.09 -12.93 4.18
C ALA B 139 -12.00 -13.87 5.38
N GLY B 140 -12.35 -13.34 6.55
CA GLY B 140 -12.32 -14.13 7.79
C GLY B 140 -13.43 -15.17 7.80
#